data_8FNU
#
_entry.id   8FNU
#
_cell.length_a   1.00
_cell.length_b   1.00
_cell.length_c   1.00
_cell.angle_alpha   90.00
_cell.angle_beta   90.00
_cell.angle_gamma   90.00
#
_symmetry.space_group_name_H-M   'P 1'
#
_entity_poly.entity_id   1
_entity_poly.type   'polypeptide(L)'
_entity_poly.pdbx_seq_one_letter_code
;MTKINWEKYKKVIKKEFSEKEETEEVKNYIFSSQLDKVNLILEHMDTVGGIHSRNIAITGDRGTGKTSFIETLKLVLEKQ
NYYVFDIVSPTVLSSHLNILEIVISSIYREIDQFIDSHDVHDRGRLIQHLKKVMNAIAVEKKQSDYFKQSKPEIEMLTDL
SHRTFLDEEIKELFCYFKKVLNNRQDSCKEVIKDLVLIIDDLDLVENNLVYDLLRDIQHYLDSQLIVIFAYKEGQLEQSM
FEHLAKGNEALLNHGVIDSNAIFGQIERFLTKLVPLSNRIPLFKQDELLNKTIGEFLASLDPSYGVGENLEFITKDSEKN
KNNLTIREWFYESIFYRTNLKLDPIDIREEASRLMPKTLREMVQLCEELHSMQVITRSMDKLAGVEGLRKNIGAFRRYIG
YKNSTYFNLATMEFFQKWELAESHQANYLAYHFLMSYYQESFEQNQKLGYPLNLSKSGYPLTLRTMEPYNITLGDIYALM
EELKYTEGISADTYYIVYILKVYYSLRLSELLYNVVLHHKLFVHVKEEATTFYMATSTEELQIEKNHEQEATKLTDKEYR
EHIMTAIEKVPALQAYLELVNAQFMPQNFNYDRSGSRDDDFYLISWLKDDDLPEYSRLFKSLFLNSEVAAKGQIQRNIGK
RESVFRYRNLYSYLPLQLTSATFYKIDFLAFAIKADLLMYNVVRFVEEEGDTIPYFMSNMFHIDVFVRHNYNENNNKGKF
AYIAKQIVFGLWQGSNQRAHDLKHWYKSFDTVFGTKIEALHLLVDIAEQIKISDKQTTDVSALSEEQKRDEQAKKVAEKL
AAIYHHIGMSRILSRLHQLPFIAEIKSNKELLQHFSEAIVKLEKYASDTINVGNLSQFRESLKKIGQTYPSIQVLVDKLH
RKQKLYVEFIQDFIETVNKLGEADESN
;
_entity_poly.pdbx_strand_id   A,B,E,F,G,D,C
#
# COMPACT_ATOMS: atom_id res chain seq x y z
N ASN A 28 -38.69 50.15 6.74
CA ASN A 28 -38.72 48.75 7.12
C ASN A 28 -37.39 48.07 6.81
N TYR A 29 -36.32 48.55 7.42
CA TYR A 29 -35.00 47.96 7.19
C TYR A 29 -35.00 46.50 7.61
N ILE A 30 -34.34 45.66 6.80
CA ILE A 30 -34.56 44.23 6.87
C ILE A 30 -33.59 43.56 7.85
N PHE A 31 -32.46 44.22 8.13
CA PHE A 31 -31.55 43.80 9.19
C PHE A 31 -31.75 44.61 10.48
N SER A 32 -33.00 45.02 10.75
CA SER A 32 -33.24 45.87 11.92
C SER A 32 -32.85 45.16 13.20
N SER A 33 -33.19 43.88 13.31
CA SER A 33 -32.88 43.13 14.52
C SER A 33 -31.39 43.10 14.78
N GLN A 34 -30.59 42.88 13.73
CA GLN A 34 -29.15 42.84 13.89
C GLN A 34 -28.60 44.20 14.32
N LEU A 35 -29.13 45.28 13.74
CA LEU A 35 -28.68 46.62 14.14
C LEU A 35 -29.02 46.89 15.60
N ASP A 36 -30.23 46.52 16.03
CA ASP A 36 -30.60 46.70 17.43
C ASP A 36 -29.68 45.89 18.35
N LYS A 37 -29.34 44.67 17.94
CA LYS A 37 -28.44 43.85 18.74
C LYS A 37 -27.04 44.46 18.81
N VAL A 38 -26.55 45.00 17.70
CA VAL A 38 -25.26 45.69 17.70
C VAL A 38 -25.29 46.82 18.70
N ASN A 39 -26.38 47.60 18.67
CA ASN A 39 -26.51 48.75 19.56
C ASN A 39 -26.58 48.32 21.02
N LEU A 40 -27.24 47.18 21.28
CA LEU A 40 -27.26 46.61 22.63
C LEU A 40 -25.86 46.20 23.08
N ILE A 41 -25.10 45.59 22.19
CA ILE A 41 -23.75 45.19 22.55
C ILE A 41 -22.92 46.42 22.89
N LEU A 42 -23.02 47.46 22.04
CA LEU A 42 -22.30 48.71 22.26
C LEU A 42 -22.72 49.35 23.57
N GLU A 43 -24.02 49.34 23.84
CA GLU A 43 -24.54 49.79 25.12
C GLU A 43 -23.90 49.06 26.28
N HIS A 44 -23.86 47.70 26.24
CA HIS A 44 -23.35 46.94 27.37
C HIS A 44 -21.92 47.31 27.66
N MET A 45 -21.10 47.44 26.59
CA MET A 45 -19.68 47.73 26.79
C MET A 45 -19.38 49.20 27.12
N ASP A 46 -20.29 50.10 26.80
CA ASP A 46 -20.04 51.50 27.08
C ASP A 46 -19.95 51.77 28.59
N THR A 47 -20.64 50.95 29.39
CA THR A 47 -20.59 51.15 30.84
C THR A 47 -19.18 50.93 31.37
N VAL A 48 -18.49 49.90 30.88
CA VAL A 48 -17.15 49.58 31.32
C VAL A 48 -16.17 50.45 30.54
N GLY A 49 -15.30 51.16 31.26
CA GLY A 49 -14.30 52.00 30.64
C GLY A 49 -12.91 51.77 31.20
N GLY A 50 -12.60 50.51 31.51
CA GLY A 50 -11.32 50.18 32.11
C GLY A 50 -10.39 49.44 31.19
N ILE A 51 -10.34 49.86 29.91
CA ILE A 51 -9.48 49.22 28.93
C ILE A 51 -9.81 47.72 28.89
N HIS A 52 -10.94 47.38 28.28
CA HIS A 52 -11.42 46.02 28.22
C HIS A 52 -11.49 45.54 26.77
N SER A 53 -11.37 44.22 26.60
CA SER A 53 -11.43 43.62 25.29
C SER A 53 -12.88 43.55 24.83
N ARG A 54 -13.19 44.22 23.73
CA ARG A 54 -14.55 44.26 23.20
C ARG A 54 -14.48 44.24 21.68
N ASN A 55 -15.06 43.21 21.07
CA ASN A 55 -15.07 43.06 19.63
C ASN A 55 -16.40 42.47 19.19
N ILE A 56 -16.73 42.69 17.92
CA ILE A 56 -17.99 42.23 17.33
C ILE A 56 -17.66 41.49 16.04
N ALA A 57 -18.41 40.42 15.78
CA ALA A 57 -18.18 39.58 14.60
C ALA A 57 -19.50 39.42 13.84
N ILE A 58 -19.58 40.06 12.68
CA ILE A 58 -20.77 39.99 11.84
C ILE A 58 -20.59 38.85 10.84
N THR A 59 -21.60 38.00 10.73
CA THR A 59 -21.56 36.87 9.81
C THR A 59 -22.85 36.82 8.98
N GLY A 60 -22.72 36.32 7.76
CA GLY A 60 -23.87 36.16 6.89
C GLY A 60 -23.78 36.96 5.60
N ASP A 61 -24.93 37.20 4.96
CA ASP A 61 -24.98 37.90 3.68
C ASP A 61 -25.43 39.34 3.91
N ARG A 62 -24.48 40.17 4.31
CA ARG A 62 -24.73 41.58 4.62
C ARG A 62 -24.38 42.50 3.45
N GLY A 63 -24.90 42.24 2.25
CA GLY A 63 -24.38 42.94 1.09
C GLY A 63 -25.35 43.26 -0.02
N THR A 64 -24.78 43.57 -1.19
CA THR A 64 -25.48 43.81 -2.45
C THR A 64 -25.69 45.30 -2.71
N GLY A 65 -26.92 45.72 -2.95
CA GLY A 65 -27.16 46.98 -3.66
C GLY A 65 -26.92 48.25 -2.87
N LYS A 66 -27.79 48.55 -1.91
CA LYS A 66 -27.70 49.81 -1.18
C LYS A 66 -28.06 49.68 0.29
N THR A 67 -28.34 48.49 0.78
CA THR A 67 -28.69 48.27 2.19
C THR A 67 -27.70 47.30 2.84
N SER A 68 -26.44 47.36 2.41
CA SER A 68 -25.41 46.54 3.03
C SER A 68 -25.26 46.92 4.50
N PHE A 69 -25.22 45.90 5.35
CA PHE A 69 -25.23 46.13 6.80
C PHE A 69 -24.00 46.90 7.26
N ILE A 70 -22.90 46.85 6.51
CA ILE A 70 -21.64 47.40 7.01
C ILE A 70 -21.61 48.92 6.88
N GLU A 71 -21.87 49.45 5.67
CA GLU A 71 -21.91 50.90 5.52
C GLU A 71 -22.99 51.50 6.39
N THR A 72 -24.14 50.85 6.41
CA THR A 72 -25.30 51.32 7.16
C THR A 72 -25.00 51.33 8.65
N LEU A 73 -24.32 50.28 9.15
CA LEU A 73 -23.85 50.26 10.53
C LEU A 73 -22.84 51.35 10.80
N LYS A 74 -21.90 51.57 9.87
CA LYS A 74 -20.91 52.63 10.06
C LYS A 74 -21.61 53.97 10.25
N LEU A 75 -22.61 54.23 9.44
CA LEU A 75 -23.37 55.47 9.52
C LEU A 75 -24.08 55.59 10.86
N VAL A 76 -24.74 54.51 11.29
CA VAL A 76 -25.39 54.49 12.60
C VAL A 76 -24.39 54.83 13.69
N LEU A 77 -23.20 54.22 13.64
CA LEU A 77 -22.17 54.50 14.63
C LEU A 77 -21.68 55.94 14.55
N GLU A 78 -21.58 56.48 13.33
CA GLU A 78 -21.17 57.87 13.19
C GLU A 78 -22.12 58.81 13.92
N LYS A 79 -23.43 58.58 13.81
CA LYS A 79 -24.32 59.53 14.46
C LYS A 79 -24.50 59.28 15.96
N GLN A 80 -23.88 58.24 16.52
CA GLN A 80 -23.86 58.05 17.96
C GLN A 80 -22.60 58.59 18.63
N ASN A 81 -21.84 59.49 18.00
CA ASN A 81 -20.52 59.84 18.55
C ASN A 81 -19.62 58.64 18.77
N TYR A 82 -19.55 57.75 17.80
CA TYR A 82 -18.43 56.82 17.67
C TYR A 82 -17.59 57.24 16.47
N TYR A 83 -16.29 57.46 16.70
CA TYR A 83 -15.39 57.70 15.59
C TYR A 83 -15.09 56.37 14.90
N VAL A 84 -15.36 56.30 13.61
CA VAL A 84 -15.22 55.08 12.83
C VAL A 84 -14.09 55.29 11.83
N PHE A 85 -13.05 54.47 11.93
CA PHE A 85 -11.99 54.50 10.94
C PHE A 85 -12.56 54.10 9.59
N ASP A 86 -11.97 54.65 8.52
CA ASP A 86 -12.41 54.28 7.19
C ASP A 86 -12.28 52.77 6.99
N ILE A 87 -13.31 52.17 6.41
CA ILE A 87 -13.46 50.72 6.46
C ILE A 87 -12.25 50.04 5.84
N VAL A 88 -11.74 49.04 6.53
CA VAL A 88 -10.60 48.26 6.05
C VAL A 88 -11.13 47.20 5.09
N SER A 89 -10.93 47.42 3.80
CA SER A 89 -11.40 46.51 2.77
C SER A 89 -10.30 45.54 2.38
N PRO A 90 -10.62 44.53 1.56
CA PRO A 90 -9.56 43.67 1.03
C PRO A 90 -8.52 44.46 0.25
N THR A 91 -8.89 45.59 -0.34
CA THR A 91 -7.91 46.46 -0.97
C THR A 91 -6.88 46.95 0.04
N VAL A 92 -7.33 47.34 1.23
CA VAL A 92 -6.41 47.81 2.26
C VAL A 92 -5.54 46.67 2.77
N LEU A 93 -6.14 45.49 2.97
CA LEU A 93 -5.38 44.36 3.48
C LEU A 93 -4.37 43.85 2.46
N SER A 94 -4.65 44.05 1.17
CA SER A 94 -3.72 43.62 0.13
C SER A 94 -2.46 44.48 0.09
N SER A 95 -2.42 45.58 0.84
CA SER A 95 -1.24 46.41 0.93
C SER A 95 -0.06 45.70 1.58
N HIS A 96 -0.30 44.57 2.23
CA HIS A 96 0.70 43.80 2.96
C HIS A 96 1.17 44.50 4.22
N LEU A 97 0.52 45.59 4.61
CA LEU A 97 0.79 46.27 5.87
C LEU A 97 -0.08 45.67 6.97
N ASN A 98 0.49 45.58 8.17
CA ASN A 98 -0.27 45.08 9.30
C ASN A 98 -1.31 46.12 9.73
N ILE A 99 -2.30 45.64 10.50
CA ILE A 99 -3.43 46.50 10.85
C ILE A 99 -2.98 47.70 11.68
N LEU A 100 -1.91 47.55 12.45
CA LEU A 100 -1.40 48.68 13.21
C LEU A 100 -0.90 49.79 12.29
N GLU A 101 -0.17 49.42 11.23
CA GLU A 101 0.29 50.42 10.28
C GLU A 101 -0.89 51.13 9.63
N ILE A 102 -1.93 50.38 9.25
CA ILE A 102 -3.11 50.98 8.65
C ILE A 102 -3.77 51.95 9.62
N VAL A 103 -3.90 51.55 10.88
CA VAL A 103 -4.56 52.39 11.88
C VAL A 103 -3.78 53.68 12.09
N ILE A 104 -2.46 53.58 12.23
CA ILE A 104 -1.67 54.78 12.49
C ILE A 104 -1.64 55.68 11.26
N SER A 105 -1.63 55.11 10.06
CA SER A 105 -1.72 55.92 8.85
C SER A 105 -3.05 56.67 8.80
N SER A 106 -4.14 55.98 9.15
CA SER A 106 -5.44 56.65 9.19
C SER A 106 -5.45 57.77 10.22
N ILE A 107 -4.85 57.54 11.39
CA ILE A 107 -4.79 58.57 12.42
C ILE A 107 -4.01 59.77 11.92
N TYR A 108 -2.86 59.52 11.29
CA TYR A 108 -2.04 60.63 10.80
C TYR A 108 -2.79 61.42 9.74
N ARG A 109 -3.46 60.73 8.82
CA ARG A 109 -4.23 61.43 7.80
C ARG A 109 -5.35 62.27 8.42
N GLU A 110 -6.05 61.69 9.41
CA GLU A 110 -7.14 62.42 10.05
C GLU A 110 -6.64 63.68 10.74
N ILE A 111 -5.51 63.58 11.44
CA ILE A 111 -4.99 64.75 12.14
C ILE A 111 -4.34 65.74 11.17
N ASP A 112 -3.87 65.29 10.01
CA ASP A 112 -3.35 66.20 9.00
C ASP A 112 -4.45 66.84 8.17
N GLN A 113 -5.68 66.32 8.23
CA GLN A 113 -6.78 66.93 7.51
C GLN A 113 -7.02 68.35 7.99
N PHE A 114 -6.96 68.56 9.31
CA PHE A 114 -7.12 69.88 9.92
C PHE A 114 -5.82 70.30 10.59
N ILE A 115 -5.80 71.55 11.04
CA ILE A 115 -4.63 72.11 11.71
C ILE A 115 -5.05 72.74 13.04
N ASP A 119 -5.02 72.97 18.11
CA ASP A 119 -4.75 71.97 19.15
C ASP A 119 -3.39 72.21 19.79
N VAL A 120 -2.32 71.88 19.07
CA VAL A 120 -0.95 72.15 19.51
C VAL A 120 -0.62 71.33 20.76
N HIS A 121 -1.34 71.58 21.85
CA HIS A 121 -1.00 70.95 23.13
C HIS A 121 -1.06 69.44 23.04
N ASP A 122 -2.13 68.90 22.47
CA ASP A 122 -2.31 67.45 22.39
C ASP A 122 -1.77 66.86 21.10
N ARG A 123 -1.69 67.64 20.02
CA ARG A 123 -1.23 67.09 18.76
C ARG A 123 0.22 66.63 18.89
N GLY A 124 1.05 67.42 19.59
CA GLY A 124 2.46 67.08 19.73
C GLY A 124 2.68 65.76 20.44
N ARG A 125 1.93 65.52 21.50
CA ARG A 125 1.92 64.25 22.21
C ARG A 125 1.40 63.12 21.33
N LEU A 126 0.36 63.38 20.55
CA LEU A 126 -0.08 62.39 19.58
C LEU A 126 1.03 62.03 18.61
N ILE A 127 1.78 63.03 18.15
CA ILE A 127 2.87 62.78 17.21
C ILE A 127 3.99 62.00 17.88
N GLN A 128 4.30 62.34 19.13
CA GLN A 128 5.32 61.60 19.87
C GLN A 128 4.93 60.13 20.02
N HIS A 129 3.67 59.87 20.38
CA HIS A 129 3.22 58.49 20.51
C HIS A 129 3.20 57.78 19.17
N LEU A 130 2.87 58.49 18.09
CA LEU A 130 2.94 57.90 16.76
C LEU A 130 4.36 57.49 16.43
N LYS A 131 5.34 58.35 16.74
CA LYS A 131 6.73 58.01 16.52
C LYS A 131 7.13 56.78 17.34
N LYS A 132 6.68 56.72 18.59
CA LYS A 132 7.00 55.57 19.43
C LYS A 132 6.41 54.28 18.84
N VAL A 133 5.16 54.34 18.37
CA VAL A 133 4.55 53.16 17.78
C VAL A 133 5.28 52.74 16.52
N MET A 134 5.68 53.70 15.70
CA MET A 134 6.43 53.38 14.48
C MET A 134 7.77 52.74 14.83
N ASN A 135 8.45 53.25 15.87
CA ASN A 135 9.64 52.56 16.35
C ASN A 135 9.37 51.13 16.75
N ALA A 136 8.29 50.91 17.51
CA ALA A 136 7.99 49.56 17.95
C ALA A 136 7.77 48.65 16.76
N ILE A 137 7.08 49.16 15.74
CA ILE A 137 6.86 48.37 14.53
C ILE A 137 8.19 48.05 13.85
N ALA A 138 9.07 49.04 13.74
CA ALA A 138 10.37 48.80 13.12
C ALA A 138 11.18 47.78 13.92
N VAL A 139 11.14 47.88 15.25
CA VAL A 139 11.86 46.93 16.10
C VAL A 139 11.34 45.53 15.88
N GLU A 140 10.02 45.36 15.83
CA GLU A 140 9.45 44.06 15.53
C GLU A 140 9.88 43.55 14.16
N LYS A 141 10.16 44.45 13.23
CA LYS A 141 10.60 44.08 11.89
C LYS A 141 12.11 43.87 11.82
N LYS A 142 12.81 43.94 12.94
CA LYS A 142 14.27 43.79 12.97
C LYS A 142 14.92 44.80 12.03
N GLN A 143 14.44 46.03 12.10
CA GLN A 143 14.87 47.14 11.27
C GLN A 143 15.87 48.04 11.98
N SER A 144 15.69 48.25 13.28
CA SER A 144 16.46 49.24 14.00
C SER A 144 17.95 48.89 13.98
N ASP A 145 18.78 49.85 14.37
CA ASP A 145 20.21 49.66 14.40
C ASP A 145 20.62 48.58 15.39
N TYR A 146 19.73 48.18 16.30
CA TYR A 146 20.07 47.17 17.29
C TYR A 146 20.40 45.84 16.63
N PHE A 147 19.71 45.49 15.55
CA PHE A 147 19.91 44.23 14.85
C PHE A 147 20.93 44.31 13.72
N LYS A 148 21.56 45.47 13.51
CA LYS A 148 22.47 45.64 12.40
C LYS A 148 23.80 46.28 12.81
N GLN A 149 24.05 46.46 14.10
CA GLN A 149 25.26 47.09 14.60
C GLN A 149 26.10 46.08 15.38
N SER A 150 27.40 46.08 15.12
CA SER A 150 28.30 45.13 15.79
C SER A 150 28.40 45.41 17.29
N LYS A 151 28.32 46.68 17.65
CA LYS A 151 28.65 47.28 18.95
C LYS A 151 27.47 48.00 19.56
N PRO A 152 26.51 47.28 20.15
CA PRO A 152 25.27 47.93 20.60
C PRO A 152 25.54 49.02 21.62
N GLU A 153 24.77 50.10 21.51
CA GLU A 153 24.83 51.20 22.46
C GLU A 153 23.67 51.08 23.45
N ILE A 154 23.81 51.77 24.57
CA ILE A 154 22.84 51.60 25.65
C ILE A 154 21.48 52.18 25.29
N GLU A 155 21.47 53.35 24.64
CA GLU A 155 20.21 54.07 24.49
C GLU A 155 19.28 53.42 23.45
N MET A 156 19.83 52.64 22.51
CA MET A 156 18.93 51.91 21.61
C MET A 156 18.11 50.89 22.36
N LEU A 157 18.53 50.48 23.56
CA LEU A 157 17.70 49.63 24.40
C LEU A 157 16.38 50.29 24.73
N THR A 158 16.30 51.61 24.68
CA THR A 158 15.02 52.29 24.83
C THR A 158 14.09 51.91 23.69
N ASP A 159 14.60 51.85 22.47
CA ASP A 159 13.77 51.50 21.33
C ASP A 159 13.15 50.13 21.50
N LEU A 160 13.94 49.15 21.94
CA LEU A 160 13.37 47.83 22.24
C LEU A 160 12.24 47.95 23.23
N SER A 161 12.39 48.80 24.25
CA SER A 161 11.32 49.00 25.22
C SER A 161 10.04 49.44 24.52
N HIS A 162 10.16 50.31 23.52
CA HIS A 162 8.97 50.79 22.82
C HIS A 162 8.15 49.64 22.26
N ARG A 163 8.80 48.52 21.93
CA ARG A 163 8.09 47.35 21.46
C ARG A 163 7.65 46.43 22.59
N THR A 164 8.42 46.34 23.67
CA THR A 164 8.03 45.53 24.81
C THR A 164 6.96 46.19 25.66
N PHE A 165 6.72 47.48 25.45
CA PHE A 165 5.67 48.22 26.13
C PHE A 165 4.72 48.85 25.11
N LEU A 166 4.50 48.16 23.99
CA LEU A 166 3.67 48.70 22.92
C LEU A 166 2.23 48.89 23.37
N ASP A 167 1.77 48.11 24.36
CA ASP A 167 0.40 48.24 24.82
C ASP A 167 0.14 49.63 25.38
N GLU A 168 1.02 50.08 26.27
CA GLU A 168 0.87 51.39 26.90
C GLU A 168 1.01 52.51 25.88
N GLU A 169 1.95 52.39 24.94
CA GLU A 169 2.12 53.40 23.91
C GLU A 169 0.87 53.49 23.04
N ILE A 170 0.31 52.35 22.65
CA ILE A 170 -0.90 52.36 21.82
C ILE A 170 -2.07 52.94 22.60
N LYS A 171 -2.19 52.61 23.89
CA LYS A 171 -3.26 53.16 24.70
C LYS A 171 -3.16 54.68 24.77
N GLU A 172 -1.96 55.19 25.03
CA GLU A 172 -1.78 56.64 25.07
C GLU A 172 -2.06 57.26 23.71
N LEU A 173 -1.63 56.60 22.63
CA LEU A 173 -1.88 57.11 21.29
C LEU A 173 -3.37 57.26 21.03
N PHE A 174 -4.16 56.24 21.37
CA PHE A 174 -5.60 56.30 21.10
C PHE A 174 -6.28 57.29 22.03
N CYS A 175 -5.86 57.36 23.28
CA CYS A 175 -6.39 58.37 24.20
C CYS A 175 -6.18 59.78 23.65
N TYR A 176 -4.96 60.07 23.18
CA TYR A 176 -4.69 61.41 22.67
C TYR A 176 -5.36 61.66 21.33
N PHE A 177 -5.53 60.61 20.52
CA PHE A 177 -6.29 60.75 19.28
C PHE A 177 -7.73 61.13 19.57
N LYS A 178 -8.34 60.46 20.56
CA LYS A 178 -9.70 60.80 20.95
C LYS A 178 -9.76 62.23 21.50
N LYS A 179 -8.77 62.63 22.28
CA LYS A 179 -8.75 64.00 22.78
C LYS A 179 -8.68 65.02 21.64
N VAL A 180 -7.80 64.78 20.66
CA VAL A 180 -7.68 65.68 19.54
C VAL A 180 -8.98 65.75 18.74
N LEU A 181 -9.61 64.58 18.51
CA LEU A 181 -10.89 64.57 17.80
C LEU A 181 -11.96 65.32 18.57
N ASN A 182 -11.98 65.17 19.90
CA ASN A 182 -12.94 65.93 20.70
C ASN A 182 -12.69 67.42 20.63
N ASN A 183 -11.43 67.83 20.43
CA ASN A 183 -11.12 69.27 20.40
C ASN A 183 -11.53 69.94 19.10
N ARG A 184 -11.89 69.19 18.06
CA ARG A 184 -12.31 69.78 16.79
C ARG A 184 -13.83 69.84 16.64
N GLN A 185 -14.57 69.52 17.69
CA GLN A 185 -16.02 69.58 17.65
C GLN A 185 -16.49 71.01 17.90
N ASP A 186 -17.36 71.51 17.01
CA ASP A 186 -17.84 72.88 17.09
C ASP A 186 -19.19 72.92 17.83
N SER A 187 -19.39 74.02 18.56
CA SER A 187 -20.63 74.25 19.31
C SER A 187 -20.82 73.23 20.42
N CYS A 188 -19.78 72.49 20.78
CA CYS A 188 -19.83 71.52 21.88
C CYS A 188 -20.98 70.54 21.67
N LYS A 189 -20.90 69.78 20.58
CA LYS A 189 -21.94 68.81 20.26
C LYS A 189 -21.98 67.70 21.30
N GLU A 190 -20.89 66.94 21.41
CA GLU A 190 -20.81 65.83 22.36
C GLU A 190 -19.43 65.22 22.27
N VAL A 191 -19.03 64.52 23.33
CA VAL A 191 -17.73 63.86 23.39
C VAL A 191 -17.82 62.52 22.67
N ILE A 192 -16.72 62.14 22.01
CA ILE A 192 -16.67 60.88 21.29
C ILE A 192 -16.59 59.73 22.28
N LYS A 193 -17.38 58.68 22.05
CA LYS A 193 -17.40 57.54 22.95
C LYS A 193 -16.15 56.68 22.79
N ASP A 194 -15.95 56.13 21.59
CA ASP A 194 -14.86 55.21 21.36
C ASP A 194 -14.52 55.17 19.88
N LEU A 195 -13.35 54.62 19.58
CA LEU A 195 -12.92 54.40 18.20
C LEU A 195 -13.35 53.01 17.76
N VAL A 196 -13.86 52.92 16.53
CA VAL A 196 -14.39 51.68 15.96
C VAL A 196 -13.63 51.37 14.67
N LEU A 197 -13.19 50.13 14.55
CA LEU A 197 -12.51 49.64 13.35
C LEU A 197 -13.34 48.52 12.74
N ILE A 198 -13.69 48.67 11.46
CA ILE A 198 -14.47 47.68 10.73
C ILE A 198 -13.61 47.11 9.62
N ILE A 199 -13.58 45.78 9.52
CA ILE A 199 -12.84 45.09 8.48
C ILE A 199 -13.82 44.31 7.60
N ASP A 200 -14.26 44.94 6.52
CA ASP A 200 -15.33 44.42 5.69
C ASP A 200 -14.80 43.46 4.63
N ASP A 201 -15.72 42.65 4.10
CA ASP A 201 -15.44 41.76 2.98
C ASP A 201 -14.29 40.81 3.31
N LEU A 202 -14.24 40.35 4.56
CA LEU A 202 -13.27 39.36 5.00
C LEU A 202 -13.66 37.95 4.58
N ASP A 203 -14.83 37.78 3.94
CA ASP A 203 -15.28 36.45 3.57
C ASP A 203 -14.25 35.71 2.73
N LEU A 204 -13.47 36.43 1.93
CA LEU A 204 -12.46 35.80 1.08
C LEU A 204 -11.28 36.78 0.96
N VAL A 205 -10.31 36.64 1.86
CA VAL A 205 -9.07 37.42 1.81
C VAL A 205 -7.91 36.44 1.95
N GLU A 206 -7.45 35.89 0.83
CA GLU A 206 -6.19 35.15 0.73
C GLU A 206 -5.93 34.23 1.91
N ASN A 207 -7.00 33.69 2.50
CA ASN A 207 -6.86 32.72 3.59
C ASN A 207 -5.90 33.19 4.68
N ASN A 208 -4.65 32.71 4.65
CA ASN A 208 -3.73 32.93 5.76
C ASN A 208 -3.60 34.40 6.12
N LEU A 209 -3.86 35.31 5.18
CA LEU A 209 -3.71 36.72 5.49
C LEU A 209 -4.58 37.11 6.68
N VAL A 210 -5.82 36.62 6.71
CA VAL A 210 -6.70 36.96 7.83
C VAL A 210 -6.12 36.43 9.13
N TYR A 211 -5.44 35.28 9.09
CA TYR A 211 -4.73 34.82 10.28
C TYR A 211 -3.76 35.89 10.76
N ASP A 212 -2.93 36.41 9.84
CA ASP A 212 -2.03 37.50 10.21
C ASP A 212 -2.82 38.68 10.76
N LEU A 213 -4.01 38.93 10.24
CA LEU A 213 -4.87 39.96 10.80
C LEU A 213 -5.26 39.62 12.24
N LEU A 214 -5.74 38.39 12.46
CA LEU A 214 -6.23 38.03 13.78
C LEU A 214 -5.16 38.25 14.84
N ARG A 215 -3.97 37.70 14.62
CA ARG A 215 -2.88 37.91 15.55
C ARG A 215 -2.65 39.40 15.78
N ASP A 216 -2.62 40.19 14.70
CA ASP A 216 -2.41 41.61 14.84
C ASP A 216 -3.49 42.23 15.72
N ILE A 217 -4.72 41.76 15.60
CA ILE A 217 -5.78 42.26 16.47
C ILE A 217 -5.57 41.74 17.89
N GLN A 218 -5.15 40.49 18.03
CA GLN A 218 -4.87 39.96 19.36
C GLN A 218 -3.75 40.75 20.03
N HIS A 219 -2.70 41.06 19.29
CA HIS A 219 -1.53 41.68 19.89
C HIS A 219 -1.71 43.18 20.06
N TYR A 220 -2.31 43.89 19.10
CA TYR A 220 -2.22 45.34 19.20
C TYR A 220 -3.58 46.00 19.42
N LEU A 221 -4.66 45.47 18.85
CA LEU A 221 -5.94 46.16 18.90
C LEU A 221 -7.04 45.33 19.57
N ASP A 222 -6.67 44.47 20.52
CA ASP A 222 -7.69 43.65 21.18
C ASP A 222 -8.50 44.48 22.17
N SER A 223 -7.84 45.05 23.17
CA SER A 223 -8.51 45.85 24.20
C SER A 223 -8.35 47.34 23.97
N GLN A 224 -8.08 47.76 22.73
CA GLN A 224 -7.87 49.16 22.41
C GLN A 224 -9.06 49.80 21.71
N LEU A 225 -9.73 49.08 20.81
CA LEU A 225 -10.84 49.63 20.05
C LEU A 225 -12.06 48.71 20.13
N ILE A 226 -13.10 49.07 19.38
CA ILE A 226 -14.21 48.18 19.06
C ILE A 226 -13.97 47.68 17.65
N VAL A 227 -13.53 46.43 17.52
CA VAL A 227 -13.18 45.84 16.23
C VAL A 227 -14.36 45.02 15.75
N ILE A 228 -14.84 45.31 14.55
CA ILE A 228 -15.91 44.57 13.90
C ILE A 228 -15.30 43.79 12.76
N PHE A 229 -15.49 42.47 12.77
CA PHE A 229 -14.73 41.57 11.91
C PHE A 229 -15.39 41.35 10.55
N ALA A 230 -16.69 41.07 10.53
CA ALA A 230 -17.45 40.92 9.29
C ALA A 230 -16.84 39.82 8.41
N TYR A 231 -16.88 38.58 8.91
CA TYR A 231 -16.47 37.40 8.19
C TYR A 231 -17.68 36.49 8.00
N LYS A 232 -17.45 35.27 7.51
CA LYS A 232 -18.54 34.34 7.25
C LYS A 232 -18.27 32.99 7.91
N GLU A 233 -19.32 32.40 8.47
CA GLU A 233 -19.33 31.03 8.97
C GLU A 233 -18.10 30.71 9.82
N GLY A 234 -17.28 29.76 9.37
CA GLY A 234 -16.14 29.30 10.15
C GLY A 234 -14.82 29.59 9.45
N GLN A 235 -14.74 30.74 8.78
CA GLN A 235 -13.52 31.11 8.09
C GLN A 235 -12.35 31.29 9.07
N LEU A 236 -12.62 31.90 10.21
CA LEU A 236 -11.56 32.14 11.19
C LEU A 236 -10.95 30.83 11.68
N GLU A 237 -11.78 29.85 12.02
CA GLU A 237 -11.28 28.58 12.52
C GLU A 237 -10.41 27.90 11.47
N GLN A 238 -10.87 27.88 10.21
CA GLN A 238 -10.10 27.22 9.16
C GLN A 238 -8.78 27.95 8.90
N SER A 239 -8.80 29.28 8.93
CA SER A 239 -7.57 30.03 8.72
C SER A 239 -6.57 29.76 9.85
N MET A 240 -7.04 29.69 11.09
CA MET A 240 -6.16 29.35 12.20
C MET A 240 -5.62 27.93 12.06
N PHE A 241 -6.47 26.99 11.64
CA PHE A 241 -6.03 25.61 11.48
C PHE A 241 -4.98 25.48 10.40
N GLU A 242 -5.13 26.22 9.30
CA GLU A 242 -4.12 26.16 8.24
C GLU A 242 -2.73 26.48 8.76
N HIS A 243 -2.63 27.39 9.72
CA HIS A 243 -1.33 27.73 10.30
C HIS A 243 -0.91 26.73 11.36
N LEU A 244 -1.82 26.38 12.27
CA LEU A 244 -1.45 25.50 13.38
C LEU A 244 -1.08 24.10 12.90
N ALA A 245 -1.70 23.63 11.81
CA ALA A 245 -1.40 22.30 11.31
C ALA A 245 0.03 22.20 10.83
N LYS A 246 0.53 23.19 10.07
CA LYS A 246 1.94 23.18 9.74
C LYS A 246 2.79 23.50 10.96
N GLY A 247 2.21 24.15 11.96
CA GLY A 247 2.89 24.27 13.24
C GLY A 247 2.91 22.99 14.04
N ASN A 248 2.04 22.02 13.71
CA ASN A 248 1.98 20.75 14.43
C ASN A 248 2.08 19.52 13.52
N GLU A 249 2.92 19.56 12.48
CA GLU A 249 3.37 18.35 11.79
C GLU A 249 3.66 17.20 12.73
N ALA A 250 4.75 17.32 13.47
CA ALA A 250 5.36 16.15 14.06
C ALA A 250 4.53 15.66 15.22
N LEU A 251 3.72 16.54 15.79
CA LEU A 251 2.75 16.14 16.79
C LEU A 251 1.65 15.29 16.17
N LEU A 252 1.13 15.70 15.00
CA LEU A 252 0.03 14.97 14.38
C LEU A 252 0.48 13.66 13.78
N ASN A 253 1.66 13.62 13.14
CA ASN A 253 2.09 12.39 12.48
C ASN A 253 2.57 11.34 13.46
N HIS A 254 3.17 11.74 14.58
CA HIS A 254 3.51 10.79 15.63
C HIS A 254 2.33 10.45 16.53
N GLY A 255 1.15 11.01 16.26
CA GLY A 255 -0.02 10.67 17.02
C GLY A 255 -0.07 11.26 18.41
N VAL A 256 0.74 12.28 18.68
CA VAL A 256 0.69 12.91 20.00
C VAL A 256 -0.60 13.69 20.18
N ILE A 257 -1.06 14.36 19.14
CA ILE A 257 -2.32 15.09 19.16
C ILE A 257 -3.09 14.77 17.89
N ASP A 258 -4.37 15.17 17.89
CA ASP A 258 -5.23 15.06 16.73
C ASP A 258 -5.79 16.44 16.39
N SER A 259 -6.64 16.48 15.36
CA SER A 259 -7.29 17.73 14.99
C SER A 259 -8.11 18.32 16.14
N ASN A 260 -8.57 17.48 17.07
CA ASN A 260 -9.40 17.96 18.16
C ASN A 260 -8.64 18.96 19.04
N ALA A 261 -7.37 18.68 19.34
CA ALA A 261 -6.61 19.59 20.19
C ALA A 261 -6.41 20.94 19.53
N ILE A 262 -6.06 20.95 18.24
CA ILE A 262 -5.87 22.20 17.53
C ILE A 262 -7.17 22.97 17.45
N PHE A 263 -8.26 22.26 17.18
CA PHE A 263 -9.57 22.90 17.10
C PHE A 263 -9.99 23.47 18.45
N GLY A 264 -9.67 22.77 19.54
CA GLY A 264 -9.95 23.34 20.86
C GLY A 264 -9.13 24.58 21.13
N GLN A 265 -7.85 24.56 20.77
CA GLN A 265 -7.01 25.75 20.89
C GLN A 265 -7.65 26.93 20.16
N ILE A 266 -8.00 26.72 18.88
CA ILE A 266 -8.63 27.77 18.09
C ILE A 266 -9.94 28.19 18.74
N GLU A 267 -10.68 27.22 19.27
CA GLU A 267 -11.97 27.50 19.86
C GLU A 267 -11.84 28.47 21.02
N ARG A 268 -10.84 28.25 21.89
CA ARG A 268 -10.84 29.08 23.09
C ARG A 268 -10.25 30.43 22.73
N PHE A 269 -9.29 30.45 21.78
CA PHE A 269 -8.73 31.70 21.30
C PHE A 269 -9.83 32.60 20.73
N LEU A 270 -10.69 32.04 19.88
CA LEU A 270 -11.76 32.83 19.28
C LEU A 270 -12.84 33.16 20.30
N THR A 271 -13.03 32.28 21.29
CA THR A 271 -13.96 32.58 22.38
C THR A 271 -13.51 33.82 23.14
N LYS A 272 -12.22 33.93 23.41
CA LYS A 272 -11.69 35.09 24.13
C LYS A 272 -11.64 36.33 23.24
N LEU A 273 -11.23 36.16 21.97
CA LEU A 273 -11.15 37.31 21.07
C LEU A 273 -12.53 37.90 20.83
N VAL A 274 -13.49 37.07 20.44
CA VAL A 274 -14.87 37.52 20.23
C VAL A 274 -15.80 36.67 21.09
N PRO A 275 -16.35 37.22 22.19
CA PRO A 275 -17.32 36.45 22.98
C PRO A 275 -18.50 36.06 22.10
N LEU A 276 -19.01 34.84 22.32
CA LEU A 276 -20.08 34.36 21.46
C LEU A 276 -21.38 35.14 21.66
N SER A 277 -21.44 35.96 22.71
CA SER A 277 -22.52 36.92 22.86
C SER A 277 -22.30 38.19 22.05
N ASN A 278 -21.13 38.31 21.42
CA ASN A 278 -20.80 39.48 20.60
C ASN A 278 -20.82 39.19 19.11
N ARG A 279 -21.15 37.96 18.70
CA ARG A 279 -21.17 37.59 17.29
C ARG A 279 -22.62 37.56 16.81
N ILE A 280 -22.84 38.15 15.64
CA ILE A 280 -24.18 38.40 15.11
C ILE A 280 -24.31 37.76 13.73
N PRO A 281 -25.12 36.72 13.56
CA PRO A 281 -25.38 36.21 12.22
C PRO A 281 -26.61 36.84 11.60
N LEU A 282 -26.64 36.84 10.28
CA LEU A 282 -27.77 37.40 9.56
C LEU A 282 -27.96 36.68 8.23
N PHE A 283 -29.22 36.39 7.92
CA PHE A 283 -29.69 36.11 6.57
C PHE A 283 -28.85 35.05 5.86
N LYS A 284 -28.98 33.82 6.35
CA LYS A 284 -28.56 32.71 5.51
C LYS A 284 -29.65 32.39 4.50
N GLN A 285 -29.54 31.21 3.89
CA GLN A 285 -30.50 30.75 2.91
C GLN A 285 -31.84 30.33 3.51
N ASP A 286 -31.88 29.85 4.75
CA ASP A 286 -33.14 29.37 5.32
C ASP A 286 -34.20 30.47 5.32
N GLU A 287 -34.00 31.51 6.13
CA GLU A 287 -34.94 32.62 6.19
C GLU A 287 -34.95 33.43 4.91
N LEU A 288 -33.93 33.30 4.07
CA LEU A 288 -33.99 33.91 2.74
C LEU A 288 -35.06 33.26 1.88
N LEU A 289 -35.10 31.92 1.87
CA LEU A 289 -36.09 31.20 1.09
C LEU A 289 -37.47 31.20 1.74
N ASN A 290 -37.53 31.37 3.07
CA ASN A 290 -38.82 31.34 3.75
C ASN A 290 -39.63 32.63 3.58
N LYS A 291 -38.99 33.78 3.42
CA LYS A 291 -39.75 35.02 3.34
C LYS A 291 -40.53 35.09 2.04
N THR A 292 -41.28 36.18 1.88
CA THR A 292 -42.05 36.41 0.67
C THR A 292 -41.27 37.29 -0.31
N ILE A 293 -41.53 37.05 -1.60
CA ILE A 293 -40.93 37.85 -2.66
C ILE A 293 -41.26 39.33 -2.47
N GLY A 294 -42.45 39.62 -1.96
CA GLY A 294 -42.82 41.01 -1.73
C GLY A 294 -41.89 41.70 -0.74
N GLU A 295 -41.50 41.00 0.33
CA GLU A 295 -40.63 41.61 1.33
C GLU A 295 -39.26 41.93 0.74
N PHE A 296 -38.70 41.01 -0.06
CA PHE A 296 -37.42 41.28 -0.70
C PHE A 296 -37.52 42.44 -1.68
N LEU A 297 -38.57 42.46 -2.49
CA LEU A 297 -38.73 43.55 -3.45
C LEU A 297 -38.91 44.89 -2.73
N ALA A 298 -39.61 44.89 -1.59
CA ALA A 298 -39.69 46.08 -0.77
C ALA A 298 -38.32 46.46 -0.23
N SER A 299 -37.51 45.47 0.16
CA SER A 299 -36.14 45.74 0.58
C SER A 299 -35.37 46.45 -0.52
N LEU A 300 -35.68 46.17 -1.78
CA LEU A 300 -35.09 46.97 -2.86
C LEU A 300 -35.82 48.30 -3.05
N ASP A 301 -37.15 48.27 -3.11
CA ASP A 301 -37.94 49.50 -3.23
C ASP A 301 -39.38 49.22 -2.83
N PRO A 302 -40.03 50.12 -2.08
CA PRO A 302 -41.37 49.81 -1.59
C PRO A 302 -42.40 49.55 -2.68
N SER A 303 -42.21 50.10 -3.88
CA SER A 303 -43.21 50.00 -4.93
C SER A 303 -43.07 48.76 -5.79
N TYR A 304 -41.91 48.11 -5.81
CA TYR A 304 -41.73 46.93 -6.65
C TYR A 304 -42.57 45.77 -6.13
N GLY A 305 -43.11 44.99 -7.07
CA GLY A 305 -43.86 43.80 -6.76
C GLY A 305 -43.88 42.85 -7.93
N VAL A 306 -44.66 41.78 -7.82
CA VAL A 306 -44.81 40.81 -8.91
C VAL A 306 -46.29 40.64 -9.21
N GLY A 307 -46.66 40.78 -10.48
CA GLY A 307 -48.03 40.66 -10.89
C GLY A 307 -48.48 39.21 -11.00
N GLU A 308 -49.73 39.04 -11.42
CA GLU A 308 -50.30 37.71 -11.54
C GLU A 308 -49.69 36.90 -12.67
N ASN A 309 -49.03 37.54 -13.62
CA ASN A 309 -48.25 36.85 -14.64
C ASN A 309 -46.79 36.68 -14.23
N LEU A 310 -46.47 36.92 -12.96
CA LEU A 310 -45.11 36.78 -12.44
C LEU A 310 -44.13 37.73 -13.14
N GLU A 311 -44.65 38.86 -13.62
CA GLU A 311 -43.83 39.94 -14.14
C GLU A 311 -43.69 41.02 -13.08
N PHE A 312 -42.56 41.72 -13.10
CA PHE A 312 -42.27 42.72 -12.08
C PHE A 312 -43.08 43.98 -12.36
N ILE A 313 -43.84 44.42 -11.36
CA ILE A 313 -44.78 45.53 -11.49
C ILE A 313 -44.33 46.66 -10.57
N THR A 314 -44.92 47.82 -10.77
CA THR A 314 -44.50 48.99 -10.00
C THR A 314 -45.64 49.71 -9.28
N LYS A 315 -46.80 49.88 -9.90
CA LYS A 315 -47.72 50.88 -9.38
C LYS A 315 -48.58 50.36 -8.23
N ASP A 316 -49.60 49.55 -8.50
CA ASP A 316 -50.31 48.85 -7.44
C ASP A 316 -50.82 47.49 -7.87
N SER A 317 -51.09 47.33 -9.17
CA SER A 317 -51.77 46.15 -9.70
C SER A 317 -53.09 45.87 -8.97
N GLU A 318 -53.01 45.52 -7.69
CA GLU A 318 -54.09 44.96 -6.87
C GLU A 318 -54.43 43.55 -7.29
N LYS A 319 -53.83 43.03 -8.36
CA LYS A 319 -53.91 41.63 -8.73
C LYS A 319 -52.59 40.91 -8.45
N ASN A 320 -51.67 41.55 -7.74
CA ASN A 320 -50.35 41.02 -7.51
C ASN A 320 -50.41 39.81 -6.59
N LYS A 321 -49.34 39.01 -6.62
CA LYS A 321 -49.16 37.86 -5.74
C LYS A 321 -47.77 37.98 -5.12
N ASN A 322 -47.70 38.72 -4.02
CA ASN A 322 -46.44 39.03 -3.36
C ASN A 322 -46.18 38.17 -2.13
N ASN A 323 -47.12 37.29 -1.75
CA ASN A 323 -47.01 36.49 -0.54
C ASN A 323 -46.82 35.01 -0.85
N LEU A 324 -46.12 34.70 -1.94
CA LEU A 324 -45.89 33.32 -2.35
C LEU A 324 -44.63 32.71 -1.77
N THR A 325 -43.79 33.50 -1.11
CA THR A 325 -42.50 33.02 -0.64
C THR A 325 -41.56 32.79 -1.81
N ILE A 326 -40.27 33.08 -1.62
CA ILE A 326 -39.31 32.96 -2.70
C ILE A 326 -39.22 31.52 -3.18
N ARG A 327 -39.43 30.56 -2.29
CA ARG A 327 -39.19 29.15 -2.62
C ARG A 327 -40.05 28.72 -3.82
N GLU A 328 -41.36 28.91 -3.73
CA GLU A 328 -42.24 28.51 -4.83
C GLU A 328 -42.48 29.62 -5.82
N TRP A 329 -42.22 30.88 -5.45
CA TRP A 329 -42.18 31.94 -6.45
C TRP A 329 -41.13 31.63 -7.51
N PHE A 330 -40.00 31.04 -7.10
CA PHE A 330 -38.97 30.66 -8.06
C PHE A 330 -39.55 29.78 -9.17
N TYR A 331 -40.25 28.71 -8.81
CA TYR A 331 -40.80 27.82 -9.82
C TYR A 331 -41.96 28.47 -10.56
N GLU A 332 -42.87 29.13 -9.83
CA GLU A 332 -44.01 29.76 -10.47
C GLU A 332 -43.59 30.83 -11.47
N SER A 333 -42.39 31.37 -11.31
CA SER A 333 -41.90 32.41 -12.20
C SER A 333 -40.98 31.87 -13.30
N ILE A 334 -40.34 30.72 -13.07
CA ILE A 334 -39.77 29.97 -14.19
C ILE A 334 -40.87 29.56 -15.15
N PHE A 335 -41.97 29.05 -14.62
CA PHE A 335 -43.24 28.97 -15.34
C PHE A 335 -43.71 30.39 -15.62
N TYR A 336 -44.48 30.58 -16.71
CA TYR A 336 -44.82 31.89 -17.25
C TYR A 336 -43.65 32.49 -18.05
N ARG A 337 -42.51 31.82 -18.10
CA ARG A 337 -41.40 32.22 -18.95
C ARG A 337 -40.85 31.08 -19.79
N THR A 338 -40.88 29.85 -19.29
CA THR A 338 -40.47 28.68 -20.04
C THR A 338 -41.57 27.67 -20.23
N ASN A 339 -42.75 27.89 -19.63
CA ASN A 339 -43.85 26.93 -19.70
C ASN A 339 -43.43 25.57 -19.15
N LEU A 340 -42.59 25.59 -18.11
CA LEU A 340 -42.06 24.37 -17.51
C LEU A 340 -42.27 24.43 -16.00
N LYS A 341 -42.97 23.44 -15.47
CA LYS A 341 -43.15 23.28 -14.02
C LYS A 341 -42.03 22.38 -13.52
N LEU A 342 -40.99 22.99 -12.96
CA LEU A 342 -39.79 22.27 -12.57
C LEU A 342 -39.76 21.90 -11.10
N ASP A 343 -40.82 22.15 -10.36
CA ASP A 343 -40.90 21.69 -8.97
C ASP A 343 -41.08 20.18 -8.98
N PRO A 344 -40.16 19.40 -8.40
CA PRO A 344 -40.28 17.95 -8.49
C PRO A 344 -41.21 17.37 -7.44
N ILE A 345 -41.93 16.32 -7.84
CA ILE A 345 -42.77 15.60 -6.89
C ILE A 345 -41.91 14.98 -5.80
N ASP A 346 -40.79 14.37 -6.18
CA ASP A 346 -39.87 13.82 -5.20
C ASP A 346 -38.95 14.92 -4.70
N ILE A 347 -39.01 15.19 -3.39
CA ILE A 347 -38.17 16.20 -2.77
C ILE A 347 -36.76 15.70 -2.49
N ARG A 348 -36.48 14.42 -2.75
CA ARG A 348 -35.13 13.90 -2.65
C ARG A 348 -34.18 14.53 -3.65
N GLU A 349 -34.71 15.16 -4.70
CA GLU A 349 -33.92 15.60 -5.83
C GLU A 349 -33.14 16.89 -5.58
N GLU A 350 -33.32 17.54 -4.45
CA GLU A 350 -32.45 18.65 -4.07
C GLU A 350 -32.53 19.80 -5.08
N ALA A 351 -33.75 20.09 -5.55
CA ALA A 351 -33.93 21.22 -6.47
C ALA A 351 -33.59 22.54 -5.81
N SER A 352 -33.77 22.65 -4.49
CA SER A 352 -33.45 23.89 -3.78
C SER A 352 -32.01 24.32 -3.96
N ARG A 353 -31.16 23.48 -4.54
CA ARG A 353 -29.81 23.86 -4.88
C ARG A 353 -29.74 24.85 -6.04
N LEU A 354 -30.88 25.38 -6.52
CA LEU A 354 -30.88 26.29 -7.66
C LEU A 354 -31.40 27.69 -7.36
N MET A 355 -32.28 27.87 -6.35
CA MET A 355 -33.18 29.03 -6.48
C MET A 355 -32.45 30.36 -6.32
N PRO A 356 -32.30 30.90 -5.09
CA PRO A 356 -31.06 31.62 -4.73
C PRO A 356 -30.17 30.81 -3.83
N LYS A 357 -29.01 31.37 -3.48
CA LYS A 357 -28.24 30.94 -2.32
C LYS A 357 -27.93 32.10 -1.39
N THR A 358 -27.79 33.31 -1.92
CA THR A 358 -27.56 34.52 -1.15
C THR A 358 -28.44 35.63 -1.70
N LEU A 359 -28.43 36.78 -1.03
CA LEU A 359 -29.20 37.93 -1.51
C LEU A 359 -28.66 38.44 -2.84
N ARG A 360 -27.33 38.41 -3.02
CA ARG A 360 -26.75 38.83 -4.29
C ARG A 360 -27.25 37.94 -5.43
N GLU A 361 -27.25 36.63 -5.22
CA GLU A 361 -27.78 35.72 -6.22
C GLU A 361 -29.27 35.95 -6.46
N MET A 362 -30.01 36.30 -5.42
CA MET A 362 -31.43 36.61 -5.58
C MET A 362 -31.62 37.84 -6.47
N VAL A 363 -30.86 38.90 -6.22
CA VAL A 363 -30.97 40.11 -7.03
C VAL A 363 -30.58 39.82 -8.47
N GLN A 364 -29.50 39.05 -8.66
CA GLN A 364 -29.06 38.74 -10.01
C GLN A 364 -30.05 37.84 -10.75
N LEU A 365 -30.70 36.92 -10.03
CA LEU A 365 -31.76 36.12 -10.61
C LEU A 365 -32.91 37.01 -11.07
N CYS A 366 -33.31 37.97 -10.22
CA CYS A 366 -34.36 38.89 -10.62
C CYS A 366 -33.95 39.69 -11.85
N GLU A 367 -32.67 40.10 -11.91
CA GLU A 367 -32.17 40.83 -13.06
C GLU A 367 -32.23 40.02 -14.34
N GLU A 368 -31.71 38.79 -14.30
CA GLU A 368 -31.80 37.90 -15.45
C GLU A 368 -33.25 37.58 -15.78
N LEU A 369 -34.06 37.37 -14.74
CA LEU A 369 -35.43 36.93 -14.86
C LEU A 369 -36.34 38.03 -14.31
N HIS A 370 -36.65 39.02 -15.16
CA HIS A 370 -37.58 40.07 -14.78
C HIS A 370 -38.76 40.17 -15.74
N SER A 371 -38.51 40.21 -17.05
CA SER A 371 -39.58 40.06 -18.03
C SER A 371 -39.34 38.88 -18.95
N MET A 372 -38.19 38.83 -19.63
CA MET A 372 -37.92 37.86 -20.69
C MET A 372 -39.17 37.58 -21.50
N GLN A 373 -39.88 38.65 -21.86
CA GLN A 373 -41.15 38.56 -22.59
C GLN A 373 -42.03 37.49 -21.96
N VAL A 374 -42.39 37.72 -20.71
CA VAL A 374 -43.20 36.76 -19.96
C VAL A 374 -44.46 36.45 -20.76
N ILE A 375 -44.83 35.17 -20.76
CA ILE A 375 -45.97 34.70 -21.54
C ILE A 375 -47.22 34.81 -20.67
N THR A 376 -48.20 35.57 -21.15
CA THR A 376 -49.39 35.90 -20.38
C THR A 376 -50.59 35.09 -20.87
N ARG A 377 -51.74 35.38 -20.27
CA ARG A 377 -53.00 34.70 -20.57
C ARG A 377 -53.97 35.61 -21.31
N SER A 378 -53.44 36.39 -22.26
CA SER A 378 -54.20 37.38 -23.02
C SER A 378 -54.05 37.07 -24.51
N MET A 379 -54.48 38.01 -25.34
CA MET A 379 -54.34 37.88 -26.80
C MET A 379 -54.76 36.50 -27.29
N ASP A 380 -54.22 36.05 -28.42
CA ASP A 380 -54.72 34.85 -29.09
C ASP A 380 -53.85 33.62 -28.85
N LYS A 381 -52.91 33.70 -27.91
CA LYS A 381 -52.13 32.52 -27.50
C LYS A 381 -51.38 31.91 -28.67
N LEU A 382 -50.77 32.76 -29.49
CA LEU A 382 -50.05 32.34 -30.69
C LEU A 382 -48.64 32.90 -30.77
N ALA A 383 -48.42 34.14 -30.33
CA ALA A 383 -47.13 34.81 -30.46
C ALA A 383 -46.18 34.52 -29.31
N GLY A 384 -46.64 33.83 -28.26
CA GLY A 384 -45.80 33.57 -27.12
C GLY A 384 -44.83 32.41 -27.29
N VAL A 385 -44.89 31.72 -28.43
CA VAL A 385 -44.02 30.57 -28.63
C VAL A 385 -42.60 31.01 -28.99
N GLU A 386 -42.46 32.06 -29.80
CA GLU A 386 -41.14 32.47 -30.27
C GLU A 386 -40.26 32.93 -29.11
N GLY A 387 -40.81 33.73 -28.20
CA GLY A 387 -40.05 34.16 -27.03
C GLY A 387 -39.85 33.09 -25.99
N LEU A 388 -40.71 32.07 -25.98
CA LEU A 388 -40.63 31.00 -25.01
C LEU A 388 -39.35 30.17 -25.17
N ARG A 389 -38.98 29.84 -26.42
CA ARG A 389 -37.73 29.10 -26.62
C ARG A 389 -36.51 29.94 -26.28
N LYS A 390 -36.59 31.25 -26.51
CA LYS A 390 -35.51 32.13 -26.09
C LYS A 390 -35.35 32.15 -24.57
N ASN A 391 -36.47 32.27 -23.85
CA ASN A 391 -36.41 32.18 -22.40
C ASN A 391 -35.89 30.82 -21.96
N ILE A 392 -36.20 29.78 -22.72
CA ILE A 392 -35.64 28.45 -22.43
C ILE A 392 -34.11 28.49 -22.55
N GLY A 393 -33.60 29.11 -23.59
CA GLY A 393 -32.15 29.22 -23.74
C GLY A 393 -31.52 30.03 -22.62
N ALA A 394 -32.13 31.16 -22.27
CA ALA A 394 -31.61 31.98 -21.18
C ALA A 394 -31.61 31.21 -19.86
N PHE A 395 -32.68 30.46 -19.59
CA PHE A 395 -32.73 29.66 -18.38
C PHE A 395 -31.70 28.54 -18.41
N ARG A 396 -31.46 27.95 -19.59
CA ARG A 396 -30.40 26.96 -19.70
C ARG A 396 -29.05 27.56 -19.35
N ARG A 397 -28.80 28.78 -19.82
CA ARG A 397 -27.56 29.48 -19.46
C ARG A 397 -27.48 29.70 -17.95
N TYR A 398 -28.58 30.14 -17.34
CA TYR A 398 -28.59 30.36 -15.90
C TYR A 398 -28.33 29.06 -15.15
N ILE A 399 -28.92 27.96 -15.61
CA ILE A 399 -28.69 26.67 -14.99
C ILE A 399 -27.22 26.27 -15.09
N GLY A 400 -26.62 26.48 -16.28
CA GLY A 400 -25.22 26.17 -16.42
C GLY A 400 -24.34 26.98 -15.48
N TYR A 401 -24.63 28.28 -15.33
CA TYR A 401 -23.93 29.09 -14.35
C TYR A 401 -24.11 28.58 -12.94
N LYS A 402 -25.33 28.26 -12.53
CA LYS A 402 -25.55 27.71 -11.20
C LYS A 402 -24.88 26.36 -11.07
N ASN A 403 -25.01 25.52 -12.10
CA ASN A 403 -24.54 24.14 -12.08
C ASN A 403 -23.10 24.05 -12.59
N SER A 404 -22.20 24.69 -11.83
CA SER A 404 -20.77 24.68 -12.14
C SER A 404 -19.90 24.55 -10.90
N THR A 405 -20.46 24.20 -9.74
CA THR A 405 -19.71 24.10 -8.49
C THR A 405 -19.37 22.66 -8.12
N TYR A 406 -20.38 21.81 -7.96
CA TYR A 406 -20.18 20.43 -7.50
C TYR A 406 -19.78 19.47 -8.60
N PHE A 407 -20.16 19.78 -9.84
CA PHE A 407 -19.61 19.18 -11.05
C PHE A 407 -18.08 19.19 -11.02
N ASN A 408 -17.46 18.04 -11.28
CA ASN A 408 -16.01 17.92 -11.15
C ASN A 408 -15.32 17.64 -12.48
N LEU A 409 -15.51 16.47 -13.09
CA LEU A 409 -15.06 16.26 -14.46
C LEU A 409 -15.98 15.39 -15.31
N ALA A 410 -16.65 14.40 -14.73
CA ALA A 410 -17.44 13.48 -15.53
C ALA A 410 -18.75 14.09 -15.97
N THR A 411 -19.31 14.96 -15.15
CA THR A 411 -20.62 15.52 -15.40
C THR A 411 -20.57 16.76 -16.30
N MET A 412 -19.56 17.64 -16.16
CA MET A 412 -19.33 18.67 -17.17
C MET A 412 -19.16 18.06 -18.55
N GLU A 413 -18.24 17.11 -18.66
CA GLU A 413 -18.07 16.27 -19.85
C GLU A 413 -19.40 15.72 -20.35
N PHE A 414 -20.15 15.04 -19.49
CA PHE A 414 -21.35 14.35 -19.95
C PHE A 414 -22.35 15.36 -20.51
N PHE A 415 -22.62 16.43 -19.76
CA PHE A 415 -23.62 17.40 -20.21
C PHE A 415 -23.16 18.13 -21.46
N GLN A 416 -21.86 18.43 -21.55
CA GLN A 416 -21.35 19.05 -22.76
C GLN A 416 -21.55 18.15 -23.97
N LYS A 417 -21.14 16.89 -23.87
CA LYS A 417 -21.34 15.97 -24.99
C LYS A 417 -22.83 15.80 -25.29
N TRP A 418 -23.65 15.77 -24.24
CA TRP A 418 -25.09 15.60 -24.40
C TRP A 418 -25.68 16.74 -25.21
N GLU A 419 -25.26 17.98 -24.93
CA GLU A 419 -25.66 19.12 -25.75
C GLU A 419 -25.38 18.85 -27.22
N LEU A 420 -24.11 18.68 -27.57
CA LEU A 420 -23.71 18.45 -28.96
C LEU A 420 -23.66 16.96 -29.27
N ALA A 421 -24.76 16.28 -28.91
CA ALA A 421 -24.98 14.89 -29.26
C ALA A 421 -25.96 14.77 -30.42
N GLU A 422 -25.92 15.76 -31.31
CA GLU A 422 -26.87 15.82 -32.42
C GLU A 422 -28.29 15.86 -31.86
N SER A 423 -29.08 14.83 -32.13
CA SER A 423 -30.41 14.74 -31.57
C SER A 423 -30.78 13.32 -31.15
N HIS A 424 -29.86 12.36 -31.29
CA HIS A 424 -30.18 10.94 -31.10
C HIS A 424 -29.16 10.18 -30.28
N GLN A 425 -27.90 10.61 -30.21
CA GLN A 425 -26.89 10.02 -29.36
C GLN A 425 -27.04 10.48 -27.91
N ALA A 426 -27.85 11.51 -27.67
CA ALA A 426 -28.00 12.05 -26.32
C ALA A 426 -28.58 11.00 -25.38
N ASN A 427 -29.57 10.23 -25.83
CA ASN A 427 -30.18 9.22 -24.98
C ASN A 427 -29.18 8.15 -24.58
N TYR A 428 -28.35 7.71 -25.53
CA TYR A 428 -27.33 6.72 -25.22
C TYR A 428 -26.35 7.24 -24.18
N LEU A 429 -25.90 8.48 -24.36
CA LEU A 429 -24.96 9.08 -23.41
C LEU A 429 -25.59 9.20 -22.03
N ALA A 430 -26.85 9.64 -21.96
CA ALA A 430 -27.52 9.77 -20.68
C ALA A 430 -27.67 8.42 -20.00
N TYR A 431 -28.05 7.39 -20.76
CA TYR A 431 -28.21 6.07 -20.18
C TYR A 431 -26.89 5.57 -19.61
N HIS A 432 -25.79 5.74 -20.36
CA HIS A 432 -24.52 5.20 -19.89
C HIS A 432 -23.97 6.02 -18.73
N PHE A 433 -24.23 7.33 -18.70
CA PHE A 433 -23.85 8.17 -17.56
C PHE A 433 -24.60 7.75 -16.29
N LEU A 434 -25.91 7.53 -16.41
CA LEU A 434 -26.68 7.09 -15.26
C LEU A 434 -26.25 5.70 -14.82
N MET A 435 -25.90 4.83 -15.77
CA MET A 435 -25.39 3.51 -15.40
C MET A 435 -24.03 3.62 -14.72
N SER A 436 -23.22 4.60 -15.12
CA SER A 436 -21.97 4.86 -14.40
C SER A 436 -22.27 5.18 -12.94
N TYR A 437 -23.30 6.00 -12.70
CA TYR A 437 -23.69 6.25 -11.32
C TYR A 437 -24.20 4.98 -10.63
N TYR A 438 -24.96 4.16 -11.37
CA TYR A 438 -25.48 2.92 -10.77
C TYR A 438 -24.34 2.00 -10.35
N GLN A 439 -23.33 1.83 -11.21
CA GLN A 439 -22.21 0.95 -10.89
C GLN A 439 -21.41 1.40 -9.68
N GLU A 440 -21.31 2.69 -9.41
CA GLU A 440 -20.50 3.21 -8.32
C GLU A 440 -21.01 2.77 -6.94
N SER A 441 -22.13 2.04 -6.88
CA SER A 441 -22.66 1.53 -5.64
C SER A 441 -22.98 0.04 -5.69
N PHE A 442 -22.77 -0.62 -6.83
CA PHE A 442 -23.12 -2.03 -6.96
C PHE A 442 -22.13 -2.93 -6.22
N GLU A 443 -20.84 -2.60 -6.24
CA GLU A 443 -19.85 -3.44 -5.58
C GLU A 443 -19.94 -3.39 -4.06
N GLN A 444 -20.58 -2.36 -3.51
CA GLN A 444 -20.71 -2.23 -2.07
C GLN A 444 -22.12 -2.56 -1.60
N SER A 457 -31.17 -9.08 -11.46
CA SER A 457 -30.42 -8.45 -12.53
C SER A 457 -31.05 -7.12 -12.94
N GLY A 458 -32.36 -7.14 -13.18
CA GLY A 458 -33.08 -5.95 -13.55
C GLY A 458 -33.01 -5.67 -15.04
N TYR A 459 -34.15 -5.38 -15.66
CA TYR A 459 -34.22 -5.14 -17.09
C TYR A 459 -33.75 -3.74 -17.47
N PRO A 460 -34.12 -2.68 -16.74
CA PRO A 460 -33.63 -1.35 -17.11
C PRO A 460 -32.12 -1.22 -17.08
N LEU A 461 -31.43 -2.15 -16.43
CA LEU A 461 -29.98 -2.16 -16.35
C LEU A 461 -29.33 -3.01 -17.44
N THR A 462 -30.10 -3.50 -18.40
CA THR A 462 -29.62 -4.42 -19.42
C THR A 462 -29.67 -3.80 -20.81
N LEU A 463 -29.27 -2.52 -20.94
CA LEU A 463 -29.35 -1.80 -22.21
C LEU A 463 -28.04 -1.12 -22.58
N ARG A 464 -26.91 -1.58 -22.06
CA ARG A 464 -25.61 -1.01 -22.40
C ARG A 464 -25.11 -1.46 -23.77
N THR A 465 -25.28 -2.73 -24.11
CA THR A 465 -24.98 -3.21 -25.45
C THR A 465 -26.23 -3.10 -26.33
N MET A 466 -26.74 -1.87 -26.35
CA MET A 466 -28.02 -1.52 -26.96
C MET A 466 -27.76 -0.38 -27.94
N GLU A 467 -28.53 -0.35 -29.02
CA GLU A 467 -28.36 0.70 -30.01
C GLU A 467 -28.77 2.04 -29.42
N PRO A 468 -28.20 3.15 -29.90
CA PRO A 468 -28.75 4.46 -29.50
C PRO A 468 -30.19 4.67 -29.92
N TYR A 469 -30.64 4.03 -31.00
CA TYR A 469 -32.02 4.10 -31.43
C TYR A 469 -32.91 3.07 -30.76
N ASN A 470 -32.40 2.39 -29.73
CA ASN A 470 -33.19 1.44 -28.96
C ASN A 470 -33.24 1.82 -27.48
N ILE A 471 -33.01 3.09 -27.16
CA ILE A 471 -33.01 3.56 -25.78
C ILE A 471 -34.31 4.29 -25.45
N THR A 472 -34.77 5.17 -26.34
CA THR A 472 -35.97 5.96 -26.08
C THR A 472 -35.81 6.79 -24.82
N LEU A 473 -36.88 7.50 -24.43
CA LEU A 473 -36.88 8.29 -23.22
C LEU A 473 -37.48 7.58 -22.02
N GLY A 474 -38.36 6.59 -22.25
CA GLY A 474 -38.92 5.83 -21.15
C GLY A 474 -37.88 5.03 -20.40
N ASP A 475 -36.89 4.49 -21.11
CA ASP A 475 -35.81 3.76 -20.43
C ASP A 475 -34.93 4.70 -19.62
N ILE A 476 -34.72 5.93 -20.09
CA ILE A 476 -33.96 6.90 -19.30
C ILE A 476 -34.66 7.17 -17.98
N TYR A 477 -35.97 7.44 -18.03
CA TYR A 477 -36.74 7.69 -16.82
C TYR A 477 -36.77 6.45 -15.94
N ALA A 478 -36.91 5.27 -16.54
CA ALA A 478 -36.94 4.03 -15.76
C ALA A 478 -35.63 3.83 -15.02
N LEU A 479 -34.51 4.08 -15.70
CA LEU A 479 -33.21 3.93 -15.06
C LEU A 479 -33.03 4.96 -13.94
N MET A 480 -33.51 6.19 -14.17
CA MET A 480 -33.39 7.20 -13.13
C MET A 480 -34.25 6.85 -11.92
N GLU A 481 -35.43 6.27 -12.13
CA GLU A 481 -36.23 5.81 -11.00
C GLU A 481 -35.54 4.66 -10.27
N GLU A 482 -35.02 3.68 -11.01
CA GLU A 482 -34.35 2.55 -10.38
C GLU A 482 -33.16 3.02 -9.55
N LEU A 483 -32.38 3.97 -10.09
CA LEU A 483 -31.33 4.63 -9.32
C LEU A 483 -31.87 5.42 -8.15
N LYS A 484 -33.09 5.92 -8.28
CA LYS A 484 -33.70 6.60 -7.16
C LYS A 484 -34.14 5.63 -6.08
N TYR A 485 -34.20 4.33 -6.41
CA TYR A 485 -34.62 3.29 -5.49
C TYR A 485 -33.56 2.20 -5.33
N THR A 486 -32.29 2.55 -5.46
CA THR A 486 -31.20 1.58 -5.39
C THR A 486 -30.59 1.57 -4.00
N GLU A 487 -30.21 0.38 -3.54
CA GLU A 487 -29.63 0.17 -2.22
C GLU A 487 -28.16 0.62 -2.22
N GLY A 488 -27.95 1.89 -2.57
CA GLY A 488 -26.60 2.39 -2.79
C GLY A 488 -26.42 3.86 -2.50
N ILE A 489 -25.71 4.56 -3.40
CA ILE A 489 -25.31 5.94 -3.17
C ILE A 489 -26.52 6.87 -3.25
N SER A 490 -26.35 8.10 -2.78
CA SER A 490 -27.46 9.05 -2.68
C SER A 490 -26.87 10.46 -2.79
N ALA A 491 -27.66 11.46 -2.39
CA ALA A 491 -27.22 12.85 -2.32
C ALA A 491 -26.94 13.43 -3.70
N ASP A 492 -25.67 13.43 -4.11
CA ASP A 492 -25.30 14.05 -5.38
C ASP A 492 -26.02 13.39 -6.55
N THR A 493 -26.25 12.08 -6.45
CA THR A 493 -26.86 11.34 -7.55
C THR A 493 -28.28 11.84 -7.81
N TYR A 494 -29.02 12.13 -6.73
CA TYR A 494 -30.38 12.63 -6.87
C TYR A 494 -30.42 13.95 -7.63
N TYR A 495 -29.53 14.89 -7.27
CA TYR A 495 -29.51 16.17 -7.96
C TYR A 495 -29.02 16.02 -9.39
N ILE A 496 -28.12 15.07 -9.65
CA ILE A 496 -27.73 14.80 -11.03
C ILE A 496 -28.94 14.35 -11.84
N VAL A 497 -29.76 13.46 -11.27
CA VAL A 497 -30.97 13.01 -11.95
C VAL A 497 -31.89 14.20 -12.21
N TYR A 498 -32.06 15.06 -11.21
CA TYR A 498 -32.94 16.21 -11.37
C TYR A 498 -32.45 17.13 -12.47
N ILE A 499 -31.14 17.41 -12.52
CA ILE A 499 -30.61 18.31 -13.52
C ILE A 499 -30.70 17.71 -14.91
N LEU A 500 -30.50 16.39 -15.02
CA LEU A 500 -30.68 15.73 -16.30
C LEU A 500 -32.13 15.84 -16.76
N LYS A 501 -33.09 15.66 -15.84
CA LYS A 501 -34.49 15.84 -16.19
C LYS A 501 -34.76 17.27 -16.65
N VAL A 502 -34.19 18.26 -15.96
CA VAL A 502 -34.41 19.66 -16.34
C VAL A 502 -33.84 19.92 -17.73
N TYR A 503 -32.63 19.42 -18.01
CA TYR A 503 -32.03 19.63 -19.32
C TYR A 503 -32.84 18.96 -20.41
N TYR A 504 -33.30 17.73 -20.18
CA TYR A 504 -34.16 17.06 -21.15
C TYR A 504 -35.43 17.84 -21.40
N SER A 505 -36.06 18.34 -20.33
CA SER A 505 -37.28 19.12 -20.50
C SER A 505 -37.02 20.38 -21.30
N LEU A 506 -35.90 21.06 -21.03
CA LEU A 506 -35.57 22.27 -21.78
C LEU A 506 -35.37 21.95 -23.26
N ARG A 507 -34.64 20.88 -23.56
CA ARG A 507 -34.42 20.54 -24.96
C ARG A 507 -35.72 20.13 -25.65
N LEU A 508 -36.55 19.34 -24.96
CA LEU A 508 -37.83 18.94 -25.53
C LEU A 508 -38.71 20.14 -25.82
N SER A 509 -38.80 21.07 -24.88
CA SER A 509 -39.62 22.26 -25.09
C SER A 509 -39.07 23.09 -26.23
N GLU A 510 -37.74 23.26 -26.29
CA GLU A 510 -37.14 24.03 -27.36
C GLU A 510 -37.45 23.42 -28.72
N LEU A 511 -37.29 22.10 -28.85
CA LEU A 511 -37.57 21.42 -30.11
C LEU A 511 -39.05 21.51 -30.46
N LEU A 512 -39.92 21.34 -29.46
CA LEU A 512 -41.36 21.42 -29.71
C LEU A 512 -41.75 22.79 -30.22
N TYR A 513 -41.18 23.84 -29.64
CA TYR A 513 -41.50 25.20 -30.02
C TYR A 513 -40.93 25.53 -31.39
N ASN A 514 -39.75 25.00 -31.71
CA ASN A 514 -39.22 25.14 -33.07
C ASN A 514 -40.15 24.46 -34.08
N VAL A 515 -40.67 23.28 -33.73
CA VAL A 515 -41.63 22.60 -34.59
C VAL A 515 -42.88 23.46 -34.76
N VAL A 516 -43.37 24.02 -33.66
CA VAL A 516 -44.59 24.81 -33.70
C VAL A 516 -44.41 26.05 -34.58
N LEU A 517 -43.20 26.62 -34.58
CA LEU A 517 -42.94 27.76 -35.46
C LEU A 517 -43.13 27.39 -36.91
N HIS A 518 -42.68 26.20 -37.31
CA HIS A 518 -42.86 25.69 -38.67
C HIS A 518 -44.13 24.85 -38.79
N HIS A 519 -45.25 25.40 -38.33
CA HIS A 519 -46.51 24.64 -38.33
C HIS A 519 -47.14 24.58 -39.71
N LYS A 520 -46.99 25.64 -40.51
CA LYS A 520 -47.63 25.67 -41.82
C LYS A 520 -47.22 24.47 -42.65
N LEU A 521 -45.91 24.16 -42.68
CA LEU A 521 -45.36 23.16 -43.57
C LEU A 521 -46.08 21.82 -43.50
N PHE A 522 -46.89 21.56 -42.46
CA PHE A 522 -47.56 20.27 -42.38
C PHE A 522 -49.03 20.39 -41.99
N VAL A 523 -49.64 21.57 -42.15
CA VAL A 523 -51.08 21.63 -41.92
C VAL A 523 -51.77 20.53 -42.71
N HIS A 524 -51.35 20.33 -43.95
CA HIS A 524 -51.99 19.34 -44.80
C HIS A 524 -52.02 17.96 -44.14
N VAL A 525 -50.92 17.56 -43.50
CA VAL A 525 -50.92 16.20 -42.95
C VAL A 525 -51.99 16.08 -41.88
N LYS A 526 -52.15 17.10 -41.05
CA LYS A 526 -53.28 17.09 -40.10
C LYS A 526 -54.54 16.69 -40.84
N GLU A 527 -54.84 17.42 -41.92
CA GLU A 527 -56.07 17.16 -42.64
C GLU A 527 -56.08 15.70 -43.04
N GLU A 528 -54.97 15.26 -43.65
CA GLU A 528 -54.86 13.87 -44.07
C GLU A 528 -55.07 12.92 -42.90
N ALA A 529 -54.38 13.19 -41.78
CA ALA A 529 -54.59 12.34 -40.62
C ALA A 529 -56.07 12.24 -40.29
N THR A 530 -56.78 13.36 -40.36
CA THR A 530 -58.22 13.32 -40.16
C THR A 530 -58.83 12.30 -41.11
N THR A 531 -58.60 12.46 -42.42
CA THR A 531 -59.13 11.49 -43.38
C THR A 531 -58.68 10.08 -43.07
N PHE A 532 -57.46 9.90 -42.57
CA PHE A 532 -56.84 8.58 -42.54
C PHE A 532 -57.46 7.65 -41.49
N TYR A 533 -57.70 8.15 -40.28
CA TYR A 533 -58.30 7.35 -39.22
C TYR A 533 -59.61 7.94 -38.72
N MET A 534 -60.30 8.66 -39.61
CA MET A 534 -61.66 9.13 -39.36
C MET A 534 -62.65 8.03 -39.74
N ALA A 535 -62.29 7.23 -40.74
CA ALA A 535 -63.10 6.15 -41.27
C ALA A 535 -63.05 4.92 -40.36
N ASP A 556 -53.22 4.62 -45.38
CA ASP A 556 -52.43 3.41 -45.63
C ASP A 556 -50.95 3.71 -45.84
N LYS A 557 -50.52 3.49 -47.08
CA LYS A 557 -49.12 3.44 -47.43
C LYS A 557 -48.65 4.78 -48.02
N GLU A 558 -49.50 5.43 -48.83
CA GLU A 558 -49.24 6.82 -49.18
C GLU A 558 -49.24 7.70 -47.94
N TYR A 559 -50.07 7.38 -46.95
CA TYR A 559 -50.13 8.17 -45.73
C TYR A 559 -48.80 8.15 -45.00
N ARG A 560 -48.21 6.97 -44.81
CA ARG A 560 -46.90 6.87 -44.20
C ARG A 560 -45.87 7.61 -45.02
N GLU A 561 -45.99 7.51 -46.35
CA GLU A 561 -45.01 8.14 -47.21
C GLU A 561 -45.05 9.65 -47.01
N HIS A 562 -46.25 10.20 -46.93
CA HIS A 562 -46.45 11.63 -46.71
C HIS A 562 -45.94 12.05 -45.33
N ILE A 563 -46.21 11.26 -44.31
CA ILE A 563 -45.72 11.59 -42.97
C ILE A 563 -44.20 11.68 -42.98
N MET A 564 -43.55 10.73 -43.65
CA MET A 564 -42.08 10.77 -43.69
C MET A 564 -41.57 11.97 -44.48
N THR A 565 -42.24 12.31 -45.58
CA THR A 565 -41.83 13.51 -46.33
C THR A 565 -41.97 14.76 -45.49
N ALA A 566 -43.10 14.90 -44.77
CA ALA A 566 -43.29 16.06 -43.91
C ALA A 566 -42.26 16.10 -42.80
N ILE A 567 -41.91 14.95 -42.24
CA ILE A 567 -40.88 14.92 -41.20
C ILE A 567 -39.55 15.42 -41.76
N GLU A 568 -39.18 14.96 -42.95
CA GLU A 568 -37.88 15.34 -43.50
C GLU A 568 -37.74 16.84 -43.69
N LYS A 569 -38.85 17.57 -43.84
CA LYS A 569 -38.75 19.00 -44.13
C LYS A 569 -38.62 19.85 -42.87
N VAL A 570 -38.82 19.26 -41.69
CA VAL A 570 -38.66 19.99 -40.44
C VAL A 570 -37.64 19.25 -39.59
N PRO A 571 -36.35 19.61 -39.65
CA PRO A 571 -35.34 18.90 -38.85
C PRO A 571 -35.66 18.89 -37.36
N ALA A 572 -36.25 19.96 -36.84
CA ALA A 572 -36.58 20.01 -35.42
C ALA A 572 -37.57 18.91 -35.04
N LEU A 573 -38.52 18.61 -35.92
CA LEU A 573 -39.46 17.53 -35.64
C LEU A 573 -38.76 16.18 -35.59
N GLN A 574 -37.89 15.90 -36.58
CA GLN A 574 -36.96 14.79 -36.44
C GLN A 574 -36.30 14.74 -35.06
N ALA A 575 -35.68 15.84 -34.66
CA ALA A 575 -34.90 15.80 -33.43
C ALA A 575 -35.79 15.50 -32.23
N TYR A 576 -36.97 16.09 -32.20
CA TYR A 576 -37.91 15.84 -31.10
C TYR A 576 -38.36 14.39 -31.08
N LEU A 577 -38.74 13.85 -32.24
CA LEU A 577 -39.20 12.46 -32.29
C LEU A 577 -38.08 11.49 -31.96
N GLU A 578 -36.84 11.86 -32.27
CA GLU A 578 -35.70 11.02 -31.97
C GLU A 578 -35.35 11.07 -30.49
N LEU A 579 -35.52 12.21 -29.84
CA LEU A 579 -35.35 12.29 -28.40
C LEU A 579 -36.28 11.31 -27.69
N VAL A 580 -37.58 11.52 -27.83
CA VAL A 580 -38.58 10.56 -27.38
C VAL A 580 -38.76 9.59 -28.54
N ASN A 581 -37.93 8.55 -28.56
CA ASN A 581 -37.88 7.68 -29.73
C ASN A 581 -39.26 7.13 -30.05
N ALA A 582 -39.81 6.30 -29.16
CA ALA A 582 -41.21 5.91 -29.27
C ALA A 582 -41.92 5.80 -27.93
N GLN A 583 -41.25 6.05 -26.81
CA GLN A 583 -41.82 5.80 -25.50
C GLN A 583 -41.15 6.69 -24.47
N PHE A 584 -41.93 7.56 -23.84
CA PHE A 584 -41.46 8.30 -22.68
C PHE A 584 -41.83 7.63 -21.37
N MET A 585 -42.62 6.56 -21.41
CA MET A 585 -42.91 5.80 -20.22
C MET A 585 -42.03 4.56 -20.17
N PRO A 586 -41.67 4.10 -18.97
CA PRO A 586 -40.91 2.85 -18.88
C PRO A 586 -41.66 1.71 -19.55
N GLN A 587 -40.93 0.89 -20.30
CA GLN A 587 -41.52 -0.26 -20.99
C GLN A 587 -41.48 -1.45 -20.03
N ASN A 588 -41.92 -1.18 -18.79
CA ASN A 588 -42.09 -2.18 -17.75
C ASN A 588 -43.32 -1.83 -16.91
N PHE A 589 -43.98 -0.72 -17.26
CA PHE A 589 -44.86 -0.05 -16.32
C PHE A 589 -46.15 -0.86 -16.10
N ASN A 590 -46.59 -0.90 -14.86
CA ASN A 590 -47.81 -1.58 -14.46
C ASN A 590 -48.94 -0.57 -14.38
N TYR A 591 -49.84 -0.60 -15.35
CA TYR A 591 -51.01 0.26 -15.36
C TYR A 591 -52.14 -0.28 -14.49
N ASP A 592 -51.97 -1.47 -13.92
CA ASP A 592 -52.98 -2.09 -13.05
C ASP A 592 -52.29 -2.44 -11.74
N ARG A 593 -52.51 -1.61 -10.71
CA ARG A 593 -51.88 -1.82 -9.41
C ARG A 593 -52.72 -2.79 -8.57
N SER A 594 -52.75 -4.04 -9.03
CA SER A 594 -53.40 -5.13 -8.33
C SER A 594 -52.46 -6.26 -7.98
N GLY A 595 -51.57 -6.64 -8.91
CA GLY A 595 -50.58 -7.67 -8.64
C GLY A 595 -49.64 -7.87 -9.80
N SER A 596 -48.34 -7.93 -9.52
CA SER A 596 -47.33 -8.08 -10.56
C SER A 596 -47.59 -7.08 -11.68
N ARG A 597 -47.38 -7.49 -12.93
CA ARG A 597 -47.68 -6.64 -14.08
C ARG A 597 -48.76 -7.22 -14.98
N ASP A 598 -48.62 -8.47 -15.41
CA ASP A 598 -49.58 -9.07 -16.32
C ASP A 598 -49.25 -10.55 -16.47
N ASP A 599 -50.20 -11.28 -17.05
CA ASP A 599 -49.95 -12.62 -17.58
C ASP A 599 -49.77 -12.56 -19.09
N ASP A 600 -50.79 -12.06 -19.81
CA ASP A 600 -50.70 -11.82 -21.24
C ASP A 600 -51.47 -10.56 -21.62
N PHE A 601 -51.48 -9.56 -20.72
CA PHE A 601 -52.39 -8.43 -20.89
C PHE A 601 -51.94 -7.48 -21.98
N TYR A 602 -50.63 -7.24 -22.09
CA TYR A 602 -50.11 -6.19 -22.96
C TYR A 602 -49.69 -6.70 -24.34
N LEU A 603 -50.17 -7.87 -24.74
CA LEU A 603 -49.80 -8.47 -26.01
C LEU A 603 -51.02 -8.72 -26.87
N ILE A 604 -50.90 -8.42 -28.16
CA ILE A 604 -51.97 -8.59 -29.14
C ILE A 604 -51.40 -9.30 -30.36
N SER A 605 -52.26 -9.56 -31.35
CA SER A 605 -51.89 -10.36 -32.50
C SER A 605 -51.96 -9.58 -33.81
N TRP A 606 -53.06 -8.90 -34.10
CA TRP A 606 -53.19 -8.10 -35.32
C TRP A 606 -53.05 -8.98 -36.57
N LEU A 607 -54.04 -9.85 -36.76
CA LEU A 607 -53.91 -10.95 -37.71
C LEU A 607 -53.89 -10.47 -39.16
N LYS A 608 -54.96 -9.82 -39.61
CA LYS A 608 -55.06 -9.47 -41.03
C LYS A 608 -55.97 -8.27 -41.23
N ASP A 609 -55.66 -7.48 -42.27
CA ASP A 609 -56.40 -6.26 -42.54
C ASP A 609 -57.86 -6.54 -42.85
N ASP A 610 -58.13 -7.59 -43.64
CA ASP A 610 -59.50 -7.89 -44.02
C ASP A 610 -60.38 -8.28 -42.84
N ASP A 611 -59.78 -8.60 -41.69
CA ASP A 611 -60.53 -8.97 -40.50
C ASP A 611 -60.37 -7.98 -39.36
N LEU A 612 -59.60 -6.92 -39.53
CA LEU A 612 -59.48 -5.92 -38.48
C LEU A 612 -60.83 -5.21 -38.30
N PRO A 613 -61.21 -4.87 -37.06
CA PRO A 613 -62.47 -4.15 -36.86
C PRO A 613 -62.37 -2.70 -37.29
N GLU A 614 -63.46 -1.96 -37.14
CA GLU A 614 -63.46 -0.55 -37.48
C GLU A 614 -62.50 0.21 -36.56
N TYR A 615 -61.98 1.32 -37.06
CA TYR A 615 -61.18 2.23 -36.26
C TYR A 615 -59.89 1.55 -35.80
N SER A 616 -59.46 0.54 -36.56
CA SER A 616 -58.27 -0.21 -36.19
C SER A 616 -57.00 0.61 -36.34
N ARG A 617 -57.01 1.59 -37.26
CA ARG A 617 -55.87 2.49 -37.38
C ARG A 617 -55.64 3.26 -36.10
N LEU A 618 -56.71 3.59 -35.37
CA LEU A 618 -56.57 4.19 -34.05
C LEU A 618 -55.84 3.25 -33.11
N PHE A 619 -56.21 1.98 -33.12
CA PHE A 619 -55.52 0.99 -32.29
C PHE A 619 -54.30 0.47 -33.03
N LYS A 620 -53.54 1.39 -33.63
CA LYS A 620 -52.20 1.14 -34.11
C LYS A 620 -51.25 2.29 -33.82
N SER A 621 -51.77 3.50 -33.60
CA SER A 621 -50.98 4.68 -33.32
C SER A 621 -51.19 5.22 -31.92
N LEU A 622 -52.12 4.65 -31.16
CA LEU A 622 -52.40 5.07 -29.79
C LEU A 622 -51.67 4.24 -28.75
N PHE A 623 -51.53 2.93 -28.98
CA PHE A 623 -51.02 2.01 -27.97
C PHE A 623 -49.93 1.08 -28.47
N LEU A 624 -49.53 1.18 -29.74
CA LEU A 624 -48.86 0.10 -30.44
C LEU A 624 -47.60 0.60 -31.14
N ASN A 625 -46.74 1.28 -30.39
CA ASN A 625 -45.60 2.02 -30.93
C ASN A 625 -44.52 1.15 -31.57
N SER A 626 -44.58 -0.18 -31.73
CA SER A 626 -43.47 -0.93 -32.32
C SER A 626 -44.02 -1.95 -33.30
N GLU A 627 -43.15 -2.39 -34.21
CA GLU A 627 -43.46 -3.46 -35.17
C GLU A 627 -42.34 -4.50 -35.09
N VAL A 628 -42.45 -5.39 -34.10
CA VAL A 628 -41.51 -6.50 -33.91
C VAL A 628 -42.25 -7.64 -33.25
N ALA A 629 -41.62 -8.81 -33.21
CA ALA A 629 -42.26 -10.00 -32.65
C ALA A 629 -42.51 -9.91 -31.15
N ALA A 630 -41.90 -8.94 -30.47
CA ALA A 630 -42.08 -8.78 -29.03
C ALA A 630 -41.69 -10.07 -28.30
N PHE A 645 -30.97 -9.30 -36.34
CA PHE A 645 -31.60 -8.96 -35.07
C PHE A 645 -30.69 -8.05 -34.25
N ARG A 646 -29.79 -7.33 -34.93
CA ARG A 646 -28.78 -6.52 -34.25
C ARG A 646 -28.86 -5.04 -34.53
N TYR A 647 -29.32 -4.62 -35.71
CA TYR A 647 -29.24 -3.23 -36.16
C TYR A 647 -30.63 -2.67 -36.37
N ARG A 648 -31.49 -2.87 -35.38
CA ARG A 648 -32.91 -2.77 -35.58
C ARG A 648 -33.54 -1.68 -34.73
N ASN A 649 -34.39 -0.88 -35.38
CA ASN A 649 -34.94 0.32 -34.74
C ASN A 649 -35.84 -0.05 -33.57
N LEU A 650 -36.66 -1.09 -33.75
CA LEU A 650 -37.48 -1.68 -32.69
C LEU A 650 -38.60 -0.76 -32.23
N TYR A 651 -38.58 0.50 -32.65
CA TYR A 651 -39.55 1.48 -32.16
C TYR A 651 -40.32 2.17 -33.28
N SER A 652 -39.64 2.76 -34.26
CA SER A 652 -40.28 3.28 -35.47
C SER A 652 -41.53 4.11 -35.12
N TYR A 653 -41.28 5.27 -34.52
CA TYR A 653 -42.38 6.17 -34.16
C TYR A 653 -43.28 6.52 -35.34
N LEU A 654 -42.91 6.15 -36.56
CA LEU A 654 -43.72 6.40 -37.73
C LEU A 654 -44.93 5.48 -37.75
N PRO A 655 -45.91 5.75 -38.64
CA PRO A 655 -47.00 4.79 -38.84
C PRO A 655 -46.45 3.42 -39.20
N LEU A 656 -47.05 2.39 -38.63
CA LEU A 656 -46.49 1.04 -38.62
C LEU A 656 -47.32 0.13 -39.51
N GLN A 657 -46.66 -0.77 -40.22
CA GLN A 657 -47.35 -1.73 -41.07
C GLN A 657 -47.06 -3.10 -40.46
N LEU A 658 -48.06 -3.70 -39.85
CA LEU A 658 -47.85 -4.92 -39.07
C LEU A 658 -48.17 -6.15 -39.91
N THR A 659 -47.45 -7.23 -39.65
CA THR A 659 -47.64 -8.47 -40.40
C THR A 659 -48.59 -9.39 -39.63
N SER A 660 -48.93 -10.49 -40.27
CA SER A 660 -49.96 -11.38 -39.74
C SER A 660 -49.43 -12.29 -38.66
N ALA A 661 -50.25 -12.49 -37.62
CA ALA A 661 -49.97 -13.46 -36.56
C ALA A 661 -48.62 -13.19 -35.90
N THR A 662 -48.50 -11.99 -35.34
CA THR A 662 -47.30 -11.57 -34.64
C THR A 662 -47.69 -10.89 -33.33
N PHE A 663 -46.99 -11.25 -32.26
CA PHE A 663 -47.25 -10.66 -30.95
C PHE A 663 -46.65 -9.26 -30.88
N TYR A 664 -47.44 -8.29 -30.43
CA TYR A 664 -47.02 -6.91 -30.31
C TYR A 664 -47.34 -6.39 -28.92
N LYS A 665 -46.42 -5.63 -28.34
CA LYS A 665 -46.60 -5.07 -27.01
C LYS A 665 -47.33 -3.73 -27.09
N ILE A 666 -48.06 -3.43 -26.02
CA ILE A 666 -48.89 -2.22 -25.96
C ILE A 666 -48.30 -1.21 -24.98
N ASP A 667 -48.29 0.05 -25.38
CA ASP A 667 -47.89 1.16 -24.52
C ASP A 667 -48.99 2.21 -24.55
N PHE A 668 -49.67 2.38 -23.41
CA PHE A 668 -50.89 3.18 -23.38
C PHE A 668 -50.64 4.66 -23.65
N LEU A 669 -49.44 5.18 -23.40
CA LEU A 669 -49.17 6.61 -23.47
C LEU A 669 -48.24 6.96 -24.62
N ALA A 670 -48.44 6.32 -25.78
CA ALA A 670 -47.62 6.59 -26.96
C ALA A 670 -48.24 7.60 -27.91
N PHE A 671 -49.49 8.01 -27.68
CA PHE A 671 -50.19 8.84 -28.67
C PHE A 671 -49.50 10.19 -28.86
N ALA A 672 -49.06 10.81 -27.76
CA ALA A 672 -48.56 12.18 -27.84
C ALA A 672 -47.25 12.29 -28.60
N ILE A 673 -46.57 11.18 -28.84
CA ILE A 673 -45.22 11.20 -29.39
C ILE A 673 -45.14 10.51 -30.75
N LYS A 674 -46.28 10.18 -31.33
CA LYS A 674 -46.32 9.68 -32.70
C LYS A 674 -46.27 10.87 -33.66
N ALA A 675 -45.56 10.70 -34.77
CA ALA A 675 -45.32 11.83 -35.67
C ALA A 675 -46.62 12.44 -36.15
N ASP A 676 -47.52 11.63 -36.69
CA ASP A 676 -48.77 12.14 -37.25
C ASP A 676 -49.63 12.79 -36.16
N LEU A 677 -49.77 12.11 -35.02
CA LEU A 677 -50.60 12.66 -33.95
C LEU A 677 -49.97 13.92 -33.36
N LEU A 678 -48.65 13.94 -33.21
CA LEU A 678 -47.97 15.12 -32.72
C LEU A 678 -48.22 16.31 -33.63
N MET A 679 -48.10 16.10 -34.95
CA MET A 679 -48.29 17.20 -35.89
C MET A 679 -49.75 17.63 -35.97
N TYR A 680 -50.68 16.68 -35.86
CA TYR A 680 -52.08 17.04 -35.71
C TYR A 680 -52.28 17.96 -34.52
N ASN A 681 -51.70 17.60 -33.38
CA ASN A 681 -51.85 18.40 -32.18
C ASN A 681 -51.19 19.76 -32.34
N VAL A 682 -50.02 19.82 -32.99
CA VAL A 682 -49.34 21.10 -33.19
C VAL A 682 -50.19 22.03 -34.04
N VAL A 683 -50.75 21.51 -35.14
CA VAL A 683 -51.58 22.35 -35.99
C VAL A 683 -52.85 22.77 -35.27
N ARG A 684 -53.44 21.86 -34.49
CA ARG A 684 -54.60 22.21 -33.69
C ARG A 684 -54.28 23.33 -32.70
N PHE A 685 -53.12 23.23 -32.04
CA PHE A 685 -52.73 24.22 -31.04
C PHE A 685 -52.51 25.58 -31.69
N VAL A 686 -51.83 25.62 -32.83
CA VAL A 686 -51.54 26.90 -33.48
C VAL A 686 -52.81 27.51 -34.05
N GLU A 687 -53.62 26.71 -34.74
CA GLU A 687 -54.76 27.24 -35.48
C GLU A 687 -55.93 27.53 -34.56
N GLU A 688 -56.46 26.50 -33.91
CA GLU A 688 -57.65 26.68 -33.08
C GLU A 688 -57.33 27.51 -31.85
N GLU A 689 -58.21 28.46 -31.53
CA GLU A 689 -58.07 29.34 -30.37
C GLU A 689 -59.37 29.29 -29.59
N GLY A 690 -59.48 28.30 -28.70
CA GLY A 690 -60.62 28.20 -27.81
C GLY A 690 -60.20 28.31 -26.36
N ASP A 691 -60.28 27.19 -25.62
CA ASP A 691 -59.82 27.16 -24.24
C ASP A 691 -58.98 25.93 -23.92
N THR A 692 -58.97 24.91 -24.76
CA THR A 692 -58.15 23.72 -24.57
C THR A 692 -56.84 23.85 -25.32
N ILE A 693 -55.85 23.10 -24.86
CA ILE A 693 -54.54 23.01 -25.51
C ILE A 693 -54.19 21.54 -25.61
N PRO A 694 -53.79 21.04 -26.78
CA PRO A 694 -53.38 19.63 -26.89
C PRO A 694 -52.20 19.35 -25.98
N TYR A 695 -52.18 18.14 -25.43
CA TYR A 695 -51.06 17.73 -24.59
C TYR A 695 -49.82 17.54 -25.43
N PHE A 696 -48.71 18.11 -24.97
CA PHE A 696 -47.41 17.95 -25.62
C PHE A 696 -46.41 17.40 -24.61
N MET A 697 -45.62 16.43 -25.05
CA MET A 697 -44.60 15.81 -24.21
C MET A 697 -43.36 16.70 -24.23
N SER A 698 -43.36 17.72 -23.38
CA SER A 698 -42.27 18.67 -23.30
C SER A 698 -41.59 18.70 -21.93
N ASN A 699 -42.12 17.99 -20.95
CA ASN A 699 -41.59 17.98 -19.59
C ASN A 699 -41.56 16.55 -19.09
N MET A 700 -40.40 16.13 -18.56
CA MET A 700 -40.31 14.79 -18.00
C MET A 700 -41.02 14.66 -16.66
N PHE A 701 -41.17 15.77 -15.93
CA PHE A 701 -41.94 15.75 -14.70
C PHE A 701 -43.39 15.36 -14.97
N HIS A 702 -43.84 15.54 -16.22
CA HIS A 702 -45.09 14.92 -16.65
C HIS A 702 -45.01 13.41 -16.49
N ILE A 703 -43.85 12.82 -16.78
CA ILE A 703 -43.69 11.38 -16.56
C ILE A 703 -43.72 11.07 -15.07
N ASP A 704 -43.16 11.95 -14.25
CA ASP A 704 -43.30 11.81 -12.81
C ASP A 704 -44.77 11.72 -12.42
N VAL A 705 -45.60 12.60 -12.96
CA VAL A 705 -47.02 12.55 -12.65
C VAL A 705 -47.64 11.27 -13.21
N PHE A 706 -47.24 10.87 -14.42
CA PHE A 706 -47.85 9.73 -15.08
C PHE A 706 -47.63 8.44 -14.28
N VAL A 707 -46.41 8.23 -13.80
CA VAL A 707 -46.13 7.03 -13.02
C VAL A 707 -46.89 7.03 -11.70
N ARG A 708 -47.30 8.20 -11.23
CA ARG A 708 -48.07 8.31 -9.99
C ARG A 708 -49.57 8.07 -10.20
N HIS A 709 -50.04 8.11 -11.44
CA HIS A 709 -51.48 8.02 -11.70
C HIS A 709 -51.99 6.62 -11.39
N ASN A 710 -53.29 6.53 -11.09
CA ASN A 710 -53.90 5.28 -10.65
C ASN A 710 -54.11 4.33 -11.82
N TYR A 711 -54.90 4.74 -12.81
CA TYR A 711 -55.25 3.98 -14.01
C TYR A 711 -56.25 2.87 -13.71
N ASN A 712 -56.79 2.78 -12.51
CA ASN A 712 -57.83 1.79 -12.20
C ASN A 712 -58.69 2.26 -11.04
N GLY A 718 -63.21 -4.42 -19.38
CA GLY A 718 -63.43 -3.53 -18.25
C GLY A 718 -62.12 -2.85 -17.85
N LYS A 719 -61.09 -3.66 -17.59
CA LYS A 719 -59.79 -3.13 -17.21
C LYS A 719 -59.21 -2.26 -18.32
N PHE A 720 -59.13 -2.82 -19.53
CA PHE A 720 -58.58 -2.08 -20.65
C PHE A 720 -59.38 -0.83 -20.95
N ALA A 721 -60.70 -0.93 -20.89
CA ALA A 721 -61.53 0.24 -21.18
C ALA A 721 -61.27 1.36 -20.18
N TYR A 722 -61.17 1.02 -18.89
CA TYR A 722 -60.92 2.04 -17.89
C TYR A 722 -59.53 2.67 -18.06
N ILE A 723 -58.52 1.85 -18.34
CA ILE A 723 -57.19 2.41 -18.56
C ILE A 723 -57.20 3.33 -19.79
N ALA A 724 -57.86 2.90 -20.86
CA ALA A 724 -57.92 3.73 -22.06
C ALA A 724 -58.64 5.04 -21.79
N LYS A 725 -59.72 5.01 -21.01
CA LYS A 725 -60.41 6.24 -20.67
C LYS A 725 -59.52 7.15 -19.83
N GLN A 726 -58.75 6.57 -18.91
CA GLN A 726 -57.81 7.38 -18.14
C GLN A 726 -56.80 8.05 -19.07
N ILE A 727 -56.31 7.32 -20.07
CA ILE A 727 -55.39 7.91 -21.04
C ILE A 727 -56.06 9.05 -21.79
N VAL A 728 -57.30 8.85 -22.23
CA VAL A 728 -58.00 9.85 -23.02
C VAL A 728 -58.52 10.98 -22.16
N PHE A 729 -59.16 10.65 -21.03
CA PHE A 729 -59.91 11.63 -20.25
C PHE A 729 -59.42 11.75 -18.81
N GLY A 730 -59.13 10.64 -18.14
CA GLY A 730 -58.88 10.70 -16.71
C GLY A 730 -57.68 11.53 -16.34
N LEU A 731 -56.58 11.42 -17.10
CA LEU A 731 -55.37 12.16 -16.79
C LEU A 731 -55.53 13.66 -16.95
N TRP A 732 -56.61 14.11 -17.57
CA TRP A 732 -56.76 15.52 -17.91
C TRP A 732 -58.04 16.10 -17.34
N TRP A 745 -49.27 17.85 -8.05
CA TRP A 745 -49.05 16.77 -9.00
C TRP A 745 -49.47 17.16 -10.40
N TYR A 746 -50.79 17.20 -10.62
CA TYR A 746 -51.35 17.48 -11.93
C TYR A 746 -51.20 18.94 -12.34
N LYS A 747 -50.83 19.81 -11.41
CA LYS A 747 -50.57 21.21 -11.75
C LYS A 747 -49.41 21.37 -12.72
N SER A 748 -48.60 20.33 -12.90
CA SER A 748 -47.54 20.40 -13.90
C SER A 748 -48.08 20.33 -15.32
N PHE A 749 -49.37 20.02 -15.49
CA PHE A 749 -50.02 20.07 -16.80
C PHE A 749 -50.68 21.42 -17.07
N ASP A 750 -50.37 22.44 -16.27
CA ASP A 750 -51.12 23.69 -16.34
C ASP A 750 -50.96 24.37 -17.69
N THR A 751 -49.71 24.53 -18.15
CA THR A 751 -49.43 25.17 -19.43
C THR A 751 -49.75 26.66 -19.36
N VAL A 752 -48.96 27.48 -20.05
CA VAL A 752 -49.19 28.94 -20.04
C VAL A 752 -50.20 29.38 -21.09
N PHE A 753 -50.62 28.48 -21.98
CA PHE A 753 -51.47 28.84 -23.09
C PHE A 753 -52.95 28.54 -22.88
N GLY A 754 -53.28 27.59 -21.99
CA GLY A 754 -54.65 27.18 -21.83
C GLY A 754 -55.00 26.86 -20.39
N THR A 755 -56.29 26.69 -20.16
CA THR A 755 -56.83 26.32 -18.85
C THR A 755 -56.75 24.83 -18.61
N LYS A 756 -57.18 24.01 -19.57
CA LYS A 756 -57.20 22.57 -19.43
C LYS A 756 -56.25 22.00 -20.47
N ILE A 757 -56.16 20.69 -20.53
CA ILE A 757 -55.34 20.03 -21.53
C ILE A 757 -56.11 18.86 -22.12
N GLU A 758 -56.30 18.87 -23.43
CA GLU A 758 -56.81 17.70 -24.14
C GLU A 758 -55.68 16.72 -24.38
N ALA A 759 -56.02 15.56 -24.90
CA ALA A 759 -55.05 14.55 -25.32
C ALA A 759 -54.91 14.48 -26.83
N LEU A 760 -56.02 14.36 -27.53
CA LEU A 760 -56.02 14.35 -29.00
C LEU A 760 -57.43 14.69 -29.43
N HIS A 761 -57.62 15.89 -30.01
CA HIS A 761 -58.96 16.38 -30.29
C HIS A 761 -59.70 15.48 -31.27
N LEU A 762 -58.98 14.79 -32.15
CA LEU A 762 -59.66 13.98 -33.16
C LEU A 762 -60.46 12.85 -32.52
N LEU A 763 -60.00 12.33 -31.39
CA LEU A 763 -60.78 11.31 -30.69
C LEU A 763 -62.18 11.81 -30.37
N VAL A 764 -62.33 13.11 -30.17
CA VAL A 764 -63.67 13.68 -29.99
C VAL A 764 -64.49 13.48 -31.25
N ASP A 765 -63.96 13.89 -32.40
CA ASP A 765 -64.70 13.78 -33.64
C ASP A 765 -65.05 12.33 -33.94
N ILE A 766 -64.09 11.43 -33.75
CA ILE A 766 -64.36 10.01 -33.95
C ILE A 766 -65.52 9.58 -33.08
N ALA A 767 -65.54 10.01 -31.81
CA ALA A 767 -66.66 9.65 -30.94
C ALA A 767 -67.98 10.09 -31.55
N GLU A 768 -68.01 11.28 -32.16
CA GLU A 768 -69.21 11.74 -32.81
C GLU A 768 -69.74 10.71 -33.79
N GLN A 769 -68.87 10.17 -34.64
CA GLN A 769 -69.32 9.19 -35.63
C GLN A 769 -69.91 7.97 -34.95
N ILE A 770 -69.38 7.59 -33.80
CA ILE A 770 -69.96 6.47 -33.06
C ILE A 770 -71.40 6.79 -32.69
N LYS A 771 -71.66 8.02 -32.23
CA LYS A 771 -73.04 8.41 -31.94
C LYS A 771 -73.93 8.22 -33.16
N ILE A 772 -73.40 8.49 -34.36
CA ILE A 772 -74.19 8.30 -35.56
C ILE A 772 -74.43 6.81 -35.82
N SER A 773 -73.44 5.97 -35.51
CA SER A 773 -73.56 4.54 -35.75
C SER A 773 -74.43 3.83 -34.72
N ASP A 774 -74.80 4.50 -33.63
CA ASP A 774 -75.65 3.90 -32.61
C ASP A 774 -76.84 4.79 -32.29
N GLU A 786 -69.10 18.91 -18.57
CA GLU A 786 -68.07 17.89 -18.39
C GLU A 786 -68.63 16.52 -18.76
N GLN A 787 -69.95 16.37 -18.59
CA GLN A 787 -70.58 15.08 -18.82
C GLN A 787 -70.44 14.63 -20.26
N LYS A 788 -70.58 15.56 -21.21
CA LYS A 788 -70.47 15.20 -22.63
C LYS A 788 -69.05 14.74 -22.98
N ARG A 789 -68.03 15.46 -22.47
CA ARG A 789 -66.65 15.01 -22.71
C ARG A 789 -66.40 13.65 -22.11
N ASP A 790 -66.92 13.41 -20.91
CA ASP A 790 -66.77 12.09 -20.29
C ASP A 790 -67.43 11.00 -21.13
N GLU A 791 -68.64 11.27 -21.63
CA GLU A 791 -69.38 10.28 -22.40
C GLU A 791 -68.68 9.96 -23.72
N GLN A 792 -68.18 10.98 -24.42
CA GLN A 792 -67.43 10.73 -25.65
C GLN A 792 -66.15 9.95 -25.39
N ALA A 793 -65.42 10.33 -24.34
CA ALA A 793 -64.20 9.61 -24.01
C ALA A 793 -64.50 8.15 -23.69
N LYS A 794 -65.60 7.89 -22.97
CA LYS A 794 -66.06 6.52 -22.81
C LYS A 794 -66.30 5.82 -24.13
N LYS A 795 -67.03 6.45 -25.05
CA LYS A 795 -67.28 5.77 -26.30
C LYS A 795 -65.99 5.32 -26.93
N VAL A 796 -64.99 6.20 -26.91
CA VAL A 796 -63.71 5.88 -27.54
C VAL A 796 -63.02 4.75 -26.78
N ALA A 797 -63.09 4.76 -25.45
CA ALA A 797 -62.47 3.71 -24.66
C ALA A 797 -63.13 2.35 -24.90
N GLU A 798 -64.47 2.32 -24.92
CA GLU A 798 -65.24 1.12 -25.28
C GLU A 798 -64.89 0.60 -26.68
N LYS A 799 -64.82 1.48 -27.67
CA LYS A 799 -64.45 1.02 -29.01
C LYS A 799 -63.04 0.46 -29.02
N LEU A 800 -62.11 1.13 -28.34
CA LEU A 800 -60.73 0.64 -28.29
C LEU A 800 -60.65 -0.69 -27.55
N ALA A 801 -61.44 -0.86 -26.48
CA ALA A 801 -61.45 -2.12 -25.75
C ALA A 801 -62.04 -3.24 -26.58
N ALA A 802 -63.07 -2.95 -27.37
CA ALA A 802 -63.61 -3.95 -28.29
C ALA A 802 -62.56 -4.37 -29.31
N ILE A 803 -61.83 -3.40 -29.85
CA ILE A 803 -60.75 -3.73 -30.78
C ILE A 803 -59.70 -4.58 -30.08
N TYR A 804 -59.33 -4.21 -28.86
CA TYR A 804 -58.30 -4.93 -28.11
C TYR A 804 -58.72 -6.37 -27.85
N HIS A 805 -59.97 -6.58 -27.45
CA HIS A 805 -60.45 -7.94 -27.20
C HIS A 805 -60.55 -8.74 -28.49
N HIS A 806 -60.92 -8.09 -29.60
CA HIS A 806 -61.03 -8.81 -30.86
C HIS A 806 -59.67 -9.34 -31.32
N ILE A 807 -58.61 -8.55 -31.16
CA ILE A 807 -57.29 -8.94 -31.64
C ILE A 807 -56.53 -9.71 -30.57
N GLY A 808 -57.22 -10.08 -29.50
CA GLY A 808 -56.62 -10.94 -28.50
C GLY A 808 -56.56 -12.38 -28.97
N MET A 809 -55.57 -13.11 -28.45
CA MET A 809 -55.37 -14.49 -28.87
C MET A 809 -56.52 -15.38 -28.42
N SER A 810 -57.18 -15.00 -27.32
CA SER A 810 -58.27 -15.81 -26.78
C SER A 810 -59.42 -15.86 -27.77
N ARG A 811 -59.72 -14.74 -28.41
CA ARG A 811 -60.77 -14.68 -29.43
C ARG A 811 -60.31 -15.32 -30.74
N ILE A 812 -59.07 -15.07 -31.14
CA ILE A 812 -58.59 -15.57 -32.43
C ILE A 812 -58.60 -17.09 -32.46
N LEU A 813 -58.14 -17.72 -31.37
CA LEU A 813 -58.11 -19.16 -31.27
C LEU A 813 -59.40 -19.74 -30.70
N SER A 814 -60.45 -18.92 -30.59
CA SER A 814 -61.70 -19.40 -30.02
C SER A 814 -62.32 -20.52 -30.84
N ARG A 815 -62.13 -20.48 -32.16
CA ARG A 815 -62.70 -21.51 -33.02
C ARG A 815 -61.86 -22.77 -33.07
N LEU A 816 -60.62 -22.73 -32.58
CA LEU A 816 -59.76 -23.91 -32.55
C LEU A 816 -59.98 -24.75 -31.30
N HIS A 817 -60.84 -24.32 -30.38
CA HIS A 817 -61.18 -25.15 -29.25
C HIS A 817 -61.99 -26.36 -29.72
N GLN A 818 -62.00 -27.39 -28.88
CA GLN A 818 -62.62 -28.68 -29.18
C GLN A 818 -61.85 -29.48 -30.22
N LEU A 819 -60.71 -28.99 -30.67
CA LEU A 819 -59.87 -29.69 -31.63
C LEU A 819 -58.64 -30.25 -30.94
N PRO A 820 -58.43 -31.56 -30.91
CA PRO A 820 -57.22 -32.09 -30.26
C PRO A 820 -55.95 -31.62 -30.96
N PHE A 821 -54.90 -31.44 -30.16
CA PHE A 821 -53.61 -31.03 -30.67
C PHE A 821 -52.51 -31.80 -29.94
N ILE A 822 -51.38 -31.95 -30.62
CA ILE A 822 -50.20 -32.51 -29.98
C ILE A 822 -49.69 -31.54 -28.93
N ALA A 823 -49.08 -32.08 -27.87
CA ALA A 823 -48.65 -31.22 -26.77
C ALA A 823 -47.30 -30.58 -27.04
N GLU A 824 -47.13 -29.96 -28.22
CA GLU A 824 -46.03 -29.03 -28.45
C GLU A 824 -46.47 -27.77 -29.17
N ILE A 825 -47.59 -27.80 -29.92
CA ILE A 825 -48.04 -26.64 -30.67
C ILE A 825 -48.87 -25.69 -29.83
N LYS A 826 -49.32 -26.11 -28.64
CA LYS A 826 -50.06 -25.20 -27.78
C LYS A 826 -49.21 -23.99 -27.38
N SER A 827 -47.88 -24.16 -27.35
CA SER A 827 -46.97 -23.06 -27.10
C SER A 827 -46.46 -22.42 -28.39
N ASN A 828 -47.25 -22.52 -29.46
CA ASN A 828 -46.90 -21.99 -30.78
C ASN A 828 -48.09 -21.22 -31.35
N LYS A 829 -48.60 -20.28 -30.53
CA LYS A 829 -49.87 -19.64 -30.85
C LYS A 829 -49.87 -18.99 -32.24
N GLU A 830 -48.71 -18.58 -32.73
CA GLU A 830 -48.66 -17.99 -34.06
C GLU A 830 -49.08 -18.99 -35.13
N LEU A 831 -48.56 -20.22 -35.04
CA LEU A 831 -48.94 -21.25 -36.00
C LEU A 831 -50.41 -21.62 -35.87
N LEU A 832 -50.93 -21.65 -34.64
CA LEU A 832 -52.35 -21.91 -34.45
C LEU A 832 -53.21 -20.82 -35.07
N GLN A 833 -52.79 -19.56 -34.94
CA GLN A 833 -53.50 -18.46 -35.58
C GLN A 833 -53.47 -18.60 -37.09
N HIS A 834 -52.31 -18.96 -37.65
CA HIS A 834 -52.23 -19.21 -39.08
C HIS A 834 -53.17 -20.33 -39.48
N PHE A 835 -53.29 -21.37 -38.65
CA PHE A 835 -54.18 -22.48 -38.95
C PHE A 835 -55.65 -22.05 -38.94
N SER A 836 -56.02 -21.21 -37.97
CA SER A 836 -57.38 -20.65 -37.97
C SER A 836 -57.64 -19.86 -39.24
N GLU A 837 -56.68 -19.01 -39.61
CA GLU A 837 -56.83 -18.20 -40.81
C GLU A 837 -57.00 -19.08 -42.03
N ALA A 838 -56.21 -20.15 -42.11
CA ALA A 838 -56.33 -21.07 -43.24
C ALA A 838 -57.69 -21.76 -43.25
N ILE A 839 -58.22 -22.10 -42.08
CA ILE A 839 -59.55 -22.70 -42.02
C ILE A 839 -60.59 -21.75 -42.61
N VAL A 840 -60.58 -20.50 -42.14
CA VAL A 840 -61.55 -19.53 -42.65
C VAL A 840 -61.35 -19.31 -44.14
N LYS A 841 -60.10 -19.23 -44.59
CA LYS A 841 -59.80 -18.97 -45.98
C LYS A 841 -60.22 -20.12 -46.87
N LEU A 842 -60.11 -21.35 -46.38
CA LEU A 842 -60.56 -22.51 -47.14
C LEU A 842 -62.07 -22.56 -47.22
N GLU A 843 -62.76 -22.23 -46.13
CA GLU A 843 -64.22 -22.30 -46.16
C GLU A 843 -64.87 -21.09 -46.84
N LYS A 844 -64.12 -20.00 -47.08
CA LYS A 844 -64.70 -18.87 -47.79
C LYS A 844 -64.67 -19.02 -49.31
N TYR A 845 -63.72 -19.77 -49.86
CA TYR A 845 -63.66 -19.98 -51.29
C TYR A 845 -64.53 -21.14 -51.76
N ALA A 846 -64.88 -22.06 -50.85
CA ALA A 846 -65.73 -23.19 -51.19
C ALA A 846 -67.12 -23.12 -50.57
N SER A 847 -67.30 -22.34 -49.50
CA SER A 847 -68.59 -22.20 -48.83
C SER A 847 -69.13 -23.55 -48.39
N ASP A 848 -68.38 -24.19 -47.49
CA ASP A 848 -68.75 -25.51 -46.97
C ASP A 848 -68.90 -25.55 -45.47
N THR A 849 -68.56 -24.48 -44.74
CA THR A 849 -68.79 -24.39 -43.30
C THR A 849 -68.09 -25.53 -42.56
N ILE A 850 -66.76 -25.50 -42.62
CA ILE A 850 -65.93 -26.52 -41.98
C ILE A 850 -66.31 -26.61 -40.50
N ASN A 851 -66.73 -27.80 -40.08
CA ASN A 851 -67.08 -28.05 -38.69
C ASN A 851 -65.83 -28.30 -37.87
N VAL A 852 -65.79 -27.74 -36.66
CA VAL A 852 -64.64 -27.88 -35.77
C VAL A 852 -65.10 -28.39 -34.40
N GLY A 853 -66.22 -29.12 -34.38
CA GLY A 853 -66.67 -29.70 -33.12
C GLY A 853 -65.70 -30.71 -32.56
N ASN A 854 -65.00 -31.43 -33.42
CA ASN A 854 -63.97 -32.37 -33.02
C ASN A 854 -63.20 -32.76 -34.28
N LEU A 855 -62.21 -33.63 -34.11
CA LEU A 855 -61.41 -34.05 -35.26
C LEU A 855 -62.24 -34.83 -36.26
N SER A 856 -63.26 -35.57 -35.80
CA SER A 856 -64.13 -36.31 -36.70
C SER A 856 -64.93 -35.35 -37.59
N GLN A 857 -65.49 -34.30 -36.99
CA GLN A 857 -66.23 -33.30 -37.77
C GLN A 857 -65.31 -32.58 -38.75
N PHE A 858 -64.11 -32.22 -38.30
CA PHE A 858 -63.14 -31.60 -39.19
C PHE A 858 -62.82 -32.51 -40.36
N ARG A 859 -62.67 -33.81 -40.09
CA ARG A 859 -62.37 -34.76 -41.17
C ARG A 859 -63.53 -34.87 -42.15
N GLU A 860 -64.78 -34.93 -41.63
CA GLU A 860 -65.90 -35.01 -42.56
C GLU A 860 -65.94 -33.77 -43.46
N SER A 861 -65.75 -32.60 -42.86
CA SER A 861 -65.76 -31.37 -43.64
C SER A 861 -64.65 -31.37 -44.68
N LEU A 862 -63.45 -31.83 -44.30
CA LEU A 862 -62.34 -31.84 -45.24
C LEU A 862 -62.61 -32.78 -46.40
N LYS A 863 -63.23 -33.94 -46.14
CA LYS A 863 -63.55 -34.81 -47.29
C LYS A 863 -64.64 -34.20 -48.16
N LYS A 864 -65.62 -33.55 -47.56
CA LYS A 864 -66.62 -32.87 -48.37
C LYS A 864 -65.97 -31.85 -49.29
N ILE A 865 -64.98 -31.11 -48.79
CA ILE A 865 -64.29 -30.14 -49.63
C ILE A 865 -63.43 -30.86 -50.67
N GLY A 866 -62.80 -31.97 -50.29
CA GLY A 866 -61.94 -32.72 -51.20
C GLY A 866 -62.68 -33.51 -52.25
N GLN A 867 -64.00 -33.65 -52.12
CA GLN A 867 -64.78 -34.30 -53.16
C GLN A 867 -64.64 -33.59 -54.50
N THR A 868 -64.27 -32.31 -54.50
CA THR A 868 -64.07 -31.53 -55.70
C THR A 868 -62.62 -31.12 -55.90
N TYR A 869 -62.01 -30.50 -54.89
CA TYR A 869 -60.64 -30.02 -55.01
C TYR A 869 -59.66 -31.17 -54.75
N PRO A 870 -58.83 -31.56 -55.73
CA PRO A 870 -57.87 -32.66 -55.47
C PRO A 870 -56.86 -32.34 -54.40
N SER A 871 -56.53 -31.06 -54.17
CA SER A 871 -55.50 -30.70 -53.22
C SER A 871 -55.93 -30.91 -51.76
N ILE A 872 -57.23 -30.95 -51.49
CA ILE A 872 -57.69 -31.19 -50.13
C ILE A 872 -57.74 -32.68 -49.84
N GLN A 873 -57.89 -33.52 -50.87
CA GLN A 873 -57.90 -34.95 -50.66
C GLN A 873 -56.56 -35.44 -50.12
N VAL A 874 -55.46 -34.76 -50.48
CA VAL A 874 -54.16 -35.13 -49.93
C VAL A 874 -54.13 -34.95 -48.42
N LEU A 875 -54.61 -33.80 -47.95
CA LEU A 875 -54.69 -33.56 -46.52
C LEU A 875 -55.63 -34.56 -45.85
N VAL A 876 -56.75 -34.85 -46.51
CA VAL A 876 -57.68 -35.84 -45.98
C VAL A 876 -56.97 -37.17 -45.78
N ASP A 877 -56.26 -37.63 -46.81
CA ASP A 877 -55.59 -38.93 -46.73
C ASP A 877 -54.52 -38.94 -45.65
N LYS A 878 -53.77 -37.85 -45.50
CA LYS A 878 -52.74 -37.81 -44.48
C LYS A 878 -53.31 -37.57 -43.08
N LEU A 879 -54.60 -37.28 -42.96
CA LEU A 879 -55.29 -37.21 -41.68
C LEU A 879 -56.24 -38.39 -41.47
N HIS A 880 -55.89 -39.58 -41.96
CA HIS A 880 -56.80 -40.72 -41.88
C HIS A 880 -56.90 -41.22 -40.44
N ARG A 881 -55.80 -41.77 -39.93
CA ARG A 881 -55.76 -42.55 -38.72
C ARG A 881 -55.28 -41.73 -37.54
N LYS A 882 -55.05 -40.44 -37.75
CA LYS A 882 -54.53 -39.58 -36.71
C LYS A 882 -55.62 -39.26 -35.69
N GLN A 883 -55.25 -39.38 -34.42
CA GLN A 883 -56.11 -39.05 -33.29
C GLN A 883 -56.10 -37.58 -32.91
N LYS A 884 -55.08 -36.83 -33.33
CA LYS A 884 -54.98 -35.42 -32.99
C LYS A 884 -54.32 -34.67 -34.13
N LEU A 885 -54.31 -33.34 -34.02
CA LEU A 885 -53.72 -32.50 -35.04
C LEU A 885 -52.24 -32.31 -34.74
N TYR A 886 -51.43 -32.65 -35.73
CA TYR A 886 -49.98 -32.73 -35.68
C TYR A 886 -49.37 -31.57 -36.44
N VAL A 887 -48.13 -31.21 -36.06
CA VAL A 887 -47.55 -29.99 -36.58
C VAL A 887 -47.43 -30.04 -38.11
N GLU A 888 -47.00 -31.18 -38.66
CA GLU A 888 -46.78 -31.22 -40.10
C GLU A 888 -48.11 -31.07 -40.83
N PHE A 889 -49.16 -31.70 -40.32
CA PHE A 889 -50.45 -31.61 -41.00
C PHE A 889 -50.93 -30.16 -41.01
N ILE A 890 -50.73 -29.45 -39.92
CA ILE A 890 -51.12 -28.05 -39.86
C ILE A 890 -50.30 -27.23 -40.86
N GLN A 891 -48.99 -27.48 -40.94
CA GLN A 891 -48.17 -26.76 -41.90
C GLN A 891 -48.58 -27.06 -43.34
N ASP A 892 -48.87 -28.33 -43.63
CA ASP A 892 -49.32 -28.73 -44.96
C ASP A 892 -50.66 -28.10 -45.28
N PHE A 893 -51.55 -28.02 -44.29
CA PHE A 893 -52.81 -27.32 -44.46
C PHE A 893 -52.58 -25.86 -44.82
N ILE A 894 -51.66 -25.20 -44.10
CA ILE A 894 -51.34 -23.81 -44.41
C ILE A 894 -50.86 -23.68 -45.85
N GLU A 895 -49.91 -24.52 -46.25
CA GLU A 895 -49.39 -24.47 -47.62
C GLU A 895 -50.50 -24.69 -48.64
N THR A 896 -51.27 -25.77 -48.49
CA THR A 896 -52.29 -26.11 -49.46
C THR A 896 -53.31 -24.99 -49.58
N VAL A 897 -53.79 -24.46 -48.47
CA VAL A 897 -54.77 -23.38 -48.52
C VAL A 897 -54.16 -22.12 -49.11
N ASN A 898 -52.87 -21.86 -48.82
CA ASN A 898 -52.23 -20.67 -49.35
C ASN A 898 -52.16 -20.71 -50.88
N LYS A 899 -51.79 -21.85 -51.45
CA LYS A 899 -51.70 -21.95 -52.90
C LYS A 899 -53.01 -22.37 -53.56
N LEU A 900 -54.08 -22.48 -52.78
CA LEU A 900 -55.42 -22.83 -53.26
C LEU A 900 -56.17 -21.63 -53.83
N ASN B 28 -24.40 41.16 -41.93
CA ASN B 28 -24.90 40.05 -41.14
C ASN B 28 -23.84 39.54 -40.17
N TYR B 29 -23.39 40.41 -39.27
CA TYR B 29 -22.38 40.02 -38.30
C TYR B 29 -22.90 38.87 -37.44
N ILE B 30 -22.02 37.91 -37.17
CA ILE B 30 -22.45 36.60 -36.67
C ILE B 30 -22.51 36.57 -35.15
N PHE B 31 -21.79 37.47 -34.49
CA PHE B 31 -21.89 37.68 -33.04
C PHE B 31 -22.78 38.87 -32.71
N SER B 32 -23.80 39.15 -33.55
CA SER B 32 -24.61 40.34 -33.32
C SER B 32 -25.32 40.28 -31.98
N SER B 33 -25.84 39.10 -31.61
CA SER B 33 -26.55 38.97 -30.35
C SER B 33 -25.64 39.31 -29.18
N GLN B 34 -24.41 38.83 -29.21
CA GLN B 34 -23.47 39.10 -28.12
C GLN B 34 -23.14 40.60 -28.05
N LEU B 35 -22.98 41.25 -29.20
CA LEU B 35 -22.70 42.68 -29.19
C LEU B 35 -23.88 43.46 -28.62
N ASP B 36 -25.10 43.09 -29.00
CA ASP B 36 -26.29 43.74 -28.46
C ASP B 36 -26.37 43.54 -26.95
N LYS B 37 -26.04 42.33 -26.48
CA LYS B 37 -26.06 42.08 -25.04
C LYS B 37 -25.00 42.90 -24.31
N VAL B 38 -23.81 43.02 -24.90
CA VAL B 38 -22.77 43.87 -24.32
C VAL B 38 -23.29 45.29 -24.17
N ASN B 39 -23.92 45.79 -25.23
CA ASN B 39 -24.42 47.15 -25.23
C ASN B 39 -25.54 47.33 -24.20
N LEU B 40 -26.36 46.30 -24.01
CA LEU B 40 -27.38 46.32 -22.95
C LEU B 40 -26.73 46.38 -21.58
N ILE B 41 -25.69 45.60 -21.36
CA ILE B 41 -25.01 45.62 -20.07
C ILE B 41 -24.45 47.01 -19.81
N LEU B 42 -23.77 47.59 -20.82
CA LEU B 42 -23.20 48.93 -20.71
C LEU B 42 -24.29 49.95 -20.44
N GLU B 43 -25.41 49.82 -21.14
CA GLU B 43 -26.58 50.65 -20.88
C GLU B 43 -27.02 50.57 -19.43
N HIS B 44 -27.17 49.35 -18.88
CA HIS B 44 -27.69 49.20 -17.52
C HIS B 44 -26.78 49.91 -16.53
N MET B 45 -25.45 49.73 -16.69
CA MET B 45 -24.50 50.31 -15.75
C MET B 45 -24.28 51.82 -15.94
N ASP B 46 -24.58 52.35 -17.12
CA ASP B 46 -24.37 53.76 -17.34
C ASP B 46 -25.28 54.62 -16.45
N THR B 47 -26.44 54.10 -16.07
CA THR B 47 -27.34 54.86 -15.22
C THR B 47 -26.72 55.11 -13.85
N VAL B 48 -26.06 54.11 -13.28
CA VAL B 48 -25.43 54.23 -11.97
C VAL B 48 -24.07 54.87 -12.16
N GLY B 49 -23.81 55.95 -11.43
CA GLY B 49 -22.53 56.64 -11.49
C GLY B 49 -21.93 56.89 -10.12
N GLY B 50 -22.12 55.94 -9.21
CA GLY B 50 -21.65 56.10 -7.84
C GLY B 50 -20.46 55.22 -7.50
N ILE B 51 -19.52 55.10 -8.42
CA ILE B 51 -18.34 54.28 -8.21
C ILE B 51 -18.79 52.86 -7.84
N HIS B 52 -19.24 52.11 -8.83
CA HIS B 52 -19.78 50.78 -8.64
C HIS B 52 -18.93 49.76 -9.38
N SER B 53 -18.94 48.53 -8.88
CA SER B 53 -18.19 47.44 -9.50
C SER B 53 -18.95 46.94 -10.73
N ARG B 54 -18.32 47.06 -11.89
CA ARG B 54 -18.94 46.65 -13.15
C ARG B 54 -17.87 46.03 -14.04
N ASN B 55 -18.05 44.76 -14.39
CA ASN B 55 -17.11 44.04 -15.23
C ASN B 55 -17.88 43.11 -16.15
N ILE B 56 -17.23 42.74 -17.25
CA ILE B 56 -17.81 41.87 -18.27
C ILE B 56 -16.83 40.75 -18.55
N ALA B 57 -17.36 39.55 -18.78
CA ALA B 57 -16.54 38.36 -19.03
C ALA B 57 -17.01 37.69 -20.32
N ILE B 58 -16.19 37.77 -21.36
CA ILE B 58 -16.50 37.18 -22.65
C ILE B 58 -15.88 35.78 -22.68
N THR B 59 -16.67 34.78 -23.09
CA THR B 59 -16.21 33.41 -23.18
C THR B 59 -16.58 32.82 -24.53
N GLY B 60 -15.76 31.90 -25.01
CA GLY B 60 -16.02 31.21 -26.25
C GLY B 60 -14.96 31.43 -27.31
N ASP B 61 -15.33 31.19 -28.58
CA ASP B 61 -14.38 31.29 -29.69
C ASP B 61 -14.65 32.61 -30.44
N ARG B 62 -14.09 33.68 -29.90
CA ARG B 62 -14.25 35.03 -30.44
C ARG B 62 -13.07 35.45 -31.31
N GLY B 63 -12.68 34.64 -32.30
CA GLY B 63 -11.41 34.90 -32.95
C GLY B 63 -11.31 34.57 -34.43
N THR B 64 -10.06 34.49 -34.90
CA THR B 64 -9.69 34.07 -36.25
C THR B 64 -9.42 35.27 -37.16
N GLY B 65 -10.09 35.33 -38.31
CA GLY B 65 -9.59 36.14 -39.40
C GLY B 65 -9.73 37.65 -39.28
N LYS B 66 -10.96 38.15 -39.38
CA LYS B 66 -11.19 39.59 -39.38
C LYS B 66 -12.46 40.01 -38.65
N THR B 67 -13.19 39.08 -38.04
CA THR B 67 -14.41 39.39 -37.31
C THR B 67 -14.29 38.95 -35.86
N SER B 68 -13.09 39.04 -35.31
CA SER B 68 -12.88 38.73 -33.90
C SER B 68 -13.70 39.69 -33.03
N PHE B 69 -14.41 39.13 -32.06
CA PHE B 69 -15.35 39.91 -31.26
C PHE B 69 -14.65 41.00 -30.47
N ILE B 70 -13.36 40.85 -30.18
CA ILE B 70 -12.69 41.75 -29.25
C ILE B 70 -12.34 43.07 -29.93
N GLU B 71 -11.64 43.02 -31.07
CA GLU B 71 -11.32 44.26 -31.77
C GLU B 71 -12.60 44.96 -32.20
N THR B 72 -13.55 44.18 -32.70
CA THR B 72 -14.81 44.71 -33.19
C THR B 72 -15.60 45.37 -32.06
N LEU B 73 -15.61 44.74 -30.88
CA LEU B 73 -16.20 45.35 -29.70
C LEU B 73 -15.48 46.62 -29.29
N LYS B 74 -14.14 46.61 -29.33
CA LYS B 74 -13.39 47.81 -28.98
C LYS B 74 -13.79 48.97 -29.86
N LEU B 75 -13.93 48.70 -31.15
CA LEU B 75 -14.34 49.72 -32.12
C LEU B 75 -15.73 50.24 -31.80
N VAL B 76 -16.68 49.33 -31.54
CA VAL B 76 -18.03 49.73 -31.15
C VAL B 76 -17.98 50.64 -29.94
N LEU B 77 -17.19 50.28 -28.93
CA LEU B 77 -17.06 51.10 -27.73
C LEU B 77 -16.43 52.45 -28.05
N GLU B 78 -15.44 52.47 -28.95
CA GLU B 78 -14.83 53.74 -29.33
C GLU B 78 -15.87 54.70 -29.89
N LYS B 79 -16.78 54.22 -30.74
CA LYS B 79 -17.70 55.19 -31.32
C LYS B 79 -18.87 55.52 -30.41
N GLN B 80 -18.97 54.93 -29.22
CA GLN B 80 -19.95 55.34 -28.23
C GLN B 80 -19.41 56.31 -27.19
N ASN B 81 -18.29 57.00 -27.44
CA ASN B 81 -17.64 57.76 -26.36
C ASN B 81 -17.34 56.93 -25.12
N TYR B 82 -16.78 55.74 -25.32
CA TYR B 82 -16.04 55.06 -24.28
C TYR B 82 -14.55 55.10 -24.64
N TYR B 83 -13.73 55.61 -23.72
CA TYR B 83 -12.29 55.54 -23.90
C TYR B 83 -11.83 54.12 -23.59
N VAL B 84 -11.17 53.49 -24.56
CA VAL B 84 -10.73 52.11 -24.45
C VAL B 84 -9.21 52.10 -24.40
N PHE B 85 -8.66 51.58 -23.31
CA PHE B 85 -7.22 51.39 -23.24
C PHE B 85 -6.79 50.38 -24.29
N ASP B 86 -5.56 50.55 -24.78
CA ASP B 86 -5.04 49.61 -25.76
C ASP B 86 -5.05 48.21 -25.18
N ILE B 87 -5.51 47.25 -25.99
CA ILE B 87 -5.88 45.94 -25.48
C ILE B 87 -4.69 45.29 -24.78
N VAL B 88 -4.95 44.75 -23.59
CA VAL B 88 -3.93 44.06 -22.82
C VAL B 88 -3.84 42.63 -23.33
N SER B 89 -2.79 42.34 -24.09
CA SER B 89 -2.58 41.03 -24.68
C SER B 89 -1.68 40.19 -23.80
N PRO B 90 -1.53 38.90 -24.10
CA PRO B 90 -0.53 38.10 -23.38
C PRO B 90 0.88 38.68 -23.48
N THR B 91 1.17 39.40 -24.57
CA THR B 91 2.45 40.09 -24.66
C THR B 91 2.59 41.11 -23.54
N VAL B 92 1.52 41.87 -23.26
CA VAL B 92 1.58 42.86 -22.19
C VAL B 92 1.68 42.18 -20.84
N LEU B 93 0.92 41.11 -20.63
CA LEU B 93 0.95 40.42 -19.34
C LEU B 93 2.28 39.73 -19.10
N SER B 94 2.98 39.34 -20.16
CA SER B 94 4.29 38.71 -20.02
C SER B 94 5.36 39.68 -19.54
N SER B 95 5.06 40.98 -19.50
CA SER B 95 5.99 41.97 -19.00
C SER B 95 6.29 41.80 -17.51
N HIS B 96 5.49 40.99 -16.81
CA HIS B 96 5.61 40.77 -15.37
C HIS B 96 5.21 41.99 -14.56
N LEU B 97 4.66 43.01 -15.20
CA LEU B 97 4.11 44.16 -14.51
C LEU B 97 2.65 43.93 -14.15
N ASN B 98 2.24 44.42 -12.99
CA ASN B 98 0.85 44.29 -12.59
C ASN B 98 -0.03 45.22 -13.44
N ILE B 99 -1.33 44.92 -13.44
CA ILE B 99 -2.25 45.64 -14.31
C ILE B 99 -2.29 47.12 -13.99
N LEU B 100 -2.05 47.49 -12.72
CA LEU B 100 -2.02 48.91 -12.37
C LEU B 100 -0.87 49.61 -13.06
N GLU B 101 0.32 48.99 -13.09
CA GLU B 101 1.46 49.58 -13.78
C GLU B 101 1.15 49.76 -15.26
N ILE B 102 0.54 48.75 -15.88
CA ILE B 102 0.18 48.84 -17.29
C ILE B 102 -0.79 50.00 -17.52
N VAL B 103 -1.80 50.12 -16.66
CA VAL B 103 -2.81 51.15 -16.83
C VAL B 103 -2.19 52.54 -16.70
N ILE B 104 -1.35 52.73 -15.68
CA ILE B 104 -0.76 54.06 -15.48
C ILE B 104 0.23 54.38 -16.59
N SER B 105 0.96 53.38 -17.10
CA SER B 105 1.84 53.61 -18.25
C SER B 105 1.03 54.04 -19.46
N SER B 106 -0.10 53.37 -19.71
CA SER B 106 -0.96 53.76 -20.82
C SER B 106 -1.48 55.18 -20.64
N ILE B 107 -1.88 55.53 -19.42
CA ILE B 107 -2.36 56.88 -19.14
C ILE B 107 -1.27 57.91 -19.42
N TYR B 108 -0.05 57.64 -18.95
CA TYR B 108 1.05 58.57 -19.15
C TYR B 108 1.36 58.73 -20.64
N ARG B 109 1.36 57.63 -21.38
CA ARG B 109 1.61 57.71 -22.82
C ARG B 109 0.51 58.52 -23.52
N GLU B 110 -0.74 58.28 -23.14
CA GLU B 110 -1.85 59.00 -23.77
C GLU B 110 -1.75 60.50 -23.50
N ILE B 111 -1.42 60.88 -22.27
CA ILE B 111 -1.32 62.31 -21.96
C ILE B 111 -0.05 62.93 -22.54
N ASP B 112 1.00 62.13 -22.77
CA ASP B 112 2.20 62.63 -23.42
C ASP B 112 2.06 62.69 -24.93
N GLN B 113 1.05 62.03 -25.49
CA GLN B 113 0.83 62.10 -26.93
C GLN B 113 0.57 63.54 -27.37
N PHE B 114 -0.24 64.26 -26.60
CA PHE B 114 -0.56 65.66 -26.85
C PHE B 114 0.00 66.54 -25.74
N ILE B 115 -0.09 67.85 -25.96
CA ILE B 115 0.39 68.82 -24.98
C ILE B 115 -0.69 69.84 -24.70
N ASP B 119 -4.05 72.08 -21.59
CA ASP B 119 -4.71 71.65 -20.37
C ASP B 119 -4.12 72.37 -19.16
N VAL B 120 -2.92 71.96 -18.77
CA VAL B 120 -2.18 72.61 -17.68
C VAL B 120 -2.91 72.44 -16.35
N HIS B 121 -4.13 72.97 -16.25
CA HIS B 121 -4.83 72.99 -14.97
C HIS B 121 -5.06 71.57 -14.46
N ASP B 122 -5.54 70.67 -15.31
CA ASP B 122 -5.85 69.31 -14.89
C ASP B 122 -4.68 68.35 -15.08
N ARG B 123 -3.78 68.64 -16.03
CA ARG B 123 -2.68 67.72 -16.27
C ARG B 123 -1.79 67.60 -15.04
N GLY B 124 -1.54 68.74 -14.37
CA GLY B 124 -0.66 68.73 -13.20
C GLY B 124 -1.19 67.86 -12.08
N ARG B 125 -2.49 67.96 -11.82
CA ARG B 125 -3.17 67.08 -10.88
C ARG B 125 -3.15 65.63 -11.31
N LEU B 126 -3.32 65.37 -12.59
CA LEU B 126 -3.16 64.01 -13.09
C LEU B 126 -1.75 63.49 -12.80
N ILE B 127 -0.74 64.34 -13.00
CA ILE B 127 0.65 63.93 -12.75
C ILE B 127 0.87 63.69 -11.27
N GLN B 128 0.31 64.55 -10.42
CA GLN B 128 0.43 64.35 -8.97
C GLN B 128 -0.18 63.03 -8.54
N HIS B 129 -1.38 62.71 -9.06
CA HIS B 129 -2.01 61.45 -8.72
C HIS B 129 -1.25 60.27 -9.28
N LEU B 130 -0.64 60.42 -10.46
CA LEU B 130 0.21 59.37 -11.00
C LEU B 130 1.40 59.11 -10.09
N LYS B 131 2.03 60.19 -9.59
CA LYS B 131 3.13 60.02 -8.66
C LYS B 131 2.68 59.33 -7.39
N LYS B 132 1.50 59.68 -6.88
CA LYS B 132 0.98 59.04 -5.68
C LYS B 132 0.74 57.55 -5.92
N VAL B 133 0.17 57.19 -7.06
CA VAL B 133 -0.08 55.79 -7.36
C VAL B 133 1.24 55.04 -7.50
N MET B 134 2.24 55.64 -8.14
CA MET B 134 3.54 54.99 -8.25
C MET B 134 4.18 54.80 -6.88
N ASN B 135 4.05 55.78 -5.99
CA ASN B 135 4.48 55.56 -4.60
C ASN B 135 3.78 54.39 -3.97
N ALA B 136 2.46 54.32 -4.12
CA ALA B 136 1.73 53.22 -3.50
C ALA B 136 2.23 51.88 -4.02
N ILE B 137 2.50 51.81 -5.32
CA ILE B 137 3.02 50.58 -5.91
C ILE B 137 4.38 50.24 -5.31
N ALA B 138 5.25 51.25 -5.18
CA ALA B 138 6.58 51.01 -4.61
C ALA B 138 6.46 50.55 -3.15
N VAL B 139 5.56 51.16 -2.39
CA VAL B 139 5.35 50.78 -1.00
C VAL B 139 4.90 49.34 -0.91
N GLU B 140 3.95 48.95 -1.76
CA GLU B 140 3.53 47.55 -1.80
C GLU B 140 4.69 46.61 -2.16
N LYS B 141 5.66 47.11 -2.92
CA LYS B 141 6.82 46.31 -3.30
C LYS B 141 7.93 46.35 -2.25
N LYS B 142 7.69 46.99 -1.11
CA LYS B 142 8.70 47.11 -0.07
C LYS B 142 9.96 47.76 -0.62
N GLN B 143 9.75 48.81 -1.40
CA GLN B 143 10.80 49.56 -2.07
C GLN B 143 11.20 50.81 -1.33
N SER B 144 10.23 51.50 -0.73
CA SER B 144 10.46 52.81 -0.17
C SER B 144 11.49 52.74 0.95
N ASP B 145 11.98 53.92 1.36
CA ASP B 145 12.97 54.01 2.42
C ASP B 145 12.43 53.50 3.75
N TYR B 146 11.11 53.35 3.88
CA TYR B 146 10.54 52.89 5.14
C TYR B 146 11.01 51.49 5.49
N PHE B 147 11.17 50.63 4.49
CA PHE B 147 11.58 49.24 4.72
C PHE B 147 13.09 49.04 4.65
N LYS B 148 13.87 50.11 4.47
CA LYS B 148 15.31 49.98 4.31
C LYS B 148 16.09 50.94 5.20
N GLN B 149 15.43 51.67 6.10
CA GLN B 149 16.08 52.64 6.96
C GLN B 149 15.99 52.20 8.41
N SER B 150 17.11 52.32 9.13
CA SER B 150 17.16 51.89 10.53
C SER B 150 16.27 52.76 11.41
N LYS B 151 16.17 54.03 11.08
CA LYS B 151 15.64 55.14 11.86
C LYS B 151 14.49 55.84 11.16
N PRO B 152 13.28 55.25 11.18
CA PRO B 152 12.19 55.81 10.37
C PRO B 152 11.87 57.25 10.74
N GLU B 153 11.56 58.04 9.72
CA GLU B 153 11.14 59.42 9.90
C GLU B 153 9.62 59.50 9.80
N ILE B 154 9.08 60.60 10.30
CA ILE B 154 7.63 60.71 10.40
C ILE B 154 6.98 60.86 9.03
N GLU B 155 7.59 61.64 8.14
CA GLU B 155 6.89 62.01 6.91
C GLU B 155 6.82 60.85 5.91
N MET B 156 7.71 59.87 6.00
CA MET B 156 7.56 58.70 5.15
C MET B 156 6.29 57.93 5.47
N LEU B 157 5.73 58.13 6.66
CA LEU B 157 4.44 57.54 6.98
C LEU B 157 3.36 58.04 6.04
N THR B 158 3.54 59.21 5.42
CA THR B 158 2.63 59.65 4.38
C THR B 158 2.66 58.69 3.19
N ASP B 159 3.84 58.23 2.80
CA ASP B 159 3.96 57.32 1.67
C ASP B 159 3.16 56.05 1.93
N LEU B 160 3.28 55.47 3.13
CA LEU B 160 2.47 54.32 3.47
C LEU B 160 0.99 54.62 3.27
N SER B 161 0.56 55.82 3.67
CA SER B 161 -0.84 56.19 3.48
C SER B 161 -1.23 56.10 2.01
N HIS B 162 -0.33 56.51 1.12
CA HIS B 162 -0.63 56.44 -0.31
C HIS B 162 -1.04 55.04 -0.73
N ARG B 163 -0.52 54.01 -0.06
CA ARG B 163 -0.91 52.65 -0.35
C ARG B 163 -2.14 52.20 0.43
N THR B 164 -2.31 52.69 1.66
CA THR B 164 -3.49 52.34 2.44
C THR B 164 -4.73 53.09 1.98
N PHE B 165 -4.56 54.13 1.17
CA PHE B 165 -5.66 54.88 0.58
C PHE B 165 -5.56 54.89 -0.93
N LEU B 166 -5.07 53.78 -1.50
CA LEU B 166 -4.87 53.69 -2.93
C LEU B 166 -6.19 53.79 -3.70
N ASP B 167 -7.30 53.40 -3.08
CA ASP B 167 -8.59 53.47 -3.76
C ASP B 167 -8.93 54.90 -4.14
N GLU B 168 -8.81 55.81 -3.19
CA GLU B 168 -9.14 57.21 -3.44
C GLU B 168 -8.17 57.84 -4.43
N GLU B 169 -6.88 57.51 -4.32
CA GLU B 169 -5.91 58.05 -5.27
C GLU B 169 -6.21 57.56 -6.68
N ILE B 170 -6.53 56.28 -6.85
CA ILE B 170 -6.85 55.75 -8.17
C ILE B 170 -8.13 56.38 -8.70
N LYS B 171 -9.13 56.57 -7.83
CA LYS B 171 -10.37 57.20 -8.27
C LYS B 171 -10.10 58.61 -8.79
N GLU B 172 -9.32 59.40 -8.03
CA GLU B 172 -8.98 60.74 -8.47
C GLU B 172 -8.17 60.71 -9.76
N LEU B 173 -7.26 59.76 -9.87
CA LEU B 173 -6.44 59.63 -11.09
C LEU B 173 -7.32 59.41 -12.31
N PHE B 174 -8.29 58.49 -12.20
CA PHE B 174 -9.14 58.19 -13.35
C PHE B 174 -10.10 59.33 -13.64
N CYS B 175 -10.63 59.97 -12.60
CA CYS B 175 -11.46 61.16 -12.80
C CYS B 175 -10.71 62.24 -13.57
N TYR B 176 -9.47 62.52 -13.16
CA TYR B 176 -8.72 63.57 -13.85
C TYR B 176 -8.26 63.14 -15.23
N PHE B 177 -8.01 61.84 -15.42
CA PHE B 177 -7.70 61.35 -16.76
C PHE B 177 -8.88 61.54 -17.70
N LYS B 178 -10.09 61.23 -17.21
CA LYS B 178 -11.29 61.47 -18.02
C LYS B 178 -11.47 62.95 -18.31
N LYS B 179 -11.21 63.81 -17.31
CA LYS B 179 -11.32 65.25 -17.55
C LYS B 179 -10.34 65.72 -18.62
N VAL B 180 -9.09 65.26 -18.55
CA VAL B 180 -8.09 65.64 -19.53
C VAL B 180 -8.49 65.15 -20.92
N LEU B 181 -8.98 63.91 -21.01
CA LEU B 181 -9.42 63.40 -22.30
C LEU B 181 -10.60 64.19 -22.85
N ASN B 182 -11.53 64.58 -21.99
CA ASN B 182 -12.64 65.41 -22.41
C ASN B 182 -12.18 66.78 -22.91
N ASN B 183 -11.07 67.29 -22.36
CA ASN B 183 -10.59 68.61 -22.75
C ASN B 183 -9.90 68.63 -24.10
N ARG B 184 -9.57 67.47 -24.69
CA ARG B 184 -8.94 67.42 -26.00
C ARG B 184 -9.92 67.16 -27.13
N GLN B 185 -11.22 67.17 -26.84
CA GLN B 185 -12.24 66.95 -27.87
C GLN B 185 -12.50 68.25 -28.61
N ASP B 186 -12.46 68.20 -29.94
CA ASP B 186 -12.66 69.38 -30.77
C ASP B 186 -14.10 69.48 -31.23
N SER B 187 -14.58 70.72 -31.36
CA SER B 187 -15.94 71.01 -31.81
C SER B 187 -17.00 70.50 -30.84
N CYS B 188 -16.60 70.17 -29.61
CA CYS B 188 -17.52 69.73 -28.57
C CYS B 188 -18.37 68.56 -29.07
N LYS B 189 -17.70 67.45 -29.38
CA LYS B 189 -18.40 66.28 -29.89
C LYS B 189 -19.30 65.69 -28.81
N GLU B 190 -18.71 65.23 -27.71
CA GLU B 190 -19.46 64.63 -26.62
C GLU B 190 -18.49 64.28 -25.49
N VAL B 191 -19.04 64.15 -24.29
CA VAL B 191 -18.24 63.80 -23.11
C VAL B 191 -18.03 62.30 -23.07
N ILE B 192 -16.85 61.88 -22.60
CA ILE B 192 -16.54 60.46 -22.51
C ILE B 192 -17.34 59.84 -21.36
N LYS B 193 -17.91 58.67 -21.61
CA LYS B 193 -18.72 58.00 -20.60
C LYS B 193 -17.84 57.37 -19.51
N ASP B 194 -16.98 56.43 -19.91
CA ASP B 194 -16.18 55.70 -18.94
C ASP B 194 -14.95 55.13 -19.62
N LEU B 195 -13.99 54.71 -18.80
CA LEU B 195 -12.79 54.04 -19.28
C LEU B 195 -13.03 52.54 -19.29
N VAL B 196 -12.58 51.88 -20.36
CA VAL B 196 -12.78 50.45 -20.55
C VAL B 196 -11.43 49.79 -20.73
N LEU B 197 -11.21 48.69 -20.01
CA LEU B 197 -9.99 47.90 -20.10
C LEU B 197 -10.36 46.51 -20.58
N ILE B 198 -9.73 46.06 -21.67
CA ILE B 198 -9.97 44.74 -22.24
C ILE B 198 -8.68 43.93 -22.14
N ILE B 199 -8.81 42.70 -21.64
CA ILE B 199 -7.68 41.78 -21.51
C ILE B 199 -7.93 40.57 -22.39
N ASP B 200 -7.42 40.63 -23.61
CA ASP B 200 -7.71 39.64 -24.64
C ASP B 200 -6.78 38.44 -24.56
N ASP B 201 -7.22 37.34 -25.17
CA ASP B 201 -6.40 36.14 -25.32
C ASP B 201 -5.94 35.62 -23.95
N LEU B 202 -6.82 35.72 -22.96
CA LEU B 202 -6.57 35.17 -21.64
C LEU B 202 -6.80 33.66 -21.59
N ASP B 203 -7.24 33.05 -22.70
CA ASP B 203 -7.53 31.63 -22.70
C ASP B 203 -6.34 30.81 -22.22
N LEU B 204 -5.12 31.27 -22.50
CA LEU B 204 -3.91 30.54 -22.09
C LEU B 204 -2.83 31.58 -21.78
N VAL B 205 -2.75 31.97 -20.51
CA VAL B 205 -1.70 32.87 -20.03
C VAL B 205 -1.12 32.25 -18.77
N GLU B 206 -0.12 31.38 -18.94
CA GLU B 206 0.75 30.91 -17.86
C GLU B 206 -0.01 30.59 -16.57
N ASN B 207 -1.27 30.15 -16.69
CA ASN B 207 -2.05 29.74 -15.53
C ASN B 207 -2.01 30.76 -14.41
N ASN B 208 -1.16 30.53 -13.39
CA ASN B 208 -1.21 31.34 -12.18
C ASN B 208 -1.12 32.83 -12.46
N LEU B 209 -0.53 33.23 -13.59
CA LEU B 209 -0.41 34.65 -13.87
C LEU B 209 -1.77 35.32 -13.88
N VAL B 210 -2.78 34.69 -14.48
CA VAL B 210 -4.10 35.27 -14.51
C VAL B 210 -4.64 35.43 -13.09
N TYR B 211 -4.31 34.50 -12.20
CA TYR B 211 -4.67 34.68 -10.79
C TYR B 211 -4.12 36.01 -10.28
N ASP B 212 -2.82 36.25 -10.51
CA ASP B 212 -2.24 37.53 -10.13
C ASP B 212 -2.99 38.68 -10.78
N LEU B 213 -3.47 38.48 -12.01
CA LEU B 213 -4.30 39.48 -12.65
C LEU B 213 -5.60 39.69 -11.89
N LEU B 214 -6.29 38.59 -11.57
CA LEU B 214 -7.60 38.70 -10.92
C LEU B 214 -7.51 39.51 -9.64
N ARG B 215 -6.58 39.13 -8.75
CA ARG B 215 -6.38 39.90 -7.53
C ARG B 215 -6.12 41.36 -7.84
N ASP B 216 -5.26 41.64 -8.81
CA ASP B 216 -4.98 43.02 -9.17
C ASP B 216 -6.24 43.74 -9.58
N ILE B 217 -7.13 43.05 -10.29
CA ILE B 217 -8.40 43.66 -10.66
C ILE B 217 -9.28 43.81 -9.43
N GLN B 218 -9.27 42.81 -8.54
CA GLN B 218 -10.05 42.92 -7.32
C GLN B 218 -9.57 44.09 -6.48
N HIS B 219 -8.26 44.24 -6.36
CA HIS B 219 -7.73 45.26 -5.46
C HIS B 219 -7.72 46.63 -6.07
N TYR B 220 -7.39 46.79 -7.36
CA TYR B 220 -7.18 48.14 -7.83
C TYR B 220 -8.19 48.60 -8.88
N LEU B 221 -8.68 47.71 -9.74
CA LEU B 221 -9.52 48.12 -10.85
C LEU B 221 -10.90 47.45 -10.83
N ASP B 222 -11.41 47.12 -9.64
CA ASP B 222 -12.72 46.48 -9.56
C ASP B 222 -13.85 47.48 -9.83
N SER B 223 -13.95 48.51 -8.99
CA SER B 223 -14.99 49.52 -9.12
C SER B 223 -14.49 50.81 -9.76
N GLN B 224 -13.40 50.73 -10.53
CA GLN B 224 -12.80 51.90 -11.16
C GLN B 224 -13.08 51.98 -12.66
N LEU B 225 -13.08 50.85 -13.37
CA LEU B 225 -13.29 50.85 -14.82
C LEU B 225 -14.36 49.85 -15.21
N ILE B 226 -14.57 49.70 -16.51
CA ILE B 226 -15.30 48.57 -17.08
C ILE B 226 -14.24 47.60 -17.60
N VAL B 227 -14.04 46.49 -16.88
CA VAL B 227 -13.02 45.51 -17.21
C VAL B 227 -13.68 44.37 -17.96
N ILE B 228 -13.17 44.08 -19.16
CA ILE B 228 -13.64 42.96 -19.98
C ILE B 228 -12.55 41.90 -19.96
N PHE B 229 -12.90 40.70 -19.54
CA PHE B 229 -11.92 39.67 -19.21
C PHE B 229 -11.52 38.81 -20.41
N ALA B 230 -12.49 38.32 -21.18
CA ALA B 230 -12.23 37.55 -22.38
C ALA B 230 -11.37 36.33 -22.08
N TYR B 231 -11.94 35.41 -21.31
CA TYR B 231 -11.35 34.12 -21.00
C TYR B 231 -12.24 33.02 -21.55
N LYS B 232 -11.94 31.77 -21.21
CA LYS B 232 -12.70 30.64 -21.72
C LYS B 232 -13.16 29.74 -20.58
N GLU B 233 -14.40 29.25 -20.69
CA GLU B 233 -14.95 28.20 -19.83
C GLU B 233 -14.68 28.47 -18.35
N GLY B 234 -13.94 27.58 -17.70
CA GLY B 234 -13.71 27.68 -16.26
C GLY B 234 -12.25 27.89 -15.93
N GLN B 235 -11.55 28.67 -16.76
CA GLN B 235 -10.14 28.93 -16.52
C GLN B 235 -9.93 29.68 -15.22
N LEU B 236 -10.81 30.65 -14.92
CA LEU B 236 -10.65 31.44 -13.71
C LEU B 236 -10.75 30.58 -12.46
N GLU B 237 -11.74 29.68 -12.41
CA GLU B 237 -11.91 28.83 -11.24
C GLU B 237 -10.69 27.94 -11.04
N GLN B 238 -10.18 27.34 -12.12
CA GLN B 238 -9.02 26.46 -12.00
C GLN B 238 -7.77 27.24 -11.57
N SER B 239 -7.59 28.45 -12.11
CA SER B 239 -6.44 29.25 -11.72
C SER B 239 -6.52 29.62 -10.24
N MET B 240 -7.71 29.99 -9.75
CA MET B 240 -7.87 30.27 -8.33
C MET B 240 -7.61 29.03 -7.49
N PHE B 241 -8.10 27.87 -7.94
CA PHE B 241 -7.90 26.64 -7.18
C PHE B 241 -6.42 26.27 -7.09
N GLU B 242 -5.68 26.48 -8.18
CA GLU B 242 -4.25 26.17 -8.15
C GLU B 242 -3.53 26.91 -7.02
N HIS B 243 -3.96 28.14 -6.72
CA HIS B 243 -3.35 28.90 -5.64
C HIS B 243 -3.92 28.50 -4.28
N LEU B 244 -5.25 28.38 -4.19
CA LEU B 244 -5.86 28.11 -2.90
C LEU B 244 -5.51 26.71 -2.38
N ALA B 245 -5.30 25.75 -3.29
CA ALA B 245 -4.96 24.40 -2.84
C ALA B 245 -3.61 24.37 -2.13
N LYS B 246 -2.59 25.04 -2.69
CA LYS B 246 -1.35 25.14 -1.95
C LYS B 246 -1.49 26.06 -0.75
N GLY B 247 -2.48 26.96 -0.78
CA GLY B 247 -2.83 27.69 0.43
C GLY B 247 -3.55 26.86 1.46
N ASN B 248 -4.13 25.71 1.06
CA ASN B 248 -4.85 24.85 1.99
C ASN B 248 -4.37 23.38 1.99
N GLU B 249 -3.06 23.16 1.88
CA GLU B 249 -2.45 21.87 2.25
C GLU B 249 -3.06 21.26 3.49
N ALA B 250 -2.75 21.85 4.64
CA ALA B 250 -2.89 21.14 5.89
C ALA B 250 -4.35 21.01 6.25
N LEU B 251 -5.18 21.90 5.71
CA LEU B 251 -6.62 21.78 5.84
C LEU B 251 -7.14 20.57 5.07
N LEU B 252 -6.65 20.38 3.83
CA LEU B 252 -7.16 19.29 3.00
C LEU B 252 -6.63 17.93 3.47
N ASN B 253 -5.36 17.85 3.87
CA ASN B 253 -4.80 16.55 4.24
C ASN B 253 -5.28 16.08 5.60
N HIS B 254 -5.54 17.00 6.53
CA HIS B 254 -6.14 16.63 7.80
C HIS B 254 -7.65 16.48 7.72
N GLY B 255 -8.23 16.67 6.54
CA GLY B 255 -9.66 16.46 6.37
C GLY B 255 -10.53 17.54 6.95
N VAL B 256 -9.97 18.71 7.26
CA VAL B 256 -10.78 19.80 7.79
C VAL B 256 -11.72 20.34 6.72
N ILE B 257 -11.24 20.45 5.48
CA ILE B 257 -12.05 20.90 4.36
C ILE B 257 -11.80 19.97 3.18
N ASP B 258 -12.65 20.11 2.18
CA ASP B 258 -12.53 19.39 0.91
C ASP B 258 -12.48 20.40 -0.24
N SER B 259 -12.39 19.88 -1.46
CA SER B 259 -12.42 20.74 -2.63
C SER B 259 -13.69 21.59 -2.70
N ASN B 260 -14.77 21.13 -2.09
CA ASN B 260 -16.04 21.86 -2.16
C ASN B 260 -15.92 23.24 -1.52
N ALA B 261 -15.24 23.32 -0.37
CA ALA B 261 -15.12 24.61 0.31
C ALA B 261 -14.32 25.61 -0.52
N ILE B 262 -13.19 25.16 -1.08
CA ILE B 262 -12.38 26.04 -1.91
C ILE B 262 -13.14 26.47 -3.15
N PHE B 263 -13.86 25.53 -3.77
CA PHE B 263 -14.66 25.85 -4.94
C PHE B 263 -15.78 26.82 -4.61
N GLY B 264 -16.39 26.70 -3.44
CA GLY B 264 -17.38 27.68 -3.02
C GLY B 264 -16.78 29.06 -2.83
N GLN B 265 -15.61 29.11 -2.17
CA GLN B 265 -14.89 30.37 -2.03
C GLN B 265 -14.69 31.03 -3.39
N ILE B 266 -14.11 30.26 -4.33
CA ILE B 266 -13.87 30.78 -5.68
C ILE B 266 -15.19 31.19 -6.31
N GLU B 267 -16.23 30.41 -6.08
CA GLU B 267 -17.52 30.67 -6.70
C GLU B 267 -18.04 32.03 -6.27
N ARG B 268 -17.95 32.36 -4.98
CA ARG B 268 -18.61 33.58 -4.57
C ARG B 268 -17.72 34.76 -4.95
N PHE B 269 -16.40 34.56 -4.91
CA PHE B 269 -15.47 35.59 -5.34
C PHE B 269 -15.73 35.98 -6.79
N LEU B 270 -15.87 34.98 -7.67
CA LEU B 270 -16.12 35.27 -9.07
C LEU B 270 -17.54 35.79 -9.29
N THR B 271 -18.48 35.36 -8.46
CA THR B 271 -19.83 35.91 -8.52
C THR B 271 -19.83 37.40 -8.25
N LYS B 272 -19.05 37.84 -7.26
CA LYS B 272 -18.96 39.26 -6.94
C LYS B 272 -18.13 40.02 -7.95
N LEU B 273 -17.01 39.44 -8.40
CA LEU B 273 -16.17 40.12 -9.37
C LEU B 273 -16.92 40.32 -10.69
N VAL B 274 -17.48 39.25 -11.24
CA VAL B 274 -18.26 39.32 -12.47
C VAL B 274 -19.65 38.76 -12.21
N PRO B 275 -20.69 39.59 -12.11
CA PRO B 275 -22.03 39.05 -11.97
C PRO B 275 -22.38 38.14 -13.14
N LEU B 276 -23.08 37.04 -12.85
CA LEU B 276 -23.36 36.08 -13.91
C LEU B 276 -24.31 36.64 -14.96
N SER B 277 -24.93 37.78 -14.69
CA SER B 277 -25.66 38.52 -15.71
C SER B 277 -24.75 39.37 -16.57
N ASN B 278 -23.46 39.44 -16.24
CA ASN B 278 -22.48 40.21 -16.99
C ASN B 278 -21.54 39.35 -17.82
N ARG B 279 -21.70 38.04 -17.80
CA ARG B 279 -20.83 37.14 -18.55
C ARG B 279 -21.55 36.66 -19.80
N ILE B 280 -20.84 36.69 -20.92
CA ILE B 280 -21.41 36.46 -22.24
C ILE B 280 -20.68 35.31 -22.92
N PRO B 281 -21.31 34.17 -23.15
CA PRO B 281 -20.68 33.12 -23.96
C PRO B 281 -21.06 33.24 -25.42
N LEU B 282 -20.20 32.69 -26.27
CA LEU B 282 -20.43 32.71 -27.70
C LEU B 282 -19.80 31.50 -28.36
N PHE B 283 -20.55 30.89 -29.27
CA PHE B 283 -20.02 30.03 -30.31
C PHE B 283 -19.11 28.93 -29.77
N LYS B 284 -19.73 28.00 -29.05
CA LYS B 284 -19.04 26.74 -28.84
C LYS B 284 -19.20 25.86 -30.07
N GLN B 285 -18.90 24.57 -29.89
CA GLN B 285 -19.01 23.59 -30.96
C GLN B 285 -20.45 23.23 -31.31
N ASP B 286 -21.39 23.29 -30.36
CA ASP B 286 -22.75 22.87 -30.67
C ASP B 286 -23.35 23.67 -31.81
N GLU B 287 -23.58 24.97 -31.60
CA GLU B 287 -24.12 25.82 -32.64
C GLU B 287 -23.15 26.04 -33.79
N LEU B 288 -21.85 25.76 -33.58
CA LEU B 288 -20.91 25.77 -34.67
C LEU B 288 -21.22 24.65 -35.66
N LEU B 289 -21.44 23.44 -35.16
CA LEU B 289 -21.76 22.30 -36.01
C LEU B 289 -23.19 22.34 -36.52
N ASN B 290 -24.10 23.00 -35.82
CA ASN B 290 -25.49 23.03 -36.24
C ASN B 290 -25.76 23.97 -37.40
N LYS B 291 -25.00 25.05 -37.55
CA LYS B 291 -25.31 26.01 -38.61
C LYS B 291 -24.99 25.41 -39.97
N THR B 292 -25.25 26.20 -41.01
CA THR B 292 -24.94 25.79 -42.37
C THR B 292 -23.58 26.32 -42.82
N ILE B 293 -22.95 25.55 -43.71
CA ILE B 293 -21.67 25.95 -44.29
C ILE B 293 -21.81 27.29 -44.98
N GLY B 294 -22.95 27.56 -45.59
CA GLY B 294 -23.16 28.84 -46.26
C GLY B 294 -23.04 30.01 -45.30
N GLU B 295 -23.60 29.88 -44.09
CA GLU B 295 -23.53 30.97 -43.13
C GLU B 295 -22.10 31.26 -42.70
N PHE B 296 -21.31 30.21 -42.46
CA PHE B 296 -19.90 30.42 -42.11
C PHE B 296 -19.13 31.07 -43.26
N LEU B 297 -19.34 30.57 -44.48
CA LEU B 297 -18.64 31.14 -45.63
C LEU B 297 -19.04 32.60 -45.85
N ALA B 298 -20.31 32.93 -45.61
CA ALA B 298 -20.73 34.32 -45.63
C ALA B 298 -20.04 35.12 -44.52
N SER B 299 -19.88 34.51 -43.34
CA SER B 299 -19.13 35.17 -42.28
C SER B 299 -17.72 35.51 -42.73
N LEU B 300 -17.13 34.70 -43.61
CA LEU B 300 -15.86 35.08 -44.21
C LEU B 300 -16.05 36.07 -45.36
N ASP B 301 -16.97 35.80 -46.28
CA ASP B 301 -17.26 36.72 -47.37
C ASP B 301 -18.63 36.38 -47.97
N PRO B 302 -19.45 37.38 -48.31
CA PRO B 302 -20.81 37.06 -48.78
C PRO B 302 -20.85 36.21 -50.03
N SER B 303 -19.82 36.26 -50.87
CA SER B 303 -19.86 35.58 -52.16
C SER B 303 -19.38 34.13 -52.10
N TYR B 304 -18.62 33.75 -51.07
CA TYR B 304 -18.13 32.39 -51.00
C TYR B 304 -19.26 31.39 -50.77
N GLY B 305 -19.14 30.23 -51.40
CA GLY B 305 -20.09 29.16 -51.21
C GLY B 305 -19.47 27.83 -51.58
N VAL B 306 -20.27 26.76 -51.59
CA VAL B 306 -19.81 25.43 -51.98
C VAL B 306 -20.71 24.91 -53.08
N GLY B 307 -20.10 24.45 -54.17
CA GLY B 307 -20.84 23.94 -55.30
C GLY B 307 -21.31 22.53 -55.08
N GLU B 308 -21.96 21.98 -56.11
CA GLU B 308 -22.52 20.64 -56.03
C GLU B 308 -21.44 19.57 -56.00
N ASN B 309 -20.22 19.88 -56.40
CA ASN B 309 -19.08 18.98 -56.23
C ASN B 309 -18.32 19.24 -54.94
N LEU B 310 -18.90 20.02 -54.03
CA LEU B 310 -18.29 20.34 -52.74
C LEU B 310 -16.96 21.09 -52.92
N GLU B 311 -16.83 21.83 -54.01
CA GLU B 311 -15.72 22.73 -54.22
C GLU B 311 -16.16 24.15 -53.92
N PHE B 312 -15.22 24.97 -53.45
CA PHE B 312 -15.54 26.32 -53.04
C PHE B 312 -15.73 27.20 -54.26
N ILE B 313 -16.88 27.88 -54.32
CA ILE B 313 -17.29 28.65 -55.48
C ILE B 313 -17.41 30.11 -55.06
N THR B 314 -17.52 30.98 -56.05
CA THR B 314 -17.55 32.41 -55.77
C THR B 314 -18.73 33.15 -56.37
N LYS B 315 -19.13 32.85 -57.61
CA LYS B 315 -19.98 33.80 -58.31
C LYS B 315 -21.47 33.65 -57.95
N ASP B 316 -22.15 32.63 -58.47
CA ASP B 316 -23.49 32.31 -58.01
C ASP B 316 -23.78 30.81 -58.06
N SER B 317 -23.13 30.10 -58.99
CA SER B 317 -23.46 28.72 -59.30
C SER B 317 -24.94 28.53 -59.61
N GLU B 318 -25.80 28.74 -58.61
CA GLU B 318 -27.22 28.38 -58.59
C GLU B 318 -27.42 26.87 -58.50
N LYS B 319 -26.35 26.09 -58.57
CA LYS B 319 -26.37 24.66 -58.27
C LYS B 319 -25.73 24.36 -56.93
N ASN B 320 -25.44 25.39 -56.15
CA ASN B 320 -24.72 25.22 -54.89
C ASN B 320 -25.58 24.49 -53.86
N LYS B 321 -24.90 23.95 -52.85
CA LYS B 321 -25.56 23.29 -51.72
C LYS B 321 -24.95 23.88 -50.45
N ASN B 322 -25.51 25.01 -50.01
CA ASN B 322 -24.99 25.77 -48.88
C ASN B 322 -25.78 25.54 -47.60
N ASN B 323 -26.84 24.74 -47.64
CA ASN B 323 -27.71 24.52 -46.49
C ASN B 323 -27.61 23.10 -45.94
N LEU B 324 -26.41 22.50 -46.02
CA LEU B 324 -26.20 21.14 -45.58
C LEU B 324 -25.77 21.04 -44.12
N THR B 325 -25.47 22.16 -43.47
CA THR B 325 -24.93 22.14 -42.12
C THR B 325 -23.50 21.62 -42.12
N ILE B 326 -22.66 22.19 -41.26
CA ILE B 326 -21.25 21.81 -41.24
C ILE B 326 -21.09 20.33 -40.89
N ARG B 327 -22.01 19.80 -40.09
CA ARG B 327 -21.83 18.45 -39.58
C ARG B 327 -21.71 17.42 -40.71
N GLU B 328 -22.69 17.40 -41.61
CA GLU B 328 -22.65 16.45 -42.71
C GLU B 328 -21.98 17.00 -43.96
N TRP B 329 -21.84 18.34 -44.06
CA TRP B 329 -20.97 18.89 -45.08
C TRP B 329 -19.55 18.37 -44.92
N PHE B 330 -19.11 18.20 -43.67
CA PHE B 330 -17.77 17.65 -43.42
C PHE B 330 -17.58 16.32 -44.14
N TYR B 331 -18.51 15.38 -43.95
CA TYR B 331 -18.37 14.08 -44.59
C TYR B 331 -18.61 14.16 -46.10
N GLU B 332 -19.65 14.90 -46.51
CA GLU B 332 -19.95 15.00 -47.93
C GLU B 332 -18.80 15.64 -48.70
N SER B 333 -17.95 16.40 -48.04
CA SER B 333 -16.83 17.06 -48.68
C SER B 333 -15.52 16.30 -48.51
N ILE B 334 -15.39 15.47 -47.48
CA ILE B 334 -14.34 14.44 -47.50
C ILE B 334 -14.56 13.50 -48.66
N PHE B 335 -15.81 13.06 -48.86
CA PHE B 335 -16.23 12.49 -50.12
C PHE B 335 -16.17 13.57 -51.19
N TYR B 336 -15.98 13.16 -52.47
CA TYR B 336 -15.63 14.07 -53.57
C TYR B 336 -14.17 14.49 -53.51
N ARG B 337 -13.41 14.06 -52.51
CA ARG B 337 -11.97 14.27 -52.47
C ARG B 337 -11.19 13.00 -52.16
N THR B 338 -11.74 12.10 -51.36
CA THR B 338 -11.12 10.82 -51.07
C THR B 338 -11.97 9.63 -51.53
N ASN B 339 -13.18 9.87 -52.03
CA ASN B 339 -14.09 8.79 -52.42
C ASN B 339 -14.37 7.86 -51.24
N LEU B 340 -14.45 8.44 -50.05
CA LEU B 340 -14.66 7.68 -48.82
C LEU B 340 -15.81 8.29 -48.04
N LYS B 341 -16.85 7.49 -47.78
CA LYS B 341 -17.96 7.91 -46.93
C LYS B 341 -17.64 7.48 -45.51
N LEU B 342 -17.18 8.44 -44.70
CA LEU B 342 -16.68 8.16 -43.37
C LEU B 342 -17.70 8.41 -42.27
N ASP B 343 -18.93 8.76 -42.63
CA ASP B 343 -19.98 8.88 -41.64
C ASP B 343 -20.35 7.49 -41.14
N PRO B 344 -20.20 7.18 -39.86
CA PRO B 344 -20.46 5.81 -39.41
C PRO B 344 -21.93 5.55 -39.15
N ILE B 345 -22.36 4.33 -39.44
CA ILE B 345 -23.71 3.91 -39.12
C ILE B 345 -23.92 3.95 -37.61
N ASP B 346 -22.96 3.42 -36.85
CA ASP B 346 -23.03 3.48 -35.40
C ASP B 346 -22.54 4.85 -34.92
N ILE B 347 -23.42 5.59 -34.25
CA ILE B 347 -23.05 6.90 -33.72
C ILE B 347 -22.31 6.81 -32.40
N ARG B 348 -22.13 5.60 -31.87
CA ARG B 348 -21.31 5.41 -30.68
C ARG B 348 -19.85 5.75 -30.92
N GLU B 349 -19.43 5.80 -32.19
CA GLU B 349 -18.02 5.87 -32.54
C GLU B 349 -17.42 7.27 -32.39
N GLU B 350 -18.22 8.28 -32.06
CA GLU B 350 -17.66 9.58 -31.70
C GLU B 350 -16.86 10.20 -32.85
N ALA B 351 -17.37 10.06 -34.08
CA ALA B 351 -16.71 10.67 -35.22
C ALA B 351 -16.70 12.19 -35.12
N SER B 352 -17.69 12.79 -34.47
CA SER B 352 -17.74 14.24 -34.32
C SER B 352 -16.51 14.81 -33.63
N ARG B 353 -15.65 13.96 -33.10
CA ARG B 353 -14.37 14.38 -32.56
C ARG B 353 -13.38 14.82 -33.64
N LEU B 354 -13.80 14.92 -34.90
CA LEU B 354 -12.89 15.29 -35.98
C LEU B 354 -13.24 16.58 -36.72
N MET B 355 -14.52 16.99 -36.76
CA MET B 355 -14.91 17.82 -37.90
C MET B 355 -14.28 19.21 -37.85
N PRO B 356 -14.91 20.22 -37.21
CA PRO B 356 -14.13 21.22 -36.46
C PRO B 356 -14.23 21.01 -34.96
N LYS B 357 -13.53 21.85 -34.20
CA LYS B 357 -13.83 22.06 -32.79
C LYS B 357 -14.05 23.54 -32.47
N THR B 358 -13.40 24.44 -33.20
CA THR B 358 -13.56 25.87 -33.05
C THR B 358 -13.65 26.50 -34.44
N LEU B 359 -13.90 27.80 -34.48
CA LEU B 359 -13.94 28.50 -35.77
C LEU B 359 -12.58 28.53 -36.43
N ARG B 360 -11.51 28.67 -35.64
CA ARG B 360 -10.16 28.63 -36.22
C ARG B 360 -9.91 27.29 -36.91
N GLU B 361 -10.26 26.19 -36.24
CA GLU B 361 -10.11 24.89 -36.85
C GLU B 361 -10.98 24.74 -38.08
N MET B 362 -12.18 25.34 -38.07
CA MET B 362 -13.04 25.31 -39.25
C MET B 362 -12.38 26.02 -40.43
N VAL B 363 -11.84 27.22 -40.20
CA VAL B 363 -11.17 27.96 -41.27
C VAL B 363 -9.97 27.18 -41.78
N GLN B 364 -9.19 26.59 -40.88
CA GLN B 364 -8.00 25.86 -41.29
C GLN B 364 -8.37 24.59 -42.05
N LEU B 365 -9.47 23.93 -41.65
CA LEU B 365 -9.97 22.79 -42.41
C LEU B 365 -10.37 23.22 -43.82
N CYS B 366 -11.06 24.34 -43.95
CA CYS B 366 -11.41 24.84 -45.28
C CYS B 366 -10.16 25.14 -46.09
N GLU B 367 -9.13 25.69 -45.44
CA GLU B 367 -7.88 25.99 -46.13
C GLU B 367 -7.19 24.72 -46.63
N GLU B 368 -7.04 23.73 -45.76
CA GLU B 368 -6.47 22.46 -46.18
C GLU B 368 -7.35 21.79 -47.22
N LEU B 369 -8.65 21.87 -47.03
CA LEU B 369 -9.65 21.18 -47.83
C LEU B 369 -10.50 22.24 -48.55
N HIS B 370 -10.00 22.73 -49.68
CA HIS B 370 -10.75 23.67 -50.51
C HIS B 370 -10.95 23.17 -51.93
N SER B 371 -9.89 22.72 -52.60
CA SER B 371 -10.02 22.01 -53.87
C SER B 371 -9.42 20.62 -53.79
N MET B 372 -8.14 20.51 -53.43
CA MET B 372 -7.38 19.26 -53.52
C MET B 372 -7.79 18.46 -54.75
N GLN B 373 -7.88 19.16 -55.88
CA GLN B 373 -8.32 18.57 -57.14
C GLN B 373 -9.56 17.69 -56.91
N VAL B 374 -10.62 18.36 -56.45
CA VAL B 374 -11.86 17.65 -56.15
C VAL B 374 -12.30 16.82 -57.35
N ILE B 375 -12.76 15.61 -57.09
CA ILE B 375 -13.14 14.68 -58.14
C ILE B 375 -14.61 14.92 -58.48
N THR B 376 -14.87 15.23 -59.75
CA THR B 376 -16.20 15.63 -60.19
C THR B 376 -16.87 14.50 -60.97
N ARG B 377 -18.06 14.79 -61.49
CA ARG B 377 -18.87 13.84 -62.24
C ARG B 377 -18.92 14.21 -63.72
N SER B 378 -17.78 14.61 -64.27
CA SER B 378 -17.67 15.06 -65.65
C SER B 378 -16.61 14.22 -66.35
N MET B 379 -16.20 14.66 -67.55
CA MET B 379 -15.15 13.99 -68.31
C MET B 379 -15.34 12.47 -68.33
N ASP B 380 -14.26 11.70 -68.48
CA ASP B 380 -14.36 10.27 -68.76
C ASP B 380 -14.10 9.42 -67.52
N LYS B 381 -14.04 10.02 -66.34
CA LYS B 381 -13.94 9.26 -65.09
C LYS B 381 -12.69 8.38 -65.06
N LEU B 382 -11.58 8.92 -65.52
CA LEU B 382 -10.32 8.19 -65.61
C LEU B 382 -9.15 8.90 -64.94
N ALA B 383 -9.09 10.22 -65.02
CA ALA B 383 -7.96 11.00 -64.52
C ALA B 383 -8.10 11.37 -63.05
N GLY B 384 -9.25 11.09 -62.43
CA GLY B 384 -9.44 11.45 -61.04
C GLY B 384 -8.81 10.52 -60.03
N VAL B 385 -8.20 9.43 -60.49
CA VAL B 385 -7.62 8.46 -59.58
C VAL B 385 -6.28 8.95 -59.03
N GLU B 386 -5.48 9.60 -59.87
CA GLU B 386 -4.14 10.01 -59.44
C GLU B 386 -4.21 11.05 -58.32
N GLY B 387 -5.09 12.04 -58.43
CA GLY B 387 -5.25 13.02 -57.38
C GLY B 387 -5.98 12.51 -56.16
N LEU B 388 -6.77 11.44 -56.33
CA LEU B 388 -7.54 10.88 -55.23
C LEU B 388 -6.63 10.30 -54.14
N ARG B 389 -5.58 9.57 -54.53
CA ARG B 389 -4.66 9.03 -53.53
C ARG B 389 -3.88 10.14 -52.84
N LYS B 390 -3.57 11.21 -53.56
CA LYS B 390 -2.93 12.36 -52.93
C LYS B 390 -3.83 13.00 -51.90
N ASN B 391 -5.10 13.21 -52.25
CA ASN B 391 -6.05 13.72 -51.26
C ASN B 391 -6.18 12.77 -50.09
N ILE B 392 -6.06 11.47 -50.34
CA ILE B 392 -6.05 10.48 -49.26
C ILE B 392 -4.89 10.74 -48.32
N GLY B 393 -3.70 10.97 -48.88
CA GLY B 393 -2.54 11.26 -48.04
C GLY B 393 -2.70 12.55 -47.26
N ALA B 394 -3.20 13.59 -47.91
CA ALA B 394 -3.42 14.86 -47.22
C ALA B 394 -4.43 14.69 -46.08
N PHE B 395 -5.51 13.95 -46.32
CA PHE B 395 -6.49 13.71 -45.28
C PHE B 395 -5.91 12.86 -44.15
N ARG B 396 -5.03 11.91 -44.48
CA ARG B 396 -4.35 11.15 -43.44
C ARG B 396 -3.51 12.07 -42.57
N ARG B 397 -2.82 13.02 -43.18
CA ARG B 397 -2.05 14.00 -42.42
C ARG B 397 -2.96 14.82 -41.51
N TYR B 398 -4.11 15.27 -42.05
CA TYR B 398 -5.05 16.04 -41.25
C TYR B 398 -5.57 15.22 -40.08
N ILE B 399 -5.87 13.94 -40.31
CA ILE B 399 -6.33 13.07 -39.25
C ILE B 399 -5.25 12.93 -38.17
N GLY B 400 -4.00 12.74 -38.59
CA GLY B 400 -2.93 12.65 -37.62
C GLY B 400 -2.79 13.90 -36.77
N TYR B 401 -2.90 15.08 -37.39
CA TYR B 401 -2.92 16.33 -36.65
C TYR B 401 -4.08 16.41 -35.68
N LYS B 402 -5.29 16.07 -36.12
CA LYS B 402 -6.43 16.07 -35.21
C LYS B 402 -6.25 15.01 -34.12
N ASN B 403 -5.79 13.83 -34.51
CA ASN B 403 -5.68 12.67 -33.62
C ASN B 403 -4.31 12.64 -32.95
N SER B 404 -4.06 13.68 -32.14
CA SER B 404 -2.83 13.79 -31.37
C SER B 404 -3.05 14.33 -29.95
N THR B 405 -4.30 14.38 -29.48
CA THR B 405 -4.61 14.92 -28.15
C THR B 405 -4.84 13.83 -27.11
N TYR B 406 -5.82 12.94 -27.34
CA TYR B 406 -6.20 11.93 -26.36
C TYR B 406 -5.31 10.69 -26.39
N PHE B 407 -4.72 10.41 -27.53
CA PHE B 407 -3.60 9.49 -27.67
C PHE B 407 -2.52 9.78 -26.64
N ASN B 408 -2.07 8.73 -25.92
CA ASN B 408 -1.12 8.93 -24.82
C ASN B 408 0.22 8.27 -25.09
N LEU B 409 0.30 6.94 -25.12
CA LEU B 409 1.52 6.28 -25.58
C LEU B 409 1.28 5.00 -26.37
N ALA B 410 0.25 4.21 -26.05
CA ALA B 410 0.07 2.93 -26.70
C ALA B 410 -0.47 3.08 -28.10
N THR B 411 -1.30 4.09 -28.32
CA THR B 411 -1.99 4.27 -29.58
C THR B 411 -1.15 5.04 -30.62
N MET B 412 -0.38 6.05 -30.21
CA MET B 412 0.64 6.63 -31.10
C MET B 412 1.59 5.54 -31.60
N GLU B 413 2.17 4.80 -30.67
CA GLU B 413 2.96 3.62 -30.96
C GLU B 413 2.26 2.68 -31.93
N PHE B 414 1.02 2.28 -31.62
CA PHE B 414 0.35 1.28 -32.43
C PHE B 414 0.16 1.77 -33.85
N PHE B 415 -0.36 3.00 -34.01
CA PHE B 415 -0.62 3.51 -35.34
C PHE B 415 0.66 3.74 -36.11
N GLN B 416 1.71 4.21 -35.43
CA GLN B 416 2.99 4.37 -36.09
C GLN B 416 3.51 3.04 -36.62
N LYS B 417 3.54 2.01 -35.77
CA LYS B 417 4.00 0.71 -36.22
C LYS B 417 3.10 0.18 -37.33
N TRP B 418 1.79 0.43 -37.21
CA TRP B 418 0.84 -0.04 -38.21
C TRP B 418 1.13 0.57 -39.58
N GLU B 419 1.45 1.87 -39.62
CA GLU B 419 1.88 2.48 -40.86
C GLU B 419 3.04 1.70 -41.48
N LEU B 420 4.16 1.65 -40.78
CA LEU B 420 5.36 0.95 -41.27
C LEU B 420 5.36 -0.51 -40.84
N ALA B 421 4.22 -1.17 -41.07
CA ALA B 421 4.07 -2.60 -40.87
C ALA B 421 4.12 -3.34 -42.20
N GLU B 422 4.90 -2.80 -43.14
CA GLU B 422 4.98 -3.35 -44.49
C GLU B 422 3.58 -3.33 -45.10
N SER B 423 3.01 -4.51 -45.38
CA SER B 423 1.65 -4.60 -45.88
C SER B 423 0.89 -5.77 -45.29
N HIS B 424 1.49 -6.53 -44.37
CA HIS B 424 0.91 -7.79 -43.89
C HIS B 424 0.98 -7.97 -42.38
N GLN B 425 1.92 -7.33 -41.69
CA GLN B 425 1.96 -7.36 -40.24
C GLN B 425 0.96 -6.38 -39.62
N ALA B 426 0.39 -5.50 -40.43
CA ALA B 426 -0.55 -4.51 -39.90
C ALA B 426 -1.78 -5.17 -39.28
N ASN B 427 -2.30 -6.22 -39.92
CA ASN B 427 -3.48 -6.89 -39.39
C ASN B 427 -3.19 -7.52 -38.03
N TYR B 428 -2.03 -8.16 -37.89
CA TYR B 428 -1.65 -8.76 -36.60
C TYR B 428 -1.56 -7.69 -35.52
N LEU B 429 -0.91 -6.57 -35.83
CA LEU B 429 -0.78 -5.48 -34.86
C LEU B 429 -2.14 -4.93 -34.46
N ALA B 430 -3.02 -4.72 -35.45
CA ALA B 430 -4.35 -4.21 -35.15
C ALA B 430 -5.14 -5.18 -34.27
N TYR B 431 -5.06 -6.48 -34.59
CA TYR B 431 -5.77 -7.46 -33.79
C TYR B 431 -5.28 -7.45 -32.35
N HIS B 432 -3.97 -7.41 -32.15
CA HIS B 432 -3.45 -7.48 -30.79
C HIS B 432 -3.69 -6.18 -30.03
N PHE B 433 -3.69 -5.04 -30.72
CA PHE B 433 -4.05 -3.77 -30.10
C PHE B 433 -5.51 -3.77 -29.64
N LEU B 434 -6.41 -4.23 -30.51
CA LEU B 434 -7.81 -4.31 -30.12
C LEU B 434 -8.02 -5.30 -28.99
N MET B 435 -7.27 -6.41 -29.00
CA MET B 435 -7.35 -7.35 -27.90
C MET B 435 -6.82 -6.75 -26.61
N SER B 436 -5.80 -5.89 -26.70
CA SER B 436 -5.35 -5.16 -25.53
C SER B 436 -6.49 -4.34 -24.95
N TYR B 437 -7.26 -3.69 -25.82
CA TYR B 437 -8.44 -2.96 -25.33
C TYR B 437 -9.46 -3.92 -24.72
N TYR B 438 -9.65 -5.09 -25.35
CA TYR B 438 -10.62 -6.04 -24.82
C TYR B 438 -10.24 -6.51 -23.43
N GLN B 439 -8.96 -6.84 -23.22
CA GLN B 439 -8.50 -7.30 -21.92
C GLN B 439 -8.67 -6.28 -20.81
N GLU B 440 -8.57 -4.99 -21.11
CA GLU B 440 -8.63 -3.95 -20.08
C GLU B 440 -9.99 -3.88 -19.40
N SER B 441 -10.96 -4.70 -19.82
CA SER B 441 -12.26 -4.76 -19.18
C SER B 441 -12.69 -6.17 -18.82
N PHE B 442 -11.88 -7.19 -19.12
CA PHE B 442 -12.27 -8.57 -18.86
C PHE B 442 -12.20 -8.91 -17.38
N GLU B 443 -11.20 -8.41 -16.66
CA GLU B 443 -11.05 -8.73 -15.25
C GLU B 443 -12.14 -8.08 -14.39
N GLN B 444 -12.81 -7.04 -14.88
CA GLN B 444 -13.84 -6.37 -14.12
C GLN B 444 -15.23 -6.72 -14.65
N SER B 457 -16.20 -18.12 -24.19
CA SER B 457 -14.83 -17.84 -24.60
C SER B 457 -14.80 -16.93 -25.82
N GLY B 458 -15.59 -17.27 -26.83
CA GLY B 458 -15.67 -16.46 -28.03
C GLY B 458 -14.58 -16.80 -29.03
N TYR B 459 -14.95 -16.98 -30.30
CA TYR B 459 -13.99 -17.35 -31.33
C TYR B 459 -13.18 -16.16 -31.82
N PRO B 460 -13.77 -14.98 -32.05
CA PRO B 460 -12.95 -13.84 -32.49
C PRO B 460 -11.86 -13.46 -31.51
N LEU B 461 -11.95 -13.92 -30.27
CA LEU B 461 -10.94 -13.64 -29.25
C LEU B 461 -9.89 -14.72 -29.14
N THR B 462 -9.88 -15.69 -30.06
CA THR B 462 -8.98 -16.85 -30.01
C THR B 462 -7.98 -16.85 -31.16
N LEU B 463 -7.41 -15.68 -31.48
CA LEU B 463 -6.51 -15.55 -32.62
C LEU B 463 -5.19 -14.86 -32.26
N ARG B 464 -4.80 -14.87 -30.98
CA ARG B 464 -3.53 -14.26 -30.56
C ARG B 464 -2.33 -15.13 -30.89
N THR B 465 -2.43 -16.45 -30.71
CA THR B 465 -1.38 -17.36 -31.15
C THR B 465 -1.68 -17.82 -32.58
N MET B 466 -1.83 -16.82 -33.44
CA MET B 466 -2.29 -16.97 -34.81
C MET B 466 -1.27 -16.29 -35.71
N GLU B 467 -1.10 -16.83 -36.91
CA GLU B 467 -0.14 -16.26 -37.83
C GLU B 467 -0.62 -14.89 -38.29
N PRO B 468 0.29 -13.98 -38.66
CA PRO B 468 -0.16 -12.74 -39.30
C PRO B 468 -0.89 -12.96 -40.61
N TYR B 469 -0.59 -14.06 -41.32
CA TYR B 469 -1.28 -14.40 -42.56
C TYR B 469 -2.54 -15.21 -42.31
N ASN B 470 -2.98 -15.33 -41.05
CA ASN B 470 -4.22 -16.01 -40.71
C ASN B 470 -5.19 -15.08 -39.98
N ILE B 471 -5.04 -13.76 -40.14
CA ILE B 471 -5.89 -12.79 -39.47
C ILE B 471 -6.94 -12.22 -40.43
N THR B 472 -6.54 -11.88 -41.65
CA THR B 472 -7.44 -11.27 -42.61
C THR B 472 -8.04 -9.98 -42.06
N LEU B 473 -8.97 -9.39 -42.81
CA LEU B 473 -9.65 -8.18 -42.39
C LEU B 473 -11.01 -8.46 -41.75
N GLY B 474 -11.64 -9.58 -42.08
CA GLY B 474 -12.91 -9.92 -41.46
C GLY B 474 -12.79 -10.16 -39.97
N ASP B 475 -11.68 -10.77 -39.53
CA ASP B 475 -11.48 -10.95 -38.10
C ASP B 475 -11.23 -9.64 -37.38
N ILE B 476 -10.56 -8.68 -38.03
CA ILE B 476 -10.40 -7.36 -37.43
C ILE B 476 -11.75 -6.70 -37.19
N TYR B 477 -12.61 -6.71 -38.21
CA TYR B 477 -13.94 -6.14 -38.06
C TYR B 477 -14.77 -6.90 -37.03
N ALA B 478 -14.65 -8.23 -37.01
CA ALA B 478 -15.39 -9.03 -36.05
C ALA B 478 -14.97 -8.70 -34.63
N LEU B 479 -13.67 -8.55 -34.40
CA LEU B 479 -13.18 -8.20 -33.07
C LEU B 479 -13.63 -6.80 -32.68
N MET B 480 -13.63 -5.86 -33.65
CA MET B 480 -14.09 -4.51 -33.33
C MET B 480 -15.57 -4.49 -33.00
N GLU B 481 -16.37 -5.30 -33.69
CA GLU B 481 -17.79 -5.41 -33.32
C GLU B 481 -17.96 -6.03 -31.95
N GLU B 482 -17.26 -7.13 -31.67
CA GLU B 482 -17.37 -7.77 -30.36
C GLU B 482 -16.98 -6.80 -29.24
N LEU B 483 -15.91 -6.03 -29.44
CA LEU B 483 -15.57 -4.95 -28.52
C LEU B 483 -16.61 -3.86 -28.48
N LYS B 484 -17.33 -3.66 -29.58
CA LYS B 484 -18.41 -2.71 -29.57
C LYS B 484 -19.61 -3.24 -28.79
N TYR B 485 -19.64 -4.55 -28.51
CA TYR B 485 -20.73 -5.19 -27.80
C TYR B 485 -20.25 -5.92 -26.55
N THR B 486 -19.18 -5.43 -25.92
CA THR B 486 -18.60 -6.10 -24.76
C THR B 486 -19.09 -5.44 -23.48
N GLU B 487 -19.31 -6.27 -22.46
CA GLU B 487 -19.82 -5.81 -21.16
C GLU B 487 -18.68 -5.17 -20.36
N GLY B 488 -18.09 -4.13 -20.95
CA GLY B 488 -16.89 -3.53 -20.39
C GLY B 488 -16.71 -2.05 -20.68
N ILE B 489 -15.49 -1.66 -21.05
CA ILE B 489 -15.12 -0.25 -21.21
C ILE B 489 -15.80 0.33 -22.44
N SER B 490 -15.80 1.66 -22.53
CA SER B 490 -16.51 2.36 -23.60
C SER B 490 -15.80 3.69 -23.84
N ALA B 491 -16.47 4.61 -24.53
CA ALA B 491 -15.99 5.96 -24.76
C ALA B 491 -14.75 5.98 -25.66
N ASP B 492 -13.55 6.04 -25.07
CA ASP B 492 -12.34 6.15 -25.87
C ASP B 492 -12.19 4.97 -26.81
N THR B 493 -12.62 3.78 -26.38
CA THR B 493 -12.44 2.57 -27.16
C THR B 493 -13.22 2.68 -28.47
N TYR B 494 -14.43 3.24 -28.41
CA TYR B 494 -15.24 3.40 -29.62
C TYR B 494 -14.55 4.27 -30.65
N TYR B 495 -14.00 5.42 -30.21
CA TYR B 495 -13.32 6.30 -31.14
C TYR B 495 -12.03 5.68 -31.65
N ILE B 496 -11.35 4.87 -30.83
CA ILE B 496 -10.19 4.14 -31.31
C ILE B 496 -10.59 3.20 -32.44
N VAL B 497 -11.70 2.49 -32.27
CA VAL B 497 -12.18 1.61 -33.33
C VAL B 497 -12.49 2.41 -34.59
N TYR B 498 -13.16 3.55 -34.43
CA TYR B 498 -13.50 4.38 -35.59
C TYR B 498 -12.25 4.85 -36.33
N ILE B 499 -11.24 5.30 -35.58
CA ILE B 499 -10.03 5.81 -36.22
C ILE B 499 -9.27 4.69 -36.90
N LEU B 500 -9.25 3.50 -36.29
CA LEU B 500 -8.64 2.36 -36.96
C LEU B 500 -9.35 2.02 -38.26
N LYS B 501 -10.69 2.06 -38.25
CA LYS B 501 -11.44 1.84 -39.47
C LYS B 501 -11.09 2.89 -40.52
N VAL B 502 -10.99 4.15 -40.11
CA VAL B 502 -10.67 5.22 -41.06
C VAL B 502 -9.28 5.00 -41.66
N TYR B 503 -8.31 4.65 -40.82
CA TYR B 503 -6.96 4.42 -41.31
C TYR B 503 -6.91 3.24 -42.27
N TYR B 504 -7.60 2.15 -41.93
CA TYR B 504 -7.67 1.01 -42.83
C TYR B 504 -8.31 1.39 -44.17
N SER B 505 -9.39 2.17 -44.12
CA SER B 505 -10.05 2.58 -45.35
C SER B 505 -9.11 3.44 -46.19
N LEU B 506 -8.38 4.36 -45.55
CA LEU B 506 -7.44 5.20 -46.29
C LEU B 506 -6.37 4.35 -46.95
N ARG B 507 -5.79 3.40 -46.21
CA ARG B 507 -4.75 2.56 -46.80
C ARG B 507 -5.29 1.70 -47.93
N LEU B 508 -6.48 1.13 -47.74
CA LEU B 508 -7.08 0.30 -48.78
C LEU B 508 -7.34 1.11 -50.04
N SER B 509 -7.89 2.31 -49.89
CA SER B 509 -8.15 3.17 -51.05
C SER B 509 -6.84 3.55 -51.74
N GLU B 510 -5.83 3.90 -50.96
CA GLU B 510 -4.54 4.28 -51.53
C GLU B 510 -3.95 3.12 -52.34
N LEU B 511 -3.96 1.91 -51.77
CA LEU B 511 -3.43 0.75 -52.47
C LEU B 511 -4.25 0.44 -53.71
N LEU B 512 -5.58 0.52 -53.61
CA LEU B 512 -6.44 0.25 -54.75
C LEU B 512 -6.16 1.21 -55.89
N TYR B 513 -5.97 2.49 -55.57
CA TYR B 513 -5.73 3.51 -56.58
C TYR B 513 -4.33 3.36 -57.19
N ASN B 514 -3.35 2.95 -56.38
CA ASN B 514 -2.04 2.63 -56.93
C ASN B 514 -2.13 1.45 -57.89
N VAL B 515 -2.93 0.44 -57.55
CA VAL B 515 -3.16 -0.68 -58.47
C VAL B 515 -3.82 -0.20 -59.75
N VAL B 516 -4.83 0.66 -59.62
CA VAL B 516 -5.55 1.15 -60.79
C VAL B 516 -4.63 1.93 -61.70
N LEU B 517 -3.66 2.66 -61.14
CA LEU B 517 -2.71 3.38 -61.97
C LEU B 517 -1.92 2.43 -62.85
N HIS B 518 -1.52 1.28 -62.30
CA HIS B 518 -0.82 0.25 -63.08
C HIS B 518 -1.79 -0.78 -63.66
N HIS B 519 -2.82 -0.29 -64.35
CA HIS B 519 -3.85 -1.20 -64.87
C HIS B 519 -3.39 -1.91 -66.13
N LYS B 520 -2.57 -1.24 -66.96
CA LYS B 520 -2.15 -1.86 -68.22
C LYS B 520 -1.48 -3.20 -67.97
N LEU B 521 -0.58 -3.25 -66.99
CA LEU B 521 0.26 -4.43 -66.77
C LEU B 521 -0.53 -5.73 -66.67
N PHE B 522 -1.84 -5.69 -66.46
CA PHE B 522 -2.59 -6.93 -66.33
C PHE B 522 -3.89 -6.91 -67.11
N VAL B 523 -4.04 -6.03 -68.09
CA VAL B 523 -5.23 -6.13 -68.94
C VAL B 523 -5.37 -7.56 -69.45
N HIS B 524 -4.26 -8.16 -69.86
CA HIS B 524 -4.31 -9.51 -70.42
C HIS B 524 -4.99 -10.48 -69.47
N VAL B 525 -4.70 -10.40 -68.16
CA VAL B 525 -5.28 -11.40 -67.28
C VAL B 525 -6.80 -11.27 -67.28
N LYS B 526 -7.32 -10.04 -67.29
CA LYS B 526 -8.76 -9.87 -67.43
C LYS B 526 -9.25 -10.74 -68.58
N GLU B 527 -8.62 -10.57 -69.75
CA GLU B 527 -9.07 -11.30 -70.91
C GLU B 527 -9.04 -12.79 -70.58
N GLU B 528 -7.90 -13.23 -70.04
CA GLU B 528 -7.76 -14.63 -69.67
C GLU B 528 -8.84 -15.05 -68.68
N ALA B 529 -9.07 -14.24 -67.64
CA ALA B 529 -10.12 -14.58 -66.70
C ALA B 529 -11.43 -14.79 -67.44
N THR B 530 -11.72 -13.93 -68.42
CA THR B 530 -12.89 -14.14 -69.24
C THR B 530 -12.87 -15.54 -69.83
N THR B 531 -11.80 -15.88 -70.56
CA THR B 531 -11.69 -17.22 -71.12
C THR B 531 -11.79 -18.30 -70.05
N PHE B 532 -11.28 -18.05 -68.85
CA PHE B 532 -11.06 -19.12 -67.88
C PHE B 532 -12.36 -19.64 -67.26
N TYR B 533 -13.27 -18.75 -66.87
CA TYR B 533 -14.54 -19.15 -66.28
C TYR B 533 -15.73 -18.64 -67.10
N MET B 534 -15.52 -18.47 -68.40
CA MET B 534 -16.60 -18.19 -69.35
C MET B 534 -17.22 -19.49 -69.81
N ALA B 535 -16.43 -20.56 -69.85
CA ALA B 535 -16.83 -21.89 -70.29
C ALA B 535 -17.60 -22.61 -69.19
N ASP B 556 -7.16 -23.20 -65.61
CA ASP B 556 -6.63 -24.25 -64.77
C ASP B 556 -5.36 -23.80 -64.03
N LYS B 557 -4.25 -24.42 -64.42
CA LYS B 557 -3.01 -24.36 -63.68
C LYS B 557 -2.06 -23.31 -64.27
N GLU B 558 -2.03 -23.20 -65.61
CA GLU B 558 -1.39 -22.05 -66.22
C GLU B 558 -2.07 -20.76 -65.81
N TYR B 559 -3.40 -20.79 -65.62
CA TYR B 559 -4.13 -19.60 -65.21
C TYR B 559 -3.66 -19.09 -63.86
N ARG B 560 -3.56 -19.98 -62.87
CA ARG B 560 -3.03 -19.59 -61.57
C ARG B 560 -1.61 -19.08 -61.71
N GLU B 561 -0.83 -19.72 -62.56
CA GLU B 561 0.56 -19.33 -62.71
C GLU B 561 0.65 -17.90 -63.22
N HIS B 562 -0.19 -17.58 -64.20
CA HIS B 562 -0.26 -16.24 -64.76
C HIS B 562 -0.74 -15.22 -63.75
N ILE B 563 -1.76 -15.57 -62.97
CA ILE B 563 -2.25 -14.65 -61.94
C ILE B 563 -1.13 -14.31 -60.97
N MET B 564 -0.35 -15.32 -60.56
CA MET B 564 0.73 -15.06 -59.62
C MET B 564 1.82 -14.20 -60.26
N THR B 565 2.14 -14.45 -61.54
CA THR B 565 3.12 -13.60 -62.21
C THR B 565 2.66 -12.16 -62.29
N ALA B 566 1.38 -11.95 -62.65
CA ALA B 566 0.85 -10.59 -62.72
C ALA B 566 0.86 -9.92 -61.36
N ILE B 567 0.56 -10.68 -60.30
CA ILE B 567 0.59 -10.11 -58.95
C ILE B 567 2.01 -9.66 -58.61
N GLU B 568 3.01 -10.48 -58.93
CA GLU B 568 4.38 -10.13 -58.56
C GLU B 568 4.84 -8.83 -59.19
N LYS B 569 4.26 -8.43 -60.32
CA LYS B 569 4.75 -7.25 -61.01
C LYS B 569 4.14 -5.96 -60.49
N VAL B 570 3.11 -6.04 -59.65
CA VAL B 570 2.50 -4.86 -59.06
C VAL B 570 2.55 -5.00 -57.53
N PRO B 571 3.58 -4.48 -56.87
CA PRO B 571 3.65 -4.63 -55.40
C PRO B 571 2.43 -4.10 -54.69
N ALA B 572 1.81 -3.03 -55.19
CA ALA B 572 0.64 -2.48 -54.54
C ALA B 572 -0.50 -3.47 -54.51
N LEU B 573 -0.67 -4.26 -55.58
CA LEU B 573 -1.70 -5.29 -55.61
C LEU B 573 -1.43 -6.36 -54.55
N GLN B 574 -0.20 -6.86 -54.47
CA GLN B 574 0.21 -7.65 -53.31
C GLN B 574 -0.25 -7.02 -52.00
N ALA B 575 0.11 -5.76 -51.76
CA ALA B 575 -0.16 -5.17 -50.47
C ALA B 575 -1.66 -5.12 -50.19
N TYR B 576 -2.44 -4.78 -51.21
CA TYR B 576 -3.89 -4.73 -51.05
C TYR B 576 -4.47 -6.10 -50.76
N LEU B 577 -4.05 -7.12 -51.51
CA LEU B 577 -4.58 -8.47 -51.28
C LEU B 577 -4.13 -9.01 -49.93
N GLU B 578 -2.97 -8.60 -49.45
CA GLU B 578 -2.48 -9.02 -48.15
C GLU B 578 -3.21 -8.33 -47.02
N LEU B 579 -3.59 -7.07 -47.19
CA LEU B 579 -4.43 -6.40 -46.20
C LEU B 579 -5.73 -7.16 -45.99
N VAL B 580 -6.54 -7.24 -47.03
CA VAL B 580 -7.73 -8.10 -47.03
C VAL B 580 -7.23 -9.48 -47.49
N ASN B 581 -6.78 -10.28 -46.52
CA ASN B 581 -6.10 -11.51 -46.85
C ASN B 581 -6.97 -12.38 -47.76
N ALA B 582 -8.10 -12.86 -47.24
CA ALA B 582 -9.10 -13.49 -48.08
C ALA B 582 -10.52 -13.17 -47.68
N GLN B 583 -10.75 -12.39 -46.63
CA GLN B 583 -12.09 -12.20 -46.10
C GLN B 583 -12.15 -10.86 -45.37
N PHE B 584 -13.01 -9.96 -45.85
CA PHE B 584 -13.32 -8.75 -45.11
C PHE B 584 -14.58 -8.90 -44.27
N MET B 585 -15.29 -10.01 -44.40
CA MET B 585 -16.42 -10.26 -43.54
C MET B 585 -16.02 -11.20 -42.40
N PRO B 586 -16.63 -11.08 -41.24
CA PRO B 586 -16.36 -12.04 -40.16
C PRO B 586 -16.63 -13.47 -40.63
N GLN B 587 -15.72 -14.38 -40.27
CA GLN B 587 -15.88 -15.79 -40.62
C GLN B 587 -16.68 -16.46 -39.51
N ASN B 588 -17.78 -15.81 -39.15
CA ASN B 588 -18.77 -16.31 -38.21
C ASN B 588 -20.16 -15.88 -38.65
N PHE B 589 -20.23 -15.14 -39.75
CA PHE B 589 -21.40 -14.31 -40.03
C PHE B 589 -22.59 -15.17 -40.43
N ASN B 590 -23.76 -14.78 -39.93
CA ASN B 590 -25.02 -15.46 -40.22
C ASN B 590 -25.73 -14.70 -41.34
N TYR B 591 -25.73 -15.28 -42.54
CA TYR B 591 -26.44 -14.71 -43.67
C TYR B 591 -27.92 -15.04 -43.66
N ASP B 592 -28.37 -15.85 -42.72
CA ASP B 592 -29.78 -16.25 -42.59
C ASP B 592 -30.23 -15.91 -41.17
N ARG B 593 -30.94 -14.79 -41.02
CA ARG B 593 -31.39 -14.35 -39.70
C ARG B 593 -32.72 -15.03 -39.34
N SER B 594 -32.63 -16.34 -39.14
CA SER B 594 -33.75 -17.16 -38.70
C SER B 594 -33.48 -17.88 -37.39
N GLY B 595 -32.27 -18.42 -37.22
CA GLY B 595 -31.91 -19.08 -35.98
C GLY B 595 -30.48 -19.57 -35.99
N SER B 596 -29.73 -19.28 -34.92
CA SER B 596 -28.33 -19.65 -34.83
C SER B 596 -27.60 -19.25 -36.12
N ARG B 597 -26.68 -20.07 -36.60
CA ARG B 597 -25.98 -19.83 -37.85
C ARG B 597 -26.27 -20.90 -38.89
N ASP B 598 -26.07 -22.17 -38.55
CA ASP B 598 -26.26 -23.24 -39.52
C ASP B 598 -26.15 -24.57 -38.79
N ASP B 599 -26.57 -25.63 -39.49
CA ASP B 599 -26.24 -27.00 -39.12
C ASP B 599 -25.07 -27.52 -39.96
N ASP B 600 -25.25 -27.54 -41.29
CA ASP B 600 -24.19 -27.88 -42.22
C ASP B 600 -24.28 -27.02 -43.48
N PHE B 601 -24.74 -25.78 -43.34
CA PHE B 601 -25.12 -24.98 -44.51
C PHE B 601 -23.89 -24.49 -45.27
N TYR B 602 -22.84 -24.09 -44.56
CA TYR B 602 -21.71 -23.39 -45.18
C TYR B 602 -20.56 -24.35 -45.56
N LEU B 603 -20.83 -25.65 -45.65
CA LEU B 603 -19.80 -26.63 -45.95
C LEU B 603 -20.15 -27.40 -47.21
N ILE B 604 -19.14 -27.63 -48.05
CA ILE B 604 -19.28 -28.35 -49.31
C ILE B 604 -18.16 -29.39 -49.39
N SER B 605 -18.17 -30.17 -50.47
CA SER B 605 -17.24 -31.28 -50.62
C SER B 605 -16.29 -31.12 -51.80
N TRP B 606 -16.79 -30.81 -53.00
CA TRP B 606 -15.95 -30.60 -54.17
C TRP B 606 -15.14 -31.87 -54.50
N LEU B 607 -15.87 -32.89 -54.93
CA LEU B 607 -15.30 -34.25 -54.97
C LEU B 607 -14.24 -34.39 -56.06
N LYS B 608 -14.61 -34.18 -57.33
CA LYS B 608 -13.67 -34.45 -58.41
C LYS B 608 -14.00 -33.60 -59.64
N ASP B 609 -12.96 -33.26 -60.40
CA ASP B 609 -13.12 -32.40 -61.56
C ASP B 609 -14.01 -33.03 -62.62
N ASP B 610 -13.84 -34.33 -62.87
CA ASP B 610 -14.61 -35.01 -63.90
C ASP B 610 -16.11 -35.02 -63.59
N ASP B 611 -16.50 -34.75 -62.34
CA ASP B 611 -17.91 -34.73 -61.95
C ASP B 611 -18.40 -33.36 -61.53
N LEU B 612 -17.56 -32.34 -61.56
CA LEU B 612 -18.02 -31.00 -61.24
C LEU B 612 -19.00 -30.52 -62.31
N PRO B 613 -20.04 -29.79 -61.93
CA PRO B 613 -20.98 -29.27 -62.93
C PRO B 613 -20.38 -28.13 -63.73
N GLU B 614 -21.16 -27.59 -64.67
CA GLU B 614 -20.71 -26.45 -65.45
C GLU B 614 -20.51 -25.24 -64.54
N TYR B 615 -19.62 -24.35 -64.96
CA TYR B 615 -19.43 -23.07 -64.29
C TYR B 615 -18.91 -23.27 -62.87
N SER B 616 -18.26 -24.42 -62.64
CA SER B 616 -17.77 -24.74 -61.30
C SER B 616 -16.61 -23.83 -60.90
N ARG B 617 -15.85 -23.33 -61.87
CA ARG B 617 -14.80 -22.37 -61.54
C ARG B 617 -15.38 -21.11 -60.91
N LEU B 618 -16.57 -20.71 -61.31
CA LEU B 618 -17.26 -19.62 -60.63
C LEU B 618 -17.52 -19.97 -59.18
N PHE B 619 -17.99 -21.19 -58.91
CA PHE B 619 -18.20 -21.62 -57.54
C PHE B 619 -16.90 -22.17 -56.96
N LYS B 620 -15.81 -21.46 -57.20
CA LYS B 620 -14.55 -21.64 -56.50
C LYS B 620 -13.88 -20.32 -56.16
N SER B 621 -14.21 -19.23 -56.86
CA SER B 621 -13.64 -17.92 -56.64
C SER B 621 -14.65 -16.91 -56.12
N LEU B 622 -15.92 -17.28 -56.04
CA LEU B 622 -16.97 -16.40 -55.54
C LEU B 622 -17.27 -16.61 -54.07
N PHE B 623 -17.23 -17.85 -53.60
CA PHE B 623 -17.69 -18.18 -52.25
C PHE B 623 -16.70 -19.03 -51.46
N LEU B 624 -15.55 -19.38 -52.01
CA LEU B 624 -14.77 -20.53 -51.57
C LEU B 624 -13.31 -20.14 -51.35
N ASN B 625 -13.08 -19.07 -50.60
CA ASN B 625 -11.78 -18.43 -50.47
C ASN B 625 -10.71 -19.28 -49.79
N SER B 626 -10.85 -20.54 -49.39
CA SER B 626 -9.79 -21.27 -48.73
C SER B 626 -9.68 -22.68 -49.29
N GLU B 627 -8.50 -23.29 -49.09
CA GLU B 627 -8.25 -24.68 -49.45
C GLU B 627 -7.67 -25.39 -48.23
N VAL B 628 -8.55 -25.82 -47.33
CA VAL B 628 -8.18 -26.57 -46.14
C VAL B 628 -9.35 -27.46 -45.76
N ALA B 629 -9.10 -28.39 -44.83
CA ALA B 629 -10.13 -29.34 -44.43
C ALA B 629 -11.30 -28.70 -43.70
N ALA B 630 -11.16 -27.46 -43.26
CA ALA B 630 -12.23 -26.77 -42.54
C ALA B 630 -12.64 -27.57 -41.30
N PHE B 645 0.63 -28.24 -39.47
CA PHE B 645 -0.62 -27.53 -39.23
C PHE B 645 -0.38 -26.23 -38.49
N ARG B 646 0.84 -25.69 -38.60
CA ARG B 646 1.25 -24.53 -37.83
C ARG B 646 1.61 -23.31 -38.66
N TYR B 647 2.15 -23.49 -39.86
CA TYR B 647 2.73 -22.41 -40.65
C TYR B 647 1.96 -22.23 -41.94
N ARG B 648 0.65 -22.16 -41.83
CA ARG B 648 -0.25 -22.40 -42.94
C ARG B 648 -1.10 -21.18 -43.28
N ASN B 649 -1.15 -20.87 -44.57
CA ASN B 649 -1.78 -19.63 -45.03
C ASN B 649 -3.28 -19.65 -44.76
N LEU B 650 -3.92 -20.79 -44.99
CA LEU B 650 -5.32 -21.06 -44.63
C LEU B 650 -6.29 -20.23 -45.47
N TYR B 651 -5.80 -19.26 -46.24
CA TYR B 651 -6.66 -18.35 -46.97
C TYR B 651 -6.36 -18.33 -48.46
N SER B 652 -5.12 -18.05 -48.86
CA SER B 652 -4.69 -18.19 -50.25
C SER B 652 -5.68 -17.52 -51.21
N TYR B 653 -5.73 -16.19 -51.15
CA TYR B 653 -6.62 -15.42 -52.02
C TYR B 653 -6.43 -15.74 -53.50
N LEU B 654 -5.39 -16.50 -53.86
CA LEU B 654 -5.16 -16.88 -55.24
C LEU B 654 -6.16 -17.93 -55.68
N PRO B 655 -6.23 -18.21 -56.98
CA PRO B 655 -7.03 -19.34 -57.46
C PRO B 655 -6.61 -20.62 -56.75
N LEU B 656 -7.60 -21.42 -56.39
CA LEU B 656 -7.42 -22.54 -55.46
C LEU B 656 -7.56 -23.85 -56.20
N GLN B 657 -6.75 -24.85 -55.83
CA GLN B 657 -6.83 -26.17 -56.43
C GLN B 657 -7.25 -27.10 -55.31
N LEU B 658 -8.48 -27.58 -55.35
CA LEU B 658 -9.05 -28.32 -54.23
C LEU B 658 -8.90 -29.82 -54.46
N THR B 659 -8.73 -30.56 -53.37
CA THR B 659 -8.57 -32.01 -53.47
C THR B 659 -9.91 -32.69 -53.25
N SER B 660 -9.91 -34.01 -53.43
CA SER B 660 -11.16 -34.76 -53.44
C SER B 660 -11.64 -35.07 -52.03
N ALA B 661 -12.96 -34.97 -51.85
CA ALA B 661 -13.63 -35.37 -50.62
C ALA B 661 -13.05 -34.62 -49.41
N THR B 662 -13.15 -33.30 -49.47
CA THR B 662 -12.69 -32.43 -48.40
C THR B 662 -13.74 -31.36 -48.13
N PHE B 663 -14.01 -31.14 -46.84
CA PHE B 663 -14.98 -30.12 -46.44
C PHE B 663 -14.37 -28.74 -46.56
N TYR B 664 -15.10 -27.82 -47.20
CA TYR B 664 -14.65 -26.45 -47.40
C TYR B 664 -15.74 -25.49 -46.97
N LYS B 665 -15.34 -24.42 -46.29
CA LYS B 665 -16.28 -23.41 -45.81
C LYS B 665 -16.54 -22.36 -46.90
N ILE B 666 -17.72 -21.78 -46.86
CA ILE B 666 -18.18 -20.82 -47.85
C ILE B 666 -18.25 -19.42 -47.25
N ASP B 667 -17.77 -18.45 -48.02
CA ASP B 667 -17.88 -17.03 -47.67
C ASP B 667 -18.49 -16.29 -48.83
N PHE B 668 -19.72 -15.79 -48.65
CA PHE B 668 -20.49 -15.27 -49.77
C PHE B 668 -19.89 -14.00 -50.38
N LEU B 669 -19.11 -13.23 -49.63
CA LEU B 669 -18.64 -11.92 -50.07
C LEU B 669 -17.14 -11.91 -50.32
N ALA B 670 -16.61 -12.98 -50.91
CA ALA B 670 -15.19 -13.07 -51.20
C ALA B 670 -14.83 -12.65 -52.62
N PHE B 671 -15.82 -12.42 -53.48
CA PHE B 671 -15.53 -12.18 -54.89
C PHE B 671 -14.69 -10.93 -55.11
N ALA B 672 -15.01 -9.84 -54.38
CA ALA B 672 -14.38 -8.56 -54.64
C ALA B 672 -12.90 -8.54 -54.30
N ILE B 673 -12.42 -9.52 -53.54
CA ILE B 673 -11.07 -9.48 -52.98
C ILE B 673 -10.22 -10.64 -53.50
N LYS B 674 -10.70 -11.37 -54.50
CA LYS B 674 -9.88 -12.37 -55.17
C LYS B 674 -9.03 -11.67 -56.22
N ALA B 675 -7.78 -12.14 -56.36
CA ALA B 675 -6.83 -11.45 -57.21
C ALA B 675 -7.36 -11.31 -58.64
N ASP B 676 -7.77 -12.42 -59.24
CA ASP B 676 -8.21 -12.39 -60.64
C ASP B 676 -9.46 -11.54 -60.80
N LEU B 677 -10.44 -11.70 -59.91
CA LEU B 677 -11.67 -10.92 -60.01
C LEU B 677 -11.41 -9.45 -59.75
N LEU B 678 -10.55 -9.15 -58.77
CA LEU B 678 -10.20 -7.76 -58.49
C LEU B 678 -9.58 -7.10 -59.71
N MET B 679 -8.65 -7.79 -60.36
CA MET B 679 -7.97 -7.21 -61.52
C MET B 679 -8.90 -7.12 -62.72
N TYR B 680 -9.80 -8.09 -62.89
CA TYR B 680 -10.85 -7.95 -63.88
C TYR B 680 -11.65 -6.68 -63.65
N ASN B 681 -12.06 -6.45 -62.40
CA ASN B 681 -12.85 -5.26 -62.07
C ASN B 681 -12.04 -3.99 -62.29
N VAL B 682 -10.75 -4.00 -61.94
CA VAL B 682 -9.92 -2.82 -62.13
C VAL B 682 -9.82 -2.46 -63.60
N VAL B 683 -9.56 -3.46 -64.45
CA VAL B 683 -9.45 -3.19 -65.88
C VAL B 683 -10.79 -2.74 -66.45
N ARG B 684 -11.89 -3.36 -65.98
CA ARG B 684 -13.21 -2.92 -66.41
C ARG B 684 -13.46 -1.46 -66.03
N PHE B 685 -13.09 -1.09 -64.80
CA PHE B 685 -13.31 0.27 -64.32
C PHE B 685 -12.50 1.27 -65.13
N VAL B 686 -11.24 0.97 -65.40
CA VAL B 686 -10.39 1.91 -66.13
C VAL B 686 -10.83 2.02 -67.59
N GLU B 687 -11.08 0.87 -68.23
CA GLU B 687 -11.32 0.86 -69.67
C GLU B 687 -12.75 1.29 -70.00
N GLU B 688 -13.73 0.53 -69.53
CA GLU B 688 -15.11 0.81 -69.87
C GLU B 688 -15.58 2.11 -69.23
N GLU B 689 -16.27 2.93 -70.01
CA GLU B 689 -16.81 4.22 -69.55
C GLU B 689 -18.29 4.26 -69.91
N GLY B 690 -19.12 3.71 -69.04
CA GLY B 690 -20.56 3.77 -69.19
C GLY B 690 -21.22 4.54 -68.06
N ASP B 691 -21.94 3.81 -67.20
CA ASP B 691 -22.55 4.40 -66.01
C ASP B 691 -22.35 3.59 -64.75
N THR B 692 -21.94 2.32 -64.87
CA THR B 692 -21.67 1.48 -63.71
C THR B 692 -20.20 1.51 -63.36
N ILE B 693 -19.90 1.19 -62.10
CA ILE B 693 -18.54 1.08 -61.59
C ILE B 693 -18.45 -0.22 -60.83
N PRO B 694 -17.45 -1.07 -61.09
CA PRO B 694 -17.32 -2.31 -60.31
C PRO B 694 -17.11 -2.00 -58.83
N TYR B 695 -17.66 -2.86 -57.99
CA TYR B 695 -17.48 -2.68 -56.55
C TYR B 695 -16.04 -2.98 -56.16
N PHE B 696 -15.45 -2.10 -55.38
CA PHE B 696 -14.11 -2.27 -54.84
C PHE B 696 -14.16 -2.20 -53.32
N MET B 697 -13.44 -3.11 -52.67
CA MET B 697 -13.37 -3.15 -51.22
C MET B 697 -12.31 -2.15 -50.76
N SER B 698 -12.73 -0.88 -50.65
CA SER B 698 -11.84 0.20 -50.26
C SER B 698 -12.26 0.88 -48.97
N ASN B 699 -13.42 0.54 -48.42
CA ASN B 699 -13.96 1.18 -47.22
C ASN B 699 -14.49 0.09 -46.29
N MET B 700 -14.07 0.13 -45.01
CA MET B 700 -14.61 -0.84 -44.06
C MET B 700 -16.03 -0.53 -43.65
N PHE B 701 -16.45 0.73 -43.74
CA PHE B 701 -17.85 1.05 -43.48
C PHE B 701 -18.76 0.36 -44.47
N HIS B 702 -18.23 -0.07 -45.62
CA HIS B 702 -18.94 -1.01 -46.47
C HIS B 702 -19.23 -2.30 -45.71
N ILE B 703 -18.31 -2.74 -44.87
CA ILE B 703 -18.56 -3.92 -44.04
C ILE B 703 -19.63 -3.61 -43.00
N ASP B 704 -19.64 -2.39 -42.49
CA ASP B 704 -20.73 -1.96 -41.62
C ASP B 704 -22.07 -2.14 -42.32
N VAL B 705 -22.16 -1.70 -43.57
CA VAL B 705 -23.41 -1.88 -44.31
C VAL B 705 -23.69 -3.36 -44.56
N PHE B 706 -22.65 -4.13 -44.88
CA PHE B 706 -22.83 -5.54 -45.22
C PHE B 706 -23.40 -6.33 -44.07
N VAL B 707 -22.88 -6.11 -42.85
CA VAL B 707 -23.40 -6.84 -41.70
C VAL B 707 -24.83 -6.44 -41.39
N ARG B 708 -25.26 -5.26 -41.84
CA ARG B 708 -26.64 -4.81 -41.63
C ARG B 708 -27.61 -5.37 -42.66
N HIS B 709 -27.12 -5.91 -43.78
CA HIS B 709 -27.99 -6.34 -44.85
C HIS B 709 -28.80 -7.58 -44.43
N ASN B 710 -29.94 -7.75 -45.09
CA ASN B 710 -30.88 -8.80 -44.71
C ASN B 710 -30.41 -10.17 -45.19
N TYR B 711 -30.24 -10.32 -46.51
CA TYR B 711 -29.82 -11.56 -47.17
C TYR B 711 -30.92 -12.62 -47.21
N ASN B 712 -32.13 -12.29 -46.79
CA ASN B 712 -33.24 -13.24 -46.88
C ASN B 712 -34.58 -12.51 -46.92
N GLY B 718 -33.31 -22.64 -52.43
CA GLY B 718 -34.08 -21.42 -52.23
C GLY B 718 -33.29 -20.43 -51.38
N LYS B 719 -32.85 -20.88 -50.21
CA LYS B 719 -32.09 -20.02 -49.32
C LYS B 719 -30.78 -19.59 -49.97
N PHE B 720 -30.00 -20.56 -50.46
CA PHE B 720 -28.72 -20.24 -51.08
C PHE B 720 -28.90 -19.38 -52.30
N ALA B 721 -29.92 -19.66 -53.12
CA ALA B 721 -30.14 -18.88 -54.32
C ALA B 721 -30.44 -17.43 -53.98
N TYR B 722 -31.29 -17.20 -52.98
CA TYR B 722 -31.62 -15.83 -52.59
C TYR B 722 -30.41 -15.11 -52.04
N ILE B 723 -29.61 -15.77 -51.20
CA ILE B 723 -28.41 -15.13 -50.67
C ILE B 723 -27.45 -14.79 -51.81
N ALA B 724 -27.26 -15.72 -52.75
CA ALA B 724 -26.38 -15.47 -53.88
C ALA B 724 -26.87 -14.30 -54.71
N LYS B 725 -28.18 -14.22 -54.95
CA LYS B 725 -28.72 -13.08 -55.69
C LYS B 725 -28.49 -11.77 -54.95
N GLN B 726 -28.64 -11.79 -53.62
CA GLN B 726 -28.34 -10.59 -52.85
C GLN B 726 -26.89 -10.19 -53.02
N ILE B 727 -25.98 -11.16 -53.02
CA ILE B 727 -24.57 -10.86 -53.24
C ILE B 727 -24.36 -10.25 -54.62
N VAL B 728 -25.00 -10.82 -55.65
CA VAL B 728 -24.80 -10.36 -57.01
C VAL B 728 -25.59 -9.09 -57.28
N PHE B 729 -26.86 -9.05 -56.88
CA PHE B 729 -27.77 -7.97 -57.28
C PHE B 729 -28.37 -7.21 -56.11
N GLY B 730 -28.78 -7.89 -55.05
CA GLY B 730 -29.55 -7.22 -54.02
C GLY B 730 -28.80 -6.11 -53.31
N LEU B 731 -27.52 -6.34 -53.01
CA LEU B 731 -26.73 -5.33 -52.31
C LEU B 731 -26.49 -4.07 -53.13
N TRP B 732 -26.79 -4.10 -54.42
CA TRP B 732 -26.44 -3.00 -55.31
C TRP B 732 -27.67 -2.46 -56.03
N TRP B 745 -27.28 4.34 -45.10
CA TRP B 745 -26.65 3.03 -45.10
C TRP B 745 -25.95 2.75 -46.42
N TYR B 746 -26.75 2.46 -47.45
CA TYR B 746 -26.22 2.10 -48.76
C TYR B 746 -25.62 3.28 -49.50
N LYS B 747 -25.84 4.50 -49.03
CA LYS B 747 -25.20 5.66 -49.64
C LYS B 747 -23.69 5.61 -49.54
N SER B 748 -23.13 4.75 -48.68
CA SER B 748 -21.70 4.59 -48.62
C SER B 748 -21.14 3.87 -49.84
N PHE B 749 -22.00 3.31 -50.68
CA PHE B 749 -21.59 2.71 -51.95
C PHE B 749 -21.66 3.70 -53.11
N ASP B 750 -21.83 4.99 -52.82
CA ASP B 750 -22.11 5.96 -53.87
C ASP B 750 -20.99 6.05 -54.89
N THR B 751 -19.75 6.23 -54.41
CA THR B 751 -18.58 6.33 -55.27
C THR B 751 -18.62 7.65 -56.04
N VAL B 752 -17.46 8.27 -56.28
CA VAL B 752 -17.40 9.53 -57.02
C VAL B 752 -17.34 9.33 -58.52
N PHE B 753 -17.20 8.10 -58.99
CA PHE B 753 -17.01 7.82 -60.40
C PHE B 753 -18.26 7.38 -61.13
N GLY B 754 -19.26 6.84 -60.43
CA GLY B 754 -20.42 6.28 -61.08
C GLY B 754 -21.69 6.52 -60.28
N THR B 755 -22.81 6.23 -60.93
CA THR B 755 -24.13 6.34 -60.32
C THR B 755 -24.49 5.10 -59.51
N LYS B 756 -24.28 3.91 -60.07
CA LYS B 756 -24.61 2.66 -59.41
C LYS B 756 -23.32 1.90 -59.20
N ILE B 757 -23.42 0.71 -58.63
CA ILE B 757 -22.25 -0.14 -58.45
C ILE B 757 -22.62 -1.56 -58.84
N GLU B 758 -21.86 -2.12 -59.79
CA GLU B 758 -21.95 -3.53 -60.10
C GLU B 758 -21.13 -4.32 -59.09
N ALA B 759 -21.21 -5.65 -59.19
CA ALA B 759 -20.39 -6.53 -58.38
C ALA B 759 -19.28 -7.18 -59.19
N LEU B 760 -19.63 -7.78 -60.33
CA LEU B 760 -18.65 -8.36 -61.23
C LEU B 760 -19.31 -8.47 -62.60
N HIS B 761 -18.87 -7.66 -63.56
CA HIS B 761 -19.58 -7.57 -64.83
C HIS B 761 -19.60 -8.89 -65.57
N LEU B 762 -18.59 -9.74 -65.36
CA LEU B 762 -18.54 -10.99 -66.12
C LEU B 762 -19.72 -11.89 -65.80
N LEU B 763 -20.24 -11.83 -64.56
CA LEU B 763 -21.43 -12.60 -64.24
C LEU B 763 -22.58 -12.27 -65.18
N VAL B 764 -22.63 -11.03 -65.69
CA VAL B 764 -23.61 -10.68 -66.70
C VAL B 764 -23.40 -11.52 -67.95
N ASP B 765 -22.17 -11.51 -68.47
CA ASP B 765 -21.90 -12.24 -69.71
C ASP B 765 -22.17 -13.73 -69.54
N ILE B 766 -21.75 -14.29 -68.41
CA ILE B 766 -22.04 -15.69 -68.15
C ILE B 766 -23.54 -15.93 -68.20
N ALA B 767 -24.33 -15.05 -67.60
CA ALA B 767 -25.78 -15.21 -67.65
C ALA B 767 -26.26 -15.30 -69.10
N GLU B 768 -25.68 -14.48 -69.97
CA GLU B 768 -26.05 -14.53 -71.38
C GLU B 768 -25.93 -15.94 -71.93
N GLN B 769 -24.81 -16.61 -71.65
CA GLN B 769 -24.63 -17.96 -72.17
C GLN B 769 -25.72 -18.89 -71.65
N ILE B 770 -26.16 -18.69 -70.41
CA ILE B 770 -27.25 -19.50 -69.89
C ILE B 770 -28.50 -19.31 -70.75
N LYS B 771 -28.79 -18.07 -71.14
CA LYS B 771 -29.93 -17.84 -72.04
C LYS B 771 -29.78 -18.65 -73.31
N ILE B 772 -28.55 -18.80 -73.81
CA ILE B 772 -28.33 -19.59 -75.02
C ILE B 772 -28.58 -21.07 -74.73
N SER B 773 -28.21 -21.53 -73.53
CA SER B 773 -28.36 -22.93 -73.18
C SER B 773 -29.80 -23.31 -72.84
N ASP B 774 -30.70 -22.34 -72.68
CA ASP B 774 -32.08 -22.61 -72.36
C ASP B 774 -33.01 -21.89 -73.33
N GLU B 786 -34.38 -2.34 -65.34
CA GLU B 786 -33.92 -3.02 -64.13
C GLU B 786 -34.30 -4.49 -64.16
N GLN B 787 -35.38 -4.79 -64.89
CA GLN B 787 -35.90 -6.15 -64.93
C GLN B 787 -34.89 -7.11 -65.55
N LYS B 788 -34.21 -6.68 -66.62
CA LYS B 788 -33.24 -7.55 -67.27
C LYS B 788 -32.05 -7.86 -66.36
N ARG B 789 -31.54 -6.83 -65.66
CA ARG B 789 -30.45 -7.09 -64.71
C ARG B 789 -30.90 -8.03 -63.60
N ASP B 790 -32.11 -7.86 -63.10
CA ASP B 790 -32.63 -8.77 -62.08
C ASP B 790 -32.72 -10.21 -62.61
N GLU B 791 -33.22 -10.37 -63.83
CA GLU B 791 -33.40 -11.70 -64.41
C GLU B 791 -32.05 -12.39 -64.63
N GLN B 792 -31.05 -11.66 -65.15
CA GLN B 792 -29.72 -12.26 -65.32
C GLN B 792 -29.11 -12.64 -63.98
N ALA B 793 -29.20 -11.75 -62.99
CA ALA B 793 -28.66 -12.06 -61.67
C ALA B 793 -29.34 -13.29 -61.08
N LYS B 794 -30.65 -13.42 -61.27
CA LYS B 794 -31.31 -14.67 -60.92
C LYS B 794 -30.71 -15.88 -61.61
N LYS B 795 -30.53 -15.80 -62.92
CA LYS B 795 -29.98 -16.96 -63.61
C LYS B 795 -28.68 -17.38 -62.94
N VAL B 796 -27.84 -16.41 -62.63
CA VAL B 796 -26.55 -16.73 -62.04
C VAL B 796 -26.73 -17.33 -60.64
N ALA B 797 -27.68 -16.80 -59.87
CA ALA B 797 -27.92 -17.32 -58.52
C ALA B 797 -28.45 -18.75 -58.56
N GLU B 798 -29.42 -19.02 -59.47
CA GLU B 798 -29.92 -20.38 -59.71
C GLU B 798 -28.82 -21.34 -60.13
N LYS B 799 -27.95 -20.93 -61.07
CA LYS B 799 -26.87 -21.82 -61.48
C LYS B 799 -25.93 -22.09 -60.31
N LEU B 800 -25.61 -21.05 -59.53
CA LEU B 800 -24.73 -21.23 -58.38
C LEU B 800 -25.37 -22.12 -57.32
N ALA B 801 -26.68 -21.97 -57.12
CA ALA B 801 -27.39 -22.81 -56.16
C ALA B 801 -27.42 -24.26 -56.62
N ALA B 802 -27.60 -24.50 -57.91
CA ALA B 802 -27.53 -25.86 -58.43
C ALA B 802 -26.16 -26.46 -58.19
N ILE B 803 -25.10 -25.68 -58.45
CA ILE B 803 -23.75 -26.16 -58.16
C ILE B 803 -23.61 -26.46 -56.68
N TYR B 804 -24.09 -25.57 -55.83
CA TYR B 804 -23.98 -25.76 -54.38
C TYR B 804 -24.68 -27.02 -53.92
N HIS B 805 -25.89 -27.27 -54.42
CA HIS B 805 -26.61 -28.46 -54.02
C HIS B 805 -25.96 -29.72 -54.58
N HIS B 806 -25.37 -29.64 -55.77
CA HIS B 806 -24.70 -30.82 -56.34
C HIS B 806 -23.51 -31.24 -55.50
N ILE B 807 -22.73 -30.28 -55.01
CA ILE B 807 -21.50 -30.59 -54.29
C ILE B 807 -21.80 -30.73 -52.79
N GLY B 808 -23.08 -30.75 -52.43
CA GLY B 808 -23.45 -31.02 -51.07
C GLY B 808 -23.31 -32.49 -50.72
N MET B 809 -23.07 -32.78 -49.45
CA MET B 809 -22.87 -34.15 -49.02
C MET B 809 -24.14 -34.97 -49.13
N SER B 810 -25.30 -34.31 -49.05
CA SER B 810 -26.58 -35.00 -49.12
C SER B 810 -26.76 -35.65 -50.48
N ARG B 811 -26.36 -34.94 -51.54
CA ARG B 811 -26.43 -35.47 -52.90
C ARG B 811 -25.32 -36.50 -53.14
N ILE B 812 -24.11 -36.22 -52.66
CA ILE B 812 -22.98 -37.10 -52.95
C ILE B 812 -23.20 -38.48 -52.35
N LEU B 813 -23.70 -38.53 -51.12
CA LEU B 813 -23.98 -39.79 -50.44
C LEU B 813 -25.40 -40.30 -50.71
N SER B 814 -26.09 -39.71 -51.68
CA SER B 814 -27.46 -40.12 -51.97
C SER B 814 -27.53 -41.57 -52.43
N ARG B 815 -26.51 -42.04 -53.15
CA ARG B 815 -26.50 -43.41 -53.65
C ARG B 815 -26.06 -44.42 -52.60
N LEU B 816 -25.48 -43.96 -51.49
CA LEU B 816 -25.08 -44.86 -50.42
C LEU B 816 -26.21 -45.16 -49.44
N HIS B 817 -27.38 -44.54 -49.61
CA HIS B 817 -28.53 -44.90 -48.80
C HIS B 817 -28.97 -46.31 -49.14
N GLN B 818 -29.71 -46.91 -48.22
CA GLN B 818 -30.18 -48.30 -48.29
C GLN B 818 -29.04 -49.30 -48.11
N LEU B 819 -27.83 -48.84 -47.81
CA LEU B 819 -26.69 -49.72 -47.58
C LEU B 819 -26.36 -49.72 -46.08
N PRO B 820 -26.43 -50.85 -45.40
CA PRO B 820 -26.08 -50.86 -43.98
C PRO B 820 -24.62 -50.51 -43.75
N PHE B 821 -24.37 -49.83 -42.62
CA PHE B 821 -23.03 -49.44 -42.24
C PHE B 821 -22.85 -49.65 -40.74
N ILE B 822 -21.60 -49.87 -40.34
CA ILE B 822 -21.27 -49.92 -38.93
C ILE B 822 -21.44 -48.53 -38.33
N ALA B 823 -21.80 -48.48 -37.05
CA ALA B 823 -22.10 -47.19 -36.43
C ALA B 823 -20.83 -46.49 -35.95
N GLU B 824 -19.82 -46.38 -36.82
CA GLU B 824 -18.72 -45.44 -36.61
C GLU B 824 -18.35 -44.67 -37.87
N ILE B 825 -18.66 -45.20 -39.06
CA ILE B 825 -18.29 -44.53 -40.31
C ILE B 825 -19.30 -43.48 -40.72
N LYS B 826 -20.50 -43.46 -40.11
CA LYS B 826 -21.47 -42.43 -40.44
C LYS B 826 -20.93 -41.03 -40.11
N SER B 827 -20.03 -40.95 -39.14
CA SER B 827 -19.35 -39.69 -38.81
C SER B 827 -18.02 -39.54 -39.54
N ASN B 828 -17.87 -40.20 -40.69
CA ASN B 828 -16.66 -40.20 -41.50
C ASN B 828 -17.01 -39.93 -42.96
N LYS B 829 -17.78 -38.86 -43.18
CA LYS B 829 -18.38 -38.61 -44.48
C LYS B 829 -17.35 -38.60 -45.60
N GLU B 830 -16.11 -38.21 -45.31
CA GLU B 830 -15.08 -38.22 -46.35
C GLU B 830 -14.83 -39.62 -46.88
N LEU B 831 -14.71 -40.60 -45.98
CA LEU B 831 -14.50 -41.97 -46.41
C LEU B 831 -15.71 -42.51 -47.17
N LEU B 832 -16.92 -42.13 -46.74
CA LEU B 832 -18.12 -42.53 -47.45
C LEU B 832 -18.14 -41.95 -48.87
N GLN B 833 -17.73 -40.69 -49.01
CA GLN B 833 -17.64 -40.09 -50.33
C GLN B 833 -16.62 -40.81 -51.20
N HIS B 834 -15.48 -41.15 -50.62
CA HIS B 834 -14.48 -41.94 -51.35
C HIS B 834 -15.08 -43.27 -51.79
N PHE B 835 -15.89 -43.89 -50.93
CA PHE B 835 -16.51 -45.17 -51.26
C PHE B 835 -17.51 -45.02 -52.41
N SER B 836 -18.30 -43.95 -52.40
CA SER B 836 -19.20 -43.68 -53.52
C SER B 836 -18.40 -43.52 -54.81
N GLU B 837 -17.32 -42.74 -54.74
CA GLU B 837 -16.50 -42.52 -55.92
C GLU B 837 -15.94 -43.83 -56.44
N ALA B 838 -15.48 -44.70 -55.53
CA ALA B 838 -14.96 -46.00 -55.93
C ALA B 838 -16.03 -46.85 -56.57
N ILE B 839 -17.27 -46.77 -56.07
CA ILE B 839 -18.36 -47.53 -56.67
C ILE B 839 -18.57 -47.08 -58.11
N VAL B 840 -18.69 -45.77 -58.33
CA VAL B 840 -18.89 -45.27 -59.68
C VAL B 840 -17.70 -45.64 -60.57
N LYS B 841 -16.49 -45.52 -60.04
CA LYS B 841 -15.28 -45.79 -60.82
C LYS B 841 -15.18 -47.26 -61.18
N LEU B 842 -15.64 -48.15 -60.30
CA LEU B 842 -15.62 -49.57 -60.61
C LEU B 842 -16.67 -49.92 -61.66
N GLU B 843 -17.85 -49.31 -61.57
CA GLU B 843 -18.90 -49.63 -62.53
C GLU B 843 -18.72 -48.92 -63.88
N LYS B 844 -17.84 -47.92 -63.97
CA LYS B 844 -17.60 -47.28 -65.27
C LYS B 844 -16.59 -48.01 -66.13
N TYR B 845 -15.65 -48.75 -65.52
CA TYR B 845 -14.67 -49.50 -66.29
C TYR B 845 -15.17 -50.88 -66.69
N ALA B 846 -16.18 -51.41 -66.00
CA ALA B 846 -16.76 -52.72 -66.32
C ALA B 846 -18.16 -52.64 -66.88
N SER B 847 -18.89 -51.54 -66.65
CA SER B 847 -20.24 -51.36 -67.16
C SER B 847 -21.15 -52.50 -66.69
N ASP B 848 -21.32 -52.59 -65.37
CA ASP B 848 -22.13 -53.62 -64.76
C ASP B 848 -23.26 -53.09 -63.90
N THR B 849 -23.33 -51.78 -63.66
CA THR B 849 -24.45 -51.16 -62.95
C THR B 849 -24.64 -51.77 -61.56
N ILE B 850 -23.63 -51.54 -60.72
CA ILE B 850 -23.62 -52.04 -59.35
C ILE B 850 -24.90 -51.61 -58.65
N ASN B 851 -25.67 -52.59 -58.18
CA ASN B 851 -26.91 -52.30 -57.46
C ASN B 851 -26.59 -51.99 -56.00
N VAL B 852 -27.29 -50.99 -55.45
CA VAL B 852 -27.08 -50.57 -54.08
C VAL B 852 -28.40 -50.56 -53.32
N GLY B 853 -29.35 -51.39 -53.75
CA GLY B 853 -30.62 -51.49 -53.05
C GLY B 853 -30.45 -52.00 -51.62
N ASN B 854 -29.48 -52.88 -51.41
CA ASN B 854 -29.16 -53.39 -50.08
C ASN B 854 -27.81 -54.11 -50.20
N LEU B 855 -27.35 -54.65 -49.07
CA LEU B 855 -26.07 -55.36 -49.09
C LEU B 855 -26.12 -56.60 -49.96
N SER B 856 -27.29 -57.26 -50.04
CA SER B 856 -27.43 -58.43 -50.89
C SER B 856 -27.25 -58.06 -52.37
N GLN B 857 -27.89 -56.97 -52.80
CA GLN B 857 -27.74 -56.53 -54.18
C GLN B 857 -26.31 -56.11 -54.47
N PHE B 858 -25.69 -55.39 -53.53
CA PHE B 858 -24.29 -55.02 -53.69
C PHE B 858 -23.41 -56.25 -53.83
N ARG B 859 -23.69 -57.29 -53.04
CA ARG B 859 -22.90 -58.52 -53.11
C ARG B 859 -23.11 -59.21 -54.46
N GLU B 860 -24.36 -59.28 -54.96
CA GLU B 860 -24.56 -59.91 -56.26
C GLU B 860 -23.79 -59.17 -57.34
N SER B 861 -23.87 -57.84 -57.32
CA SER B 861 -23.15 -57.05 -58.31
C SER B 861 -21.65 -57.28 -58.21
N LEU B 862 -21.12 -57.33 -56.99
CA LEU B 862 -19.68 -57.52 -56.82
C LEU B 862 -19.25 -58.88 -57.35
N LYS B 863 -20.05 -59.93 -57.14
CA LYS B 863 -19.66 -61.21 -57.71
C LYS B 863 -19.75 -61.21 -59.22
N LYS B 864 -20.77 -60.57 -59.77
CA LYS B 864 -20.84 -60.45 -61.22
C LYS B 864 -19.58 -59.79 -61.77
N ILE B 865 -19.09 -58.74 -61.11
CA ILE B 865 -17.87 -58.09 -61.55
C ILE B 865 -16.67 -59.01 -61.34
N GLY B 866 -16.64 -59.75 -60.23
CA GLY B 866 -15.53 -60.63 -59.91
C GLY B 866 -15.48 -61.89 -60.74
N GLN B 867 -16.54 -62.19 -61.49
CA GLN B 867 -16.51 -63.34 -62.39
C GLN B 867 -15.40 -63.21 -63.42
N THR B 868 -14.93 -61.99 -63.69
CA THR B 868 -13.85 -61.74 -64.63
C THR B 868 -12.61 -61.19 -63.95
N TYR B 869 -12.74 -60.12 -63.16
CA TYR B 869 -11.59 -59.51 -62.51
C TYR B 869 -11.24 -60.27 -61.24
N PRO B 870 -10.05 -60.87 -61.13
CA PRO B 870 -9.71 -61.58 -59.88
C PRO B 870 -9.64 -60.69 -58.67
N SER B 871 -9.36 -59.39 -58.83
CA SER B 871 -9.19 -58.50 -57.68
C SER B 871 -10.51 -58.18 -56.99
N ILE B 872 -11.64 -58.34 -57.67
CA ILE B 872 -12.92 -58.09 -57.04
C ILE B 872 -13.40 -59.33 -56.28
N GLN B 873 -12.95 -60.52 -56.68
CA GLN B 873 -13.32 -61.73 -55.96
C GLN B 873 -12.79 -61.72 -54.54
N VAL B 874 -11.66 -61.06 -54.30
CA VAL B 874 -11.13 -60.95 -52.94
C VAL B 874 -12.10 -60.17 -52.05
N LEU B 875 -12.58 -59.02 -52.55
CA LEU B 875 -13.56 -58.26 -51.81
C LEU B 875 -14.85 -59.05 -51.61
N VAL B 876 -15.27 -59.77 -52.65
CA VAL B 876 -16.45 -60.61 -52.55
C VAL B 876 -16.29 -61.61 -51.41
N ASP B 877 -15.15 -62.31 -51.39
CA ASP B 877 -14.93 -63.33 -50.37
C ASP B 877 -14.88 -62.72 -48.97
N LYS B 878 -14.27 -61.55 -48.82
CA LYS B 878 -14.20 -60.92 -47.51
C LYS B 878 -15.51 -60.24 -47.12
N LEU B 879 -16.48 -60.17 -48.03
CA LEU B 879 -17.83 -59.70 -47.71
C LEU B 879 -18.85 -60.85 -47.74
N HIS B 880 -18.45 -62.05 -47.33
CA HIS B 880 -19.35 -63.21 -47.41
C HIS B 880 -20.47 -63.10 -46.40
N ARG B 881 -20.10 -63.20 -45.12
CA ARG B 881 -21.01 -63.41 -44.00
C ARG B 881 -21.33 -62.11 -43.29
N LYS B 882 -20.80 -61.00 -43.79
CA LYS B 882 -20.99 -59.71 -43.15
C LYS B 882 -22.41 -59.20 -43.37
N GLN B 883 -23.03 -58.74 -42.28
CA GLN B 883 -24.35 -58.14 -42.28
C GLN B 883 -24.37 -56.66 -42.64
N LYS B 884 -23.23 -55.98 -42.54
CA LYS B 884 -23.16 -54.56 -42.82
C LYS B 884 -21.79 -54.23 -43.39
N LEU B 885 -21.65 -52.99 -43.86
CA LEU B 885 -20.40 -52.54 -44.43
C LEU B 885 -19.50 -51.98 -43.34
N TYR B 886 -18.31 -52.54 -43.28
CA TYR B 886 -17.31 -52.35 -42.24
C TYR B 886 -16.17 -51.50 -42.78
N VAL B 887 -15.48 -50.82 -41.87
CA VAL B 887 -14.50 -49.83 -42.30
C VAL B 887 -13.40 -50.47 -43.15
N GLU B 888 -12.89 -51.63 -42.73
CA GLU B 888 -11.78 -52.21 -43.48
C GLU B 888 -12.23 -52.60 -44.87
N PHE B 889 -13.44 -53.14 -45.01
CA PHE B 889 -13.89 -53.55 -46.33
C PHE B 889 -14.00 -52.35 -47.24
N ILE B 890 -14.48 -51.22 -46.72
CA ILE B 890 -14.56 -50.01 -47.52
C ILE B 890 -13.18 -49.54 -47.93
N GLN B 891 -12.21 -49.56 -46.99
CA GLN B 891 -10.85 -49.15 -47.33
C GLN B 891 -10.24 -50.07 -48.38
N ASP B 892 -10.46 -51.38 -48.24
CA ASP B 892 -9.95 -52.35 -49.21
C ASP B 892 -10.61 -52.15 -50.56
N PHE B 893 -11.90 -51.83 -50.57
CA PHE B 893 -12.59 -51.49 -51.81
C PHE B 893 -11.95 -50.28 -52.47
N ILE B 894 -11.66 -49.25 -51.68
CA ILE B 894 -11.00 -48.06 -52.21
C ILE B 894 -9.67 -48.43 -52.85
N GLU B 895 -8.84 -49.19 -52.12
CA GLU B 895 -7.54 -49.60 -52.64
C GLU B 895 -7.68 -50.40 -53.93
N THR B 896 -8.52 -51.44 -53.91
CA THR B 896 -8.67 -52.31 -55.07
C THR B 896 -9.13 -51.53 -56.28
N VAL B 897 -10.15 -50.69 -56.12
CA VAL B 897 -10.66 -49.92 -57.25
C VAL B 897 -9.61 -48.91 -57.71
N ASN B 898 -8.83 -48.34 -56.78
CA ASN B 898 -7.82 -47.36 -57.16
C ASN B 898 -6.75 -48.00 -58.05
N LYS B 899 -6.28 -49.20 -57.70
CA LYS B 899 -5.25 -49.85 -58.51
C LYS B 899 -5.83 -50.72 -59.62
N LEU B 900 -7.15 -50.69 -59.81
CA LEU B 900 -7.84 -51.43 -60.85
C LEU B 900 -7.81 -50.70 -62.20
N ASN C 28 55.42 -5.70 -31.29
CA ASN C 28 54.12 -6.38 -31.36
C ASN C 28 53.10 -5.67 -30.47
N TYR C 29 52.83 -4.40 -30.77
CA TYR C 29 51.86 -3.65 -29.98
C TYR C 29 50.49 -4.31 -30.06
N ILE C 30 49.80 -4.35 -28.92
CA ILE C 30 48.67 -5.25 -28.76
C ILE C 30 47.36 -4.58 -29.18
N PHE C 31 47.32 -3.24 -29.19
CA PHE C 31 46.22 -2.47 -29.76
C PHE C 31 46.53 -1.98 -31.17
N SER C 32 47.32 -2.75 -31.94
CA SER C 32 47.72 -2.28 -33.26
C SER C 32 46.51 -2.07 -34.15
N SER C 33 45.54 -2.98 -34.10
CA SER C 33 44.36 -2.87 -34.95
C SER C 33 43.61 -1.58 -34.67
N GLN C 34 43.45 -1.24 -33.38
CA GLN C 34 42.76 -0.01 -33.02
C GLN C 34 43.51 1.22 -33.50
N LEU C 35 44.84 1.22 -33.39
CA LEU C 35 45.62 2.34 -33.87
C LEU C 35 45.49 2.50 -35.39
N ASP C 36 45.54 1.38 -36.11
CA ASP C 36 45.35 1.45 -37.57
C ASP C 36 43.97 1.99 -37.91
N LYS C 37 42.94 1.56 -37.17
CA LYS C 37 41.59 2.06 -37.42
C LYS C 37 41.48 3.55 -37.13
N VAL C 38 42.12 4.02 -36.06
CA VAL C 38 42.16 5.45 -35.76
C VAL C 38 42.76 6.21 -36.92
N ASN C 39 43.88 5.69 -37.44
CA ASN C 39 44.58 6.35 -38.52
C ASN C 39 43.74 6.35 -39.79
N LEU C 40 42.98 5.27 -40.03
CA LEU C 40 42.05 5.24 -41.15
C LEU C 40 40.95 6.29 -40.99
N ILE C 41 40.43 6.43 -39.78
CA ILE C 41 39.39 7.44 -39.56
C ILE C 41 39.96 8.82 -39.85
N LEU C 42 41.15 9.10 -39.31
CA LEU C 42 41.82 10.39 -39.52
C LEU C 42 42.08 10.62 -41.01
N GLU C 43 42.52 9.58 -41.70
CA GLU C 43 42.67 9.63 -43.14
C GLU C 43 41.38 10.03 -43.84
N HIS C 44 40.25 9.36 -43.51
CA HIS C 44 39.01 9.63 -44.21
C HIS C 44 38.60 11.07 -44.06
N MET C 45 38.73 11.61 -42.82
CA MET C 45 38.31 12.99 -42.56
C MET C 45 39.28 14.05 -43.06
N ASP C 46 40.54 13.69 -43.27
CA ASP C 46 41.50 14.67 -43.74
C ASP C 46 41.16 15.17 -45.14
N THR C 47 40.49 14.35 -45.95
CA THR C 47 40.13 14.78 -47.30
C THR C 47 39.16 15.95 -47.25
N VAL C 48 38.18 15.90 -46.36
CA VAL C 48 37.18 16.96 -46.22
C VAL C 48 37.76 18.07 -45.35
N GLY C 49 37.74 19.30 -45.86
CA GLY C 49 38.24 20.44 -45.12
C GLY C 49 37.26 21.59 -45.09
N GLY C 50 35.97 21.28 -45.01
CA GLY C 50 34.94 22.30 -45.06
C GLY C 50 34.25 22.51 -43.72
N ILE C 51 35.02 22.50 -42.64
CA ILE C 51 34.47 22.70 -41.30
C ILE C 51 33.37 21.66 -41.07
N HIS C 52 33.77 20.42 -40.83
CA HIS C 52 32.86 19.30 -40.67
C HIS C 52 33.00 18.72 -39.26
N SER C 53 31.91 18.11 -38.80
CA SER C 53 31.90 17.48 -37.48
C SER C 53 32.61 16.15 -37.55
N ARG C 54 33.69 16.01 -36.79
CA ARG C 54 34.48 14.79 -36.78
C ARG C 54 34.97 14.54 -35.36
N ASN C 55 34.57 13.40 -34.80
CA ASN C 55 34.95 13.03 -33.45
C ASN C 55 35.17 11.52 -33.38
N ILE C 56 35.95 11.10 -32.39
CA ILE C 56 36.31 9.70 -32.18
C ILE C 56 35.99 9.33 -30.74
N ALA C 57 35.51 8.12 -30.53
CA ALA C 57 35.12 7.64 -29.21
C ALA C 57 35.82 6.30 -28.93
N ILE C 58 36.79 6.32 -28.03
CA ILE C 58 37.54 5.12 -27.66
C ILE C 58 36.86 4.49 -26.44
N THR C 59 36.61 3.19 -26.51
CA THR C 59 35.98 2.45 -25.42
C THR C 59 36.77 1.20 -25.11
N GLY C 60 36.73 0.79 -23.84
CA GLY C 60 37.39 -0.42 -23.40
C GLY C 60 38.47 -0.19 -22.36
N ASP C 61 39.39 -1.15 -22.22
CA ASP C 61 40.43 -1.09 -21.21
C ASP C 61 41.75 -0.70 -21.88
N ARG C 62 41.90 0.61 -22.09
CA ARG C 62 43.07 1.17 -22.75
C ARG C 62 44.10 1.70 -21.75
N GLY C 63 44.52 0.90 -20.78
CA GLY C 63 45.30 1.45 -19.69
C GLY C 63 46.37 0.58 -19.07
N THR C 64 46.79 0.99 -17.86
CA THR C 64 47.72 0.27 -17.00
C THR C 64 49.16 0.80 -17.15
N GLY C 65 50.11 -0.08 -17.44
CA GLY C 65 51.50 0.24 -17.14
C GLY C 65 52.19 1.24 -18.03
N LYS C 66 52.48 0.86 -19.28
CA LYS C 66 53.23 1.72 -20.18
C LYS C 66 52.77 1.65 -21.62
N THR C 67 51.71 0.91 -21.93
CA THR C 67 51.18 0.78 -23.28
C THR C 67 49.74 1.25 -23.34
N SER C 68 49.39 2.24 -22.52
CA SER C 68 48.06 2.82 -22.56
C SER C 68 47.79 3.43 -23.93
N PHE C 69 46.62 3.12 -24.49
CA PHE C 69 46.33 3.51 -25.86
C PHE C 69 46.28 5.03 -26.02
N ILE C 70 46.03 5.77 -24.94
CA ILE C 70 45.78 7.20 -25.08
C ILE C 70 47.09 7.98 -25.25
N GLU C 71 48.05 7.78 -24.36
CA GLU C 71 49.34 8.47 -24.53
C GLU C 71 49.99 8.04 -25.84
N THR C 72 49.93 6.75 -26.11
CA THR C 72 50.56 6.17 -27.29
C THR C 72 49.91 6.73 -28.57
N LEU C 73 48.58 6.86 -28.56
CA LEU C 73 47.88 7.51 -29.66
C LEU C 73 48.27 8.98 -29.78
N LYS C 74 48.37 9.69 -28.66
CA LYS C 74 48.77 11.09 -28.71
C LYS C 74 50.11 11.24 -29.39
N LEU C 75 51.05 10.36 -29.05
CA LEU C 75 52.37 10.38 -29.64
C LEU C 75 52.31 10.11 -31.14
N VAL C 76 51.54 9.09 -31.54
CA VAL C 76 51.34 8.80 -32.96
C VAL C 76 50.81 10.04 -33.69
N LEU C 77 49.82 10.71 -33.09
CA LEU C 77 49.27 11.91 -33.70
C LEU C 77 50.30 13.03 -33.76
N GLU C 78 51.12 13.16 -32.73
CA GLU C 78 52.17 14.18 -32.74
C GLU C 78 53.08 14.01 -33.94
N LYS C 79 53.49 12.77 -34.25
CA LYS C 79 54.44 12.65 -35.34
C LYS C 79 53.78 12.67 -36.72
N GLN C 80 52.46 12.77 -36.80
CA GLN C 80 51.78 12.99 -38.07
C GLN C 80 51.46 14.44 -38.36
N ASN C 81 52.11 15.41 -37.70
CA ASN C 81 51.66 16.80 -37.83
C ASN C 81 50.18 16.99 -37.47
N TYR C 82 49.75 16.39 -36.38
CA TYR C 82 48.55 16.83 -35.68
C TYR C 82 48.97 17.51 -34.37
N TYR C 83 48.52 18.75 -34.18
CA TYR C 83 48.72 19.41 -32.90
C TYR C 83 47.73 18.85 -31.89
N VAL C 84 48.24 18.31 -30.79
CA VAL C 84 47.43 17.66 -29.78
C VAL C 84 47.48 18.51 -28.52
N PHE C 85 46.31 18.99 -28.08
CA PHE C 85 46.24 19.69 -26.81
C PHE C 85 46.61 18.74 -25.67
N ASP C 86 47.19 19.29 -24.62
CA ASP C 86 47.54 18.46 -23.47
C ASP C 86 46.30 17.78 -22.94
N ILE C 87 46.44 16.49 -22.64
CA ILE C 87 45.28 15.63 -22.43
C ILE C 87 44.42 16.18 -21.31
N VAL C 88 43.11 16.23 -21.55
CA VAL C 88 42.14 16.69 -20.56
C VAL C 88 41.82 15.51 -19.64
N SER C 89 42.37 15.53 -18.44
CA SER C 89 42.17 14.47 -17.47
C SER C 89 41.03 14.81 -16.52
N PRO C 90 40.61 13.87 -15.69
CA PRO C 90 39.63 14.22 -14.64
C PRO C 90 40.11 15.33 -13.74
N THR C 91 41.43 15.48 -13.57
CA THR C 91 41.95 16.61 -12.83
C THR C 91 41.57 17.93 -13.50
N VAL C 92 41.68 17.98 -14.83
CA VAL C 92 41.32 19.20 -15.55
C VAL C 92 39.82 19.45 -15.47
N LEU C 93 39.02 18.39 -15.63
CA LEU C 93 37.57 18.55 -15.59
C LEU C 93 37.08 18.92 -14.20
N SER C 94 37.80 18.55 -13.15
CA SER C 94 37.42 18.89 -11.80
C SER C 94 37.61 20.38 -11.51
N SER C 95 38.25 21.11 -12.41
CA SER C 95 38.42 22.55 -12.24
C SER C 95 37.10 23.31 -12.29
N HIS C 96 36.02 22.66 -12.73
CA HIS C 96 34.69 23.25 -12.89
C HIS C 96 34.65 24.25 -14.03
N LEU C 97 35.70 24.34 -14.84
CA LEU C 97 35.71 25.17 -16.04
C LEU C 97 35.19 24.36 -17.23
N ASN C 98 34.46 25.03 -18.11
CA ASN C 98 33.97 24.37 -19.29
C ASN C 98 35.12 24.10 -20.26
N ILE C 99 34.88 23.19 -21.22
CA ILE C 99 35.95 22.75 -22.11
C ILE C 99 36.47 23.90 -22.95
N LEU C 100 35.61 24.89 -23.26
CA LEU C 100 36.08 26.04 -24.02
C LEU C 100 37.12 26.83 -23.24
N GLU C 101 36.88 27.05 -21.93
CA GLU C 101 37.85 27.74 -21.11
C GLU C 101 39.17 27.00 -21.07
N ILE C 102 39.11 25.67 -20.93
CA ILE C 102 40.33 24.86 -20.91
C ILE C 102 41.08 25.01 -22.23
N VAL C 103 40.36 24.94 -23.34
CA VAL C 103 40.99 25.01 -24.65
C VAL C 103 41.66 26.37 -24.86
N ILE C 104 40.96 27.46 -24.51
CA ILE C 104 41.54 28.78 -24.71
C ILE C 104 42.72 29.01 -23.76
N SER C 105 42.65 28.48 -22.54
CA SER C 105 43.79 28.58 -21.64
C SER C 105 44.99 27.84 -22.21
N SER C 106 44.77 26.65 -22.77
CA SER C 106 45.86 25.91 -23.38
C SER C 106 46.44 26.68 -24.56
N ILE C 107 45.58 27.29 -25.38
CA ILE C 107 46.05 28.08 -26.52
C ILE C 107 46.90 29.25 -26.04
N TYR C 108 46.43 29.96 -25.01
CA TYR C 108 47.17 31.11 -24.51
C TYR C 108 48.53 30.68 -23.96
N ARG C 109 48.56 29.57 -23.21
CA ARG C 109 49.83 29.08 -22.69
C ARG C 109 50.78 28.69 -23.81
N GLU C 110 50.26 28.01 -24.84
CA GLU C 110 51.11 27.60 -25.95
C GLU C 110 51.70 28.80 -26.67
N ILE C 111 50.89 29.84 -26.91
CA ILE C 111 51.41 31.02 -27.61
C ILE C 111 52.29 31.87 -26.71
N ASP C 112 52.13 31.80 -25.39
CA ASP C 112 53.01 32.49 -24.47
C ASP C 112 54.31 31.72 -24.23
N GLN C 113 54.36 30.45 -24.59
CA GLN C 113 55.61 29.69 -24.45
C GLN C 113 56.72 30.32 -25.27
N PHE C 114 56.41 30.74 -26.49
CA PHE C 114 57.37 31.39 -27.38
C PHE C 114 56.93 32.83 -27.63
N ILE C 115 57.81 33.58 -28.30
CA ILE C 115 57.54 34.98 -28.62
C ILE C 115 57.79 35.21 -30.11
N ASP C 119 56.18 36.38 -34.78
CA ASP C 119 54.88 36.29 -35.44
C ASP C 119 54.27 37.69 -35.62
N VAL C 120 53.80 38.26 -34.51
CA VAL C 120 53.28 39.63 -34.50
C VAL C 120 52.02 39.75 -35.35
N HIS C 121 52.16 39.49 -36.65
CA HIS C 121 51.04 39.72 -37.57
C HIS C 121 49.83 38.88 -37.20
N ASP C 122 50.04 37.59 -36.94
CA ASP C 122 48.93 36.69 -36.63
C ASP C 122 48.66 36.58 -35.13
N ARG C 123 49.66 36.82 -34.29
CA ARG C 123 49.44 36.68 -32.86
C ARG C 123 48.40 37.69 -32.38
N GLY C 124 48.46 38.92 -32.89
CA GLY C 124 47.53 39.95 -32.46
C GLY C 124 46.08 39.61 -32.76
N ARG C 125 45.83 39.07 -33.94
CA ARG C 125 44.53 38.55 -34.33
C ARG C 125 44.11 37.37 -33.47
N LEU C 126 45.05 36.48 -33.16
CA LEU C 126 44.74 35.40 -32.24
C LEU C 126 44.30 35.96 -30.88
N ILE C 127 44.98 37.00 -30.41
CA ILE C 127 44.65 37.60 -29.11
C ILE C 127 43.28 38.27 -29.18
N GLN C 128 42.99 38.95 -30.30
CA GLN C 128 41.68 39.58 -30.46
C GLN C 128 40.58 38.54 -30.43
N HIS C 129 40.76 37.42 -31.13
CA HIS C 129 39.75 36.37 -31.13
C HIS C 129 39.64 35.71 -29.76
N LEU C 130 40.76 35.59 -29.04
CA LEU C 130 40.69 35.08 -27.67
C LEU C 130 39.87 35.99 -26.79
N LYS C 131 40.06 37.31 -26.93
CA LYS C 131 39.26 38.26 -26.17
C LYS C 131 37.79 38.13 -26.52
N LYS C 132 37.48 37.98 -27.81
CA LYS C 132 36.08 37.82 -28.22
C LYS C 132 35.47 36.56 -27.62
N VAL C 133 36.21 35.46 -27.64
CA VAL C 133 35.69 34.21 -27.08
C VAL C 133 35.47 34.35 -25.58
N MET C 134 36.41 35.01 -24.88
CA MET C 134 36.24 35.24 -23.45
C MET C 134 35.02 36.11 -23.17
N ASN C 135 34.78 37.14 -23.99
CA ASN C 135 33.53 37.88 -23.87
C ASN C 135 32.32 37.00 -24.04
N ALA C 136 32.32 36.15 -25.06
CA ALA C 136 31.17 35.29 -25.29
C ALA C 136 30.92 34.41 -24.08
N ILE C 137 31.99 33.88 -23.49
CA ILE C 137 31.86 33.05 -22.30
C ILE C 137 31.26 33.86 -21.15
N ALA C 138 31.75 35.09 -20.96
CA ALA C 138 31.21 35.93 -19.88
C ALA C 138 29.74 36.25 -20.13
N VAL C 139 29.37 36.53 -21.38
CA VAL C 139 27.98 36.82 -21.72
C VAL C 139 27.10 35.62 -21.39
N GLU C 140 27.54 34.42 -21.77
CA GLU C 140 26.81 33.22 -21.42
C GLU C 140 26.68 33.05 -19.91
N LYS C 141 27.65 33.56 -19.15
CA LYS C 141 27.60 33.47 -17.70
C LYS C 141 26.81 34.61 -17.06
N LYS C 142 26.18 35.46 -17.87
CA LYS C 142 25.43 36.60 -17.35
C LYS C 142 26.32 37.48 -16.48
N GLN C 143 27.53 37.71 -16.98
CA GLN C 143 28.56 38.48 -16.30
C GLN C 143 28.64 39.90 -16.78
N SER C 144 28.44 40.13 -18.07
CA SER C 144 28.70 41.43 -18.67
C SER C 144 27.77 42.48 -18.07
N ASP C 145 28.09 43.74 -18.34
CA ASP C 145 27.31 44.85 -17.83
C ASP C 145 25.88 44.85 -18.37
N TYR C 146 25.61 44.08 -19.42
CA TYR C 146 24.27 44.05 -20.00
C TYR C 146 23.25 43.52 -19.00
N PHE C 147 23.64 42.55 -18.18
CA PHE C 147 22.74 41.93 -17.23
C PHE C 147 22.77 42.59 -15.85
N LYS C 148 23.54 43.67 -15.68
CA LYS C 148 23.70 44.31 -14.38
C LYS C 148 23.52 45.81 -14.42
N GLN C 149 23.11 46.37 -15.56
CA GLN C 149 22.95 47.82 -15.73
C GLN C 149 21.48 48.15 -15.96
N SER C 150 21.01 49.19 -15.27
CA SER C 150 19.60 49.60 -15.36
C SER C 150 19.27 50.11 -16.76
N LYS C 151 20.24 50.77 -17.39
CA LYS C 151 20.14 51.62 -18.57
C LYS C 151 21.03 51.12 -19.69
N PRO C 152 20.63 50.07 -20.42
CA PRO C 152 21.54 49.45 -21.39
C PRO C 152 21.99 50.44 -22.46
N GLU C 153 23.25 50.32 -22.85
CA GLU C 153 23.82 51.11 -23.93
C GLU C 153 23.85 50.29 -25.21
N ILE C 154 23.98 50.98 -26.33
CA ILE C 154 23.87 50.30 -27.62
C ILE C 154 25.06 49.39 -27.88
N GLU C 155 26.26 49.84 -27.52
CA GLU C 155 27.45 49.12 -27.98
C GLU C 155 27.67 47.82 -27.21
N MET C 156 27.12 47.68 -26.01
CA MET C 156 27.20 46.39 -25.34
C MET C 156 26.43 45.31 -26.10
N LEU C 157 25.51 45.71 -26.96
CA LEU C 157 24.85 44.75 -27.84
C LEU C 157 25.84 44.03 -28.74
N THR C 158 27.00 44.65 -29.00
CA THR C 158 28.06 43.94 -29.71
C THR C 158 28.54 42.75 -28.92
N ASP C 159 28.70 42.91 -27.60
CA ASP C 159 29.16 41.80 -26.78
C ASP C 159 28.21 40.61 -26.87
N LEU C 160 26.90 40.86 -26.79
CA LEU C 160 25.95 39.78 -26.98
C LEU C 160 26.18 39.08 -28.31
N SER C 161 26.46 39.85 -29.36
CA SER C 161 26.74 39.25 -30.67
C SER C 161 27.90 38.26 -30.56
N HIS C 162 28.93 38.61 -29.79
CA HIS C 162 30.08 37.72 -29.65
C HIS C 162 29.65 36.33 -29.19
N ARG C 163 28.56 36.25 -28.43
CA ARG C 163 28.06 34.94 -28.00
C ARG C 163 27.08 34.34 -29.00
N THR C 164 26.29 35.17 -29.69
CA THR C 164 25.38 34.65 -30.71
C THR C 164 26.10 34.26 -31.99
N PHE C 165 27.35 34.68 -32.16
CA PHE C 165 28.18 34.30 -33.30
C PHE C 165 29.46 33.64 -32.83
N LEU C 166 29.37 32.88 -31.73
CA LEU C 166 30.55 32.24 -31.15
C LEU C 166 31.16 31.22 -32.10
N ASP C 167 30.35 30.64 -32.99
CA ASP C 167 30.89 29.64 -33.93
C ASP C 167 31.96 30.25 -34.81
N GLU C 168 31.66 31.40 -35.41
CA GLU C 168 32.59 32.06 -36.31
C GLU C 168 33.83 32.55 -35.56
N GLU C 169 33.64 33.09 -34.36
CA GLU C 169 34.78 33.54 -33.57
C GLU C 169 35.70 32.37 -33.22
N ILE C 170 35.12 31.24 -32.82
CA ILE C 170 35.93 30.07 -32.48
C ILE C 170 36.64 29.54 -33.72
N LYS C 171 35.96 29.53 -34.87
CA LYS C 171 36.59 29.07 -36.11
C LYS C 171 37.79 29.94 -36.45
N GLU C 172 37.62 31.26 -36.37
CA GLU C 172 38.74 32.16 -36.65
C GLU C 172 39.86 31.97 -35.63
N LEU C 173 39.50 31.77 -34.36
CA LEU C 173 40.50 31.55 -33.33
C LEU C 173 41.35 30.33 -33.64
N PHE C 174 40.71 29.22 -34.00
CA PHE C 174 41.47 28.00 -34.27
C PHE C 174 42.26 28.11 -35.56
N CYS C 175 41.70 28.76 -36.57
CA CYS C 175 42.44 29.01 -37.80
C CYS C 175 43.72 29.80 -37.52
N TYR C 176 43.61 30.86 -36.73
CA TYR C 176 44.80 31.67 -36.45
C TYR C 176 45.76 30.97 -35.51
N PHE C 177 45.24 30.13 -34.60
CA PHE C 177 46.11 29.32 -33.76
C PHE C 177 46.94 28.36 -34.61
N LYS C 178 46.30 27.71 -35.58
CA LYS C 178 47.02 26.83 -36.49
C LYS C 178 48.05 27.60 -37.30
N LYS C 179 47.69 28.81 -37.76
CA LYS C 179 48.65 29.62 -38.49
C LYS C 179 49.86 29.96 -37.64
N VAL C 180 49.64 30.38 -36.39
CA VAL C 180 50.73 30.72 -35.51
C VAL C 180 51.61 29.50 -35.24
N LEU C 181 50.99 28.34 -35.00
CA LEU C 181 51.77 27.12 -34.79
C LEU C 181 52.59 26.76 -36.02
N ASN C 182 52.02 26.93 -37.22
CA ASN C 182 52.75 26.68 -38.44
C ASN C 182 53.93 27.64 -38.60
N ASN C 183 53.81 28.86 -38.08
CA ASN C 183 54.88 29.83 -38.23
C ASN C 183 56.07 29.58 -37.31
N ARG C 184 55.97 28.69 -36.33
CA ARG C 184 57.08 28.38 -35.43
C ARG C 184 57.83 27.12 -35.85
N GLN C 185 57.51 26.55 -37.00
CA GLN C 185 58.19 25.34 -37.47
C GLN C 185 59.50 25.73 -38.15
N ASP C 186 60.59 25.09 -37.76
CA ASP C 186 61.92 25.39 -38.28
C ASP C 186 62.26 24.44 -39.42
N SER C 187 63.01 24.97 -40.39
CA SER C 187 63.47 24.20 -41.55
C SER C 187 62.31 23.74 -42.43
N CYS C 188 61.12 24.32 -42.24
CA CYS C 188 59.95 23.99 -43.06
C CYS C 188 59.69 22.49 -43.07
N LYS C 189 59.40 21.96 -41.88
CA LYS C 189 59.14 20.53 -41.75
C LYS C 189 57.87 20.14 -42.49
N GLU C 190 56.74 20.68 -42.05
CA GLU C 190 55.44 20.37 -42.66
C GLU C 190 54.37 21.20 -41.97
N VAL C 191 53.25 21.40 -42.66
CA VAL C 191 52.13 22.15 -42.13
C VAL C 191 51.30 21.26 -41.22
N ILE C 192 50.75 21.85 -40.16
CA ILE C 192 49.93 21.10 -39.22
C ILE C 192 48.58 20.78 -39.87
N LYS C 193 48.13 19.54 -39.70
CA LYS C 193 46.86 19.12 -40.31
C LYS C 193 45.68 19.70 -39.54
N ASP C 194 45.55 19.35 -38.26
CA ASP C 194 44.39 19.74 -37.48
C ASP C 194 44.74 19.71 -36.01
N LEU C 195 43.89 20.34 -35.20
CA LEU C 195 44.00 20.31 -33.75
C LEU C 195 43.19 19.15 -33.20
N VAL C 196 43.76 18.43 -32.24
CA VAL C 196 43.14 17.26 -31.65
C VAL C 196 43.01 17.46 -30.15
N LEU C 197 41.83 17.17 -29.61
CA LEU C 197 41.56 17.26 -28.18
C LEU C 197 41.19 15.87 -27.68
N ILE C 198 41.91 15.40 -26.66
CA ILE C 198 41.67 14.10 -26.07
C ILE C 198 41.22 14.30 -24.62
N ILE C 199 40.13 13.62 -24.25
CA ILE C 199 39.59 13.69 -22.89
C ILE C 199 39.67 12.30 -22.27
N ASP C 200 40.76 12.03 -21.56
CA ASP C 200 41.07 10.70 -21.06
C ASP C 200 40.42 10.44 -19.71
N ASP C 201 40.32 9.15 -19.39
CA ASP C 201 39.84 8.71 -18.07
C ASP C 201 38.45 9.26 -17.78
N LEU C 202 37.61 9.32 -18.81
CA LEU C 202 36.21 9.70 -18.67
C LEU C 202 35.35 8.57 -18.13
N ASP C 203 35.94 7.40 -17.90
CA ASP C 203 35.14 6.25 -17.45
C ASP C 203 34.38 6.57 -16.18
N LEU C 204 34.93 7.43 -15.32
CA LEU C 204 34.28 7.79 -14.07
C LEU C 204 34.63 9.25 -13.75
N VAL C 205 33.79 10.17 -14.21
CA VAL C 205 33.92 11.59 -13.89
C VAL C 205 32.56 12.09 -13.43
N GLU C 206 32.31 11.97 -12.12
CA GLU C 206 31.20 12.63 -11.45
C GLU C 206 29.89 12.61 -12.25
N ASN C 207 29.69 11.57 -13.05
CA ASN C 207 28.45 11.40 -13.79
C ASN C 207 28.05 12.67 -14.54
N ASN C 208 27.12 13.46 -13.98
CA ASN C 208 26.53 14.56 -14.73
C ASN C 208 27.57 15.50 -15.32
N LEU C 209 28.77 15.55 -14.75
CA LEU C 209 29.78 16.46 -15.26
C LEU C 209 30.07 16.17 -16.73
N VAL C 210 30.17 14.88 -17.10
CA VAL C 210 30.43 14.55 -18.49
C VAL C 210 29.28 15.03 -19.37
N TYR C 211 28.06 15.00 -18.86
CA TYR C 211 26.95 15.60 -19.61
C TYR C 211 27.27 17.06 -19.93
N ASP C 212 27.67 17.83 -18.92
CA ASP C 212 28.07 19.21 -19.16
C ASP C 212 29.20 19.27 -20.19
N LEU C 213 30.09 18.28 -20.17
CA LEU C 213 31.13 18.21 -21.20
C LEU C 213 30.50 17.99 -22.58
N LEU C 214 29.60 17.01 -22.70
CA LEU C 214 29.04 16.67 -23.99
C LEU C 214 28.41 17.89 -24.64
N ARG C 215 27.51 18.56 -23.91
CA ARG C 215 26.91 19.78 -24.43
C ARG C 215 27.96 20.78 -24.86
N ASP C 216 28.98 20.98 -24.03
CA ASP C 216 30.04 21.92 -24.39
C ASP C 216 30.70 21.51 -25.69
N ILE C 217 30.87 20.21 -25.91
CA ILE C 217 31.43 19.76 -27.18
C ILE C 217 30.43 19.95 -28.31
N GLN C 218 29.14 19.69 -28.02
CA GLN C 218 28.12 19.93 -29.03
C GLN C 218 28.08 21.39 -29.42
N HIS C 219 28.14 22.28 -28.44
CA HIS C 219 27.96 23.70 -28.73
C HIS C 219 29.23 24.35 -29.25
N TYR C 220 30.41 24.01 -28.72
CA TYR C 220 31.55 24.84 -29.08
C TYR C 220 32.60 24.10 -29.89
N LEU C 221 32.82 22.81 -29.64
CA LEU C 221 33.93 22.09 -30.27
C LEU C 221 33.46 20.88 -31.09
N ASP C 222 32.26 20.94 -31.65
CA ASP C 222 31.76 19.82 -32.44
C ASP C 222 32.46 19.76 -33.80
N SER C 223 32.30 20.80 -34.61
CA SER C 223 32.88 20.86 -35.94
C SER C 223 34.15 21.71 -35.99
N GLN C 224 34.82 21.89 -34.85
CA GLN C 224 36.01 22.71 -34.76
C GLN C 224 37.30 21.91 -34.67
N LEU C 225 37.29 20.80 -33.92
CA LEU C 225 38.49 19.99 -33.74
C LEU C 225 38.22 18.52 -34.04
N ILE C 226 39.22 17.68 -33.79
CA ILE C 226 39.06 16.24 -33.69
C ILE C 226 39.03 15.90 -32.22
N VAL C 227 37.85 15.61 -31.69
CA VAL C 227 37.66 15.34 -30.27
C VAL C 227 37.64 13.84 -30.07
N ILE C 228 38.51 13.35 -29.19
CA ILE C 228 38.58 11.93 -28.82
C ILE C 228 38.06 11.82 -27.39
N PHE C 229 37.04 11.00 -27.20
CA PHE C 229 36.27 11.00 -25.96
C PHE C 229 36.84 10.06 -24.89
N ALA C 230 37.17 8.83 -25.27
CA ALA C 230 37.78 7.86 -24.36
C ALA C 230 36.92 7.64 -23.12
N TYR C 231 35.74 7.08 -23.34
CA TYR C 231 34.82 6.67 -22.29
C TYR C 231 34.65 5.15 -22.35
N LYS C 232 33.70 4.63 -21.58
CA LYS C 232 33.47 3.19 -21.51
C LYS C 232 32.00 2.86 -21.74
N GLU C 233 31.76 1.80 -22.51
CA GLU C 233 30.44 1.19 -22.66
C GLU C 233 29.36 2.23 -22.95
N GLY C 234 28.37 2.34 -22.06
CA GLY C 234 27.25 3.22 -22.29
C GLY C 234 27.16 4.33 -21.26
N GLN C 235 28.32 4.84 -20.86
CA GLN C 235 28.35 5.91 -19.87
C GLN C 235 27.67 7.17 -20.40
N LEU C 236 27.88 7.49 -21.68
CA LEU C 236 27.30 8.70 -22.24
C LEU C 236 25.77 8.64 -22.21
N GLU C 237 25.19 7.51 -22.61
CA GLU C 237 23.74 7.39 -22.62
C GLU C 237 23.17 7.55 -21.22
N GLN C 238 23.78 6.92 -20.23
CA GLN C 238 23.28 7.01 -18.86
C GLN C 238 23.42 8.42 -18.32
N SER C 239 24.53 9.09 -18.63
CA SER C 239 24.69 10.48 -18.17
C SER C 239 23.66 11.40 -18.80
N MET C 240 23.37 11.21 -20.09
CA MET C 240 22.32 11.99 -20.72
C MET C 240 20.95 11.70 -20.12
N PHE C 241 20.68 10.42 -19.83
CA PHE C 241 19.39 10.05 -19.25
C PHE C 241 19.22 10.65 -17.86
N GLU C 242 20.28 10.69 -17.06
CA GLU C 242 20.18 11.28 -15.73
C GLU C 242 19.67 12.71 -15.79
N HIS C 243 20.05 13.45 -16.83
CA HIS C 243 19.59 14.84 -16.98
C HIS C 243 18.20 14.89 -17.59
N LEU C 244 17.97 14.13 -18.67
CA LEU C 244 16.69 14.21 -19.37
C LEU C 244 15.55 13.71 -18.51
N ALA C 245 15.80 12.73 -17.64
CA ALA C 245 14.72 12.20 -16.81
C ALA C 245 14.19 13.26 -15.84
N LYS C 246 15.08 14.02 -15.19
CA LYS C 246 14.59 15.14 -14.38
C LYS C 246 14.07 16.25 -15.27
N GLY C 247 14.51 16.31 -16.53
CA GLY C 247 13.87 17.19 -17.48
C GLY C 247 12.51 16.72 -17.95
N ASN C 248 12.19 15.43 -17.75
CA ASN C 248 10.90 14.87 -18.16
C ASN C 248 10.15 14.14 -17.04
N GLU C 249 10.20 14.66 -15.81
CA GLU C 249 9.24 14.29 -14.77
C GLU C 249 7.82 14.13 -15.28
N ALA C 250 7.19 15.26 -15.62
CA ALA C 250 5.75 15.28 -15.70
C ALA C 250 5.28 14.56 -16.95
N LEU C 251 6.17 14.46 -17.93
CA LEU C 251 5.90 13.64 -19.10
C LEU C 251 5.87 12.16 -18.73
N LEU C 252 6.85 11.70 -17.93
CA LEU C 252 6.93 10.28 -17.60
C LEU C 252 5.84 9.87 -16.61
N ASN C 253 5.53 10.71 -15.62
CA ASN C 253 4.56 10.31 -14.60
C ASN C 253 3.13 10.36 -15.12
N HIS C 254 2.82 11.31 -16.02
CA HIS C 254 1.51 11.31 -16.67
C HIS C 254 1.43 10.34 -17.83
N GLY C 255 2.48 9.58 -18.10
CA GLY C 255 2.42 8.57 -19.14
C GLY C 255 2.45 9.11 -20.55
N VAL C 256 2.87 10.36 -20.73
CA VAL C 256 2.95 10.92 -22.08
C VAL C 256 4.08 10.27 -22.85
N ILE C 257 5.21 10.01 -22.20
CA ILE C 257 6.35 9.34 -22.80
C ILE C 257 6.86 8.28 -21.85
N ASP C 258 7.73 7.42 -22.36
CA ASP C 258 8.42 6.40 -21.58
C ASP C 258 9.92 6.57 -21.75
N SER C 259 10.67 5.68 -21.11
CA SER C 259 12.12 5.69 -21.26
C SER C 259 12.56 5.54 -22.71
N ASN C 260 11.72 4.91 -23.55
CA ASN C 260 12.10 4.69 -24.94
C ASN C 260 12.31 6.00 -25.68
N ALA C 261 11.44 6.98 -25.46
CA ALA C 261 11.57 8.25 -26.17
C ALA C 261 12.84 8.98 -25.78
N ILE C 262 13.15 9.02 -24.48
CA ILE C 262 14.37 9.68 -24.01
C ILE C 262 15.59 8.95 -24.55
N PHE C 263 15.56 7.62 -24.53
CA PHE C 263 16.66 6.84 -25.05
C PHE C 263 16.85 7.04 -26.55
N GLY C 264 15.76 7.19 -27.30
CA GLY C 264 15.88 7.51 -28.71
C GLY C 264 16.48 8.89 -28.94
N GLN C 265 16.04 9.86 -28.16
CA GLN C 265 16.64 11.19 -28.21
C GLN C 265 18.15 11.11 -28.02
N ILE C 266 18.57 10.46 -26.93
CA ILE C 266 19.98 10.30 -26.64
C ILE C 266 20.67 9.56 -27.77
N GLU C 267 19.98 8.56 -28.32
CA GLU C 267 20.56 7.72 -29.36
C GLU C 267 20.90 8.58 -30.57
N ARG C 268 20.00 9.46 -30.99
CA ARG C 268 20.27 10.13 -32.25
C ARG C 268 21.28 11.24 -32.00
N PHE C 269 21.21 11.87 -30.81
CA PHE C 269 22.19 12.88 -30.43
C PHE C 269 23.60 12.30 -30.46
N LEU C 270 23.79 11.13 -29.87
CA LEU C 270 25.11 10.51 -29.86
C LEU C 270 25.49 9.98 -31.24
N THR C 271 24.51 9.57 -32.04
CA THR C 271 24.76 9.16 -33.41
C THR C 271 25.34 10.32 -34.21
N LYS C 272 24.79 11.52 -34.03
CA LYS C 272 25.28 12.69 -34.74
C LYS C 272 26.61 13.18 -34.16
N LEU C 273 26.74 13.20 -32.84
CA LEU C 273 27.97 13.66 -32.22
C LEU C 273 29.14 12.75 -32.61
N VAL C 274 28.99 11.45 -32.40
CA VAL C 274 30.02 10.49 -32.77
C VAL C 274 29.42 9.46 -33.72
N PRO C 275 29.72 9.50 -35.02
CA PRO C 275 29.22 8.45 -35.91
C PRO C 275 29.70 7.08 -35.45
N LEU C 276 28.83 6.08 -35.56
CA LEU C 276 29.18 4.76 -35.05
C LEU C 276 30.30 4.12 -35.85
N SER C 277 30.66 4.69 -37.00
CA SER C 277 31.86 4.30 -37.71
C SER C 277 33.10 4.97 -37.16
N ASN C 278 32.94 5.90 -36.20
CA ASN C 278 34.05 6.60 -35.58
C ASN C 278 34.35 6.13 -34.16
N ARG C 279 33.60 5.16 -33.64
CA ARG C 279 33.80 4.66 -32.28
C ARG C 279 34.55 3.34 -32.34
N ILE C 280 35.56 3.22 -31.47
CA ILE C 280 36.51 2.11 -31.50
C ILE C 280 36.51 1.42 -30.15
N PRO C 281 36.05 0.18 -30.06
CA PRO C 281 36.20 -0.57 -28.81
C PRO C 281 37.47 -1.41 -28.81
N LEU C 282 37.94 -1.70 -27.60
CA LEU C 282 39.14 -2.51 -27.45
C LEU C 282 39.08 -3.30 -26.16
N PHE C 283 39.48 -4.57 -26.26
CA PHE C 283 39.93 -5.37 -25.12
C PHE C 283 38.93 -5.35 -23.96
N LYS C 284 37.80 -5.99 -24.20
CA LYS C 284 36.98 -6.36 -23.05
C LYS C 284 37.54 -7.65 -22.44
N GLN C 285 36.72 -8.28 -21.59
CA GLN C 285 37.07 -9.52 -20.93
C GLN C 285 37.08 -10.73 -21.86
N ASP C 286 36.26 -10.76 -22.91
CA ASP C 286 36.21 -11.94 -23.77
C ASP C 286 37.57 -12.27 -24.36
N GLU C 287 38.06 -11.40 -25.25
CA GLU C 287 39.37 -11.61 -25.87
C GLU C 287 40.51 -11.47 -24.87
N LEU C 288 40.26 -10.86 -23.71
CA LEU C 288 41.26 -10.85 -22.64
C LEU C 288 41.46 -12.26 -22.10
N LEU C 289 40.38 -12.97 -21.82
CA LEU C 289 40.45 -14.33 -21.30
C LEU C 289 40.82 -15.34 -22.37
N ASN C 290 40.53 -15.05 -23.64
CA ASN C 290 40.81 -16.01 -24.71
C ASN C 290 42.28 -16.06 -25.10
N LYS C 291 43.03 -14.97 -24.97
CA LYS C 291 44.42 -14.99 -25.42
C LYS C 291 45.26 -15.87 -24.52
N THR C 292 46.54 -15.98 -24.85
CA THR C 292 47.50 -16.74 -24.05
C THR C 292 48.23 -15.84 -23.06
N ILE C 293 48.61 -16.44 -21.94
CA ILE C 293 49.39 -15.74 -20.92
C ILE C 293 50.69 -15.22 -21.51
N GLY C 294 51.27 -15.96 -22.46
CA GLY C 294 52.50 -15.51 -23.08
C GLY C 294 52.33 -14.20 -23.81
N GLU C 295 51.22 -14.02 -24.51
CA GLU C 295 51.00 -12.78 -25.24
C GLU C 295 50.89 -11.58 -24.30
N PHE C 296 50.16 -11.74 -23.19
CA PHE C 296 50.07 -10.66 -22.21
C PHE C 296 51.43 -10.35 -21.60
N LEU C 297 52.18 -11.38 -21.21
CA LEU C 297 53.49 -11.15 -20.62
C LEU C 297 54.44 -10.48 -21.61
N ALA C 298 54.32 -10.84 -22.90
CA ALA C 298 55.07 -10.13 -23.93
C ALA C 298 54.62 -8.68 -24.02
N SER C 299 53.31 -8.44 -23.89
CA SER C 299 52.81 -7.07 -23.87
C SER C 299 53.45 -6.27 -22.74
N LEU C 300 53.80 -6.93 -21.64
CA LEU C 300 54.59 -6.25 -20.62
C LEU C 300 56.07 -6.22 -20.97
N ASP C 301 56.65 -7.35 -21.36
CA ASP C 301 58.04 -7.41 -21.77
C ASP C 301 58.28 -8.68 -22.59
N PRO C 302 59.05 -8.62 -23.69
CA PRO C 302 59.18 -9.80 -24.54
C PRO C 302 59.79 -11.01 -23.84
N SER C 303 60.59 -10.80 -22.79
CA SER C 303 61.30 -11.91 -22.15
C SER C 303 60.50 -12.60 -21.07
N TYR C 304 59.47 -11.96 -20.50
CA TYR C 304 58.70 -12.58 -19.44
C TYR C 304 57.91 -13.77 -19.96
N GLY C 305 57.82 -14.80 -19.13
CA GLY C 305 57.04 -15.98 -19.43
C GLY C 305 56.66 -16.72 -18.15
N VAL C 306 56.05 -17.89 -18.30
CA VAL C 306 55.69 -18.73 -17.16
C VAL C 306 56.28 -20.11 -17.37
N GLY C 307 56.99 -20.61 -16.36
CA GLY C 307 57.63 -21.91 -16.43
C GLY C 307 56.64 -23.03 -16.19
N GLU C 308 57.19 -24.25 -16.20
CA GLU C 308 56.36 -25.44 -16.01
C GLU C 308 55.82 -25.57 -14.60
N ASN C 309 56.40 -24.87 -13.63
CA ASN C 309 55.85 -24.78 -12.28
C ASN C 309 54.94 -23.56 -12.11
N LEU C 310 54.56 -22.91 -13.22
CA LEU C 310 53.69 -21.74 -13.19
C LEU C 310 54.33 -20.59 -12.42
N GLU C 311 55.64 -20.53 -12.39
CA GLU C 311 56.38 -19.40 -11.85
C GLU C 311 56.86 -18.52 -13.00
N PHE C 312 56.97 -17.23 -12.74
CA PHE C 312 57.33 -16.27 -13.78
C PHE C 312 58.81 -16.36 -14.05
N ILE C 313 59.16 -16.57 -15.33
CA ILE C 313 60.52 -16.81 -15.76
C ILE C 313 60.95 -15.68 -16.68
N THR C 314 62.25 -15.62 -16.95
CA THR C 314 62.77 -14.52 -17.75
C THR C 314 63.60 -14.96 -18.95
N LYS C 315 64.45 -15.98 -18.82
CA LYS C 315 65.49 -16.13 -19.83
C LYS C 315 65.02 -16.88 -21.08
N ASP C 316 64.88 -18.20 -21.00
CA ASP C 316 64.23 -18.94 -22.08
C ASP C 316 63.45 -20.15 -21.57
N SER C 317 63.90 -20.72 -20.44
CA SER C 317 63.39 -22.00 -19.96
C SER C 317 63.46 -23.09 -21.01
N GLU C 318 62.68 -22.94 -22.08
CA GLU C 318 62.38 -23.96 -23.09
C GLU C 318 61.49 -25.07 -22.54
N LYS C 319 61.18 -25.03 -21.25
CA LYS C 319 60.17 -25.89 -20.64
C LYS C 319 58.92 -25.11 -20.29
N ASN C 320 58.82 -23.85 -20.76
CA ASN C 320 57.73 -22.97 -20.40
C ASN C 320 56.42 -23.46 -21.01
N LYS C 321 55.31 -22.98 -20.45
CA LYS C 321 53.97 -23.25 -20.95
C LYS C 321 53.25 -21.90 -21.07
N ASN C 322 53.46 -21.23 -22.20
CA ASN C 322 52.95 -19.89 -22.43
C ASN C 322 51.69 -19.86 -23.29
N ASN C 323 51.23 -21.02 -23.78
CA ASN C 323 50.10 -21.10 -24.69
C ASN C 323 48.88 -21.75 -24.02
N LEU C 324 48.71 -21.54 -22.73
CA LEU C 324 47.60 -22.14 -21.98
C LEU C 324 46.35 -21.28 -21.94
N THR C 325 46.43 -20.03 -22.42
CA THR C 325 45.31 -19.11 -22.31
C THR C 325 45.13 -18.68 -20.86
N ILE C 326 44.76 -17.41 -20.66
CA ILE C 326 44.63 -16.88 -19.31
C ILE C 326 43.55 -17.64 -18.54
N ARG C 327 42.53 -18.13 -19.23
CA ARG C 327 41.37 -18.71 -18.55
C ARG C 327 41.79 -19.89 -17.67
N GLU C 328 42.48 -20.87 -18.24
CA GLU C 328 42.90 -22.02 -17.45
C GLU C 328 44.28 -21.87 -16.85
N TRP C 329 45.08 -20.93 -17.37
CA TRP C 329 46.30 -20.56 -16.65
C TRP C 329 45.98 -20.05 -15.26
N PHE C 330 44.86 -19.33 -15.12
CA PHE C 330 44.44 -18.85 -13.80
C PHE C 330 44.34 -20.00 -12.81
N TYR C 331 43.61 -21.06 -13.16
CA TYR C 331 43.46 -22.18 -12.24
C TYR C 331 44.76 -22.97 -12.10
N GLU C 332 45.44 -23.24 -13.22
CA GLU C 332 46.67 -24.01 -13.16
C GLU C 332 47.73 -23.32 -12.32
N SER C 333 47.62 -22.00 -12.16
CA SER C 333 48.59 -21.24 -11.39
C SER C 333 48.13 -20.96 -9.97
N ILE C 334 46.82 -20.97 -9.71
CA ILE C 334 46.34 -21.10 -8.34
C ILE C 334 46.81 -22.42 -7.75
N PHE C 335 46.66 -23.50 -8.52
CA PHE C 335 47.39 -24.73 -8.27
C PHE C 335 48.88 -24.47 -8.48
N TYR C 336 49.74 -25.24 -7.79
CA TYR C 336 51.17 -24.96 -7.67
C TYR C 336 51.45 -23.83 -6.67
N ARG C 337 50.42 -23.24 -6.09
CA ARG C 337 50.58 -22.28 -5.01
C ARG C 337 49.70 -22.56 -3.81
N THR C 338 48.50 -23.12 -4.03
CA THR C 338 47.61 -23.51 -2.95
C THR C 338 47.30 -25.00 -2.96
N ASN C 339 47.77 -25.75 -3.95
CA ASN C 339 47.47 -27.17 -4.09
C ASN C 339 45.96 -27.39 -4.15
N LEU C 340 45.26 -26.48 -4.81
CA LEU C 340 43.81 -26.53 -4.93
C LEU C 340 43.42 -26.38 -6.39
N LYS C 341 42.70 -27.37 -6.92
CA LYS C 341 42.14 -27.30 -8.26
C LYS C 341 40.74 -26.73 -8.15
N LEU C 342 40.60 -25.43 -8.43
CA LEU C 342 39.36 -24.71 -8.22
C LEU C 342 38.52 -24.58 -9.48
N ASP C 343 38.93 -25.19 -10.58
CA ASP C 343 38.09 -25.22 -11.78
C ASP C 343 36.91 -26.14 -11.52
N PRO C 344 35.67 -25.65 -11.57
CA PRO C 344 34.53 -26.51 -11.22
C PRO C 344 34.09 -27.37 -12.39
N ILE C 345 33.65 -28.59 -12.05
CA ILE C 345 33.07 -29.47 -13.07
C ILE C 345 31.80 -28.84 -13.64
N ASP C 346 30.96 -28.30 -12.77
CA ASP C 346 29.75 -27.61 -13.24
C ASP C 346 30.12 -26.18 -13.61
N ILE C 347 29.90 -25.84 -14.88
CA ILE C 347 30.17 -24.49 -15.37
C ILE C 347 29.07 -23.51 -15.03
N ARG C 348 27.97 -23.98 -14.44
CA ARG C 348 26.92 -23.09 -13.96
C ARG C 348 27.40 -22.18 -12.84
N GLU C 349 28.51 -22.51 -12.20
CA GLU C 349 28.94 -21.86 -10.98
C GLU C 349 29.60 -20.50 -11.20
N GLU C 350 29.81 -20.07 -12.44
CA GLU C 350 30.26 -18.71 -12.72
C GLU C 350 31.60 -18.40 -12.06
N ALA C 351 32.52 -19.36 -12.11
CA ALA C 351 33.85 -19.13 -11.57
C ALA C 351 34.59 -18.02 -12.32
N SER C 352 34.30 -17.86 -13.62
CA SER C 352 34.95 -16.82 -14.42
C SER C 352 34.75 -15.43 -13.84
N ARG C 353 33.90 -15.27 -12.84
CA ARG C 353 33.75 -14.01 -12.13
C ARG C 353 34.97 -13.69 -11.25
N LEU C 354 36.05 -14.46 -11.32
CA LEU C 354 37.21 -14.22 -10.48
C LEU C 354 38.50 -13.89 -11.22
N MET C 355 38.68 -14.33 -12.47
CA MET C 355 40.06 -14.52 -12.91
C MET C 355 40.81 -13.19 -13.08
N PRO C 356 40.77 -12.55 -14.27
CA PRO C 356 40.73 -11.07 -14.32
C PRO C 356 39.34 -10.55 -14.67
N LYS C 357 39.20 -9.24 -14.70
CA LYS C 357 38.11 -8.58 -15.41
C LYS C 357 38.61 -7.55 -16.40
N THR C 358 39.76 -6.91 -16.11
CA THR C 358 40.40 -5.95 -16.99
C THR C 358 41.89 -6.23 -17.02
N LEU C 359 42.61 -5.50 -17.87
CA LEU C 359 44.06 -5.66 -17.93
C LEU C 359 44.73 -5.20 -16.63
N ARG C 360 44.21 -4.14 -16.00
CA ARG C 360 44.74 -3.70 -14.72
C ARG C 360 44.62 -4.80 -13.67
N GLU C 361 43.44 -5.43 -13.60
CA GLU C 361 43.27 -6.54 -12.67
C GLU C 361 44.18 -7.71 -13.02
N MET C 362 44.42 -7.95 -14.30
CA MET C 362 45.34 -9.01 -14.70
C MET C 362 46.76 -8.73 -14.21
N VAL C 363 47.23 -7.50 -14.40
CA VAL C 363 48.58 -7.13 -13.94
C VAL C 363 48.66 -7.25 -12.43
N GLN C 364 47.63 -6.78 -11.73
CA GLN C 364 47.66 -6.84 -10.27
C GLN C 364 47.59 -8.26 -9.76
N LEU C 365 46.84 -9.14 -10.45
CA LEU C 365 46.83 -10.55 -10.11
C LEU C 365 48.22 -11.15 -10.28
N CYS C 366 48.89 -10.82 -11.39
CA CYS C 366 50.26 -11.30 -11.58
C CYS C 366 51.18 -10.80 -10.48
N GLU C 367 50.99 -9.54 -10.07
CA GLU C 367 51.80 -8.98 -8.99
C GLU C 367 51.58 -9.70 -7.68
N GLU C 368 50.32 -9.88 -7.28
CA GLU C 368 50.03 -10.64 -6.07
C GLU C 368 50.49 -12.08 -6.21
N LEU C 369 50.29 -12.65 -7.38
CA LEU C 369 50.55 -14.07 -7.67
C LEU C 369 51.67 -14.15 -8.71
N HIS C 370 52.91 -14.08 -8.25
CA HIS C 370 54.05 -14.24 -9.13
C HIS C 370 54.97 -15.37 -8.69
N SER C 371 55.37 -15.41 -7.41
CA SER C 371 56.04 -16.57 -6.85
C SER C 371 55.27 -17.16 -5.68
N MET C 372 54.99 -16.35 -4.65
CA MET C 372 54.43 -16.83 -3.39
C MET C 372 55.01 -18.20 -3.02
N GLN C 373 56.33 -18.31 -3.16
CA GLN C 373 57.04 -19.55 -2.91
C GLN C 373 56.31 -20.73 -3.56
N VAL C 374 56.21 -20.64 -4.89
CA VAL C 374 55.50 -21.67 -5.65
C VAL C 374 56.05 -23.04 -5.30
N ILE C 375 55.14 -24.00 -5.15
CA ILE C 375 55.50 -25.35 -4.73
C ILE C 375 55.82 -26.16 -5.99
N THR C 376 57.04 -26.69 -6.05
CA THR C 376 57.55 -27.37 -7.23
C THR C 376 57.55 -28.88 -7.03
N ARG C 377 58.08 -29.58 -8.04
CA ARG C 377 58.15 -31.04 -8.05
C ARG C 377 59.58 -31.53 -7.91
N SER C 378 60.34 -30.89 -7.01
CA SER C 378 61.75 -31.17 -6.78
C SER C 378 61.95 -31.50 -5.31
N MET C 379 63.22 -31.54 -4.88
CA MET C 379 63.57 -31.78 -3.49
C MET C 379 62.76 -32.94 -2.89
N ASP C 380 62.53 -32.94 -1.57
CA ASP C 380 61.99 -34.11 -0.88
C ASP C 380 60.50 -33.96 -0.55
N LYS C 381 59.84 -32.95 -1.10
CA LYS C 381 58.39 -32.81 -0.97
C LYS C 381 57.96 -32.72 0.50
N LEU C 382 58.71 -31.95 1.28
CA LEU C 382 58.47 -31.80 2.71
C LEU C 382 58.36 -30.35 3.16
N ALA C 383 59.15 -29.45 2.57
CA ALA C 383 59.20 -28.05 3.00
C ALA C 383 58.15 -27.18 2.33
N GLY C 384 57.42 -27.69 1.36
CA GLY C 384 56.43 -26.90 0.67
C GLY C 384 55.13 -26.72 1.40
N VAL C 385 54.97 -27.34 2.56
CA VAL C 385 53.71 -27.25 3.29
C VAL C 385 53.59 -25.91 4.01
N GLU C 386 54.70 -25.43 4.58
CA GLU C 386 54.64 -24.20 5.38
C GLU C 386 54.25 -22.99 4.53
N GLY C 387 54.83 -22.86 3.33
CA GLY C 387 54.46 -21.77 2.44
C GLY C 387 53.11 -21.94 1.78
N LEU C 388 52.63 -23.18 1.70
CA LEU C 388 51.35 -23.47 1.06
C LEU C 388 50.18 -22.85 1.82
N ARG C 389 50.19 -22.95 3.15
CA ARG C 389 49.11 -22.34 3.93
C ARG C 389 49.18 -20.82 3.85
N LYS C 390 50.38 -20.26 3.77
CA LYS C 390 50.50 -18.82 3.57
C LYS C 390 49.92 -18.39 2.24
N ASN C 391 50.25 -19.11 1.17
CA ASN C 391 49.64 -18.81 -0.12
C ASN C 391 48.13 -18.98 -0.05
N ILE C 392 47.65 -19.92 0.76
CA ILE C 392 46.21 -20.07 0.96
C ILE C 392 45.63 -18.81 1.57
N GLY C 393 46.30 -18.26 2.58
CA GLY C 393 45.83 -17.03 3.19
C GLY C 393 45.84 -15.86 2.23
N ALA C 394 46.92 -15.73 1.45
CA ALA C 394 47.01 -14.66 0.46
C ALA C 394 45.90 -14.78 -0.57
N PHE C 395 45.64 -16.00 -1.04
CA PHE C 395 44.57 -16.20 -2.01
C PHE C 395 43.21 -15.93 -1.39
N ARG C 396 43.02 -16.25 -0.10
CA ARG C 396 41.78 -15.90 0.57
C ARG C 396 41.59 -14.39 0.59
N ARG C 397 42.67 -13.66 0.86
CA ARG C 397 42.60 -12.19 0.82
C ARG C 397 42.22 -11.70 -0.58
N TYR C 398 42.84 -12.29 -1.61
CA TYR C 398 42.53 -11.89 -2.98
C TYR C 398 41.06 -12.18 -3.31
N ILE C 399 40.55 -13.33 -2.87
CA ILE C 399 39.16 -13.68 -3.09
C ILE C 399 38.26 -12.67 -2.40
N GLY C 400 38.58 -12.30 -1.15
CA GLY C 400 37.78 -11.31 -0.47
C GLY C 400 37.74 -9.97 -1.19
N TYR C 401 38.90 -9.53 -1.70
CA TYR C 401 38.95 -8.33 -2.53
C TYR C 401 38.10 -8.45 -3.78
N LYS C 402 38.21 -9.56 -4.51
CA LYS C 402 37.37 -9.76 -5.68
C LYS C 402 35.91 -9.86 -5.29
N ASN C 403 35.63 -10.60 -4.22
CA ASN C 403 34.27 -10.90 -3.79
C ASN C 403 33.77 -9.85 -2.81
N SER C 404 33.65 -8.62 -3.31
CA SER C 404 33.14 -7.49 -2.54
C SER C 404 32.22 -6.58 -3.35
N THR C 405 31.78 -7.00 -4.53
CA THR C 405 30.94 -6.16 -5.39
C THR C 405 29.45 -6.54 -5.31
N TYR C 406 29.12 -7.79 -5.63
CA TYR C 406 27.72 -8.24 -5.70
C TYR C 406 27.13 -8.61 -4.35
N PHE C 407 27.98 -9.01 -3.42
CA PHE C 407 27.67 -9.10 -2.00
C PHE C 407 27.03 -7.81 -1.50
N ASN C 408 25.89 -7.93 -0.80
CA ASN C 408 25.13 -6.76 -0.39
C ASN C 408 25.08 -6.59 1.13
N LEU C 409 24.40 -7.47 1.85
CA LEU C 409 24.50 -7.47 3.31
C LEU C 409 24.47 -8.85 3.95
N ALA C 410 23.72 -9.81 3.39
CA ALA C 410 23.55 -11.10 4.04
C ALA C 410 24.79 -11.97 3.87
N THR C 411 25.46 -11.83 2.73
CA THR C 411 26.58 -12.69 2.40
C THR C 411 27.90 -12.19 2.98
N MET C 412 28.16 -10.88 3.03
CA MET C 412 29.28 -10.36 3.80
C MET C 412 29.18 -10.81 5.27
N GLU C 413 28.02 -10.54 5.87
CA GLU C 413 27.67 -11.06 7.19
C GLU C 413 27.96 -12.56 7.31
N PHE C 414 27.40 -13.36 6.40
CA PHE C 414 27.51 -14.81 6.55
C PHE C 414 28.96 -15.25 6.50
N PHE C 415 29.71 -14.77 5.51
CA PHE C 415 31.10 -15.21 5.37
C PHE C 415 31.95 -14.70 6.53
N GLN C 416 31.69 -13.48 6.99
CA GLN C 416 32.41 -12.98 8.15
C GLN C 416 32.17 -13.85 9.37
N LYS C 417 30.90 -14.14 9.69
CA LYS C 417 30.62 -14.99 10.83
C LYS C 417 31.21 -16.37 10.62
N TRP C 418 31.17 -16.87 9.38
CA TRP C 418 31.69 -18.19 9.08
C TRP C 418 33.18 -18.27 9.37
N GLU C 419 33.93 -17.23 9.00
CA GLU C 419 35.35 -17.16 9.37
C GLU C 419 35.52 -17.35 10.88
N LEU C 420 34.96 -16.44 11.67
CA LEU C 420 35.08 -16.50 13.12
C LEU C 420 33.92 -17.28 13.74
N ALA C 421 33.69 -18.46 13.18
CA ALA C 421 32.74 -19.44 13.70
C ALA C 421 33.47 -20.55 14.45
N GLU C 422 34.60 -20.20 15.08
CA GLU C 422 35.44 -21.18 15.75
C GLU C 422 35.88 -22.23 14.73
N SER C 423 35.45 -23.47 14.93
CA SER C 423 35.74 -24.53 13.96
C SER C 423 34.56 -25.47 13.75
N HIS C 424 33.42 -25.22 14.38
CA HIS C 424 32.31 -26.17 14.40
C HIS C 424 30.95 -25.54 14.17
N GLN C 425 30.76 -24.25 14.46
CA GLN C 425 29.53 -23.54 14.13
C GLN C 425 29.46 -23.14 12.66
N ALA C 426 30.59 -23.24 11.96
CA ALA C 426 30.62 -22.83 10.56
C ALA C 426 29.67 -23.65 9.71
N ASN C 427 29.61 -24.97 9.95
CA ASN C 427 28.73 -25.82 9.16
C ASN C 427 27.26 -25.45 9.37
N TYR C 428 26.88 -25.17 10.61
CA TYR C 428 25.51 -24.76 10.89
C TYR C 428 25.17 -23.46 10.17
N LEU C 429 26.07 -22.49 10.22
CA LEU C 429 25.85 -21.22 9.56
C LEU C 429 25.73 -21.40 8.05
N ALA C 430 26.61 -22.21 7.47
CA ALA C 430 26.55 -22.45 6.04
C ALA C 430 25.25 -23.13 5.64
N TYR C 431 24.82 -24.13 6.42
CA TYR C 431 23.58 -24.81 6.11
C TYR C 431 22.40 -23.85 6.15
N HIS C 432 22.33 -23.00 7.17
CA HIS C 432 21.19 -22.11 7.29
C HIS C 432 21.23 -20.99 6.25
N PHE C 433 22.42 -20.54 5.87
CA PHE C 433 22.56 -19.57 4.78
C PHE C 433 22.09 -20.16 3.45
N LEU C 434 22.51 -21.38 3.15
CA LEU C 434 22.06 -22.03 1.92
C LEU C 434 20.56 -22.29 1.95
N MET C 435 20.03 -22.63 3.13
CA MET C 435 18.58 -22.79 3.24
C MET C 435 17.85 -21.47 3.07
N SER C 436 18.46 -20.37 3.51
CA SER C 436 17.90 -19.06 3.22
C SER C 436 17.77 -18.85 1.72
N TYR C 437 18.81 -19.24 0.98
CA TYR C 437 18.71 -19.16 -0.48
C TYR C 437 17.63 -20.09 -1.02
N TYR C 438 17.51 -21.30 -0.44
CA TYR C 438 16.50 -22.24 -0.90
C TYR C 438 15.10 -21.68 -0.70
N GLN C 439 14.83 -21.09 0.46
CA GLN C 439 13.52 -20.53 0.74
C GLN C 439 13.12 -19.40 -0.19
N GLU C 440 14.07 -18.60 -0.66
CA GLU C 440 13.76 -17.45 -1.48
C GLU C 440 13.14 -17.81 -2.83
N SER C 441 12.99 -19.11 -3.12
CA SER C 441 12.34 -19.56 -4.33
C SER C 441 11.26 -20.60 -4.08
N PHE C 442 11.01 -20.99 -2.83
CA PHE C 442 10.03 -22.03 -2.55
C PHE C 442 8.60 -21.51 -2.70
N GLU C 443 8.33 -20.27 -2.30
CA GLU C 443 6.98 -19.73 -2.38
C GLU C 443 6.53 -19.49 -3.81
N GLN C 444 7.46 -19.39 -4.76
CA GLN C 444 7.13 -19.13 -6.15
C GLN C 444 7.30 -20.39 -6.99
N SER C 457 9.14 -33.26 0.25
CA SER C 457 9.72 -32.52 1.36
C SER C 457 11.24 -32.46 1.24
N GLY C 458 11.85 -33.61 1.01
CA GLY C 458 13.29 -33.69 0.86
C GLY C 458 14.02 -33.79 2.18
N TYR C 459 14.96 -34.72 2.29
CA TYR C 459 15.69 -34.94 3.53
C TYR C 459 16.79 -33.91 3.74
N PRO C 460 17.58 -33.53 2.72
CA PRO C 460 18.62 -32.51 2.96
C PRO C 460 18.06 -31.18 3.44
N LEU C 461 16.77 -30.95 3.27
CA LEU C 461 16.12 -29.71 3.69
C LEU C 461 15.51 -29.83 5.10
N THR C 462 15.77 -30.92 5.81
CA THR C 462 15.15 -31.19 7.11
C THR C 462 16.19 -31.19 8.23
N LEU C 463 17.12 -30.24 8.21
CA LEU C 463 18.20 -30.19 9.20
C LEU C 463 18.35 -28.82 9.86
N ARG C 464 17.29 -28.00 9.86
CA ARG C 464 17.35 -26.68 10.50
C ARG C 464 17.23 -26.78 12.03
N THR C 465 16.36 -27.65 12.54
CA THR C 465 16.30 -27.90 13.98
C THR C 465 17.24 -29.06 14.32
N MET C 466 18.49 -28.87 13.91
CA MET C 466 19.53 -29.88 13.96
C MET C 466 20.72 -29.28 14.69
N GLU C 467 21.45 -30.13 15.41
CA GLU C 467 22.60 -29.65 16.17
C GLU C 467 23.69 -29.20 15.21
N PRO C 468 24.54 -28.25 15.61
CA PRO C 468 25.72 -27.95 14.79
C PRO C 468 26.66 -29.14 14.62
N TYR C 469 26.68 -30.05 15.59
CA TYR C 469 27.50 -31.26 15.49
C TYR C 469 26.77 -32.40 14.78
N ASN C 470 25.63 -32.11 14.16
CA ASN C 470 24.90 -33.10 13.37
C ASN C 470 24.73 -32.66 11.93
N ILE C 471 25.57 -31.74 11.45
CA ILE C 471 25.48 -31.24 10.08
C ILE C 471 26.53 -31.87 9.18
N THR C 472 27.77 -32.00 9.65
CA THR C 472 28.85 -32.55 8.85
C THR C 472 29.04 -31.73 7.57
N LEU C 473 29.94 -32.20 6.70
CA LEU C 473 30.18 -31.55 5.43
C LEU C 473 29.42 -32.18 4.28
N GLY C 474 29.05 -33.46 4.38
CA GLY C 474 28.27 -34.09 3.34
C GLY C 474 26.89 -33.48 3.18
N ASP C 475 26.26 -33.06 4.28
CA ASP C 475 24.97 -32.40 4.18
C ASP C 475 25.10 -31.02 3.56
N ILE C 476 26.20 -30.31 3.79
CA ILE C 476 26.42 -29.03 3.14
C ILE C 476 26.47 -29.21 1.63
N TYR C 477 27.27 -30.17 1.18
CA TYR C 477 27.38 -30.45 -0.26
C TYR C 477 26.05 -30.93 -0.82
N ALA C 478 25.33 -31.77 -0.07
CA ALA C 478 24.05 -32.27 -0.54
C ALA C 478 23.05 -31.13 -0.71
N LEU C 479 23.02 -30.20 0.24
CA LEU C 479 22.12 -29.05 0.13
C LEU C 479 22.52 -28.16 -1.04
N MET C 480 23.83 -27.98 -1.25
CA MET C 480 24.26 -27.16 -2.38
C MET C 480 23.91 -27.81 -3.71
N GLU C 481 24.01 -29.13 -3.80
CA GLU C 481 23.55 -29.81 -5.01
C GLU C 481 22.04 -29.67 -5.20
N GLU C 482 21.26 -29.89 -4.14
CA GLU C 482 19.82 -29.79 -4.26
C GLU C 482 19.42 -28.38 -4.70
N LEU C 483 20.06 -27.35 -4.13
CA LEU C 483 19.90 -25.98 -4.61
C LEU C 483 20.38 -25.79 -6.04
N LYS C 484 21.36 -26.57 -6.45
CA LYS C 484 21.80 -26.52 -7.83
C LYS C 484 20.79 -27.17 -8.75
N TYR C 485 19.85 -27.94 -8.20
CA TYR C 485 18.84 -28.65 -8.98
C TYR C 485 17.42 -28.29 -8.54
N THR C 486 17.22 -27.07 -8.04
CA THR C 486 15.92 -26.64 -7.53
C THR C 486 15.17 -25.85 -8.59
N GLU C 487 13.86 -26.05 -8.63
CA GLU C 487 12.97 -25.41 -9.59
C GLU C 487 12.72 -23.95 -9.18
N GLY C 488 13.81 -23.19 -9.05
CA GLY C 488 13.73 -21.85 -8.49
C GLY C 488 14.78 -20.89 -9.00
N ILE C 489 15.38 -20.12 -8.07
CA ILE C 489 16.29 -19.03 -8.43
C ILE C 489 17.60 -19.59 -8.97
N SER C 490 18.40 -18.73 -9.59
CA SER C 490 19.62 -19.14 -10.26
C SER C 490 20.59 -17.96 -10.26
N ALA C 491 21.62 -18.04 -11.11
CA ALA C 491 22.57 -16.94 -11.30
C ALA C 491 23.41 -16.69 -10.06
N ASP C 492 23.02 -15.71 -9.24
CA ASP C 492 23.83 -15.34 -8.08
C ASP C 492 23.99 -16.51 -7.13
N THR C 493 22.96 -17.35 -7.02
CA THR C 493 22.99 -18.46 -6.07
C THR C 493 24.09 -19.44 -6.44
N TYR C 494 24.28 -19.70 -7.73
CA TYR C 494 25.32 -20.62 -8.18
C TYR C 494 26.70 -20.13 -7.77
N TYR C 495 26.98 -18.84 -7.99
CA TYR C 495 28.28 -18.30 -7.62
C TYR C 495 28.46 -18.25 -6.11
N ILE C 496 27.37 -18.04 -5.36
CA ILE C 496 27.46 -18.13 -3.91
C ILE C 496 27.88 -19.52 -3.50
N VAL C 497 27.28 -20.55 -4.11
CA VAL C 497 27.67 -21.93 -3.81
C VAL C 497 29.14 -22.15 -4.14
N TYR C 498 29.58 -21.65 -5.30
CA TYR C 498 30.97 -21.82 -5.70
C TYR C 498 31.93 -21.17 -4.71
N ILE C 499 31.61 -19.95 -4.27
CA ILE C 499 32.49 -19.24 -3.36
C ILE C 499 32.50 -19.91 -1.99
N LEU C 500 31.35 -20.43 -1.55
CA LEU C 500 31.34 -21.18 -0.31
C LEU C 500 32.20 -22.43 -0.41
N LYS C 501 32.15 -23.13 -1.54
CA LYS C 501 33.01 -24.29 -1.75
C LYS C 501 34.48 -23.88 -1.71
N VAL C 502 34.81 -22.76 -2.35
CA VAL C 502 36.21 -22.30 -2.37
C VAL C 502 36.67 -21.97 -0.96
N TYR C 503 35.84 -21.28 -0.18
CA TYR C 503 36.22 -20.92 1.18
C TYR C 503 36.39 -22.16 2.05
N TYR C 504 35.48 -23.13 1.91
CA TYR C 504 35.62 -24.37 2.66
C TYR C 504 36.90 -25.10 2.28
N SER C 505 37.21 -25.16 0.98
CA SER C 505 38.44 -25.81 0.54
C SER C 505 39.66 -25.12 1.12
N LEU C 506 39.66 -23.78 1.10
CA LEU C 506 40.79 -23.04 1.66
C LEU C 506 40.96 -23.34 3.14
N ARG C 507 39.86 -23.32 3.90
CA ARG C 507 39.97 -23.59 5.33
C ARG C 507 40.42 -25.03 5.59
N LEU C 508 39.88 -25.98 4.84
CA LEU C 508 40.29 -27.38 5.00
C LEU C 508 41.76 -27.56 4.71
N SER C 509 42.24 -26.97 3.62
CA SER C 509 43.66 -27.09 3.28
C SER C 509 44.53 -26.43 4.36
N GLU C 510 44.12 -25.26 4.83
CA GLU C 510 44.88 -24.57 5.87
C GLU C 510 44.98 -25.42 7.13
N LEU C 511 43.85 -25.97 7.58
CA LEU C 511 43.85 -26.82 8.77
C LEU C 511 44.67 -28.08 8.55
N LEU C 512 44.55 -28.69 7.38
CA LEU C 512 45.31 -29.91 7.09
C LEU C 512 46.80 -29.63 7.14
N TYR C 513 47.23 -28.51 6.59
CA TYR C 513 48.65 -28.15 6.54
C TYR C 513 49.16 -27.78 7.92
N ASN C 514 48.33 -27.13 8.73
CA ASN C 514 48.69 -26.89 10.13
C ASN C 514 48.87 -28.21 10.87
N VAL C 515 47.99 -29.18 10.62
CA VAL C 515 48.13 -30.50 11.22
C VAL C 515 49.43 -31.15 10.77
N VAL C 516 49.72 -31.06 9.47
CA VAL C 516 50.93 -31.67 8.92
C VAL C 516 52.17 -31.07 9.53
N LEU C 517 52.15 -29.77 9.83
CA LEU C 517 53.30 -29.15 10.48
C LEU C 517 53.57 -29.79 11.83
N HIS C 518 52.52 -30.10 12.60
CA HIS C 518 52.66 -30.78 13.88
C HIS C 518 52.54 -32.29 13.73
N HIS C 519 53.31 -32.87 12.81
CA HIS C 519 53.21 -34.30 12.53
C HIS C 519 53.91 -35.13 13.59
N LYS C 520 55.01 -34.63 14.15
CA LYS C 520 55.77 -35.41 15.12
C LYS C 520 54.89 -35.85 16.28
N LEU C 521 54.08 -34.92 16.81
CA LEU C 521 53.32 -35.15 18.03
C LEU C 521 52.48 -36.42 17.99
N PHE C 522 52.25 -37.02 16.82
CA PHE C 522 51.43 -38.22 16.78
C PHE C 522 52.01 -39.31 15.88
N VAL C 523 53.32 -39.25 15.57
CA VAL C 523 53.90 -40.38 14.86
C VAL C 523 53.54 -41.68 15.57
N HIS C 524 53.63 -41.68 16.90
CA HIS C 524 53.37 -42.89 17.66
C HIS C 524 52.01 -43.48 17.33
N VAL C 525 50.98 -42.64 17.21
CA VAL C 525 49.66 -43.22 16.98
C VAL C 525 49.64 -43.96 15.66
N LYS C 526 50.28 -43.41 14.62
CA LYS C 526 50.39 -44.17 13.38
C LYS C 526 50.86 -45.56 13.69
N GLU C 527 51.97 -45.67 14.43
CA GLU C 527 52.53 -46.98 14.71
C GLU C 527 51.46 -47.81 15.39
N GLU C 528 50.83 -47.23 16.41
CA GLU C 528 49.77 -47.93 17.13
C GLU C 528 48.66 -48.35 16.18
N ALA C 529 48.20 -47.42 15.34
CA ALA C 529 47.17 -47.79 14.38
C ALA C 529 47.60 -49.01 13.58
N THR C 530 48.86 -49.04 13.18
CA THR C 530 49.37 -50.23 12.50
C THR C 530 49.12 -51.46 13.37
N THR C 531 49.60 -51.44 14.61
CA THR C 531 49.36 -52.57 15.50
C THR C 531 47.88 -52.86 15.68
N PHE C 532 47.03 -51.83 15.68
CA PHE C 532 45.67 -51.98 16.14
C PHE C 532 44.78 -52.75 15.17
N TYR C 533 44.88 -52.46 13.87
CA TYR C 533 44.08 -53.15 12.86
C TYR C 533 44.97 -53.85 11.82
N MET C 534 46.17 -54.24 12.24
CA MET C 534 47.06 -55.09 11.45
C MET C 534 46.70 -56.55 11.68
N ALA C 535 46.22 -56.86 12.89
CA ALA C 535 45.84 -58.20 13.31
C ALA C 535 44.48 -58.59 12.76
N ASP C 556 41.81 -51.54 20.82
CA ASP C 556 40.56 -51.54 21.57
C ASP C 556 40.26 -50.19 22.21
N LYS C 557 40.32 -50.19 23.53
CA LYS C 557 39.80 -49.12 24.35
C LYS C 557 40.92 -48.16 24.78
N GLU C 558 42.10 -48.70 25.09
CA GLU C 558 43.29 -47.85 25.21
C GLU C 558 43.59 -47.14 23.90
N TYR C 559 43.33 -47.82 22.77
CA TYR C 559 43.58 -47.21 21.46
C TYR C 559 42.74 -45.95 21.26
N ARG C 560 41.45 -46.04 21.53
CA ARG C 560 40.59 -44.85 21.45
C ARG C 560 41.07 -43.79 22.41
N GLU C 561 41.50 -44.21 23.60
CA GLU C 561 41.90 -43.24 24.60
C GLU C 561 43.11 -42.45 24.08
N HIS C 562 44.06 -43.17 23.48
CA HIS C 562 45.25 -42.56 22.91
C HIS C 562 44.91 -41.64 21.74
N ILE C 563 44.00 -42.07 20.88
CA ILE C 563 43.61 -41.23 19.75
C ILE C 563 43.04 -39.91 20.27
N MET C 564 42.20 -39.98 21.31
CA MET C 564 41.63 -38.75 21.85
C MET C 564 42.68 -37.87 22.49
N THR C 565 43.64 -38.47 23.20
CA THR C 565 44.72 -37.67 23.78
C THR C 565 45.54 -36.98 22.69
N ALA C 566 45.87 -37.71 21.62
CA ALA C 566 46.62 -37.11 20.53
C ALA C 566 45.85 -35.99 19.86
N ILE C 567 44.53 -36.17 19.71
CA ILE C 567 43.71 -35.12 19.12
C ILE C 567 43.75 -33.87 19.98
N GLU C 568 43.63 -34.03 21.31
CA GLU C 568 43.59 -32.86 22.17
C GLU C 568 44.86 -32.02 22.09
N LYS C 569 45.99 -32.60 21.69
CA LYS C 569 47.24 -31.85 21.69
C LYS C 569 47.45 -31.05 20.40
N VAL C 570 46.64 -31.29 19.38
CA VAL C 570 46.74 -30.52 18.13
C VAL C 570 45.38 -29.87 17.86
N PRO C 571 45.16 -28.63 18.29
CA PRO C 571 43.86 -27.99 18.06
C PRO C 571 43.46 -27.96 16.59
N ALA C 572 44.43 -27.80 15.68
CA ALA C 572 44.10 -27.77 14.26
C ALA C 572 43.47 -29.07 13.79
N LEU C 573 43.94 -30.20 14.34
CA LEU C 573 43.34 -31.49 13.98
C LEU C 573 41.90 -31.57 14.46
N GLN C 574 41.64 -31.19 15.72
CA GLN C 574 40.25 -30.96 16.15
C GLN C 574 39.47 -30.15 15.12
N ALA C 575 39.97 -28.98 14.74
CA ALA C 575 39.19 -28.10 13.89
C ALA C 575 38.89 -28.77 12.55
N TYR C 576 39.87 -29.45 11.99
CA TYR C 576 39.68 -30.13 10.72
C TYR C 576 38.66 -31.25 10.84
N LEU C 577 38.77 -32.08 11.88
CA LEU C 577 37.83 -33.18 12.05
C LEU C 577 36.42 -32.68 12.36
N GLU C 578 36.31 -31.51 12.98
CA GLU C 578 35.02 -30.92 13.27
C GLU C 578 34.39 -30.31 12.03
N LEU C 579 35.20 -29.74 11.14
CA LEU C 579 34.67 -29.26 9.86
C LEU C 579 34.01 -30.40 9.10
N VAL C 580 34.79 -31.41 8.73
CA VAL C 580 34.25 -32.65 8.17
C VAL C 580 33.92 -33.53 9.37
N ASN C 581 32.72 -33.36 9.90
CA ASN C 581 32.37 -34.00 11.16
C ASN C 581 32.61 -35.50 11.10
N ALA C 582 31.84 -36.20 10.26
CA ALA C 582 32.15 -37.59 9.96
C ALA C 582 31.90 -37.98 8.51
N GLN C 583 31.42 -37.06 7.67
CA GLN C 583 30.99 -37.41 6.32
C GLN C 583 31.10 -36.19 5.43
N PHE C 584 31.94 -36.27 4.40
CA PHE C 584 31.94 -35.25 3.34
C PHE C 584 31.08 -35.65 2.16
N MET C 585 30.55 -36.86 2.14
CA MET C 585 29.62 -37.25 1.11
C MET C 585 28.19 -37.14 1.62
N PRO C 586 27.23 -36.83 0.75
CA PRO C 586 25.83 -36.83 1.19
C PRO C 586 25.44 -38.17 1.78
N GLN C 587 24.70 -38.12 2.90
CA GLN C 587 24.23 -39.34 3.55
C GLN C 587 22.88 -39.72 2.94
N ASN C 588 22.86 -39.70 1.61
CA ASN C 588 21.74 -40.14 0.79
C ASN C 588 22.26 -40.82 -0.47
N PHE C 589 23.58 -40.88 -0.62
CA PHE C 589 24.18 -41.09 -1.92
C PHE C 589 23.99 -42.53 -2.39
N ASN C 590 23.70 -42.67 -3.69
CA ASN C 590 23.50 -43.97 -4.32
C ASN C 590 24.81 -44.37 -4.99
N TYR C 591 25.50 -45.34 -4.40
CA TYR C 591 26.73 -45.88 -4.99
C TYR C 591 26.45 -46.92 -6.06
N ASP C 592 25.18 -47.28 -6.28
CA ASP C 592 24.79 -48.26 -7.29
C ASP C 592 23.75 -47.60 -8.18
N ARG C 593 24.18 -47.16 -9.36
CA ARG C 593 23.28 -46.48 -10.30
C ARG C 593 22.52 -47.50 -11.16
N SER C 594 21.66 -48.25 -10.49
CA SER C 594 20.78 -49.22 -11.13
C SER C 594 19.32 -48.94 -10.88
N GLY C 595 18.94 -48.56 -9.66
CA GLY C 595 17.57 -48.22 -9.34
C GLY C 595 17.40 -47.76 -7.91
N SER C 596 16.70 -46.64 -7.70
CA SER C 596 16.52 -46.09 -6.37
C SER C 596 17.85 -46.02 -5.65
N ARG C 597 17.87 -46.31 -4.34
CA ARG C 597 19.10 -46.35 -3.57
C ARG C 597 19.39 -47.74 -3.02
N ASP C 598 18.43 -48.34 -2.31
CA ASP C 598 18.66 -49.63 -1.68
C ASP C 598 17.34 -50.14 -1.13
N ASP C 599 17.33 -51.42 -0.77
CA ASP C 599 16.30 -52.01 0.09
C ASP C 599 16.81 -52.13 1.52
N ASP C 600 17.90 -52.87 1.72
CA ASP C 600 18.56 -52.96 3.01
C ASP C 600 20.08 -53.03 2.83
N PHE C 601 20.60 -52.36 1.80
CA PHE C 601 21.99 -52.58 1.40
C PHE C 601 22.97 -51.93 2.36
N TYR C 602 22.66 -50.74 2.86
CA TYR C 602 23.62 -49.94 3.62
C TYR C 602 23.49 -50.13 5.12
N LEU C 603 22.86 -51.22 5.57
CA LEU C 603 22.64 -51.46 6.99
C LEU C 603 23.27 -52.78 7.40
N ILE C 604 23.92 -52.79 8.57
CA ILE C 604 24.57 -53.96 9.12
C ILE C 604 24.16 -54.09 10.59
N SER C 605 24.65 -55.15 11.24
CA SER C 605 24.23 -55.47 12.60
C SER C 605 25.36 -55.39 13.62
N TRP C 606 26.51 -56.03 13.35
CA TRP C 606 27.65 -55.97 14.25
C TRP C 606 27.30 -56.55 15.63
N LEU C 607 27.07 -57.86 15.64
CA LEU C 607 26.42 -58.50 16.78
C LEU C 607 27.32 -58.52 18.02
N LYS C 608 28.48 -59.19 17.93
CA LYS C 608 29.30 -59.37 19.12
C LYS C 608 30.77 -59.56 18.74
N ASP C 609 31.65 -59.12 19.63
CA ASP C 609 33.08 -59.17 19.37
C ASP C 609 33.58 -60.60 19.21
N ASP C 610 33.10 -61.52 20.05
CA ASP C 610 33.55 -62.90 20.00
C ASP C 610 33.20 -63.58 18.69
N ASP C 611 32.27 -63.02 17.91
CA ASP C 611 31.87 -63.60 16.64
C ASP C 611 32.21 -62.73 15.44
N LEU C 612 32.84 -61.58 15.65
CA LEU C 612 33.26 -60.77 14.53
C LEU C 612 34.35 -61.49 13.75
N PRO C 613 34.37 -61.38 12.42
CA PRO C 613 35.43 -62.03 11.64
C PRO C 613 36.76 -61.30 11.77
N GLU C 614 37.78 -61.80 11.10
CA GLU C 614 39.08 -61.15 11.11
C GLU C 614 38.99 -59.78 10.45
N TYR C 615 39.88 -58.88 10.86
CA TYR C 615 40.01 -57.57 10.21
C TYR C 615 38.73 -56.75 10.38
N SER C 616 37.96 -57.06 11.42
CA SER C 616 36.70 -56.38 11.65
C SER C 616 36.91 -54.92 12.07
N ARG C 617 38.05 -54.62 12.70
CA ARG C 617 38.35 -53.24 13.03
C ARG C 617 38.46 -52.39 11.76
N LEU C 618 38.94 -52.98 10.67
CA LEU C 618 38.91 -52.28 9.38
C LEU C 618 37.49 -51.96 8.97
N PHE C 619 36.59 -52.93 9.11
CA PHE C 619 35.18 -52.68 8.79
C PHE C 619 34.48 -52.08 10.01
N LYS C 620 35.14 -51.09 10.62
CA LYS C 620 34.52 -50.19 11.58
C LYS C 620 34.98 -48.75 11.39
N SER C 621 36.13 -48.53 10.77
CA SER C 621 36.69 -47.21 10.54
C SER C 621 36.74 -46.83 9.07
N LEU C 622 36.39 -47.75 8.17
CA LEU C 622 36.39 -47.48 6.74
C LEU C 622 35.01 -47.08 6.22
N PHE C 623 33.94 -47.69 6.75
CA PHE C 623 32.61 -47.52 6.19
C PHE C 623 31.55 -47.19 7.22
N LEU C 624 31.90 -47.06 8.50
CA LEU C 624 30.95 -47.20 9.60
C LEU C 624 31.07 -46.03 10.56
N ASN C 625 31.03 -44.81 10.03
CA ASN C 625 31.35 -43.58 10.77
C ASN C 625 30.38 -43.25 11.90
N SER C 626 29.36 -44.01 12.31
CA SER C 626 28.47 -43.59 13.39
C SER C 626 28.20 -44.77 14.31
N GLU C 627 27.77 -44.44 15.54
CA GLU C 627 27.35 -45.43 16.53
C GLU C 627 25.98 -45.02 17.05
N VAL C 628 24.93 -45.36 16.31
CA VAL C 628 23.54 -45.10 16.69
C VAL C 628 22.68 -46.18 16.05
N ALA C 629 21.40 -46.23 16.47
CA ALA C 629 20.50 -47.26 15.99
C ALA C 629 20.15 -47.12 14.51
N ALA C 630 20.47 -45.98 13.90
CA ALA C 630 20.16 -45.76 12.49
C ALA C 630 18.67 -45.94 12.22
N PHE C 645 17.57 -38.20 23.13
CA PHE C 645 17.68 -38.30 21.68
C PHE C 645 17.77 -36.91 21.05
N ARG C 646 18.22 -35.92 21.83
CA ARG C 646 18.23 -34.54 21.40
C ARG C 646 19.61 -33.90 21.31
N TYR C 647 20.56 -34.31 22.14
CA TYR C 647 21.85 -33.62 22.30
C TYR C 647 22.97 -34.54 21.90
N ARG C 648 22.83 -35.16 20.74
CA ARG C 648 23.59 -36.35 20.41
C ARG C 648 24.47 -36.15 19.18
N ASN C 649 25.73 -36.58 19.31
CA ASN C 649 26.73 -36.30 18.29
C ASN C 649 26.40 -37.00 16.99
N LEU C 650 25.94 -38.25 17.08
CA LEU C 650 25.42 -39.03 15.96
C LEU C 650 26.50 -39.41 14.96
N TYR C 651 27.70 -38.83 15.08
CA TYR C 651 28.75 -39.04 14.09
C TYR C 651 30.05 -39.56 14.72
N SER C 652 30.60 -38.89 15.72
CA SER C 652 31.73 -39.41 16.50
C SER C 652 32.83 -39.96 15.59
N TYR C 653 33.48 -39.04 14.87
CA TYR C 653 34.58 -39.43 13.98
C TYR C 653 35.66 -40.24 14.67
N LEU C 654 35.62 -40.36 15.99
CA LEU C 654 36.59 -41.15 16.73
C LEU C 654 36.34 -42.63 16.53
N PRO C 655 37.28 -43.48 16.93
CA PRO C 655 37.02 -44.93 16.94
C PRO C 655 35.77 -45.24 17.76
N LEU C 656 34.97 -46.15 17.23
CA LEU C 656 33.60 -46.37 17.69
C LEU C 656 33.50 -47.71 18.41
N GLN C 657 32.71 -47.76 19.48
CA GLN C 657 32.50 -49.00 20.22
C GLN C 657 31.03 -49.33 20.05
N LEU C 658 30.73 -50.36 19.26
CA LEU C 658 29.36 -50.64 18.89
C LEU C 658 28.76 -51.69 19.80
N THR C 659 27.45 -51.60 20.02
CA THR C 659 26.76 -52.54 20.90
C THR C 659 26.14 -53.64 20.06
N SER C 660 25.58 -54.63 20.76
CA SER C 660 25.10 -55.84 20.10
C SER C 660 23.72 -55.64 19.49
N ALA C 661 23.55 -56.21 18.30
CA ALA C 661 22.25 -56.27 17.62
C ALA C 661 21.68 -54.86 17.43
N THR C 662 22.43 -54.04 16.71
CA THR C 662 22.02 -52.68 16.39
C THR C 662 22.30 -52.39 14.93
N PHE C 663 21.33 -51.77 14.26
CA PHE C 663 21.47 -51.43 12.85
C PHE C 663 22.36 -50.20 12.70
N TYR C 664 23.34 -50.28 11.81
CA TYR C 664 24.28 -49.19 11.56
C TYR C 664 24.36 -48.93 10.06
N LYS C 665 24.40 -47.65 9.70
CA LYS C 665 24.48 -47.25 8.30
C LYS C 665 25.93 -47.20 7.85
N ILE C 666 26.13 -47.43 6.55
CA ILE C 666 27.46 -47.50 5.95
C ILE C 666 27.71 -46.30 5.06
N ASP C 667 28.91 -45.73 5.17
CA ASP C 667 29.36 -44.65 4.29
C ASP C 667 30.71 -45.04 3.71
N PHE C 668 30.75 -45.29 2.41
CA PHE C 668 31.92 -45.89 1.78
C PHE C 668 33.15 -45.00 1.81
N LEU C 669 32.98 -43.68 1.88
CA LEU C 669 34.08 -42.73 1.74
C LEU C 669 34.39 -42.01 3.06
N ALA C 670 34.34 -42.73 4.17
CA ALA C 670 34.63 -42.15 5.48
C ALA C 670 36.07 -42.34 5.93
N PHE C 671 36.87 -43.13 5.21
CA PHE C 671 38.20 -43.49 5.70
C PHE C 671 39.10 -42.27 5.82
N ALA C 672 39.05 -41.36 4.84
CA ALA C 672 40.00 -40.26 4.80
C ALA C 672 39.81 -39.27 5.93
N ILE C 673 38.68 -39.31 6.62
CA ILE C 673 38.31 -38.28 7.58
C ILE C 673 38.18 -38.84 8.99
N LYS C 674 38.59 -40.09 9.21
CA LYS C 674 38.67 -40.63 10.55
C LYS C 674 39.98 -40.18 11.19
N ALA C 675 39.92 -39.89 12.49
CA ALA C 675 41.07 -39.31 13.16
C ALA C 675 42.31 -40.17 13.02
N ASP C 676 42.19 -41.45 13.38
CA ASP C 676 43.36 -42.34 13.35
C ASP C 676 43.88 -42.52 11.93
N LEU C 677 42.98 -42.75 10.97
CA LEU C 677 43.41 -42.95 9.59
C LEU C 677 44.00 -41.66 9.02
N LEU C 678 43.39 -40.52 9.33
CA LEU C 678 43.92 -39.24 8.86
C LEU C 678 45.33 -39.03 9.37
N MET C 679 45.57 -39.31 10.65
CA MET C 679 46.90 -39.08 11.22
C MET C 679 47.90 -40.11 10.71
N TYR C 680 47.47 -41.35 10.48
CA TYR C 680 48.31 -42.31 9.79
C TYR C 680 48.75 -41.76 8.43
N ASN C 681 47.80 -41.24 7.66
CA ASN C 681 48.11 -40.71 6.34
C ASN C 681 49.02 -39.49 6.43
N VAL C 682 48.81 -38.63 7.43
CA VAL C 682 49.65 -37.45 7.59
C VAL C 682 51.09 -37.85 7.87
N VAL C 683 51.28 -38.80 8.79
CA VAL C 683 52.64 -39.23 9.11
C VAL C 683 53.27 -39.95 7.92
N ARG C 684 52.48 -40.74 7.19
CA ARG C 684 53.00 -41.38 5.98
C ARG C 684 53.45 -40.34 4.97
N PHE C 685 52.63 -39.29 4.77
CA PHE C 685 52.94 -38.25 3.80
C PHE C 685 54.22 -37.51 4.18
N VAL C 686 54.36 -37.15 5.45
CA VAL C 686 55.54 -36.38 5.87
C VAL C 686 56.79 -37.25 5.83
N GLU C 687 56.70 -38.47 6.35
CA GLU C 687 57.89 -39.30 6.52
C GLU C 687 58.31 -39.96 5.21
N GLU C 688 57.44 -40.80 4.65
CA GLU C 688 57.80 -41.53 3.44
C GLU C 688 57.93 -40.59 2.26
N GLU C 689 58.99 -40.78 1.47
CA GLU C 689 59.25 -39.98 0.28
C GLU C 689 59.49 -40.94 -0.89
N GLY C 690 58.40 -41.36 -1.54
CA GLY C 690 58.48 -42.18 -2.72
C GLY C 690 57.90 -41.48 -3.93
N ASP C 691 56.75 -41.97 -4.39
CA ASP C 691 56.03 -41.32 -5.49
C ASP C 691 54.54 -41.18 -5.24
N THR C 692 53.98 -41.87 -4.25
CA THR C 692 52.57 -41.75 -3.91
C THR C 692 52.38 -40.74 -2.78
N ILE C 693 51.17 -40.19 -2.71
CA ILE C 693 50.77 -39.28 -1.64
C ILE C 693 49.43 -39.75 -1.12
N PRO C 694 49.26 -39.90 0.19
CA PRO C 694 47.94 -40.30 0.71
C PRO C 694 46.88 -39.27 0.36
N TYR C 695 45.68 -39.77 0.12
CA TYR C 695 44.57 -38.87 -0.19
C TYR C 695 44.18 -38.09 1.06
N PHE C 696 44.03 -36.78 0.90
CA PHE C 696 43.56 -35.91 1.97
C PHE C 696 42.32 -35.16 1.51
N MET C 697 41.33 -35.09 2.39
CA MET C 697 40.08 -34.37 2.09
C MET C 697 40.31 -32.89 2.37
N SER C 698 40.87 -32.20 1.37
CA SER C 698 41.17 -30.78 1.48
C SER C 698 40.43 -29.92 0.46
N ASN C 699 39.71 -30.53 -0.48
CA ASN C 699 39.01 -29.82 -1.54
C ASN C 699 37.61 -30.42 -1.69
N MET C 700 36.59 -29.56 -1.68
CA MET C 700 35.24 -30.06 -1.89
C MET C 700 34.97 -30.44 -3.33
N PHE C 701 35.70 -29.84 -4.28
CA PHE C 701 35.56 -30.27 -5.67
C PHE C 701 35.96 -31.73 -5.84
N HIS C 702 36.74 -32.27 -4.89
CA HIS C 702 36.91 -33.71 -4.81
C HIS C 702 35.55 -34.39 -4.61
N ILE C 703 34.66 -33.78 -3.81
CA ILE C 703 33.32 -34.32 -3.66
C ILE C 703 32.54 -34.22 -4.97
N ASP C 704 32.76 -33.14 -5.72
CA ASP C 704 32.20 -33.03 -7.05
C ASP C 704 32.61 -34.23 -7.89
N VAL C 705 33.89 -34.59 -7.87
CA VAL C 705 34.34 -35.74 -8.63
C VAL C 705 33.73 -37.02 -8.07
N PHE C 706 33.65 -37.13 -6.74
CA PHE C 706 33.19 -38.36 -6.12
C PHE C 706 31.75 -38.66 -6.50
N VAL C 707 30.88 -37.66 -6.47
CA VAL C 707 29.49 -37.89 -6.84
C VAL C 707 29.35 -38.25 -8.31
N ARG C 708 30.33 -37.90 -9.13
CA ARG C 708 30.31 -38.25 -10.55
C ARG C 708 30.83 -39.66 -10.82
N HIS C 709 31.50 -40.28 -9.87
CA HIS C 709 32.12 -41.58 -10.11
C HIS C 709 31.05 -42.67 -10.27
N ASN C 710 31.44 -43.73 -10.98
CA ASN C 710 30.50 -44.79 -11.34
C ASN C 710 30.20 -45.70 -10.14
N TYR C 711 31.23 -46.33 -9.59
CA TYR C 711 31.15 -47.26 -8.47
C TYR C 711 30.55 -48.61 -8.84
N ASN C 712 30.30 -48.86 -10.12
CA ASN C 712 29.79 -50.16 -10.55
C ASN C 712 30.15 -50.42 -12.02
N GLY C 718 29.40 -59.28 -4.56
CA GLY C 718 29.85 -58.78 -5.86
C GLY C 718 29.72 -57.26 -5.91
N LYS C 719 28.51 -56.76 -5.62
CA LYS C 719 28.27 -55.33 -5.63
C LYS C 719 29.13 -54.62 -4.59
N PHE C 720 29.06 -55.09 -3.34
CA PHE C 720 29.83 -54.47 -2.28
C PHE C 720 31.33 -54.56 -2.54
N ALA C 721 31.79 -55.70 -3.03
CA ALA C 721 33.22 -55.86 -3.29
C ALA C 721 33.69 -54.87 -4.35
N TYR C 722 32.92 -54.71 -5.42
CA TYR C 722 33.31 -53.77 -6.47
C TYR C 722 33.30 -52.34 -5.97
N ILE C 723 32.29 -51.96 -5.19
CA ILE C 723 32.27 -50.60 -4.64
C ILE C 723 33.46 -50.38 -3.72
N ALA C 724 33.76 -51.37 -2.87
CA ALA C 724 34.91 -51.25 -1.97
C ALA C 724 36.21 -51.11 -2.74
N LYS C 725 36.36 -51.89 -3.81
CA LYS C 725 37.57 -51.77 -4.62
C LYS C 725 37.66 -50.39 -5.27
N GLN C 726 36.53 -49.85 -5.73
CA GLN C 726 36.53 -48.50 -6.27
C GLN C 726 36.99 -47.50 -5.22
N ILE C 727 36.52 -47.67 -3.98
CA ILE C 727 36.95 -46.79 -2.90
C ILE C 727 38.45 -46.92 -2.68
N VAL C 728 38.96 -48.15 -2.66
CA VAL C 728 40.38 -48.38 -2.37
C VAL C 728 41.25 -48.06 -3.59
N PHE C 729 40.85 -48.54 -4.77
CA PHE C 729 41.71 -48.51 -5.95
C PHE C 729 41.11 -47.75 -7.13
N GLY C 730 39.82 -47.94 -7.40
CA GLY C 730 39.25 -47.42 -8.64
C GLY C 730 39.31 -45.90 -8.74
N LEU C 731 39.02 -45.22 -7.64
CA LEU C 731 39.01 -43.75 -7.66
C LEU C 731 40.38 -43.15 -7.87
N TRP C 732 41.45 -43.95 -7.78
CA TRP C 732 42.80 -43.43 -7.80
C TRP C 732 43.63 -44.08 -8.91
N TRP C 745 38.12 -34.00 -14.72
CA TRP C 745 37.45 -34.55 -13.55
C TRP C 745 38.45 -34.98 -12.50
N TYR C 746 39.11 -36.11 -12.76
CA TYR C 746 40.05 -36.70 -11.81
C TYR C 746 41.35 -35.91 -11.69
N LYS C 747 41.59 -34.97 -12.60
CA LYS C 747 42.77 -34.12 -12.48
C LYS C 747 42.75 -33.26 -11.23
N SER C 748 41.59 -33.14 -10.57
CA SER C 748 41.55 -32.42 -9.30
C SER C 748 42.22 -33.20 -8.18
N PHE C 749 42.57 -34.46 -8.40
CA PHE C 749 43.35 -35.24 -7.44
C PHE C 749 44.85 -35.16 -7.69
N ASP C 750 45.28 -34.23 -8.54
CA ASP C 750 46.68 -34.23 -9.00
C ASP C 750 47.65 -34.03 -7.84
N THR C 751 47.41 -32.99 -7.02
CA THR C 751 48.27 -32.68 -5.88
C THR C 751 49.63 -32.18 -6.36
N VAL C 752 50.23 -31.23 -5.65
CA VAL C 752 51.53 -30.68 -6.02
C VAL C 752 52.69 -31.51 -5.51
N PHE C 753 52.43 -32.50 -4.65
CA PHE C 753 53.49 -33.26 -4.00
C PHE C 753 53.78 -34.60 -4.65
N GLY C 754 52.83 -35.18 -5.38
CA GLY C 754 53.01 -36.52 -5.91
C GLY C 754 52.39 -36.67 -7.28
N THR C 755 52.72 -37.79 -7.91
CA THR C 755 52.18 -38.16 -9.21
C THR C 755 50.81 -38.82 -9.11
N LYS C 756 50.65 -39.78 -8.20
CA LYS C 756 49.41 -40.51 -8.04
C LYS C 756 48.90 -40.21 -6.64
N ILE C 757 47.78 -40.82 -6.27
CA ILE C 757 47.23 -40.66 -4.93
C ILE C 757 46.79 -42.02 -4.43
N GLU C 758 47.32 -42.44 -3.29
CA GLU C 758 46.82 -43.60 -2.59
C GLU C 758 45.61 -43.20 -1.76
N ALA C 759 44.96 -44.20 -1.16
CA ALA C 759 43.86 -43.97 -0.24
C ALA C 759 44.27 -44.19 1.20
N LEU C 760 44.88 -45.34 1.49
CA LEU C 760 45.40 -45.62 2.84
C LEU C 760 46.44 -46.72 2.68
N HIS C 761 47.70 -46.38 2.90
CA HIS C 761 48.78 -47.31 2.57
C HIS C 761 48.69 -48.59 3.41
N LEU C 762 48.11 -48.51 4.61
CA LEU C 762 48.08 -49.69 5.46
C LEU C 762 47.26 -50.81 4.84
N LEU C 763 46.23 -50.47 4.07
CA LEU C 763 45.47 -51.50 3.37
C LEU C 763 46.37 -52.35 2.49
N VAL C 764 47.45 -51.77 1.97
CA VAL C 764 48.43 -52.56 1.23
C VAL C 764 49.05 -53.61 2.14
N ASP C 765 49.57 -53.18 3.29
CA ASP C 765 50.23 -54.12 4.20
C ASP C 765 49.27 -55.20 4.66
N ILE C 766 48.04 -54.82 5.00
CA ILE C 766 47.05 -55.81 5.38
C ILE C 766 46.87 -56.84 4.27
N ALA C 767 46.80 -56.37 3.02
CA ALA C 767 46.67 -57.31 1.91
C ALA C 767 47.81 -58.33 1.92
N GLU C 768 49.02 -57.86 2.22
CA GLU C 768 50.15 -58.77 2.30
C GLU C 768 49.86 -59.93 3.23
N GLN C 769 49.34 -59.64 4.43
CA GLN C 769 49.06 -60.72 5.37
C GLN C 769 48.05 -61.69 4.80
N ILE C 770 47.09 -61.21 4.00
CA ILE C 770 46.15 -62.12 3.37
C ILE C 770 46.90 -63.09 2.45
N LYS C 771 47.88 -62.59 1.69
CA LYS C 771 48.68 -63.49 0.87
C LYS C 771 49.34 -64.57 1.72
N ILE C 772 49.75 -64.23 2.94
CA ILE C 772 50.35 -65.23 3.82
C ILE C 772 49.31 -66.24 4.26
N SER C 773 48.07 -65.78 4.50
CA SER C 773 47.01 -66.65 4.97
C SER C 773 46.44 -67.55 3.88
N ASP C 774 46.77 -67.29 2.62
CA ASP C 774 46.26 -68.10 1.52
C ASP C 774 47.40 -68.58 0.63
N GLU C 786 51.11 -52.15 -12.19
CA GLU C 786 49.76 -51.78 -11.77
C GLU C 786 48.97 -53.02 -11.36
N GLN C 787 49.35 -54.16 -11.92
CA GLN C 787 48.62 -55.40 -11.67
C GLN C 787 48.69 -55.80 -10.20
N LYS C 788 49.87 -55.63 -9.58
CA LYS C 788 50.01 -56.01 -8.17
C LYS C 788 49.15 -55.12 -7.26
N ARG C 789 49.13 -53.80 -7.52
CA ARG C 789 48.27 -52.93 -6.73
C ARG C 789 46.80 -53.30 -6.91
N ASP C 790 46.40 -53.61 -8.14
CA ASP C 790 45.01 -54.02 -8.38
C ASP C 790 44.69 -55.30 -7.62
N GLU C 791 45.61 -56.27 -7.64
CA GLU C 791 45.36 -57.55 -6.99
C GLU C 791 45.25 -57.39 -5.47
N GLN C 792 46.14 -56.60 -4.87
CA GLN C 792 46.05 -56.35 -3.42
C GLN C 792 44.75 -55.63 -3.06
N ALA C 793 44.40 -54.61 -3.84
CA ALA C 793 43.15 -53.88 -3.57
C ALA C 793 41.95 -54.82 -3.67
N LYS C 794 41.96 -55.72 -4.65
CA LYS C 794 40.96 -56.77 -4.66
C LYS C 794 40.93 -57.61 -3.40
N LYS C 795 42.09 -58.08 -2.96
CA LYS C 795 42.06 -58.89 -1.74
C LYS C 795 41.36 -58.16 -0.63
N VAL C 796 41.67 -56.87 -0.49
CA VAL C 796 41.08 -56.09 0.59
C VAL C 796 39.58 -55.94 0.37
N ALA C 797 39.15 -55.73 -0.88
CA ALA C 797 37.72 -55.58 -1.16
C ALA C 797 36.96 -56.87 -0.89
N GLU C 798 37.51 -58.01 -1.33
CA GLU C 798 36.95 -59.33 -1.01
C GLU C 798 36.86 -59.59 0.50
N LYS C 799 37.91 -59.28 1.24
CA LYS C 799 37.85 -59.49 2.69
C LYS C 799 36.77 -58.59 3.31
N LEU C 800 36.70 -57.33 2.87
CA LEU C 800 35.70 -56.42 3.39
C LEU C 800 34.29 -56.88 3.02
N ALA C 801 34.11 -57.41 1.81
CA ALA C 801 32.81 -57.90 1.40
C ALA C 801 32.41 -59.14 2.20
N ALA C 802 33.38 -60.02 2.50
CA ALA C 802 33.08 -61.16 3.35
C ALA C 802 32.64 -60.70 4.73
N ILE C 803 33.34 -59.70 5.29
CA ILE C 803 32.93 -59.15 6.57
C ILE C 803 31.52 -58.58 6.48
N TYR C 804 31.25 -57.82 5.41
CA TYR C 804 29.96 -57.19 5.23
C TYR C 804 28.83 -58.22 5.16
N HIS C 805 29.04 -59.30 4.40
CA HIS C 805 28.03 -60.33 4.29
C HIS C 805 27.86 -61.09 5.59
N HIS C 806 28.94 -61.29 6.34
CA HIS C 806 28.84 -61.99 7.62
C HIS C 806 27.97 -61.23 8.61
N ILE C 807 28.12 -59.91 8.66
CA ILE C 807 27.41 -59.09 9.65
C ILE C 807 26.08 -58.63 9.09
N GLY C 808 25.68 -59.18 7.95
CA GLY C 808 24.36 -58.91 7.42
C GLY C 808 23.29 -59.69 8.18
N MET C 809 22.08 -59.14 8.19
CA MET C 809 20.99 -59.76 8.94
C MET C 809 20.58 -61.08 8.31
N SER C 810 20.79 -61.22 7.00
CA SER C 810 20.39 -62.44 6.29
C SER C 810 21.18 -63.63 6.81
N ARG C 811 22.48 -63.43 7.05
CA ARG C 811 23.32 -64.48 7.62
C ARG C 811 23.04 -64.70 9.10
N ILE C 812 22.87 -63.61 9.85
CA ILE C 812 22.71 -63.72 11.30
C ILE C 812 21.45 -64.50 11.63
N LEU C 813 20.35 -64.22 10.93
CA LEU C 813 19.09 -64.92 11.14
C LEU C 813 18.96 -66.17 10.29
N SER C 814 20.05 -66.62 9.67
CA SER C 814 19.99 -67.79 8.80
C SER C 814 19.60 -69.04 9.58
N ARG C 815 20.01 -69.13 10.85
CA ARG C 815 19.69 -70.31 11.65
C ARG C 815 18.30 -70.25 12.25
N LEU C 816 17.64 -69.09 12.23
CA LEU C 816 16.28 -68.98 12.73
C LEU C 816 15.23 -69.34 11.69
N HIS C 817 15.64 -69.64 10.45
CA HIS C 817 14.68 -70.13 9.47
C HIS C 817 14.19 -71.51 9.88
N GLN C 818 13.05 -71.89 9.32
CA GLN C 818 12.33 -73.13 9.65
C GLN C 818 11.71 -73.11 11.03
N LEU C 819 11.79 -71.97 11.74
CA LEU C 819 11.18 -71.82 13.06
C LEU C 819 9.94 -70.94 12.96
N PRO C 820 8.75 -71.43 13.28
CA PRO C 820 7.57 -70.56 13.21
C PRO C 820 7.66 -69.40 14.19
N PHE C 821 7.09 -68.27 13.78
CA PHE C 821 7.06 -67.08 14.62
C PHE C 821 5.70 -66.41 14.49
N ILE C 822 5.33 -65.67 15.53
CA ILE C 822 4.13 -64.85 15.47
C ILE C 822 4.36 -63.70 14.49
N ALA C 823 3.29 -63.27 13.84
CA ALA C 823 3.44 -62.25 12.80
C ALA C 823 3.49 -60.84 13.39
N GLU C 824 4.34 -60.63 14.40
CA GLU C 824 4.74 -59.28 14.79
C GLU C 824 6.23 -59.15 15.03
N ILE C 825 6.94 -60.24 15.35
CA ILE C 825 8.36 -60.18 15.64
C ILE C 825 9.22 -60.23 14.38
N LYS C 826 8.65 -60.57 13.23
CA LYS C 826 9.42 -60.55 11.99
C LYS C 826 9.92 -59.16 11.67
N SER C 827 9.21 -58.13 12.12
CA SER C 827 9.64 -56.74 11.99
C SER C 827 10.42 -56.26 13.21
N ASN C 828 11.04 -57.17 13.95
CA ASN C 828 11.80 -56.89 15.16
C ASN C 828 13.15 -57.59 15.11
N LYS C 829 13.86 -57.38 14.00
CA LYS C 829 15.05 -58.17 13.71
C LYS C 829 16.07 -58.13 14.84
N GLU C 830 16.10 -57.05 15.61
CA GLU C 830 17.04 -56.97 16.73
C GLU C 830 16.75 -58.05 17.77
N LEU C 831 15.47 -58.23 18.11
CA LEU C 831 15.11 -59.25 19.09
C LEU C 831 15.38 -60.65 18.53
N LEU C 832 15.16 -60.85 17.23
CA LEU C 832 15.46 -62.13 16.62
C LEU C 832 16.96 -62.42 16.67
N GLN C 833 17.78 -61.40 16.42
CA GLN C 833 19.23 -61.58 16.53
C GLN C 833 19.64 -61.91 17.97
N HIS C 834 19.03 -61.24 18.94
CA HIS C 834 19.29 -61.58 20.34
C HIS C 834 18.90 -63.03 20.61
N PHE C 835 17.79 -63.49 20.03
CA PHE C 835 17.34 -64.87 20.22
C PHE C 835 18.33 -65.86 19.62
N SER C 836 18.85 -65.56 18.42
CA SER C 836 19.88 -66.41 17.83
C SER C 836 21.10 -66.47 18.74
N GLU C 837 21.53 -65.32 19.24
CA GLU C 837 22.69 -65.27 20.12
C GLU C 837 22.46 -66.11 21.36
N ALA C 838 21.26 -66.01 21.93
CA ALA C 838 20.93 -66.80 23.12
C ALA C 838 20.94 -68.29 22.80
N ILE C 839 20.48 -68.68 21.60
CA ILE C 839 20.51 -70.08 21.22
C ILE C 839 21.96 -70.59 21.19
N VAL C 840 22.83 -69.85 20.51
CA VAL C 840 24.23 -70.26 20.44
C VAL C 840 24.85 -70.30 21.83
N LYS C 841 24.54 -69.28 22.65
CA LYS C 841 25.12 -69.17 23.98
C LYS C 841 24.66 -70.30 24.89
N LEU C 842 23.41 -70.73 24.73
CA LEU C 842 22.90 -71.85 25.52
C LEU C 842 23.53 -73.16 25.08
N GLU C 843 23.72 -73.35 23.77
CA GLU C 843 24.28 -74.61 23.31
C GLU C 843 25.80 -74.67 23.45
N LYS C 844 26.48 -73.55 23.71
CA LYS C 844 27.92 -73.59 23.92
C LYS C 844 28.32 -73.94 25.35
N TYR C 845 27.47 -73.64 26.34
CA TYR C 845 27.78 -74.00 27.72
C TYR C 845 27.33 -75.41 28.08
N ALA C 846 26.41 -75.99 27.32
CA ALA C 846 25.94 -77.35 27.57
C ALA C 846 26.37 -78.34 26.50
N SER C 847 26.71 -77.88 25.31
CA SER C 847 27.16 -78.74 24.22
C SER C 847 26.11 -79.81 23.91
N ASP C 848 24.94 -79.33 23.47
CA ASP C 848 23.81 -80.19 23.15
C ASP C 848 23.30 -80.04 21.73
N THR C 849 23.80 -79.07 20.97
CA THR C 849 23.47 -78.92 19.55
C THR C 849 21.96 -78.78 19.35
N ILE C 850 21.45 -77.66 19.85
CA ILE C 850 20.02 -77.35 19.76
C ILE C 850 19.58 -77.43 18.30
N ASN C 851 18.62 -78.30 18.02
CA ASN C 851 18.08 -78.44 16.67
C ASN C 851 17.04 -77.35 16.41
N VAL C 852 17.08 -76.80 15.20
CA VAL C 852 16.16 -75.73 14.81
C VAL C 852 15.46 -76.09 13.51
N GLY C 853 15.31 -77.39 13.25
CA GLY C 853 14.58 -77.82 12.06
C GLY C 853 13.13 -77.40 12.09
N ASN C 854 12.53 -77.38 13.27
CA ASN C 854 11.17 -76.90 13.47
C ASN C 854 10.95 -76.71 14.95
N LEU C 855 9.75 -76.29 15.33
CA LEU C 855 9.46 -76.07 16.74
C LEU C 855 9.52 -77.36 17.53
N SER C 856 9.16 -78.49 16.90
CA SER C 856 9.23 -79.78 17.59
C SER C 856 10.69 -80.13 17.94
N GLN C 857 11.59 -79.95 16.97
CA GLN C 857 13.01 -80.22 17.23
C GLN C 857 13.56 -79.29 18.29
N PHE C 858 13.20 -78.01 18.22
CA PHE C 858 13.62 -77.05 19.23
C PHE C 858 13.13 -77.48 20.60
N ARG C 859 11.89 -77.97 20.68
CA ARG C 859 11.34 -78.41 21.96
C ARG C 859 12.08 -79.65 22.48
N GLU C 860 12.39 -80.61 21.60
CA GLU C 860 13.13 -81.78 22.07
C GLU C 860 14.49 -81.36 22.62
N SER C 861 15.18 -80.48 21.89
CA SER C 861 16.48 -80.01 22.35
C SER C 861 16.37 -79.31 23.69
N LEU C 862 15.34 -78.46 23.85
CA LEU C 862 15.19 -77.73 25.10
C LEU C 862 14.93 -78.65 26.26
N LYS C 863 14.14 -79.71 26.05
CA LYS C 863 13.95 -80.65 27.16
C LYS C 863 15.22 -81.43 27.46
N LYS C 864 15.96 -81.81 26.43
CA LYS C 864 17.25 -82.45 26.69
C LYS C 864 18.14 -81.58 27.55
N ILE C 865 18.18 -80.27 27.27
CA ILE C 865 18.97 -79.36 28.09
C ILE C 865 18.38 -79.23 29.49
N GLY C 866 17.04 -79.19 29.58
CA GLY C 866 16.37 -79.03 30.86
C GLY C 866 16.40 -80.25 31.74
N GLN C 867 16.80 -81.40 31.19
CA GLN C 867 16.94 -82.60 32.01
C GLN C 867 17.95 -82.40 33.13
N THR C 868 18.86 -81.43 32.99
CA THR C 868 19.85 -81.11 34.01
C THR C 868 19.65 -79.72 34.60
N TYR C 869 19.55 -78.69 33.77
CA TYR C 869 19.40 -77.33 34.25
C TYR C 869 17.94 -77.05 34.59
N PRO C 870 17.60 -76.75 35.85
CA PRO C 870 16.20 -76.45 36.17
C PRO C 870 15.66 -75.22 35.48
N SER C 871 16.51 -74.26 35.12
CA SER C 871 16.03 -73.01 34.52
C SER C 871 15.53 -73.18 33.09
N ILE C 872 15.96 -74.25 32.41
CA ILE C 872 15.48 -74.49 31.05
C ILE C 872 14.15 -75.23 31.07
N GLN C 873 13.87 -75.99 32.14
CA GLN C 873 12.59 -76.68 32.24
C GLN C 873 11.44 -75.70 32.32
N VAL C 874 11.66 -74.51 32.87
CA VAL C 874 10.61 -73.49 32.91
C VAL C 874 10.22 -73.08 31.49
N LEU C 875 11.22 -72.80 30.66
CA LEU C 875 10.95 -72.45 29.26
C LEU C 875 10.29 -73.61 28.54
N VAL C 876 10.75 -74.83 28.81
CA VAL C 876 10.13 -76.01 28.22
C VAL C 876 8.65 -76.06 28.55
N ASP C 877 8.31 -75.90 29.84
CA ASP C 877 6.93 -75.99 30.27
C ASP C 877 6.09 -74.88 29.66
N LYS C 878 6.64 -73.67 29.55
CA LYS C 878 5.86 -72.58 28.96
C LYS C 878 5.82 -72.65 27.43
N LEU C 879 6.57 -73.57 26.82
CA LEU C 879 6.47 -73.84 25.39
C LEU C 879 5.82 -75.20 25.11
N HIS C 880 4.85 -75.61 25.94
CA HIS C 880 4.25 -76.93 25.78
C HIS C 880 3.37 -76.99 24.53
N ARG C 881 2.27 -76.25 24.57
CA ARG C 881 1.17 -76.37 23.63
C ARG C 881 1.25 -75.31 22.54
N LYS C 882 2.30 -74.50 22.56
CA LYS C 882 2.43 -73.41 21.60
C LYS C 882 2.81 -73.96 20.22
N GLN C 883 2.11 -73.46 19.21
CA GLN C 883 2.34 -73.78 17.81
C GLN C 883 3.44 -72.95 17.17
N LYS C 884 3.79 -71.80 17.75
CA LYS C 884 4.79 -70.93 17.17
C LYS C 884 5.53 -70.22 18.30
N LEU C 885 6.60 -69.52 17.92
CA LEU C 885 7.41 -68.79 18.88
C LEU C 885 6.83 -67.40 19.08
N TYR C 886 6.56 -67.10 20.33
CA TYR C 886 5.85 -65.91 20.81
C TYR C 886 6.84 -64.96 21.47
N VAL C 887 6.48 -63.67 21.48
CA VAL C 887 7.43 -62.66 21.91
C VAL C 887 7.87 -62.90 23.35
N GLU C 888 6.93 -63.22 24.25
CA GLU C 888 7.31 -63.35 25.65
C GLU C 888 8.25 -64.53 25.82
N PHE C 889 7.99 -65.64 25.12
CA PHE C 889 8.85 -66.80 25.28
C PHE C 889 10.26 -66.47 24.83
N ILE C 890 10.40 -65.71 23.75
CA ILE C 890 11.71 -65.32 23.28
C ILE C 890 12.40 -64.42 24.31
N GLN C 891 11.66 -63.46 24.87
CA GLN C 891 12.24 -62.59 25.89
C GLN C 891 12.67 -63.39 27.12
N ASP C 892 11.83 -64.34 27.55
CA ASP C 892 12.17 -65.18 28.69
C ASP C 892 13.37 -66.05 28.40
N PHE C 893 13.47 -66.55 27.17
CA PHE C 893 14.66 -67.29 26.74
C PHE C 893 15.89 -66.42 26.84
N ILE C 894 15.80 -65.17 26.38
CA ILE C 894 16.94 -64.25 26.48
C ILE C 894 17.34 -64.09 27.93
N GLU C 895 16.38 -63.79 28.80
CA GLU C 895 16.67 -63.61 30.22
C GLU C 895 17.32 -64.85 30.82
N THR C 896 16.69 -66.01 30.64
CA THR C 896 17.19 -67.24 31.24
C THR C 896 18.61 -67.54 30.77
N VAL C 897 18.86 -67.45 29.47
CA VAL C 897 20.19 -67.73 28.96
C VAL C 897 21.19 -66.70 29.45
N ASN C 898 20.76 -65.44 29.58
CA ASN C 898 21.67 -64.39 30.05
C ASN C 898 22.14 -64.66 31.46
N LYS C 899 21.23 -65.05 32.35
CA LYS C 899 21.61 -65.31 33.74
C LYS C 899 22.05 -66.75 33.97
N LEU C 900 22.14 -67.55 32.91
CA LEU C 900 22.58 -68.94 32.96
C LEU C 900 24.11 -69.07 32.97
N ASN D 28 60.17 -8.18 20.16
CA ASN D 28 59.18 -9.02 19.51
C ASN D 28 57.96 -8.22 19.09
N TYR D 29 58.16 -7.24 18.21
CA TYR D 29 57.06 -6.41 17.74
C TYR D 29 56.02 -7.28 17.04
N ILE D 30 54.75 -6.98 17.30
CA ILE D 30 53.67 -7.92 17.00
C ILE D 30 53.13 -7.72 15.60
N PHE D 31 53.33 -6.53 15.02
CA PHE D 31 53.04 -6.26 13.61
C PHE D 31 54.29 -6.32 12.75
N SER D 32 55.25 -7.19 13.11
CA SER D 32 56.51 -7.23 12.37
C SER D 32 56.28 -7.59 10.92
N SER D 33 55.40 -8.57 10.67
CA SER D 33 55.15 -9.01 9.31
C SER D 33 54.62 -7.86 8.45
N GLN D 34 53.70 -7.07 9.01
CA GLN D 34 53.15 -5.94 8.26
C GLN D 34 54.22 -4.89 7.97
N LEU D 35 55.09 -4.63 8.93
CA LEU D 35 56.17 -3.67 8.71
C LEU D 35 57.12 -4.15 7.61
N ASP D 36 57.46 -5.44 7.65
CA ASP D 36 58.32 -6.00 6.61
C ASP D 36 57.65 -5.89 5.24
N LYS D 37 56.34 -6.15 5.18
CA LYS D 37 55.63 -6.04 3.92
C LYS D 37 55.58 -4.60 3.42
N VAL D 38 55.40 -3.64 4.33
CA VAL D 38 55.45 -2.23 3.95
C VAL D 38 56.79 -1.91 3.33
N ASN D 39 57.85 -2.37 3.97
CA ASN D 39 59.20 -2.10 3.52
C ASN D 39 59.46 -2.76 2.16
N LEU D 40 58.91 -3.94 1.94
CA LEU D 40 58.97 -4.59 0.63
C LEU D 40 58.26 -3.77 -0.44
N ILE D 41 57.07 -3.25 -0.10
CA ILE D 41 56.35 -2.44 -1.07
C ILE D 41 57.17 -1.21 -1.43
N LEU D 42 57.71 -0.54 -0.41
CA LEU D 42 58.55 0.65 -0.61
C LEU D 42 59.77 0.31 -1.45
N GLU D 43 60.38 -0.82 -1.16
CA GLU D 43 61.48 -1.32 -1.97
C GLU D 43 61.09 -1.48 -3.43
N HIS D 44 59.94 -2.13 -3.71
CA HIS D 44 59.56 -2.40 -5.09
C HIS D 44 59.40 -1.10 -5.86
N MET D 45 58.75 -0.10 -5.22
CA MET D 45 58.49 1.16 -5.90
C MET D 45 59.70 2.09 -5.99
N ASP D 46 60.69 1.89 -5.12
CA ASP D 46 61.85 2.76 -5.17
C ASP D 46 62.64 2.60 -6.47
N THR D 47 62.57 1.42 -7.08
CA THR D 47 63.28 1.21 -8.33
C THR D 47 62.75 2.11 -9.43
N VAL D 48 61.43 2.25 -9.52
CA VAL D 48 60.79 3.09 -10.53
C VAL D 48 60.80 4.53 -10.05
N GLY D 49 61.32 5.43 -10.89
CA GLY D 49 61.37 6.83 -10.55
C GLY D 49 60.83 7.71 -11.66
N GLY D 50 59.80 7.24 -12.35
CA GLY D 50 59.24 7.96 -13.49
C GLY D 50 57.88 8.57 -13.22
N ILE D 51 57.70 9.13 -12.02
CA ILE D 51 56.43 9.74 -11.64
C ILE D 51 55.32 8.71 -11.82
N HIS D 52 55.25 7.76 -10.89
CA HIS D 52 54.30 6.66 -10.96
C HIS D 52 53.36 6.72 -9.76
N SER D 53 52.16 6.17 -9.95
CA SER D 53 51.16 6.13 -8.90
C SER D 53 51.52 5.02 -7.92
N ARG D 54 51.75 5.39 -6.66
CA ARG D 54 52.12 4.43 -5.62
C ARG D 54 51.47 4.85 -4.31
N ASN D 55 50.62 3.99 -3.78
CA ASN D 55 49.92 4.26 -2.54
C ASN D 55 49.80 2.97 -1.73
N ILE D 56 49.61 3.12 -0.42
CA ILE D 56 49.50 2.00 0.50
C ILE D 56 48.24 2.20 1.33
N ALA D 57 47.56 1.10 1.63
CA ALA D 57 46.31 1.12 2.39
C ALA D 57 46.41 0.16 3.57
N ILE D 58 46.50 0.71 4.78
CA ILE D 58 46.59 -0.09 5.99
C ILE D 58 45.19 -0.29 6.54
N THR D 59 44.84 -1.54 6.86
CA THR D 59 43.54 -1.87 7.41
C THR D 59 43.69 -2.74 8.65
N GLY D 60 42.74 -2.59 9.57
CA GLY D 60 42.72 -3.40 10.77
C GLY D 60 42.83 -2.59 12.05
N ASP D 61 43.24 -3.25 13.14
CA ASP D 61 43.32 -2.61 14.45
C ASP D 61 44.78 -2.29 14.76
N ARG D 62 45.24 -1.17 14.21
CA ARG D 62 46.63 -0.72 14.36
C ARG D 62 46.78 0.33 15.46
N GLY D 63 46.30 0.07 16.66
CA GLY D 63 46.21 1.15 17.63
C GLY D 63 46.41 0.80 19.09
N THR D 64 45.96 1.71 19.96
CA THR D 64 45.94 1.58 21.41
C THR D 64 47.15 2.24 22.07
N GLY D 65 47.90 1.51 22.89
CA GLY D 65 48.74 2.15 23.88
C GLY D 65 50.00 2.81 23.38
N LYS D 66 50.99 2.02 22.96
CA LYS D 66 52.28 2.57 22.56
C LYS D 66 52.91 1.86 21.37
N THR D 67 52.23 0.87 20.78
CA THR D 67 52.76 0.13 19.64
C THR D 67 51.83 0.27 18.44
N SER D 68 51.19 1.44 18.31
CA SER D 68 50.34 1.70 17.16
C SER D 68 51.18 1.67 15.89
N PHE D 69 50.67 0.95 14.88
CA PHE D 69 51.44 0.71 13.66
C PHE D 69 51.77 2.00 12.93
N ILE D 70 50.98 3.06 13.13
CA ILE D 70 51.11 4.25 12.30
C ILE D 70 52.30 5.09 12.74
N GLU D 71 52.36 5.45 14.03
CA GLU D 71 53.51 6.23 14.51
C GLU D 71 54.79 5.44 14.32
N THR D 72 54.73 4.15 14.64
CA THR D 72 55.89 3.28 14.55
C THR D 72 56.36 3.16 13.10
N LEU D 73 55.43 3.03 12.16
CA LEU D 73 55.76 3.06 10.73
C LEU D 73 56.36 4.40 10.33
N LYS D 74 55.80 5.50 10.81
CA LYS D 74 56.34 6.82 10.49
C LYS D 74 57.80 6.92 10.90
N LEU D 75 58.10 6.42 12.10
CA LEU D 75 59.45 6.43 12.61
C LEU D 75 60.38 5.58 11.75
N VAL D 76 59.92 4.37 11.39
CA VAL D 76 60.69 3.51 10.50
C VAL D 76 61.01 4.25 9.20
N LEU D 77 60.00 4.90 8.62
CA LEU D 77 60.21 5.65 7.39
C LEU D 77 61.17 6.81 7.58
N GLU D 78 61.08 7.48 8.73
CA GLU D 78 62.01 8.58 9.01
C GLU D 78 63.45 8.11 8.96
N LYS D 79 63.74 6.94 9.55
CA LYS D 79 65.15 6.56 9.56
C LYS D 79 65.61 5.91 8.26
N GLN D 80 64.74 5.74 7.27
CA GLN D 80 65.15 5.31 5.94
C GLN D 80 65.34 6.45 4.96
N ASN D 81 65.52 7.69 5.41
CA ASN D 81 65.50 8.82 4.46
C ASN D 81 64.23 8.87 3.61
N TYR D 82 63.09 8.70 4.25
CA TYR D 82 61.82 9.16 3.69
C TYR D 82 61.35 10.36 4.50
N TYR D 83 61.09 11.48 3.82
CA TYR D 83 60.48 12.63 4.48
C TYR D 83 58.99 12.34 4.66
N VAL D 84 58.54 12.39 5.91
CA VAL D 84 57.15 12.07 6.25
C VAL D 84 56.48 13.35 6.73
N PHE D 85 55.42 13.75 6.01
CA PHE D 85 54.62 14.87 6.47
C PHE D 85 53.97 14.54 7.81
N ASP D 86 53.76 15.56 8.63
CA ASP D 86 53.11 15.34 9.90
C ASP D 86 51.74 14.71 9.68
N ILE D 87 51.43 13.69 10.49
CA ILE D 87 50.32 12.80 10.18
C ILE D 87 49.02 13.60 10.08
N VAL D 88 48.26 13.31 9.03
CA VAL D 88 46.96 13.96 8.81
C VAL D 88 45.93 13.21 9.62
N SER D 89 45.50 13.80 10.74
CA SER D 89 44.54 13.20 11.64
C SER D 89 43.14 13.69 11.31
N PRO D 90 42.12 13.10 11.92
CA PRO D 90 40.77 13.66 11.77
C PRO D 90 40.68 15.10 12.21
N THR D 91 41.54 15.53 13.14
CA THR D 91 41.60 16.94 13.49
C THR D 91 41.98 17.79 12.29
N VAL D 92 42.97 17.34 11.51
CA VAL D 92 43.39 18.08 10.33
C VAL D 92 42.30 18.07 9.26
N LEU D 93 41.66 16.91 9.06
CA LEU D 93 40.62 16.81 8.05
C LEU D 93 39.38 17.62 8.42
N SER D 94 39.14 17.83 9.72
CA SER D 94 38.00 18.62 10.16
C SER D 94 38.19 20.10 9.87
N SER D 95 39.37 20.52 9.44
CA SER D 95 39.61 21.91 9.07
C SER D 95 38.81 22.33 7.85
N HIS D 96 38.23 21.39 7.11
CA HIS D 96 37.49 21.62 5.88
C HIS D 96 38.39 22.06 4.73
N LEU D 97 39.70 22.01 4.91
CA LEU D 97 40.64 22.27 3.83
C LEU D 97 40.94 20.99 3.08
N ASN D 98 41.13 21.10 1.77
CA ASN D 98 41.47 19.94 0.97
C ASN D 98 42.91 19.53 1.26
N ILE D 99 43.23 18.28 0.88
CA ILE D 99 44.53 17.72 1.22
C ILE D 99 45.66 18.50 0.58
N LEU D 100 45.42 19.11 -0.58
CA LEU D 100 46.45 19.94 -1.21
C LEU D 100 46.79 21.14 -0.34
N GLU D 101 45.77 21.80 0.21
CA GLU D 101 46.02 22.94 1.09
C GLU D 101 46.83 22.51 2.31
N ILE D 102 46.48 21.37 2.90
CA ILE D 102 47.21 20.86 4.05
C ILE D 102 48.67 20.59 3.69
N VAL D 103 48.89 19.96 2.53
CA VAL D 103 50.24 19.61 2.11
C VAL D 103 51.07 20.87 1.89
N ILE D 104 50.52 21.86 1.20
CA ILE D 104 51.29 23.07 0.93
C ILE D 104 51.53 23.87 2.21
N SER D 105 50.56 23.87 3.14
CA SER D 105 50.79 24.51 4.42
C SER D 105 51.93 23.83 5.17
N SER D 106 51.95 22.50 5.17
CA SER D 106 53.04 21.77 5.81
C SER D 106 54.37 22.10 5.16
N ILE D 107 54.40 22.17 3.83
CA ILE D 107 55.63 22.51 3.12
C ILE D 107 56.11 23.90 3.52
N TYR D 108 55.19 24.87 3.55
CA TYR D 108 55.57 26.23 3.90
C TYR D 108 56.10 26.30 5.32
N ARG D 109 55.45 25.61 6.26
CA ARG D 109 55.92 25.60 7.63
C ARG D 109 57.30 24.96 7.73
N GLU D 110 57.53 23.85 7.02
CA GLU D 110 58.81 23.19 7.07
C GLU D 110 59.92 24.08 6.53
N ILE D 111 59.66 24.78 5.42
CA ILE D 111 60.69 25.65 4.86
C ILE D 111 60.87 26.92 5.67
N ASP D 112 59.84 27.36 6.40
CA ASP D 112 59.97 28.52 7.29
C ASP D 112 60.61 28.15 8.62
N GLN D 113 60.69 26.86 8.94
CA GLN D 113 61.36 26.45 10.18
C GLN D 113 62.83 26.89 10.17
N PHE D 114 63.50 26.72 9.03
CA PHE D 114 64.89 27.11 8.86
C PHE D 114 64.97 28.24 7.83
N ILE D 115 66.17 28.79 7.69
CA ILE D 115 66.43 29.88 6.76
C ILE D 115 67.65 29.54 5.90
N ASP D 119 69.85 28.44 1.45
CA ASP D 119 69.34 27.88 0.21
C ASP D 119 69.24 28.97 -0.87
N VAL D 120 68.25 29.84 -0.74
CA VAL D 120 68.09 30.98 -1.63
C VAL D 120 67.78 30.52 -3.05
N HIS D 121 68.71 29.79 -3.67
CA HIS D 121 68.57 29.43 -5.08
C HIS D 121 67.31 28.61 -5.32
N ASP D 122 67.07 27.60 -4.50
CA ASP D 122 65.92 26.72 -4.68
C ASP D 122 64.70 27.17 -3.90
N ARG D 123 64.89 27.90 -2.81
CA ARG D 123 63.74 28.31 -2.01
C ARG D 123 62.82 29.22 -2.82
N GLY D 124 63.42 30.14 -3.60
CA GLY D 124 62.62 31.08 -4.37
C GLY D 124 61.73 30.40 -5.39
N ARG D 125 62.27 29.39 -6.08
CA ARG D 125 61.50 28.55 -6.98
C ARG D 125 60.43 27.75 -6.25
N LEU D 126 60.75 27.23 -5.07
CA LEU D 126 59.74 26.59 -4.26
C LEU D 126 58.59 27.56 -3.95
N ILE D 127 58.93 28.80 -3.61
CA ILE D 127 57.92 29.79 -3.29
C ILE D 127 57.09 30.14 -4.53
N GLN D 128 57.73 30.26 -5.68
CA GLN D 128 57.01 30.52 -6.92
C GLN D 128 56.02 29.40 -7.21
N HIS D 129 56.45 28.15 -7.08
CA HIS D 129 55.56 27.03 -7.33
C HIS D 129 54.44 26.96 -6.29
N LEU D 130 54.74 27.33 -5.04
CA LEU D 130 53.69 27.41 -4.03
C LEU D 130 52.64 28.45 -4.42
N LYS D 131 53.09 29.61 -4.90
CA LYS D 131 52.14 30.63 -5.35
C LYS D 131 51.31 30.12 -6.52
N LYS D 132 51.94 29.41 -7.45
CA LYS D 132 51.19 28.86 -8.58
C LYS D 132 50.14 27.85 -8.11
N VAL D 133 50.50 26.98 -7.18
CA VAL D 133 49.55 25.99 -6.67
C VAL D 133 48.40 26.69 -5.94
N MET D 134 48.70 27.72 -5.16
CA MET D 134 47.65 28.47 -4.48
C MET D 134 46.72 29.15 -5.48
N ASN D 135 47.28 29.71 -6.56
CA ASN D 135 46.42 30.21 -7.63
C ASN D 135 45.52 29.13 -8.19
N ALA D 136 46.08 27.96 -8.48
CA ALA D 136 45.26 26.89 -9.04
C ALA D 136 44.12 26.54 -8.10
N ILE D 137 44.41 26.49 -6.81
CA ILE D 137 43.38 26.19 -5.82
C ILE D 137 42.30 27.27 -5.84
N ALA D 138 42.71 28.54 -5.89
CA ALA D 138 41.74 29.63 -5.93
C ALA D 138 40.89 29.57 -7.20
N VAL D 139 41.53 29.26 -8.33
CA VAL D 139 40.80 29.15 -9.60
C VAL D 139 39.76 28.04 -9.50
N GLU D 140 40.14 26.89 -8.96
CA GLU D 140 39.17 25.82 -8.75
C GLU D 140 38.03 26.24 -7.83
N LYS D 141 38.30 27.17 -6.91
CA LYS D 141 37.28 27.66 -6.00
C LYS D 141 36.46 28.81 -6.60
N LYS D 142 36.69 29.14 -7.87
CA LYS D 142 35.97 30.25 -8.52
C LYS D 142 36.18 31.53 -7.74
N GLN D 143 37.41 31.75 -7.33
CA GLN D 143 37.81 32.90 -6.52
C GLN D 143 38.43 34.01 -7.35
N SER D 144 39.20 33.66 -8.37
CA SER D 144 39.99 34.63 -9.10
C SER D 144 39.09 35.66 -9.78
N ASP D 145 39.71 36.74 -10.24
CA ASP D 145 38.98 37.81 -10.90
C ASP D 145 38.31 37.35 -12.19
N TYR D 146 38.72 36.18 -12.71
CA TYR D 146 38.13 35.69 -13.96
C TYR D 146 36.64 35.43 -13.81
N PHE D 147 36.21 34.95 -12.65
CA PHE D 147 34.81 34.62 -12.42
C PHE D 147 34.02 35.77 -11.81
N LYS D 148 34.63 36.94 -11.62
CA LYS D 148 33.96 38.06 -10.97
C LYS D 148 34.10 39.37 -11.74
N GLN D 149 34.67 39.35 -12.93
CA GLN D 149 34.90 40.55 -13.73
C GLN D 149 34.04 40.50 -14.99
N SER D 150 33.41 41.63 -15.30
CA SER D 150 32.53 41.72 -16.48
C SER D 150 33.32 41.57 -17.77
N LYS D 151 34.54 42.08 -17.78
CA LYS D 151 35.41 42.34 -18.93
C LYS D 151 36.74 41.61 -18.81
N PRO D 152 36.76 40.29 -19.10
CA PRO D 152 37.98 39.51 -18.85
C PRO D 152 39.18 40.06 -19.61
N GLU D 153 40.34 40.01 -18.96
CA GLU D 153 41.60 40.40 -19.56
C GLU D 153 42.36 39.15 -19.99
N ILE D 154 43.32 39.35 -20.88
CA ILE D 154 44.00 38.21 -21.49
C ILE D 154 44.89 37.49 -20.47
N GLU D 155 45.59 38.24 -19.62
CA GLU D 155 46.63 37.62 -18.81
C GLU D 155 46.06 36.79 -17.66
N MET D 156 44.83 37.05 -17.23
CA MET D 156 44.22 36.17 -16.23
C MET D 156 44.02 34.77 -16.78
N LEU D 157 44.00 34.61 -18.11
CA LEU D 157 43.96 33.28 -18.71
C LEU D 157 45.17 32.46 -18.31
N THR D 158 46.28 33.11 -17.94
CA THR D 158 47.40 32.37 -17.39
C THR D 158 47.02 31.70 -16.08
N ASP D 159 46.27 32.39 -15.22
CA ASP D 159 45.87 31.80 -13.96
C ASP D 159 45.06 30.53 -14.17
N LEU D 160 44.10 30.56 -15.11
CA LEU D 160 43.37 29.35 -15.43
C LEU D 160 44.33 28.23 -15.81
N SER D 161 45.36 28.54 -16.58
CA SER D 161 46.35 27.53 -16.95
C SER D 161 46.96 26.89 -15.71
N HIS D 162 47.23 27.69 -14.68
CA HIS D 162 47.82 27.15 -13.47
C HIS D 162 46.97 26.01 -12.91
N ARG D 163 45.66 26.05 -13.13
CA ARG D 163 44.80 24.95 -12.68
C ARG D 163 44.68 23.84 -13.71
N THR D 164 44.72 24.18 -15.00
CA THR D 164 44.66 23.14 -16.04
C THR D 164 45.98 22.40 -16.19
N PHE D 165 47.06 22.94 -15.61
CA PHE D 165 48.36 22.29 -15.61
C PHE D 165 48.86 22.09 -14.18
N LEU D 166 47.94 21.84 -13.26
CA LEU D 166 48.29 21.70 -11.87
C LEU D 166 49.21 20.51 -11.62
N ASP D 167 49.14 19.49 -12.48
CA ASP D 167 49.99 18.32 -12.29
C ASP D 167 51.46 18.70 -12.37
N GLU D 168 51.83 19.43 -13.41
CA GLU D 168 53.21 19.84 -13.61
C GLU D 168 53.69 20.79 -12.51
N GLU D 169 52.82 21.72 -12.11
CA GLU D 169 53.18 22.64 -11.03
C GLU D 169 53.41 21.89 -9.73
N ILE D 170 52.55 20.93 -9.41
CA ILE D 170 52.71 20.15 -8.18
C ILE D 170 53.98 19.30 -8.25
N LYS D 171 54.25 18.72 -9.42
CA LYS D 171 55.47 17.92 -9.58
C LYS D 171 56.71 18.78 -9.34
N GLU D 172 56.75 19.97 -9.94
CA GLU D 172 57.88 20.86 -9.72
C GLU D 172 57.96 21.29 -8.26
N LEU D 173 56.82 21.55 -7.63
CA LEU D 173 56.80 21.95 -6.23
C LEU D 173 57.43 20.87 -5.36
N PHE D 174 57.04 19.61 -5.56
CA PHE D 174 57.56 18.54 -4.73
C PHE D 174 59.04 18.26 -5.04
N CYS D 175 59.41 18.34 -6.30
CA CYS D 175 60.82 18.20 -6.67
C CYS D 175 61.67 19.25 -5.94
N TYR D 176 61.23 20.52 -5.97
CA TYR D 176 62.03 21.56 -5.33
C TYR D 176 61.96 21.47 -3.81
N PHE D 177 60.85 20.98 -3.25
CA PHE D 177 60.78 20.75 -1.82
C PHE D 177 61.78 19.68 -1.40
N LYS D 178 61.88 18.59 -2.17
CA LYS D 178 62.87 17.57 -1.89
C LYS D 178 64.28 18.13 -2.02
N LYS D 179 64.53 18.96 -3.02
CA LYS D 179 65.85 19.57 -3.17
C LYS D 179 66.20 20.43 -1.96
N VAL D 180 65.26 21.26 -1.51
CA VAL D 180 65.51 22.11 -0.35
C VAL D 180 65.76 21.28 0.89
N LEU D 181 64.97 20.21 1.08
CA LEU D 181 65.19 19.34 2.24
C LEU D 181 66.55 18.66 2.17
N ASN D 182 66.97 18.24 0.97
CA ASN D 182 68.30 17.65 0.82
C ASN D 182 69.40 18.66 1.12
N ASN D 183 69.16 19.94 0.88
CA ASN D 183 70.18 20.95 1.10
C ASN D 183 70.38 21.30 2.57
N ARG D 184 69.50 20.87 3.47
CA ARG D 184 69.64 21.13 4.90
C ARG D 184 70.25 19.97 5.65
N GLN D 185 70.72 18.94 4.96
CA GLN D 185 71.33 17.79 5.62
C GLN D 185 72.79 18.10 5.91
N ASP D 186 73.20 17.86 7.16
CA ASP D 186 74.57 18.16 7.60
C ASP D 186 75.43 16.92 7.52
N SER D 187 76.71 17.13 7.20
CA SER D 187 77.70 16.06 7.09
C SER D 187 77.38 15.08 5.97
N CYS D 188 76.50 15.47 5.05
CA CYS D 188 76.16 14.66 3.88
C CYS D 188 75.73 13.25 4.31
N LYS D 189 74.64 13.20 5.07
CA LYS D 189 74.14 11.92 5.56
C LYS D 189 73.66 11.05 4.40
N GLU D 190 72.63 11.51 3.68
CA GLU D 190 72.07 10.76 2.57
C GLU D 190 70.95 11.60 1.94
N VAL D 191 70.65 11.30 0.68
CA VAL D 191 69.61 12.00 -0.05
C VAL D 191 68.25 11.41 0.31
N ILE D 192 67.24 12.28 0.37
CA ILE D 192 65.89 11.83 0.69
C ILE D 192 65.31 11.06 -0.48
N LYS D 193 64.66 9.92 -0.18
CA LYS D 193 64.10 9.08 -1.24
C LYS D 193 62.82 9.70 -1.79
N ASP D 194 61.81 9.87 -0.94
CA ASP D 194 60.51 10.34 -1.40
C ASP D 194 59.76 10.95 -0.24
N LEU D 195 58.71 11.71 -0.58
CA LEU D 195 57.81 12.27 0.41
C LEU D 195 56.66 11.30 0.67
N VAL D 196 56.30 11.14 1.94
CA VAL D 196 55.28 10.21 2.37
C VAL D 196 54.20 10.98 3.13
N LEU D 197 52.94 10.72 2.79
CA LEU D 197 51.79 11.32 3.45
C LEU D 197 50.97 10.21 4.08
N ILE D 198 50.71 10.32 5.38
CA ILE D 198 49.93 9.34 6.12
C ILE D 198 48.66 10.02 6.62
N ILE D 199 47.52 9.37 6.40
CA ILE D 199 46.23 9.88 6.86
C ILE D 199 45.64 8.89 7.85
N ASP D 200 45.89 9.12 9.14
CA ASP D 200 45.58 8.18 10.19
C ASP D 200 44.15 8.37 10.69
N ASP D 201 43.64 7.33 11.36
CA ASP D 201 42.35 7.37 12.02
C ASP D 201 41.24 7.73 11.04
N LEU D 202 41.34 7.23 9.82
CA LEU D 202 40.30 7.39 8.82
C LEU D 202 39.13 6.44 9.02
N ASP D 203 39.21 5.56 10.03
CA ASP D 203 38.15 4.58 10.25
C ASP D 203 36.80 5.25 10.39
N LEU D 204 36.75 6.46 10.94
CA LEU D 204 35.49 7.17 11.14
C LEU D 204 35.77 8.67 10.98
N VAL D 205 35.61 9.17 9.75
CA VAL D 205 35.74 10.60 9.47
C VAL D 205 34.52 10.99 8.64
N GLU D 206 33.44 11.37 9.33
CA GLU D 206 32.28 12.04 8.73
C GLU D 206 31.88 11.47 7.36
N ASN D 207 32.11 10.17 7.15
CA ASN D 207 31.69 9.51 5.91
C ASN D 207 32.12 10.28 4.67
N ASN D 208 31.20 11.05 4.08
CA ASN D 208 31.46 11.65 2.77
C ASN D 208 32.76 12.43 2.73
N LEU D 209 33.24 12.93 3.86
CA LEU D 209 34.46 13.71 3.86
C LEU D 209 35.62 12.91 3.26
N VAL D 210 35.72 11.63 3.62
CA VAL D 210 36.80 10.81 3.07
C VAL D 210 36.66 10.70 1.56
N TYR D 211 35.42 10.65 1.06
CA TYR D 211 35.22 10.71 -0.39
C TYR D 211 35.90 11.94 -0.96
N ASP D 212 35.63 13.11 -0.39
CA ASP D 212 36.31 14.33 -0.82
C ASP D 212 37.82 14.16 -0.73
N LEU D 213 38.29 13.45 0.29
CA LEU D 213 39.71 13.14 0.38
C LEU D 213 40.17 12.29 -0.81
N LEU D 214 39.44 11.21 -1.09
CA LEU D 214 39.86 10.28 -2.13
C LEU D 214 40.04 11.01 -3.46
N ARG D 215 39.01 11.76 -3.87
CA ARG D 215 39.12 12.54 -5.10
C ARG D 215 40.34 13.44 -5.05
N ASP D 216 40.54 14.14 -3.94
CA ASP D 216 41.69 15.02 -3.83
C ASP D 216 42.98 14.25 -4.03
N ILE D 217 43.05 13.03 -3.51
CA ILE D 217 44.24 12.21 -3.74
C ILE D 217 44.30 11.75 -5.19
N GLN D 218 43.15 11.42 -5.78
CA GLN D 218 43.14 11.04 -7.19
C GLN D 218 43.60 12.19 -8.05
N HIS D 219 43.12 13.40 -7.76
CA HIS D 219 43.40 14.53 -8.64
C HIS D 219 44.78 15.13 -8.37
N TYR D 220 45.22 15.24 -7.12
CA TYR D 220 46.42 16.04 -6.91
C TYR D 220 47.60 15.23 -6.40
N LEU D 221 47.39 14.20 -5.57
CA LEU D 221 48.48 13.50 -4.93
C LEU D 221 48.51 12.02 -5.26
N ASP D 222 48.03 11.63 -6.44
CA ASP D 222 48.04 10.21 -6.81
C ASP D 222 49.44 9.74 -7.15
N SER D 223 50.04 10.33 -8.18
CA SER D 223 51.38 9.95 -8.63
C SER D 223 52.45 10.92 -8.17
N GLN D 224 52.20 11.65 -7.09
CA GLN D 224 53.13 12.64 -6.56
C GLN D 224 53.86 12.17 -5.31
N LEU D 225 53.17 11.47 -4.40
CA LEU D 225 53.78 11.02 -3.15
C LEU D 225 53.55 9.54 -2.93
N ILE D 226 53.96 9.06 -1.76
CA ILE D 226 53.56 7.77 -1.23
C ILE D 226 52.48 8.05 -0.20
N VAL D 227 51.23 7.79 -0.55
CA VAL D 227 50.09 8.08 0.31
C VAL D 227 49.69 6.80 1.04
N ILE D 228 49.65 6.87 2.37
CA ILE D 228 49.22 5.76 3.21
C ILE D 228 47.87 6.13 3.80
N PHE D 229 46.87 5.29 3.56
CA PHE D 229 45.47 5.66 3.81
C PHE D 229 45.02 5.33 5.23
N ALA D 230 45.31 4.13 5.71
CA ALA D 230 44.99 3.74 7.09
C ALA D 230 43.49 3.88 7.37
N TYR D 231 42.70 3.07 6.66
CA TYR D 231 41.26 2.97 6.86
C TYR D 231 40.93 1.55 7.33
N LYS D 232 39.65 1.23 7.38
CA LYS D 232 39.21 -0.08 7.84
C LYS D 232 38.25 -0.73 6.85
N GLU D 233 38.42 -2.03 6.64
CA GLU D 233 37.48 -2.88 5.91
C GLU D 233 37.07 -2.25 4.58
N GLY D 234 35.78 -1.97 4.42
CA GLY D 234 35.25 -1.45 3.17
C GLY D 234 34.68 -0.06 3.29
N GLN D 235 35.32 0.77 4.12
CA GLN D 235 34.85 2.13 4.32
C GLN D 235 34.92 2.93 3.02
N LEU D 236 35.99 2.75 2.25
CA LEU D 236 36.15 3.50 1.00
C LEU D 236 35.01 3.21 0.03
N GLU D 237 34.69 1.92 -0.15
CA GLU D 237 33.63 1.55 -1.09
C GLU D 237 32.30 2.15 -0.68
N GLN D 238 31.97 2.08 0.62
CA GLN D 238 30.71 2.63 1.09
C GLN D 238 30.66 4.14 0.93
N SER D 239 31.77 4.83 1.22
CA SER D 239 31.81 6.27 1.06
C SER D 239 31.63 6.67 -0.40
N MET D 240 32.27 5.94 -1.32
CA MET D 240 32.06 6.21 -2.74
C MET D 240 30.62 5.94 -3.16
N PHE D 241 30.03 4.87 -2.64
CA PHE D 241 28.66 4.53 -3.00
C PHE D 241 27.68 5.60 -2.50
N GLU D 242 27.92 6.14 -1.30
CA GLU D 242 27.04 7.18 -0.79
C GLU D 242 26.94 8.36 -1.74
N HIS D 243 28.04 8.68 -2.43
CA HIS D 243 28.03 9.79 -3.40
C HIS D 243 27.45 9.35 -4.74
N LEU D 244 27.89 8.20 -5.25
CA LEU D 244 27.47 7.77 -6.57
C LEU D 244 25.97 7.45 -6.62
N ALA D 245 25.41 6.97 -5.51
CA ALA D 245 23.98 6.64 -5.50
C ALA D 245 23.12 7.88 -5.69
N LYS D 246 23.45 8.98 -4.99
CA LYS D 246 22.72 10.21 -5.28
C LYS D 246 23.14 10.78 -6.63
N GLY D 247 24.31 10.40 -7.14
CA GLY D 247 24.64 10.71 -8.52
C GLY D 247 23.89 9.85 -9.52
N ASN D 248 23.33 8.72 -9.10
CA ASN D 248 22.59 7.83 -9.99
C ASN D 248 21.17 7.49 -9.51
N GLU D 249 20.46 8.46 -8.92
CA GLU D 249 19.00 8.37 -8.77
C GLU D 249 18.30 7.77 -9.97
N ALA D 250 18.26 8.54 -11.06
CA ALA D 250 17.28 8.29 -12.09
C ALA D 250 17.68 7.06 -12.89
N LEU D 251 18.96 6.72 -12.87
CA LEU D 251 19.42 5.47 -13.44
C LEU D 251 18.92 4.29 -12.63
N LEU D 252 19.01 4.36 -11.30
CA LEU D 252 18.60 3.24 -10.46
C LEU D 252 17.09 3.07 -10.41
N ASN D 253 16.34 4.16 -10.34
CA ASN D 253 14.89 4.04 -10.21
C ASN D 253 14.22 3.63 -11.51
N HIS D 254 14.76 4.06 -12.65
CA HIS D 254 14.25 3.60 -13.94
C HIS D 254 14.82 2.24 -14.33
N GLY D 255 15.64 1.63 -13.47
CA GLY D 255 16.14 0.29 -13.75
C GLY D 255 17.20 0.22 -14.82
N VAL D 256 17.82 1.34 -15.16
CA VAL D 256 18.88 1.32 -16.17
C VAL D 256 20.11 0.62 -15.63
N ILE D 257 20.44 0.85 -14.35
CA ILE D 257 21.56 0.20 -13.69
C ILE D 257 21.11 -0.28 -12.31
N ASP D 258 21.94 -1.11 -11.71
CA ASP D 258 21.75 -1.60 -10.35
C ASP D 258 22.97 -1.25 -9.51
N SER D 259 22.94 -1.66 -8.25
CA SER D 259 24.09 -1.46 -7.36
C SER D 259 25.36 -2.10 -7.91
N ASN D 260 25.22 -3.15 -8.73
CA ASN D 260 26.39 -3.84 -9.25
C ASN D 260 27.25 -2.91 -10.11
N ALA D 261 26.63 -2.09 -10.95
CA ALA D 261 27.40 -1.21 -11.83
C ALA D 261 28.18 -0.17 -11.01
N ILE D 262 27.53 0.43 -10.01
CA ILE D 262 28.19 1.42 -9.18
C ILE D 262 29.32 0.77 -8.40
N PHE D 263 29.08 -0.42 -7.87
CA PHE D 263 30.10 -1.15 -7.13
C PHE D 263 31.27 -1.53 -8.01
N GLY D 264 31.01 -1.89 -9.27
CA GLY D 264 32.11 -2.14 -10.19
C GLY D 264 32.92 -0.90 -10.48
N GLN D 265 32.23 0.23 -10.70
CA GLN D 265 32.92 1.50 -10.87
C GLN D 265 33.85 1.77 -9.69
N ILE D 266 33.32 1.69 -8.48
CA ILE D 266 34.12 1.91 -7.28
C ILE D 266 35.25 0.91 -7.22
N GLU D 267 34.96 -0.33 -7.62
CA GLU D 267 35.96 -1.39 -7.54
C GLU D 267 37.16 -1.06 -8.39
N ARG D 268 36.93 -0.57 -9.62
CA ARG D 268 38.09 -0.43 -10.49
C ARG D 268 38.82 0.85 -10.11
N PHE D 269 38.06 1.87 -9.67
CA PHE D 269 38.67 3.10 -9.18
C PHE D 269 39.63 2.82 -8.03
N LEU D 270 39.18 2.03 -7.05
CA LEU D 270 40.02 1.71 -5.91
C LEU D 270 41.14 0.74 -6.30
N THR D 271 40.90 -0.11 -7.28
CA THR D 271 41.95 -0.98 -7.80
C THR D 271 43.09 -0.16 -8.37
N LYS D 272 42.76 0.90 -9.11
CA LYS D 272 43.79 1.76 -9.70
C LYS D 272 44.43 2.66 -8.65
N LEU D 273 43.63 3.22 -7.74
CA LEU D 273 44.17 4.10 -6.72
C LEU D 273 45.13 3.34 -5.81
N VAL D 274 44.68 2.21 -5.26
CA VAL D 274 45.52 1.38 -4.40
C VAL D 274 45.55 -0.03 -4.98
N PRO D 275 46.65 -0.46 -5.60
CA PRO D 275 46.73 -1.85 -6.06
C PRO D 275 46.53 -2.81 -4.89
N LEU D 276 45.83 -3.91 -5.15
CA LEU D 276 45.53 -4.83 -4.06
C LEU D 276 46.76 -5.53 -3.54
N SER D 277 47.89 -5.42 -4.25
CA SER D 277 49.18 -5.83 -3.72
C SER D 277 49.80 -4.79 -2.81
N ASN D 278 49.19 -3.62 -2.70
CA ASN D 278 49.68 -2.53 -1.86
C ASN D 278 48.86 -2.34 -0.60
N ARG D 279 47.82 -3.14 -0.38
CA ARG D 279 46.96 -3.01 0.80
C ARG D 279 47.33 -4.08 1.82
N ILE D 280 47.44 -3.67 3.07
CA ILE D 280 47.97 -4.52 4.14
C ILE D 280 46.94 -4.60 5.26
N PRO D 281 46.35 -5.76 5.51
CA PRO D 281 45.50 -5.92 6.69
C PRO D 281 46.27 -6.45 7.88
N LEU D 282 45.75 -6.14 9.06
CA LEU D 282 46.39 -6.60 10.29
C LEU D 282 45.34 -6.80 11.38
N PHE D 283 45.48 -7.91 12.10
CA PHE D 283 44.91 -8.10 13.43
C PHE D 283 43.41 -7.80 13.46
N LYS D 284 42.65 -8.67 12.80
CA LYS D 284 41.24 -8.69 13.12
C LYS D 284 41.01 -9.50 14.40
N GLN D 285 39.75 -9.88 14.62
CA GLN D 285 39.36 -10.66 15.78
C GLN D 285 39.80 -12.12 15.70
N ASP D 286 39.92 -12.72 14.51
CA ASP D 286 40.26 -14.13 14.42
C ASP D 286 41.60 -14.43 15.10
N GLU D 287 42.69 -13.91 14.54
CA GLU D 287 44.01 -14.12 15.12
C GLU D 287 44.17 -13.40 16.45
N LEU D 288 43.32 -12.42 16.74
CA LEU D 288 43.31 -11.82 18.07
C LEU D 288 42.87 -12.83 19.12
N LEU D 289 41.78 -13.55 18.85
CA LEU D 289 41.28 -14.55 19.78
C LEU D 289 42.10 -15.82 19.77
N ASN D 290 42.79 -16.12 18.67
CA ASN D 290 43.56 -17.36 18.58
C ASN D 290 44.87 -17.31 19.35
N LYS D 291 45.50 -16.14 19.51
CA LYS D 291 46.80 -16.10 20.15
C LYS D 291 46.65 -16.38 21.65
N THR D 292 47.79 -16.39 22.34
CA THR D 292 47.81 -16.59 23.78
C THR D 292 47.81 -15.26 24.52
N ILE D 293 47.23 -15.28 25.72
CA ILE D 293 47.21 -14.11 26.59
C ILE D 293 48.64 -13.65 26.89
N GLY D 294 49.57 -14.59 26.99
CA GLY D 294 50.95 -14.23 27.25
C GLY D 294 51.53 -13.36 26.16
N GLU D 295 51.23 -13.67 24.90
CA GLU D 295 51.77 -12.89 23.80
C GLU D 295 51.24 -11.46 23.82
N PHE D 296 49.94 -11.28 24.09
CA PHE D 296 49.38 -9.94 24.19
C PHE D 296 50.00 -9.17 25.36
N LEU D 297 50.11 -9.82 26.52
CA LEU D 297 50.70 -9.15 27.68
C LEU D 297 52.15 -8.78 27.42
N ALA D 298 52.88 -9.62 26.70
CA ALA D 298 54.23 -9.27 26.27
C ALA D 298 54.21 -8.08 25.31
N SER D 299 53.21 -8.05 24.43
CA SER D 299 53.05 -6.89 23.56
C SER D 299 52.89 -5.60 24.36
N LEU D 300 52.28 -5.70 25.54
CA LEU D 300 52.27 -4.54 26.42
C LEU D 300 53.58 -4.40 27.20
N ASP D 301 54.07 -5.48 27.80
CA ASP D 301 55.36 -5.45 28.50
C ASP D 301 55.87 -6.87 28.67
N PRO D 302 57.16 -7.12 28.49
CA PRO D 302 57.66 -8.51 28.53
C PRO D 302 57.42 -9.21 29.86
N SER D 303 57.32 -8.46 30.97
CA SER D 303 57.23 -9.08 32.28
C SER D 303 55.80 -9.40 32.70
N TYR D 304 54.80 -8.78 32.09
CA TYR D 304 53.42 -9.05 32.49
C TYR D 304 53.01 -10.46 32.12
N GLY D 305 52.21 -11.08 33.00
CA GLY D 305 51.66 -12.40 32.76
C GLY D 305 50.42 -12.62 33.59
N VAL D 306 49.88 -13.84 33.57
CA VAL D 306 48.72 -14.20 34.37
C VAL D 306 49.07 -15.43 35.20
N GLY D 307 48.82 -15.35 36.50
CA GLY D 307 49.11 -16.44 37.40
C GLY D 307 48.05 -17.52 37.35
N GLU D 308 48.25 -18.53 38.21
CA GLU D 308 47.35 -19.67 38.25
C GLU D 308 45.98 -19.31 38.82
N ASN D 309 45.86 -18.19 39.51
CA ASN D 309 44.56 -17.67 39.94
C ASN D 309 44.00 -16.67 38.95
N LEU D 310 44.57 -16.59 37.75
CA LEU D 310 44.12 -15.67 36.70
C LEU D 310 44.22 -14.22 37.14
N GLU D 311 45.18 -13.93 38.02
CA GLU D 311 45.52 -12.56 38.38
C GLU D 311 46.79 -12.14 37.65
N PHE D 312 46.89 -10.86 37.35
CA PHE D 312 48.01 -10.36 36.56
C PHE D 312 49.25 -10.29 37.43
N ILE D 313 50.32 -10.92 36.96
CA ILE D 313 51.56 -11.08 37.70
C ILE D 313 52.66 -10.35 36.97
N THR D 314 53.79 -10.17 37.65
CA THR D 314 54.89 -9.42 37.06
C THR D 314 56.22 -10.14 37.05
N LYS D 315 56.58 -10.86 38.13
CA LYS D 315 57.99 -11.22 38.26
C LYS D 315 58.38 -12.47 37.47
N ASP D 316 58.01 -13.66 37.96
CA ASP D 316 58.15 -14.87 37.15
C ASP D 316 57.05 -15.89 37.43
N SER D 317 56.52 -15.87 38.65
CA SER D 317 55.62 -16.92 39.14
C SER D 317 56.21 -18.31 38.97
N GLU D 318 56.40 -18.74 37.72
CA GLU D 318 56.71 -20.11 37.31
C GLU D 318 55.52 -21.04 37.51
N LYS D 319 54.42 -20.55 38.08
CA LYS D 319 53.14 -21.25 38.13
C LYS D 319 52.13 -20.62 37.18
N ASN D 320 52.58 -19.70 36.32
CA ASN D 320 51.69 -18.96 35.45
C ASN D 320 51.08 -19.87 34.39
N LYS D 321 49.99 -19.41 33.80
CA LYS D 321 49.32 -20.08 32.69
C LYS D 321 49.10 -19.04 31.59
N ASN D 322 50.12 -18.85 30.76
CA ASN D 322 50.12 -17.83 29.73
C ASN D 322 49.81 -18.36 28.34
N ASN D 323 49.62 -19.68 28.20
CA ASN D 323 49.40 -20.31 26.91
C ASN D 323 47.98 -20.85 26.76
N LEU D 324 47.00 -20.17 27.37
CA LEU D 324 45.61 -20.60 27.33
C LEU D 324 44.83 -20.03 26.16
N THR D 325 45.41 -19.09 25.41
CA THR D 325 44.68 -18.40 24.35
C THR D 325 43.63 -17.47 24.95
N ILE D 326 43.44 -16.31 24.31
CA ILE D 326 42.51 -15.32 24.85
C ILE D 326 41.10 -15.87 24.91
N ARG D 327 40.76 -16.78 23.99
CA ARG D 327 39.37 -17.24 23.87
C ARG D 327 38.88 -17.86 25.17
N GLU D 328 39.60 -18.85 25.68
CA GLU D 328 39.19 -19.51 26.92
C GLU D 328 39.81 -18.89 28.15
N TRP D 329 40.88 -18.11 28.00
CA TRP D 329 41.33 -17.28 29.10
C TRP D 329 40.23 -16.33 29.54
N PHE D 330 39.45 -15.81 28.59
CA PHE D 330 38.34 -14.93 28.92
C PHE D 330 37.41 -15.58 29.94
N TYR D 331 36.96 -16.81 29.67
CA TYR D 331 36.05 -17.48 30.60
C TYR D 331 36.76 -17.90 31.87
N GLU D 332 37.96 -18.47 31.74
CA GLU D 332 38.68 -18.92 32.92
C GLU D 332 38.99 -17.78 33.87
N SER D 333 39.01 -16.56 33.37
CA SER D 333 39.32 -15.39 34.18
C SER D 333 38.06 -14.66 34.64
N ILE D 334 36.94 -14.79 33.92
CA ILE D 334 35.66 -14.43 34.51
C ILE D 334 35.38 -15.31 35.72
N PHE D 335 35.62 -16.61 35.58
CA PHE D 335 35.78 -17.50 36.72
C PHE D 335 37.03 -17.08 37.48
N TYR D 336 37.07 -17.36 38.80
CA TYR D 336 38.06 -16.80 39.72
C TYR D 336 37.76 -15.35 40.08
N ARG D 337 36.72 -14.75 39.50
CA ARG D 337 36.27 -13.43 39.89
C ARG D 337 34.77 -13.36 40.16
N THR D 338 33.97 -14.16 39.45
CA THR D 338 32.54 -14.23 39.67
C THR D 338 32.08 -15.63 40.06
N ASN D 339 32.97 -16.62 40.07
CA ASN D 339 32.61 -18.00 40.36
C ASN D 339 31.53 -18.49 39.40
N LEU D 340 31.63 -18.06 38.14
CA LEU D 340 30.65 -18.41 37.11
C LEU D 340 31.38 -18.92 35.89
N LYS D 341 31.07 -20.14 35.48
CA LYS D 341 31.59 -20.72 34.23
C LYS D 341 30.59 -20.40 33.13
N LEU D 342 30.90 -19.38 32.34
CA LEU D 342 29.97 -18.86 31.34
C LEU D 342 30.24 -19.39 29.94
N ASP D 343 31.18 -20.32 29.78
CA ASP D 343 31.38 -20.96 28.49
C ASP D 343 30.21 -21.89 28.22
N PRO D 344 29.44 -21.69 27.17
CA PRO D 344 28.23 -22.52 26.96
C PRO D 344 28.56 -23.84 26.29
N ILE D 345 27.83 -24.88 26.70
CA ILE D 345 27.96 -26.17 26.04
C ILE D 345 27.54 -26.06 24.58
N ASP D 346 26.43 -25.38 24.32
CA ASP D 346 26.00 -25.14 22.95
C ASP D 346 26.73 -23.95 22.38
N ILE D 347 27.50 -24.18 21.31
CA ILE D 347 28.24 -23.11 20.65
C ILE D 347 27.37 -22.30 19.71
N ARG D 348 26.10 -22.67 19.55
CA ARG D 348 25.17 -21.87 18.77
C ARG D 348 24.90 -20.51 19.42
N GLU D 349 25.21 -20.36 20.69
CA GLU D 349 24.80 -19.20 21.47
C GLU D 349 25.64 -17.96 21.23
N GLU D 350 26.71 -18.04 20.44
CA GLU D 350 27.42 -16.84 20.00
C GLU D 350 27.99 -16.07 21.19
N ALA D 351 28.54 -16.79 22.17
CA ALA D 351 29.18 -16.14 23.31
C ALA D 351 30.39 -15.32 22.88
N SER D 352 31.08 -15.73 21.82
CA SER D 352 32.25 -15.00 21.34
C SER D 352 31.95 -13.55 21.00
N ARG D 353 30.68 -13.17 20.99
CA ARG D 353 30.30 -11.77 20.82
C ARG D 353 30.63 -10.93 22.04
N LEU D 354 31.34 -11.44 23.05
CA LEU D 354 31.64 -10.69 24.26
C LEU D 354 33.12 -10.47 24.52
N MET D 355 34.02 -11.34 24.04
CA MET D 355 35.29 -11.43 24.78
C MET D 355 36.15 -10.18 24.63
N PRO D 356 37.04 -10.08 23.62
CA PRO D 356 37.26 -8.79 22.96
C PRO D 356 36.59 -8.70 21.60
N LYS D 357 36.72 -7.55 20.95
CA LYS D 357 36.53 -7.43 19.51
C LYS D 357 37.72 -6.81 18.82
N THR D 358 38.45 -5.93 19.51
CA THR D 358 39.66 -5.29 19.00
C THR D 358 40.71 -5.30 20.11
N LEU D 359 41.92 -4.86 19.77
CA LEU D 359 42.98 -4.77 20.78
C LEU D 359 42.65 -3.73 21.84
N ARG D 360 42.02 -2.62 21.45
CA ARG D 360 41.61 -1.62 22.43
C ARG D 360 40.64 -2.20 23.44
N GLU D 361 39.64 -2.95 22.95
CA GLU D 361 38.70 -3.61 23.85
C GLU D 361 39.41 -4.64 24.73
N MET D 362 40.41 -5.33 24.19
CA MET D 362 41.18 -6.27 24.99
C MET D 362 41.90 -5.58 26.14
N VAL D 363 42.58 -4.46 25.83
CA VAL D 363 43.29 -3.72 26.87
C VAL D 363 42.32 -3.20 27.91
N GLN D 364 41.17 -2.68 27.47
CA GLN D 364 40.20 -2.14 28.41
C GLN D 364 39.58 -3.24 29.26
N LEU D 365 39.36 -4.42 28.68
CA LEU D 365 38.90 -5.57 29.46
C LEU D 365 39.92 -5.94 30.54
N CYS D 366 41.19 -5.97 30.17
CA CYS D 366 42.23 -6.24 31.16
C CYS D 366 42.24 -5.19 32.25
N GLU D 367 42.03 -3.92 31.88
CA GLU D 367 41.97 -2.84 32.86
C GLU D 367 40.80 -3.00 33.82
N GLU D 368 39.60 -3.23 33.29
CA GLU D 368 38.46 -3.48 34.15
C GLU D 368 38.64 -4.75 34.96
N LEU D 369 39.21 -5.77 34.33
CA LEU D 369 39.36 -7.10 34.89
C LEU D 369 40.85 -7.41 35.04
N HIS D 370 41.45 -6.94 36.13
CA HIS D 370 42.85 -7.24 36.42
C HIS D 370 43.02 -7.91 37.77
N SER D 371 42.43 -7.38 38.84
CA SER D 371 42.35 -8.08 40.11
C SER D 371 40.91 -8.28 40.56
N MET D 372 40.14 -7.19 40.68
CA MET D 372 38.80 -7.21 41.28
C MET D 372 38.76 -8.19 42.45
N GLN D 373 39.78 -8.11 43.30
CA GLN D 373 39.93 -9.02 44.44
C GLN D 373 39.65 -10.45 44.01
N VAL D 374 40.49 -10.93 43.09
CA VAL D 374 40.33 -12.27 42.55
C VAL D 374 40.26 -13.28 43.70
N ILE D 375 39.36 -14.25 43.57
CA ILE D 375 39.12 -15.24 44.61
C ILE D 375 40.07 -16.40 44.39
N THR D 376 40.89 -16.70 45.38
CA THR D 376 41.96 -17.68 45.27
C THR D 376 41.58 -18.97 46.01
N ARG D 377 42.53 -19.91 46.02
CA ARG D 377 42.35 -21.22 46.66
C ARG D 377 43.20 -21.34 47.91
N SER D 378 43.25 -20.28 48.71
CA SER D 378 44.06 -20.19 49.90
C SER D 378 43.16 -19.86 51.09
N MET D 379 43.78 -19.51 52.23
CA MET D 379 43.04 -19.12 53.42
C MET D 379 41.88 -20.06 53.71
N ASP D 380 40.82 -19.58 54.39
CA ASP D 380 39.77 -20.44 54.92
C ASP D 380 38.51 -20.43 54.07
N LYS D 381 38.57 -19.86 52.87
CA LYS D 381 37.46 -19.94 51.92
C LYS D 381 36.17 -19.34 52.50
N LEU D 382 36.29 -18.21 53.17
CA LEU D 382 35.18 -17.55 53.84
C LEU D 382 35.04 -16.08 53.45
N ALA D 383 36.14 -15.37 53.26
CA ALA D 383 36.11 -13.93 53.00
C ALA D 383 35.96 -13.58 51.52
N GLY D 384 36.00 -14.57 50.63
CA GLY D 384 35.89 -14.30 49.21
C GLY D 384 34.49 -14.07 48.71
N VAL D 385 33.48 -14.20 49.57
CA VAL D 385 32.10 -14.05 49.15
C VAL D 385 31.75 -12.57 48.98
N GLU D 386 32.23 -11.71 49.88
CA GLU D 386 31.85 -10.31 49.83
C GLU D 386 32.33 -9.62 48.56
N GLY D 387 33.58 -9.89 48.16
CA GLY D 387 34.09 -9.33 46.91
C GLY D 387 33.54 -9.98 45.66
N LEU D 388 33.05 -11.21 45.79
CA LEU D 388 32.53 -11.95 44.65
C LEU D 388 31.27 -11.29 44.09
N ARG D 389 30.35 -10.85 44.96
CA ARG D 389 29.15 -10.17 44.47
C ARG D 389 29.49 -8.82 43.84
N LYS D 390 30.50 -8.14 44.37
CA LYS D 390 30.96 -6.90 43.76
C LYS D 390 31.51 -7.15 42.36
N ASN D 391 32.35 -8.17 42.21
CA ASN D 391 32.83 -8.53 40.88
C ASN D 391 31.68 -8.91 39.97
N ILE D 392 30.64 -9.52 40.53
CA ILE D 392 29.44 -9.83 39.76
C ILE D 392 28.80 -8.54 39.23
N GLY D 393 28.69 -7.53 40.09
CA GLY D 393 28.14 -6.26 39.65
C GLY D 393 28.99 -5.59 38.59
N ALA D 394 30.31 -5.59 38.78
CA ALA D 394 31.21 -5.00 37.79
C ALA D 394 31.10 -5.73 36.45
N PHE D 395 31.04 -7.05 36.48
CA PHE D 395 30.88 -7.81 35.25
C PHE D 395 29.53 -7.56 34.61
N ARG D 396 28.47 -7.37 35.41
CA ARG D 396 27.18 -7.00 34.84
C ARG D 396 27.28 -5.66 34.12
N ARG D 397 27.99 -4.71 34.72
CA ARG D 397 28.21 -3.42 34.05
C ARG D 397 28.96 -3.60 32.72
N TYR D 398 30.01 -4.43 32.75
CA TYR D 398 30.77 -4.69 31.53
C TYR D 398 29.89 -5.33 30.46
N ILE D 399 29.05 -6.27 30.86
CA ILE D 399 28.13 -6.91 29.92
C ILE D 399 27.17 -5.89 29.32
N GLY D 400 26.63 -5.01 30.16
CA GLY D 400 25.75 -3.97 29.65
C GLY D 400 26.43 -3.07 28.64
N TYR D 401 27.67 -2.67 28.92
CA TYR D 401 28.45 -1.91 27.95
C TYR D 401 28.68 -2.68 26.65
N LYS D 402 29.07 -3.94 26.74
CA LYS D 402 29.23 -4.73 25.52
C LYS D 402 27.89 -4.93 24.83
N ASN D 403 26.85 -5.22 25.60
CA ASN D 403 25.53 -5.55 25.07
C ASN D 403 24.67 -4.29 24.91
N SER D 404 25.13 -3.41 24.02
CA SER D 404 24.43 -2.18 23.71
C SER D 404 24.47 -1.83 22.22
N THR D 405 24.87 -2.77 21.35
CA THR D 405 24.97 -2.50 19.91
C THR D 405 23.80 -3.07 19.12
N TYR D 406 23.57 -4.39 19.19
CA TYR D 406 22.55 -5.06 18.40
C TYR D 406 21.14 -4.95 18.99
N PHE D 407 21.06 -4.80 20.30
CA PHE D 407 19.87 -4.36 21.01
C PHE D 407 19.28 -3.11 20.37
N ASN D 408 17.97 -3.14 20.09
CA ASN D 408 17.32 -2.06 19.35
C ASN D 408 16.30 -1.30 20.18
N LEU D 409 15.17 -1.93 20.52
CA LEU D 409 14.26 -1.33 21.51
C LEU D 409 13.59 -2.33 22.44
N ALA D 410 13.27 -3.54 21.98
CA ALA D 410 12.51 -4.46 22.80
C ALA D 410 13.37 -5.10 23.86
N THR D 411 14.64 -5.31 23.56
CA THR D 411 15.53 -6.02 24.45
C THR D 411 16.17 -5.11 25.51
N MET D 412 16.54 -3.87 25.16
CA MET D 412 16.90 -2.90 26.20
C MET D 412 15.77 -2.75 27.21
N GLU D 413 14.57 -2.46 26.71
CA GLU D 413 13.34 -2.46 27.50
C GLU D 413 13.22 -3.71 28.36
N PHE D 414 13.31 -4.88 27.76
CA PHE D 414 13.05 -6.11 28.50
C PHE D 414 14.06 -6.28 29.63
N PHE D 415 15.35 -6.11 29.34
CA PHE D 415 16.37 -6.32 30.35
C PHE D 415 16.28 -5.25 31.43
N GLN D 416 15.98 -4.02 31.05
CA GLN D 416 15.79 -2.97 32.05
C GLN D 416 14.65 -3.31 33.00
N LYS D 417 13.48 -3.66 32.46
CA LYS D 417 12.37 -4.03 33.32
C LYS D 417 12.71 -5.26 34.16
N TRP D 418 13.43 -6.20 33.56
CA TRP D 418 13.81 -7.42 34.26
C TRP D 418 14.67 -7.11 35.47
N GLU D 419 15.63 -6.19 35.32
CA GLU D 419 16.40 -5.73 36.48
C GLU D 419 15.48 -5.28 37.60
N LEU D 420 14.69 -4.24 37.35
CA LEU D 420 13.78 -3.68 38.34
C LEU D 420 12.41 -4.35 38.27
N ALA D 421 12.44 -5.68 38.25
CA ALA D 421 11.25 -6.51 38.33
C ALA D 421 11.08 -7.08 39.73
N GLU D 422 11.53 -6.32 40.74
CA GLU D 422 11.52 -6.79 42.12
C GLU D 422 12.36 -8.06 42.21
N SER D 423 11.71 -9.19 42.54
CA SER D 423 12.40 -10.47 42.57
C SER D 423 11.54 -11.60 42.03
N HIS D 424 10.33 -11.32 41.56
CA HIS D 424 9.38 -12.36 41.20
C HIS D 424 8.65 -12.13 39.88
N GLN D 425 8.53 -10.89 39.41
CA GLN D 425 7.97 -10.59 38.10
C GLN D 425 8.99 -10.83 36.99
N ALA D 426 10.27 -11.01 37.34
CA ALA D 426 11.30 -11.19 36.33
C ALA D 426 11.06 -12.44 35.50
N ASN D 427 10.64 -13.54 36.14
CA ASN D 427 10.40 -14.77 35.40
C ASN D 427 9.27 -14.61 34.39
N TYR D 428 8.19 -13.92 34.80
CA TYR D 428 7.07 -13.68 33.88
C TYR D 428 7.54 -12.86 32.68
N LEU D 429 8.30 -11.80 32.93
CA LEU D 429 8.79 -10.96 31.85
C LEU D 429 9.69 -11.76 30.91
N ALA D 430 10.60 -12.56 31.47
CA ALA D 430 11.49 -13.37 30.64
C ALA D 430 10.71 -14.36 29.79
N TYR D 431 9.71 -15.02 30.39
CA TYR D 431 8.92 -15.98 29.64
C TYR D 431 8.20 -15.30 28.48
N HIS D 432 7.60 -14.14 28.73
CA HIS D 432 6.83 -13.49 27.67
C HIS D 432 7.74 -12.89 26.60
N PHE D 433 8.93 -12.43 26.99
CA PHE D 433 9.92 -11.97 26.02
C PHE D 433 10.39 -13.11 25.11
N LEU D 434 10.70 -14.26 25.71
CA LEU D 434 11.11 -15.41 24.89
C LEU D 434 9.96 -15.90 24.02
N MET D 435 8.73 -15.83 24.52
CA MET D 435 7.59 -16.18 23.69
C MET D 435 7.39 -15.19 22.56
N SER D 436 7.70 -13.91 22.79
CA SER D 436 7.71 -12.94 21.70
C SER D 436 8.67 -13.37 20.61
N TYR D 437 9.86 -13.85 21.00
CA TYR D 437 10.78 -14.37 20.00
C TYR D 437 10.22 -15.61 19.32
N TYR D 438 9.55 -16.49 20.08
CA TYR D 438 8.98 -17.69 19.49
C TYR D 438 7.93 -17.37 18.45
N GLN D 439 7.04 -16.41 18.76
CA GLN D 439 5.99 -16.03 17.82
C GLN D 439 6.52 -15.45 16.51
N GLU D 440 7.65 -14.75 16.54
CA GLU D 440 8.17 -14.09 15.35
C GLU D 440 8.58 -15.08 14.25
N SER D 441 8.46 -16.38 14.49
CA SER D 441 8.75 -17.39 13.49
C SER D 441 7.63 -18.41 13.34
N PHE D 442 6.55 -18.30 14.10
CA PHE D 442 5.48 -19.30 14.04
C PHE D 442 4.63 -19.14 12.78
N GLU D 443 4.37 -17.92 12.34
CA GLU D 443 3.54 -17.70 11.17
C GLU D 443 4.23 -18.12 9.88
N GLN D 444 5.54 -18.24 9.88
CA GLN D 444 6.29 -18.63 8.68
C GLN D 444 6.78 -20.07 8.78
N SER D 457 1.13 -28.45 19.73
CA SER D 457 0.92 -27.23 20.50
C SER D 457 2.11 -26.96 21.42
N GLY D 458 2.52 -27.99 22.16
CA GLY D 458 3.65 -27.86 23.06
C GLY D 458 3.26 -27.29 24.42
N TYR D 459 3.71 -27.92 25.49
CA TYR D 459 3.37 -27.50 26.84
C TYR D 459 4.18 -26.29 27.30
N PRO D 460 5.49 -26.22 27.04
CA PRO D 460 6.24 -25.04 27.47
C PRO D 460 5.74 -23.74 26.86
N LEU D 461 4.95 -23.82 25.78
CA LEU D 461 4.39 -22.66 25.12
C LEU D 461 3.00 -22.30 25.62
N THR D 462 2.52 -22.96 26.68
CA THR D 462 1.16 -22.79 27.17
C THR D 462 1.14 -22.16 28.57
N LEU D 463 1.98 -21.15 28.80
CA LEU D 463 2.10 -20.52 30.11
C LEU D 463 1.98 -18.99 30.07
N ARG D 464 1.35 -18.44 29.03
CA ARG D 464 1.15 -16.99 28.93
C ARG D 464 0.04 -16.49 29.84
N THR D 465 -1.07 -17.22 29.92
CA THR D 465 -2.14 -16.88 30.87
C THR D 465 -1.87 -17.63 32.19
N MET D 466 -0.67 -17.41 32.70
CA MET D 466 -0.11 -18.10 33.84
C MET D 466 0.34 -17.07 34.85
N GLU D 467 0.24 -17.42 36.13
CA GLU D 467 0.64 -16.48 37.17
C GLU D 467 2.15 -16.27 37.13
N PRO D 468 2.64 -15.11 37.57
CA PRO D 468 4.09 -14.96 37.73
C PRO D 468 4.68 -15.94 38.74
N TYR D 469 3.91 -16.36 39.73
CA TYR D 469 4.35 -17.35 40.70
C TYR D 469 4.14 -18.78 40.24
N ASN D 470 3.78 -18.97 38.97
CA ASN D 470 3.63 -20.31 38.39
C ASN D 470 4.55 -20.52 37.19
N ILE D 471 5.63 -19.74 37.10
CA ILE D 471 6.57 -19.84 35.99
C ILE D 471 7.84 -20.59 36.39
N THR D 472 8.37 -20.30 37.57
CA THR D 472 9.62 -20.93 38.01
C THR D 472 10.74 -20.67 37.02
N LEU D 473 11.90 -21.28 37.28
CA LEU D 473 13.05 -21.16 36.39
C LEU D 473 13.18 -22.32 35.42
N GLY D 474 12.64 -23.50 35.76
CA GLY D 474 12.68 -24.61 34.84
C GLY D 474 11.89 -24.37 33.56
N ASP D 475 10.75 -23.67 33.66
CA ASP D 475 10.00 -23.34 32.46
C ASP D 475 10.74 -22.33 31.59
N ILE D 476 11.47 -21.40 32.20
CA ILE D 476 12.29 -20.47 31.42
C ILE D 476 13.32 -21.22 30.60
N TYR D 477 14.05 -22.13 31.25
CA TYR D 477 15.05 -22.93 30.54
C TYR D 477 14.40 -23.82 29.49
N ALA D 478 13.24 -24.41 29.82
CA ALA D 478 12.54 -25.26 28.86
C ALA D 478 12.14 -24.48 27.62
N LEU D 479 11.62 -23.27 27.81
CA LEU D 479 11.24 -22.44 26.69
C LEU D 479 12.45 -22.03 25.87
N MET D 480 13.57 -21.72 26.54
CA MET D 480 14.77 -21.35 25.80
C MET D 480 15.31 -22.54 25.00
N GLU D 481 15.23 -23.75 25.54
CA GLU D 481 15.61 -24.92 24.76
C GLU D 481 14.69 -25.15 23.58
N GLU D 482 13.37 -25.06 23.80
CA GLU D 482 12.42 -25.24 22.71
C GLU D 482 12.66 -24.23 21.60
N LEU D 483 12.90 -22.97 21.97
CA LEU D 483 13.34 -21.95 21.00
C LEU D 483 14.67 -22.27 20.38
N LYS D 484 15.53 -22.97 21.09
CA LYS D 484 16.79 -23.39 20.51
C LYS D 484 16.59 -24.53 19.52
N TYR D 485 15.42 -25.17 19.54
CA TYR D 485 15.09 -26.28 18.67
C TYR D 485 13.83 -26.03 17.84
N THR D 486 13.55 -24.77 17.52
CA THR D 486 12.34 -24.40 16.79
C THR D 486 12.64 -24.25 15.30
N GLU D 487 11.69 -24.67 14.47
CA GLU D 487 11.81 -24.63 13.02
C GLU D 487 11.58 -23.20 12.52
N GLY D 488 12.40 -22.28 13.03
CA GLY D 488 12.18 -20.87 12.79
C GLY D 488 13.44 -20.01 12.79
N ILE D 489 13.37 -18.86 13.45
CA ILE D 489 14.43 -17.85 13.40
C ILE D 489 15.65 -18.35 14.17
N SER D 490 16.78 -17.69 13.97
CA SER D 490 18.06 -18.11 14.55
C SER D 490 18.93 -16.87 14.72
N ALA D 491 20.24 -17.10 14.92
CA ALA D 491 21.23 -16.03 15.00
C ALA D 491 21.04 -15.16 16.23
N ASP D 492 20.37 -14.01 16.07
CA ASP D 492 20.21 -13.08 17.18
C ASP D 492 19.50 -13.73 18.36
N THR D 493 18.55 -14.62 18.08
CA THR D 493 17.76 -15.23 19.14
C THR D 493 18.63 -16.07 20.04
N TYR D 494 19.60 -16.79 19.46
CA TYR D 494 20.51 -17.61 20.26
C TYR D 494 21.30 -16.76 21.25
N TYR D 495 21.86 -15.64 20.78
CA TYR D 495 22.64 -14.78 21.67
C TYR D 495 21.74 -14.11 22.70
N ILE D 496 20.49 -13.81 22.35
CA ILE D 496 19.55 -13.29 23.34
C ILE D 496 19.35 -14.31 24.45
N VAL D 497 19.18 -15.58 24.08
CA VAL D 497 19.03 -16.64 25.08
C VAL D 497 20.27 -16.71 25.96
N TYR D 498 21.45 -16.65 25.33
CA TYR D 498 22.69 -16.72 26.09
C TYR D 498 22.82 -15.56 27.08
N ILE D 499 22.50 -14.35 26.65
CA ILE D 499 22.63 -13.19 27.52
C ILE D 499 21.61 -13.25 28.64
N LEU D 500 20.39 -13.74 28.35
CA LEU D 500 19.43 -13.92 29.42
C LEU D 500 19.91 -14.94 30.44
N LYS D 501 20.52 -16.03 29.98
CA LYS D 501 21.10 -16.99 30.90
C LYS D 501 22.19 -16.37 31.76
N VAL D 502 23.06 -15.55 31.13
CA VAL D 502 24.14 -14.91 31.87
C VAL D 502 23.58 -13.96 32.92
N TYR D 503 22.56 -13.18 32.57
CA TYR D 503 21.96 -12.24 33.51
C TYR D 503 21.31 -12.98 34.67
N TYR D 504 20.58 -14.06 34.37
CA TYR D 504 19.97 -14.87 35.43
C TYR D 504 21.05 -15.45 36.35
N SER D 505 22.14 -15.96 35.78
CA SER D 505 23.20 -16.51 36.60
C SER D 505 23.82 -15.44 37.49
N LEU D 506 24.03 -14.24 36.95
CA LEU D 506 24.59 -13.16 37.74
C LEU D 506 23.66 -12.80 38.90
N ARG D 507 22.36 -12.68 38.62
CA ARG D 507 21.42 -12.34 39.69
C ARG D 507 21.35 -13.44 40.74
N LEU D 508 21.32 -14.70 40.29
CA LEU D 508 21.26 -15.82 41.23
C LEU D 508 22.49 -15.84 42.12
N SER D 509 23.68 -15.67 41.54
CA SER D 509 24.90 -15.65 42.33
C SER D 509 24.91 -14.49 43.31
N GLU D 510 24.48 -13.31 42.85
CA GLU D 510 24.44 -12.14 43.72
C GLU D 510 23.53 -12.39 44.91
N LEU D 511 22.32 -12.90 44.65
CA LEU D 511 21.37 -13.19 45.73
C LEU D 511 21.91 -14.26 46.67
N LEU D 512 22.51 -15.31 46.11
CA LEU D 512 23.07 -16.38 46.93
C LEU D 512 24.16 -15.86 47.86
N TYR D 513 25.02 -14.99 47.34
CA TYR D 513 26.11 -14.45 48.12
C TYR D 513 25.61 -13.47 49.18
N ASN D 514 24.56 -12.70 48.86
CA ASN D 514 23.92 -11.87 49.86
C ASN D 514 23.34 -12.73 50.99
N VAL D 515 22.71 -13.85 50.63
CA VAL D 515 22.21 -14.78 51.63
C VAL D 515 23.34 -15.32 52.48
N VAL D 516 24.44 -15.70 51.84
CA VAL D 516 25.58 -16.27 52.56
C VAL D 516 26.16 -15.26 53.53
N LEU D 517 26.15 -13.97 53.17
CA LEU D 517 26.64 -12.96 54.09
C LEU D 517 25.82 -12.95 55.38
N HIS D 518 24.50 -13.10 55.27
CA HIS D 518 23.62 -13.17 56.44
C HIS D 518 23.39 -14.62 56.87
N HIS D 519 24.48 -15.36 57.05
CA HIS D 519 24.36 -16.79 57.39
C HIS D 519 24.03 -17.00 58.86
N LYS D 520 24.51 -16.13 59.74
CA LYS D 520 24.27 -16.30 61.17
C LYS D 520 22.79 -16.38 61.47
N LEU D 521 22.00 -15.48 60.88
CA LEU D 521 20.59 -15.34 61.21
C LEU D 521 19.80 -16.64 61.15
N PHE D 522 20.33 -17.68 60.51
CA PHE D 522 19.58 -18.93 60.42
C PHE D 522 20.44 -20.16 60.69
N VAL D 523 21.58 -20.01 61.36
CA VAL D 523 22.31 -21.21 61.75
C VAL D 523 21.37 -22.15 62.48
N HIS D 524 20.53 -21.61 63.38
CA HIS D 524 19.64 -22.44 64.16
C HIS D 524 18.78 -23.34 63.27
N VAL D 525 18.26 -22.82 62.16
CA VAL D 525 17.36 -23.65 61.37
C VAL D 525 18.12 -24.86 60.85
N LYS D 526 19.37 -24.66 60.40
CA LYS D 526 20.18 -25.81 60.02
C LYS D 526 20.08 -26.87 61.10
N GLU D 527 20.36 -26.48 62.34
CA GLU D 527 20.36 -27.45 63.42
C GLU D 527 19.00 -28.12 63.46
N GLU D 528 17.95 -27.29 63.44
CA GLU D 528 16.59 -27.82 63.45
C GLU D 528 16.36 -28.76 62.28
N ALA D 529 16.76 -28.35 61.08
CA ALA D 529 16.60 -29.24 59.94
C ALA D 529 17.25 -30.58 60.23
N THR D 530 18.43 -30.55 60.84
CA THR D 530 19.06 -31.81 61.24
C THR D 530 18.10 -32.60 62.12
N THR D 531 17.61 -32.01 63.21
CA THR D 531 16.65 -32.72 64.05
C THR D 531 15.41 -33.16 63.28
N PHE D 532 14.99 -32.38 62.29
CA PHE D 532 13.66 -32.57 61.71
C PHE D 532 13.56 -33.81 60.83
N TYR D 533 14.54 -34.05 59.97
CA TYR D 533 14.55 -35.21 59.09
C TYR D 533 15.77 -36.11 59.33
N MET D 534 16.30 -36.08 60.56
CA MET D 534 17.32 -37.00 61.00
C MET D 534 16.67 -38.29 61.50
N ALA D 535 15.47 -38.16 62.05
CA ALA D 535 14.69 -39.26 62.60
C ALA D 535 14.03 -40.09 61.50
N ASP D 556 7.79 -30.98 61.83
CA ASP D 556 6.38 -30.90 61.46
C ASP D 556 5.95 -29.48 61.11
N LYS D 557 5.10 -28.94 61.98
CA LYS D 557 4.35 -27.73 61.70
C LYS D 557 5.02 -26.52 62.33
N GLU D 558 5.57 -26.67 63.53
CA GLU D 558 6.48 -25.65 64.07
C GLU D 558 7.70 -25.49 63.16
N TYR D 559 8.16 -26.58 62.56
CA TYR D 559 9.33 -26.51 61.68
C TYR D 559 9.06 -25.60 60.48
N ARG D 560 7.93 -25.81 59.81
CA ARG D 560 7.57 -24.93 58.70
C ARG D 560 7.43 -23.50 59.19
N GLU D 561 6.87 -23.33 60.37
CA GLU D 561 6.64 -21.99 60.88
C GLU D 561 7.98 -21.27 61.06
N HIS D 562 8.95 -21.99 61.62
CA HIS D 562 10.30 -21.46 61.82
C HIS D 562 10.98 -21.16 60.49
N ILE D 563 10.85 -22.06 59.51
CA ILE D 563 11.46 -21.81 58.21
C ILE D 563 10.92 -20.52 57.62
N MET D 564 9.61 -20.30 57.72
CA MET D 564 9.02 -19.08 57.17
C MET D 564 9.49 -17.86 57.93
N THR D 565 9.60 -17.95 59.26
CA THR D 565 10.12 -16.80 60.02
C THR D 565 11.55 -16.48 59.61
N ALA D 566 12.40 -17.50 59.47
CA ALA D 566 13.78 -17.26 59.06
C ALA D 566 13.84 -16.67 57.66
N ILE D 567 12.97 -17.12 56.76
CA ILE D 567 12.94 -16.55 55.41
C ILE D 567 12.59 -15.07 55.47
N GLU D 568 11.59 -14.71 56.28
CA GLU D 568 11.15 -13.32 56.31
C GLU D 568 12.26 -12.37 56.76
N LYS D 569 13.25 -12.86 57.52
CA LYS D 569 14.27 -11.96 58.05
C LYS D 569 15.41 -11.72 57.08
N VAL D 570 15.49 -12.48 55.99
CA VAL D 570 16.52 -12.28 54.97
C VAL D 570 15.84 -12.03 53.64
N PRO D 571 15.59 -10.78 53.26
CA PRO D 571 14.92 -10.53 51.97
C PRO D 571 15.63 -11.15 50.79
N ALA D 572 16.96 -11.21 50.81
CA ALA D 572 17.70 -11.80 49.69
C ALA D 572 17.35 -13.27 49.51
N LEU D 573 17.14 -13.99 50.61
CA LEU D 573 16.74 -15.40 50.52
C LEU D 573 15.37 -15.54 49.87
N GLN D 574 14.39 -14.74 50.32
CA GLN D 574 13.15 -14.60 49.57
C GLN D 574 13.40 -14.42 48.08
N ALA D 575 14.20 -13.43 47.71
CA ALA D 575 14.35 -13.11 46.29
C ALA D 575 14.93 -14.29 45.52
N TYR D 576 15.92 -14.97 46.13
CA TYR D 576 16.53 -16.12 45.48
C TYR D 576 15.53 -17.26 45.32
N LEU D 577 14.77 -17.57 46.38
CA LEU D 577 13.80 -18.65 46.30
C LEU D 577 12.67 -18.32 45.33
N GLU D 578 12.35 -17.04 45.18
CA GLU D 578 11.32 -16.62 44.25
C GLU D 578 11.80 -16.67 42.81
N LEU D 579 13.08 -16.38 42.57
CA LEU D 579 13.64 -16.55 41.24
C LEU D 579 13.49 -18.00 40.77
N VAL D 580 14.15 -18.91 41.48
CA VAL D 580 13.94 -20.34 41.27
C VAL D 580 12.75 -20.72 42.15
N ASN D 581 11.55 -20.57 41.60
CA ASN D 581 10.34 -20.69 42.41
C ASN D 581 10.32 -22.03 43.14
N ALA D 582 10.23 -23.13 42.39
CA ALA D 582 10.43 -24.45 42.97
C ALA D 582 11.16 -25.41 42.06
N GLN D 583 11.53 -25.00 40.85
CA GLN D 583 12.09 -25.94 39.87
C GLN D 583 12.95 -25.17 38.89
N PHE D 584 14.24 -25.51 38.84
CA PHE D 584 15.13 -25.02 37.79
C PHE D 584 15.24 -26.00 36.64
N MET D 585 14.67 -27.19 36.76
CA MET D 585 14.64 -28.12 35.65
C MET D 585 13.28 -28.06 34.96
N PRO D 586 13.23 -28.30 33.65
CA PRO D 586 11.94 -28.36 32.98
C PRO D 586 11.03 -29.40 33.62
N GLN D 587 9.76 -29.04 33.80
CA GLN D 587 8.77 -29.96 34.38
C GLN D 587 8.16 -30.78 33.25
N ASN D 588 9.06 -31.30 32.40
CA ASN D 588 8.73 -32.22 31.32
C ASN D 588 9.85 -33.25 31.17
N PHE D 589 10.88 -33.13 31.99
CA PHE D 589 12.17 -33.74 31.68
C PHE D 589 12.12 -35.26 31.83
N ASN D 590 12.76 -35.94 30.90
CA ASN D 590 12.84 -37.40 30.90
C ASN D 590 14.17 -37.80 31.52
N TYR D 591 14.12 -38.32 32.75
CA TYR D 591 15.30 -38.82 33.42
C TYR D 591 15.66 -40.24 32.99
N ASP D 592 14.84 -40.86 32.15
CA ASP D 592 15.08 -42.22 31.66
C ASP D 592 15.04 -42.17 30.14
N ARG D 593 16.22 -42.17 29.51
CA ARG D 593 16.32 -42.09 28.06
C ARG D 593 16.19 -43.48 27.44
N SER D 594 14.99 -44.04 27.57
CA SER D 594 14.64 -45.32 26.98
C SER D 594 13.46 -45.22 26.02
N GLY D 595 12.43 -44.47 26.39
CA GLY D 595 11.28 -44.26 25.52
C GLY D 595 10.27 -43.32 26.12
N SER D 596 9.80 -42.35 25.31
CA SER D 596 8.86 -41.35 25.79
C SER D 596 9.35 -40.76 27.11
N ARG D 597 8.43 -40.49 28.04
CA ARG D 597 8.78 -40.01 29.37
C ARG D 597 8.39 -40.99 30.46
N ASP D 598 7.13 -41.41 30.50
CA ASP D 598 6.66 -42.29 31.57
C ASP D 598 5.25 -42.76 31.22
N ASP D 599 4.80 -43.77 31.96
CA ASP D 599 3.38 -44.13 32.04
C ASP D 599 2.75 -43.58 33.31
N ASP D 600 3.29 -43.97 34.47
CA ASP D 600 2.88 -43.42 35.75
C ASP D 600 4.09 -43.30 36.69
N PHE D 601 5.26 -43.01 36.13
CA PHE D 601 6.50 -43.13 36.90
C PHE D 601 6.67 -42.00 37.90
N TYR D 602 6.29 -40.77 37.52
CA TYR D 602 6.59 -39.58 38.30
C TYR D 602 5.45 -39.17 39.23
N LEU D 603 4.52 -40.08 39.52
CA LEU D 603 3.37 -39.77 40.35
C LEU D 603 3.32 -40.70 41.57
N ILE D 604 3.00 -40.12 42.72
CA ILE D 604 2.91 -40.84 43.98
C ILE D 604 1.60 -40.44 44.66
N SER D 605 1.34 -41.04 45.83
CA SER D 605 0.08 -40.87 46.53
C SER D 605 0.22 -40.19 47.88
N TRP D 606 1.12 -40.68 48.74
CA TRP D 606 1.34 -40.06 50.05
C TRP D 606 0.06 -40.09 50.90
N LEU D 607 -0.33 -41.31 51.28
CA LEU D 607 -1.67 -41.53 51.81
C LEU D 607 -1.86 -40.92 53.20
N LYS D 608 -1.08 -41.34 54.18
CA LYS D 608 -1.31 -40.90 55.55
C LYS D 608 -0.03 -40.96 56.37
N ASP D 609 0.07 -40.05 57.35
CA ASP D 609 1.27 -39.94 58.17
C ASP D 609 1.50 -41.22 58.98
N ASP D 610 0.44 -41.78 59.55
CA ASP D 610 0.59 -42.97 60.39
C ASP D 610 1.10 -44.18 59.61
N ASP D 611 1.05 -44.14 58.28
CA ASP D 611 1.51 -45.24 57.45
C ASP D 611 2.73 -44.88 56.60
N LEU D 612 3.23 -43.65 56.68
CA LEU D 612 4.42 -43.28 55.93
C LEU D 612 5.61 -44.06 56.48
N PRO D 613 6.53 -44.49 55.62
CA PRO D 613 7.73 -45.20 56.12
C PRO D 613 8.71 -44.26 56.80
N GLU D 614 9.82 -44.80 57.27
CA GLU D 614 10.85 -43.98 57.89
C GLU D 614 11.45 -43.03 56.86
N TYR D 615 11.96 -41.89 57.34
CA TYR D 615 12.70 -40.97 56.50
C TYR D 615 11.80 -40.38 55.42
N SER D 616 10.49 -40.38 55.68
CA SER D 616 9.53 -39.89 54.69
C SER D 616 9.64 -38.38 54.50
N ARG D 617 10.08 -37.65 55.53
CA ARG D 617 10.31 -36.22 55.38
C ARG D 617 11.36 -35.95 54.32
N LEU D 618 12.36 -36.83 54.20
CA LEU D 618 13.33 -36.72 53.11
C LEU D 618 12.62 -36.84 51.77
N PHE D 619 11.72 -37.82 51.64
CA PHE D 619 10.97 -37.96 50.40
C PHE D 619 9.75 -37.06 50.43
N LYS D 620 9.96 -35.82 50.86
CA LYS D 620 9.01 -34.73 50.67
C LYS D 620 9.69 -33.43 50.29
N SER D 621 10.99 -33.28 50.59
CA SER D 621 11.75 -32.08 50.29
C SER D 621 12.84 -32.32 49.25
N LEU D 622 13.05 -33.56 48.83
CA LEU D 622 14.06 -33.91 47.83
C LEU D 622 13.48 -33.99 46.42
N PHE D 623 12.27 -34.51 46.28
CA PHE D 623 11.71 -34.81 44.97
C PHE D 623 10.30 -34.28 44.76
N LEU D 624 9.71 -33.60 45.73
CA LEU D 624 8.27 -33.44 45.83
C LEU D 624 7.89 -31.98 46.04
N ASN D 625 8.41 -31.11 45.19
CA ASN D 625 8.34 -29.66 45.36
C ASN D 625 6.93 -29.07 45.28
N SER D 626 5.80 -29.77 45.15
CA SER D 626 4.50 -29.12 45.05
C SER D 626 3.49 -29.86 45.91
N GLU D 627 2.41 -29.14 46.26
CA GLU D 627 1.27 -29.71 46.98
C GLU D 627 -0.01 -29.38 46.22
N VAL D 628 -0.30 -30.17 45.19
CA VAL D 628 -1.52 -30.02 44.39
C VAL D 628 -1.89 -31.40 43.84
N ALA D 629 -3.09 -31.50 43.28
CA ALA D 629 -3.58 -32.77 42.78
C ALA D 629 -2.81 -33.29 41.58
N ALA D 630 -1.98 -32.46 40.95
CA ALA D 630 -1.22 -32.88 39.78
C ALA D 630 -2.13 -33.41 38.69
N PHE D 645 -9.06 -22.27 41.57
CA PHE D 645 -8.02 -22.93 40.78
C PHE D 645 -7.30 -21.91 39.89
N ARG D 646 -7.34 -20.63 40.29
CA ARG D 646 -6.82 -19.55 39.46
C ARG D 646 -5.67 -18.78 40.07
N TYR D 647 -5.62 -18.64 41.39
CA TYR D 647 -4.70 -17.74 42.07
C TYR D 647 -3.76 -18.53 42.95
N ARG D 648 -3.17 -19.59 42.39
CA ARG D 648 -2.59 -20.65 43.17
C ARG D 648 -1.10 -20.81 42.92
N ASN D 649 -0.35 -20.92 44.03
CA ASN D 649 1.10 -20.89 43.95
C ASN D 649 1.63 -22.11 43.22
N LEU D 650 1.04 -23.28 43.47
CA LEU D 650 1.31 -24.52 42.74
C LEU D 650 2.70 -25.07 43.00
N TYR D 651 3.57 -24.29 43.65
CA TYR D 651 4.96 -24.69 43.84
C TYR D 651 5.38 -24.70 45.30
N SER D 652 5.21 -23.59 46.02
CA SER D 652 5.42 -23.54 47.47
C SER D 652 6.74 -24.21 47.87
N TYR D 653 7.83 -23.56 47.50
CA TYR D 653 9.16 -24.07 47.83
C TYR D 653 9.35 -24.34 49.32
N LEU D 654 8.41 -23.92 50.16
CA LEU D 654 8.48 -24.17 51.59
C LEU D 654 8.20 -25.63 51.90
N PRO D 655 8.46 -26.07 53.13
CA PRO D 655 8.04 -27.41 53.54
C PRO D 655 6.53 -27.58 53.33
N LEU D 656 6.16 -28.76 52.84
CA LEU D 656 4.83 -29.01 52.29
C LEU D 656 4.06 -29.94 53.21
N GLN D 657 2.76 -29.70 53.37
CA GLN D 657 1.91 -30.55 54.18
C GLN D 657 0.92 -31.17 53.22
N LEU D 658 1.06 -32.46 52.95
CA LEU D 658 0.29 -33.11 51.90
C LEU D 658 -0.92 -33.81 52.50
N THR D 659 -2.01 -33.85 51.72
CA THR D 659 -3.24 -34.47 52.17
C THR D 659 -3.31 -35.91 51.69
N SER D 660 -4.34 -36.61 52.13
CA SER D 660 -4.43 -38.04 51.90
C SER D 660 -4.97 -38.35 50.51
N ALA D 661 -4.39 -39.38 49.89
CA ALA D 661 -4.88 -39.92 48.62
C ALA D 661 -4.94 -38.84 47.54
N THR D 662 -3.77 -38.26 47.27
CA THR D 662 -3.62 -37.22 46.26
C THR D 662 -2.39 -37.50 45.41
N PHE D 663 -2.54 -37.39 44.10
CA PHE D 663 -1.43 -37.61 43.18
C PHE D 663 -0.50 -36.41 43.20
N TYR D 664 0.80 -36.67 43.33
CA TYR D 664 1.82 -35.62 43.37
C TYR D 664 2.93 -35.97 42.39
N LYS D 665 3.41 -34.96 41.67
CA LYS D 665 4.48 -35.14 40.69
C LYS D 665 5.84 -35.02 41.36
N ILE D 666 6.82 -35.72 40.80
CA ILE D 666 8.17 -35.79 41.35
C ILE D 666 9.14 -35.02 40.47
N ASP D 667 10.02 -34.25 41.11
CA ASP D 667 11.12 -33.55 40.44
C ASP D 667 12.42 -33.91 41.15
N PHE D 668 13.29 -34.64 40.47
CA PHE D 668 14.45 -35.23 41.12
C PHE D 668 15.46 -34.19 41.60
N LEU D 669 15.51 -33.01 40.99
CA LEU D 669 16.54 -32.01 41.27
C LEU D 669 15.99 -30.79 42.00
N ALA D 670 15.09 -31.00 42.95
CA ALA D 670 14.50 -29.91 43.71
C ALA D 670 15.21 -29.64 45.04
N PHE D 671 16.14 -30.51 45.44
CA PHE D 671 16.70 -30.40 46.79
C PHE D 671 17.47 -29.10 46.98
N ALA D 672 18.23 -28.68 45.97
CA ALA D 672 19.14 -27.54 46.14
C ALA D 672 18.39 -26.23 46.31
N ILE D 673 17.10 -26.19 45.99
CA ILE D 673 16.36 -24.94 45.92
C ILE D 673 15.22 -24.90 46.93
N LYS D 674 15.16 -25.87 47.84
CA LYS D 674 14.22 -25.81 48.96
C LYS D 674 14.81 -24.92 50.05
N ALA D 675 13.94 -24.16 50.70
CA ALA D 675 14.40 -23.15 51.65
C ALA D 675 15.25 -23.77 52.75
N ASP D 676 14.72 -24.81 53.40
CA ASP D 676 15.44 -25.42 54.53
C ASP D 676 16.73 -26.06 54.07
N LEU D 677 16.70 -26.81 52.97
CA LEU D 677 17.91 -27.45 52.48
C LEU D 677 18.93 -26.42 52.00
N LEU D 678 18.46 -25.38 51.33
CA LEU D 678 19.37 -24.33 50.88
C LEU D 678 20.08 -23.68 52.06
N MET D 679 19.34 -23.37 53.12
CA MET D 679 19.95 -22.72 54.27
C MET D 679 20.85 -23.67 55.05
N TYR D 680 20.49 -24.95 55.11
CA TYR D 680 21.41 -25.95 55.64
C TYR D 680 22.72 -25.92 54.88
N ASN D 681 22.64 -25.91 53.55
CA ASN D 681 23.85 -25.92 52.73
C ASN D 681 24.64 -24.62 52.91
N VAL D 682 23.95 -23.48 53.03
CA VAL D 682 24.64 -22.22 53.22
C VAL D 682 25.42 -22.22 54.52
N VAL D 683 24.79 -22.67 55.61
CA VAL D 683 25.46 -22.69 56.89
C VAL D 683 26.61 -23.70 56.87
N ARG D 684 26.42 -24.85 56.21
CA ARG D 684 27.50 -25.81 56.06
C ARG D 684 28.67 -25.20 55.31
N PHE D 685 28.40 -24.47 54.23
CA PHE D 685 29.44 -23.87 53.41
C PHE D 685 30.22 -22.83 54.20
N VAL D 686 29.52 -21.98 54.94
CA VAL D 686 30.20 -20.91 55.68
C VAL D 686 30.99 -21.49 56.85
N GLU D 687 30.38 -22.40 57.61
CA GLU D 687 30.98 -22.87 58.85
C GLU D 687 32.07 -23.91 58.58
N GLU D 688 31.70 -25.04 57.99
CA GLU D 688 32.65 -26.12 57.79
C GLU D 688 33.69 -25.72 56.75
N GLU D 689 34.96 -26.03 57.05
CA GLU D 689 36.08 -25.73 56.17
C GLU D 689 36.88 -27.03 56.00
N GLY D 690 36.47 -27.85 55.03
CA GLY D 690 37.20 -29.05 54.69
C GLY D 690 37.71 -29.00 53.27
N ASP D 691 37.12 -29.82 52.40
CA ASP D 691 37.45 -29.82 50.98
C ASP D 691 36.22 -29.85 50.07
N THR D 692 35.04 -30.17 50.58
CA THR D 692 33.82 -30.17 49.81
C THR D 692 33.08 -28.84 49.96
N ILE D 693 32.26 -28.53 48.97
CA ILE D 693 31.39 -27.35 48.99
C ILE D 693 29.99 -27.81 48.62
N PRO D 694 28.96 -27.44 49.36
CA PRO D 694 27.60 -27.82 48.97
C PRO D 694 27.24 -27.24 47.62
N TYR D 695 26.46 -27.99 46.84
CA TYR D 695 26.01 -27.49 45.56
C TYR D 695 25.02 -26.37 45.75
N PHE D 696 25.21 -25.27 45.01
CA PHE D 696 24.30 -24.14 45.02
C PHE D 696 23.85 -23.86 43.60
N MET D 697 22.55 -23.61 43.44
CA MET D 697 21.96 -23.30 42.13
C MET D 697 22.18 -21.83 41.85
N SER D 698 23.36 -21.50 41.33
CA SER D 698 23.74 -20.13 41.02
C SER D 698 24.03 -19.90 39.55
N ASN D 699 24.05 -20.95 38.73
CA ASN D 699 24.38 -20.85 37.31
C ASN D 699 23.38 -21.68 36.53
N MET D 700 22.78 -21.09 35.49
CA MET D 700 21.86 -21.87 34.66
C MET D 700 22.59 -22.82 33.74
N PHE D 701 23.84 -22.55 33.40
CA PHE D 701 24.62 -23.50 32.62
C PHE D 701 24.79 -24.82 33.38
N HIS D 702 24.62 -24.78 34.70
CA HIS D 702 24.44 -26.02 35.45
C HIS D 702 23.24 -26.79 34.94
N ILE D 703 22.16 -26.08 34.58
CA ILE D 703 20.99 -26.75 34.00
C ILE D 703 21.34 -27.31 32.63
N ASP D 704 22.17 -26.59 31.87
CA ASP D 704 22.70 -27.14 30.62
C ASP D 704 23.36 -28.47 30.86
N VAL D 705 24.21 -28.55 31.88
CA VAL D 705 24.87 -29.83 32.19
C VAL D 705 23.85 -30.87 32.64
N PHE D 706 22.88 -30.44 33.45
CA PHE D 706 21.92 -31.38 34.03
C PHE D 706 21.09 -32.06 32.94
N VAL D 707 20.61 -31.29 31.96
CA VAL D 707 19.82 -31.89 30.90
C VAL D 707 20.66 -32.83 30.05
N ARG D 708 21.98 -32.67 30.05
CA ARG D 708 22.87 -33.55 29.30
C ARG D 708 23.20 -34.84 30.04
N HIS D 709 22.93 -34.91 31.34
CA HIS D 709 23.32 -36.06 32.15
C HIS D 709 22.51 -37.29 31.76
N ASN D 710 23.09 -38.46 32.01
CA ASN D 710 22.48 -39.72 31.59
C ASN D 710 21.31 -40.12 32.49
N TYR D 711 21.57 -40.29 33.79
CA TYR D 711 20.61 -40.68 34.81
C TYR D 711 20.22 -42.15 34.72
N ASN D 712 20.86 -42.95 33.86
CA ASN D 712 20.58 -44.38 33.78
C ASN D 712 21.78 -45.12 33.21
N GLY D 718 14.79 -50.25 40.92
CA GLY D 718 16.05 -50.23 40.21
C GLY D 718 16.24 -48.91 39.48
N LYS D 719 15.27 -48.57 38.64
CA LYS D 719 15.33 -47.32 37.89
C LYS D 719 15.36 -46.11 38.83
N PHE D 720 14.39 -46.05 39.75
CA PHE D 720 14.32 -44.93 40.67
C PHE D 720 15.55 -44.85 41.55
N ALA D 721 16.04 -46.00 42.03
CA ALA D 721 17.22 -46.00 42.88
C ALA D 721 18.43 -45.45 42.14
N TYR D 722 18.62 -45.86 40.89
CA TYR D 722 19.76 -45.37 40.13
C TYR D 722 19.65 -43.88 39.86
N ILE D 723 18.45 -43.40 39.51
CA ILE D 723 18.29 -41.97 39.28
C ILE D 723 18.56 -41.19 40.56
N ALA D 724 18.05 -41.69 41.70
CA ALA D 724 18.27 -41.03 42.97
C ALA D 724 19.75 -40.98 43.32
N LYS D 725 20.47 -42.08 43.07
CA LYS D 725 21.91 -42.09 43.33
C LYS D 725 22.63 -41.09 42.44
N GLN D 726 22.21 -40.98 41.17
CA GLN D 726 22.80 -39.98 40.29
C GLN D 726 22.57 -38.58 40.84
N ILE D 727 21.37 -38.32 41.37
CA ILE D 727 21.10 -37.02 41.97
C ILE D 727 22.01 -36.79 43.17
N VAL D 728 22.17 -37.81 44.02
CA VAL D 728 22.95 -37.65 45.23
C VAL D 728 24.44 -37.69 44.93
N PHE D 729 24.88 -38.67 44.14
CA PHE D 729 26.30 -38.96 43.96
C PHE D 729 26.78 -38.86 42.53
N GLY D 730 26.01 -39.36 41.56
CA GLY D 730 26.53 -39.49 40.22
C GLY D 730 26.88 -38.15 39.57
N LEU D 731 26.04 -37.14 39.78
CA LEU D 731 26.28 -35.84 39.17
C LEU D 731 27.51 -35.14 39.72
N TRP D 732 28.09 -35.63 40.81
CA TRP D 732 29.16 -34.94 41.50
C TRP D 732 30.39 -35.83 41.64
N TRP D 745 31.98 -30.03 30.24
CA TRP D 745 30.62 -30.18 30.74
C TRP D 745 30.56 -29.98 32.25
N TYR D 746 31.03 -30.98 32.99
CA TYR D 746 30.97 -30.96 34.44
C TYR D 746 31.94 -29.98 35.07
N LYS D 747 32.89 -29.45 34.29
CA LYS D 747 33.80 -28.44 34.81
C LYS D 747 33.07 -27.17 35.23
N SER D 748 31.81 -26.99 34.81
CA SER D 748 31.04 -25.85 35.28
C SER D 748 30.65 -25.98 36.74
N PHE D 749 30.84 -27.15 37.34
CA PHE D 749 30.62 -27.33 38.78
C PHE D 749 31.88 -27.10 39.59
N ASP D 750 32.92 -26.52 38.99
CA ASP D 750 34.23 -26.45 39.64
C ASP D 750 34.18 -25.64 40.93
N THR D 751 33.62 -24.43 40.86
CA THR D 751 33.52 -23.55 42.01
C THR D 751 34.90 -23.05 42.43
N VAL D 752 34.99 -21.80 42.89
CA VAL D 752 36.28 -21.24 43.31
C VAL D 752 36.63 -21.56 44.75
N PHE D 753 35.71 -22.17 45.50
CA PHE D 753 35.90 -22.40 46.92
C PHE D 753 36.33 -23.82 47.27
N GLY D 754 36.06 -24.81 46.41
CA GLY D 754 36.33 -26.18 46.74
C GLY D 754 36.79 -26.98 45.53
N THR D 755 37.27 -28.18 45.83
CA THR D 755 37.70 -29.12 44.81
C THR D 755 36.54 -29.91 44.21
N LYS D 756 35.66 -30.44 45.06
CA LYS D 756 34.53 -31.25 44.62
C LYS D 756 33.27 -30.51 45.02
N ILE D 757 32.12 -31.10 44.74
CA ILE D 757 30.85 -30.53 45.13
C ILE D 757 29.97 -31.64 45.70
N GLU D 758 29.52 -31.46 46.94
CA GLU D 758 28.50 -32.31 47.51
C GLU D 758 27.13 -31.84 47.03
N ALA D 759 26.10 -32.60 47.38
CA ALA D 759 24.71 -32.22 47.12
C ALA D 759 24.00 -31.77 48.38
N LEU D 760 24.06 -32.58 49.44
CA LEU D 760 23.47 -32.21 50.72
C LEU D 760 24.16 -33.08 51.76
N HIS D 761 24.97 -32.46 52.62
CA HIS D 761 25.82 -33.25 53.52
C HIS D 761 24.99 -34.08 54.50
N LEU D 762 23.77 -33.64 54.81
CA LEU D 762 22.99 -34.36 55.81
C LEU D 762 22.63 -35.76 55.33
N LEU D 763 22.47 -35.94 54.01
CA LEU D 763 22.22 -37.28 53.48
C LEU D 763 23.33 -38.24 53.89
N VAL D 764 24.55 -37.73 54.06
CA VAL D 764 25.63 -38.57 54.58
C VAL D 764 25.29 -39.04 55.98
N ASP D 765 24.96 -38.10 56.88
CA ASP D 765 24.68 -38.47 58.26
C ASP D 765 23.49 -39.43 58.33
N ILE D 766 22.44 -39.16 57.57
CA ILE D 766 21.31 -40.07 57.54
C ILE D 766 21.77 -41.47 57.15
N ALA D 767 22.63 -41.57 56.13
CA ALA D 767 23.14 -42.88 55.74
C ALA D 767 23.79 -43.59 56.92
N GLU D 768 24.53 -42.84 57.74
CA GLU D 768 25.15 -43.43 58.92
C GLU D 768 24.12 -44.16 59.76
N GLN D 769 22.98 -43.51 60.04
CA GLN D 769 21.97 -44.14 60.87
C GLN D 769 21.48 -45.44 60.23
N ILE D 770 21.40 -45.48 58.90
CA ILE D 770 21.02 -46.72 58.25
C ILE D 770 22.01 -47.82 58.58
N LYS D 771 23.31 -47.51 58.56
CA LYS D 771 24.30 -48.50 58.96
C LYS D 771 24.02 -49.03 60.36
N ILE D 772 23.55 -48.16 61.26
CA ILE D 772 23.23 -48.61 62.60
C ILE D 772 22.00 -49.52 62.58
N SER D 773 21.04 -49.22 61.72
CA SER D 773 19.81 -50.00 61.66
C SER D 773 19.99 -51.34 60.95
N ASP D 774 21.13 -51.57 60.30
CA ASP D 774 21.38 -52.82 59.59
C ASP D 774 22.73 -53.40 60.01
N GLU D 786 36.69 -43.09 47.90
CA GLU D 786 35.50 -42.83 47.11
C GLU D 786 34.45 -43.91 47.33
N GLN D 787 34.93 -45.10 47.71
CA GLN D 787 34.03 -46.24 47.87
C GLN D 787 33.02 -46.00 48.99
N LYS D 788 33.47 -45.40 50.10
CA LYS D 788 32.56 -45.15 51.21
C LYS D 788 31.48 -44.14 50.84
N ARG D 789 31.85 -43.06 50.14
CA ARG D 789 30.84 -42.10 49.68
C ARG D 789 29.85 -42.77 48.73
N ASP D 790 30.34 -43.60 47.83
CA ASP D 790 29.44 -44.32 46.93
C ASP D 790 28.48 -45.23 47.69
N GLU D 791 28.99 -45.95 48.69
CA GLU D 791 28.17 -46.88 49.45
C GLU D 791 27.09 -46.15 50.25
N GLN D 792 27.46 -45.03 50.90
CA GLN D 792 26.46 -44.25 51.63
C GLN D 792 25.40 -43.69 50.69
N ALA D 793 25.82 -43.14 49.56
CA ALA D 793 24.87 -42.60 48.60
C ALA D 793 23.92 -43.69 48.11
N LYS D 794 24.45 -44.89 47.87
CA LYS D 794 23.57 -46.02 47.61
C LYS D 794 22.56 -46.26 48.72
N LYS D 795 23.01 -46.31 49.95
CA LYS D 795 22.05 -46.56 51.02
C LYS D 795 20.91 -45.58 50.94
N VAL D 796 21.24 -44.31 50.72
CA VAL D 796 20.21 -43.28 50.67
C VAL D 796 19.30 -43.49 49.46
N ALA D 797 19.87 -43.88 48.32
CA ALA D 797 19.06 -44.10 47.12
C ALA D 797 18.12 -45.30 47.30
N GLU D 798 18.63 -46.40 47.86
CA GLU D 798 17.80 -47.56 48.22
C GLU D 798 16.68 -47.20 49.19
N LYS D 799 16.97 -46.45 50.24
CA LYS D 799 15.92 -46.06 51.17
C LYS D 799 14.87 -45.19 50.47
N LEU D 800 15.33 -44.25 49.64
CA LEU D 800 14.40 -43.39 48.92
C LEU D 800 13.55 -44.20 47.93
N ALA D 801 14.16 -45.19 47.28
CA ALA D 801 13.42 -46.04 46.35
C ALA D 801 12.40 -46.90 47.07
N ALA D 802 12.75 -47.40 48.26
CA ALA D 802 11.78 -48.13 49.06
C ALA D 802 10.60 -47.24 49.43
N ILE D 803 10.89 -46.01 49.84
CA ILE D 803 9.81 -45.07 50.14
C ILE D 803 8.95 -44.84 48.90
N TYR D 804 9.61 -44.63 47.75
CA TYR D 804 8.90 -44.36 46.50
C TYR D 804 7.98 -45.51 46.13
N HIS D 805 8.47 -46.75 46.23
CA HIS D 805 7.64 -47.90 45.89
C HIS D 805 6.51 -48.09 46.90
N HIS D 806 6.75 -47.78 48.18
CA HIS D 806 5.71 -47.92 49.18
C HIS D 806 4.53 -46.98 48.90
N ILE D 807 4.82 -45.75 48.50
CA ILE D 807 3.78 -44.74 48.30
C ILE D 807 3.26 -44.79 46.87
N GLY D 808 3.66 -45.81 46.12
CA GLY D 808 3.10 -46.01 44.80
C GLY D 808 1.71 -46.60 44.87
N MET D 809 0.92 -46.30 43.83
CA MET D 809 -0.47 -46.75 43.81
C MET D 809 -0.55 -48.26 43.67
N SER D 810 0.47 -48.88 43.07
CA SER D 810 0.45 -50.33 42.85
C SER D 810 0.48 -51.06 44.19
N ARG D 811 1.28 -50.56 45.13
CA ARG D 811 1.35 -51.13 46.47
C ARG D 811 0.11 -50.77 47.30
N ILE D 812 -0.35 -49.52 47.20
CA ILE D 812 -1.47 -49.08 48.03
C ILE D 812 -2.73 -49.86 47.72
N LEU D 813 -3.00 -50.09 46.43
CA LEU D 813 -4.16 -50.85 46.00
C LEU D 813 -3.88 -52.34 45.89
N SER D 814 -2.74 -52.79 46.41
CA SER D 814 -2.40 -54.21 46.30
C SER D 814 -3.40 -55.08 47.03
N ARG D 815 -3.98 -54.60 48.14
CA ARG D 815 -4.93 -55.39 48.89
C ARG D 815 -6.33 -55.34 48.30
N LEU D 816 -6.60 -54.43 47.38
CA LEU D 816 -7.90 -54.36 46.73
C LEU D 816 -8.01 -55.29 45.52
N HIS D 817 -6.93 -55.97 45.15
CA HIS D 817 -7.03 -56.97 44.11
C HIS D 817 -7.89 -58.14 44.59
N GLN D 818 -8.40 -58.90 43.62
CA GLN D 818 -9.32 -60.01 43.84
C GLN D 818 -10.70 -59.54 44.27
N LEU D 819 -10.95 -58.23 44.30
CA LEU D 819 -12.25 -57.68 44.65
C LEU D 819 -12.93 -57.13 43.40
N PRO D 820 -14.09 -57.66 43.00
CA PRO D 820 -14.75 -57.11 41.81
C PRO D 820 -15.16 -55.66 42.01
N PHE D 821 -15.11 -54.90 40.91
CA PHE D 821 -15.50 -53.50 40.92
C PHE D 821 -16.28 -53.18 39.65
N ILE D 822 -17.14 -52.18 39.75
CA ILE D 822 -17.83 -51.66 38.58
C ILE D 822 -16.82 -50.99 37.67
N ALA D 823 -17.07 -51.04 36.36
CA ALA D 823 -16.11 -50.50 35.41
C ALA D 823 -16.24 -49.00 35.23
N GLU D 824 -16.27 -48.26 36.35
CA GLU D 824 -16.03 -46.81 36.31
C GLU D 824 -15.11 -46.34 37.42
N ILE D 825 -14.98 -47.08 38.53
CA ILE D 825 -14.15 -46.66 39.64
C ILE D 825 -12.69 -47.05 39.45
N LYS D 826 -12.38 -47.93 38.50
CA LYS D 826 -10.98 -48.27 38.25
C LYS D 826 -10.18 -47.05 37.81
N SER D 827 -10.84 -46.06 37.20
CA SER D 827 -10.21 -44.79 36.85
C SER D 827 -10.40 -43.73 37.94
N ASN D 828 -10.59 -44.16 39.18
CA ASN D 828 -10.82 -43.28 40.32
C ASN D 828 -9.93 -43.70 41.48
N LYS D 829 -8.64 -43.84 41.19
CA LYS D 829 -7.71 -44.45 42.13
C LYS D 829 -7.74 -43.78 43.50
N GLU D 830 -8.06 -42.50 43.56
CA GLU D 830 -8.13 -41.82 44.86
C GLU D 830 -9.22 -42.43 45.74
N LEU D 831 -10.39 -42.67 45.16
CA LEU D 831 -11.48 -43.27 45.93
C LEU D 831 -11.13 -44.70 46.34
N LEU D 832 -10.45 -45.44 45.47
CA LEU D 832 -10.02 -46.79 45.81
C LEU D 832 -9.02 -46.77 46.97
N GLN D 833 -8.11 -45.80 46.96
CA GLN D 833 -7.16 -45.66 48.07
C GLN D 833 -7.89 -45.33 49.36
N HIS D 834 -8.88 -44.43 49.29
CA HIS D 834 -9.69 -44.14 50.47
C HIS D 834 -10.40 -45.40 50.97
N PHE D 835 -10.87 -46.23 50.04
CA PHE D 835 -11.54 -47.48 50.41
C PHE D 835 -10.59 -48.44 51.11
N SER D 836 -9.36 -48.55 50.60
CA SER D 836 -8.35 -49.37 51.27
C SER D 836 -8.10 -48.86 52.68
N GLU D 837 -7.95 -47.55 52.80
CA GLU D 837 -7.70 -46.95 54.11
C GLU D 837 -8.84 -47.24 55.06
N ALA D 838 -10.07 -47.14 54.57
CA ALA D 838 -11.23 -47.44 55.40
C ALA D 838 -11.25 -48.90 55.82
N ILE D 839 -10.84 -49.81 54.93
CA ILE D 839 -10.78 -51.21 55.28
C ILE D 839 -9.81 -51.43 56.44
N VAL D 840 -8.59 -50.89 56.31
CA VAL D 840 -7.60 -51.04 57.38
C VAL D 840 -8.11 -50.40 58.66
N LYS D 841 -8.72 -49.22 58.55
CA LYS D 841 -9.17 -48.50 59.72
C LYS D 841 -10.31 -49.23 60.43
N LEU D 842 -11.17 -49.90 59.66
CA LEU D 842 -12.24 -50.68 60.26
C LEU D 842 -11.71 -51.92 60.95
N GLU D 843 -10.72 -52.59 60.34
CA GLU D 843 -10.20 -53.80 60.95
C GLU D 843 -9.22 -53.54 62.08
N LYS D 844 -8.73 -52.31 62.24
CA LYS D 844 -7.83 -52.01 63.36
C LYS D 844 -8.57 -51.69 64.65
N TYR D 845 -9.80 -51.17 64.57
CA TYR D 845 -10.58 -50.88 65.77
C TYR D 845 -11.37 -52.08 66.27
N ALA D 846 -11.61 -53.07 65.42
CA ALA D 846 -12.34 -54.27 65.80
C ALA D 846 -11.46 -55.52 65.84
N SER D 847 -10.33 -55.52 65.14
CA SER D 847 -9.41 -56.66 65.13
C SER D 847 -10.13 -57.92 64.64
N ASP D 848 -10.61 -57.87 63.40
CA ASP D 848 -11.34 -58.98 62.80
C ASP D 848 -10.71 -59.49 61.51
N THR D 849 -9.68 -58.83 60.98
CA THR D 849 -8.94 -59.32 59.82
C THR D 849 -9.86 -59.54 58.61
N ILE D 850 -10.40 -58.43 58.13
CA ILE D 850 -11.31 -58.43 56.99
C ILE D 850 -10.65 -59.16 55.82
N ASN D 851 -11.30 -60.22 55.35
CA ASN D 851 -10.79 -60.98 54.21
C ASN D 851 -11.18 -60.29 52.91
N VAL D 852 -10.25 -60.28 51.96
CA VAL D 852 -10.48 -59.63 50.67
C VAL D 852 -10.17 -60.59 49.54
N GLY D 853 -10.31 -61.89 49.81
CA GLY D 853 -10.10 -62.88 48.76
C GLY D 853 -11.10 -62.75 47.63
N ASN D 854 -12.32 -62.34 47.95
CA ASN D 854 -13.35 -62.08 46.95
C ASN D 854 -14.48 -61.36 47.66
N LEU D 855 -15.54 -61.04 46.91
CA LEU D 855 -16.66 -60.33 47.50
C LEU D 855 -17.36 -61.17 48.55
N SER D 856 -17.38 -62.49 48.38
CA SER D 856 -17.99 -63.36 49.38
C SER D 856 -17.24 -63.30 50.70
N GLN D 857 -15.90 -63.35 50.65
CA GLN D 857 -15.10 -63.25 51.87
C GLN D 857 -15.27 -61.88 52.52
N PHE D 858 -15.27 -60.83 51.71
CA PHE D 858 -15.51 -59.49 52.23
C PHE D 858 -16.86 -59.41 52.93
N ARG D 859 -17.89 -60.03 52.34
CA ARG D 859 -19.21 -60.02 52.95
C ARG D 859 -19.22 -60.79 54.26
N GLU D 860 -18.57 -61.96 54.31
CA GLU D 860 -18.55 -62.69 55.58
C GLU D 860 -17.87 -61.86 56.66
N SER D 861 -16.73 -61.24 56.32
CA SER D 861 -16.04 -60.41 57.30
C SER D 861 -16.91 -59.26 57.76
N LEU D 862 -17.62 -58.61 56.83
CA LEU D 862 -18.45 -57.48 57.19
C LEU D 862 -19.58 -57.90 58.12
N LYS D 863 -20.18 -59.07 57.90
CA LYS D 863 -21.21 -59.51 58.83
C LYS D 863 -20.63 -59.86 60.18
N LYS D 864 -19.46 -60.48 60.20
CA LYS D 864 -18.81 -60.74 61.49
C LYS D 864 -18.61 -59.45 62.27
N ILE D 865 -18.18 -58.38 61.58
CA ILE D 865 -18.02 -57.10 62.26
C ILE D 865 -19.38 -56.53 62.67
N GLY D 866 -20.39 -56.69 61.82
CA GLY D 866 -21.71 -56.14 62.09
C GLY D 866 -22.48 -56.89 63.15
N GLN D 867 -22.01 -58.08 63.55
CA GLN D 867 -22.66 -58.80 64.64
C GLN D 867 -22.66 -57.99 65.93
N THR D 868 -21.75 -57.02 66.05
CA THR D 868 -21.67 -56.15 67.22
C THR D 868 -21.99 -54.70 66.89
N TYR D 869 -21.33 -54.13 65.88
CA TYR D 869 -21.55 -52.73 65.54
C TYR D 869 -22.78 -52.59 64.66
N PRO D 870 -23.83 -51.88 65.08
CA PRO D 870 -25.01 -51.73 64.22
C PRO D 870 -24.73 -50.99 62.93
N SER D 871 -23.72 -50.13 62.88
CA SER D 871 -23.46 -49.33 61.69
C SER D 871 -22.88 -50.14 60.54
N ILE D 872 -22.28 -51.30 60.84
CA ILE D 872 -21.75 -52.14 59.76
C ILE D 872 -22.84 -53.03 59.18
N GLN D 873 -23.87 -53.33 59.96
CA GLN D 873 -24.98 -54.14 59.46
C GLN D 873 -25.70 -53.43 58.32
N VAL D 874 -25.72 -52.10 58.33
CA VAL D 874 -26.35 -51.35 57.24
C VAL D 874 -25.60 -51.61 55.93
N LEU D 875 -24.28 -51.51 55.97
CA LEU D 875 -23.47 -51.81 54.79
C LEU D 875 -23.65 -53.26 54.37
N VAL D 876 -23.69 -54.16 55.33
CA VAL D 876 -23.92 -55.58 55.03
C VAL D 876 -25.23 -55.74 54.26
N ASP D 877 -26.30 -55.14 54.77
CA ASP D 877 -27.61 -55.29 54.14
C ASP D 877 -27.63 -54.68 52.74
N LYS D 878 -26.97 -53.54 52.55
CA LYS D 878 -26.94 -52.94 51.23
C LYS D 878 -25.96 -53.61 50.28
N LEU D 879 -25.15 -54.56 50.78
CA LEU D 879 -24.30 -55.39 49.94
C LEU D 879 -24.80 -56.84 49.88
N HIS D 880 -26.12 -57.04 49.91
CA HIS D 880 -26.66 -58.41 49.94
C HIS D 880 -26.45 -59.10 48.61
N ARG D 881 -27.15 -58.62 47.58
CA ARG D 881 -27.33 -59.29 46.30
C ARG D 881 -26.37 -58.75 45.26
N LYS D 882 -25.49 -57.84 45.64
CA LYS D 882 -24.57 -57.22 44.71
C LYS D 882 -23.46 -58.19 44.33
N GLN D 883 -23.20 -58.28 43.02
CA GLN D 883 -22.13 -59.07 42.44
C GLN D 883 -20.78 -58.39 42.44
N LYS D 884 -20.73 -57.08 42.57
CA LYS D 884 -19.48 -56.34 42.55
C LYS D 884 -19.59 -55.12 43.45
N LEU D 885 -18.46 -54.45 43.65
CA LEU D 885 -18.41 -53.29 44.49
C LEU D 885 -18.73 -52.04 43.66
N TYR D 886 -19.73 -51.32 44.14
CA TYR D 886 -20.38 -50.20 43.47
C TYR D 886 -19.96 -48.89 44.16
N VAL D 887 -20.02 -47.80 43.40
CA VAL D 887 -19.45 -46.55 43.90
C VAL D 887 -20.16 -46.11 45.18
N GLU D 888 -21.49 -46.21 45.24
CA GLU D 888 -22.18 -45.70 46.42
C GLU D 888 -21.81 -46.53 47.63
N PHE D 889 -21.71 -47.85 47.47
CA PHE D 889 -21.38 -48.68 48.62
C PHE D 889 -20.00 -48.32 49.16
N ILE D 890 -19.05 -48.04 48.27
CA ILE D 890 -17.73 -47.64 48.71
C ILE D 890 -17.79 -46.31 49.43
N GLN D 891 -18.54 -45.35 48.90
CA GLN D 891 -18.67 -44.05 49.58
C GLN D 891 -19.33 -44.21 50.96
N ASP D 892 -20.37 -45.03 51.04
CA ASP D 892 -21.05 -45.28 52.31
C ASP D 892 -20.12 -45.97 53.29
N PHE D 893 -19.29 -46.90 52.79
CA PHE D 893 -18.28 -47.53 53.62
C PHE D 893 -17.31 -46.48 54.17
N ILE D 894 -16.87 -45.56 53.32
CA ILE D 894 -15.96 -44.51 53.76
C ILE D 894 -16.62 -43.70 54.87
N GLU D 895 -17.86 -43.26 54.65
CA GLU D 895 -18.58 -42.47 55.64
C GLU D 895 -18.73 -43.23 56.96
N THR D 896 -19.24 -44.46 56.90
CA THR D 896 -19.49 -45.24 58.10
C THR D 896 -18.20 -45.45 58.89
N VAL D 897 -17.13 -45.84 58.21
CA VAL D 897 -15.87 -46.08 58.90
C VAL D 897 -15.32 -44.77 59.46
N ASN D 898 -15.50 -43.66 58.74
CA ASN D 898 -15.00 -42.37 59.22
C ASN D 898 -15.65 -41.97 60.52
N LYS D 899 -16.98 -42.12 60.62
CA LYS D 899 -17.68 -41.74 61.84
C LYS D 899 -17.75 -42.86 62.86
N LEU D 900 -17.09 -43.99 62.59
CA LEU D 900 -17.05 -45.14 63.49
C LEU D 900 -15.98 -44.99 64.57
N ASN E 28 28.95 10.85 55.82
CA ASN E 28 28.52 9.67 55.10
C ASN E 28 28.04 10.02 53.70
N TYR E 29 28.94 10.58 52.89
CA TYR E 29 28.56 10.96 51.53
C TYR E 29 28.14 9.73 50.75
N ILE E 30 27.09 9.88 49.95
CA ILE E 30 26.35 8.73 49.43
C ILE E 30 26.92 8.27 48.08
N PHE E 31 27.64 9.14 47.38
CA PHE E 31 28.40 8.78 46.18
C PHE E 31 29.88 8.59 46.50
N SER E 32 30.20 8.11 47.72
CA SER E 32 31.60 7.99 48.10
C SER E 32 32.34 7.03 47.18
N SER E 33 31.71 5.91 46.84
CA SER E 33 32.37 4.93 45.98
C SER E 33 32.74 5.54 44.63
N GLN E 34 31.82 6.31 44.05
CA GLN E 34 32.09 6.94 42.76
C GLN E 34 33.23 7.94 42.86
N LEU E 35 33.26 8.72 43.94
CA LEU E 35 34.37 9.67 44.13
C LEU E 35 35.70 8.96 44.27
N ASP E 36 35.73 7.86 45.03
CA ASP E 36 36.96 7.08 45.17
C ASP E 36 37.39 6.52 43.82
N LYS E 37 36.43 6.05 43.02
CA LYS E 37 36.77 5.52 41.70
C LYS E 37 37.30 6.63 40.78
N VAL E 38 36.71 7.82 40.84
CA VAL E 38 37.22 8.95 40.07
C VAL E 38 38.67 9.22 40.45
N ASN E 39 38.94 9.22 41.75
CA ASN E 39 40.28 9.51 42.23
C ASN E 39 41.27 8.43 41.81
N LEU E 40 40.81 7.17 41.78
CA LEU E 40 41.64 6.08 41.26
C LEU E 40 41.94 6.27 39.78
N ILE E 41 40.95 6.66 39.00
CA ILE E 41 41.19 6.90 37.58
C ILE E 41 42.23 8.00 37.41
N LEU E 42 42.05 9.11 38.14
CA LEU E 42 42.99 10.23 38.09
C LEU E 42 44.38 9.80 38.50
N GLU E 43 44.46 8.99 39.55
CA GLU E 43 45.71 8.40 39.97
C GLU E 43 46.37 7.61 38.85
N HIS E 44 45.62 6.71 38.17
CA HIS E 44 46.21 5.87 37.15
C HIS E 44 46.81 6.70 36.04
N MET E 45 46.07 7.74 35.61
CA MET E 45 46.54 8.57 34.49
C MET E 45 47.64 9.57 34.88
N ASP E 46 47.75 9.91 36.16
CA ASP E 46 48.77 10.86 36.56
C ASP E 46 50.18 10.33 36.32
N THR E 47 50.35 9.00 36.36
CA THR E 47 51.66 8.43 36.13
C THR E 47 52.15 8.72 34.72
N VAL E 48 51.27 8.59 33.73
CA VAL E 48 51.61 8.83 32.33
C VAL E 48 51.53 10.32 32.07
N GLY E 49 52.60 10.90 31.52
CA GLY E 49 52.64 12.31 31.19
C GLY E 49 53.13 12.56 29.79
N GLY E 50 52.76 11.69 28.86
CA GLY E 50 53.22 11.78 27.49
C GLY E 50 52.15 12.23 26.52
N ILE E 51 51.31 13.18 26.92
CA ILE E 51 50.23 13.68 26.07
C ILE E 51 49.38 12.49 25.64
N HIS E 52 48.56 11.99 26.55
CA HIS E 52 47.72 10.82 26.33
C HIS E 52 46.25 11.19 26.44
N SER E 53 45.42 10.42 25.74
CA SER E 53 43.98 10.64 25.76
C SER E 53 43.41 10.09 27.05
N ARG E 54 42.81 10.97 27.86
CA ARG E 54 42.24 10.57 29.14
C ARG E 54 40.96 11.37 29.37
N ASN E 55 39.84 10.66 29.49
CA ASN E 55 38.54 11.29 29.70
C ASN E 55 37.72 10.42 30.65
N ILE E 56 36.74 11.06 31.29
CA ILE E 56 35.87 10.40 32.25
C ILE E 56 34.42 10.70 31.87
N ALA E 57 33.54 9.71 32.05
CA ALA E 57 32.13 9.84 31.68
C ALA E 57 31.28 9.46 32.88
N ILE E 58 30.63 10.45 33.48
CA ILE E 58 29.76 10.22 34.63
C ILE E 58 28.33 10.03 34.12
N THR E 59 27.67 8.98 34.61
CA THR E 59 26.30 8.68 34.21
C THR E 59 25.45 8.42 35.45
N GLY E 60 24.17 8.76 35.34
CA GLY E 60 23.22 8.51 36.41
C GLY E 60 22.58 9.77 36.97
N ASP E 61 22.05 9.69 38.19
CA ASP E 61 21.34 10.79 38.81
C ASP E 61 22.25 11.45 39.85
N ARG E 62 23.14 12.31 39.36
CA ARG E 62 24.12 13.01 40.18
C ARG E 62 23.67 14.42 40.56
N GLY E 63 22.47 14.59 41.10
CA GLY E 63 21.93 15.94 41.22
C GLY E 63 21.05 16.23 42.42
N THR E 64 20.30 17.33 42.30
CA THR E 64 19.30 17.79 43.27
C THR E 64 19.85 18.85 44.21
N GLY E 65 19.74 18.64 45.52
CA GLY E 65 19.80 19.76 46.45
C GLY E 65 21.16 20.37 46.71
N LYS E 66 22.03 19.64 47.41
CA LYS E 66 23.33 20.19 47.79
C LYS E 66 24.46 19.17 47.75
N THR E 67 24.20 17.95 47.32
CA THR E 67 25.22 16.91 47.25
C THR E 67 25.37 16.40 45.81
N SER E 68 25.16 17.29 44.85
CA SER E 68 25.36 16.93 43.45
C SER E 68 26.81 16.52 43.21
N PHE E 69 26.99 15.40 42.53
CA PHE E 69 28.32 14.82 42.37
C PHE E 69 29.26 15.74 41.60
N ILE E 70 28.72 16.64 40.78
CA ILE E 70 29.56 17.41 39.86
C ILE E 70 30.26 18.55 40.60
N GLU E 71 29.51 19.39 41.30
CA GLU E 71 30.15 20.47 42.06
C GLU E 71 31.09 19.89 43.10
N THR E 72 30.63 18.85 43.77
CA THR E 72 31.39 18.22 44.84
C THR E 72 32.68 17.61 44.30
N LEU E 73 32.60 16.97 43.13
CA LEU E 73 33.80 16.48 42.45
C LEU E 73 34.73 17.63 42.05
N LYS E 74 34.17 18.72 41.53
CA LYS E 74 34.99 19.86 41.15
C LYS E 74 35.79 20.36 42.34
N LEU E 75 35.14 20.45 43.49
CA LEU E 75 35.79 20.89 44.72
C LEU E 75 36.90 19.92 45.12
N VAL E 76 36.61 18.61 45.09
CA VAL E 76 37.63 17.61 45.38
C VAL E 76 38.83 17.80 44.47
N LEU E 77 38.59 18.01 43.18
CA LEU E 77 39.69 18.22 42.24
C LEU E 77 40.44 19.49 42.53
N GLU E 78 39.73 20.55 42.93
CA GLU E 78 40.39 21.80 43.28
C GLU E 78 41.40 21.59 44.39
N LYS E 79 41.04 20.83 45.42
CA LYS E 79 41.99 20.72 46.52
C LYS E 79 43.10 19.69 46.26
N GLN E 80 43.09 19.00 45.13
CA GLN E 80 44.20 18.14 44.74
C GLN E 80 45.18 18.81 43.78
N ASN E 81 45.20 20.14 43.68
CA ASN E 81 46.00 20.78 42.63
C ASN E 81 45.65 20.28 41.23
N TYR E 82 44.36 20.19 40.93
CA TYR E 82 43.89 20.17 39.56
C TYR E 82 43.19 21.50 39.27
N TYR E 83 43.63 22.19 38.23
CA TYR E 83 42.93 23.39 37.77
C TYR E 83 41.69 22.96 37.02
N VAL E 84 40.53 23.43 37.47
CA VAL E 84 39.24 23.05 36.92
C VAL E 84 38.64 24.27 36.25
N PHE E 85 38.40 24.18 34.94
CA PHE E 85 37.70 25.24 34.24
C PHE E 85 36.28 25.36 34.79
N ASP E 86 35.75 26.57 34.76
CA ASP E 86 34.39 26.78 35.22
C ASP E 86 33.44 25.89 34.42
N ILE E 87 32.51 25.25 35.14
CA ILE E 87 31.76 24.14 34.56
C ILE E 87 31.02 24.60 33.32
N VAL E 88 31.10 23.80 32.26
CA VAL E 88 30.41 24.08 31.01
C VAL E 88 28.99 23.55 31.14
N SER E 89 28.04 24.46 31.32
CA SER E 89 26.64 24.12 31.49
C SER E 89 25.91 24.20 30.16
N PRO E 90 24.66 23.75 30.11
CA PRO E 90 23.86 23.97 28.89
C PRO E 90 23.75 25.43 28.53
N THR E 91 23.83 26.33 29.51
CA THR E 91 23.86 27.76 29.21
C THR E 91 25.08 28.10 28.37
N VAL E 92 26.24 27.55 28.71
CA VAL E 92 27.45 27.81 27.95
C VAL E 92 27.36 27.19 26.56
N LEU E 93 26.84 25.96 26.47
CA LEU E 93 26.75 25.30 25.17
C LEU E 93 25.73 25.98 24.27
N SER E 94 24.71 26.63 24.84
CA SER E 94 23.72 27.34 24.05
C SER E 94 24.29 28.58 23.39
N SER E 95 25.51 28.98 23.74
CA SER E 95 26.15 30.13 23.11
C SER E 95 26.45 29.90 21.63
N HIS E 96 26.36 28.65 21.17
CA HIS E 96 26.67 28.26 19.79
C HIS E 96 28.16 28.34 19.49
N LEU E 97 28.99 28.57 20.50
CA LEU E 97 30.44 28.54 20.34
C LEU E 97 30.95 27.12 20.59
N ASN E 98 31.96 26.74 19.82
CA ASN E 98 32.57 25.43 20.01
C ASN E 98 33.37 25.40 21.31
N ILE E 99 33.65 24.19 21.79
CA ILE E 99 34.28 24.02 23.10
C ILE E 99 35.67 24.67 23.12
N LEU E 100 36.35 24.72 21.98
CA LEU E 100 37.65 25.38 21.94
C LEU E 100 37.52 26.87 22.23
N GLU E 101 36.52 27.52 21.64
CA GLU E 101 36.29 28.94 21.91
C GLU E 101 36.01 29.17 23.38
N ILE E 102 35.17 28.31 23.98
CA ILE E 102 34.86 28.44 25.39
C ILE E 102 36.12 28.29 26.24
N VAL E 103 36.96 27.30 25.91
CA VAL E 103 38.16 27.04 26.69
C VAL E 103 39.11 28.23 26.59
N ILE E 104 39.33 28.75 25.39
CA ILE E 104 40.26 29.86 25.24
C ILE E 104 39.71 31.12 25.88
N SER E 105 38.40 31.34 25.83
CA SER E 105 37.82 32.47 26.54
C SER E 105 38.03 32.35 28.04
N SER E 106 37.84 31.15 28.58
CA SER E 106 38.09 30.93 30.01
C SER E 106 39.55 31.19 30.36
N ILE E 107 40.46 30.73 29.50
CA ILE E 107 41.89 30.95 29.74
C ILE E 107 42.20 32.45 29.74
N TYR E 108 41.67 33.17 28.76
CA TYR E 108 41.93 34.60 28.69
C TYR E 108 41.38 35.33 29.90
N ARG E 109 40.17 34.97 30.33
CA ARG E 109 39.61 35.59 31.53
C ARG E 109 40.44 35.28 32.77
N GLU E 110 40.89 34.04 32.90
CA GLU E 110 41.70 33.66 34.06
C GLU E 110 43.01 34.44 34.09
N ILE E 111 43.66 34.59 32.94
CA ILE E 111 44.93 35.31 32.92
C ILE E 111 44.73 36.82 33.03
N ASP E 112 43.56 37.33 32.64
CA ASP E 112 43.24 38.75 32.83
C ASP E 112 42.78 39.05 34.24
N GLN E 113 42.41 38.04 35.02
CA GLN E 113 42.02 38.28 36.40
C GLN E 113 43.17 38.90 37.19
N PHE E 114 44.38 38.41 36.99
CA PHE E 114 45.57 38.93 37.63
C PHE E 114 46.51 39.55 36.60
N ILE E 115 47.55 40.20 37.09
CA ILE E 115 48.54 40.83 36.23
C ILE E 115 49.93 40.39 36.63
N ASP E 119 54.32 37.99 35.72
CA ASP E 119 54.69 36.90 34.82
C ASP E 119 55.51 37.42 33.65
N VAL E 120 54.85 38.10 32.72
CA VAL E 120 55.50 38.75 31.59
C VAL E 120 56.15 37.71 30.67
N HIS E 121 57.12 36.97 31.19
CA HIS E 121 57.89 36.06 30.35
C HIS E 121 57.00 35.02 29.69
N ASP E 122 56.12 34.38 30.46
CA ASP E 122 55.26 33.33 29.94
C ASP E 122 53.92 33.85 29.44
N ARG E 123 53.44 34.98 29.96
CA ARG E 123 52.15 35.47 29.54
C ARG E 123 52.16 35.82 28.05
N GLY E 124 53.26 36.43 27.59
CA GLY E 124 53.34 36.83 26.19
C GLY E 124 53.26 35.67 25.23
N ARG E 125 53.95 34.59 25.56
CA ARG E 125 53.86 33.32 24.82
C ARG E 125 52.46 32.72 24.89
N LEU E 126 51.83 32.79 26.06
CA LEU E 126 50.45 32.35 26.16
C LEU E 126 49.57 33.16 25.21
N ILE E 127 49.78 34.48 25.14
CA ILE E 127 48.99 35.33 24.27
C ILE E 127 49.26 35.01 22.80
N GLN E 128 50.52 34.76 22.46
CA GLN E 128 50.85 34.39 21.09
C GLN E 128 50.16 33.09 20.69
N HIS E 129 50.18 32.09 21.57
CA HIS E 129 49.50 30.83 21.27
C HIS E 129 48.00 31.01 21.21
N LEU E 130 47.43 31.89 22.05
CA LEU E 130 46.01 32.19 21.96
C LEU E 130 45.67 32.80 20.61
N LYS E 131 46.50 33.73 20.13
CA LYS E 131 46.28 34.30 18.81
C LYS E 131 46.36 33.24 17.73
N LYS E 132 47.32 32.33 17.83
CA LYS E 132 47.44 31.26 16.85
C LYS E 132 46.21 30.36 16.84
N VAL E 133 45.71 30.02 18.03
CA VAL E 133 44.52 29.17 18.11
C VAL E 133 43.31 29.90 17.53
N MET E 134 43.18 31.19 17.81
CA MET E 134 42.07 31.96 17.25
C MET E 134 42.17 32.02 15.72
N ASN E 135 43.38 32.19 15.18
CA ASN E 135 43.54 32.07 13.74
C ASN E 135 43.09 30.73 13.22
N ALA E 136 43.50 29.64 13.88
CA ALA E 136 43.11 28.33 13.41
C ALA E 136 41.60 28.18 13.39
N ILE E 137 40.93 28.72 14.42
CA ILE E 137 39.48 28.67 14.47
C ILE E 137 38.88 29.46 13.31
N ALA E 138 39.41 30.65 13.05
CA ALA E 138 38.91 31.45 11.94
C ALA E 138 39.12 30.74 10.61
N VAL E 139 40.29 30.11 10.43
CA VAL E 139 40.58 29.40 9.19
C VAL E 139 39.58 28.27 9.01
N GLU E 140 39.31 27.51 10.07
CA GLU E 140 38.29 26.46 9.99
C GLU E 140 36.92 27.03 9.64
N LYS E 141 36.66 28.27 10.03
CA LYS E 141 35.38 28.91 9.72
C LYS E 141 35.38 29.56 8.35
N LYS E 142 36.43 29.40 7.55
CA LYS E 142 36.52 30.01 6.23
C LYS E 142 36.35 31.52 6.34
N GLN E 143 37.02 32.10 7.34
CA GLN E 143 36.96 33.51 7.65
C GLN E 143 38.14 34.28 7.09
N SER E 144 39.32 33.69 7.10
CA SER E 144 40.54 34.40 6.77
C SER E 144 40.49 34.91 5.34
N ASP E 145 41.43 35.80 5.01
CA ASP E 145 41.51 36.38 3.68
C ASP E 145 41.81 35.33 2.61
N TYR E 146 42.26 34.14 3.02
CA TYR E 146 42.59 33.10 2.05
C TYR E 146 41.36 32.68 1.25
N PHE E 147 40.19 32.65 1.88
CA PHE E 147 38.96 32.21 1.25
C PHE E 147 38.16 33.36 0.64
N LYS E 148 38.67 34.59 0.69
CA LYS E 148 37.94 35.75 0.21
C LYS E 148 38.75 36.64 -0.71
N GLN E 149 39.97 36.25 -1.08
CA GLN E 149 40.85 37.04 -1.91
C GLN E 149 41.06 36.35 -3.26
N SER E 150 40.99 37.15 -4.33
CA SER E 150 41.13 36.60 -5.68
C SER E 150 42.55 36.08 -5.92
N LYS E 151 43.53 36.75 -5.31
CA LYS E 151 44.96 36.67 -5.57
C LYS E 151 45.74 36.27 -4.32
N PRO E 152 45.74 34.98 -3.96
CA PRO E 152 46.34 34.57 -2.68
C PRO E 152 47.80 34.95 -2.59
N GLU E 153 48.21 35.37 -1.39
CA GLU E 153 49.60 35.68 -1.09
C GLU E 153 50.23 34.51 -0.36
N ILE E 154 51.56 34.50 -0.36
CA ILE E 154 52.27 33.34 0.17
C ILE E 154 52.12 33.25 1.68
N GLU E 155 52.20 34.37 2.39
CA GLU E 155 52.32 34.32 3.84
C GLU E 155 51.01 33.93 4.52
N MET E 156 49.86 34.13 3.87
CA MET E 156 48.62 33.63 4.45
C MET E 156 48.61 32.11 4.53
N LEU E 157 49.45 31.45 3.74
CA LEU E 157 49.60 30.01 3.87
C LEU E 157 50.09 29.61 5.27
N THR E 158 50.76 30.54 5.97
CA THR E 158 51.10 30.28 7.36
C THR E 158 49.85 30.12 8.20
N ASP E 159 48.84 30.97 7.97
CA ASP E 159 47.60 30.89 8.74
C ASP E 159 46.95 29.52 8.57
N LEU E 160 46.88 29.01 7.34
CA LEU E 160 46.36 27.66 7.14
C LEU E 160 47.14 26.66 7.98
N SER E 161 48.46 26.82 8.05
CA SER E 161 49.26 25.92 8.88
C SER E 161 48.78 25.93 10.32
N HIS E 162 48.42 27.11 10.83
CA HIS E 162 47.96 27.20 12.21
C HIS E 162 46.79 26.27 12.47
N ARG E 163 45.98 25.99 11.43
CA ARG E 163 44.88 25.05 11.58
C ARG E 163 45.30 23.61 11.30
N THR E 164 46.24 23.40 10.38
CA THR E 164 46.71 22.04 10.10
C THR E 164 47.66 21.53 11.18
N PHE E 165 48.15 22.42 12.04
CA PHE E 165 49.00 22.05 13.16
C PHE E 165 48.39 22.54 14.47
N LEU E 166 47.06 22.52 14.55
CA LEU E 166 46.35 23.01 15.73
C LEU E 166 46.68 22.18 16.97
N ASP E 167 47.03 20.91 16.79
CA ASP E 167 47.34 20.07 17.94
C ASP E 167 48.52 20.63 18.72
N GLU E 168 49.61 20.93 18.00
CA GLU E 168 50.81 21.45 18.64
C GLU E 168 50.57 22.82 19.25
N GLU E 169 49.82 23.68 18.57
CA GLU E 169 49.52 25.00 19.11
C GLU E 169 48.70 24.88 20.40
N ILE E 170 47.70 24.00 20.41
CA ILE E 170 46.89 23.82 21.61
C ILE E 170 47.72 23.23 22.74
N LYS E 171 48.61 22.29 22.42
CA LYS E 171 49.47 21.72 23.45
C LYS E 171 50.35 22.78 24.08
N GLU E 172 50.97 23.62 23.25
CA GLU E 172 51.80 24.70 23.78
C GLU E 172 50.96 25.68 24.58
N LEU E 173 49.75 25.98 24.11
CA LEU E 173 48.86 26.90 24.83
C LEU E 173 48.57 26.38 26.23
N PHE E 174 48.23 25.10 26.34
CA PHE E 174 47.88 24.55 27.65
C PHE E 174 49.11 24.43 28.54
N CYS E 175 50.24 24.04 27.96
CA CYS E 175 51.48 24.02 28.72
C CYS E 175 51.81 25.38 29.32
N TYR E 176 51.69 26.45 28.52
CA TYR E 176 52.01 27.77 29.02
C TYR E 176 50.95 28.29 29.97
N PHE E 177 49.69 27.89 29.77
CA PHE E 177 48.65 28.23 30.73
C PHE E 177 48.93 27.62 32.09
N LYS E 178 49.34 26.33 32.10
CA LYS E 178 49.71 25.70 33.35
C LYS E 178 50.92 26.38 33.99
N LYS E 179 51.89 26.76 33.17
CA LYS E 179 53.06 27.47 33.72
C LYS E 179 52.65 28.79 34.37
N VAL E 180 51.80 29.57 33.70
CA VAL E 180 51.34 30.84 34.24
C VAL E 180 50.57 30.62 35.53
N LEU E 181 49.70 29.61 35.56
CA LEU E 181 48.95 29.32 36.78
C LEU E 181 49.88 28.91 37.91
N ASN E 182 50.90 28.12 37.61
CA ASN E 182 51.88 27.75 38.63
C ASN E 182 52.65 28.95 39.15
N ASN E 183 52.84 29.97 38.31
CA ASN E 183 53.60 31.15 38.73
C ASN E 183 52.82 32.08 39.66
N ARG E 184 51.51 31.90 39.81
CA ARG E 184 50.71 32.75 40.69
C ARG E 184 50.47 32.09 42.05
N GLN E 185 51.11 30.96 42.33
CA GLN E 185 50.94 30.30 43.62
C GLN E 185 51.86 30.94 44.65
N ASP E 186 51.29 31.29 45.80
CA ASP E 186 52.03 31.95 46.86
C ASP E 186 52.52 30.94 47.89
N SER E 187 53.70 31.22 48.45
CA SER E 187 54.32 30.38 49.47
C SER E 187 54.68 28.99 48.93
N CYS E 188 54.72 28.82 47.61
CA CYS E 188 55.10 27.57 46.98
C CYS E 188 54.28 26.40 47.54
N LYS E 189 52.97 26.48 47.31
CA LYS E 189 52.08 25.44 47.80
C LYS E 189 52.35 24.11 47.10
N GLU E 190 52.15 24.07 45.78
CA GLU E 190 52.36 22.86 45.00
C GLU E 190 52.11 23.18 43.54
N VAL E 191 52.68 22.35 42.66
CA VAL E 191 52.52 22.52 41.22
C VAL E 191 51.19 21.92 40.79
N ILE E 192 50.55 22.54 39.80
CA ILE E 192 49.27 22.05 39.29
C ILE E 192 49.51 20.78 38.48
N LYS E 193 48.66 19.78 38.69
CA LYS E 193 48.81 18.51 37.99
C LYS E 193 48.34 18.63 36.54
N ASP E 194 47.07 18.96 36.34
CA ASP E 194 46.51 18.98 35.01
C ASP E 194 45.28 19.88 34.98
N LEU E 195 44.86 20.23 33.79
CA LEU E 195 43.63 20.99 33.58
C LEU E 195 42.46 20.03 33.36
N VAL E 196 41.34 20.35 34.00
CA VAL E 196 40.15 19.50 33.96
C VAL E 196 38.98 20.32 33.43
N LEU E 197 38.25 19.74 32.47
CA LEU E 197 37.07 20.36 31.89
C LEU E 197 35.87 19.48 32.18
N ILE E 198 34.84 20.05 32.79
CA ILE E 198 33.62 19.33 33.13
C ILE E 198 32.47 19.94 32.34
N ILE E 199 31.69 19.07 31.70
CA ILE E 199 30.52 19.49 30.93
C ILE E 199 29.27 18.91 31.57
N ASP E 200 28.64 19.67 32.45
CA ASP E 200 27.55 19.19 33.29
C ASP E 200 26.21 19.33 32.58
N ASP E 201 25.23 18.57 33.08
CA ASP E 201 23.85 18.65 32.62
C ASP E 201 23.75 18.42 31.12
N LEU E 202 24.56 17.48 30.62
CA LEU E 202 24.49 17.06 29.24
C LEU E 202 23.35 16.10 28.97
N ASP E 203 22.60 15.72 30.01
CA ASP E 203 21.52 14.74 29.85
C ASP E 203 20.54 15.18 28.76
N LEU E 204 20.34 16.48 28.59
CA LEU E 204 19.40 16.99 27.60
C LEU E 204 19.95 18.32 27.08
N VAL E 205 20.73 18.27 26.00
CA VAL E 205 21.24 19.45 25.33
C VAL E 205 20.96 19.28 23.84
N GLU E 206 19.78 19.71 23.40
CA GLU E 206 19.44 19.88 21.99
C GLU E 206 19.97 18.76 21.09
N ASN E 207 20.06 17.54 21.63
CA ASN E 207 20.47 16.38 20.84
C ASN E 207 21.73 16.65 20.02
N ASN E 208 21.58 16.97 18.73
CA ASN E 208 22.73 17.02 17.83
C ASN E 208 23.84 17.92 18.35
N LEU E 209 23.50 18.90 19.20
CA LEU E 209 24.54 19.81 19.69
C LEU E 209 25.65 19.04 20.40
N VAL E 210 25.28 18.05 21.22
CA VAL E 210 26.30 17.26 21.91
C VAL E 210 27.17 16.53 20.91
N TYR E 211 26.60 16.10 19.78
CA TYR E 211 27.43 15.53 18.72
C TYR E 211 28.51 16.53 18.31
N ASP E 212 28.11 17.76 18.02
CA ASP E 212 29.09 18.80 17.71
C ASP E 212 30.10 18.94 18.84
N LEU E 213 29.67 18.78 20.09
CA LEU E 213 30.60 18.77 21.21
C LEU E 213 31.57 17.61 21.10
N LEU E 214 31.05 16.40 20.88
CA LEU E 214 31.91 15.22 20.87
C LEU E 214 33.04 15.37 19.85
N ARG E 215 32.68 15.71 18.61
CA ARG E 215 33.71 15.94 17.60
C ARG E 215 34.71 16.98 18.07
N ASP E 216 34.22 18.09 18.63
CA ASP E 216 35.13 19.11 19.10
C ASP E 216 36.08 18.55 20.15
N ILE E 217 35.60 17.66 21.01
CA ILE E 217 36.48 17.03 21.98
C ILE E 217 37.41 16.05 21.29
N GLN E 218 36.91 15.32 20.29
CA GLN E 218 37.77 14.42 19.54
C GLN E 218 38.88 15.19 18.84
N HIS E 219 38.53 16.31 18.22
CA HIS E 219 39.49 17.03 17.41
C HIS E 219 40.42 17.90 18.24
N TYR E 220 39.92 18.58 19.28
CA TYR E 220 40.80 19.58 19.89
C TYR E 220 41.19 19.25 21.33
N LEU E 221 40.31 18.63 22.10
CA LEU E 221 40.58 18.43 23.53
C LEU E 221 40.58 16.96 23.93
N ASP E 222 40.96 16.06 23.03
CA ASP E 222 40.97 14.64 23.37
C ASP E 222 42.15 14.31 24.26
N SER E 223 43.36 14.52 23.78
CA SER E 223 44.58 14.22 24.54
C SER E 223 45.21 15.46 25.16
N GLN E 224 44.42 16.52 25.37
CA GLN E 224 44.91 17.77 25.92
C GLN E 224 44.54 17.97 27.39
N LEU E 225 43.32 17.58 27.79
CA LEU E 225 42.87 17.78 29.16
C LEU E 225 42.30 16.49 29.75
N ILE E 226 41.76 16.60 30.95
CA ILE E 226 40.89 15.57 31.53
C ILE E 226 39.47 16.07 31.36
N VAL E 227 38.75 15.48 30.41
CA VAL E 227 37.39 15.90 30.09
C VAL E 227 36.42 14.98 30.80
N ILE E 228 35.51 15.56 31.58
CA ILE E 228 34.46 14.82 32.27
C ILE E 228 33.14 15.17 31.59
N PHE E 229 32.43 14.15 31.12
CA PHE E 229 31.32 14.35 30.20
C PHE E 229 29.99 14.55 30.92
N ALA E 230 29.68 13.70 31.91
CA ALA E 230 28.47 13.85 32.72
C ALA E 230 27.21 13.84 31.84
N TYR E 231 26.97 12.70 31.20
CA TYR E 231 25.78 12.45 30.41
C TYR E 231 25.00 11.31 31.05
N LYS E 232 23.97 10.82 30.37
CA LYS E 232 23.14 9.75 30.90
C LYS E 232 22.99 8.62 29.89
N GLU E 233 23.05 7.38 30.41
CA GLU E 233 22.71 6.17 29.65
C GLU E 233 23.40 6.14 28.29
N GLY E 234 22.60 6.12 27.21
CA GLY E 234 23.14 5.99 25.87
C GLY E 234 22.85 7.20 25.01
N GLN E 235 22.91 8.38 25.63
CA GLN E 235 22.65 9.62 24.89
C GLN E 235 23.68 9.82 23.79
N LEU E 236 24.96 9.53 24.09
CA LEU E 236 26.02 9.74 23.11
C LEU E 236 25.80 8.89 21.86
N GLU E 237 25.47 7.61 22.05
CA GLU E 237 25.26 6.73 20.90
C GLU E 237 24.11 7.22 20.04
N GLN E 238 23.01 7.62 20.66
CA GLN E 238 21.85 8.09 19.90
C GLN E 238 22.17 9.39 19.17
N SER E 239 22.90 10.29 19.81
CA SER E 239 23.25 11.54 19.15
C SER E 239 24.16 11.29 17.95
N MET E 240 25.12 10.37 18.09
CA MET E 240 25.96 10.01 16.95
C MET E 240 25.15 9.37 15.84
N PHE E 241 24.20 8.50 16.20
CA PHE E 241 23.38 7.83 15.20
C PHE E 241 22.52 8.83 14.44
N GLU E 242 21.98 9.83 15.13
CA GLU E 242 21.16 10.83 14.45
C GLU E 242 21.91 11.50 13.31
N HIS E 243 23.22 11.70 13.48
CA HIS E 243 24.03 12.30 12.41
C HIS E 243 24.44 11.28 11.37
N LEU E 244 24.91 10.10 11.80
CA LEU E 244 25.40 9.12 10.85
C LEU E 244 24.30 8.57 9.96
N ALA E 245 23.07 8.48 10.48
CA ALA E 245 21.97 7.96 9.67
C ALA E 245 21.67 8.86 8.49
N LYS E 246 21.61 10.18 8.70
CA LYS E 246 21.48 11.06 7.54
C LYS E 246 22.76 11.10 6.73
N GLY E 247 23.90 10.75 7.34
CA GLY E 247 25.11 10.52 6.57
C GLY E 247 25.10 9.23 5.77
N ASN E 248 24.21 8.29 6.13
CA ASN E 248 24.13 7.00 5.44
C ASN E 248 22.72 6.65 4.93
N GLU E 249 21.95 7.64 4.44
CA GLU E 249 20.78 7.38 3.60
C GLU E 249 20.98 6.25 2.62
N ALA E 250 21.80 6.51 1.60
CA ALA E 250 21.73 5.69 0.40
C ALA E 250 22.34 4.33 0.65
N LEU E 251 23.20 4.26 1.66
CA LEU E 251 23.73 2.98 2.10
C LEU E 251 22.64 2.15 2.76
N LEU E 252 21.82 2.76 3.63
CA LEU E 252 20.79 2.02 4.34
C LEU E 252 19.63 1.63 3.44
N ASN E 253 19.20 2.52 2.54
CA ASN E 253 18.04 2.22 1.71
C ASN E 253 18.36 1.23 0.61
N HIS E 254 19.58 1.25 0.07
CA HIS E 254 19.98 0.22 -0.88
C HIS E 254 20.44 -1.06 -0.21
N GLY E 255 20.37 -1.14 1.11
CA GLY E 255 20.70 -2.37 1.81
C GLY E 255 22.18 -2.68 1.87
N VAL E 256 23.04 -1.70 1.61
CA VAL E 256 24.48 -1.95 1.69
C VAL E 256 24.91 -2.16 3.13
N ILE E 257 24.33 -1.38 4.06
CA ILE E 257 24.61 -1.52 5.49
C ILE E 257 23.29 -1.48 6.24
N ASP E 258 23.36 -1.85 7.51
CA ASP E 258 22.24 -1.78 8.44
C ASP E 258 22.63 -0.92 9.64
N SER E 259 21.70 -0.79 10.59
CA SER E 259 21.99 -0.07 11.81
C SER E 259 23.17 -0.66 12.57
N ASN E 260 23.45 -1.95 12.37
CA ASN E 260 24.54 -2.59 13.11
C ASN E 260 25.88 -1.96 12.77
N ALA E 261 26.13 -1.66 11.49
CA ALA E 261 27.41 -1.08 11.11
C ALA E 261 27.60 0.30 11.72
N ILE E 262 26.56 1.14 11.66
CA ILE E 262 26.65 2.48 12.24
C ILE E 262 26.85 2.40 13.75
N PHE E 263 26.13 1.49 14.40
CA PHE E 263 26.27 1.30 15.83
C PHE E 263 27.65 0.80 16.20
N GLY E 264 28.24 -0.07 15.39
CA GLY E 264 29.61 -0.49 15.63
C GLY E 264 30.60 0.65 15.48
N GLN E 265 30.42 1.46 14.44
CA GLN E 265 31.23 2.66 14.27
C GLN E 265 31.18 3.53 15.53
N ILE E 266 29.96 3.85 15.97
CA ILE E 266 29.79 4.67 17.17
C ILE E 266 30.42 3.97 18.36
N GLU E 267 30.27 2.65 18.43
CA GLU E 267 30.78 1.89 19.55
C GLU E 267 32.27 2.04 19.68
N ARG E 268 32.99 1.95 18.56
CA ARG E 268 34.45 1.92 18.71
C ARG E 268 34.93 3.35 18.93
N PHE E 269 34.25 4.32 18.30
CA PHE E 269 34.57 5.73 18.52
C PHE E 269 34.46 6.09 19.99
N LEU E 270 33.35 5.69 20.63
CA LEU E 270 33.16 6.00 22.03
C LEU E 270 34.07 5.17 22.92
N THR E 271 34.42 3.96 22.48
CA THR E 271 35.38 3.14 23.19
C THR E 271 36.73 3.84 23.27
N LYS E 272 37.16 4.45 22.15
CA LYS E 272 38.43 5.15 22.12
C LYS E 272 38.35 6.49 22.84
N LEU E 273 37.25 7.23 22.66
CA LEU E 273 37.11 8.52 23.32
C LEU E 273 37.08 8.36 24.83
N VAL E 274 36.21 7.49 25.33
CA VAL E 274 36.10 7.21 26.76
C VAL E 274 36.29 5.72 26.98
N PRO E 275 37.44 5.27 27.51
CA PRO E 275 37.58 3.85 27.81
C PRO E 275 36.51 3.41 28.81
N LEU E 276 35.98 2.20 28.62
CA LEU E 276 34.90 1.76 29.48
C LEU E 276 35.35 1.54 30.91
N SER E 277 36.65 1.55 31.16
CA SER E 277 37.17 1.60 32.52
C SER E 277 37.18 3.00 33.09
N ASN E 278 36.86 4.01 32.27
CA ASN E 278 36.83 5.40 32.70
C ASN E 278 35.42 5.94 32.87
N ARG E 279 34.39 5.13 32.64
CA ARG E 279 33.01 5.58 32.76
C ARG E 279 32.42 5.08 34.08
N ILE E 280 31.74 5.97 34.78
CA ILE E 280 31.29 5.73 36.15
C ILE E 280 29.77 5.93 36.21
N PRO E 281 28.99 4.88 36.44
CA PRO E 281 27.56 5.08 36.69
C PRO E 281 27.25 5.20 38.16
N LEU E 282 26.12 5.86 38.45
CA LEU E 282 25.71 6.05 39.83
C LEU E 282 24.18 6.12 39.89
N PHE E 283 23.63 5.43 40.89
CA PHE E 283 22.30 5.70 41.42
C PHE E 283 21.23 5.73 40.34
N LYS E 284 20.97 4.57 39.77
CA LYS E 284 19.73 4.44 39.04
C LYS E 284 18.59 4.18 40.02
N GLN E 285 17.46 3.72 39.47
CA GLN E 285 16.28 3.42 40.26
C GLN E 285 16.41 2.13 41.09
N ASP E 286 17.20 1.16 40.65
CA ASP E 286 17.28 -0.11 41.39
C ASP E 286 17.76 0.12 42.83
N GLU E 287 19.01 0.54 42.99
CA GLU E 287 19.55 0.80 44.31
C GLU E 287 18.91 2.02 44.98
N LEU E 288 18.24 2.87 44.20
CA LEU E 288 17.45 3.94 44.79
C LEU E 288 16.27 3.38 45.57
N LEU E 289 15.54 2.43 44.96
CA LEU E 289 14.39 1.82 45.61
C LEU E 289 14.79 0.80 46.66
N ASN E 290 15.98 0.21 46.55
CA ASN E 290 16.40 -0.81 47.51
C ASN E 290 16.86 -0.24 48.84
N LYS E 291 17.40 0.97 48.88
CA LYS E 291 17.92 1.49 50.14
C LYS E 291 16.78 1.81 51.10
N THR E 292 17.14 2.26 52.29
CA THR E 292 16.17 2.67 53.29
C THR E 292 15.91 4.17 53.24
N ILE E 293 14.67 4.53 53.61
CA ILE E 293 14.26 5.92 53.68
C ILE E 293 15.18 6.69 54.62
N GLY E 294 15.64 6.04 55.69
CA GLY E 294 16.53 6.70 56.62
C GLY E 294 17.83 7.14 55.97
N GLU E 295 18.39 6.31 55.10
CA GLU E 295 19.65 6.67 54.44
C GLU E 295 19.47 7.87 53.53
N PHE E 296 18.38 7.93 52.78
CA PHE E 296 18.12 9.09 51.93
C PHE E 296 17.92 10.35 52.76
N LEU E 297 17.13 10.25 53.84
CA LEU E 297 16.89 11.41 54.68
C LEU E 297 18.18 11.88 55.33
N ALA E 298 19.06 10.95 55.71
CA ALA E 298 20.38 11.33 56.19
C ALA E 298 21.19 12.00 55.09
N SER E 299 21.06 11.52 53.86
CA SER E 299 21.71 12.19 52.73
C SER E 299 21.26 13.64 52.61
N LEU E 300 20.02 13.93 52.99
CA LEU E 300 19.61 15.33 53.08
C LEU E 300 20.06 15.99 54.38
N ASP E 301 19.86 15.33 55.52
CA ASP E 301 20.33 15.85 56.81
C ASP E 301 20.36 14.72 57.83
N PRO E 302 21.40 14.63 58.67
CA PRO E 302 21.51 13.48 59.58
C PRO E 302 20.34 13.34 60.54
N SER E 303 19.65 14.43 60.87
CA SER E 303 18.60 14.39 61.89
C SER E 303 17.23 14.03 61.34
N TYR E 304 17.00 14.18 60.04
CA TYR E 304 15.68 13.88 59.48
C TYR E 304 15.41 12.38 59.55
N GLY E 305 14.14 12.05 59.82
CA GLY E 305 13.69 10.67 59.83
C GLY E 305 12.20 10.60 59.62
N VAL E 306 11.62 9.41 59.75
CA VAL E 306 10.18 9.21 59.62
C VAL E 306 9.69 8.49 60.87
N GLY E 307 8.66 9.04 61.50
CA GLY E 307 8.10 8.47 62.70
C GLY E 307 7.18 7.29 62.41
N GLU E 308 6.60 6.76 63.48
CA GLU E 308 5.73 5.60 63.36
C GLU E 308 4.41 5.92 62.66
N ASN E 309 4.04 7.19 62.58
CA ASN E 309 2.89 7.61 61.79
C ASN E 309 3.30 8.03 60.37
N LEU E 310 4.53 7.72 59.96
CA LEU E 310 5.04 8.04 58.64
C LEU E 310 5.07 9.55 58.40
N GLU E 311 5.21 10.33 59.47
CA GLU E 311 5.44 11.76 59.38
C GLU E 311 6.92 12.04 59.58
N PHE E 312 7.40 13.11 58.95
CA PHE E 312 8.82 13.43 58.99
C PHE E 312 9.16 14.04 60.34
N ILE E 313 10.16 13.46 61.00
CA ILE E 313 10.54 13.82 62.36
C ILE E 313 11.97 14.37 62.33
N THR E 314 12.36 14.98 63.44
CA THR E 314 13.67 15.62 63.48
C THR E 314 14.53 15.17 64.66
N LYS E 315 13.97 15.02 65.87
CA LYS E 315 14.84 14.98 67.03
C LYS E 315 15.46 13.61 67.29
N ASP E 316 14.67 12.67 67.84
CA ASP E 316 15.11 11.28 67.90
C ASP E 316 13.96 10.29 67.77
N SER E 317 12.76 10.71 68.18
CA SER E 317 11.62 9.81 68.31
C SER E 317 11.94 8.58 69.15
N GLU E 318 12.83 7.72 68.65
CA GLU E 318 13.10 6.37 69.15
C GLU E 318 11.96 5.42 68.86
N LYS E 319 10.85 5.90 68.30
CA LYS E 319 9.78 5.08 67.76
C LYS E 319 9.78 5.11 66.25
N ASN E 320 10.82 5.66 65.64
CA ASN E 320 10.87 5.84 64.19
C ASN E 320 10.99 4.50 63.49
N LYS E 321 10.65 4.49 62.20
CA LYS E 321 10.80 3.33 61.33
C LYS E 321 11.53 3.79 60.07
N ASN E 322 12.87 3.80 60.15
CA ASN E 322 13.71 4.32 59.08
C ASN E 322 14.32 3.22 58.22
N ASN E 323 14.06 1.95 58.53
CA ASN E 323 14.66 0.82 57.82
C ASN E 323 13.64 0.05 57.00
N LEU E 324 12.63 0.74 56.46
CA LEU E 324 11.57 0.10 55.69
C LEU E 324 11.86 0.02 54.20
N THR E 325 12.93 0.66 53.73
CA THR E 325 13.22 0.74 52.31
C THR E 325 12.21 1.64 51.62
N ILE E 326 12.67 2.41 50.62
CA ILE E 326 11.80 3.36 49.95
C ILE E 326 10.64 2.64 49.27
N ARG E 327 10.86 1.41 48.82
CA ARG E 327 9.85 0.73 48.01
C ARG E 327 8.52 0.59 48.77
N GLU E 328 8.55 0.02 49.96
CA GLU E 328 7.33 -0.14 50.73
C GLU E 328 7.06 1.02 51.67
N TRP E 329 8.07 1.84 51.98
CA TRP E 329 7.80 3.10 52.64
C TRP E 329 6.86 3.96 51.80
N PHE E 330 7.00 3.91 50.48
CA PHE E 330 6.11 4.65 49.60
C PHE E 330 4.65 4.32 49.89
N TYR E 331 4.31 3.03 49.91
CA TYR E 331 2.92 2.65 50.15
C TYR E 331 2.53 2.89 51.60
N GLU E 332 3.39 2.52 52.55
CA GLU E 332 3.07 2.70 53.96
C GLU E 332 2.84 4.16 54.29
N SER E 333 3.39 5.08 53.50
CA SER E 333 3.25 6.49 53.74
C SER E 333 2.16 7.14 52.91
N ILE E 334 1.80 6.55 51.77
CA ILE E 334 0.52 6.88 51.14
C ILE E 334 -0.62 6.54 52.09
N PHE E 335 -0.57 5.34 52.67
CA PHE E 335 -1.36 5.02 53.85
C PHE E 335 -0.89 5.92 55.00
N TYR E 336 -1.78 6.20 55.96
CA TYR E 336 -1.58 7.23 56.98
C TYR E 336 -1.79 8.64 56.42
N ARG E 337 -2.07 8.77 55.13
CA ARG E 337 -2.44 10.05 54.54
C ARG E 337 -3.71 9.96 53.69
N THR E 338 -3.94 8.83 53.03
CA THR E 338 -5.16 8.61 52.25
C THR E 338 -5.97 7.43 52.75
N ASN E 339 -5.48 6.70 53.75
CA ASN E 339 -6.16 5.50 54.25
C ASN E 339 -6.39 4.49 53.13
N LEU E 340 -5.42 4.39 52.23
CA LEU E 340 -5.50 3.51 51.06
C LEU E 340 -4.23 2.68 50.98
N LYS E 341 -4.39 1.36 51.00
CA LYS E 341 -3.28 0.43 50.80
C LYS E 341 -3.22 0.11 49.32
N LEU E 342 -2.31 0.78 48.60
CA LEU E 342 -2.24 0.69 47.15
C LEU E 342 -1.19 -0.30 46.66
N ASP E 343 -0.55 -1.04 47.55
CA ASP E 343 0.35 -2.11 47.13
C ASP E 343 -0.48 -3.25 46.56
N PRO E 344 -0.31 -3.62 45.30
CA PRO E 344 -1.18 -4.64 44.71
C PRO E 344 -0.70 -6.05 45.03
N ILE E 345 -1.68 -6.95 45.23
CA ILE E 345 -1.36 -8.36 45.41
C ILE E 345 -0.67 -8.91 44.16
N ASP E 346 -1.20 -8.58 42.99
CA ASP E 346 -0.58 -8.99 41.74
C ASP E 346 0.54 -8.02 41.39
N ILE E 347 1.77 -8.53 41.31
CA ILE E 347 2.92 -7.71 40.96
C ILE E 347 3.04 -7.49 39.47
N ARG E 348 2.17 -8.11 38.66
CA ARG E 348 2.13 -7.84 37.23
C ARG E 348 1.72 -6.40 36.92
N GLU E 349 1.13 -5.71 37.88
CA GLU E 349 0.49 -4.42 37.63
C GLU E 349 1.47 -3.26 37.53
N GLU E 350 2.76 -3.47 37.77
CA GLU E 350 3.76 -2.45 37.50
C GLU E 350 3.51 -1.18 38.31
N ALA E 351 3.15 -1.35 39.58
CA ALA E 351 2.96 -0.20 40.46
C ALA E 351 4.26 0.57 40.67
N SER E 352 5.40 -0.11 40.62
CA SER E 352 6.69 0.55 40.80
C SER E 352 6.93 1.66 39.80
N ARG E 353 6.08 1.80 38.80
CA ARG E 353 6.14 2.92 37.88
C ARG E 353 5.70 4.24 38.53
N LEU E 354 5.46 4.28 39.84
CA LEU E 354 5.00 5.49 40.50
C LEU E 354 5.94 6.04 41.56
N MET E 355 6.77 5.23 42.20
CA MET E 355 7.20 5.64 43.55
C MET E 355 8.13 6.85 43.53
N PRO E 356 9.46 6.69 43.42
CA PRO E 356 10.27 7.63 42.64
C PRO E 356 10.71 7.05 41.31
N LYS E 357 11.41 7.85 40.53
CA LYS E 357 12.25 7.35 39.44
C LYS E 357 13.68 7.83 39.55
N THR E 358 13.89 9.02 40.10
CA THR E 358 15.22 9.59 40.34
C THR E 358 15.24 10.20 41.74
N LEU E 359 16.43 10.66 42.15
CA LEU E 359 16.55 11.33 43.44
C LEU E 359 15.76 12.63 43.49
N ARG E 360 15.74 13.37 42.37
CA ARG E 360 14.95 14.60 42.32
C ARG E 360 13.48 14.32 42.54
N GLU E 361 12.95 13.28 41.87
CA GLU E 361 11.56 12.89 42.08
C GLU E 361 11.33 12.43 43.52
N MET E 362 12.31 11.77 44.13
CA MET E 362 12.19 11.35 45.51
C MET E 362 12.07 12.56 46.44
N VAL E 363 12.94 13.56 46.25
CA VAL E 363 12.89 14.76 47.08
C VAL E 363 11.57 15.48 46.88
N GLN E 364 11.10 15.58 45.64
CA GLN E 364 9.86 16.28 45.36
C GLN E 364 8.66 15.53 45.93
N LEU E 365 8.70 14.20 45.90
CA LEU E 365 7.67 13.40 46.54
C LEU E 365 7.64 13.66 48.05
N CYS E 366 8.81 13.70 48.68
CA CYS E 366 8.87 14.02 50.10
C CYS E 366 8.30 15.41 50.37
N GLU E 367 8.60 16.36 49.48
CA GLU E 367 8.08 17.72 49.63
C GLU E 367 6.57 17.77 49.53
N GLU E 368 6.01 17.16 48.50
CA GLU E 368 4.56 17.08 48.37
C GLU E 368 3.96 16.30 49.52
N LEU E 369 4.62 15.21 49.91
CA LEU E 369 4.14 14.26 50.89
C LEU E 369 5.09 14.29 52.09
N HIS E 370 4.87 15.26 52.99
CA HIS E 370 5.65 15.33 54.22
C HIS E 370 4.77 15.29 55.47
N SER E 371 3.72 16.10 55.53
CA SER E 371 2.70 15.96 56.57
C SER E 371 1.33 15.73 55.97
N MET E 372 0.85 16.62 55.10
CA MET E 372 -0.52 16.62 54.61
C MET E 372 -1.49 16.21 55.70
N GLN E 373 -1.30 16.78 56.89
CA GLN E 373 -2.09 16.45 58.07
C GLN E 373 -2.24 14.93 58.19
N VAL E 374 -1.10 14.27 58.36
CA VAL E 374 -1.06 12.82 58.46
C VAL E 374 -2.04 12.37 59.54
N ILE E 375 -2.76 11.30 59.25
CA ILE E 375 -3.80 10.78 60.14
C ILE E 375 -3.14 9.79 61.10
N THR E 376 -3.25 10.06 62.39
CA THR E 376 -2.55 9.31 63.42
C THR E 376 -3.52 8.38 64.15
N ARG E 377 -3.00 7.69 65.17
CA ARG E 377 -3.75 6.74 65.98
C ARG E 377 -3.98 7.26 67.38
N SER E 378 -4.32 8.55 67.48
CA SER E 378 -4.51 9.24 68.76
C SER E 378 -5.90 9.87 68.77
N MET E 379 -6.14 10.73 69.75
CA MET E 379 -7.41 11.45 69.86
C MET E 379 -8.60 10.52 69.65
N ASP E 380 -9.74 11.05 69.18
CA ASP E 380 -11.00 10.31 69.17
C ASP E 380 -11.35 9.77 67.79
N LYS E 381 -10.42 9.82 66.84
CA LYS E 381 -10.62 9.19 65.54
C LYS E 381 -11.85 9.74 64.82
N LEU E 382 -12.02 11.06 64.87
CA LEU E 382 -13.16 11.73 64.29
C LEU E 382 -12.79 12.87 63.36
N ALA E 383 -11.73 13.62 63.67
CA ALA E 383 -11.35 14.81 62.92
C ALA E 383 -10.43 14.50 61.75
N GLY E 384 -9.97 13.27 61.61
CA GLY E 384 -9.07 12.92 60.53
C GLY E 384 -9.71 12.70 59.19
N VAL E 385 -11.04 12.76 59.12
CA VAL E 385 -11.74 12.50 57.87
C VAL E 385 -11.65 13.70 56.94
N GLU E 386 -11.76 14.92 57.48
CA GLU E 386 -11.78 16.10 56.64
C GLU E 386 -10.47 16.28 55.88
N GLY E 387 -9.34 16.10 56.56
CA GLY E 387 -8.05 16.19 55.88
C GLY E 387 -7.72 15.01 55.00
N LEU E 388 -8.36 13.87 55.24
CA LEU E 388 -8.11 12.66 54.47
C LEU E 388 -8.54 12.83 53.02
N ARG E 389 -9.71 13.42 52.78
CA ARG E 389 -10.15 13.63 51.40
C ARG E 389 -9.28 14.66 50.70
N LYS E 390 -8.79 15.65 51.42
CA LYS E 390 -7.84 16.60 50.84
C LYS E 390 -6.55 15.91 50.42
N ASN E 391 -6.00 15.07 51.30
CA ASN E 391 -4.83 14.29 50.92
C ASN E 391 -5.13 13.39 49.74
N ILE E 392 -6.36 12.89 49.65
CA ILE E 392 -6.76 12.11 48.48
C ILE E 392 -6.67 12.95 47.22
N GLY E 393 -7.17 14.19 47.28
CA GLY E 393 -7.07 15.07 46.12
C GLY E 393 -5.63 15.39 45.75
N ALA E 394 -4.80 15.68 46.75
CA ALA E 394 -3.39 15.97 46.48
C ALA E 394 -2.69 14.77 45.86
N PHE E 395 -2.98 13.57 46.37
CA PHE E 395 -2.40 12.36 45.79
C PHE E 395 -2.91 12.11 44.38
N ARG E 396 -4.18 12.43 44.11
CA ARG E 396 -4.69 12.32 42.75
C ARG E 396 -3.93 13.26 41.82
N ARG E 397 -3.65 14.46 42.28
CA ARG E 397 -2.84 15.40 41.49
C ARG E 397 -1.44 14.83 41.22
N TYR E 398 -0.82 14.27 42.26
CA TYR E 398 0.50 13.67 42.09
C TYR E 398 0.46 12.52 41.10
N ILE E 399 -0.57 11.68 41.17
CA ILE E 399 -0.71 10.58 40.23
C ILE E 399 -0.86 11.11 38.81
N GLY E 400 -1.67 12.15 38.63
CA GLY E 400 -1.80 12.73 37.31
C GLY E 400 -0.49 13.26 36.75
N TYR E 401 0.30 13.94 37.59
CA TYR E 401 1.63 14.36 37.20
C TYR E 401 2.53 13.19 36.83
N LYS E 402 2.56 12.15 37.65
CA LYS E 402 3.36 10.98 37.31
C LYS E 402 2.82 10.31 36.06
N ASN E 403 1.51 10.17 35.97
CA ASN E 403 0.83 9.45 34.90
C ASN E 403 0.51 10.37 33.73
N SER E 404 1.59 10.89 33.11
CA SER E 404 1.47 11.75 31.95
C SER E 404 2.55 11.47 30.89
N THR E 405 3.26 10.36 31.00
CA THR E 405 4.34 10.03 30.05
C THR E 405 3.92 9.01 29.00
N TYR E 406 3.48 7.82 29.42
CA TYR E 406 3.17 6.73 28.50
C TYR E 406 1.77 6.83 27.92
N PHE E 407 0.85 7.48 28.63
CA PHE E 407 -0.41 7.96 28.10
C PHE E 407 -0.22 8.72 26.80
N ASN E 408 -0.99 8.37 25.76
CA ASN E 408 -0.79 8.95 24.44
C ASN E 408 -1.98 9.79 23.98
N LEU E 409 -3.14 9.19 23.70
CA LEU E 409 -4.35 9.96 23.48
C LEU E 409 -5.61 9.32 24.02
N ALA E 410 -5.74 7.99 24.00
CA ALA E 410 -7.00 7.35 24.39
C ALA E 410 -7.17 7.36 25.89
N THR E 411 -6.07 7.25 26.63
CA THR E 411 -6.13 7.12 28.06
C THR E 411 -6.23 8.46 28.79
N MET E 412 -5.53 9.51 28.31
CA MET E 412 -5.80 10.86 28.82
C MET E 412 -7.27 11.22 28.64
N GLU E 413 -7.76 11.08 27.42
CA GLU E 413 -9.18 11.19 27.11
C GLU E 413 -10.05 10.39 28.08
N PHE E 414 -9.77 9.09 28.22
CA PHE E 414 -10.64 8.25 29.02
C PHE E 414 -10.69 8.71 30.47
N PHE E 415 -9.52 8.95 31.07
CA PHE E 415 -9.50 9.35 32.47
C PHE E 415 -10.11 10.72 32.66
N GLN E 416 -9.88 11.64 31.72
CA GLN E 416 -10.50 12.94 31.81
C GLN E 416 -12.02 12.84 31.79
N LYS E 417 -12.57 12.11 30.81
CA LYS E 417 -14.02 11.94 30.76
C LYS E 417 -14.52 11.22 32.01
N TRP E 418 -13.75 10.25 32.50
CA TRP E 418 -14.13 9.49 33.67
C TRP E 418 -14.26 10.40 34.89
N GLU E 419 -13.32 11.33 35.07
CA GLU E 419 -13.44 12.33 36.11
C GLU E 419 -14.78 13.04 36.03
N LEU E 420 -15.03 13.74 34.92
CA LEU E 420 -16.28 14.49 34.74
C LEU E 420 -17.32 13.63 34.06
N ALA E 421 -17.51 12.43 34.59
CA ALA E 421 -18.56 11.52 34.19
C ALA E 421 -19.70 11.53 35.19
N GLU E 422 -19.93 12.70 35.81
CA GLU E 422 -20.92 12.82 36.87
C GLU E 422 -20.59 11.85 37.99
N SER E 423 -21.45 10.87 38.23
CA SER E 423 -21.17 9.83 39.22
C SER E 423 -21.62 8.45 38.77
N HIS E 424 -22.14 8.32 37.55
CA HIS E 424 -22.77 7.08 37.11
C HIS E 424 -22.39 6.64 35.70
N GLN E 425 -21.96 7.56 34.82
CA GLN E 425 -21.45 7.20 33.51
C GLN E 425 -20.01 6.72 33.57
N ALA E 426 -19.34 6.91 34.71
CA ALA E 426 -17.95 6.51 34.84
C ALA E 426 -17.77 5.01 34.65
N ASN E 427 -18.68 4.21 35.22
CA ASN E 427 -18.57 2.76 35.10
C ASN E 427 -18.70 2.32 33.64
N TYR E 428 -19.64 2.91 32.91
CA TYR E 428 -19.80 2.59 31.50
C TYR E 428 -18.54 2.91 30.71
N LEU E 429 -17.98 4.10 30.95
CA LEU E 429 -16.76 4.50 30.25
C LEU E 429 -15.61 3.56 30.57
N ALA E 430 -15.45 3.20 31.86
CA ALA E 430 -14.37 2.29 32.24
C ALA E 430 -14.54 0.93 31.59
N TYR E 431 -15.77 0.42 31.57
CA TYR E 431 -16.01 -0.88 30.95
C TYR E 431 -15.65 -0.85 29.48
N HIS E 432 -16.07 0.19 28.76
CA HIS E 432 -15.82 0.22 27.33
C HIS E 432 -14.34 0.49 27.02
N PHE E 433 -13.66 1.26 27.87
CA PHE E 433 -12.22 1.45 27.72
C PHE E 433 -11.46 0.14 27.92
N LEU E 434 -11.81 -0.61 28.96
CA LEU E 434 -11.17 -1.90 29.19
C LEU E 434 -11.50 -2.88 28.07
N MET E 435 -12.72 -2.82 27.53
CA MET E 435 -13.06 -3.66 26.39
C MET E 435 -12.28 -3.25 25.15
N SER E 436 -12.01 -1.96 25.00
CA SER E 436 -11.13 -1.52 23.92
C SER E 436 -9.77 -2.19 24.04
N TYR E 437 -9.24 -2.26 25.26
CA TYR E 437 -7.98 -2.98 25.46
C TYR E 437 -8.15 -4.46 25.15
N TYR E 438 -9.28 -5.05 25.55
CA TYR E 438 -9.49 -6.48 25.28
C TYR E 438 -9.51 -6.76 23.79
N GLN E 439 -10.21 -5.93 23.01
CA GLN E 439 -10.30 -6.13 21.57
C GLN E 439 -8.95 -6.05 20.86
N GLU E 440 -8.03 -5.22 21.35
CA GLU E 440 -6.75 -5.02 20.69
C GLU E 440 -5.88 -6.28 20.65
N SER E 441 -6.34 -7.38 21.25
CA SER E 441 -5.63 -8.64 21.21
C SER E 441 -6.50 -9.81 20.78
N PHE E 442 -7.79 -9.58 20.50
CA PHE E 442 -8.69 -10.68 20.16
C PHE E 442 -8.44 -11.19 18.74
N GLU E 443 -8.14 -10.29 17.80
CA GLU E 443 -7.94 -10.71 16.42
C GLU E 443 -6.64 -11.49 16.23
N GLN E 444 -5.70 -11.38 17.15
CA GLN E 444 -4.42 -12.08 17.05
C GLN E 444 -4.36 -13.26 18.01
N SER E 457 -17.11 -17.37 24.54
CA SER E 457 -17.58 -16.01 24.41
C SER E 457 -17.28 -15.20 25.66
N GLY E 458 -17.64 -15.75 26.81
CA GLY E 458 -17.39 -15.09 28.09
C GLY E 458 -18.49 -14.10 28.45
N TYR E 459 -18.97 -14.17 29.68
CA TYR E 459 -20.05 -13.30 30.14
C TYR E 459 -19.57 -11.90 30.47
N PRO E 460 -18.43 -11.72 31.16
CA PRO E 460 -17.98 -10.35 31.46
C PRO E 460 -17.73 -9.53 30.21
N LEU E 461 -17.60 -10.15 29.05
CA LEU E 461 -17.38 -9.47 27.79
C LEU E 461 -18.67 -9.17 27.04
N THR E 462 -19.83 -9.42 27.64
CA THR E 462 -21.13 -9.29 26.99
C THR E 462 -21.97 -8.17 27.60
N LEU E 463 -21.34 -7.02 27.90
CA LEU E 463 -22.03 -5.92 28.56
C LEU E 463 -21.84 -4.58 27.84
N ARG E 464 -21.52 -4.60 26.54
CA ARG E 464 -21.36 -3.36 25.77
C ARG E 464 -22.70 -2.74 25.39
N THR E 465 -23.68 -3.54 25.00
CA THR E 465 -25.03 -3.03 24.77
C THR E 465 -25.84 -3.14 26.07
N MET E 466 -25.26 -2.53 27.11
CA MET E 466 -25.72 -2.62 28.47
C MET E 466 -25.91 -1.20 28.99
N GLU E 467 -26.87 -1.02 29.88
CA GLU E 467 -27.14 0.30 30.42
C GLU E 467 -25.97 0.72 31.31
N PRO E 468 -25.72 2.03 31.44
CA PRO E 468 -24.74 2.47 32.45
C PRO E 468 -25.13 2.10 33.86
N TYR E 469 -26.43 1.97 34.15
CA TYR E 469 -26.91 1.55 35.46
C TYR E 469 -26.99 0.03 35.60
N ASN E 470 -26.44 -0.71 34.64
CA ASN E 470 -26.38 -2.16 34.71
C ASN E 470 -24.95 -2.67 34.65
N ILE E 471 -23.97 -1.83 34.99
CA ILE E 471 -22.56 -2.21 34.96
C ILE E 471 -22.03 -2.53 36.36
N THR E 472 -22.37 -1.70 37.34
CA THR E 472 -21.86 -1.88 38.70
C THR E 472 -20.34 -1.86 38.72
N LEU E 473 -19.76 -2.11 39.89
CA LEU E 473 -18.31 -2.17 40.04
C LEU E 473 -17.76 -3.58 39.98
N GLY E 474 -18.57 -4.60 40.30
CA GLY E 474 -18.11 -5.97 40.20
C GLY E 474 -17.80 -6.39 38.78
N ASP E 475 -18.57 -5.90 37.81
CA ASP E 475 -18.27 -6.21 36.41
C ASP E 475 -17.00 -5.52 35.95
N ILE E 476 -16.71 -4.32 36.45
CA ILE E 476 -15.45 -3.65 36.11
C ILE E 476 -14.28 -4.49 36.59
N TYR E 477 -14.32 -4.93 37.85
CA TYR E 477 -13.25 -5.76 38.39
C TYR E 477 -13.17 -7.10 37.65
N ALA E 478 -14.32 -7.69 37.32
CA ALA E 478 -14.33 -8.96 36.60
C ALA E 478 -13.68 -8.81 35.23
N LEU E 479 -13.99 -7.74 34.52
CA LEU E 479 -13.39 -7.50 33.22
C LEU E 479 -11.90 -7.26 33.35
N MET E 480 -11.48 -6.54 34.38
CA MET E 480 -10.05 -6.30 34.58
C MET E 480 -9.31 -7.59 34.90
N GLU E 481 -9.93 -8.48 35.68
CA GLU E 481 -9.31 -9.78 35.91
C GLU E 481 -9.24 -10.61 34.63
N GLU E 482 -10.34 -10.66 33.87
CA GLU E 482 -10.34 -11.43 32.63
C GLU E 482 -9.26 -10.91 31.68
N LEU E 483 -9.12 -9.59 31.56
CA LEU E 483 -8.00 -8.98 30.83
C LEU E 483 -6.66 -9.30 31.44
N LYS E 484 -6.62 -9.50 32.75
CA LYS E 484 -5.39 -9.91 33.39
C LYS E 484 -5.06 -11.37 33.09
N TYR E 485 -6.03 -12.13 32.58
CA TYR E 485 -5.86 -13.54 32.26
C TYR E 485 -6.19 -13.84 30.80
N THR E 486 -5.98 -12.88 29.91
CA THR E 486 -6.33 -13.05 28.49
C THR E 486 -5.10 -13.46 27.70
N GLU E 487 -5.31 -14.32 26.72
CA GLU E 487 -4.24 -14.85 25.86
C GLU E 487 -3.85 -13.80 24.81
N GLY E 488 -3.45 -12.62 25.31
CA GLY E 488 -3.22 -11.48 24.45
C GLY E 488 -2.15 -10.51 24.93
N ILE E 489 -2.46 -9.21 24.84
CA ILE E 489 -1.49 -8.15 25.12
C ILE E 489 -1.20 -8.08 26.61
N SER E 490 -0.13 -7.38 26.96
CA SER E 490 0.35 -7.33 28.34
C SER E 490 1.07 -6.00 28.54
N ALA E 491 1.85 -5.91 29.62
CA ALA E 491 2.70 -4.74 29.90
C ALA E 491 1.88 -3.49 30.20
N ASP E 492 1.68 -2.63 29.19
CA ASP E 492 0.98 -1.38 29.42
C ASP E 492 -0.42 -1.61 29.95
N THR E 493 -1.07 -2.68 29.50
CA THR E 493 -2.45 -2.94 29.88
C THR E 493 -2.56 -3.19 31.38
N TYR E 494 -1.58 -3.91 31.95
CA TYR E 494 -1.58 -4.18 33.39
C TYR E 494 -1.52 -2.89 34.19
N TYR E 495 -0.62 -1.98 33.81
CA TYR E 495 -0.51 -0.72 34.54
C TYR E 495 -1.73 0.15 34.33
N ILE E 496 -2.37 0.08 33.16
CA ILE E 496 -3.62 0.79 32.95
C ILE E 496 -4.68 0.28 33.93
N VAL E 497 -4.76 -1.05 34.09
CA VAL E 497 -5.70 -1.62 35.05
C VAL E 497 -5.38 -1.13 36.46
N TYR E 498 -4.10 -1.14 36.82
CA TYR E 498 -3.71 -0.68 38.15
C TYR E 498 -4.09 0.77 38.40
N ILE E 499 -3.84 1.64 37.42
CA ILE E 499 -4.14 3.05 37.59
C ILE E 499 -5.65 3.29 37.64
N LEU E 500 -6.42 2.53 36.86
CA LEU E 500 -7.86 2.63 36.95
C LEU E 500 -8.35 2.21 38.34
N LYS E 501 -7.77 1.14 38.88
CA LYS E 501 -8.13 0.73 40.24
C LYS E 501 -7.78 1.82 41.25
N VAL E 502 -6.61 2.44 41.10
CA VAL E 502 -6.22 3.50 42.03
C VAL E 502 -7.17 4.68 41.94
N TYR E 503 -7.55 5.07 40.72
CA TYR E 503 -8.46 6.20 40.55
C TYR E 503 -9.83 5.88 41.14
N TYR E 504 -10.34 4.67 40.91
CA TYR E 504 -11.60 4.26 41.50
C TYR E 504 -11.52 4.29 43.02
N SER E 505 -10.44 3.78 43.59
CA SER E 505 -10.29 3.79 45.04
C SER E 505 -10.26 5.21 45.58
N LEU E 506 -9.55 6.11 44.90
CA LEU E 506 -9.50 7.50 45.33
C LEU E 506 -10.89 8.13 45.31
N ARG E 507 -11.64 7.91 44.22
CA ARG E 507 -12.98 8.49 44.13
C ARG E 507 -13.90 7.90 45.19
N LEU E 508 -13.83 6.59 45.40
CA LEU E 508 -14.67 5.94 46.40
C LEU E 508 -14.37 6.48 47.79
N SER E 509 -13.09 6.60 48.13
CA SER E 509 -12.72 7.13 49.44
C SER E 509 -13.18 8.58 49.59
N GLU E 510 -13.00 9.38 48.54
CA GLU E 510 -13.42 10.77 48.61
C GLU E 510 -14.92 10.88 48.84
N LEU E 511 -15.71 10.12 48.09
CA LEU E 511 -17.16 10.13 48.25
C LEU E 511 -17.56 9.63 49.64
N LEU E 512 -16.92 8.56 50.10
CA LEU E 512 -17.23 8.01 51.42
C LEU E 512 -16.97 9.03 52.51
N TYR E 513 -15.86 9.75 52.41
CA TYR E 513 -15.49 10.73 53.41
C TYR E 513 -16.40 11.96 53.35
N ASN E 514 -16.83 12.34 52.15
CA ASN E 514 -17.83 13.40 52.03
C ASN E 514 -19.14 12.98 52.69
N VAL E 515 -19.53 11.71 52.50
CA VAL E 515 -20.73 11.19 53.17
C VAL E 515 -20.55 11.24 54.68
N VAL E 516 -19.38 10.81 55.16
CA VAL E 516 -19.11 10.78 56.60
C VAL E 516 -19.18 12.18 57.19
N LEU E 517 -18.75 13.18 56.43
CA LEU E 517 -18.84 14.56 56.93
C LEU E 517 -20.29 14.94 57.20
N HIS E 518 -21.20 14.55 56.31
CA HIS E 518 -22.63 14.79 56.50
C HIS E 518 -23.32 13.63 57.21
N HIS E 519 -22.77 13.20 58.34
CA HIS E 519 -23.30 12.04 59.04
C HIS E 519 -24.55 12.39 59.83
N LYS E 520 -24.65 13.61 60.36
CA LYS E 520 -25.80 13.97 61.17
C LYS E 520 -27.10 13.77 60.41
N LEU E 521 -27.14 14.23 59.16
CA LEU E 521 -28.36 14.25 58.38
C LEU E 521 -29.10 12.92 58.33
N PHE E 522 -28.46 11.81 58.70
CA PHE E 522 -29.15 10.53 58.64
C PHE E 522 -28.91 9.67 59.88
N VAL E 523 -28.49 10.26 61.00
CA VAL E 523 -28.41 9.46 62.22
C VAL E 523 -29.74 8.74 62.43
N HIS E 524 -30.85 9.46 62.22
CA HIS E 524 -32.16 8.87 62.45
C HIS E 524 -32.34 7.56 61.69
N VAL E 525 -31.90 7.51 60.43
CA VAL E 525 -32.17 6.29 59.67
C VAL E 525 -31.45 5.12 60.33
N LYS E 526 -30.21 5.32 60.80
CA LYS E 526 -29.55 4.26 61.56
C LYS E 526 -30.52 3.72 62.59
N GLU E 527 -31.07 4.62 63.41
CA GLU E 527 -31.94 4.18 64.48
C GLU E 527 -33.07 3.37 63.87
N GLU E 528 -33.69 3.93 62.83
CA GLU E 528 -34.77 3.23 62.15
C GLU E 528 -34.32 1.88 61.64
N ALA E 529 -33.16 1.84 60.97
CA ALA E 529 -32.66 0.55 60.51
C ALA E 529 -32.60 -0.44 61.66
N THR E 530 -32.13 0.03 62.82
CA THR E 530 -32.15 -0.84 64.00
C THR E 530 -33.55 -1.37 64.23
N THR E 531 -34.54 -0.48 64.36
CA THR E 531 -35.92 -0.93 64.54
C THR E 531 -36.38 -1.84 63.41
N PHE E 532 -35.91 -1.61 62.18
CA PHE E 532 -36.53 -2.23 61.02
C PHE E 532 -36.21 -3.72 60.89
N TYR E 533 -34.96 -4.11 61.10
CA TYR E 533 -34.56 -5.52 61.02
C TYR E 533 -33.96 -6.01 62.33
N MET E 534 -34.40 -5.42 63.44
CA MET E 534 -34.09 -5.90 64.79
C MET E 534 -35.10 -6.97 65.18
N ALA E 535 -36.33 -6.84 64.68
CA ALA E 535 -37.44 -7.73 64.96
C ALA E 535 -37.32 -9.02 64.16
N ASP E 556 -40.63 -1.72 56.56
CA ASP E 556 -41.40 -2.03 55.37
C ASP E 556 -41.25 -0.96 54.29
N LYS E 557 -42.37 -0.27 54.05
CA LYS E 557 -42.54 0.59 52.89
C LYS E 557 -42.27 2.05 53.24
N GLU E 558 -42.69 2.48 54.43
CA GLU E 558 -42.22 3.76 54.95
C GLU E 558 -40.70 3.75 55.13
N TYR E 559 -40.13 2.60 55.51
CA TYR E 559 -38.69 2.50 55.69
C TYR E 559 -37.94 2.79 54.40
N ARG E 560 -38.36 2.16 53.30
CA ARG E 560 -37.74 2.46 52.00
C ARG E 560 -37.94 3.91 51.65
N GLU E 561 -39.10 4.45 51.95
CA GLU E 561 -39.39 5.82 51.58
C GLU E 561 -38.42 6.76 52.29
N HIS E 562 -38.20 6.50 53.58
CA HIS E 562 -37.27 7.27 54.39
C HIS E 562 -35.84 7.13 53.88
N ILE E 563 -35.42 5.91 53.54
CA ILE E 563 -34.07 5.71 53.02
C ILE E 563 -33.87 6.55 51.77
N MET E 564 -34.86 6.56 50.88
CA MET E 564 -34.73 7.34 49.65
C MET E 564 -34.69 8.84 49.95
N THR E 565 -35.51 9.30 50.90
CA THR E 565 -35.45 10.71 51.26
C THR E 565 -34.08 11.09 51.82
N ALA E 566 -33.54 10.25 52.71
CA ALA E 566 -32.22 10.52 53.27
C ALA E 566 -31.14 10.51 52.19
N ILE E 567 -31.25 9.61 51.22
CA ILE E 567 -30.29 9.58 50.13
C ILE E 567 -30.34 10.88 49.33
N GLU E 568 -31.55 11.36 49.03
CA GLU E 568 -31.67 12.55 48.21
C GLU E 568 -31.01 13.77 48.84
N LYS E 569 -30.86 13.80 50.18
CA LYS E 569 -30.34 14.98 50.83
C LYS E 569 -28.81 15.00 50.89
N VAL E 570 -28.15 13.89 50.55
CA VAL E 570 -26.69 13.85 50.51
C VAL E 570 -26.27 13.41 49.11
N PRO E 571 -26.00 14.34 48.20
CA PRO E 571 -25.59 13.95 46.84
C PRO E 571 -24.38 13.03 46.82
N ALA E 572 -23.44 13.21 47.74
CA ALA E 572 -22.25 12.35 47.76
C ALA E 572 -22.63 10.90 48.01
N LEU E 573 -23.63 10.66 48.85
CA LEU E 573 -24.08 9.29 49.09
C LEU E 573 -24.67 8.68 47.83
N GLN E 574 -25.56 9.42 47.15
CA GLN E 574 -25.94 9.03 45.78
C GLN E 574 -24.74 8.65 44.94
N ALA E 575 -23.75 9.52 44.84
CA ALA E 575 -22.65 9.26 43.92
C ALA E 575 -21.91 7.98 44.30
N TYR E 576 -21.69 7.79 45.60
CA TYR E 576 -21.01 6.59 46.07
C TYR E 576 -21.81 5.33 45.76
N LEU E 577 -23.11 5.35 46.04
CA LEU E 577 -23.94 4.18 45.79
C LEU E 577 -24.08 3.91 44.30
N GLU E 578 -24.00 4.95 43.47
CA GLU E 578 -24.07 4.78 42.03
C GLU E 578 -22.77 4.24 41.46
N LEU E 579 -21.63 4.61 42.04
CA LEU E 579 -20.35 4.02 41.65
C LEU E 579 -20.38 2.51 41.83
N VAL E 580 -20.53 2.07 43.09
CA VAL E 580 -20.77 0.66 43.38
C VAL E 580 -22.28 0.48 43.30
N ASN E 581 -22.77 0.20 42.10
CA ASN E 581 -24.21 0.21 41.86
C ASN E 581 -24.92 -0.70 42.85
N ALA E 582 -24.68 -2.01 42.75
CA ALA E 582 -25.12 -2.94 43.78
C ALA E 582 -24.14 -4.05 44.08
N GLN E 583 -22.99 -4.10 43.40
CA GLN E 583 -22.09 -5.25 43.51
C GLN E 583 -20.68 -4.81 43.17
N PHE E 584 -19.76 -4.92 44.13
CA PHE E 584 -18.35 -4.75 43.86
C PHE E 584 -17.65 -6.07 43.59
N MET E 585 -18.34 -7.19 43.77
CA MET E 585 -17.78 -8.47 43.42
C MET E 585 -18.30 -8.92 42.06
N PRO E 586 -17.51 -9.67 41.30
CA PRO E 586 -18.01 -10.21 40.04
C PRO E 586 -19.27 -11.04 40.27
N GLN E 587 -20.26 -10.85 39.39
CA GLN E 587 -21.51 -11.62 39.47
C GLN E 587 -21.33 -12.91 38.68
N ASN E 588 -20.21 -13.57 38.95
CA ASN E 588 -19.88 -14.89 38.43
C ASN E 588 -19.12 -15.68 39.47
N PHE E 589 -18.89 -15.07 40.64
CA PHE E 589 -17.85 -15.54 41.53
C PHE E 589 -18.23 -16.84 42.20
N ASN E 590 -17.25 -17.74 42.32
CA ASN E 590 -17.42 -19.04 42.96
C ASN E 590 -16.93 -18.94 44.40
N TYR E 591 -17.87 -18.92 45.35
CA TYR E 591 -17.54 -18.90 46.76
C TYR E 591 -17.21 -20.30 47.30
N ASP E 592 -17.36 -21.33 46.47
CA ASP E 592 -17.07 -22.71 46.86
C ASP E 592 -16.08 -23.28 45.85
N ARG E 593 -14.81 -23.34 46.24
CA ARG E 593 -13.75 -23.83 45.35
C ARG E 593 -13.65 -25.35 45.44
N SER E 594 -14.70 -26.00 44.95
CA SER E 594 -14.77 -27.45 44.86
C SER E 594 -14.99 -27.93 43.43
N GLY E 595 -15.86 -27.28 42.67
CA GLY E 595 -16.09 -27.64 41.29
C GLY E 595 -17.07 -26.71 40.60
N SER E 596 -16.73 -26.24 39.41
CA SER E 596 -17.56 -25.30 38.68
C SER E 596 -18.00 -24.17 39.60
N ARG E 597 -19.24 -23.71 39.47
CA ARG E 597 -19.78 -22.67 40.35
C ARG E 597 -20.96 -23.19 41.17
N ASP E 598 -21.98 -23.76 40.53
CA ASP E 598 -23.16 -24.20 41.24
C ASP E 598 -24.04 -24.99 40.28
N ASP E 599 -25.02 -25.69 40.86
CA ASP E 599 -26.16 -26.22 40.12
C ASP E 599 -27.38 -25.31 40.28
N ASP E 600 -27.82 -25.12 41.52
CA ASP E 600 -28.89 -24.18 41.84
C ASP E 600 -28.61 -23.49 43.17
N PHE E 601 -27.33 -23.26 43.50
CA PHE E 601 -26.96 -22.85 44.85
C PHE E 601 -27.32 -21.40 45.13
N TYR E 602 -27.14 -20.51 44.15
CA TYR E 602 -27.26 -19.08 44.37
C TYR E 602 -28.64 -18.53 44.04
N LEU E 603 -29.66 -19.38 43.96
CA LEU E 603 -31.00 -18.97 43.59
C LEU E 603 -31.99 -19.32 44.71
N ILE E 604 -32.89 -18.39 45.00
CA ILE E 604 -33.92 -18.55 46.02
C ILE E 604 -35.26 -18.14 45.43
N SER E 605 -36.32 -18.26 46.22
CA SER E 605 -37.68 -18.03 45.75
C SER E 605 -38.37 -16.86 46.43
N TRP E 606 -38.37 -16.79 47.77
CA TRP E 606 -38.97 -15.68 48.50
C TRP E 606 -40.48 -15.58 48.19
N LEU E 607 -41.21 -16.59 48.67
CA LEU E 607 -42.58 -16.80 48.20
C LEU E 607 -43.54 -15.72 48.70
N LYS E 608 -43.69 -15.59 50.02
CA LYS E 608 -44.70 -14.67 50.54
C LYS E 608 -44.32 -14.19 51.93
N ASP E 609 -44.75 -12.96 52.25
CA ASP E 609 -44.39 -12.35 53.52
C ASP E 609 -44.96 -13.13 54.70
N ASP E 610 -46.22 -13.59 54.59
CA ASP E 610 -46.86 -14.30 55.69
C ASP E 610 -46.15 -15.61 56.02
N ASP E 611 -45.30 -16.12 55.14
CA ASP E 611 -44.59 -17.36 55.37
C ASP E 611 -43.08 -17.18 55.48
N LEU E 612 -42.58 -15.96 55.36
CA LEU E 612 -41.15 -15.73 55.55
C LEU E 612 -40.76 -16.01 56.99
N PRO E 613 -39.59 -16.59 57.24
CA PRO E 613 -39.17 -16.84 58.63
C PRO E 613 -38.75 -15.55 59.32
N GLU E 614 -38.34 -15.67 60.58
CA GLU E 614 -37.87 -14.51 61.32
C GLU E 614 -36.60 -13.96 60.69
N TYR E 615 -36.36 -12.67 60.88
CA TYR E 615 -35.11 -12.04 60.46
C TYR E 615 -34.96 -12.09 58.95
N SER E 616 -36.08 -12.20 58.24
CA SER E 616 -36.04 -12.31 56.79
C SER E 616 -35.60 -11.01 56.14
N ARG E 617 -35.85 -9.88 56.79
CA ARG E 617 -35.34 -8.61 56.26
C ARG E 617 -33.83 -8.61 56.19
N LEU E 618 -33.17 -9.28 57.13
CA LEU E 618 -31.72 -9.47 57.03
C LEU E 618 -31.35 -10.23 55.77
N PHE E 619 -32.09 -11.31 55.48
CA PHE E 619 -31.84 -12.06 54.26
C PHE E 619 -32.61 -11.43 53.10
N LYS E 620 -32.53 -10.11 53.01
CA LYS E 620 -32.93 -9.35 51.83
C LYS E 620 -31.96 -8.23 51.52
N SER E 621 -31.19 -7.76 52.51
CA SER E 621 -30.24 -6.68 52.34
C SER E 621 -28.80 -7.12 52.51
N LEU E 622 -28.56 -8.37 52.88
CA LEU E 622 -27.22 -8.92 53.05
C LEU E 622 -26.72 -9.65 51.82
N PHE E 623 -27.60 -10.37 51.13
CA PHE E 623 -27.18 -11.27 50.06
C PHE E 623 -27.98 -11.11 48.77
N LEU E 624 -28.95 -10.20 48.72
CA LEU E 624 -30.05 -10.26 47.77
C LEU E 624 -30.23 -8.92 47.06
N ASN E 625 -29.14 -8.39 46.52
CA ASN E 625 -29.07 -7.03 45.99
C ASN E 625 -29.95 -6.77 44.77
N SER E 626 -30.80 -7.63 44.22
CA SER E 626 -31.58 -7.30 43.03
C SER E 626 -33.01 -7.78 43.21
N GLU E 627 -33.92 -7.19 42.42
CA GLU E 627 -35.32 -7.60 42.36
C GLU E 627 -35.69 -7.80 40.88
N VAL E 628 -35.34 -8.98 40.36
CA VAL E 628 -35.68 -9.37 38.99
C VAL E 628 -35.81 -10.89 38.95
N ALA E 629 -36.33 -11.40 37.84
CA ALA E 629 -36.57 -12.84 37.71
C ALA E 629 -35.28 -13.65 37.68
N ALA E 630 -34.13 -13.03 37.49
CA ALA E 630 -32.86 -13.74 37.43
C ALA E 630 -32.89 -14.81 36.34
N PHE E 645 -38.06 -4.76 29.10
CA PHE E 645 -36.89 -5.49 29.55
C PHE E 645 -35.61 -4.81 29.05
N ARG E 646 -35.69 -3.52 28.76
CA ARG E 646 -34.59 -2.78 28.15
C ARG E 646 -34.04 -1.65 28.98
N TYR E 647 -34.86 -0.99 29.80
CA TYR E 647 -34.49 0.24 30.48
C TYR E 647 -34.51 0.05 31.98
N ARG E 648 -33.89 -1.03 32.43
CA ARG E 648 -34.15 -1.58 33.75
C ARG E 648 -32.93 -1.57 34.64
N ASN E 649 -33.13 -1.12 35.87
CA ASN E 649 -32.02 -0.89 36.79
C ASN E 649 -31.33 -2.19 37.16
N LEU E 650 -32.11 -3.24 37.40
CA LEU E 650 -31.65 -4.61 37.61
C LEU E 650 -30.89 -4.76 38.92
N TYR E 651 -30.56 -3.65 39.59
CA TYR E 651 -29.73 -3.72 40.80
C TYR E 651 -30.39 -3.06 41.99
N SER E 652 -30.82 -1.80 41.89
CA SER E 652 -31.63 -1.16 42.93
C SER E 652 -31.04 -1.38 44.32
N TYR E 653 -29.89 -0.75 44.56
CA TYR E 653 -29.22 -0.86 45.86
C TYR E 653 -30.12 -0.48 47.03
N LEU E 654 -31.30 0.08 46.76
CA LEU E 654 -32.24 0.44 47.81
C LEU E 654 -32.88 -0.81 48.40
N PRO E 655 -33.57 -0.66 49.54
CA PRO E 655 -34.38 -1.78 50.05
C PRO E 655 -35.35 -2.26 49.00
N LEU E 656 -35.49 -3.58 48.91
CA LEU E 656 -36.14 -4.24 47.79
C LEU E 656 -37.46 -4.85 48.23
N GLN E 657 -38.47 -4.79 47.36
CA GLN E 657 -39.77 -5.37 47.66
C GLN E 657 -39.95 -6.48 46.64
N LEU E 658 -39.87 -7.72 47.09
CA LEU E 658 -39.84 -8.86 46.17
C LEU E 658 -41.24 -9.44 46.02
N THR E 659 -41.52 -9.97 44.83
CA THR E 659 -42.82 -10.55 44.55
C THR E 659 -42.78 -12.05 44.77
N SER E 660 -43.95 -12.68 44.66
CA SER E 660 -44.09 -14.08 45.02
C SER E 660 -43.60 -15.01 43.92
N ALA E 661 -42.94 -16.08 44.32
CA ALA E 661 -42.53 -17.16 43.41
C ALA E 661 -41.69 -16.62 42.26
N THR E 662 -40.57 -16.01 42.63
CA THR E 662 -39.62 -15.46 41.66
C THR E 662 -38.20 -15.85 42.07
N PHE E 663 -37.42 -16.30 41.08
CA PHE E 663 -36.03 -16.68 41.34
C PHE E 663 -35.17 -15.44 41.47
N TYR E 664 -34.35 -15.40 42.54
CA TYR E 664 -33.47 -14.28 42.81
C TYR E 664 -32.06 -14.80 43.06
N LYS E 665 -31.07 -14.09 42.53
CA LYS E 665 -29.67 -14.47 42.69
C LYS E 665 -29.11 -13.86 43.97
N ILE E 666 -28.13 -14.56 44.55
CA ILE E 666 -27.52 -14.18 45.81
C ILE E 666 -26.10 -13.67 45.59
N ASP E 667 -25.76 -12.58 46.28
CA ASP E 667 -24.41 -12.04 46.30
C ASP E 667 -23.98 -11.86 47.74
N PHE E 668 -23.01 -12.66 48.19
CA PHE E 668 -22.70 -12.73 49.61
C PHE E 668 -22.10 -11.43 50.17
N LEU E 669 -21.48 -10.60 49.34
CA LEU E 669 -20.75 -9.43 49.79
C LEU E 669 -21.43 -8.12 49.40
N ALA E 670 -22.76 -8.09 49.48
CA ALA E 670 -23.51 -6.88 49.14
C ALA E 670 -23.84 -6.00 50.34
N PHE E 671 -23.57 -6.46 51.56
CA PHE E 671 -24.03 -5.75 52.75
C PHE E 671 -23.39 -4.37 52.85
N ALA E 672 -22.10 -4.26 52.55
CA ALA E 672 -21.37 -3.02 52.80
C ALA E 672 -21.81 -1.88 51.88
N ILE E 673 -22.54 -2.20 50.81
CA ILE E 673 -22.84 -1.22 49.77
C ILE E 673 -24.34 -0.97 49.64
N LYS E 674 -25.13 -1.49 50.57
CA LYS E 674 -26.54 -1.14 50.63
C LYS E 674 -26.70 0.20 51.34
N ALA E 675 -27.65 1.00 50.87
CA ALA E 675 -27.78 2.37 51.37
C ALA E 675 -27.99 2.38 52.88
N ASP E 676 -28.99 1.63 53.36
CA ASP E 676 -29.31 1.64 54.79
C ASP E 676 -28.15 1.10 55.62
N LEU E 677 -27.56 -0.03 55.19
CA LEU E 677 -26.47 -0.60 55.95
C LEU E 677 -25.23 0.30 55.91
N LEU E 678 -24.96 0.90 54.76
CA LEU E 678 -23.83 1.82 54.65
C LEU E 678 -24.00 2.99 55.61
N MET E 679 -25.19 3.56 55.66
CA MET E 679 -25.41 4.72 56.53
C MET E 679 -25.42 4.33 58.00
N TYR E 680 -25.93 3.13 58.32
CA TYR E 680 -25.78 2.60 59.66
C TYR E 680 -24.30 2.53 60.05
N ASN E 681 -23.47 1.99 59.15
CA ASN E 681 -22.04 1.86 59.43
C ASN E 681 -21.38 3.23 59.55
N VAL E 682 -21.78 4.20 58.71
CA VAL E 682 -21.20 5.52 58.77
C VAL E 682 -21.49 6.18 60.12
N VAL E 683 -22.75 6.10 60.56
CA VAL E 683 -23.12 6.70 61.83
C VAL E 683 -22.42 5.98 62.99
N ARG E 684 -22.32 4.64 62.90
CA ARG E 684 -21.59 3.90 63.92
C ARG E 684 -20.12 4.35 63.97
N PHE E 685 -19.50 4.51 62.81
CA PHE E 685 -18.09 4.90 62.75
C PHE E 685 -17.88 6.29 63.34
N VAL E 686 -18.75 7.24 63.01
CA VAL E 686 -18.57 8.60 63.50
C VAL E 686 -18.86 8.68 64.99
N GLU E 687 -19.96 8.06 65.43
CA GLU E 687 -20.41 8.24 66.80
C GLU E 687 -19.61 7.37 67.77
N GLU E 688 -19.67 6.06 67.61
CA GLU E 688 -19.03 5.15 68.54
C GLU E 688 -17.51 5.28 68.42
N GLU E 689 -16.84 5.32 69.57
CA GLU E 689 -15.38 5.43 69.64
C GLU E 689 -14.89 4.33 70.59
N GLY E 690 -14.67 3.13 70.03
CA GLY E 690 -14.11 2.04 70.79
C GLY E 690 -12.78 1.59 70.20
N ASP E 691 -12.77 0.40 69.59
CA ASP E 691 -11.59 -0.10 68.91
C ASP E 691 -11.88 -0.69 67.53
N THR E 692 -13.14 -0.98 67.21
CA THR E 692 -13.51 -1.49 65.90
C THR E 692 -13.93 -0.35 64.98
N ILE E 693 -13.83 -0.61 63.68
CA ILE E 693 -14.29 0.32 62.65
C ILE E 693 -15.13 -0.47 61.68
N PRO E 694 -16.33 -0.01 61.31
CA PRO E 694 -17.12 -0.74 60.31
C PRO E 694 -16.39 -0.81 58.99
N TYR E 695 -16.56 -1.92 58.28
CA TYR E 695 -15.95 -2.06 56.96
C TYR E 695 -16.63 -1.14 55.97
N PHE E 696 -15.83 -0.40 55.21
CA PHE E 696 -16.31 0.46 54.15
C PHE E 696 -15.65 0.07 52.83
N MET E 697 -16.46 0.01 51.78
CA MET E 697 -15.96 -0.33 50.44
C MET E 697 -15.38 0.92 49.81
N SER E 698 -14.12 1.21 50.14
CA SER E 698 -13.42 2.38 49.65
C SER E 698 -12.19 2.05 48.81
N ASN E 699 -11.80 0.78 48.73
CA ASN E 699 -10.61 0.35 48.01
C ASN E 699 -10.94 -0.88 47.19
N MET E 700 -10.60 -0.86 45.90
CA MET E 700 -10.84 -2.03 45.07
C MET E 700 -9.85 -3.15 45.36
N PHE E 701 -8.67 -2.82 45.87
CA PHE E 701 -7.73 -3.87 46.28
C PHE E 701 -8.33 -4.72 47.40
N HIS E 702 -9.33 -4.19 48.11
CA HIS E 702 -10.15 -5.04 48.96
C HIS E 702 -10.82 -6.14 48.14
N ILE E 703 -11.25 -5.82 46.92
CA ILE E 703 -11.82 -6.84 46.05
C ILE E 703 -10.74 -7.84 45.64
N ASP E 704 -9.52 -7.35 45.43
CA ASP E 704 -8.39 -8.26 45.20
C ASP E 704 -8.28 -9.27 46.33
N VAL E 705 -8.35 -8.80 47.58
CA VAL E 705 -8.28 -9.71 48.70
C VAL E 705 -9.49 -10.63 48.74
N PHE E 706 -10.68 -10.08 48.43
CA PHE E 706 -11.90 -10.86 48.53
C PHE E 706 -11.90 -12.05 47.57
N VAL E 707 -11.48 -11.82 46.33
CA VAL E 707 -11.44 -12.92 45.37
C VAL E 707 -10.41 -13.97 45.76
N ARG E 708 -9.43 -13.61 46.58
CA ARG E 708 -8.42 -14.55 47.06
C ARG E 708 -8.89 -15.36 48.26
N HIS E 709 -9.95 -14.95 48.93
CA HIS E 709 -10.38 -15.60 50.16
C HIS E 709 -10.92 -16.99 49.86
N ASN E 710 -10.86 -17.85 50.89
CA ASN E 710 -11.22 -19.26 50.73
C ASN E 710 -12.73 -19.45 50.68
N TYR E 711 -13.43 -19.04 51.73
CA TYR E 711 -14.88 -19.15 51.91
C TYR E 711 -15.33 -20.58 52.17
N ASN E 712 -14.42 -21.53 52.36
CA ASN E 712 -14.80 -22.89 52.71
C ASN E 712 -13.67 -23.60 53.45
N GLY E 718 -24.72 -26.29 55.74
CA GLY E 718 -23.33 -26.35 56.13
C GLY E 718 -22.49 -25.42 55.26
N LYS E 719 -22.60 -25.60 53.94
CA LYS E 719 -21.84 -24.77 53.01
C LYS E 719 -22.26 -23.30 53.13
N PHE E 720 -23.57 -23.03 53.05
CA PHE E 720 -24.05 -21.67 53.14
C PHE E 720 -23.72 -21.04 54.48
N ALA E 721 -23.86 -21.81 55.56
CA ALA E 721 -23.57 -21.27 56.89
C ALA E 721 -22.11 -20.87 57.00
N TYR E 722 -21.20 -21.71 56.51
CA TYR E 722 -19.78 -21.39 56.58
C TYR E 722 -19.45 -20.17 55.73
N ILE E 723 -20.00 -20.08 54.53
CA ILE E 723 -19.74 -18.91 53.70
C ILE E 723 -20.28 -17.65 54.38
N ALA E 724 -21.48 -17.73 54.95
CA ALA E 724 -22.06 -16.58 55.65
C ALA E 724 -21.20 -16.15 56.82
N LYS E 725 -20.69 -17.13 57.59
CA LYS E 725 -19.81 -16.79 58.71
C LYS E 725 -18.54 -16.13 58.22
N GLN E 726 -17.98 -16.62 57.10
CA GLN E 726 -16.81 -15.96 56.52
C GLN E 726 -17.12 -14.52 56.17
N ILE E 727 -18.29 -14.28 55.60
CA ILE E 727 -18.69 -12.91 55.27
C ILE E 727 -18.79 -12.07 56.54
N VAL E 728 -19.40 -12.61 57.58
CA VAL E 728 -19.61 -11.86 58.82
C VAL E 728 -18.32 -11.78 59.64
N PHE E 729 -17.64 -12.90 59.81
CA PHE E 729 -16.53 -12.99 60.77
C PHE E 729 -15.21 -13.39 60.14
N GLY E 730 -15.22 -14.36 59.22
CA GLY E 730 -13.95 -14.92 58.76
C GLY E 730 -13.07 -13.92 58.06
N LEU E 731 -13.65 -13.07 57.22
CA LEU E 731 -12.86 -12.09 56.47
C LEU E 731 -12.22 -11.05 57.35
N TRP E 732 -12.61 -10.96 58.62
CA TRP E 732 -12.16 -9.88 59.49
C TRP E 732 -11.50 -10.42 60.75
N TRP E 745 -1.84 -9.49 52.29
CA TRP E 745 -3.18 -9.65 51.75
C TRP E 745 -4.19 -8.87 52.58
N TYR E 746 -4.50 -9.40 53.76
CA TYR E 746 -5.51 -8.82 54.63
C TYR E 746 -5.05 -7.52 55.28
N LYS E 747 -3.76 -7.19 55.20
CA LYS E 747 -3.28 -5.93 55.72
C LYS E 747 -3.89 -4.74 55.00
N SER E 748 -4.50 -4.95 53.83
CA SER E 748 -5.19 -3.87 53.15
C SER E 748 -6.48 -3.46 53.86
N PHE E 749 -6.93 -4.24 54.86
CA PHE E 749 -8.06 -3.88 55.68
C PHE E 749 -7.65 -3.12 56.94
N ASP E 750 -6.39 -2.67 57.02
CA ASP E 750 -5.86 -2.14 58.27
C ASP E 750 -6.63 -0.90 58.72
N THR E 751 -6.80 0.07 57.82
CA THR E 751 -7.49 1.32 58.13
C THR E 751 -6.67 2.16 59.11
N VAL E 752 -6.72 3.49 58.96
CA VAL E 752 -5.97 4.37 59.85
C VAL E 752 -6.72 4.71 61.12
N PHE E 753 -7.98 4.32 61.23
CA PHE E 753 -8.83 4.71 62.35
C PHE E 753 -8.97 3.64 63.42
N GLY E 754 -8.76 2.37 63.09
CA GLY E 754 -9.01 1.30 64.03
C GLY E 754 -7.99 0.18 63.89
N THR E 755 -8.03 -0.72 64.88
CA THR E 755 -7.18 -1.90 64.90
C THR E 755 -7.77 -3.05 64.08
N LYS E 756 -9.06 -3.33 64.24
CA LYS E 756 -9.72 -4.42 63.54
C LYS E 756 -10.78 -3.80 62.66
N ILE E 757 -11.53 -4.64 61.95
CA ILE E 757 -12.64 -4.18 61.13
C ILE E 757 -13.83 -5.09 61.34
N GLU E 758 -14.95 -4.50 61.76
CA GLU E 758 -16.21 -5.22 61.79
C GLU E 758 -16.82 -5.21 60.38
N ALA E 759 -17.92 -5.93 60.23
CA ALA E 759 -18.70 -5.92 58.99
C ALA E 759 -19.99 -5.14 59.13
N LEU E 760 -20.77 -5.43 60.17
CA LEU E 760 -22.00 -4.68 60.45
C LEU E 760 -22.34 -4.93 61.91
N HIS E 761 -22.20 -3.90 62.74
CA HIS E 761 -22.32 -4.10 64.18
C HIS E 761 -23.70 -4.60 64.58
N LEU E 762 -24.73 -4.27 63.80
CA LEU E 762 -26.08 -4.66 64.19
C LEU E 762 -26.25 -6.17 64.21
N LEU E 763 -25.52 -6.89 63.35
CA LEU E 763 -25.56 -8.35 63.39
C LEU E 763 -25.18 -8.87 64.76
N VAL E 764 -24.32 -8.14 65.48
CA VAL E 764 -24.01 -8.51 66.86
C VAL E 764 -25.27 -8.42 67.71
N ASP E 765 -25.96 -7.28 67.68
CA ASP E 765 -27.14 -7.10 68.51
C ASP E 765 -28.21 -8.13 68.16
N ILE E 766 -28.42 -8.38 66.87
CA ILE E 766 -29.37 -9.40 66.47
C ILE E 766 -29.00 -10.73 67.08
N ALA E 767 -27.71 -11.08 67.07
CA ALA E 767 -27.29 -12.34 67.68
C ALA E 767 -27.71 -12.40 69.13
N GLU E 768 -27.60 -11.27 69.85
CA GLU E 768 -28.02 -11.23 71.24
C GLU E 768 -29.46 -11.71 71.39
N GLN E 769 -30.36 -11.22 70.54
CA GLN E 769 -31.76 -11.63 70.65
C GLN E 769 -31.90 -13.12 70.44
N ILE E 770 -31.08 -13.71 69.57
CA ILE E 770 -31.12 -15.15 69.39
C ILE E 770 -30.79 -15.85 70.70
N LYS E 771 -29.79 -15.35 71.43
CA LYS E 771 -29.48 -15.93 72.73
C LYS E 771 -30.71 -15.89 73.65
N ILE E 772 -31.51 -14.84 73.55
CA ILE E 772 -32.71 -14.74 74.37
C ILE E 772 -33.73 -15.77 73.92
N SER E 773 -33.82 -16.02 72.61
CA SER E 773 -34.79 -16.95 72.07
C SER E 773 -34.41 -18.42 72.28
N ASP E 774 -33.18 -18.69 72.71
CA ASP E 774 -32.73 -20.05 72.94
C ASP E 774 -32.12 -20.20 74.33
N GLU E 786 -12.23 -13.42 71.80
CA GLU E 786 -12.53 -13.70 70.40
C GLU E 786 -13.61 -14.76 70.29
N GLN E 787 -13.71 -15.61 71.31
CA GLN E 787 -14.65 -16.71 71.28
C GLN E 787 -16.09 -16.22 71.23
N LYS E 788 -16.40 -15.15 71.98
CA LYS E 788 -17.77 -14.64 71.99
C LYS E 788 -18.15 -14.06 70.62
N ARG E 789 -17.25 -13.29 69.99
CA ARG E 789 -17.52 -12.79 68.65
C ARG E 789 -17.73 -13.92 67.66
N ASP E 790 -16.90 -14.97 67.75
CA ASP E 790 -17.07 -16.12 66.87
C ASP E 790 -18.42 -16.79 67.08
N GLU E 791 -18.83 -16.95 68.34
CA GLU E 791 -20.09 -17.63 68.65
C GLU E 791 -21.29 -16.83 68.16
N GLN E 792 -21.27 -15.50 68.35
CA GLN E 792 -22.37 -14.68 67.83
C GLN E 792 -22.42 -14.72 66.31
N ALA E 793 -21.26 -14.60 65.65
CA ALA E 793 -21.24 -14.66 64.20
C ALA E 793 -21.78 -15.99 63.70
N LYS E 794 -21.44 -17.09 64.39
CA LYS E 794 -22.08 -18.36 64.09
C LYS E 794 -23.59 -18.31 64.21
N LYS E 795 -24.10 -17.77 65.31
CA LYS E 795 -25.55 -17.73 65.45
C LYS E 795 -26.17 -17.06 64.25
N VAL E 796 -25.57 -15.96 63.82
CA VAL E 796 -26.13 -15.22 62.69
C VAL E 796 -26.02 -16.04 61.41
N ALA E 797 -24.91 -16.75 61.22
CA ALA E 797 -24.74 -17.56 60.02
C ALA E 797 -25.74 -18.73 59.98
N GLU E 798 -25.91 -19.41 61.12
CA GLU E 798 -26.95 -20.45 61.27
C GLU E 798 -28.34 -19.93 60.99
N LYS E 799 -28.71 -18.77 61.55
CA LYS E 799 -30.03 -18.23 61.29
C LYS E 799 -30.20 -17.90 59.80
N LEU E 800 -29.17 -17.31 59.19
CA LEU E 800 -29.23 -16.98 57.78
C LEU E 800 -29.31 -18.25 56.92
N ALA E 801 -28.59 -19.30 57.31
CA ALA E 801 -28.65 -20.56 56.57
C ALA E 801 -30.01 -21.21 56.70
N ALA E 802 -30.63 -21.13 57.88
CA ALA E 802 -31.99 -21.63 58.03
C ALA E 802 -32.95 -20.87 57.13
N ILE E 803 -32.82 -19.55 57.08
CA ILE E 803 -33.65 -18.76 56.17
C ILE E 803 -33.41 -19.18 54.73
N TYR E 804 -32.15 -19.36 54.36
CA TYR E 804 -31.79 -19.73 53.00
C TYR E 804 -32.40 -21.07 52.60
N HIS E 805 -32.31 -22.06 53.49
CA HIS E 805 -32.87 -23.37 53.20
C HIS E 805 -34.39 -23.32 53.16
N HIS E 806 -35.01 -22.50 54.00
CA HIS E 806 -36.47 -22.40 54.00
C HIS E 806 -36.99 -21.85 52.67
N ILE E 807 -36.31 -20.86 52.10
CA ILE E 807 -36.78 -20.20 50.89
C ILE E 807 -36.21 -20.90 49.66
N GLY E 808 -35.58 -22.05 49.86
CA GLY E 808 -35.14 -22.86 48.74
C GLY E 808 -36.30 -23.59 48.09
N MET E 809 -36.15 -23.87 46.79
CA MET E 809 -37.22 -24.51 46.05
C MET E 809 -37.44 -25.95 46.51
N SER E 810 -36.39 -26.57 47.05
CA SER E 810 -36.48 -27.96 47.49
C SER E 810 -37.46 -28.08 48.64
N ARG E 811 -37.42 -27.12 49.57
CA ARG E 811 -38.36 -27.09 50.68
C ARG E 811 -39.76 -26.65 50.24
N ILE E 812 -39.84 -25.63 49.37
CA ILE E 812 -41.13 -25.09 48.98
C ILE E 812 -41.96 -26.13 48.26
N LEU E 813 -41.34 -26.89 47.35
CA LEU E 813 -42.02 -27.94 46.62
C LEU E 813 -41.99 -29.28 47.34
N SER E 814 -41.57 -29.30 48.61
CA SER E 814 -41.47 -30.56 49.34
C SER E 814 -42.84 -31.22 49.49
N ARG E 815 -43.91 -30.44 49.60
CA ARG E 815 -45.23 -31.01 49.76
C ARG E 815 -45.86 -31.43 48.45
N LEU E 816 -45.30 -31.02 47.31
CA LEU E 816 -45.80 -31.43 46.01
C LEU E 816 -45.23 -32.77 45.55
N HIS E 817 -44.31 -33.35 46.31
CA HIS E 817 -43.85 -34.70 45.99
C HIS E 817 -44.97 -35.70 46.19
N GLN E 818 -44.83 -36.86 45.54
CA GLN E 818 -45.83 -37.92 45.51
C GLN E 818 -47.06 -37.55 44.68
N LEU E 819 -47.04 -36.39 44.01
CA LEU E 819 -48.14 -35.98 43.15
C LEU E 819 -47.71 -36.10 41.70
N PRO E 820 -48.36 -36.92 40.88
CA PRO E 820 -47.98 -37.02 39.47
C PRO E 820 -48.18 -35.69 38.74
N PHE E 821 -47.29 -35.44 37.78
CA PHE E 821 -47.36 -34.24 36.96
C PHE E 821 -47.03 -34.59 35.51
N ILE E 822 -47.56 -33.78 34.60
CA ILE E 822 -47.20 -33.90 33.20
C ILE E 822 -45.74 -33.49 33.02
N ALA E 823 -45.07 -34.10 32.04
CA ALA E 823 -43.65 -33.85 31.87
C ALA E 823 -43.39 -32.58 31.08
N GLU E 824 -44.03 -31.47 31.45
CA GLU E 824 -43.60 -30.14 31.01
C GLU E 824 -43.59 -29.12 32.13
N ILE E 825 -44.35 -29.33 33.21
CA ILE E 825 -44.41 -28.36 34.31
C ILE E 825 -43.29 -28.55 35.31
N LYS E 826 -42.57 -29.66 35.26
CA LYS E 826 -41.44 -29.85 36.16
C LYS E 826 -40.36 -28.78 35.93
N SER E 827 -40.29 -28.25 34.72
CA SER E 827 -39.39 -27.15 34.40
C SER E 827 -40.08 -25.79 34.54
N ASN E 828 -41.11 -25.70 35.36
CA ASN E 828 -41.90 -24.49 35.58
C ASN E 828 -42.09 -24.26 37.08
N LYS E 829 -40.97 -24.28 37.80
CA LYS E 829 -41.02 -24.32 39.26
C LYS E 829 -41.84 -23.17 39.83
N GLU E 830 -41.91 -22.03 39.14
CA GLU E 830 -42.71 -20.91 39.64
C GLU E 830 -44.19 -21.29 39.72
N LEU E 831 -44.71 -21.93 38.67
CA LEU E 831 -46.11 -22.35 38.69
C LEU E 831 -46.36 -23.42 39.74
N LEU E 832 -45.39 -24.32 39.94
CA LEU E 832 -45.52 -25.33 40.99
C LEU E 832 -45.56 -24.67 42.36
N GLN E 833 -44.73 -23.66 42.58
CA GLN E 833 -44.76 -22.93 43.85
C GLN E 833 -46.09 -22.23 44.04
N HIS E 834 -46.62 -21.62 43.00
CA HIS E 834 -47.95 -21.02 43.07
C HIS E 834 -49.00 -22.07 43.43
N PHE E 835 -48.86 -23.28 42.87
CA PHE E 835 -49.80 -24.35 43.16
C PHE E 835 -49.72 -24.79 44.62
N SER E 836 -48.50 -24.89 45.15
CA SER E 836 -48.35 -25.19 46.58
C SER E 836 -49.02 -24.12 47.43
N GLU E 837 -48.78 -22.87 47.08
CA GLU E 837 -49.36 -21.77 47.83
C GLU E 837 -50.88 -21.84 47.79
N ALA E 838 -51.44 -22.15 46.63
CA ALA E 838 -52.88 -22.27 46.50
C ALA E 838 -53.41 -23.43 47.34
N ILE E 839 -52.66 -24.53 47.41
CA ILE E 839 -53.08 -25.66 48.25
C ILE E 839 -53.17 -25.23 49.71
N VAL E 840 -52.11 -24.59 50.21
CA VAL E 840 -52.12 -24.14 51.60
C VAL E 840 -53.25 -23.14 51.82
N LYS E 841 -53.43 -22.21 50.87
CA LYS E 841 -54.44 -21.16 51.01
C LYS E 841 -55.84 -21.73 51.01
N LEU E 842 -56.07 -22.79 50.22
CA LEU E 842 -57.37 -23.42 50.19
C LEU E 842 -57.64 -24.18 51.49
N GLU E 843 -56.62 -24.86 52.02
CA GLU E 843 -56.84 -25.63 53.24
C GLU E 843 -56.83 -24.78 54.50
N LYS E 844 -56.39 -23.52 54.43
CA LYS E 844 -56.42 -22.66 55.62
C LYS E 844 -57.77 -21.98 55.81
N TYR E 845 -58.53 -21.73 54.73
CA TYR E 845 -59.85 -21.12 54.87
C TYR E 845 -60.95 -22.14 55.14
N ALA E 846 -60.72 -23.42 54.83
CA ALA E 846 -61.70 -24.46 55.08
C ALA E 846 -61.29 -25.43 56.18
N SER E 847 -59.99 -25.53 56.49
CA SER E 847 -59.50 -26.41 57.54
C SER E 847 -59.91 -27.85 57.28
N ASP E 848 -59.42 -28.38 56.16
CA ASP E 848 -59.73 -29.74 55.73
C ASP E 848 -58.50 -30.62 55.54
N THR E 849 -57.29 -30.06 55.63
CA THR E 849 -56.05 -30.85 55.59
C THR E 849 -55.97 -31.68 54.30
N ILE E 850 -55.86 -30.96 53.18
CA ILE E 850 -55.76 -31.57 51.86
C ILE E 850 -54.62 -32.58 51.86
N ASN E 851 -54.95 -33.83 51.56
CA ASN E 851 -53.95 -34.89 51.48
C ASN E 851 -53.26 -34.85 50.13
N VAL E 852 -51.95 -35.06 50.13
CA VAL E 852 -51.15 -35.03 48.90
C VAL E 852 -50.33 -36.30 48.79
N GLY E 853 -50.81 -37.39 49.39
CA GLY E 853 -50.12 -38.66 49.27
C GLY E 853 -50.08 -39.17 47.83
N ASN E 854 -51.12 -38.88 47.06
CA ASN E 854 -51.17 -39.21 45.64
C ASN E 854 -52.35 -38.46 45.05
N LEU E 855 -52.56 -38.65 43.74
CA LEU E 855 -53.66 -37.95 43.08
C LEU E 855 -55.01 -38.41 43.62
N SER E 856 -55.12 -39.67 44.04
CA SER E 856 -56.38 -40.16 44.62
C SER E 856 -56.69 -39.45 45.92
N GLN E 857 -55.69 -39.30 46.79
CA GLN E 857 -55.90 -38.59 48.05
C GLN E 857 -56.24 -37.13 47.81
N PHE E 858 -55.53 -36.50 46.86
CA PHE E 858 -55.84 -35.12 46.50
C PHE E 858 -57.28 -35.00 46.02
N ARG E 859 -57.73 -35.95 45.21
CA ARG E 859 -59.10 -35.92 44.71
C ARG E 859 -60.10 -36.09 45.85
N GLU E 860 -59.85 -37.02 46.78
CA GLU E 860 -60.80 -37.17 47.89
C GLU E 860 -60.88 -35.88 48.70
N SER E 861 -59.73 -35.26 48.97
CA SER E 861 -59.73 -34.01 49.72
C SER E 861 -60.49 -32.93 48.97
N LEU E 862 -60.29 -32.83 47.65
CA LEU E 862 -60.96 -31.81 46.87
C LEU E 862 -62.46 -32.01 46.89
N LYS E 863 -62.94 -33.25 46.81
CA LYS E 863 -64.39 -33.44 46.89
C LYS E 863 -64.92 -33.12 48.28
N LYS E 864 -64.17 -33.48 49.32
CA LYS E 864 -64.60 -33.09 50.66
C LYS E 864 -64.76 -31.58 50.76
N ILE E 865 -63.83 -30.83 50.19
CA ILE E 865 -63.95 -29.37 50.21
C ILE E 865 -65.11 -28.91 49.34
N GLY E 866 -65.31 -29.57 48.19
CA GLY E 866 -66.37 -29.19 47.27
C GLY E 866 -67.77 -29.57 47.72
N GLN E 867 -67.87 -30.39 48.76
CA GLN E 867 -69.18 -30.71 49.32
C GLN E 867 -69.91 -29.47 49.81
N THR E 868 -69.18 -28.40 50.10
CA THR E 868 -69.75 -27.13 50.53
C THR E 868 -69.54 -26.01 49.53
N TYR E 869 -68.30 -25.79 49.11
CA TYR E 869 -68.01 -24.70 48.19
C TYR E 869 -68.29 -25.14 46.75
N PRO E 870 -69.23 -24.51 46.04
CA PRO E 870 -69.49 -24.91 44.65
C PRO E 870 -68.31 -24.72 43.73
N SER E 871 -67.40 -23.79 44.02
CA SER E 871 -66.29 -23.49 43.11
C SER E 871 -65.24 -24.59 43.10
N ILE E 872 -65.18 -25.42 44.15
CA ILE E 872 -64.21 -26.51 44.16
C ILE E 872 -64.77 -27.73 43.43
N GLN E 873 -66.10 -27.86 43.35
CA GLN E 873 -66.69 -28.97 42.63
C GLN E 873 -66.35 -28.91 41.14
N VAL E 874 -66.16 -27.71 40.60
CA VAL E 874 -65.76 -27.57 39.20
C VAL E 874 -64.40 -28.21 38.98
N LEU E 875 -63.44 -27.88 39.85
CA LEU E 875 -62.12 -28.49 39.76
C LEU E 875 -62.19 -29.99 39.95
N VAL E 876 -63.01 -30.44 40.90
CA VAL E 876 -63.21 -31.86 41.11
C VAL E 876 -63.67 -32.53 39.83
N ASP E 877 -64.70 -31.97 39.20
CA ASP E 877 -65.26 -32.57 37.99
C ASP E 877 -64.25 -32.59 36.86
N LYS E 878 -63.46 -31.53 36.72
CA LYS E 878 -62.47 -31.50 35.65
C LYS E 878 -61.23 -32.33 35.98
N LEU E 879 -61.12 -32.85 37.21
CA LEU E 879 -60.07 -33.79 37.58
C LEU E 879 -60.63 -35.20 37.79
N HIS E 880 -61.64 -35.60 37.01
CA HIS E 880 -62.28 -36.90 37.23
C HIS E 880 -61.35 -38.03 36.79
N ARG E 881 -61.10 -38.12 35.50
CA ARG E 881 -60.49 -39.26 34.84
C ARG E 881 -59.01 -39.04 34.60
N LYS E 882 -58.48 -37.92 35.06
CA LYS E 882 -57.09 -37.59 34.83
C LYS E 882 -56.18 -38.43 35.72
N GLN E 883 -55.14 -38.98 35.10
CA GLN E 883 -54.10 -39.75 35.76
C GLN E 883 -53.00 -38.91 36.39
N LYS E 884 -52.85 -37.67 35.96
CA LYS E 884 -51.80 -36.81 36.49
C LYS E 884 -52.28 -35.37 36.49
N LEU E 885 -51.48 -34.50 37.11
CA LEU E 885 -51.82 -33.10 37.20
C LEU E 885 -51.31 -32.36 35.97
N TYR E 886 -52.23 -31.69 35.31
CA TYR E 886 -52.08 -31.05 34.02
C TYR E 886 -52.02 -29.53 34.20
N VAL E 887 -51.39 -28.85 33.24
CA VAL E 887 -51.11 -27.44 33.43
C VAL E 887 -52.40 -26.64 33.59
N GLU E 888 -53.42 -26.93 32.78
CA GLU E 888 -54.63 -26.11 32.86
C GLU E 888 -55.30 -26.31 34.21
N PHE E 889 -55.33 -27.55 34.71
CA PHE E 889 -55.99 -27.79 35.99
C PHE E 889 -55.28 -27.02 37.10
N ILE E 890 -53.95 -26.97 37.05
CA ILE E 890 -53.21 -26.22 38.05
C ILE E 890 -53.53 -24.73 37.93
N GLN E 891 -53.58 -24.20 36.71
CA GLN E 891 -53.91 -22.79 36.53
C GLN E 891 -55.33 -22.48 37.02
N ASP E 892 -56.28 -23.36 36.71
CA ASP E 892 -57.65 -23.19 37.16
C ASP E 892 -57.73 -23.27 38.68
N PHE E 893 -56.94 -24.17 39.29
CA PHE E 893 -56.86 -24.24 40.74
C PHE E 893 -56.35 -22.91 41.31
N ILE E 894 -55.31 -22.36 40.70
CA ILE E 894 -54.79 -21.07 41.14
C ILE E 894 -55.87 -20.00 41.09
N GLU E 895 -56.55 -19.91 39.94
CA GLU E 895 -57.61 -18.91 39.78
C GLU E 895 -58.72 -19.10 40.82
N THR E 896 -59.24 -20.33 40.93
CA THR E 896 -60.35 -20.58 41.84
C THR E 896 -59.97 -20.25 43.27
N VAL E 897 -58.79 -20.70 43.72
CA VAL E 897 -58.38 -20.41 45.09
C VAL E 897 -58.13 -18.93 45.28
N ASN E 898 -57.62 -18.24 44.25
CA ASN E 898 -57.35 -16.81 44.37
C ASN E 898 -58.64 -16.03 44.60
N LYS E 899 -59.69 -16.35 43.84
CA LYS E 899 -60.96 -15.63 44.00
C LYS E 899 -61.86 -16.25 45.05
N LEU E 900 -61.38 -17.27 45.76
CA LEU E 900 -62.13 -17.93 46.82
C LEU E 900 -62.04 -17.19 48.15
N ASN F 28 17.74 16.27 -59.10
CA ASN F 28 16.65 15.48 -58.52
C ASN F 28 16.65 15.60 -57.01
N TYR F 29 16.48 16.81 -56.50
CA TYR F 29 16.46 17.02 -55.05
C TYR F 29 15.31 16.24 -54.44
N ILE F 30 15.58 15.63 -53.28
CA ILE F 30 14.72 14.56 -52.76
C ILE F 30 13.62 15.12 -51.87
N PHE F 31 13.82 16.33 -51.32
CA PHE F 31 12.79 17.07 -50.60
C PHE F 31 12.13 18.13 -51.49
N SER F 32 12.04 17.87 -52.80
CA SER F 32 11.50 18.89 -53.71
C SER F 32 10.08 19.25 -53.35
N SER F 33 9.26 18.24 -53.01
CA SER F 33 7.86 18.50 -52.69
C SER F 33 7.75 19.43 -51.48
N GLN F 34 8.56 19.20 -50.46
CA GLN F 34 8.52 20.04 -49.28
C GLN F 34 8.95 21.47 -49.60
N LEU F 35 9.98 21.63 -50.44
CA LEU F 35 10.40 22.97 -50.82
C LEU F 35 9.31 23.70 -51.60
N ASP F 36 8.65 23.00 -52.52
CA ASP F 36 7.55 23.59 -53.26
C ASP F 36 6.43 24.00 -52.32
N LYS F 37 6.12 23.16 -51.33
CA LYS F 37 5.07 23.49 -50.37
C LYS F 37 5.45 24.70 -49.52
N VAL F 38 6.72 24.79 -49.11
CA VAL F 38 7.20 25.96 -48.38
C VAL F 38 6.97 27.21 -49.21
N ASN F 39 7.33 27.14 -50.50
CA ASN F 39 7.20 28.28 -51.38
C ASN F 39 5.75 28.66 -51.59
N LEU F 40 4.85 27.66 -51.64
CA LEU F 40 3.42 27.93 -51.70
C LEU F 40 2.92 28.63 -50.45
N ILE F 41 3.39 28.19 -49.29
CA ILE F 41 2.98 28.84 -48.05
C ILE F 41 3.43 30.29 -48.05
N LEU F 42 4.70 30.52 -48.44
CA LEU F 42 5.25 31.88 -48.51
C LEU F 42 4.48 32.72 -49.50
N GLU F 43 4.14 32.13 -50.65
CA GLU F 43 3.27 32.78 -51.61
C GLU F 43 1.95 33.21 -51.01
N HIS F 44 1.26 32.29 -50.30
CA HIS F 44 -0.06 32.61 -49.76
C HIS F 44 0.00 33.79 -48.83
N MET F 45 1.03 33.81 -47.95
CA MET F 45 1.14 34.86 -46.95
C MET F 45 1.69 36.19 -47.50
N ASP F 46 2.38 36.15 -48.64
CA ASP F 46 2.91 37.38 -49.20
C ASP F 46 1.81 38.35 -49.61
N THR F 47 0.64 37.82 -49.99
CA THR F 47 -0.46 38.68 -50.38
C THR F 47 -0.91 39.57 -49.24
N VAL F 48 -1.02 39.00 -48.04
CA VAL F 48 -1.45 39.74 -46.86
C VAL F 48 -0.24 40.48 -46.29
N GLY F 49 -0.40 41.78 -46.09
CA GLY F 49 0.66 42.60 -45.53
C GLY F 49 0.18 43.47 -44.39
N GLY F 50 -0.74 42.94 -43.58
CA GLY F 50 -1.33 43.71 -42.51
C GLY F 50 -0.88 43.27 -41.13
N ILE F 51 0.41 42.94 -40.98
CA ILE F 51 0.95 42.49 -39.71
C ILE F 51 0.15 41.30 -39.23
N HIS F 52 0.38 40.14 -39.86
CA HIS F 52 -0.36 38.92 -39.57
C HIS F 52 0.60 37.85 -39.03
N SER F 53 0.03 36.94 -38.24
CA SER F 53 0.80 35.84 -37.67
C SER F 53 1.03 34.79 -38.73
N ARG F 54 2.30 34.53 -39.06
CA ARG F 54 2.66 33.56 -40.08
C ARG F 54 3.92 32.83 -39.64
N ASN F 55 3.82 31.52 -39.47
CA ASN F 55 4.94 30.70 -39.04
C ASN F 55 4.88 29.35 -39.76
N ILE F 56 6.04 28.69 -39.84
CA ILE F 56 6.18 27.41 -40.51
C ILE F 56 6.88 26.46 -39.56
N ALA F 57 6.46 25.19 -39.58
CA ALA F 57 7.00 24.17 -38.69
C ALA F 57 7.45 22.97 -39.52
N ILE F 58 8.76 22.78 -39.63
CA ILE F 58 9.34 21.67 -40.38
C ILE F 58 9.57 20.50 -39.43
N THR F 59 9.12 19.31 -39.82
CA THR F 59 9.28 18.12 -39.01
C THR F 59 9.84 16.98 -39.85
N GLY F 60 10.60 16.10 -39.20
CA GLY F 60 11.15 14.94 -39.86
C GLY F 60 12.67 14.91 -39.87
N ASP F 61 13.25 14.13 -40.78
CA ASP F 61 14.70 13.94 -40.86
C ASP F 61 15.25 14.78 -42.01
N ARG F 62 15.44 16.07 -41.73
CA ARG F 62 15.93 17.03 -42.70
C ARG F 62 17.44 17.27 -42.59
N GLY F 63 18.25 16.23 -42.59
CA GLY F 63 19.65 16.42 -42.22
C GLY F 63 20.68 15.56 -42.92
N THR F 64 21.86 15.51 -42.31
CA THR F 64 22.99 14.66 -42.70
C THR F 64 24.01 15.43 -43.55
N GLY F 65 24.34 14.92 -44.73
CA GLY F 65 25.59 15.30 -45.38
C GLY F 65 25.65 16.68 -46.00
N LYS F 66 24.94 16.87 -47.11
CA LYS F 66 25.02 18.13 -47.84
C LYS F 66 23.69 18.58 -48.43
N THR F 67 22.60 17.86 -48.20
CA THR F 67 21.29 18.21 -48.72
C THR F 67 20.30 18.42 -47.58
N SER F 68 20.78 18.93 -46.46
CA SER F 68 19.90 19.24 -45.34
C SER F 68 18.89 20.30 -45.76
N PHE F 69 17.62 20.06 -45.43
CA PHE F 69 16.54 20.92 -45.90
C PHE F 69 16.67 22.35 -45.38
N ILE F 70 17.36 22.54 -44.26
CA ILE F 70 17.34 23.84 -43.59
C ILE F 70 18.28 24.82 -44.28
N GLU F 71 19.54 24.44 -44.48
CA GLU F 71 20.47 25.34 -45.18
C GLU F 71 19.97 25.59 -46.59
N THR F 72 19.51 24.52 -47.24
CA THR F 72 19.06 24.58 -48.62
C THR F 72 17.83 25.49 -48.74
N LEU F 73 16.91 25.38 -47.78
CA LEU F 73 15.77 26.30 -47.71
C LEU F 73 16.22 27.73 -47.47
N LYS F 74 17.18 27.94 -46.57
CA LYS F 74 17.68 29.28 -46.32
C LYS F 74 18.20 29.91 -47.60
N LEU F 75 18.94 29.14 -48.37
CA LEU F 75 19.50 29.60 -49.64
C LEU F 75 18.38 29.96 -50.62
N VAL F 76 17.38 29.07 -50.74
CA VAL F 76 16.23 29.35 -51.59
C VAL F 76 15.57 30.67 -51.19
N LEU F 77 15.38 30.88 -49.89
CA LEU F 77 14.78 32.12 -49.41
C LEU F 77 15.68 33.31 -49.70
N GLU F 78 16.99 33.15 -49.58
CA GLU F 78 17.90 34.25 -49.89
C GLU F 78 17.72 34.71 -51.32
N LYS F 79 17.58 33.79 -52.28
CA LYS F 79 17.50 34.28 -53.65
C LYS F 79 16.10 34.74 -54.04
N GLN F 80 15.11 34.65 -53.15
CA GLN F 80 13.80 35.24 -53.39
C GLN F 80 13.63 36.62 -52.76
N ASN F 81 14.72 37.34 -52.42
CA ASN F 81 14.55 38.56 -51.63
C ASN F 81 13.77 38.37 -50.33
N TYR F 82 14.11 37.31 -49.60
CA TYR F 82 13.79 37.23 -48.18
C TYR F 82 15.09 37.38 -47.40
N TYR F 83 15.12 38.35 -46.48
CA TYR F 83 16.25 38.46 -45.57
C TYR F 83 16.13 37.39 -44.49
N VAL F 84 17.15 36.55 -44.38
CA VAL F 84 17.14 35.42 -43.46
C VAL F 84 18.18 35.69 -42.39
N PHE F 85 17.73 35.76 -41.13
CA PHE F 85 18.66 35.86 -40.02
C PHE F 85 19.53 34.61 -39.95
N ASP F 86 20.76 34.78 -39.48
CA ASP F 86 21.64 33.63 -39.34
C ASP F 86 20.99 32.59 -38.43
N ILE F 87 21.08 31.33 -38.86
CA ILE F 87 20.24 30.29 -38.28
C ILE F 87 20.48 30.20 -36.78
N VAL F 88 19.39 30.12 -36.02
CA VAL F 88 19.47 29.99 -34.57
C VAL F 88 19.65 28.51 -34.26
N SER F 89 20.85 28.13 -33.88
CA SER F 89 21.18 26.74 -33.57
C SER F 89 21.07 26.50 -32.08
N PRO F 90 21.17 25.24 -31.65
CA PRO F 90 21.25 24.98 -30.21
C PRO F 90 22.41 25.69 -29.54
N THR F 91 23.48 25.97 -30.27
CA THR F 91 24.56 26.79 -29.73
C THR F 91 24.06 28.17 -29.35
N VAL F 92 23.25 28.78 -30.22
CA VAL F 92 22.71 30.11 -29.93
C VAL F 92 21.73 30.05 -28.77
N LEU F 93 20.87 29.04 -28.74
CA LEU F 93 19.88 28.93 -27.66
C LEU F 93 20.55 28.63 -26.32
N SER F 94 21.71 27.98 -26.33
CA SER F 94 22.42 27.69 -25.10
C SER F 94 23.02 28.94 -24.46
N SER F 95 22.99 30.08 -25.16
CA SER F 95 23.47 31.33 -24.60
C SER F 95 22.63 31.81 -23.43
N HIS F 96 21.44 31.23 -23.22
CA HIS F 96 20.50 31.62 -22.19
C HIS F 96 19.86 32.98 -22.45
N LEU F 97 20.08 33.54 -23.63
CA LEU F 97 19.41 34.76 -24.05
C LEU F 97 18.11 34.43 -24.74
N ASN F 98 17.10 35.27 -24.52
CA ASN F 98 15.82 35.07 -25.18
C ASN F 98 15.94 35.42 -26.67
N ILE F 99 14.97 34.93 -27.44
CA ILE F 99 15.05 35.07 -28.90
C ILE F 99 15.04 36.54 -29.31
N LEU F 100 14.40 37.40 -28.54
CA LEU F 100 14.42 38.83 -28.86
C LEU F 100 15.83 39.39 -28.77
N GLU F 101 16.57 39.02 -27.73
CA GLU F 101 17.95 39.48 -27.60
C GLU F 101 18.79 39.00 -28.77
N ILE F 102 18.61 37.74 -29.17
CA ILE F 102 19.35 37.20 -30.31
C ILE F 102 19.02 37.97 -31.57
N VAL F 103 17.73 38.25 -31.80
CA VAL F 103 17.31 38.95 -33.01
C VAL F 103 17.89 40.36 -33.05
N ILE F 104 17.81 41.08 -31.93
CA ILE F 104 18.32 42.46 -31.93
C ILE F 104 19.84 42.48 -32.05
N SER F 105 20.53 41.50 -31.45
CA SER F 105 21.97 41.41 -31.65
C SER F 105 22.31 41.16 -33.11
N SER F 106 21.58 40.28 -33.77
CA SER F 106 21.80 40.04 -35.19
C SER F 106 21.55 41.30 -36.01
N ILE F 107 20.49 42.03 -35.67
CA ILE F 107 20.19 43.27 -36.38
C ILE F 107 21.32 44.28 -36.21
N TYR F 108 21.81 44.43 -34.97
CA TYR F 108 22.88 45.39 -34.72
C TYR F 108 24.15 44.99 -35.47
N ARG F 109 24.48 43.70 -35.47
CA ARG F 109 25.66 43.26 -36.21
C ARG F 109 25.51 43.51 -37.70
N GLU F 110 24.32 43.24 -38.25
CA GLU F 110 24.10 43.44 -39.67
C GLU F 110 24.23 44.91 -40.04
N ILE F 111 23.69 45.81 -39.22
CA ILE F 111 23.78 47.23 -39.54
C ILE F 111 25.18 47.78 -39.26
N ASP F 112 25.94 47.16 -38.36
CA ASP F 112 27.32 47.56 -38.12
C ASP F 112 28.27 46.99 -39.16
N GLN F 113 27.84 45.98 -39.93
CA GLN F 113 28.69 45.45 -40.99
C GLN F 113 29.04 46.52 -42.00
N PHE F 114 28.06 47.35 -42.38
CA PHE F 114 28.25 48.45 -43.31
C PHE F 114 28.03 49.78 -42.60
N ILE F 115 28.32 50.85 -43.31
CA ILE F 115 28.16 52.20 -42.78
C ILE F 115 27.37 53.05 -43.76
N ASP F 119 23.25 55.72 -45.09
CA ASP F 119 21.87 55.70 -44.63
C ASP F 119 21.56 56.93 -43.77
N VAL F 120 22.07 56.93 -42.54
CA VAL F 120 21.94 58.07 -41.64
C VAL F 120 20.49 58.31 -41.27
N HIS F 121 19.66 58.63 -42.25
CA HIS F 121 18.28 59.02 -41.96
C HIS F 121 17.52 57.91 -41.25
N ASP F 122 17.61 56.68 -41.74
CA ASP F 122 16.89 55.57 -41.15
C ASP F 122 17.68 54.82 -40.09
N ARG F 123 19.01 54.86 -40.15
CA ARG F 123 19.80 54.13 -39.18
C ARG F 123 19.56 54.67 -37.78
N GLY F 124 19.47 56.00 -37.65
CA GLY F 124 19.28 56.60 -36.33
C GLY F 124 17.99 56.18 -35.67
N ARG F 125 16.91 56.14 -36.44
CA ARG F 125 15.63 55.61 -35.99
C ARG F 125 15.70 54.12 -35.65
N LEU F 126 16.42 53.36 -36.45
CA LEU F 126 16.65 51.97 -36.10
C LEU F 126 17.35 51.85 -34.75
N ILE F 127 18.35 52.71 -34.51
CA ILE F 127 19.09 52.68 -33.24
C ILE F 127 18.18 53.09 -32.09
N GLN F 128 17.34 54.11 -32.31
CA GLN F 128 16.40 54.53 -31.28
C GLN F 128 15.45 53.38 -30.91
N HIS F 129 14.90 52.70 -31.91
CA HIS F 129 14.00 51.59 -31.64
C HIS F 129 14.74 50.43 -30.99
N LEU F 130 16.01 50.20 -31.35
CA LEU F 130 16.80 49.19 -30.67
C LEU F 130 16.97 49.52 -29.20
N LYS F 131 17.25 50.79 -28.89
CA LYS F 131 17.36 51.21 -27.49
C LYS F 131 16.04 51.01 -26.76
N LYS F 132 14.92 51.33 -27.41
CA LYS F 132 13.62 51.14 -26.78
C LYS F 132 13.37 49.66 -26.49
N VAL F 133 13.70 48.78 -27.44
CA VAL F 133 13.49 47.35 -27.23
C VAL F 133 14.38 46.84 -26.10
N MET F 134 15.63 47.31 -26.05
CA MET F 134 16.52 46.91 -24.97
C MET F 134 15.99 47.38 -23.62
N ASN F 135 15.45 48.61 -23.55
CA ASN F 135 14.77 49.02 -22.33
C ASN F 135 13.63 48.10 -21.96
N ALA F 136 12.79 47.74 -22.93
CA ALA F 136 11.67 46.88 -22.62
C ALA F 136 12.15 45.56 -22.05
N ILE F 137 13.22 45.02 -22.64
CA ILE F 137 13.80 43.77 -22.14
C ILE F 137 14.28 43.93 -20.71
N ALA F 138 14.99 45.04 -20.43
CA ALA F 138 15.48 45.29 -19.08
C ALA F 138 14.32 45.43 -18.09
N VAL F 139 13.26 46.13 -18.50
CA VAL F 139 12.08 46.30 -17.64
C VAL F 139 11.47 44.95 -17.32
N GLU F 140 11.32 44.10 -18.33
CA GLU F 140 10.81 42.75 -18.09
C GLU F 140 11.71 41.97 -17.14
N LYS F 141 13.01 42.28 -17.13
CA LYS F 141 13.95 41.61 -16.25
C LYS F 141 14.03 42.25 -14.88
N LYS F 142 13.17 43.24 -14.59
CA LYS F 142 13.18 43.94 -13.31
C LYS F 142 14.56 44.52 -13.04
N GLN F 143 15.14 45.13 -14.07
CA GLN F 143 16.46 45.71 -14.06
C GLN F 143 16.45 47.21 -13.83
N SER F 144 15.46 47.90 -14.41
CA SER F 144 15.46 49.35 -14.43
C SER F 144 15.39 49.90 -13.01
N ASP F 145 15.66 51.20 -12.91
CA ASP F 145 15.64 51.88 -11.61
C ASP F 145 14.26 51.86 -10.98
N TYR F 146 13.21 51.54 -11.74
CA TYR F 146 11.86 51.53 -11.20
C TYR F 146 11.71 50.49 -10.10
N PHE F 147 12.38 49.34 -10.24
CA PHE F 147 12.28 48.25 -9.29
C PHE F 147 13.35 48.30 -8.20
N LYS F 148 14.20 49.33 -8.20
CA LYS F 148 15.31 49.41 -7.24
C LYS F 148 15.41 50.75 -6.55
N GLN F 149 14.45 51.65 -6.76
CA GLN F 149 14.47 52.99 -6.18
C GLN F 149 13.33 53.14 -5.18
N SER F 150 13.64 53.73 -4.02
CA SER F 150 12.65 53.91 -2.96
C SER F 150 11.55 54.88 -3.38
N LYS F 151 11.93 55.89 -4.17
CA LYS F 151 11.19 57.10 -4.50
C LYS F 151 10.99 57.25 -6.00
N PRO F 152 10.03 56.52 -6.58
CA PRO F 152 9.91 56.51 -8.05
C PRO F 152 9.67 57.91 -8.61
N GLU F 153 10.28 58.16 -9.76
CA GLU F 153 10.10 59.41 -10.50
C GLU F 153 9.12 59.18 -11.63
N ILE F 154 8.57 60.28 -12.14
CA ILE F 154 7.49 60.17 -13.12
C ILE F 154 8.01 59.64 -14.46
N GLU F 155 9.19 60.09 -14.89
CA GLU F 155 9.61 59.82 -16.25
C GLU F 155 10.04 58.37 -16.46
N MET F 156 10.45 57.67 -15.39
CA MET F 156 10.74 56.25 -15.55
C MET F 156 9.49 55.47 -15.92
N LEU F 157 8.30 56.03 -15.67
CA LEU F 157 7.08 55.40 -16.13
C LEU F 157 7.04 55.28 -17.64
N THR F 158 7.80 56.13 -18.35
CA THR F 158 7.96 55.95 -19.79
C THR F 158 8.63 54.63 -20.11
N ASP F 159 9.66 54.26 -19.34
CA ASP F 159 10.36 53.01 -19.59
C ASP F 159 9.41 51.82 -19.47
N LEU F 160 8.57 51.81 -18.43
CA LEU F 160 7.56 50.76 -18.32
C LEU F 160 6.70 50.70 -19.58
N SER F 161 6.34 51.86 -20.11
CA SER F 161 5.55 51.88 -21.34
C SER F 161 6.26 51.15 -22.46
N HIS F 162 7.59 51.31 -22.55
CA HIS F 162 8.36 50.64 -23.60
C HIS F 162 8.12 49.14 -23.57
N ARG F 163 7.84 48.58 -22.40
CA ARG F 163 7.54 47.16 -22.30
C ARG F 163 6.06 46.85 -22.49
N THR F 164 5.17 47.75 -22.06
CA THR F 164 3.75 47.54 -22.26
C THR F 164 3.32 47.82 -23.70
N PHE F 165 4.18 48.46 -24.48
CA PHE F 165 3.92 48.72 -25.90
C PHE F 165 5.04 48.13 -26.75
N LEU F 166 5.60 47.00 -26.31
CA LEU F 166 6.70 46.38 -27.01
C LEU F 166 6.33 45.94 -28.42
N ASP F 167 5.04 45.65 -28.65
CA ASP F 167 4.62 45.21 -29.98
C ASP F 167 4.89 46.29 -31.01
N GLU F 168 4.46 47.51 -30.72
CA GLU F 168 4.64 48.62 -31.65
C GLU F 168 6.11 48.96 -31.84
N GLU F 169 6.89 48.94 -30.76
CA GLU F 169 8.32 49.20 -30.88
C GLU F 169 9.00 48.17 -31.75
N ILE F 170 8.67 46.89 -31.56
CA ILE F 170 9.27 45.83 -32.36
C ILE F 170 8.84 45.96 -33.83
N LYS F 171 7.57 46.31 -34.06
CA LYS F 171 7.11 46.49 -35.44
C LYS F 171 7.88 47.61 -36.12
N GLU F 172 8.04 48.74 -35.43
CA GLU F 172 8.81 49.84 -36.00
C GLU F 172 10.26 49.45 -36.22
N LEU F 173 10.83 48.69 -35.28
CA LEU F 173 12.22 48.25 -35.40
C LEU F 173 12.40 47.41 -36.67
N PHE F 174 11.50 46.45 -36.90
CA PHE F 174 11.64 45.58 -38.05
C PHE F 174 11.36 46.33 -39.36
N CYS F 175 10.38 47.23 -39.33
CA CYS F 175 10.12 48.07 -40.50
C CYS F 175 11.36 48.87 -40.88
N TYR F 176 12.01 49.50 -39.90
CA TYR F 176 13.18 50.31 -40.21
C TYR F 176 14.38 49.45 -40.56
N PHE F 177 14.48 48.24 -39.99
CA PHE F 177 15.53 47.32 -40.38
C PHE F 177 15.38 46.93 -41.85
N LYS F 178 14.15 46.62 -42.27
CA LYS F 178 13.90 46.32 -43.67
C LYS F 178 14.22 47.50 -44.56
N LYS F 179 13.86 48.71 -44.12
CA LYS F 179 14.18 49.90 -44.91
C LYS F 179 15.70 50.06 -45.08
N VAL F 180 16.44 49.90 -43.99
CA VAL F 180 17.89 50.03 -44.06
C VAL F 180 18.49 48.97 -44.97
N LEU F 181 17.99 47.73 -44.87
CA LEU F 181 18.48 46.67 -45.74
C LEU F 181 18.17 46.97 -47.21
N ASN F 182 16.98 47.51 -47.48
CA ASN F 182 16.64 47.90 -48.85
C ASN F 182 17.53 49.01 -49.36
N ASN F 183 18.02 49.88 -48.47
CA ASN F 183 18.85 51.00 -48.90
C ASN F 183 20.28 50.60 -49.26
N ARG F 184 20.71 49.38 -48.93
CA ARG F 184 22.05 48.92 -49.26
C ARG F 184 22.10 48.07 -50.53
N GLN F 185 20.98 47.97 -51.25
CA GLN F 185 20.95 47.19 -52.48
C GLN F 185 21.48 48.02 -53.64
N ASP F 186 22.41 47.46 -54.39
CA ASP F 186 23.05 48.15 -55.50
C ASP F 186 22.37 47.81 -56.82
N SER F 187 22.33 48.79 -57.71
CA SER F 187 21.73 48.65 -59.03
C SER F 187 20.23 48.39 -58.97
N CYS F 188 19.61 48.65 -57.81
CA CYS F 188 18.16 48.50 -57.65
C CYS F 188 17.71 47.10 -58.08
N LYS F 189 18.22 46.10 -57.35
CA LYS F 189 17.88 44.72 -57.67
C LYS F 189 16.39 44.46 -57.41
N GLU F 190 15.97 44.58 -56.15
CA GLU F 190 14.60 44.33 -55.77
C GLU F 190 14.44 44.64 -54.29
N VAL F 191 13.20 44.91 -53.88
CA VAL F 191 12.90 45.20 -52.48
C VAL F 191 12.77 43.89 -51.71
N ILE F 192 13.20 43.91 -50.45
CA ILE F 192 13.12 42.72 -49.60
C ILE F 192 11.66 42.48 -49.21
N LYS F 193 11.24 41.22 -49.29
CA LYS F 193 9.86 40.88 -48.97
C LYS F 193 9.62 40.89 -47.45
N ASP F 194 10.34 40.04 -46.73
CA ASP F 194 10.11 39.90 -45.30
C ASP F 194 11.36 39.33 -44.64
N LEU F 195 11.40 39.45 -43.32
CA LEU F 195 12.46 38.85 -42.51
C LEU F 195 12.04 37.46 -42.08
N VAL F 196 12.99 36.52 -42.16
CA VAL F 196 12.74 35.11 -41.85
C VAL F 196 13.71 34.68 -40.75
N LEU F 197 13.18 34.02 -39.74
CA LEU F 197 13.97 33.47 -38.64
C LEU F 197 13.80 31.96 -38.62
N ILE F 198 14.92 31.24 -38.68
CA ILE F 198 14.93 29.78 -38.66
C ILE F 198 15.62 29.31 -37.39
N ILE F 199 14.98 28.39 -36.69
CA ILE F 199 15.54 27.81 -35.47
C ILE F 199 15.76 26.32 -35.68
N ASP F 200 16.98 25.97 -36.09
CA ASP F 200 17.32 24.63 -36.53
C ASP F 200 17.71 23.74 -35.35
N ASP F 201 17.64 22.42 -35.59
CA ASP F 201 18.11 21.42 -34.63
C ASP F 201 17.41 21.58 -33.29
N LEU F 202 16.13 21.91 -33.34
CA LEU F 202 15.30 21.97 -32.14
C LEU F 202 14.85 20.60 -31.67
N ASP F 203 15.21 19.54 -32.39
CA ASP F 203 14.76 18.19 -32.03
C ASP F 203 15.13 17.85 -30.60
N LEU F 204 16.25 18.38 -30.11
CA LEU F 204 16.70 18.09 -28.75
C LEU F 204 17.42 19.32 -28.23
N VAL F 205 16.68 20.21 -27.55
CA VAL F 205 17.23 21.39 -26.90
C VAL F 205 16.67 21.42 -25.48
N GLU F 206 17.34 20.75 -24.56
CA GLU F 206 17.13 20.90 -23.11
C GLU F 206 15.65 20.99 -22.73
N ASN F 207 14.78 20.33 -23.49
CA ASN F 207 13.35 20.28 -23.17
C ASN F 207 12.78 21.66 -22.86
N ASN F 208 12.64 22.00 -21.57
CA ASN F 208 11.90 23.20 -21.19
C ASN F 208 12.40 24.45 -21.89
N LEU F 209 13.66 24.46 -22.33
CA LEU F 209 14.19 25.65 -22.98
C LEU F 209 13.35 26.03 -24.20
N VAL F 210 12.95 25.03 -25.00
CA VAL F 210 12.13 25.33 -26.16
C VAL F 210 10.80 25.93 -25.74
N TYR F 211 10.26 25.50 -24.60
CA TYR F 211 9.08 26.17 -24.06
C TYR F 211 9.34 27.66 -23.90
N ASP F 212 10.44 28.01 -23.24
CA ASP F 212 10.81 29.42 -23.12
C ASP F 212 10.92 30.06 -24.49
N LEU F 213 11.40 29.32 -25.48
CA LEU F 213 11.43 29.83 -26.85
C LEU F 213 10.01 30.09 -27.36
N LEU F 214 9.12 29.11 -27.21
CA LEU F 214 7.78 29.23 -27.76
C LEU F 214 7.09 30.49 -27.24
N ARG F 215 7.08 30.66 -25.91
CA ARG F 215 6.50 31.86 -25.33
C ARG F 215 7.13 33.11 -25.94
N ASP F 216 8.47 33.13 -26.04
CA ASP F 216 9.13 34.28 -26.60
C ASP F 216 8.65 34.55 -28.02
N ILE F 217 8.41 33.48 -28.79
CA ILE F 217 7.86 33.68 -30.13
C ILE F 217 6.42 34.14 -30.05
N GLN F 218 5.65 33.59 -29.10
CA GLN F 218 4.28 34.04 -28.94
C GLN F 218 4.23 35.51 -28.57
N HIS F 219 5.10 35.93 -27.65
CA HIS F 219 5.01 37.29 -27.14
C HIS F 219 5.68 38.29 -28.07
N TYR F 220 6.82 37.98 -28.69
CA TYR F 220 7.53 39.05 -29.36
C TYR F 220 7.61 38.87 -30.86
N LEU F 221 7.71 37.64 -31.37
CA LEU F 221 7.95 37.43 -32.80
C LEU F 221 6.85 36.60 -33.46
N ASP F 222 5.61 36.68 -32.96
CA ASP F 222 4.53 35.90 -33.56
C ASP F 222 4.10 36.50 -34.90
N SER F 223 3.62 37.75 -34.87
CA SER F 223 3.14 38.43 -36.07
C SER F 223 4.16 39.42 -36.62
N GLN F 224 5.44 39.23 -36.31
CA GLN F 224 6.49 40.14 -36.73
C GLN F 224 7.33 39.58 -37.88
N LEU F 225 7.64 38.27 -37.86
CA LEU F 225 8.49 37.67 -38.88
C LEU F 225 7.84 36.42 -39.45
N ILE F 226 8.57 35.73 -40.32
CA ILE F 226 8.25 34.36 -40.72
C ILE F 226 9.19 33.46 -39.93
N VAL F 227 8.65 32.79 -38.92
CA VAL F 227 9.44 31.95 -38.02
C VAL F 227 9.29 30.50 -38.48
N ILE F 228 10.43 29.85 -38.73
CA ILE F 228 10.48 28.44 -39.11
C ILE F 228 11.07 27.68 -37.92
N PHE F 229 10.32 26.69 -37.43
CA PHE F 229 10.61 26.07 -36.14
C PHE F 229 11.57 24.89 -36.25
N ALA F 230 11.33 23.99 -37.20
CA ALA F 230 12.23 22.86 -37.44
C ALA F 230 12.41 22.02 -36.17
N TYR F 231 11.32 21.40 -35.74
CA TYR F 231 11.31 20.47 -34.62
C TYR F 231 10.89 19.09 -35.14
N LYS F 232 10.64 18.16 -34.22
CA LYS F 232 10.27 16.80 -34.60
C LYS F 232 9.01 16.36 -33.87
N GLU F 233 8.13 15.66 -34.60
CA GLU F 233 6.98 14.97 -34.03
C GLU F 233 6.19 15.85 -33.07
N GLY F 234 6.11 15.43 -31.80
CA GLY F 234 5.31 16.13 -30.82
C GLY F 234 6.14 16.70 -29.69
N GLN F 235 7.33 17.19 -30.02
CA GLN F 235 8.21 17.76 -29.02
C GLN F 235 7.58 19.00 -28.38
N LEU F 236 6.93 19.84 -29.18
CA LEU F 236 6.33 21.06 -28.66
C LEU F 236 5.26 20.74 -27.62
N GLU F 237 4.37 19.79 -27.92
CA GLU F 237 3.30 19.46 -26.98
C GLU F 237 3.87 18.94 -25.67
N GLN F 238 4.88 18.07 -25.73
CA GLN F 238 5.46 17.53 -24.51
C GLN F 238 6.18 18.61 -23.71
N SER F 239 6.88 19.51 -24.39
CA SER F 239 7.55 20.60 -23.67
C SER F 239 6.54 21.51 -22.99
N MET F 240 5.43 21.82 -23.65
CA MET F 240 4.39 22.61 -23.01
C MET F 240 3.78 21.88 -21.84
N PHE F 241 3.55 20.57 -21.98
CA PHE F 241 2.96 19.79 -20.90
C PHE F 241 3.88 19.74 -19.68
N GLU F 242 5.19 19.63 -19.90
CA GLU F 242 6.12 19.61 -18.78
C GLU F 242 5.97 20.85 -17.90
N HIS F 243 5.68 22.00 -18.50
CA HIS F 243 5.48 23.22 -17.73
C HIS F 243 4.08 23.29 -17.14
N LEU F 244 3.05 23.00 -17.95
CA LEU F 244 1.68 23.16 -17.47
C LEU F 244 1.35 22.17 -16.36
N ALA F 245 1.95 20.98 -16.38
CA ALA F 245 1.67 20.00 -15.35
C ALA F 245 2.13 20.48 -13.97
N LYS F 246 3.33 21.04 -13.88
CA LYS F 246 3.71 21.64 -12.60
C LYS F 246 2.94 22.92 -12.35
N GLY F 247 2.42 23.55 -13.41
CA GLY F 247 1.46 24.63 -13.21
C GLY F 247 0.10 24.16 -12.76
N ASN F 248 -0.22 22.87 -12.92
CA ASN F 248 -1.52 22.33 -12.52
C ASN F 248 -1.42 21.10 -11.61
N GLU F 249 -0.45 21.08 -10.67
CA GLU F 249 -0.51 20.17 -9.53
C GLU F 249 -1.90 20.00 -8.94
N ALA F 250 -2.37 21.05 -8.28
CA ALA F 250 -3.45 20.87 -7.33
C ALA F 250 -4.76 20.66 -8.06
N LEU F 251 -4.81 21.09 -9.32
CA LEU F 251 -5.94 20.78 -10.17
C LEU F 251 -5.96 19.30 -10.52
N LEU F 252 -4.81 18.73 -10.87
CA LEU F 252 -4.77 17.33 -11.28
C LEU F 252 -4.95 16.38 -10.09
N ASN F 253 -4.34 16.68 -8.95
CA ASN F 253 -4.42 15.76 -7.82
C ASN F 253 -5.79 15.79 -7.15
N HIS F 254 -6.46 16.95 -7.12
CA HIS F 254 -7.82 17.00 -6.61
C HIS F 254 -8.85 16.58 -7.65
N GLY F 255 -8.40 16.18 -8.84
CA GLY F 255 -9.33 15.67 -9.83
C GLY F 255 -10.18 16.73 -10.51
N VAL F 256 -9.78 18.00 -10.41
CA VAL F 256 -10.55 19.06 -11.07
C VAL F 256 -10.37 18.96 -12.58
N ILE F 257 -9.17 18.64 -13.06
CA ILE F 257 -8.88 18.47 -14.47
C ILE F 257 -8.05 17.20 -14.64
N ASP F 258 -7.93 16.78 -15.90
CA ASP F 258 -7.10 15.66 -16.29
C ASP F 258 -6.10 16.13 -17.34
N SER F 259 -5.28 15.19 -17.83
CA SER F 259 -4.35 15.50 -18.90
C SER F 259 -5.05 16.01 -20.15
N ASN F 260 -6.32 15.64 -20.35
CA ASN F 260 -7.04 16.06 -21.55
C ASN F 260 -7.17 17.58 -21.62
N ALA F 261 -7.47 18.24 -20.50
CA ALA F 261 -7.63 19.69 -20.52
C ALA F 261 -6.33 20.38 -20.86
N ILE F 262 -5.22 19.95 -20.25
CA ILE F 262 -3.93 20.56 -20.54
C ILE F 262 -3.54 20.33 -21.99
N PHE F 263 -3.79 19.12 -22.49
CA PHE F 263 -3.48 18.79 -23.88
C PHE F 263 -4.34 19.61 -24.83
N GLY F 264 -5.61 19.86 -24.49
CA GLY F 264 -6.41 20.73 -25.32
C GLY F 264 -5.90 22.16 -25.33
N GLN F 265 -5.52 22.66 -24.15
CA GLN F 265 -4.89 23.98 -24.08
C GLN F 265 -3.69 24.07 -25.01
N ILE F 266 -2.77 23.12 -24.88
CA ILE F 266 -1.59 23.09 -25.74
C ILE F 266 -2.00 22.98 -27.20
N GLU F 267 -3.03 22.18 -27.46
CA GLU F 267 -3.48 21.95 -28.82
C GLU F 267 -3.90 23.26 -29.47
N ARG F 268 -4.67 24.08 -28.75
CA ARG F 268 -5.22 25.22 -29.45
C ARG F 268 -4.14 26.30 -29.55
N PHE F 269 -3.28 26.36 -28.52
CA PHE F 269 -2.14 27.29 -28.56
C PHE F 269 -1.26 27.01 -29.76
N LEU F 270 -0.92 25.74 -30.00
CA LEU F 270 -0.08 25.40 -31.13
C LEU F 270 -0.84 25.53 -32.45
N THR F 271 -2.15 25.32 -32.43
CA THR F 271 -2.97 25.55 -33.61
C THR F 271 -2.91 27.01 -34.03
N LYS F 272 -2.96 27.93 -33.07
CA LYS F 272 -2.89 29.35 -33.39
C LYS F 272 -1.47 29.78 -33.74
N LEU F 273 -0.48 29.27 -33.00
CA LEU F 273 0.91 29.64 -33.29
C LEU F 273 1.32 29.18 -34.67
N VAL F 274 1.13 27.90 -34.97
CA VAL F 274 1.44 27.34 -36.29
C VAL F 274 0.19 26.70 -36.85
N PRO F 275 -0.47 27.30 -37.85
CA PRO F 275 -1.62 26.63 -38.46
C PRO F 275 -1.20 25.29 -39.05
N LEU F 276 -2.08 24.29 -38.93
CA LEU F 276 -1.71 22.96 -39.37
C LEU F 276 -1.56 22.88 -40.88
N SER F 277 -1.99 23.92 -41.61
CA SER F 277 -1.68 24.05 -43.02
C SER F 277 -0.30 24.63 -43.26
N ASN F 278 0.39 25.06 -42.19
CA ASN F 278 1.73 25.62 -42.28
C ASN F 278 2.82 24.68 -41.80
N ARG F 279 2.48 23.47 -41.37
CA ARG F 279 3.45 22.51 -40.86
C ARG F 279 3.72 21.46 -41.93
N ILE F 280 5.00 21.16 -42.13
CA ILE F 280 5.47 20.34 -43.24
C ILE F 280 6.27 19.16 -42.69
N PRO F 281 5.79 17.93 -42.80
CA PRO F 281 6.61 16.78 -42.44
C PRO F 281 7.37 16.24 -43.63
N LEU F 282 8.47 15.56 -43.33
CA LEU F 282 9.29 14.97 -44.38
C LEU F 282 9.99 13.72 -43.86
N PHE F 283 9.99 12.69 -44.69
CA PHE F 283 10.94 11.58 -44.61
C PHE F 283 11.01 10.97 -43.21
N LYS F 284 9.93 10.31 -42.83
CA LYS F 284 10.06 9.38 -41.73
C LYS F 284 10.65 8.07 -42.24
N GLN F 285 10.53 7.02 -41.41
CA GLN F 285 11.02 5.70 -41.74
C GLN F 285 10.18 4.97 -42.80
N ASP F 286 8.88 5.25 -42.90
CA ASP F 286 8.06 4.51 -43.85
C ASP F 286 8.56 4.68 -45.28
N GLU F 287 8.47 5.90 -45.82
CA GLU F 287 8.95 6.16 -47.16
C GLU F 287 10.46 6.07 -47.27
N LEU F 288 11.17 6.13 -46.15
CA LEU F 288 12.61 5.85 -46.17
C LEU F 288 12.88 4.41 -46.54
N LEU F 289 12.17 3.48 -45.90
CA LEU F 289 12.34 2.05 -46.18
C LEU F 289 11.69 1.64 -47.49
N ASN F 290 10.69 2.36 -47.96
CA ASN F 290 10.00 1.97 -49.18
C ASN F 290 10.77 2.31 -50.45
N LYS F 291 11.58 3.36 -50.45
CA LYS F 291 12.25 3.76 -51.67
C LYS F 291 13.32 2.73 -52.04
N THR F 292 13.99 2.98 -53.17
CA THR F 292 15.08 2.13 -53.63
C THR F 292 16.43 2.66 -53.17
N ILE F 293 17.36 1.73 -52.96
CA ILE F 293 18.73 2.08 -52.60
C ILE F 293 19.35 2.99 -53.64
N GLY F 294 18.99 2.80 -54.91
CA GLY F 294 19.52 3.65 -55.96
C GLY F 294 19.14 5.10 -55.77
N GLU F 295 17.90 5.37 -55.37
CA GLU F 295 17.46 6.75 -55.18
C GLU F 295 18.23 7.42 -54.04
N PHE F 296 18.44 6.71 -52.94
CA PHE F 296 19.22 7.28 -51.83
C PHE F 296 20.66 7.54 -52.26
N LEU F 297 21.28 6.58 -52.95
CA LEU F 297 22.66 6.76 -53.38
C LEU F 297 22.77 7.91 -54.37
N ALA F 298 21.75 8.09 -55.23
CA ALA F 298 21.72 9.26 -56.09
C ALA F 298 21.58 10.53 -55.27
N SER F 299 20.78 10.49 -54.19
CA SER F 299 20.68 11.63 -53.29
C SER F 299 22.04 12.00 -52.73
N LEU F 300 22.93 11.02 -52.54
CA LEU F 300 24.30 11.35 -52.19
C LEU F 300 25.13 11.76 -53.40
N ASP F 301 25.07 10.98 -54.49
CA ASP F 301 25.77 11.33 -55.71
C ASP F 301 25.17 10.55 -56.88
N PRO F 302 24.98 11.18 -58.05
CA PRO F 302 24.29 10.47 -59.15
C PRO F 302 24.99 9.20 -59.60
N SER F 303 26.30 9.09 -59.42
CA SER F 303 27.05 7.96 -59.95
C SER F 303 27.11 6.76 -59.01
N TYR F 304 26.86 6.96 -57.72
CA TYR F 304 26.93 5.84 -56.78
C TYR F 304 25.80 4.84 -57.03
N GLY F 305 26.12 3.56 -56.86
CA GLY F 305 25.15 2.50 -56.98
C GLY F 305 25.62 1.27 -56.24
N VAL F 306 24.88 0.16 -56.38
CA VAL F 306 25.26 -1.11 -55.76
C VAL F 306 25.29 -2.18 -56.85
N GLY F 307 26.40 -2.91 -56.91
CA GLY F 307 26.57 -3.95 -57.90
C GLY F 307 25.83 -5.22 -57.53
N GLU F 308 26.01 -6.23 -58.38
CA GLU F 308 25.34 -7.51 -58.17
C GLU F 308 25.89 -8.28 -56.99
N ASN F 309 27.09 -7.94 -56.51
CA ASN F 309 27.61 -8.49 -55.27
C ASN F 309 27.30 -7.62 -54.07
N LEU F 310 26.39 -6.65 -54.23
CA LEU F 310 25.99 -5.73 -53.16
C LEU F 310 27.17 -4.92 -52.65
N GLU F 311 28.15 -4.66 -53.52
CA GLU F 311 29.23 -3.73 -53.24
C GLU F 311 28.95 -2.40 -53.92
N PHE F 312 29.43 -1.32 -53.32
CA PHE F 312 29.14 0.01 -53.82
C PHE F 312 30.01 0.29 -55.05
N ILE F 313 29.34 0.66 -56.14
CA ILE F 313 29.97 0.83 -57.44
C ILE F 313 29.85 2.30 -57.84
N THR F 314 30.62 2.67 -58.88
CA THR F 314 30.64 4.07 -59.28
C THR F 314 30.34 4.29 -60.76
N LYS F 315 30.86 3.46 -61.66
CA LYS F 315 30.90 3.89 -63.06
C LYS F 315 29.58 3.64 -63.80
N ASP F 316 29.29 2.40 -64.18
CA ASP F 316 27.97 2.06 -64.70
C ASP F 316 27.55 0.65 -64.33
N SER F 317 28.53 -0.25 -64.17
CA SER F 317 28.29 -1.68 -64.02
C SER F 317 27.42 -2.23 -65.16
N GLU F 318 26.16 -1.79 -65.22
CA GLU F 318 25.09 -2.35 -66.05
C GLU F 318 24.64 -3.72 -65.54
N LYS F 319 25.30 -4.27 -64.52
CA LYS F 319 24.84 -5.44 -63.79
C LYS F 319 24.32 -5.07 -62.41
N ASN F 320 24.15 -3.78 -62.14
CA ASN F 320 23.76 -3.30 -60.82
C ASN F 320 22.33 -3.70 -60.51
N LYS F 321 22.01 -3.69 -59.21
CA LYS F 321 20.66 -3.93 -58.71
C LYS F 321 20.32 -2.79 -57.76
N ASN F 322 19.81 -1.70 -58.33
CA ASN F 322 19.52 -0.48 -57.59
C ASN F 322 18.05 -0.31 -57.26
N ASN F 323 17.18 -1.23 -57.70
CA ASN F 323 15.75 -1.13 -57.52
C ASN F 323 15.21 -2.17 -56.55
N LEU F 324 16.01 -2.53 -55.54
CA LEU F 324 15.62 -3.55 -54.57
C LEU F 324 14.90 -2.99 -53.35
N THR F 325 14.85 -1.68 -53.20
CA THR F 325 14.29 -1.05 -52.00
C THR F 325 15.22 -1.28 -50.81
N ILE F 326 15.31 -0.28 -49.94
CA ILE F 326 16.23 -0.37 -48.81
C ILE F 326 15.86 -1.53 -47.90
N ARG F 327 14.55 -1.86 -47.82
CA ARG F 327 14.10 -2.85 -46.86
C ARG F 327 14.79 -4.19 -47.06
N GLU F 328 14.73 -4.74 -48.27
CA GLU F 328 15.35 -6.04 -48.52
C GLU F 328 16.77 -5.90 -49.04
N TRP F 329 17.17 -4.72 -49.53
CA TRP F 329 18.58 -4.47 -49.77
C TRP F 329 19.38 -4.63 -48.50
N PHE F 330 18.80 -4.22 -47.36
CA PHE F 330 19.48 -4.38 -46.08
C PHE F 330 19.89 -5.84 -45.85
N TYR F 331 18.94 -6.77 -46.00
CA TYR F 331 19.27 -8.18 -45.77
C TYR F 331 20.15 -8.73 -46.88
N GLU F 332 19.83 -8.42 -48.14
CA GLU F 332 20.62 -8.94 -49.25
C GLU F 332 22.06 -8.47 -49.18
N SER F 333 22.32 -7.37 -48.49
CA SER F 333 23.67 -6.84 -48.38
C SER F 333 24.36 -7.24 -47.08
N ILE F 334 23.59 -7.55 -46.02
CA ILE F 334 24.16 -8.30 -44.90
C ILE F 334 24.66 -9.65 -45.39
N PHE F 335 23.85 -10.34 -46.18
CA PHE F 335 24.31 -11.44 -47.02
C PHE F 335 25.29 -10.87 -48.05
N TYR F 336 26.23 -11.70 -48.53
CA TYR F 336 27.38 -11.25 -49.32
C TYR F 336 28.45 -10.61 -48.45
N ARG F 337 28.22 -10.47 -47.15
CA ARG F 337 29.24 -10.01 -46.22
C ARG F 337 29.36 -10.90 -44.99
N THR F 338 28.28 -11.50 -44.53
CA THR F 338 28.29 -12.44 -43.41
C THR F 338 27.82 -13.82 -43.79
N ASN F 339 27.35 -14.02 -45.03
CA ASN F 339 26.80 -15.30 -45.47
C ASN F 339 25.63 -15.73 -44.58
N LEU F 340 24.84 -14.74 -44.14
CA LEU F 340 23.72 -14.99 -43.23
C LEU F 340 22.47 -14.32 -43.80
N LYS F 341 21.43 -15.11 -44.03
CA LYS F 341 20.13 -14.60 -44.45
C LYS F 341 19.31 -14.36 -43.20
N LEU F 342 19.24 -13.10 -42.77
CA LEU F 342 18.63 -12.74 -41.51
C LEU F 342 17.19 -12.25 -41.66
N ASP F 343 16.64 -12.29 -42.86
CA ASP F 343 15.22 -11.97 -43.02
C ASP F 343 14.39 -13.09 -42.43
N PRO F 344 13.55 -12.83 -41.42
CA PRO F 344 12.83 -13.93 -40.77
C PRO F 344 11.57 -14.32 -41.53
N ILE F 345 11.28 -15.62 -41.51
CA ILE F 345 10.02 -16.09 -42.08
C ILE F 345 8.84 -15.50 -41.33
N ASP F 346 8.91 -15.50 -40.00
CA ASP F 346 7.87 -14.89 -39.19
C ASP F 346 8.12 -13.39 -39.10
N ILE F 347 7.16 -12.60 -39.60
CA ILE F 347 7.26 -11.15 -39.55
C ILE F 347 6.86 -10.58 -38.20
N ARG F 348 6.41 -11.42 -37.27
CA ARG F 348 6.14 -10.98 -35.91
C ARG F 348 7.40 -10.53 -35.19
N GLU F 349 8.57 -10.91 -35.69
CA GLU F 349 9.82 -10.74 -34.96
C GLU F 349 10.38 -9.33 -35.01
N GLU F 350 9.76 -8.40 -35.77
CA GLU F 350 10.13 -7.00 -35.68
C GLU F 350 11.59 -6.76 -36.07
N ALA F 351 12.04 -7.46 -37.11
CA ALA F 351 13.40 -7.25 -37.60
C ALA F 351 13.60 -5.84 -38.12
N SER F 352 12.55 -5.21 -38.65
CA SER F 352 12.65 -3.85 -39.17
C SER F 352 13.15 -2.85 -38.14
N ARG F 353 13.24 -3.26 -36.88
CA ARG F 353 13.84 -2.43 -35.84
C ARG F 353 15.35 -2.30 -36.00
N LEU F 354 15.95 -2.78 -37.09
CA LEU F 354 17.40 -2.72 -37.27
C LEU F 354 17.87 -1.92 -38.48
N MET F 355 17.07 -1.78 -39.54
CA MET F 355 17.72 -1.55 -40.82
C MET F 355 18.37 -0.16 -40.92
N PRO F 356 17.65 0.89 -41.36
CA PRO F 356 17.84 2.23 -40.77
C PRO F 356 16.70 2.61 -39.85
N LYS F 357 16.81 3.79 -39.24
CA LYS F 357 15.67 4.49 -38.68
C LYS F 357 15.54 5.90 -39.22
N THR F 358 16.65 6.54 -39.57
CA THR F 358 16.68 7.87 -40.17
C THR F 358 17.69 7.86 -41.31
N LEU F 359 17.75 8.98 -42.04
CA LEU F 359 18.72 9.11 -43.12
C LEU F 359 20.15 9.10 -42.60
N ARG F 360 20.39 9.72 -41.44
CA ARG F 360 21.72 9.69 -40.85
C ARG F 360 22.15 8.25 -40.55
N GLU F 361 21.25 7.47 -39.96
CA GLU F 361 21.56 6.06 -39.70
C GLU F 361 21.77 5.29 -40.99
N MET F 362 21.04 5.63 -42.05
CA MET F 362 21.23 4.99 -43.34
C MET F 362 22.63 5.28 -43.89
N VAL F 363 23.05 6.54 -43.85
CA VAL F 363 24.38 6.90 -44.33
C VAL F 363 25.45 6.21 -43.51
N GLN F 364 25.27 6.17 -42.19
CA GLN F 364 26.27 5.55 -41.33
C GLN F 364 26.32 4.04 -41.55
N LEU F 365 25.17 3.42 -41.80
CA LEU F 365 25.14 2.00 -42.14
C LEU F 365 25.91 1.75 -43.43
N CYS F 366 25.70 2.60 -44.44
CA CYS F 366 26.46 2.46 -45.69
C CYS F 366 27.95 2.62 -45.43
N GLU F 367 28.32 3.56 -44.56
CA GLU F 367 29.73 3.77 -44.22
C GLU F 367 30.33 2.55 -43.56
N GLU F 368 29.68 2.03 -42.52
CA GLU F 368 30.15 0.81 -41.88
C GLU F 368 30.14 -0.35 -42.85
N LEU F 369 29.10 -0.44 -43.67
CA LEU F 369 28.84 -1.54 -44.57
C LEU F 369 28.91 -1.03 -46.00
N HIS F 370 30.13 -0.94 -46.54
CA HIS F 370 30.32 -0.56 -47.93
C HIS F 370 31.08 -1.60 -48.73
N SER F 371 32.22 -2.08 -48.23
CA SER F 371 32.87 -3.25 -48.81
C SER F 371 33.02 -4.37 -47.79
N MET F 372 33.65 -4.11 -46.65
CA MET F 372 34.03 -5.13 -45.68
C MET F 372 34.46 -6.42 -46.40
N GLN F 373 35.29 -6.25 -47.42
CA GLN F 373 35.75 -7.36 -48.25
C GLN F 373 34.57 -8.27 -48.62
N VAL F 374 33.62 -7.68 -49.34
CA VAL F 374 32.42 -8.41 -49.72
C VAL F 374 32.81 -9.70 -50.42
N ILE F 375 32.09 -10.77 -50.10
CA ILE F 375 32.40 -12.10 -50.63
C ILE F 375 31.63 -12.27 -51.93
N THR F 376 32.37 -12.54 -53.01
CA THR F 376 31.81 -12.58 -54.35
C THR F 376 31.69 -14.02 -54.83
N ARG F 377 31.25 -14.17 -56.09
CA ARG F 377 31.04 -15.47 -56.72
C ARG F 377 32.09 -15.73 -57.81
N SER F 378 33.34 -15.39 -57.51
CA SER F 378 34.45 -15.51 -58.45
C SER F 378 35.54 -16.37 -57.81
N MET F 379 36.73 -16.37 -58.43
CA MET F 379 37.88 -17.10 -57.90
C MET F 379 37.49 -18.51 -57.44
N ASP F 380 38.24 -19.07 -56.49
CA ASP F 380 38.11 -20.49 -56.15
C ASP F 380 37.31 -20.73 -54.88
N LYS F 381 36.63 -19.70 -54.36
CA LYS F 381 35.72 -19.88 -53.23
C LYS F 381 36.42 -20.45 -52.01
N LEU F 382 37.62 -19.95 -51.73
CA LEU F 382 38.45 -20.43 -50.63
C LEU F 382 38.92 -19.32 -49.70
N ALA F 383 39.25 -18.14 -50.24
CA ALA F 383 39.82 -17.05 -49.46
C ALA F 383 38.77 -16.15 -48.81
N GLY F 384 37.49 -16.35 -49.11
CA GLY F 384 36.45 -15.51 -48.55
C GLY F 384 36.05 -15.85 -47.14
N VAL F 385 36.62 -16.92 -46.56
CA VAL F 385 36.23 -17.33 -45.21
C VAL F 385 36.88 -16.43 -44.16
N GLU F 386 38.13 -16.04 -44.37
CA GLU F 386 38.85 -15.26 -43.36
C GLU F 386 38.20 -13.90 -43.13
N GLY F 387 37.83 -13.21 -44.22
CA GLY F 387 37.15 -11.93 -44.08
C GLY F 387 35.70 -12.03 -43.63
N LEU F 388 35.09 -13.19 -43.85
CA LEU F 388 33.70 -13.41 -43.48
C LEU F 388 33.48 -13.34 -41.98
N ARG F 389 34.38 -13.97 -41.19
CA ARG F 389 34.24 -13.89 -39.74
C ARG F 389 34.50 -12.49 -39.23
N LYS F 390 35.40 -11.76 -39.88
CA LYS F 390 35.62 -10.36 -39.51
C LYS F 390 34.37 -9.53 -39.76
N ASN F 391 33.75 -9.70 -40.94
CA ASN F 391 32.49 -9.00 -41.19
C ASN F 391 31.43 -9.43 -40.19
N ILE F 392 31.47 -10.69 -39.74
CA ILE F 392 30.55 -11.13 -38.69
C ILE F 392 30.78 -10.33 -37.43
N GLY F 393 32.04 -10.14 -37.03
CA GLY F 393 32.33 -9.35 -35.85
C GLY F 393 31.89 -7.90 -35.99
N ALA F 394 32.16 -7.30 -37.15
CA ALA F 394 31.74 -5.92 -37.39
C ALA F 394 30.22 -5.80 -37.33
N PHE F 395 29.51 -6.75 -37.92
CA PHE F 395 28.05 -6.72 -37.86
C PHE F 395 27.55 -6.95 -36.45
N ARG F 396 28.23 -7.78 -35.65
CA ARG F 396 27.85 -7.94 -34.26
C ARG F 396 28.00 -6.61 -33.52
N ARG F 397 29.08 -5.89 -33.79
CA ARG F 397 29.25 -4.56 -33.20
C ARG F 397 28.12 -3.62 -33.61
N TYR F 398 27.76 -3.63 -34.89
CA TYR F 398 26.67 -2.78 -35.36
C TYR F 398 25.36 -3.15 -34.68
N ILE F 399 25.10 -4.44 -34.52
CA ILE F 399 23.89 -4.88 -33.84
C ILE F 399 23.88 -4.40 -32.39
N GLY F 400 25.03 -4.51 -31.71
CA GLY F 400 25.09 -4.03 -30.35
C GLY F 400 24.82 -2.53 -30.25
N TYR F 401 25.37 -1.74 -31.16
CA TYR F 401 25.05 -0.33 -31.23
C TYR F 401 23.58 -0.07 -31.47
N LYS F 402 22.98 -0.77 -32.43
CA LYS F 402 21.55 -0.60 -32.66
C LYS F 402 20.75 -1.09 -31.46
N ASN F 403 21.14 -2.23 -30.91
CA ASN F 403 20.41 -2.90 -29.84
C ASN F 403 20.90 -2.43 -28.47
N SER F 404 20.69 -1.12 -28.22
CA SER F 404 21.05 -0.51 -26.95
C SER F 404 20.01 0.50 -26.45
N THR F 405 18.81 0.53 -27.05
CA THR F 405 17.77 1.48 -26.66
C THR F 405 16.70 0.87 -25.76
N TYR F 406 16.02 -0.19 -26.22
CA TYR F 406 14.90 -0.78 -25.49
C TYR F 406 15.34 -1.75 -24.41
N PHE F 407 16.51 -2.36 -24.57
CA PHE F 407 17.24 -3.06 -23.52
C PHE F 407 17.34 -2.20 -22.26
N ASN F 408 16.98 -2.77 -21.11
CA ASN F 408 16.92 -2.00 -19.87
C ASN F 408 17.94 -2.46 -18.84
N LEU F 409 17.79 -3.66 -18.27
CA LEU F 409 18.86 -4.24 -17.46
C LEU F 409 19.02 -5.74 -17.58
N ALA F 410 17.95 -6.50 -17.79
CA ALA F 410 18.05 -7.95 -17.79
C ALA F 410 18.66 -8.46 -19.08
N THR F 411 18.40 -7.77 -20.19
CA THR F 411 18.82 -8.23 -21.50
C THR F 411 20.24 -7.81 -21.84
N MET F 412 20.68 -6.60 -21.47
CA MET F 412 22.10 -6.26 -21.55
C MET F 412 22.94 -7.28 -20.76
N GLU F 413 22.58 -7.46 -19.49
CA GLU F 413 23.13 -8.52 -18.66
C GLU F 413 23.15 -9.86 -19.36
N PHE F 414 22.00 -10.32 -19.86
CA PHE F 414 21.92 -11.66 -20.41
C PHE F 414 22.84 -11.81 -21.62
N PHE F 415 22.79 -10.85 -22.55
CA PHE F 415 23.62 -10.97 -23.75
C PHE F 415 25.09 -10.84 -23.42
N GLN F 416 25.44 -9.96 -22.47
CA GLN F 416 26.82 -9.87 -22.05
C GLN F 416 27.33 -11.18 -21.48
N LYS F 417 26.59 -11.77 -20.54
CA LYS F 417 27.01 -13.05 -19.98
C LYS F 417 27.05 -14.12 -21.06
N TRP F 418 26.10 -14.07 -21.99
CA TRP F 418 26.03 -15.05 -23.06
C TRP F 418 27.29 -15.00 -23.92
N GLU F 419 27.75 -13.79 -24.25
CA GLU F 419 29.02 -13.65 -24.95
C GLU F 419 30.13 -14.40 -24.23
N LEU F 420 30.43 -13.98 -23.00
CA LEU F 420 31.48 -14.59 -22.20
C LEU F 420 30.94 -15.74 -21.35
N ALA F 421 30.20 -16.62 -22.01
CA ALA F 421 29.70 -17.87 -21.43
C ALA F 421 30.54 -19.04 -21.90
N GLU F 422 31.83 -18.80 -22.15
CA GLU F 422 32.71 -19.81 -22.70
C GLU F 422 32.16 -20.29 -24.04
N SER F 423 31.76 -21.55 -24.13
CA SER F 423 31.13 -22.07 -25.33
C SER F 423 29.98 -23.03 -25.02
N HIS F 424 29.65 -23.24 -23.75
CA HIS F 424 28.70 -24.27 -23.37
C HIS F 424 27.67 -23.84 -22.34
N GLN F 425 27.96 -22.82 -21.52
CA GLN F 425 26.99 -22.26 -20.60
C GLN F 425 26.02 -21.31 -21.29
N ALA F 426 26.32 -20.93 -22.53
CA ALA F 426 25.47 -20.00 -23.27
C ALA F 426 24.06 -20.56 -23.47
N ASN F 427 23.96 -21.84 -23.80
CA ASN F 427 22.65 -22.44 -24.01
C ASN F 427 21.81 -22.42 -22.74
N TYR F 428 22.42 -22.74 -21.60
CA TYR F 428 21.72 -22.70 -20.33
C TYR F 428 21.20 -21.30 -20.02
N LEU F 429 22.06 -20.30 -20.22
CA LEU F 429 21.66 -18.91 -19.97
C LEU F 429 20.53 -18.49 -20.89
N ALA F 430 20.62 -18.85 -22.17
CA ALA F 430 19.56 -18.50 -23.12
C ALA F 430 18.24 -19.16 -22.74
N TYR F 431 18.29 -20.44 -22.36
CA TYR F 431 17.08 -21.14 -21.97
C TYR F 431 16.43 -20.48 -20.76
N HIS F 432 17.23 -20.13 -19.76
CA HIS F 432 16.65 -19.56 -18.55
C HIS F 432 16.16 -18.13 -18.78
N PHE F 433 16.83 -17.38 -19.64
CA PHE F 433 16.36 -16.05 -20.02
C PHE F 433 15.03 -16.12 -20.75
N LEU F 434 14.90 -17.03 -21.71
CA LEU F 434 13.63 -17.19 -22.41
C LEU F 434 12.54 -17.68 -21.48
N MET F 435 12.90 -18.55 -20.52
CA MET F 435 11.91 -18.98 -19.54
C MET F 435 11.51 -17.83 -18.62
N SER F 436 12.44 -16.92 -18.32
CA SER F 436 12.07 -15.71 -17.60
C SER F 436 11.00 -14.94 -18.36
N TYR F 437 11.17 -14.83 -19.67
CA TYR F 437 10.11 -14.18 -20.46
C TYR F 437 8.82 -14.99 -20.43
N TYR F 438 8.91 -16.32 -20.47
CA TYR F 438 7.71 -17.15 -20.44
C TYR F 438 6.95 -16.95 -19.15
N GLN F 439 7.65 -16.93 -18.00
CA GLN F 439 7.01 -16.75 -16.71
C GLN F 439 6.28 -15.43 -16.57
N GLU F 440 6.78 -14.36 -17.19
CA GLU F 440 6.20 -13.04 -17.03
C GLU F 440 4.78 -12.94 -17.58
N SER F 441 4.25 -14.01 -18.16
CA SER F 441 2.89 -14.03 -18.66
C SER F 441 2.10 -15.24 -18.18
N PHE F 442 2.71 -16.13 -17.39
CA PHE F 442 2.02 -17.34 -16.96
C PHE F 442 0.99 -17.06 -15.87
N GLU F 443 1.29 -16.14 -14.95
CA GLU F 443 0.35 -15.84 -13.87
C GLU F 443 -0.89 -15.11 -14.34
N GLN F 444 -0.85 -14.49 -15.52
CA GLN F 444 -1.99 -13.75 -16.05
C GLN F 444 -2.67 -14.52 -17.18
N SER F 457 1.33 -28.75 -19.09
CA SER F 457 2.62 -28.42 -18.51
C SER F 457 3.63 -28.07 -19.59
N GLY F 458 3.72 -28.92 -20.61
CA GLY F 458 4.63 -28.69 -21.71
C GLY F 458 6.03 -29.19 -21.43
N TYR F 459 6.60 -29.93 -22.38
CA TYR F 459 7.93 -30.50 -22.20
C TYR F 459 9.05 -29.48 -22.41
N PRO F 460 8.97 -28.61 -23.43
CA PRO F 460 10.06 -27.61 -23.59
C PRO F 460 10.21 -26.70 -22.39
N LEU F 461 9.22 -26.64 -21.51
CA LEU F 461 9.26 -25.80 -20.32
C LEU F 461 9.76 -26.56 -19.09
N THR F 462 10.23 -27.79 -19.26
CA THR F 462 10.63 -28.65 -18.15
C THR F 462 12.13 -28.94 -18.16
N LEU F 463 12.95 -27.92 -18.43
CA LEU F 463 14.40 -28.10 -18.54
C LEU F 463 15.19 -27.10 -17.69
N ARG F 464 14.58 -26.54 -16.65
CA ARG F 464 15.28 -25.61 -15.77
C ARG F 464 16.22 -26.31 -14.79
N THR F 465 15.80 -27.44 -14.22
CA THR F 465 16.69 -28.26 -13.40
C THR F 465 17.38 -29.30 -14.29
N MET F 466 18.04 -28.75 -15.32
CA MET F 466 18.63 -29.52 -16.41
C MET F 466 20.09 -29.08 -16.53
N GLU F 467 20.95 -30.02 -16.92
CA GLU F 467 22.36 -29.70 -17.04
C GLU F 467 22.56 -28.72 -18.20
N PRO F 468 23.61 -27.89 -18.15
CA PRO F 468 23.95 -27.10 -19.35
C PRO F 468 24.30 -27.96 -20.55
N TYR F 469 24.81 -29.17 -20.34
CA TYR F 469 25.12 -30.08 -21.43
C TYR F 469 23.92 -30.93 -21.83
N ASN F 470 22.73 -30.62 -21.33
CA ASN F 470 21.50 -31.32 -21.70
C ASN F 470 20.48 -30.36 -22.29
N ILE F 471 20.91 -29.21 -22.81
CA ILE F 471 20.02 -28.22 -23.38
C ILE F 471 20.03 -28.26 -24.91
N THR F 472 21.22 -28.37 -25.50
CA THR F 472 21.34 -28.36 -26.96
C THR F 472 20.76 -27.08 -27.54
N LEU F 473 20.73 -27.00 -28.87
CA LEU F 473 20.15 -25.86 -29.57
C LEU F 473 18.71 -26.09 -30.01
N GLY F 474 18.30 -27.35 -30.20
CA GLY F 474 16.92 -27.62 -30.56
C GLY F 474 15.94 -27.23 -29.47
N ASP F 475 16.31 -27.41 -28.21
CA ASP F 475 15.44 -26.98 -27.12
C ASP F 475 15.34 -25.46 -27.04
N ILE F 476 16.42 -24.75 -27.36
CA ILE F 476 16.34 -23.28 -27.40
C ILE F 476 15.33 -22.84 -28.45
N TYR F 477 15.43 -23.39 -29.66
CA TYR F 477 14.48 -23.04 -30.71
C TYR F 477 13.06 -23.47 -30.35
N ALA F 478 12.92 -24.65 -29.73
CA ALA F 478 11.60 -25.11 -29.34
C ALA F 478 10.97 -24.17 -28.31
N LEU F 479 11.75 -23.72 -27.34
CA LEU F 479 11.24 -22.80 -26.34
C LEU F 479 10.89 -21.45 -26.98
N MET F 480 11.71 -21.00 -27.93
CA MET F 480 11.40 -19.73 -28.58
C MET F 480 10.13 -19.84 -29.42
N GLU F 481 9.91 -20.99 -30.07
CA GLU F 481 8.64 -21.18 -30.78
C GLU F 481 7.46 -21.22 -29.81
N GLU F 482 7.59 -21.98 -28.71
CA GLU F 482 6.50 -22.06 -27.76
C GLU F 482 6.15 -20.68 -27.20
N LEU F 483 7.17 -19.88 -26.88
CA LEU F 483 6.97 -18.48 -26.52
C LEU F 483 6.39 -17.66 -27.66
N LYS F 484 6.67 -18.04 -28.88
CA LYS F 484 6.06 -17.37 -30.01
C LYS F 484 4.59 -17.75 -30.15
N TYR F 485 4.16 -18.81 -29.48
CA TYR F 485 2.79 -19.30 -29.54
C TYR F 485 2.15 -19.38 -28.16
N THR F 486 2.54 -18.51 -27.24
CA THR F 486 2.04 -18.54 -25.87
C THR F 486 0.92 -17.53 -25.69
N GLU F 487 -0.07 -17.91 -24.90
CA GLU F 487 -1.25 -17.07 -24.64
C GLU F 487 -0.89 -15.97 -23.63
N GLY F 488 0.11 -15.18 -24.00
CA GLY F 488 0.66 -14.21 -23.07
C GLY F 488 1.23 -12.96 -23.71
N ILE F 489 2.42 -12.54 -23.25
CA ILE F 489 3.01 -11.27 -23.66
C ILE F 489 3.49 -11.35 -25.11
N SER F 490 3.78 -10.20 -25.69
CA SER F 490 4.13 -10.10 -27.10
C SER F 490 5.03 -8.87 -27.29
N ALA F 491 5.18 -8.43 -28.54
CA ALA F 491 5.92 -7.22 -28.88
C ALA F 491 7.40 -7.35 -28.58
N ASP F 492 7.85 -6.85 -27.43
CA ASP F 492 9.27 -6.87 -27.11
C ASP F 492 9.83 -8.27 -27.10
N THR F 493 9.02 -9.24 -26.67
CA THR F 493 9.49 -10.62 -26.55
C THR F 493 9.87 -11.18 -27.92
N TYR F 494 9.07 -10.85 -28.94
CA TYR F 494 9.35 -11.34 -30.29
C TYR F 494 10.70 -10.83 -30.79
N TYR F 495 10.98 -9.54 -30.60
CA TYR F 495 12.25 -8.99 -31.05
C TYR F 495 13.41 -9.53 -30.22
N ILE F 496 13.18 -9.81 -28.93
CA ILE F 496 14.21 -10.46 -28.13
C ILE F 496 14.55 -11.82 -28.72
N VAL F 497 13.53 -12.59 -29.10
CA VAL F 497 13.77 -13.89 -29.72
C VAL F 497 14.55 -13.72 -31.02
N TYR F 498 14.17 -12.74 -31.83
CA TYR F 498 14.86 -12.51 -33.10
C TYR F 498 16.33 -12.16 -32.87
N ILE F 499 16.61 -11.29 -31.91
CA ILE F 499 17.98 -10.87 -31.67
C ILE F 499 18.81 -12.02 -31.10
N LEU F 500 18.19 -12.85 -30.26
CA LEU F 500 18.89 -14.03 -29.78
C LEU F 500 19.23 -14.97 -30.92
N LYS F 501 18.28 -15.15 -31.85
CA LYS F 501 18.56 -15.98 -33.03
C LYS F 501 19.71 -15.39 -33.84
N VAL F 502 19.71 -14.07 -34.03
CA VAL F 502 20.77 -13.43 -34.81
C VAL F 502 22.11 -13.62 -34.13
N TYR F 503 22.17 -13.44 -32.81
CA TYR F 503 23.42 -13.61 -32.08
C TYR F 503 23.92 -15.04 -32.16
N TYR F 504 23.02 -16.02 -32.00
CA TYR F 504 23.40 -17.41 -32.14
C TYR F 504 23.93 -17.71 -33.54
N SER F 505 23.27 -17.18 -34.56
CA SER F 505 23.73 -17.40 -35.93
C SER F 505 25.11 -16.80 -36.13
N LEU F 506 25.34 -15.60 -35.61
CA LEU F 506 26.64 -14.97 -35.74
C LEU F 506 27.72 -15.80 -35.07
N ARG F 507 27.45 -16.27 -33.84
CA ARG F 507 28.45 -17.07 -33.15
C ARG F 507 28.70 -18.39 -33.86
N LEU F 508 27.63 -19.04 -34.34
CA LEU F 508 27.80 -20.30 -35.06
C LEU F 508 28.62 -20.11 -36.32
N SER F 509 28.33 -19.06 -37.09
CA SER F 509 29.09 -18.81 -38.30
C SER F 509 30.54 -18.51 -37.98
N GLU F 510 30.79 -17.70 -36.94
CA GLU F 510 32.16 -17.37 -36.56
C GLU F 510 32.93 -18.63 -36.19
N LEU F 511 32.33 -19.49 -35.36
CA LEU F 511 32.99 -20.74 -34.95
C LEU F 511 33.22 -21.65 -36.15
N LEU F 512 32.22 -21.75 -37.04
CA LEU F 512 32.36 -22.61 -38.21
C LEU F 512 33.51 -22.14 -39.09
N TYR F 513 33.62 -20.83 -39.27
CA TYR F 513 34.66 -20.27 -40.13
C TYR F 513 36.04 -20.41 -39.48
N ASN F 514 36.11 -20.28 -38.15
CA ASN F 514 37.36 -20.56 -37.45
C ASN F 514 37.76 -22.02 -37.64
N VAL F 515 36.79 -22.94 -37.57
CA VAL F 515 37.07 -24.34 -37.83
C VAL F 515 37.57 -24.54 -39.25
N VAL F 516 36.92 -23.89 -40.21
CA VAL F 516 37.29 -24.03 -41.62
C VAL F 516 38.71 -23.53 -41.85
N LEU F 517 39.12 -22.49 -41.13
CA LEU F 517 40.48 -22.00 -41.27
C LEU F 517 41.49 -23.08 -40.88
N HIS F 518 41.21 -23.83 -39.82
CA HIS F 518 42.06 -24.93 -39.39
C HIS F 518 41.60 -26.26 -40.00
N HIS F 519 41.43 -26.27 -41.32
CA HIS F 519 40.92 -27.48 -41.99
C HIS F 519 41.99 -28.54 -42.16
N LYS F 520 43.25 -28.12 -42.36
CA LYS F 520 44.31 -29.10 -42.59
C LYS F 520 44.38 -30.10 -41.44
N LEU F 521 44.34 -29.61 -40.20
CA LEU F 521 44.57 -30.43 -39.03
C LEU F 521 43.74 -31.70 -38.99
N PHE F 522 42.67 -31.80 -39.78
CA PHE F 522 41.84 -33.00 -39.72
C PHE F 522 41.47 -33.53 -41.10
N VAL F 523 42.19 -33.14 -42.16
CA VAL F 523 41.92 -33.77 -43.44
C VAL F 523 41.93 -35.29 -43.28
N HIS F 524 42.90 -35.81 -42.53
CA HIS F 524 43.02 -37.25 -42.36
C HIS F 524 41.72 -37.87 -41.86
N VAL F 525 41.04 -37.22 -40.90
CA VAL F 525 39.85 -37.88 -40.37
C VAL F 525 38.80 -38.02 -41.47
N LYS F 526 38.66 -37.00 -42.31
CA LYS F 526 37.76 -37.16 -43.46
C LYS F 526 38.07 -38.48 -44.15
N GLU F 527 39.34 -38.68 -44.50
CA GLU F 527 39.70 -39.89 -45.21
C GLU F 527 39.25 -41.09 -44.40
N GLU F 528 39.60 -41.07 -43.11
CA GLU F 528 39.21 -42.16 -42.23
C GLU F 528 37.70 -42.33 -42.21
N ALA F 529 36.96 -41.23 -42.06
CA ALA F 529 35.51 -41.35 -42.09
C ALA F 529 35.07 -42.06 -43.34
N THR F 530 35.68 -41.72 -44.48
CA THR F 530 35.38 -42.44 -45.71
C THR F 530 35.57 -43.93 -45.49
N THR F 531 36.77 -44.34 -45.05
CA THR F 531 37.01 -45.76 -44.79
C THR F 531 36.02 -46.33 -43.78
N PHE F 532 35.59 -45.54 -42.80
CA PHE F 532 34.91 -46.07 -41.64
C PHE F 532 33.48 -46.53 -41.94
N TYR F 533 32.71 -45.72 -42.68
CA TYR F 533 31.34 -46.07 -43.05
C TYR F 533 31.15 -46.14 -44.57
N MET F 534 32.22 -46.47 -45.28
CA MET F 534 32.16 -46.78 -46.70
C MET F 534 31.81 -48.24 -46.89
N ALA F 535 32.23 -49.08 -45.95
CA ALA F 535 32.03 -50.52 -45.97
C ALA F 535 30.61 -50.88 -45.54
N ASP F 556 35.40 -48.18 -35.96
CA ASP F 556 35.02 -48.70 -34.65
C ASP F 556 35.47 -47.78 -33.52
N LYS F 557 36.42 -48.30 -32.73
CA LYS F 557 36.80 -47.75 -31.46
C LYS F 557 38.05 -46.87 -31.59
N GLU F 558 39.01 -47.30 -32.42
CA GLU F 558 40.08 -46.39 -32.81
C GLU F 558 39.53 -45.17 -33.54
N TYR F 559 38.46 -45.37 -34.33
CA TYR F 559 37.86 -44.25 -35.05
C TYR F 559 37.35 -43.17 -34.11
N ARG F 560 36.59 -43.58 -33.09
CA ARG F 560 36.13 -42.61 -32.09
C ARG F 560 37.31 -41.96 -31.41
N GLU F 561 38.34 -42.74 -31.14
CA GLU F 561 39.49 -42.21 -30.41
C GLU F 561 40.14 -41.10 -31.24
N HIS F 562 40.29 -41.35 -32.54
CA HIS F 562 40.84 -40.38 -33.47
C HIS F 562 39.97 -39.14 -33.58
N ILE F 563 38.66 -39.32 -33.67
CA ILE F 563 37.76 -38.17 -33.74
C ILE F 563 37.94 -37.28 -32.52
N MET F 564 38.03 -37.90 -31.35
CA MET F 564 38.20 -37.10 -30.13
C MET F 564 39.55 -36.40 -30.11
N THR F 565 40.61 -37.07 -30.57
CA THR F 565 41.91 -36.40 -30.63
C THR F 565 41.88 -35.21 -31.58
N ALA F 566 41.27 -35.38 -32.75
CA ALA F 566 41.16 -34.28 -33.71
C ALA F 566 40.34 -33.14 -33.15
N ILE F 567 39.28 -33.45 -32.40
CA ILE F 567 38.46 -32.40 -31.78
C ILE F 567 39.30 -31.60 -30.79
N GLU F 568 40.09 -32.31 -29.96
CA GLU F 568 40.85 -31.61 -28.93
C GLU F 568 41.84 -30.60 -29.51
N LYS F 569 42.27 -30.79 -30.77
CA LYS F 569 43.30 -29.91 -31.32
C LYS F 569 42.72 -28.65 -31.94
N VAL F 570 41.39 -28.57 -32.10
CA VAL F 570 40.76 -27.36 -32.64
C VAL F 570 39.72 -26.90 -31.62
N PRO F 571 40.08 -25.99 -30.71
CA PRO F 571 39.10 -25.52 -29.72
C PRO F 571 37.83 -24.96 -30.34
N ALA F 572 37.92 -24.30 -31.49
CA ALA F 572 36.73 -23.75 -32.13
C ALA F 572 35.74 -24.85 -32.50
N LEU F 573 36.24 -26.01 -32.94
CA LEU F 573 35.36 -27.12 -33.26
C LEU F 573 34.64 -27.62 -32.02
N GLN F 574 35.36 -27.83 -30.92
CA GLN F 574 34.72 -28.01 -29.62
C GLN F 574 33.60 -27.00 -29.38
N ALA F 575 33.89 -25.71 -29.50
CA ALA F 575 32.92 -24.70 -29.14
C ALA F 575 31.68 -24.81 -30.02
N TYR F 576 31.88 -25.05 -31.31
CA TYR F 576 30.76 -25.18 -32.23
C TYR F 576 29.91 -26.41 -31.90
N LEU F 577 30.57 -27.55 -31.67
CA LEU F 577 29.82 -28.77 -31.35
C LEU F 577 29.10 -28.65 -30.02
N GLU F 578 29.67 -27.87 -29.09
CA GLU F 578 29.03 -27.67 -27.79
C GLU F 578 27.85 -26.72 -27.88
N LEU F 579 27.92 -25.72 -28.75
CA LEU F 579 26.76 -24.87 -29.00
C LEU F 579 25.57 -25.69 -29.46
N VAL F 580 25.71 -26.33 -30.63
CA VAL F 580 24.72 -27.30 -31.09
C VAL F 580 25.16 -28.63 -30.48
N ASN F 581 24.68 -28.89 -29.27
CA ASN F 581 25.18 -30.02 -28.51
C ASN F 581 25.04 -31.31 -29.30
N ALA F 582 23.81 -31.74 -29.57
CA ALA F 582 23.57 -32.82 -30.52
C ALA F 582 22.35 -32.62 -31.39
N GLN F 583 21.60 -31.53 -31.22
CA GLN F 583 20.32 -31.38 -31.89
C GLN F 583 20.00 -29.90 -32.03
N PHE F 584 19.88 -29.42 -33.27
CA PHE F 584 19.35 -28.09 -33.52
C PHE F 584 17.85 -28.10 -33.82
N MET F 585 17.25 -29.28 -33.94
CA MET F 585 15.82 -29.37 -34.09
C MET F 585 15.17 -29.70 -32.76
N PRO F 586 13.95 -29.23 -32.53
CA PRO F 586 13.25 -29.63 -31.30
C PRO F 586 13.13 -31.13 -31.19
N GLN F 587 13.38 -31.66 -29.99
CA GLN F 587 13.27 -33.11 -29.75
C GLN F 587 11.82 -33.42 -29.37
N ASN F 588 10.91 -32.86 -30.16
CA ASN F 588 9.48 -33.12 -30.07
C ASN F 588 8.87 -33.14 -31.47
N PHE F 589 9.71 -32.92 -32.49
CA PHE F 589 9.22 -32.50 -33.78
C PHE F 589 8.51 -33.63 -34.51
N ASN F 590 7.41 -33.28 -35.17
CA ASN F 590 6.61 -34.23 -35.93
C ASN F 590 7.01 -34.11 -37.40
N TYR F 591 7.73 -35.10 -37.89
CA TYR F 591 8.12 -35.16 -39.31
C TYR F 591 7.00 -35.71 -40.18
N ASP F 592 5.89 -36.15 -39.59
CA ASP F 592 4.76 -36.69 -40.34
C ASP F 592 3.52 -35.91 -39.92
N ARG F 593 3.10 -34.97 -40.76
CA ARG F 593 1.94 -34.12 -40.45
C ARG F 593 0.65 -34.82 -40.87
N SER F 594 0.35 -35.91 -40.17
CA SER F 594 -0.88 -36.67 -40.34
C SER F 594 -1.71 -36.75 -39.08
N GLY F 595 -1.07 -36.97 -37.92
CA GLY F 595 -1.78 -37.00 -36.67
C GLY F 595 -0.85 -37.20 -35.48
N SER F 596 -1.01 -36.38 -34.44
CA SER F 596 -0.14 -36.45 -33.27
C SER F 596 1.32 -36.46 -33.72
N ARG F 597 2.16 -37.24 -33.04
CA ARG F 597 3.56 -37.39 -33.42
C ARG F 597 3.90 -38.82 -33.82
N ASP F 598 3.59 -39.80 -32.97
CA ASP F 598 3.95 -41.18 -33.25
C ASP F 598 3.30 -42.07 -32.21
N ASP F 599 3.31 -43.37 -32.50
CA ASP F 599 3.06 -44.40 -31.50
C ASP F 599 4.36 -45.02 -31.01
N ASP F 600 5.15 -45.59 -31.92
CA ASP F 600 6.48 -46.08 -31.62
C ASP F 600 7.43 -45.82 -32.80
N PHE F 601 7.22 -44.72 -33.53
CA PHE F 601 7.90 -44.53 -34.81
C PHE F 601 9.37 -44.17 -34.63
N TYR F 602 9.70 -43.35 -33.64
CA TYR F 602 11.03 -42.78 -33.49
C TYR F 602 11.93 -43.58 -32.56
N LEU F 603 11.60 -44.83 -32.28
CA LEU F 603 12.36 -45.66 -31.36
C LEU F 603 12.85 -46.92 -32.06
N ILE F 604 14.10 -47.29 -31.79
CA ILE F 604 14.75 -48.47 -32.36
C ILE F 604 15.42 -49.24 -31.23
N SER F 605 16.04 -50.37 -31.58
CA SER F 605 16.60 -51.28 -30.59
C SER F 605 18.11 -51.42 -30.71
N TRP F 606 18.63 -51.71 -31.90
CA TRP F 606 20.08 -51.84 -32.11
C TRP F 606 20.66 -52.97 -31.25
N LEU F 607 20.27 -54.19 -31.60
CA LEU F 607 20.47 -55.33 -30.70
C LEU F 607 21.95 -55.71 -30.57
N LYS F 608 22.59 -56.08 -31.68
CA LYS F 608 23.96 -56.59 -31.59
C LYS F 608 24.71 -56.37 -32.89
N ASP F 609 26.03 -56.19 -32.77
CA ASP F 609 26.86 -55.89 -33.93
C ASP F 609 26.85 -57.04 -34.93
N ASP F 610 26.93 -58.28 -34.44
CA ASP F 610 26.98 -59.43 -35.34
C ASP F 610 25.71 -59.59 -36.18
N ASP F 611 24.62 -58.91 -35.80
CA ASP F 611 23.36 -58.99 -36.53
C ASP F 611 22.96 -57.67 -37.16
N LEU F 612 23.74 -56.61 -37.00
CA LEU F 612 23.42 -55.35 -37.67
C LEU F 612 23.55 -55.52 -39.17
N PRO F 613 22.67 -54.89 -39.96
CA PRO F 613 22.79 -54.99 -41.42
C PRO F 613 23.96 -54.16 -41.95
N GLU F 614 24.14 -54.18 -43.27
CA GLU F 614 25.20 -53.38 -43.87
C GLU F 614 24.92 -51.91 -43.67
N TYR F 615 25.98 -51.10 -43.67
CA TYR F 615 25.86 -49.66 -43.65
C TYR F 615 25.21 -49.19 -42.35
N SER F 616 25.32 -50.01 -41.30
CA SER F 616 24.69 -49.69 -40.03
C SER F 616 25.39 -48.52 -39.34
N ARG F 617 26.67 -48.31 -39.62
CA ARG F 617 27.36 -47.14 -39.07
C ARG F 617 26.72 -45.85 -39.58
N LEU F 618 26.21 -45.87 -40.82
CA LEU F 618 25.45 -44.73 -41.31
C LEU F 618 24.21 -44.50 -40.46
N PHE F 619 23.49 -45.58 -40.14
CA PHE F 619 22.32 -45.46 -39.29
C PHE F 619 22.74 -45.51 -37.83
N LYS F 620 23.80 -44.77 -37.51
CA LYS F 620 24.17 -44.44 -36.14
C LYS F 620 24.63 -43.00 -36.00
N SER F 621 25.07 -42.36 -37.08
CA SER F 621 25.53 -40.99 -37.07
C SER F 621 24.64 -40.05 -37.86
N LEU F 622 23.62 -40.56 -38.54
CA LEU F 622 22.68 -39.76 -39.31
C LEU F 622 21.41 -39.41 -38.54
N PHE F 623 20.91 -40.34 -37.72
CA PHE F 623 19.61 -40.19 -37.09
C PHE F 623 19.61 -40.46 -35.60
N LEU F 624 20.75 -40.80 -35.00
CA LEU F 624 20.80 -41.52 -33.74
C LEU F 624 21.75 -40.84 -32.76
N ASN F 625 21.57 -39.53 -32.57
CA ASN F 625 22.51 -38.67 -31.85
C ASN F 625 22.65 -38.99 -30.36
N SER F 626 22.06 -39.99 -29.72
CA SER F 626 22.23 -40.20 -28.28
C SER F 626 22.45 -41.67 -28.00
N GLU F 627 23.04 -41.94 -26.82
CA GLU F 627 23.24 -43.30 -26.32
C GLU F 627 22.69 -43.35 -24.89
N VAL F 628 21.37 -43.53 -24.78
CA VAL F 628 20.69 -43.68 -23.50
C VAL F 628 19.45 -44.53 -23.72
N ALA F 629 18.82 -44.96 -22.62
CA ALA F 629 17.67 -45.84 -22.70
C ALA F 629 16.45 -45.17 -23.32
N ALA F 630 16.45 -43.86 -23.46
CA ALA F 630 15.32 -43.14 -24.03
C ALA F 630 14.03 -43.43 -23.25
N PHE F 645 22.01 -41.02 -12.73
CA PHE F 645 21.08 -40.50 -13.73
C PHE F 645 20.96 -38.98 -13.63
N ARG F 646 21.99 -38.33 -13.07
CA ARG F 646 21.94 -36.91 -12.79
C ARG F 646 22.98 -36.07 -13.53
N TYR F 647 24.15 -36.62 -13.82
CA TYR F 647 25.29 -35.87 -14.32
C TYR F 647 25.67 -36.35 -15.71
N ARG F 648 24.66 -36.47 -16.58
CA ARG F 648 24.78 -37.28 -17.77
C ARG F 648 24.60 -36.46 -19.04
N ASN F 649 25.51 -36.70 -19.99
CA ASN F 649 25.59 -35.88 -21.19
C ASN F 649 24.34 -36.05 -22.05
N LEU F 650 23.87 -37.28 -22.17
CA LEU F 650 22.59 -37.62 -22.82
C LEU F 650 22.63 -37.37 -24.32
N TYR F 651 23.66 -36.71 -24.83
CA TYR F 651 23.71 -36.34 -26.24
C TYR F 651 24.96 -36.84 -26.95
N SER F 652 26.15 -36.55 -26.44
CA SER F 652 27.39 -37.15 -26.94
C SER F 652 27.47 -37.10 -28.47
N TYR F 653 27.61 -35.87 -28.98
CA TYR F 653 27.71 -35.69 -30.44
C TYR F 653 28.82 -36.53 -31.07
N LEU F 654 29.66 -37.17 -30.28
CA LEU F 654 30.72 -38.02 -30.80
C LEU F 654 30.15 -39.32 -31.34
N PRO F 655 30.95 -40.10 -32.07
CA PRO F 655 30.51 -41.44 -32.46
C PRO F 655 30.11 -42.25 -31.23
N LEU F 656 29.03 -43.00 -31.36
CA LEU F 656 28.33 -43.60 -30.24
C LEU F 656 28.51 -45.12 -30.26
N GLN F 657 28.66 -45.72 -29.08
CA GLN F 657 28.81 -47.16 -28.98
C GLN F 657 27.57 -47.62 -28.21
N LEU F 658 26.65 -48.29 -28.90
CA LEU F 658 25.36 -48.61 -28.31
C LEU F 658 25.37 -50.03 -27.75
N THR F 659 24.62 -50.25 -26.68
CA THR F 659 24.55 -51.55 -26.05
C THR F 659 23.34 -52.31 -26.57
N SER F 660 23.24 -53.57 -26.16
CA SER F 660 22.26 -54.47 -26.71
C SER F 660 20.89 -54.27 -26.08
N ALA F 661 19.85 -54.34 -26.91
CA ALA F 661 18.45 -54.33 -26.46
C ALA F 661 18.15 -53.08 -25.64
N THR F 662 18.35 -51.92 -26.27
CA THR F 662 18.08 -50.64 -25.64
C THR F 662 17.34 -49.75 -26.63
N PHE F 663 16.29 -49.07 -26.13
CA PHE F 663 15.51 -48.18 -26.95
C PHE F 663 16.25 -46.87 -27.16
N TYR F 664 16.34 -46.43 -28.41
CA TYR F 664 17.02 -45.18 -28.77
C TYR F 664 16.11 -44.34 -29.64
N LYS F 665 16.12 -43.03 -29.39
CA LYS F 665 15.30 -42.10 -30.14
C LYS F 665 16.03 -41.63 -31.39
N ILE F 666 15.25 -41.30 -32.42
CA ILE F 666 15.78 -40.90 -33.72
C ILE F 666 15.57 -39.41 -33.96
N ASP F 667 16.59 -38.75 -34.48
CA ASP F 667 16.51 -37.36 -34.90
C ASP F 667 17.01 -37.26 -36.33
N PHE F 668 16.11 -36.95 -37.26
CA PHE F 668 16.42 -37.05 -38.68
C PHE F 668 17.47 -36.06 -39.15
N LEU F 669 17.63 -34.92 -38.47
CA LEU F 669 18.48 -33.84 -38.92
C LEU F 669 19.72 -33.66 -38.05
N ALA F 670 20.32 -34.77 -37.60
CA ALA F 670 21.51 -34.72 -36.77
C ALA F 670 22.81 -34.84 -37.56
N PHE F 671 22.74 -35.14 -38.86
CA PHE F 671 23.97 -35.45 -39.60
C PHE F 671 24.91 -34.25 -39.66
N ALA F 672 24.37 -33.05 -39.86
CA ALA F 672 25.21 -31.88 -40.11
C ALA F 672 26.01 -31.47 -38.89
N ILE F 673 25.67 -31.96 -37.71
CA ILE F 673 26.23 -31.48 -36.45
C ILE F 673 27.00 -32.58 -35.72
N LYS F 674 27.22 -33.72 -36.37
CA LYS F 674 28.10 -34.74 -35.81
C LYS F 674 29.54 -34.38 -36.13
N ALA F 675 30.43 -34.65 -35.17
CA ALA F 675 31.82 -34.20 -35.31
C ALA F 675 32.46 -34.73 -36.59
N ASP F 676 32.39 -36.04 -36.80
CA ASP F 676 33.04 -36.64 -37.96
C ASP F 676 32.41 -36.15 -39.26
N LEU F 677 31.09 -36.12 -39.33
CA LEU F 677 30.42 -35.67 -40.55
C LEU F 677 30.67 -34.19 -40.79
N LEU F 678 30.65 -33.39 -39.73
CA LEU F 678 30.94 -31.96 -39.88
C LEU F 678 32.33 -31.74 -40.45
N MET F 679 33.32 -32.47 -39.93
CA MET F 679 34.70 -32.28 -40.40
C MET F 679 34.89 -32.84 -41.80
N TYR F 680 34.19 -33.93 -42.13
CA TYR F 680 34.16 -34.39 -43.52
C TYR F 680 33.66 -33.28 -44.43
N ASN F 681 32.55 -32.65 -44.04
CA ASN F 681 31.97 -31.59 -44.86
C ASN F 681 32.89 -30.38 -44.95
N VAL F 682 33.56 -30.04 -43.85
CA VAL F 682 34.48 -28.90 -43.86
C VAL F 682 35.62 -29.15 -44.83
N VAL F 683 36.22 -30.33 -44.76
CA VAL F 683 37.33 -30.64 -45.66
C VAL F 683 36.85 -30.70 -47.11
N ARG F 684 35.65 -31.25 -47.33
CA ARG F 684 35.09 -31.25 -48.68
C ARG F 684 34.90 -29.83 -49.20
N PHE F 685 34.38 -28.95 -48.35
CA PHE F 685 34.12 -27.57 -48.75
C PHE F 685 35.41 -26.85 -49.08
N VAL F 686 36.45 -27.01 -48.26
CA VAL F 686 37.69 -26.31 -48.50
C VAL F 686 38.42 -26.86 -49.72
N GLU F 687 38.49 -28.19 -49.82
CA GLU F 687 39.31 -28.81 -50.86
C GLU F 687 38.61 -28.80 -52.21
N GLU F 688 37.45 -29.47 -52.30
CA GLU F 688 36.77 -29.60 -53.58
C GLU F 688 36.22 -28.25 -54.02
N GLU F 689 36.40 -27.93 -55.31
CA GLU F 689 35.92 -26.69 -55.90
C GLU F 689 35.13 -27.04 -57.15
N GLY F 690 33.85 -27.33 -56.98
CA GLY F 690 32.95 -27.59 -58.09
C GLY F 690 31.84 -26.58 -58.16
N ASP F 691 30.62 -27.01 -57.85
CA ASP F 691 29.47 -26.11 -57.79
C ASP F 691 28.61 -26.32 -56.55
N THR F 692 28.76 -27.43 -55.84
CA THR F 692 28.01 -27.69 -54.61
C THR F 692 28.81 -27.26 -53.40
N ILE F 693 28.10 -26.99 -52.31
CA ILE F 693 28.69 -26.65 -51.02
C ILE F 693 28.01 -27.52 -49.97
N PRO F 694 28.74 -28.21 -49.10
CA PRO F 694 28.10 -28.99 -48.05
C PRO F 694 27.28 -28.09 -47.14
N TYR F 695 26.16 -28.63 -46.66
CA TYR F 695 25.33 -27.88 -45.74
C TYR F 695 26.02 -27.75 -44.39
N PHE F 696 26.04 -26.53 -43.85
CA PHE F 696 26.59 -26.25 -42.54
C PHE F 696 25.52 -25.58 -41.69
N MET F 697 25.42 -26.03 -40.43
CA MET F 697 24.46 -25.47 -39.49
C MET F 697 25.06 -24.21 -38.88
N SER F 698 24.91 -23.09 -39.60
CA SER F 698 25.44 -21.81 -39.18
C SER F 698 24.37 -20.75 -38.96
N ASN F 699 23.12 -21.03 -39.29
CA ASN F 699 22.02 -20.09 -39.18
C ASN F 699 20.83 -20.79 -38.56
N MET F 700 20.24 -20.19 -37.52
CA MET F 700 19.05 -20.77 -36.92
C MET F 700 17.82 -20.57 -37.77
N PHE F 701 17.79 -19.53 -38.62
CA PHE F 701 16.69 -19.38 -39.55
C PHE F 701 16.60 -20.56 -40.51
N HIS F 702 17.71 -21.31 -40.66
CA HIS F 702 17.63 -22.62 -41.29
C HIS F 702 16.68 -23.53 -40.53
N ILE F 703 16.68 -23.43 -39.20
CA ILE F 703 15.74 -24.21 -38.39
C ILE F 703 14.32 -23.71 -38.64
N ASP F 704 14.16 -22.40 -38.80
CA ASP F 704 12.86 -21.86 -39.21
C ASP F 704 12.37 -22.54 -40.48
N VAL F 705 13.24 -22.66 -41.48
CA VAL F 705 12.84 -23.33 -42.71
C VAL F 705 12.56 -24.80 -42.46
N PHE F 706 13.39 -25.45 -41.63
CA PHE F 706 13.27 -26.88 -41.41
C PHE F 706 11.93 -27.23 -40.79
N VAL F 707 11.50 -26.48 -39.78
CA VAL F 707 10.22 -26.77 -39.15
C VAL F 707 9.06 -26.52 -40.11
N ARG F 708 9.27 -25.72 -41.15
CA ARG F 708 8.23 -25.47 -42.14
C ARG F 708 8.16 -26.54 -43.22
N HIS F 709 9.18 -27.39 -43.34
CA HIS F 709 9.24 -28.35 -44.41
C HIS F 709 8.18 -29.44 -44.23
N ASN F 710 7.79 -30.05 -45.34
CA ASN F 710 6.69 -31.02 -45.34
C ASN F 710 7.13 -32.36 -44.77
N TYR F 711 8.12 -32.99 -45.38
CA TYR F 711 8.68 -34.29 -45.01
C TYR F 711 7.75 -35.45 -45.36
N ASN F 712 6.65 -35.21 -46.07
CA ASN F 712 5.78 -36.29 -46.52
C ASN F 712 4.99 -35.87 -47.75
N GLY F 718 7.98 -46.98 -46.18
CA GLY F 718 7.51 -45.92 -47.07
C GLY F 718 7.65 -44.56 -46.42
N LYS F 719 7.06 -44.42 -45.22
CA LYS F 719 7.14 -43.16 -44.50
C LYS F 719 8.58 -42.81 -44.16
N PHE F 720 9.29 -43.74 -43.54
CA PHE F 720 10.68 -43.49 -43.15
C PHE F 720 11.55 -43.23 -44.37
N ALA F 721 11.34 -43.99 -45.45
CA ALA F 721 12.16 -43.78 -46.64
C ALA F 721 11.95 -42.39 -47.22
N TYR F 722 10.70 -41.94 -47.29
CA TYR F 722 10.43 -40.60 -47.83
C TYR F 722 11.02 -39.52 -46.94
N ILE F 723 10.89 -39.65 -45.62
CA ILE F 723 11.48 -38.65 -44.73
C ILE F 723 12.99 -38.64 -44.89
N ALA F 724 13.62 -39.82 -44.97
CA ALA F 724 15.07 -39.88 -45.14
C ALA F 724 15.49 -39.24 -46.45
N LYS F 725 14.74 -39.49 -47.53
CA LYS F 725 15.07 -38.86 -48.81
C LYS F 725 14.94 -37.34 -48.72
N GLN F 726 13.92 -36.86 -48.01
CA GLN F 726 13.78 -35.42 -47.81
C GLN F 726 15.00 -34.86 -47.08
N ILE F 727 15.48 -35.59 -46.07
CA ILE F 727 16.68 -35.16 -45.35
C ILE F 727 17.87 -35.13 -46.28
N VAL F 728 18.03 -36.16 -47.12
CA VAL F 728 19.19 -36.24 -47.99
C VAL F 728 19.04 -35.34 -49.20
N PHE F 729 17.88 -35.36 -49.85
CA PHE F 729 17.69 -34.71 -51.15
C PHE F 729 16.59 -33.66 -51.16
N GLY F 730 15.46 -33.93 -50.52
CA GLY F 730 14.31 -33.05 -50.70
C GLY F 730 14.55 -31.64 -50.20
N LEU F 731 15.20 -31.51 -49.05
CA LEU F 731 15.43 -30.18 -48.47
C LEU F 731 16.38 -29.33 -49.31
N TRP F 732 17.06 -29.91 -50.28
CA TRP F 732 18.11 -29.22 -51.01
C TRP F 732 17.83 -29.23 -52.52
N TRP F 745 11.70 -18.70 -48.34
CA TRP F 745 11.93 -19.77 -47.37
C TRP F 745 13.29 -20.42 -47.59
N TYR F 746 13.39 -21.22 -48.64
CA TYR F 746 14.59 -21.98 -48.93
C TYR F 746 15.73 -21.12 -49.43
N LYS F 747 15.46 -19.86 -49.79
CA LYS F 747 16.52 -18.95 -50.19
C LYS F 747 17.51 -18.69 -49.06
N SER F 748 17.16 -19.02 -47.82
CA SER F 748 18.11 -18.90 -46.72
C SER F 748 19.22 -19.94 -46.79
N PHE F 749 19.10 -20.94 -47.68
CA PHE F 749 20.17 -21.90 -47.92
C PHE F 749 21.07 -21.48 -49.07
N ASP F 750 20.98 -20.22 -49.52
CA ASP F 750 21.66 -19.82 -50.75
C ASP F 750 23.18 -19.94 -50.61
N THR F 751 23.74 -19.38 -49.54
CA THR F 751 25.18 -19.41 -49.31
C THR F 751 25.91 -18.55 -50.33
N VAL F 752 26.99 -17.89 -49.90
CA VAL F 752 27.76 -17.03 -50.82
C VAL F 752 28.79 -17.80 -51.62
N PHE F 753 29.02 -19.07 -51.32
CA PHE F 753 30.08 -19.84 -51.93
C PHE F 753 29.62 -20.75 -53.06
N GLY F 754 28.35 -21.13 -53.10
CA GLY F 754 27.88 -22.10 -54.07
C GLY F 754 26.48 -21.77 -54.56
N THR F 755 26.09 -22.50 -55.61
CA THR F 755 24.76 -22.38 -56.19
C THR F 755 23.74 -23.24 -55.46
N LYS F 756 24.07 -24.50 -55.17
CA LYS F 756 23.17 -25.43 -54.51
C LYS F 756 23.80 -25.80 -53.18
N ILE F 757 23.14 -26.67 -52.43
CA ILE F 757 23.69 -27.16 -51.18
C ILE F 757 23.47 -28.66 -51.11
N GLU F 758 24.56 -29.40 -50.94
CA GLU F 758 24.49 -30.81 -50.63
C GLU F 758 24.24 -30.99 -49.13
N ALA F 759 24.02 -32.23 -48.71
CA ALA F 759 23.89 -32.57 -47.31
C ALA F 759 25.13 -33.29 -46.78
N LEU F 760 25.56 -34.34 -47.48
CA LEU F 760 26.79 -35.05 -47.12
C LEU F 760 27.23 -35.80 -48.36
N HIS F 761 28.35 -35.38 -48.95
CA HIS F 761 28.73 -35.92 -50.25
C HIS F 761 29.01 -37.42 -50.19
N LEU F 762 29.43 -37.92 -49.03
CA LEU F 762 29.78 -39.33 -48.95
C LEU F 762 28.57 -40.22 -49.21
N LEU F 763 27.38 -39.78 -48.85
CA LEU F 763 26.18 -40.55 -49.17
C LEU F 763 26.07 -40.82 -50.65
N VAL F 764 26.60 -39.91 -51.48
CA VAL F 764 26.66 -40.17 -52.92
C VAL F 764 27.54 -41.38 -53.20
N ASP F 765 28.76 -41.37 -52.68
CA ASP F 765 29.69 -42.47 -52.94
C ASP F 765 29.12 -43.78 -52.44
N ILE F 766 28.54 -43.78 -51.23
CA ILE F 766 27.92 -44.98 -50.72
C ILE F 766 26.86 -45.49 -51.69
N ALA F 767 26.04 -44.59 -52.22
CA ALA F 767 25.03 -45.00 -53.19
C ALA F 767 25.67 -45.74 -54.36
N GLU F 768 26.83 -45.24 -54.82
CA GLU F 768 27.53 -45.91 -55.90
C GLU F 768 27.75 -47.38 -55.59
N GLN F 769 28.23 -47.69 -54.38
CA GLN F 769 28.49 -49.07 -54.04
C GLN F 769 27.21 -49.89 -54.10
N ILE F 770 26.08 -49.30 -53.74
CA ILE F 770 24.81 -50.01 -53.85
C ILE F 770 24.56 -50.39 -55.30
N LYS F 771 24.83 -49.48 -56.24
CA LYS F 771 24.69 -49.83 -57.65
C LYS F 771 25.54 -51.04 -58.00
N ILE F 772 26.72 -51.16 -57.40
CA ILE F 772 27.56 -52.32 -57.67
C ILE F 772 26.95 -53.57 -57.08
N SER F 773 26.32 -53.45 -55.91
CA SER F 773 25.73 -54.61 -55.24
C SER F 773 24.42 -55.05 -55.87
N ASP F 774 23.84 -54.27 -56.78
CA ASP F 774 22.59 -54.64 -57.43
C ASP F 774 22.72 -54.52 -58.95
N GLU F 786 19.53 -33.97 -62.83
CA GLU F 786 18.92 -34.03 -61.51
C GLU F 786 18.42 -35.43 -61.20
N GLN F 787 18.11 -36.17 -62.27
CA GLN F 787 17.54 -37.51 -62.11
C GLN F 787 18.52 -38.45 -61.41
N LYS F 788 19.81 -38.36 -61.76
CA LYS F 788 20.80 -39.24 -61.14
C LYS F 788 20.95 -38.94 -59.65
N ARG F 789 21.00 -37.65 -59.27
CA ARG F 789 21.07 -37.32 -57.85
C ARG F 789 19.83 -37.82 -57.11
N ASP F 790 18.66 -37.67 -57.71
CA ASP F 790 17.45 -38.17 -57.09
C ASP F 790 17.49 -39.69 -56.90
N GLU F 791 17.97 -40.41 -57.92
CA GLU F 791 18.02 -41.87 -57.85
C GLU F 791 19.00 -42.35 -56.79
N GLN F 792 20.17 -41.73 -56.71
CA GLN F 792 21.13 -42.10 -55.67
C GLN F 792 20.58 -41.81 -54.28
N ALA F 793 19.98 -40.62 -54.10
CA ALA F 793 19.40 -40.28 -52.80
C ALA F 793 18.32 -41.29 -52.42
N LYS F 794 17.50 -41.70 -53.39
CA LYS F 794 16.58 -42.81 -53.13
C LYS F 794 17.28 -44.06 -52.66
N LYS F 795 18.33 -44.48 -53.36
CA LYS F 795 18.99 -45.70 -52.92
C LYS F 795 19.37 -45.60 -51.46
N VAL F 796 19.92 -44.46 -51.08
CA VAL F 796 20.36 -44.28 -49.71
C VAL F 796 19.17 -44.29 -48.75
N ALA F 797 18.06 -43.68 -49.15
CA ALA F 797 16.87 -43.66 -48.29
C ALA F 797 16.28 -45.05 -48.11
N GLU F 798 16.17 -45.82 -49.20
CA GLU F 798 15.77 -47.23 -49.16
C GLU F 798 16.68 -48.07 -48.27
N LYS F 799 17.99 -47.93 -48.41
CA LYS F 799 18.89 -48.70 -47.56
C LYS F 799 18.70 -48.32 -46.09
N LEU F 800 18.57 -47.02 -45.82
CA LEU F 800 18.36 -46.58 -44.44
C LEU F 800 17.03 -47.07 -43.89
N ALA F 801 15.99 -47.08 -44.73
CA ALA F 801 14.69 -47.59 -44.29
C ALA F 801 14.74 -49.08 -44.02
N ALA F 802 15.48 -49.83 -44.84
CA ALA F 802 15.66 -51.25 -44.56
C ALA F 802 16.36 -51.46 -43.23
N ILE F 803 17.40 -50.68 -42.97
CA ILE F 803 18.08 -50.77 -41.68
C ILE F 803 17.11 -50.43 -40.55
N TYR F 804 16.31 -49.37 -40.73
CA TYR F 804 15.38 -48.93 -39.70
C TYR F 804 14.36 -50.02 -39.39
N HIS F 805 13.80 -50.65 -40.43
CA HIS F 805 12.82 -51.71 -40.22
C HIS F 805 13.45 -52.94 -39.59
N HIS F 806 14.70 -53.24 -39.95
CA HIS F 806 15.37 -54.40 -39.38
C HIS F 806 15.56 -54.25 -37.88
N ILE F 807 15.94 -53.05 -37.42
CA ILE F 807 16.24 -52.84 -36.01
C ILE F 807 14.99 -52.42 -35.26
N GLY F 808 13.83 -52.51 -35.91
CA GLY F 808 12.57 -52.28 -35.22
C GLY F 808 12.19 -53.45 -34.34
N MET F 809 11.43 -53.15 -33.29
CA MET F 809 11.05 -54.19 -32.33
C MET F 809 10.10 -55.20 -32.96
N SER F 810 9.34 -54.76 -33.97
CA SER F 810 8.36 -55.64 -34.61
C SER F 810 9.06 -56.80 -35.30
N ARG F 811 10.20 -56.51 -35.96
CA ARG F 811 11.00 -57.54 -36.61
C ARG F 811 11.77 -58.38 -35.59
N ILE F 812 12.35 -57.72 -34.58
CA ILE F 812 13.19 -58.43 -33.62
C ILE F 812 12.38 -59.47 -32.87
N LEU F 813 11.17 -59.12 -32.43
CA LEU F 813 10.30 -60.04 -31.72
C LEU F 813 9.40 -60.85 -32.66
N SER F 814 9.69 -60.82 -33.96
CA SER F 814 8.84 -61.54 -34.92
C SER F 814 8.88 -63.04 -34.67
N ARG F 815 10.01 -63.57 -34.21
CA ARG F 815 10.13 -65.00 -33.96
C ARG F 815 9.54 -65.42 -32.62
N LEU F 816 9.27 -64.47 -31.73
CA LEU F 816 8.65 -64.79 -30.45
C LEU F 816 7.13 -64.87 -30.52
N HIS F 817 6.54 -64.57 -31.66
CA HIS F 817 5.11 -64.78 -31.82
C HIS F 817 4.80 -66.27 -31.78
N GLN F 818 3.53 -66.57 -31.48
CA GLN F 818 3.02 -67.93 -31.29
C GLN F 818 3.52 -68.56 -30.00
N LEU F 819 4.25 -67.82 -29.17
CA LEU F 819 4.74 -68.32 -27.89
C LEU F 819 3.95 -67.67 -26.76
N PRO F 820 3.24 -68.44 -25.94
CA PRO F 820 2.50 -67.82 -24.83
C PRO F 820 3.43 -67.16 -23.83
N PHE F 821 2.95 -66.06 -23.25
CA PHE F 821 3.69 -65.32 -22.25
C PHE F 821 2.75 -64.89 -21.13
N ILE F 822 3.32 -64.71 -19.95
CA ILE F 822 2.57 -64.13 -18.84
C ILE F 822 2.27 -62.67 -19.15
N ALA F 823 1.14 -62.19 -18.64
CA ALA F 823 0.72 -60.83 -18.97
C ALA F 823 1.40 -59.79 -18.09
N GLU F 824 2.73 -59.86 -17.97
CA GLU F 824 3.52 -58.74 -17.46
C GLU F 824 4.77 -58.48 -18.28
N ILE F 825 5.29 -59.48 -19.00
CA ILE F 825 6.52 -59.31 -19.78
C ILE F 825 6.27 -58.70 -21.15
N LYS F 826 5.02 -58.65 -21.60
CA LYS F 826 4.73 -58.01 -22.89
C LYS F 826 5.11 -56.54 -22.87
N SER F 827 5.09 -55.91 -21.69
CA SER F 827 5.56 -54.54 -21.52
C SER F 827 7.03 -54.46 -21.10
N ASN F 828 7.81 -55.48 -21.44
CA ASN F 828 9.23 -55.59 -21.10
C ASN F 828 10.03 -55.99 -22.33
N LYS F 829 9.82 -55.23 -23.41
CA LYS F 829 10.33 -55.65 -24.72
C LYS F 829 11.84 -55.89 -24.70
N GLU F 830 12.57 -55.22 -23.82
CA GLU F 830 14.01 -55.45 -23.74
C GLU F 830 14.32 -56.89 -23.33
N LEU F 831 13.61 -57.40 -22.32
CA LEU F 831 13.83 -58.77 -21.88
C LEU F 831 13.40 -59.76 -22.96
N LEU F 832 12.33 -59.45 -23.68
CA LEU F 832 11.91 -60.32 -24.79
C LEU F 832 12.96 -60.35 -25.89
N GLN F 833 13.57 -59.20 -26.19
CA GLN F 833 14.64 -59.16 -27.17
C GLN F 833 15.84 -59.98 -26.71
N HIS F 834 16.19 -59.85 -25.43
CA HIS F 834 17.25 -60.69 -24.88
C HIS F 834 16.92 -62.17 -25.02
N PHE F 835 15.65 -62.53 -24.81
CA PHE F 835 15.23 -63.92 -24.93
C PHE F 835 15.34 -64.41 -26.37
N SER F 836 14.96 -63.57 -27.33
CA SER F 836 15.14 -63.93 -28.74
C SER F 836 16.62 -64.16 -29.04
N GLU F 837 17.46 -63.25 -28.56
CA GLU F 837 18.89 -63.38 -28.80
C GLU F 837 19.42 -64.67 -28.21
N ALA F 838 18.97 -65.00 -27.00
CA ALA F 838 19.41 -66.25 -26.37
C ALA F 838 18.94 -67.45 -27.15
N ILE F 839 17.74 -67.40 -27.73
CA ILE F 839 17.25 -68.51 -28.55
C ILE F 839 18.17 -68.72 -29.75
N VAL F 840 18.46 -67.63 -30.48
CA VAL F 840 19.34 -67.76 -31.63
C VAL F 840 20.72 -68.25 -31.20
N LYS F 841 21.24 -67.71 -30.10
CA LYS F 841 22.57 -68.06 -29.63
C LYS F 841 22.66 -69.51 -29.20
N LEU F 842 21.58 -70.04 -28.62
CA LEU F 842 21.56 -71.44 -28.24
C LEU F 842 21.49 -72.34 -29.46
N GLU F 843 20.69 -71.96 -30.47
CA GLU F 843 20.57 -72.82 -31.63
C GLU F 843 21.74 -72.69 -32.60
N LYS F 844 22.59 -71.67 -32.46
CA LYS F 844 23.75 -71.56 -33.34
C LYS F 844 24.93 -72.39 -32.86
N TYR F 845 25.07 -72.64 -31.56
CA TYR F 845 26.16 -73.47 -31.06
C TYR F 845 25.85 -74.96 -31.08
N ALA F 846 24.57 -75.33 -31.16
CA ALA F 846 24.17 -76.73 -31.22
C ALA F 846 23.58 -77.13 -32.56
N SER F 847 23.09 -76.17 -33.36
CA SER F 847 22.52 -76.45 -34.67
C SER F 847 21.37 -77.45 -34.56
N ASP F 848 20.32 -77.03 -33.84
CA ASP F 848 19.16 -77.86 -33.62
C ASP F 848 17.85 -77.24 -34.09
N THR F 849 17.86 -75.98 -34.51
CA THR F 849 16.69 -75.33 -35.10
C THR F 849 15.50 -75.36 -34.14
N ILE F 850 15.67 -74.64 -33.03
CA ILE F 850 14.63 -74.55 -31.99
C ILE F 850 13.33 -74.11 -32.62
N ASN F 851 12.29 -74.94 -32.48
CA ASN F 851 10.98 -74.61 -33.00
C ASN F 851 10.25 -73.69 -32.03
N VAL F 852 9.54 -72.70 -32.58
CA VAL F 852 8.81 -71.73 -31.76
C VAL F 852 7.36 -71.65 -32.22
N GLY F 853 6.86 -72.74 -32.80
CA GLY F 853 5.46 -72.77 -33.20
C GLY F 853 4.51 -72.64 -32.03
N ASN F 854 4.89 -73.18 -30.88
CA ASN F 854 4.13 -73.05 -29.65
C ASN F 854 5.03 -73.52 -28.50
N LEU F 855 4.49 -73.47 -27.28
CA LEU F 855 5.28 -73.89 -26.14
C LEU F 855 5.63 -75.37 -26.20
N SER F 856 4.76 -76.19 -26.80
CA SER F 856 5.05 -77.62 -26.94
C SER F 856 6.26 -77.83 -27.86
N GLN F 857 6.28 -77.14 -28.99
CA GLN F 857 7.41 -77.25 -29.90
C GLN F 857 8.70 -76.74 -29.26
N PHE F 858 8.61 -75.62 -28.55
CA PHE F 858 9.76 -75.11 -27.83
C PHE F 858 10.28 -76.13 -26.82
N ARG F 859 9.36 -76.80 -26.12
CA ARG F 859 9.75 -77.80 -25.14
C ARG F 859 10.42 -78.99 -25.82
N GLU F 860 9.88 -79.46 -26.95
CA GLU F 860 10.52 -80.59 -27.62
C GLU F 860 11.93 -80.22 -28.05
N SER F 861 12.09 -79.01 -28.62
CA SER F 861 13.41 -78.57 -29.04
C SER F 861 14.36 -78.48 -27.86
N LEU F 862 13.89 -77.95 -26.73
CA LEU F 862 14.75 -77.81 -25.57
C LEU F 862 15.20 -79.17 -25.04
N LYS F 863 14.31 -80.16 -25.06
CA LYS F 863 14.76 -81.49 -24.61
C LYS F 863 15.73 -82.09 -25.60
N LYS F 864 15.50 -81.91 -26.89
CA LYS F 864 16.48 -82.39 -27.86
C LYS F 864 17.85 -81.80 -27.60
N ILE F 865 17.91 -80.51 -27.27
CA ILE F 865 19.19 -79.89 -26.96
C ILE F 865 19.74 -80.42 -25.64
N GLY F 866 18.87 -80.64 -24.65
CA GLY F 866 19.28 -81.12 -23.34
C GLY F 866 19.68 -82.57 -23.31
N GLN F 867 19.39 -83.33 -24.37
CA GLN F 867 19.84 -84.70 -24.44
C GLN F 867 21.36 -84.82 -24.36
N THR F 868 22.08 -83.74 -24.68
CA THR F 868 23.53 -83.70 -24.61
C THR F 868 24.03 -82.72 -23.56
N TYR F 869 23.57 -81.47 -23.59
CA TYR F 869 24.04 -80.46 -22.65
C TYR F 869 23.27 -80.57 -21.34
N PRO F 870 23.94 -80.87 -20.21
CA PRO F 870 23.21 -80.96 -18.94
C PRO F 870 22.56 -79.66 -18.50
N SER F 871 23.09 -78.51 -18.93
CA SER F 871 22.57 -77.22 -18.48
C SER F 871 21.22 -76.89 -19.09
N ILE F 872 20.87 -77.49 -20.21
CA ILE F 872 19.56 -77.24 -20.82
C ILE F 872 18.49 -78.14 -20.19
N GLN F 873 18.89 -79.29 -19.65
CA GLN F 873 17.93 -80.16 -18.99
C GLN F 873 17.32 -79.50 -17.77
N VAL F 874 18.07 -78.61 -17.11
CA VAL F 874 17.53 -77.88 -15.96
C VAL F 874 16.36 -77.00 -16.40
N LEU F 875 16.55 -76.25 -17.49
CA LEU F 875 15.48 -75.43 -18.03
C LEU F 875 14.31 -76.29 -18.48
N VAL F 876 14.60 -77.42 -19.11
CA VAL F 876 13.55 -78.35 -19.52
C VAL F 876 12.71 -78.76 -18.32
N ASP F 877 13.38 -79.19 -17.24
CA ASP F 877 12.67 -79.66 -16.06
C ASP F 877 11.85 -78.56 -15.43
N LYS F 878 12.37 -77.33 -15.39
CA LYS F 878 11.62 -76.24 -14.79
C LYS F 878 10.54 -75.69 -15.73
N LEU F 879 10.50 -76.16 -16.99
CA LEU F 879 9.40 -75.85 -17.90
C LEU F 879 8.51 -77.07 -18.16
N HIS F 880 8.31 -77.93 -17.16
CA HIS F 880 7.55 -79.15 -17.37
C HIS F 880 6.07 -78.84 -17.57
N ARG F 881 5.43 -78.37 -16.50
CA ARG F 881 3.99 -78.27 -16.37
C ARG F 881 3.49 -76.87 -16.67
N LYS F 882 4.39 -75.98 -17.06
CA LYS F 882 4.02 -74.60 -17.31
C LYS F 882 3.27 -74.47 -18.63
N GLN F 883 2.16 -73.73 -18.57
CA GLN F 883 1.33 -73.42 -19.72
C GLN F 883 1.82 -72.22 -20.54
N LYS F 884 2.66 -71.37 -19.96
CA LYS F 884 3.15 -70.19 -20.66
C LYS F 884 4.56 -69.88 -20.19
N LEU F 885 5.18 -68.92 -20.87
CA LEU F 885 6.53 -68.53 -20.53
C LEU F 885 6.50 -67.44 -19.48
N TYR F 886 7.22 -67.72 -18.39
CA TYR F 886 7.24 -66.96 -17.15
C TYR F 886 8.56 -66.21 -17.03
N VAL F 887 8.53 -65.12 -16.28
CA VAL F 887 9.68 -64.22 -16.27
C VAL F 887 10.93 -64.94 -15.77
N GLU F 888 10.81 -65.74 -14.70
CA GLU F 888 12.01 -66.36 -14.15
C GLU F 888 12.59 -67.34 -15.15
N PHE F 889 11.75 -68.10 -15.84
CA PHE F 889 12.26 -69.06 -16.80
C PHE F 889 13.01 -68.36 -17.91
N ILE F 890 12.50 -67.22 -18.37
CA ILE F 890 13.20 -66.47 -19.40
C ILE F 890 14.54 -65.96 -18.87
N GLN F 891 14.57 -65.44 -17.64
CA GLN F 891 15.82 -64.98 -17.07
C GLN F 891 16.83 -66.11 -16.91
N ASP F 892 16.37 -67.28 -16.46
CA ASP F 892 17.22 -68.44 -16.32
C ASP F 892 17.73 -68.92 -17.67
N PHE F 893 16.87 -68.85 -18.69
CA PHE F 893 17.30 -69.16 -20.04
C PHE F 893 18.41 -68.21 -20.49
N ILE F 894 18.24 -66.92 -20.22
CA ILE F 894 19.28 -65.95 -20.57
C ILE F 894 20.59 -66.31 -19.88
N GLU F 895 20.55 -66.56 -18.58
CA GLU F 895 21.75 -66.91 -17.84
C GLU F 895 22.41 -68.17 -18.39
N THR F 896 21.63 -69.24 -18.54
CA THR F 896 22.17 -70.51 -18.99
C THR F 896 22.82 -70.37 -20.37
N VAL F 897 22.12 -69.71 -21.30
CA VAL F 897 22.68 -69.56 -22.64
C VAL F 897 23.91 -68.65 -22.60
N ASN F 898 23.91 -67.64 -21.73
CA ASN F 898 25.06 -66.74 -21.65
C ASN F 898 26.31 -67.47 -21.21
N LYS F 899 26.19 -68.34 -20.19
CA LYS F 899 27.36 -69.06 -19.71
C LYS F 899 27.58 -70.38 -20.44
N LEU F 900 26.78 -70.66 -21.47
CA LEU F 900 26.90 -71.87 -22.28
C LEU F 900 27.97 -71.74 -23.37
N ASN G 28 -14.84 36.83 49.88
CA ASN G 28 -14.86 35.39 49.61
C ASN G 28 -14.21 35.09 48.26
N TYR G 29 -12.92 35.43 48.13
CA TYR G 29 -12.23 35.18 46.88
C TYR G 29 -12.20 33.68 46.59
N ILE G 30 -12.39 33.33 45.33
CA ILE G 30 -12.75 31.96 44.96
C ILE G 30 -11.52 31.11 44.68
N PHE G 31 -10.39 31.75 44.37
CA PHE G 31 -9.09 31.09 44.27
C PHE G 31 -8.26 31.28 45.55
N SER G 32 -8.92 31.38 46.71
CA SER G 32 -8.18 31.67 47.94
C SER G 32 -7.17 30.56 48.23
N SER G 33 -7.58 29.30 48.05
CA SER G 33 -6.68 28.20 48.34
C SER G 33 -5.42 28.27 47.49
N GLN G 34 -5.56 28.59 46.20
CA GLN G 34 -4.41 28.70 45.33
C GLN G 34 -3.49 29.84 45.75
N LEU G 35 -4.07 30.97 46.15
CA LEU G 35 -3.25 32.10 46.62
C LEU G 35 -2.49 31.72 47.89
N ASP G 36 -3.16 31.04 48.83
CA ASP G 36 -2.47 30.60 50.04
C ASP G 36 -1.34 29.63 49.70
N LYS G 37 -1.57 28.73 48.74
CA LYS G 37 -0.52 27.80 48.34
C LYS G 37 0.65 28.51 47.69
N VAL G 38 0.37 29.52 46.87
CA VAL G 38 1.44 30.32 46.28
C VAL G 38 2.28 30.96 47.37
N ASN G 39 1.59 31.52 48.36
CA ASN G 39 2.28 32.20 49.45
C ASN G 39 3.11 31.23 50.28
N LEU G 40 2.61 29.99 50.45
CA LEU G 40 3.38 28.94 51.11
C LEU G 40 4.63 28.59 50.32
N ILE G 41 4.49 28.49 49.00
CA ILE G 41 5.66 28.17 48.18
C ILE G 41 6.69 29.27 48.32
N LEU G 42 6.24 30.53 48.22
CA LEU G 42 7.14 31.69 48.37
C LEU G 42 7.80 31.69 49.74
N GLU G 43 7.01 31.39 50.76
CA GLU G 43 7.55 31.23 52.11
C GLU G 43 8.67 30.19 52.15
N HIS G 44 8.43 28.99 51.58
CA HIS G 44 9.42 27.92 51.68
C HIS G 44 10.73 28.34 51.05
N MET G 45 10.65 28.99 49.87
CA MET G 45 11.86 29.38 49.15
C MET G 45 12.55 30.62 49.73
N ASP G 46 11.83 31.44 50.47
CA ASP G 46 12.45 32.64 51.03
C ASP G 46 13.54 32.30 52.03
N THR G 47 13.44 31.14 52.69
CA THR G 47 14.46 30.76 53.66
C THR G 47 15.80 30.55 52.98
N VAL G 48 15.80 29.90 51.82
CA VAL G 48 17.03 29.62 51.08
C VAL G 48 17.39 30.86 50.26
N GLY G 49 18.61 31.34 50.42
CA GLY G 49 19.08 32.50 49.67
C GLY G 49 20.42 32.26 49.01
N GLY G 50 20.64 31.04 48.53
CA GLY G 50 21.91 30.67 47.94
C GLY G 50 21.86 30.50 46.44
N ILE G 51 21.13 31.38 45.75
CA ILE G 51 21.00 31.31 44.30
C ILE G 51 20.48 29.93 43.93
N HIS G 52 19.19 29.70 44.15
CA HIS G 52 18.56 28.41 43.93
C HIS G 52 17.48 28.53 42.86
N SER G 53 17.22 27.42 42.17
CA SER G 53 16.20 27.39 41.13
C SER G 53 14.83 27.30 41.78
N ARG G 54 13.99 28.31 41.53
CA ARG G 54 12.66 28.36 42.11
C ARG G 54 11.70 28.95 41.09
N ASN G 55 10.70 28.17 40.69
CA ASN G 55 9.72 28.60 39.71
C ASN G 55 8.36 28.05 40.09
N ILE G 56 7.32 28.71 39.59
CA ILE G 56 5.93 28.35 39.87
C ILE G 56 5.20 28.22 38.55
N ALA G 57 4.28 27.25 38.47
CA ALA G 57 3.53 26.98 37.24
C ALA G 57 2.04 26.96 37.57
N ILE G 58 1.32 27.98 37.13
CA ILE G 58 -0.12 28.09 37.35
C ILE G 58 -0.84 27.47 36.16
N THR G 59 -1.81 26.60 36.44
CA THR G 59 -2.58 25.94 35.40
C THR G 59 -4.07 26.04 35.70
N GLY G 60 -4.87 26.09 34.64
CA GLY G 60 -6.31 26.12 34.78
C GLY G 60 -6.96 27.37 34.20
N ASP G 61 -8.17 27.68 34.65
CA ASP G 61 -8.93 28.81 34.13
C ASP G 61 -8.86 29.96 35.12
N ARG G 62 -7.76 30.70 35.06
CA ARG G 62 -7.49 31.83 35.96
C ARG G 62 -7.85 33.17 35.34
N GLY G 63 -9.06 33.34 34.81
CA GLY G 63 -9.32 34.50 33.98
C GLY G 63 -10.71 35.09 34.04
N THR G 64 -11.01 35.92 33.02
CA THR G 64 -12.31 36.53 32.77
C THR G 64 -12.38 37.97 33.31
N GLY G 65 -13.37 38.26 34.15
CA GLY G 65 -13.79 39.64 34.33
C GLY G 65 -12.88 40.53 35.15
N LYS G 66 -12.83 40.30 36.46
CA LYS G 66 -12.06 41.17 37.36
C LYS G 66 -11.37 40.42 38.49
N THR G 67 -11.47 39.10 38.54
CA THR G 67 -10.84 38.30 39.59
C THR G 67 -9.85 37.30 38.99
N SER G 68 -9.21 37.70 37.89
CA SER G 68 -8.19 36.86 37.29
C SER G 68 -7.03 36.64 38.27
N PHE G 69 -6.62 35.38 38.41
CA PHE G 69 -5.64 35.03 39.43
C PHE G 69 -4.31 35.72 39.20
N ILE G 70 -4.00 36.12 37.96
CA ILE G 70 -2.66 36.60 37.65
C ILE G 70 -2.46 38.03 38.12
N GLU G 71 -3.35 38.95 37.73
CA GLU G 71 -3.22 40.33 38.20
C GLU G 71 -3.33 40.37 39.72
N THR G 72 -4.28 39.62 40.24
CA THR G 72 -4.55 39.60 41.68
C THR G 72 -3.34 39.05 42.44
N LEU G 73 -2.71 38.00 41.91
CA LEU G 73 -1.47 37.49 42.48
C LEU G 73 -0.35 38.52 42.39
N LYS G 74 -0.23 39.22 41.26
CA LYS G 74 0.80 40.25 41.11
C LYS G 74 0.65 41.29 42.21
N LEU G 75 -0.58 41.70 42.45
CA LEU G 75 -0.87 42.70 43.48
C LEU G 75 -0.48 42.18 44.87
N VAL G 76 -0.88 40.94 45.17
CA VAL G 76 -0.49 40.31 46.43
C VAL G 76 1.03 40.34 46.59
N LEU G 77 1.75 39.97 45.53
CA LEU G 77 3.20 39.97 45.59
C LEU G 77 3.75 41.38 45.78
N GLU G 78 3.13 42.36 45.12
CA GLU G 78 3.57 43.74 45.29
C GLU G 78 3.52 44.17 46.75
N LYS G 79 2.45 43.82 47.46
CA LYS G 79 2.39 44.31 48.83
C LYS G 79 3.20 43.46 49.81
N GLN G 80 3.84 42.40 49.37
CA GLN G 80 4.78 41.66 50.21
C GLN G 80 6.23 42.04 50.00
N ASN G 81 6.54 43.22 49.42
CA ASN G 81 7.91 43.51 49.04
C ASN G 81 8.53 42.45 48.12
N TYR G 82 7.77 42.03 47.11
CA TYR G 82 8.35 41.40 45.95
C TYR G 82 8.25 42.38 44.77
N TYR G 83 9.38 42.66 44.13
CA TYR G 83 9.37 43.45 42.90
C TYR G 83 8.90 42.55 41.77
N VAL G 84 7.83 42.96 41.09
CA VAL G 84 7.21 42.17 40.03
C VAL G 84 7.42 42.92 38.73
N PHE G 85 8.11 42.29 37.78
CA PHE G 85 8.23 42.85 36.45
C PHE G 85 6.86 42.94 35.80
N ASP G 86 6.68 43.93 34.93
CA ASP G 86 5.41 44.07 34.23
C ASP G 86 5.13 42.78 33.45
N ILE G 87 3.89 42.33 33.54
CA ILE G 87 3.55 40.98 33.12
C ILE G 87 3.92 40.78 31.65
N VAL G 88 4.57 39.65 31.37
CA VAL G 88 4.95 39.30 30.01
C VAL G 88 3.75 38.63 29.34
N SER G 89 3.09 39.37 28.47
CA SER G 89 1.91 38.89 27.77
C SER G 89 2.29 38.31 26.42
N PRO G 90 1.34 37.67 25.73
CA PRO G 90 1.62 37.26 24.34
C PRO G 90 2.01 38.42 23.46
N THR G 91 1.54 39.63 23.76
CA THR G 91 1.99 40.80 23.03
C THR G 91 3.50 40.99 23.18
N VAL G 92 4.02 40.81 24.39
CA VAL G 92 5.45 40.97 24.62
C VAL G 92 6.22 39.86 23.93
N LEU G 93 5.72 38.62 24.02
CA LEU G 93 6.41 37.49 23.40
C LEU G 93 6.39 37.58 21.88
N SER G 94 5.37 38.22 21.31
CA SER G 94 5.30 38.38 19.86
C SER G 94 6.34 39.34 19.32
N SER G 95 7.05 40.06 20.21
CA SER G 95 8.12 40.95 19.78
C SER G 95 9.30 40.21 19.15
N HIS G 96 9.35 38.88 19.30
CA HIS G 96 10.43 38.04 18.80
C HIS G 96 11.73 38.25 19.57
N LEU G 97 11.69 39.00 20.67
CA LEU G 97 12.83 39.15 21.55
C LEU G 97 12.82 38.05 22.61
N ASN G 98 14.02 37.58 22.96
CA ASN G 98 14.11 36.58 24.01
C ASN G 98 13.81 37.19 25.37
N ILE G 99 13.51 36.33 26.34
CA ILE G 99 13.07 36.81 27.64
C ILE G 99 14.14 37.63 28.32
N LEU G 100 15.41 37.34 28.05
CA LEU G 100 16.49 38.15 28.64
C LEU G 100 16.44 39.59 28.14
N GLU G 101 16.21 39.77 26.83
CA GLU G 101 16.09 41.12 26.29
C GLU G 101 14.93 41.85 26.93
N ILE G 102 13.78 41.18 27.09
CA ILE G 102 12.62 41.79 27.72
C ILE G 102 12.95 42.20 29.15
N VAL G 103 13.61 41.31 29.90
CA VAL G 103 13.92 41.60 31.29
C VAL G 103 14.87 42.79 31.40
N ILE G 104 15.91 42.83 30.58
CA ILE G 104 16.87 43.93 30.68
C ILE G 104 16.23 45.24 30.21
N SER G 105 15.35 45.19 29.21
CA SER G 105 14.63 46.39 28.80
C SER G 105 13.75 46.91 29.94
N SER G 106 13.06 46.00 30.64
CA SER G 106 12.25 46.41 31.79
C SER G 106 13.12 47.02 32.88
N ILE G 107 14.28 46.42 33.14
CA ILE G 107 15.19 46.96 34.14
C ILE G 107 15.64 48.36 33.77
N TYR G 108 16.03 48.55 32.50
CA TYR G 108 16.49 49.85 32.07
C TYR G 108 15.38 50.89 32.17
N ARG G 109 14.16 50.53 31.78
CA ARG G 109 13.05 51.47 31.90
C ARG G 109 12.78 51.82 33.36
N GLU G 110 12.82 50.82 34.25
CA GLU G 110 12.56 51.07 35.65
C GLU G 110 13.62 52.01 36.25
N ILE G 111 14.89 51.81 35.90
CA ILE G 111 15.93 52.67 36.45
C ILE G 111 15.94 54.04 35.78
N ASP G 112 15.44 54.15 34.55
CA ASP G 112 15.31 55.45 33.90
C ASP G 112 14.07 56.21 34.34
N GLN G 113 13.12 55.52 34.99
CA GLN G 113 11.95 56.22 35.51
C GLN G 113 12.34 57.29 36.52
N PHE G 114 13.27 56.97 37.41
CA PHE G 114 13.79 57.89 38.40
C PHE G 114 15.26 58.20 38.12
N ILE G 115 15.79 59.16 38.87
CA ILE G 115 17.18 59.56 38.74
C ILE G 115 17.85 59.56 40.10
N ASP G 119 21.26 57.77 43.43
CA ASP G 119 21.96 56.50 43.54
C ASP G 119 23.43 56.65 43.14
N VAL G 120 23.68 56.79 41.83
CA VAL G 120 25.02 57.04 41.31
C VAL G 120 25.93 55.86 41.57
N HIS G 121 26.17 55.55 42.85
CA HIS G 121 27.15 54.52 43.20
C HIS G 121 26.79 53.18 42.61
N ASP G 122 25.54 52.76 42.75
CA ASP G 122 25.10 51.46 42.27
C ASP G 122 24.55 51.49 40.86
N ARG G 123 24.03 52.65 40.42
CA ARG G 123 23.45 52.70 39.09
C ARG G 123 24.52 52.44 38.03
N GLY G 124 25.72 53.00 38.22
CA GLY G 124 26.78 52.83 37.24
C GLY G 124 27.18 51.38 37.04
N ARG G 125 27.30 50.64 38.14
CA ARG G 125 27.52 49.20 38.11
C ARG G 125 26.38 48.45 37.47
N LEU G 126 25.14 48.86 37.76
CA LEU G 126 24.02 48.27 37.06
C LEU G 126 24.13 48.48 35.55
N ILE G 127 24.54 49.67 35.14
CA ILE G 127 24.69 49.98 33.72
C ILE G 127 25.82 49.16 33.10
N GLN G 128 26.92 49.01 33.83
CA GLN G 128 28.02 48.19 33.34
C GLN G 128 27.58 46.74 33.14
N HIS G 129 26.85 46.19 34.11
CA HIS G 129 26.38 44.82 33.97
C HIS G 129 25.34 44.70 32.86
N LEU G 130 24.51 45.73 32.66
CA LEU G 130 23.60 45.72 31.53
C LEU G 130 24.35 45.69 30.20
N LYS G 131 25.42 46.47 30.09
CA LYS G 131 26.23 46.45 28.88
C LYS G 131 26.86 45.07 28.68
N LYS G 132 27.34 44.45 29.76
CA LYS G 132 27.92 43.12 29.64
C LYS G 132 26.88 42.10 29.17
N VAL G 133 25.67 42.17 29.72
CA VAL G 133 24.63 41.24 29.31
C VAL G 133 24.25 41.46 27.85
N MET G 134 24.17 42.72 27.42
CA MET G 134 23.87 43.00 26.02
C MET G 134 24.98 42.48 25.11
N ASN G 135 26.24 42.62 25.52
CA ASN G 135 27.31 41.97 24.76
C ASN G 135 27.12 40.47 24.67
N ALA G 136 26.80 39.83 25.79
CA ALA G 136 26.63 38.39 25.75
C ALA G 136 25.54 37.99 24.78
N ILE G 137 24.44 38.77 24.78
CA ILE G 137 23.34 38.49 23.87
C ILE G 137 23.81 38.65 22.42
N ALA G 138 24.56 39.72 22.14
CA ALA G 138 25.07 39.93 20.79
C ALA G 138 26.01 38.80 20.37
N VAL G 139 26.88 38.36 21.29
CA VAL G 139 27.80 37.27 21.00
C VAL G 139 27.03 36.00 20.65
N GLU G 140 25.99 35.70 21.44
CA GLU G 140 25.16 34.54 21.13
C GLU G 140 24.49 34.69 19.78
N LYS G 141 24.22 35.91 19.34
CA LYS G 141 23.61 36.16 18.03
C LYS G 141 24.63 36.21 16.91
N LYS G 142 25.90 35.93 17.18
CA LYS G 142 26.96 35.98 16.18
C LYS G 142 27.00 37.36 15.52
N GLN G 143 26.89 38.38 16.37
CA GLN G 143 26.87 39.77 15.97
C GLN G 143 28.21 40.45 16.09
N SER G 144 28.97 40.11 17.12
CA SER G 144 30.18 40.84 17.46
C SER G 144 31.20 40.73 16.31
N ASP G 145 32.22 41.57 16.39
CA ASP G 145 33.27 41.58 15.37
C ASP G 145 34.04 40.27 15.32
N TYR G 146 33.90 39.43 16.35
CA TYR G 146 34.64 38.16 16.37
C TYR G 146 34.22 37.26 15.22
N PHE G 147 32.93 37.28 14.85
CA PHE G 147 32.41 36.43 13.80
C PHE G 147 32.42 37.09 12.43
N LYS G 148 32.94 38.31 12.31
CA LYS G 148 32.91 39.04 11.05
C LYS G 148 34.26 39.63 10.67
N GLN G 149 35.32 39.33 11.41
CA GLN G 149 36.65 39.88 11.16
C GLN G 149 37.61 38.76 10.73
N SER G 150 38.40 39.05 9.68
CA SER G 150 39.33 38.05 9.15
C SER G 150 40.44 37.73 10.16
N LYS G 151 40.83 38.72 10.92
CA LYS G 151 42.03 38.80 11.76
C LYS G 151 41.69 39.05 13.22
N PRO G 152 41.26 38.03 13.96
CA PRO G 152 40.75 38.27 15.32
C PRO G 152 41.82 38.90 16.21
N GLU G 153 41.37 39.82 17.07
CA GLU G 153 42.22 40.45 18.06
C GLU G 153 42.00 39.79 19.40
N ILE G 154 42.96 40.00 20.30
CA ILE G 154 42.94 39.28 21.57
C ILE G 154 41.81 39.75 22.47
N GLU G 155 41.57 41.07 22.50
CA GLU G 155 40.67 41.60 23.52
C GLU G 155 39.21 41.30 23.23
N MET G 156 38.84 41.03 21.97
CA MET G 156 37.47 40.61 21.70
C MET G 156 37.17 39.26 22.35
N LEU G 157 38.20 38.49 22.69
CA LEU G 157 38.01 37.26 23.44
C LEU G 157 37.37 37.54 24.80
N THR G 158 37.51 38.76 25.32
CA THR G 158 36.79 39.14 26.52
C THR G 158 35.29 39.11 26.27
N ASP G 159 34.85 39.62 25.11
CA ASP G 159 33.42 39.63 24.81
C ASP G 159 32.84 38.22 24.81
N LEU G 160 33.55 37.27 24.20
CA LEU G 160 33.10 35.88 24.26
C LEU G 160 32.93 35.43 25.71
N SER G 161 33.87 35.82 26.58
CA SER G 161 33.76 35.48 27.98
C SER G 161 32.43 35.97 28.56
N HIS G 162 32.02 37.18 28.17
CA HIS G 162 30.77 37.72 28.69
C HIS G 162 29.60 36.77 28.44
N ARG G 163 29.67 35.99 27.36
CA ARG G 163 28.62 35.00 27.10
C ARG G 163 28.90 33.67 27.76
N THR G 164 30.17 33.28 27.90
CA THR G 164 30.48 32.02 28.58
C THR G 164 30.37 32.15 30.09
N PHE G 165 30.29 33.37 30.62
CA PHE G 165 30.08 33.62 32.04
C PHE G 165 28.84 34.46 32.26
N LEU G 166 27.82 34.26 31.42
CA LEU G 166 26.60 35.04 31.49
C LEU G 166 25.87 34.83 32.81
N ASP G 167 26.04 33.67 33.45
CA ASP G 167 25.37 33.42 34.71
C ASP G 167 25.79 34.42 35.77
N GLU G 168 27.10 34.61 35.92
CA GLU G 168 27.62 35.52 36.92
C GLU G 168 27.25 36.97 36.61
N GLU G 169 27.31 37.35 35.33
CA GLU G 169 26.93 38.70 34.95
C GLU G 169 25.45 38.96 35.26
N ILE G 170 24.58 38.00 34.95
CA ILE G 170 23.16 38.17 35.23
C ILE G 170 22.90 38.22 36.73
N LYS G 171 23.62 37.40 37.50
CA LYS G 171 23.46 37.42 38.94
C LYS G 171 23.84 38.78 39.50
N GLU G 172 24.98 39.32 39.06
CA GLU G 172 25.39 40.64 39.52
C GLU G 172 24.40 41.71 39.07
N LEU G 173 23.88 41.59 37.85
CA LEU G 173 22.91 42.55 37.34
C LEU G 173 21.67 42.59 38.23
N PHE G 174 21.14 41.41 38.58
CA PHE G 174 19.93 41.37 39.38
C PHE G 174 20.20 41.81 40.82
N CYS G 175 21.35 41.43 41.37
CA CYS G 175 21.74 41.92 42.69
C CYS G 175 21.78 43.45 42.73
N TYR G 176 22.41 44.07 41.73
CA TYR G 176 22.50 45.52 41.74
C TYR G 176 21.17 46.18 41.42
N PHE G 177 20.33 45.53 40.61
CA PHE G 177 18.98 46.03 40.37
C PHE G 177 18.18 46.05 41.66
N LYS G 178 18.27 44.98 42.46
CA LYS G 178 17.60 44.94 43.74
C LYS G 178 18.15 46.02 44.67
N LYS G 179 19.47 46.22 44.67
CA LYS G 179 20.05 47.27 45.50
C LYS G 179 19.52 48.64 45.11
N VAL G 180 19.48 48.93 43.81
CA VAL G 180 18.99 50.23 43.34
C VAL G 180 17.52 50.41 43.72
N LEU G 181 16.71 49.35 43.55
CA LEU G 181 15.31 49.44 43.95
C LEU G 181 15.16 49.67 45.44
N ASN G 182 15.98 49.01 46.25
CA ASN G 182 15.95 49.24 47.69
C ASN G 182 16.34 50.66 48.05
N ASN G 183 17.20 51.30 47.25
CA ASN G 183 17.66 52.64 47.55
C ASN G 183 16.62 53.72 47.24
N ARG G 184 15.53 53.40 46.53
CA ARG G 184 14.50 54.37 46.22
C ARG G 184 13.30 54.28 47.17
N GLN G 185 13.40 53.47 48.22
CA GLN G 185 12.31 53.34 49.18
C GLN G 185 12.37 54.48 50.19
N ASP G 186 11.24 55.16 50.39
CA ASP G 186 11.18 56.30 51.29
C ASP G 186 10.68 55.87 52.66
N SER G 187 11.20 56.54 53.69
CA SER G 187 10.84 56.28 55.09
C SER G 187 11.24 54.89 55.55
N CYS G 188 12.13 54.22 54.80
CA CYS G 188 12.63 52.90 55.16
C CYS G 188 11.49 51.93 55.43
N LYS G 189 10.70 51.68 54.38
CA LYS G 189 9.56 50.78 54.51
C LYS G 189 10.03 49.36 54.77
N GLU G 190 10.76 48.78 53.83
CA GLU G 190 11.24 47.40 53.95
C GLU G 190 12.10 47.08 52.74
N VAL G 191 12.97 46.08 52.90
CA VAL G 191 13.84 45.64 51.82
C VAL G 191 13.08 44.71 50.90
N ILE G 192 13.39 44.76 49.60
CA ILE G 192 12.72 43.91 48.63
C ILE G 192 13.24 42.48 48.78
N LYS G 193 12.32 41.52 48.75
CA LYS G 193 12.71 40.12 48.91
C LYS G 193 13.37 39.58 47.64
N ASP G 194 12.63 39.58 46.53
CA ASP G 194 13.12 38.98 45.30
C ASP G 194 12.39 39.58 44.12
N LEU G 195 12.95 39.36 42.93
CA LEU G 195 12.32 39.75 41.69
C LEU G 195 11.47 38.61 41.16
N VAL G 196 10.27 38.95 40.67
CA VAL G 196 9.30 37.96 40.19
C VAL G 196 8.95 38.30 38.75
N LEU G 197 8.97 37.29 37.89
CA LEU G 197 8.60 37.42 36.49
C LEU G 197 7.40 36.52 36.22
N ILE G 198 6.33 37.11 35.69
CA ILE G 198 5.10 36.39 35.37
C ILE G 198 4.90 36.43 33.87
N ILE G 199 4.63 35.26 33.28
CA ILE G 199 4.36 35.14 31.84
C ILE G 199 2.94 34.65 31.65
N ASP G 200 2.02 35.59 31.47
CA ASP G 200 0.59 35.30 31.47
C ASP G 200 0.11 34.91 30.07
N ASP G 201 -1.04 34.26 30.03
CA ASP G 201 -1.74 33.93 28.79
C ASP G 201 -0.83 33.10 27.88
N LEU G 202 -0.06 32.20 28.47
CA LEU G 202 0.76 31.26 27.72
C LEU G 202 -0.04 30.08 27.18
N ASP G 203 -1.34 30.02 27.48
CA ASP G 203 -2.15 28.89 27.04
C ASP G 203 -2.08 28.69 25.54
N LEU G 204 -1.90 29.78 24.77
CA LEU G 204 -1.83 29.68 23.32
C LEU G 204 -0.88 30.78 22.83
N VAL G 205 0.40 30.44 22.70
CA VAL G 205 1.40 31.33 22.15
C VAL G 205 2.18 30.54 21.09
N GLU G 206 1.69 30.56 19.86
CA GLU G 206 2.42 30.11 18.67
C GLU G 206 3.22 28.83 18.91
N ASN G 207 2.75 27.96 19.79
CA ASN G 207 3.38 26.67 20.03
C ASN G 207 4.89 26.80 20.26
N ASN G 208 5.70 26.55 19.22
CA ASN G 208 7.14 26.45 19.41
C ASN G 208 7.74 27.66 20.12
N LEU G 209 7.08 28.82 20.03
CA LEU G 209 7.64 30.00 20.66
C LEU G 209 7.85 29.77 22.16
N VAL G 210 6.87 29.13 22.82
CA VAL G 210 7.03 28.88 24.25
C VAL G 210 8.22 27.97 24.49
N TYR G 211 8.49 27.03 23.58
CA TYR G 211 9.72 26.25 23.69
C TYR G 211 10.93 27.17 23.76
N ASP G 212 11.02 28.11 22.82
CA ASP G 212 12.11 29.09 22.88
C ASP G 212 12.11 29.82 24.20
N LEU G 213 10.92 30.08 24.75
CA LEU G 213 10.84 30.69 26.08
C LEU G 213 11.44 29.76 27.13
N LEU G 214 11.03 28.49 27.12
CA LEU G 214 11.47 27.56 28.16
C LEU G 214 12.99 27.49 28.21
N ARG G 215 13.62 27.25 27.07
CA ARG G 215 15.08 27.23 27.02
C ARG G 215 15.65 28.53 27.58
N ASP G 216 15.10 29.67 27.16
CA ASP G 216 15.59 30.94 27.66
C ASP G 216 15.50 31.00 29.18
N ILE G 217 14.42 30.45 29.74
CA ILE G 217 14.31 30.41 31.20
C ILE G 217 15.31 29.41 31.77
N GLN G 218 15.49 28.28 31.10
CA GLN G 218 16.48 27.31 31.57
C GLN G 218 17.87 27.92 31.56
N HIS G 219 18.21 28.63 30.49
CA HIS G 219 19.57 29.14 30.35
C HIS G 219 19.81 30.41 31.14
N TYR G 220 18.86 31.34 31.19
CA TYR G 220 19.24 32.63 31.75
C TYR G 220 18.51 32.96 33.05
N LEU G 221 17.25 32.55 33.20
CA LEU G 221 16.46 32.98 34.35
C LEU G 221 15.96 31.81 35.20
N ASP G 222 16.70 30.70 35.24
CA ASP G 222 16.26 29.56 36.01
C ASP G 222 16.45 29.81 37.51
N SER G 223 17.70 30.02 37.93
CA SER G 223 18.02 30.25 39.34
C SER G 223 18.26 31.72 39.66
N GLN G 224 17.70 32.62 38.85
CA GLN G 224 17.88 34.06 39.02
C GLN G 224 16.66 34.75 39.61
N LEU G 225 15.45 34.35 39.20
CA LEU G 225 14.23 34.99 39.67
C LEU G 225 13.23 33.96 40.19
N ILE G 226 12.04 34.43 40.54
CA ILE G 226 10.87 33.58 40.73
C ILE G 226 10.03 33.73 39.47
N VAL G 227 10.04 32.71 38.62
CA VAL G 227 9.35 32.72 37.34
C VAL G 227 8.02 32.00 37.51
N ILE G 228 6.93 32.69 37.16
CA ILE G 228 5.60 32.11 37.18
C ILE G 228 5.15 31.93 35.74
N PHE G 229 4.79 30.71 35.38
CA PHE G 229 4.63 30.34 33.97
C PHE G 229 3.21 30.58 33.46
N ALA G 230 2.20 30.15 34.21
CA ALA G 230 0.80 30.39 33.85
C ALA G 230 0.48 29.83 32.46
N TYR G 231 0.56 28.51 32.35
CA TYR G 231 0.19 27.76 31.16
C TYR G 231 -0.99 26.85 31.50
N LYS G 232 -1.35 25.96 30.57
CA LYS G 232 -2.47 25.06 30.77
C LYS G 232 -2.07 23.62 30.50
N GLU G 233 -2.58 22.72 31.34
CA GLU G 233 -2.50 21.27 31.13
C GLU G 233 -1.09 20.82 30.74
N GLY G 234 -0.95 20.25 29.55
CA GLY G 234 0.31 19.70 29.11
C GLY G 234 0.88 20.41 27.90
N GLN G 235 0.69 21.72 27.85
CA GLN G 235 1.19 22.51 26.72
C GLN G 235 2.71 22.45 26.65
N LEU G 236 3.39 22.51 27.80
CA LEU G 236 4.84 22.49 27.81
C LEU G 236 5.40 21.20 27.22
N GLU G 237 4.83 20.06 27.62
CA GLU G 237 5.31 18.78 27.12
C GLU G 237 5.14 18.68 25.61
N GLN G 238 3.98 19.10 25.11
CA GLN G 238 3.73 19.03 23.66
C GLN G 238 4.65 19.97 22.90
N SER G 239 4.89 21.18 23.43
CA SER G 239 5.79 22.10 22.76
C SER G 239 7.21 21.55 22.71
N MET G 240 7.67 20.94 23.81
CA MET G 240 8.99 20.31 23.80
C MET G 240 9.04 19.16 22.81
N PHE G 241 7.97 18.35 22.75
CA PHE G 241 7.95 17.22 21.83
C PHE G 241 8.00 17.67 20.38
N GLU G 242 7.30 18.76 20.06
CA GLU G 242 7.31 19.26 18.68
C GLU G 242 8.73 19.54 18.21
N HIS G 243 9.60 20.01 19.11
CA HIS G 243 10.99 20.27 18.75
C HIS G 243 11.83 19.00 18.76
N LEU G 244 11.70 18.20 19.83
CA LEU G 244 12.55 17.02 19.94
C LEU G 244 12.25 15.99 18.87
N ALA G 245 11.00 15.90 18.40
CA ALA G 245 10.66 14.93 17.37
C ALA G 245 11.39 15.22 16.07
N LYS G 246 11.41 16.48 15.64
CA LYS G 246 12.23 16.81 14.47
C LYS G 246 13.71 16.75 14.81
N GLY G 247 14.06 16.86 16.09
CA GLY G 247 15.41 16.56 16.50
C GLY G 247 15.75 15.07 16.51
N ASN G 248 14.72 14.21 16.52
CA ASN G 248 14.93 12.77 16.53
C ASN G 248 14.18 12.02 15.41
N GLU G 249 14.12 12.59 14.20
CA GLU G 249 13.80 11.82 12.99
C GLU G 249 14.42 10.44 12.97
N ALA G 250 15.73 10.41 12.77
CA ALA G 250 16.36 9.20 12.29
C ALA G 250 16.43 8.17 13.40
N LEU G 251 16.38 8.64 14.64
CA LEU G 251 16.25 7.75 15.78
C LEU G 251 14.89 7.07 15.79
N LEU G 252 13.82 7.83 15.54
CA LEU G 252 12.47 7.26 15.61
C LEU G 252 12.17 6.36 14.41
N ASN G 253 12.61 6.75 13.21
CA ASN G 253 12.27 5.95 12.02
C ASN G 253 13.08 4.67 11.94
N HIS G 254 14.33 4.68 12.42
CA HIS G 254 15.12 3.46 12.49
C HIS G 254 14.79 2.63 13.72
N GLY G 255 13.84 3.08 14.55
CA GLY G 255 13.43 2.30 15.70
C GLY G 255 14.40 2.29 16.84
N VAL G 256 15.36 3.22 16.87
CA VAL G 256 16.31 3.27 17.97
C VAL G 256 15.60 3.71 19.26
N ILE G 257 14.69 4.67 19.15
CA ILE G 257 13.92 5.16 20.28
C ILE G 257 12.45 5.26 19.86
N ASP G 258 11.60 5.44 20.85
CA ASP G 258 10.17 5.68 20.65
C ASP G 258 9.78 6.99 21.32
N SER G 259 8.49 7.32 21.25
CA SER G 259 7.99 8.51 21.93
C SER G 259 8.25 8.47 23.43
N ASN G 260 8.37 7.27 24.01
CA ASN G 260 8.57 7.17 25.45
C ASN G 260 9.87 7.84 25.88
N ALA G 261 10.95 7.64 25.13
CA ALA G 261 12.23 8.23 25.51
C ALA G 261 12.17 9.76 25.47
N ILE G 262 11.59 10.31 24.41
CA ILE G 262 11.47 11.77 24.30
C ILE G 262 10.59 12.32 25.41
N PHE G 263 9.50 11.63 25.70
CA PHE G 263 8.60 12.05 26.76
C PHE G 263 9.27 11.97 28.13
N GLY G 264 10.12 10.97 28.35
CA GLY G 264 10.87 10.92 29.58
C GLY G 264 11.86 12.05 29.69
N GLN G 265 12.57 12.35 28.60
CA GLN G 265 13.45 13.50 28.56
C GLN G 265 12.71 14.78 28.98
N ILE G 266 11.59 15.04 28.31
CA ILE G 266 10.77 16.21 28.62
C ILE G 266 10.32 16.16 30.07
N GLU G 267 9.96 14.96 30.53
CA GLU G 267 9.45 14.80 31.88
C GLU G 267 10.49 15.25 32.90
N ARG G 268 11.74 14.85 32.71
CA ARG G 268 12.68 15.12 33.80
C ARG G 268 13.11 16.58 33.69
N PHE G 269 13.19 17.10 32.45
CA PHE G 269 13.50 18.51 32.25
C PHE G 269 12.48 19.39 32.94
N LEU G 270 11.20 19.10 32.76
CA LEU G 270 10.15 19.90 33.39
C LEU G 270 10.09 19.65 34.89
N THR G 271 10.44 18.43 35.33
CA THR G 271 10.53 18.14 36.75
C THR G 271 11.57 19.03 37.42
N LYS G 272 12.72 19.21 36.76
CA LYS G 272 13.78 20.05 37.31
C LYS G 272 13.44 21.54 37.17
N LEU G 273 12.88 21.94 36.04
CA LEU G 273 12.54 23.35 35.84
C LEU G 273 11.48 23.79 36.84
N VAL G 274 10.37 23.05 36.91
CA VAL G 274 9.31 23.35 37.85
C VAL G 274 9.05 22.13 38.72
N PRO G 275 9.46 22.11 39.98
CA PRO G 275 9.13 20.97 40.84
C PRO G 275 7.63 20.78 40.93
N LEU G 276 7.18 19.52 40.94
CA LEU G 276 5.74 19.28 40.92
C LEU G 276 5.07 19.72 42.21
N SER G 277 5.85 20.05 43.24
CA SER G 277 5.32 20.70 44.42
C SER G 277 5.17 22.21 44.23
N ASN G 278 5.63 22.74 43.10
CA ASN G 278 5.55 24.16 42.79
C ASN G 278 4.50 24.48 41.74
N ARG G 279 3.78 23.48 41.23
CA ARG G 279 2.76 23.71 40.21
C ARG G 279 1.38 23.67 40.84
N ILE G 280 0.55 24.63 40.47
CA ILE G 280 -0.73 24.88 41.12
C ILE G 280 -1.85 24.82 40.07
N PRO G 281 -2.72 23.83 40.10
CA PRO G 281 -3.89 23.86 39.22
C PRO G 281 -5.09 24.50 39.89
N LEU G 282 -5.98 25.01 39.06
CA LEU G 282 -7.19 25.66 39.56
C LEU G 282 -8.33 25.49 38.57
N PHE G 283 -9.50 25.17 39.09
CA PHE G 283 -10.79 25.40 38.44
C PHE G 283 -10.82 24.82 37.02
N LYS G 284 -10.81 23.50 36.96
CA LYS G 284 -11.24 22.88 35.71
C LYS G 284 -12.77 22.84 35.67
N GLN G 285 -13.29 22.02 34.75
CA GLN G 285 -14.72 21.85 34.59
C GLN G 285 -15.38 21.05 35.70
N ASP G 286 -14.67 20.11 36.35
CA ASP G 286 -15.30 19.28 37.37
C ASP G 286 -15.89 20.13 38.50
N GLU G 287 -15.02 20.78 39.27
CA GLU G 287 -15.48 21.63 40.36
C GLU G 287 -16.20 22.88 39.86
N LEU G 288 -16.03 23.23 38.59
CA LEU G 288 -16.84 24.30 38.00
C LEU G 288 -18.30 23.90 37.92
N LEU G 289 -18.57 22.69 37.43
CA LEU G 289 -19.93 22.19 37.32
C LEU G 289 -20.50 21.75 38.65
N ASN G 290 -19.66 21.38 39.61
CA ASN G 290 -20.16 20.90 40.90
C ASN G 290 -20.64 22.01 41.81
N LYS G 291 -20.08 23.21 41.72
CA LYS G 291 -20.47 24.27 42.66
C LYS G 291 -21.89 24.73 42.36
N THR G 292 -22.36 25.68 43.17
CA THR G 292 -23.67 26.27 42.99
C THR G 292 -23.59 27.56 42.18
N ILE G 293 -24.68 27.81 41.45
CA ILE G 293 -24.80 29.04 40.67
C ILE G 293 -24.66 30.26 41.57
N GLY G 294 -25.15 30.17 42.80
CA GLY G 294 -25.02 31.28 43.72
C GLY G 294 -23.57 31.65 44.01
N GLU G 295 -22.71 30.64 44.17
CA GLU G 295 -21.31 30.93 44.45
C GLU G 295 -20.63 31.63 43.28
N PHE G 296 -20.91 31.19 42.05
CA PHE G 296 -20.34 31.87 40.89
C PHE G 296 -20.85 33.30 40.78
N LEU G 297 -22.17 33.49 40.95
CA LEU G 297 -22.72 34.84 40.86
C LEU G 297 -22.15 35.74 41.95
N ALA G 298 -21.91 35.19 43.15
CA ALA G 298 -21.22 35.94 44.19
C ALA G 298 -19.80 36.26 43.76
N SER G 299 -19.13 35.32 43.09
CA SER G 299 -17.80 35.59 42.56
C SER G 299 -17.82 36.79 41.61
N LEU G 300 -18.93 36.99 40.91
CA LEU G 300 -19.07 38.22 40.12
C LEU G 300 -19.50 39.39 40.98
N ASP G 301 -20.52 39.22 41.82
CA ASP G 301 -20.97 40.27 42.74
C ASP G 301 -21.80 39.65 43.85
N PRO G 302 -21.63 40.09 45.11
CA PRO G 302 -22.35 39.42 46.20
C PRO G 302 -23.86 39.47 46.09
N SER G 303 -24.41 40.47 45.39
CA SER G 303 -25.86 40.66 45.36
C SER G 303 -26.54 39.88 44.24
N TYR G 304 -25.81 39.47 43.21
CA TYR G 304 -26.44 38.75 42.10
C TYR G 304 -26.91 37.37 42.54
N GLY G 305 -28.06 36.97 42.00
CA GLY G 305 -28.62 35.65 42.26
C GLY G 305 -29.56 35.25 41.16
N VAL G 306 -30.25 34.12 41.33
CA VAL G 306 -31.25 33.65 40.37
C VAL G 306 -32.55 33.41 41.10
N GLY G 307 -33.63 33.97 40.59
CA GLY G 307 -34.93 33.84 41.19
C GLY G 307 -35.58 32.51 40.87
N GLU G 308 -36.81 32.35 41.36
CA GLU G 308 -37.53 31.10 41.17
C GLU G 308 -37.97 30.90 39.72
N ASN G 309 -37.99 31.95 38.92
CA ASN G 309 -38.21 31.83 37.47
C ASN G 309 -36.91 31.72 36.69
N LEU G 310 -35.80 31.48 37.39
CA LEU G 310 -34.48 31.34 36.77
C LEU G 310 -34.07 32.62 36.04
N GLU G 311 -34.56 33.76 36.50
CA GLU G 311 -34.11 35.06 36.03
C GLU G 311 -33.14 35.65 37.03
N PHE G 312 -32.20 36.44 36.53
CA PHE G 312 -31.14 36.99 37.38
C PHE G 312 -31.70 38.13 38.21
N ILE G 313 -31.52 38.04 39.52
CA ILE G 313 -32.10 38.95 40.48
C ILE G 313 -30.97 39.68 41.20
N THR G 314 -31.34 40.74 41.92
CA THR G 314 -30.32 41.55 42.58
C THR G 314 -30.55 41.76 44.07
N LYS G 315 -31.79 42.00 44.51
CA LYS G 315 -31.95 42.57 45.84
C LYS G 315 -31.90 41.52 46.95
N ASP G 316 -32.97 40.76 47.14
CA ASP G 316 -32.92 39.60 48.04
C ASP G 316 -33.81 38.47 47.57
N SER G 317 -34.89 38.80 46.87
CA SER G 317 -35.94 37.85 46.54
C SER G 317 -36.47 37.12 47.77
N GLU G 318 -35.63 36.30 48.40
CA GLU G 318 -35.97 35.33 49.44
C GLU G 318 -36.75 34.14 48.86
N LYS G 319 -37.10 34.19 47.58
CA LYS G 319 -37.65 33.04 46.86
C LYS G 319 -36.62 32.47 45.89
N ASN G 320 -35.37 32.91 45.98
CA ASN G 320 -34.34 32.51 45.04
C ASN G 320 -33.99 31.04 45.21
N LYS G 321 -33.37 30.48 44.17
CA LYS G 321 -32.86 29.10 44.18
C LYS G 321 -31.41 29.16 43.70
N ASN G 322 -30.50 29.42 44.64
CA ASN G 322 -29.09 29.61 44.33
C ASN G 322 -28.24 28.39 44.63
N ASN G 323 -28.83 27.31 45.15
CA ASN G 323 -28.10 26.12 45.56
C ASN G 323 -28.41 24.92 44.67
N LEU G 324 -28.67 25.17 43.39
CA LEU G 324 -29.02 24.11 42.45
C LEU G 324 -27.81 23.50 41.74
N THR G 325 -26.62 24.08 41.91
CA THR G 325 -25.45 23.64 41.17
C THR G 325 -25.58 24.02 39.70
N ILE G 326 -24.46 24.40 39.08
CA ILE G 326 -24.48 24.84 37.70
C ILE G 326 -24.98 23.73 36.79
N ARG G 327 -24.71 22.48 37.13
CA ARG G 327 -25.01 21.37 36.23
C ARG G 327 -26.49 21.33 35.87
N GLU G 328 -27.36 21.28 36.86
CA GLU G 328 -28.79 21.22 36.59
C GLU G 328 -29.44 22.60 36.54
N TRP G 329 -28.78 23.63 37.08
CA TRP G 329 -29.22 24.99 36.82
C TRP G 329 -29.22 25.27 35.32
N PHE G 330 -28.22 24.73 34.60
CA PHE G 330 -28.17 24.90 33.16
C PHE G 330 -29.47 24.48 32.50
N TYR G 331 -29.93 23.25 32.79
CA TYR G 331 -31.16 22.77 32.17
C TYR G 331 -32.38 23.49 32.72
N GLU G 332 -32.45 23.68 34.04
CA GLU G 332 -33.59 24.34 34.63
C GLU G 332 -33.77 25.76 34.11
N SER G 333 -32.69 26.37 33.62
CA SER G 333 -32.73 27.73 33.12
C SER G 333 -32.87 27.80 31.60
N ILE G 334 -32.45 26.74 30.88
CA ILE G 334 -32.90 26.58 29.49
C ILE G 334 -34.42 26.44 29.46
N PHE G 335 -34.96 25.61 30.35
CA PHE G 335 -36.37 25.65 30.69
C PHE G 335 -36.65 26.98 31.37
N TYR G 336 -37.91 27.47 31.26
CA TYR G 336 -38.28 28.84 31.63
C TYR G 336 -37.84 29.85 30.57
N ARG G 337 -37.16 29.42 29.52
CA ARG G 337 -36.84 30.28 28.39
C ARG G 337 -37.19 29.65 27.05
N THR G 338 -37.10 28.34 26.93
CA THR G 338 -37.48 27.62 25.72
C THR G 338 -38.60 26.61 25.95
N ASN G 339 -39.02 26.43 27.19
CA ASN G 339 -40.04 25.43 27.53
C ASN G 339 -39.61 24.04 27.09
N LEU G 340 -38.31 23.76 27.20
CA LEU G 340 -37.73 22.49 26.76
C LEU G 340 -36.88 21.92 27.89
N LYS G 341 -37.22 20.71 28.32
CA LYS G 341 -36.42 19.97 29.31
C LYS G 341 -35.43 19.12 28.54
N LEU G 342 -34.19 19.58 28.45
CA LEU G 342 -33.19 18.95 27.62
C LEU G 342 -32.25 18.04 28.40
N ASP G 343 -32.50 17.83 29.68
CA ASP G 343 -31.73 16.86 30.44
C ASP G 343 -32.13 15.46 29.98
N PRO G 344 -31.21 14.65 29.45
CA PRO G 344 -31.60 13.35 28.91
C PRO G 344 -31.70 12.28 29.99
N ILE G 345 -32.67 11.38 29.82
CA ILE G 345 -32.79 10.24 30.71
C ILE G 345 -31.53 9.37 30.60
N ASP G 346 -31.08 9.11 29.37
CA ASP G 346 -29.85 8.36 29.17
C ASP G 346 -28.66 9.29 29.31
N ILE G 347 -27.80 9.01 30.29
CA ILE G 347 -26.59 9.81 30.52
C ILE G 347 -25.47 9.44 29.57
N ARG G 348 -25.66 8.42 28.72
CA ARG G 348 -24.69 8.09 27.70
C ARG G 348 -24.54 9.19 26.66
N GLU G 349 -25.51 10.10 26.59
CA GLU G 349 -25.60 11.05 25.49
C GLU G 349 -24.65 12.23 25.62
N GLU G 350 -23.91 12.36 26.72
CA GLU G 350 -22.85 13.35 26.81
C GLU G 350 -23.36 14.77 26.65
N ALA G 351 -24.51 15.05 27.27
CA ALA G 351 -25.05 16.41 27.23
C ALA G 351 -24.14 17.40 27.93
N SER G 352 -23.38 16.96 28.94
CA SER G 352 -22.47 17.84 29.66
C SER G 352 -21.45 18.51 28.74
N ARG G 353 -21.37 18.09 27.49
CA ARG G 353 -20.54 18.76 26.50
C ARG G 353 -21.09 20.12 26.09
N LEU G 354 -22.13 20.63 26.75
CA LEU G 354 -22.72 21.91 26.37
C LEU G 354 -22.67 23.00 27.44
N MET G 355 -22.62 22.65 28.73
CA MET G 355 -23.16 23.62 29.69
C MET G 355 -22.29 24.87 29.82
N PRO G 356 -21.27 24.90 30.72
CA PRO G 356 -20.02 25.58 30.39
C PRO G 356 -18.90 24.61 30.07
N LYS G 357 -17.73 25.14 29.73
CA LYS G 357 -16.47 24.41 29.81
C LYS G 357 -15.43 25.13 30.63
N THR G 358 -15.47 26.46 30.66
CA THR G 358 -14.58 27.29 31.47
C THR G 358 -15.40 28.39 32.12
N LEU G 359 -14.75 29.18 32.99
CA LEU G 359 -15.43 30.30 33.61
C LEU G 359 -15.82 31.36 32.59
N ARG G 360 -14.98 31.59 31.59
CA ARG G 360 -15.32 32.55 30.55
C ARG G 360 -16.58 32.13 29.81
N GLU G 361 -16.68 30.84 29.45
CA GLU G 361 -17.88 30.34 28.80
C GLU G 361 -19.08 30.44 29.73
N MET G 362 -18.89 30.24 31.04
CA MET G 362 -19.98 30.39 31.99
C MET G 362 -20.49 31.83 32.02
N VAL G 363 -19.59 32.80 32.08
CA VAL G 363 -19.99 34.21 32.09
C VAL G 363 -20.69 34.56 30.79
N GLN G 364 -20.18 34.08 29.67
CA GLN G 364 -20.79 34.40 28.37
C GLN G 364 -22.15 33.74 28.24
N LEU G 365 -22.32 32.53 28.77
CA LEU G 365 -23.62 31.89 28.80
C LEU G 365 -24.61 32.70 29.61
N CYS G 366 -24.17 33.19 30.79
CA CYS G 366 -25.05 34.05 31.59
C CYS G 366 -25.41 35.31 30.82
N GLU G 367 -24.45 35.88 30.09
CA GLU G 367 -24.72 37.08 29.30
C GLU G 367 -25.74 36.82 28.20
N GLU G 368 -25.54 35.77 27.42
CA GLU G 368 -26.52 35.41 26.40
C GLU G 368 -27.85 35.04 27.04
N LEU G 369 -27.80 34.32 28.15
CA LEU G 369 -28.96 33.78 28.83
C LEU G 369 -29.07 34.43 30.20
N HIS G 370 -29.69 35.62 30.24
CA HIS G 370 -29.94 36.30 31.51
C HIS G 370 -31.42 36.60 31.71
N SER G 371 -32.09 37.19 30.73
CA SER G 371 -33.55 37.29 30.75
C SER G 371 -34.19 36.62 29.55
N MET G 372 -33.80 37.00 28.34
CA MET G 372 -34.46 36.58 27.10
C MET G 372 -35.97 36.47 27.31
N GLN G 373 -36.53 37.49 27.96
CA GLN G 373 -37.95 37.52 28.29
C GLN G 373 -38.38 36.17 28.88
N VAL G 374 -37.76 35.83 30.02
CA VAL G 374 -38.04 34.56 30.67
C VAL G 374 -39.54 34.40 30.88
N ILE G 375 -40.04 33.19 30.64
CA ILE G 375 -41.47 32.90 30.72
C ILE G 375 -41.78 32.50 32.15
N THR G 376 -42.69 33.24 32.79
CA THR G 376 -42.99 33.07 34.20
C THR G 376 -44.34 32.36 34.38
N ARG G 377 -44.75 32.22 35.64
CA ARG G 377 -45.98 31.55 36.02
C ARG G 377 -47.01 32.54 36.54
N SER G 378 -47.12 33.69 35.87
CA SER G 378 -48.01 34.78 36.26
C SER G 378 -48.93 35.11 35.09
N MET G 379 -49.63 36.24 35.20
CA MET G 379 -50.51 36.71 34.14
C MET G 379 -51.38 35.59 33.58
N ASP G 380 -51.80 35.69 32.31
CA ASP G 380 -52.82 34.81 31.76
C ASP G 380 -52.23 33.71 30.87
N LYS G 381 -50.91 33.54 30.88
CA LYS G 381 -50.28 32.43 30.17
C LYS G 381 -50.60 32.44 28.68
N LEU G 382 -50.55 33.62 28.08
CA LEU G 382 -50.89 33.81 26.67
C LEU G 382 -49.81 34.54 25.89
N ALA G 383 -49.14 35.52 26.49
CA ALA G 383 -48.17 36.36 25.80
C ALA G 383 -46.76 35.78 25.80
N GLY G 384 -46.53 34.69 26.53
CA GLY G 384 -45.20 34.11 26.59
C GLY G 384 -44.81 33.26 25.40
N VAL G 385 -45.71 33.07 24.44
CA VAL G 385 -45.42 32.23 23.29
C VAL G 385 -44.54 32.96 22.28
N GLU G 386 -44.79 34.26 22.08
CA GLU G 386 -44.06 35.00 21.06
C GLU G 386 -42.57 35.09 21.39
N GLY G 387 -42.23 35.37 22.64
CA GLY G 387 -40.84 35.41 23.05
C GLY G 387 -40.18 34.05 23.17
N LEU G 388 -41.00 33.01 23.36
CA LEU G 388 -40.49 31.66 23.53
C LEU G 388 -39.79 31.16 22.26
N ARG G 389 -40.38 31.40 21.08
CA ARG G 389 -39.75 30.98 19.83
C ARG G 389 -38.48 31.77 19.57
N LYS G 390 -38.46 33.05 19.97
CA LYS G 390 -37.24 33.83 19.85
C LYS G 390 -36.13 33.27 20.73
N ASN G 391 -36.45 32.94 21.98
CA ASN G 391 -35.47 32.30 22.84
C ASN G 391 -35.02 30.97 22.25
N ILE G 392 -35.93 30.27 21.56
CA ILE G 392 -35.57 29.03 20.88
C ILE G 392 -34.52 29.32 19.82
N GLY G 393 -34.72 30.37 19.03
CA GLY G 393 -33.74 30.73 18.01
C GLY G 393 -32.40 31.12 18.61
N ALA G 394 -32.42 31.91 19.68
CA ALA G 394 -31.18 32.31 20.34
C ALA G 394 -30.44 31.09 20.89
N PHE G 395 -31.18 30.15 21.50
CA PHE G 395 -30.55 28.94 22.00
C PHE G 395 -30.03 28.07 20.87
N ARG G 396 -30.71 28.04 19.74
CA ARG G 396 -30.19 27.33 18.58
C ARG G 396 -28.86 27.93 18.14
N ARG G 397 -28.77 29.27 18.13
CA ARG G 397 -27.52 29.92 17.80
C ARG G 397 -26.42 29.54 18.80
N TYR G 398 -26.76 29.55 20.09
CA TYR G 398 -25.78 29.17 21.10
C TYR G 398 -25.31 27.73 20.92
N ILE G 399 -26.24 26.83 20.60
CA ILE G 399 -25.88 25.44 20.35
C ILE G 399 -24.94 25.34 19.15
N GLY G 400 -25.25 26.07 18.08
CA GLY G 400 -24.37 26.05 16.93
C GLY G 400 -22.96 26.53 17.25
N TYR G 401 -22.86 27.61 18.03
CA TYR G 401 -21.55 28.06 18.51
C TYR G 401 -20.84 27.02 19.35
N LYS G 402 -21.53 26.40 20.29
CA LYS G 402 -20.91 25.33 21.08
C LYS G 402 -20.56 24.15 20.20
N ASN G 403 -21.48 23.77 19.31
CA ASN G 403 -21.36 22.58 18.49
C ASN G 403 -20.66 22.90 17.17
N SER G 404 -19.39 23.31 17.30
CA SER G 404 -18.55 23.62 16.14
C SER G 404 -17.11 23.14 16.30
N THR G 405 -16.82 22.29 17.30
CA THR G 405 -15.47 21.81 17.56
C THR G 405 -15.23 20.40 17.02
N TYR G 406 -16.01 19.42 17.47
CA TYR G 406 -15.80 18.02 17.11
C TYR G 406 -16.40 17.64 15.76
N PHE G 407 -17.43 18.35 15.35
CA PHE G 407 -17.92 18.37 13.98
C PHE G 407 -16.79 18.58 12.98
N ASN G 408 -16.71 17.72 11.96
CA ASN G 408 -15.58 17.75 11.03
C ASN G 408 -16.00 18.14 9.61
N LEU G 409 -16.74 17.28 8.91
CA LEU G 409 -17.35 17.69 7.64
C LEU G 409 -18.73 17.11 7.39
N ALA G 410 -19.02 15.88 7.83
CA ALA G 410 -20.28 15.25 7.48
C ALA G 410 -21.43 15.80 8.30
N THR G 411 -21.14 16.19 9.54
CA THR G 411 -22.17 16.61 10.46
C THR G 411 -22.52 18.10 10.33
N MET G 412 -21.53 18.98 10.08
CA MET G 412 -21.85 20.35 9.67
C MET G 412 -22.74 20.36 8.44
N GLU G 413 -22.29 19.67 7.40
CA GLU G 413 -23.10 19.40 6.21
C GLU G 413 -24.50 18.92 6.55
N PHE G 414 -24.60 17.85 7.35
CA PHE G 414 -25.91 17.25 7.60
C PHE G 414 -26.84 18.23 8.29
N PHE G 415 -26.35 18.88 9.35
CA PHE G 415 -27.21 19.79 10.09
C PHE G 415 -27.57 21.01 9.26
N GLN G 416 -26.63 21.50 8.46
CA GLN G 416 -26.94 22.62 7.58
C GLN G 416 -28.05 22.25 6.59
N LYS G 417 -27.90 21.12 5.90
CA LYS G 417 -28.94 20.69 4.97
C LYS G 417 -30.25 20.46 5.70
N TRP G 418 -30.17 19.89 6.91
CA TRP G 418 -31.36 19.61 7.70
C TRP G 418 -32.12 20.89 8.02
N GLU G 419 -31.42 21.95 8.39
CA GLU G 419 -32.06 23.26 8.56
C GLU G 419 -32.86 23.63 7.33
N LEU G 420 -32.19 23.79 6.19
CA LEU G 420 -32.84 24.18 4.94
C LEU G 420 -33.28 22.96 4.14
N ALA G 421 -33.96 22.05 4.84
CA ALA G 421 -34.60 20.89 4.24
C ALA G 421 -36.09 21.11 4.11
N GLU G 422 -36.50 22.36 3.88
CA GLU G 422 -37.90 22.72 3.83
C GLU G 422 -38.57 22.35 5.15
N SER G 423 -39.50 21.40 5.11
CA SER G 423 -40.12 20.90 6.33
C SER G 423 -40.36 19.40 6.29
N HIS G 424 -39.94 18.71 5.23
CA HIS G 424 -40.29 17.31 5.04
C HIS G 424 -39.14 16.43 4.58
N GLN G 425 -38.10 16.98 3.94
CA GLN G 425 -36.90 16.23 3.60
C GLN G 425 -35.98 16.07 4.81
N ALA G 426 -36.23 16.80 5.88
CA ALA G 426 -35.37 16.73 7.05
C ALA G 426 -35.35 15.32 7.66
N ASN G 427 -36.51 14.67 7.73
CA ASN G 427 -36.57 13.33 8.30
C ASN G 427 -35.76 12.34 7.47
N TYR G 428 -35.85 12.43 6.15
CA TYR G 428 -35.08 11.55 5.28
C TYR G 428 -33.58 11.75 5.50
N LEU G 429 -33.15 13.01 5.56
CA LEU G 429 -31.74 13.31 5.77
C LEU G 429 -31.27 12.78 7.12
N ALA G 430 -32.06 12.99 8.17
CA ALA G 430 -31.69 12.50 9.49
C ALA G 430 -31.59 10.98 9.51
N TYR G 431 -32.55 10.30 8.89
CA TYR G 431 -32.51 8.85 8.85
C TYR G 431 -31.25 8.36 8.16
N HIS G 432 -30.91 8.95 7.01
CA HIS G 432 -29.76 8.46 6.26
C HIS G 432 -28.45 8.82 6.95
N PHE G 433 -28.40 9.97 7.63
CA PHE G 433 -27.23 10.33 8.43
C PHE G 433 -27.02 9.35 9.58
N LEU G 434 -28.09 9.02 10.31
CA LEU G 434 -27.97 8.06 11.38
C LEU G 434 -27.62 6.67 10.85
N MET G 435 -28.13 6.31 9.68
CA MET G 435 -27.75 5.04 9.07
C MET G 435 -26.28 5.06 8.65
N SER G 436 -25.78 6.21 8.22
CA SER G 436 -24.35 6.34 7.96
C SER G 436 -23.55 6.02 9.20
N TYR G 437 -24.01 6.51 10.36
CA TYR G 437 -23.33 6.16 11.61
C TYR G 437 -23.48 4.66 11.89
N TYR G 438 -24.65 4.09 11.62
CA TYR G 438 -24.86 2.67 11.87
C TYR G 438 -23.91 1.82 11.04
N GLN G 439 -23.76 2.14 9.75
CA GLN G 439 -22.88 1.39 8.88
C GLN G 439 -21.43 1.42 9.29
N GLU G 440 -20.96 2.51 9.89
CA GLU G 440 -19.55 2.65 10.24
C GLU G 440 -19.10 1.64 11.30
N SER G 441 -20.00 0.80 11.81
CA SER G 441 -19.65 -0.23 12.77
C SER G 441 -20.18 -1.60 12.37
N PHE G 442 -20.89 -1.73 11.25
CA PHE G 442 -21.47 -3.00 10.87
C PHE G 442 -20.43 -3.98 10.34
N GLU G 443 -19.43 -3.49 9.59
CA GLU G 443 -18.42 -4.37 9.03
C GLU G 443 -17.49 -4.94 10.09
N GLN G 444 -17.41 -4.31 11.26
CA GLN G 444 -16.52 -4.77 12.32
C GLN G 444 -17.31 -5.45 13.43
N SER G 457 -31.56 -8.76 10.66
CA SER G 457 -31.60 -7.65 9.70
C SER G 457 -32.10 -6.38 10.38
N GLY G 458 -33.23 -6.49 11.08
CA GLY G 458 -33.80 -5.36 11.78
C GLY G 458 -34.67 -4.51 10.88
N TYR G 459 -35.87 -4.17 11.37
CA TYR G 459 -36.82 -3.39 10.58
C TYR G 459 -36.49 -1.90 10.56
N PRO G 460 -36.09 -1.28 11.68
CA PRO G 460 -35.74 0.14 11.62
C PRO G 460 -34.60 0.45 10.67
N LEU G 461 -33.82 -0.55 10.28
CA LEU G 461 -32.71 -0.39 9.36
C LEU G 461 -33.09 -0.64 7.91
N THR G 462 -34.37 -0.82 7.62
CA THR G 462 -34.86 -1.18 6.29
C THR G 462 -35.70 -0.06 5.66
N LEU G 463 -35.27 1.20 5.82
CA LEU G 463 -36.04 2.34 5.33
C LEU G 463 -35.21 3.29 4.47
N ARG G 464 -34.12 2.82 3.87
CA ARG G 464 -33.29 3.66 3.00
C ARG G 464 -33.90 3.86 1.63
N THR G 465 -34.47 2.81 1.04
CA THR G 465 -35.22 2.95 -0.21
C THR G 465 -36.69 3.22 0.11
N MET G 466 -36.88 4.28 0.90
CA MET G 466 -38.15 4.66 1.49
C MET G 466 -38.41 6.12 1.13
N GLU G 467 -39.68 6.45 0.97
CA GLU G 467 -40.02 7.82 0.61
C GLU G 467 -39.70 8.76 1.77
N PRO G 468 -39.42 10.03 1.51
CA PRO G 468 -39.31 10.99 2.62
C PRO G 468 -40.61 11.13 3.39
N TYR G 469 -41.76 10.92 2.76
CA TYR G 469 -43.05 10.97 3.43
C TYR G 469 -43.44 9.64 4.07
N ASN G 470 -42.51 8.69 4.13
CA ASN G 470 -42.74 7.41 4.78
C ASN G 470 -41.74 7.16 5.91
N ILE G 471 -41.13 8.22 6.44
CA ILE G 471 -40.15 8.11 7.52
C ILE G 471 -40.75 8.46 8.87
N THR G 472 -41.54 9.54 8.94
CA THR G 472 -42.10 9.99 10.20
C THR G 472 -41.02 10.27 11.23
N LEU G 473 -41.41 10.60 12.45
CA LEU G 473 -40.48 10.86 13.53
C LEU G 473 -40.26 9.65 14.43
N GLY G 474 -41.22 8.72 14.50
CA GLY G 474 -41.03 7.52 15.28
C GLY G 474 -39.92 6.64 14.76
N ASP G 475 -39.76 6.57 13.44
CA ASP G 475 -38.64 5.79 12.88
C ASP G 475 -37.30 6.45 13.17
N ILE G 476 -37.24 7.78 13.20
CA ILE G 476 -36.01 8.45 13.57
C ILE G 476 -35.60 8.08 14.99
N TYR G 477 -36.55 8.17 15.92
CA TYR G 477 -36.27 7.80 17.31
C TYR G 477 -35.93 6.33 17.43
N ALA G 478 -36.63 5.47 16.69
CA ALA G 478 -36.34 4.05 16.74
C ALA G 478 -34.94 3.75 16.26
N LEU G 479 -34.52 4.40 15.16
CA LEU G 479 -33.17 4.19 14.66
C LEU G 479 -32.13 4.71 15.65
N MET G 480 -32.41 5.85 16.29
CA MET G 480 -31.48 6.38 17.27
C MET G 480 -31.36 5.46 18.48
N GLU G 481 -32.47 4.86 18.91
CA GLU G 481 -32.38 3.87 19.99
C GLU G 481 -31.60 2.64 19.56
N GLU G 482 -31.89 2.11 18.37
CA GLU G 482 -31.17 0.93 17.90
C GLU G 482 -29.67 1.21 17.81
N LEU G 483 -29.29 2.38 17.31
CA LEU G 483 -27.90 2.82 17.36
C LEU G 483 -27.39 3.01 18.77
N LYS G 484 -28.27 3.35 19.69
CA LYS G 484 -27.86 3.44 21.08
C LYS G 484 -27.65 2.06 21.68
N TYR G 485 -28.13 1.00 21.02
CA TYR G 485 -28.02 -0.37 21.50
C TYR G 485 -27.32 -1.27 20.48
N THR G 486 -26.42 -0.72 19.68
CA THR G 486 -25.74 -1.47 18.63
C THR G 486 -24.38 -1.94 19.11
N GLU G 487 -24.01 -3.16 18.69
CA GLU G 487 -22.74 -3.79 19.08
C GLU G 487 -21.60 -3.17 18.27
N GLY G 488 -21.45 -1.85 18.39
CA GLY G 488 -20.52 -1.12 17.54
C GLY G 488 -19.94 0.13 18.17
N ILE G 489 -19.89 1.21 17.38
CA ILE G 489 -19.21 2.44 17.78
C ILE G 489 -19.99 3.14 18.90
N SER G 490 -19.35 4.09 19.56
CA SER G 490 -19.92 4.77 20.72
C SER G 490 -19.32 6.17 20.80
N ALA G 491 -19.46 6.81 21.96
CA ALA G 491 -18.85 8.11 22.24
C ALA G 491 -19.46 9.22 21.38
N ASP G 492 -18.80 9.56 20.27
CA ASP G 492 -19.26 10.68 19.45
C ASP G 492 -20.67 10.43 18.93
N THR G 493 -21.00 9.17 18.64
CA THR G 493 -22.30 8.86 18.07
C THR G 493 -23.42 9.20 19.04
N TYR G 494 -23.21 8.95 20.33
CA TYR G 494 -24.21 9.26 21.34
C TYR G 494 -24.50 10.76 21.38
N TYR G 495 -23.45 11.58 21.38
CA TYR G 495 -23.67 13.03 21.41
C TYR G 495 -24.28 13.53 20.11
N ILE G 496 -23.96 12.89 18.98
CA ILE G 496 -24.62 13.23 17.73
C ILE G 496 -26.12 12.99 17.85
N VAL G 497 -26.50 11.83 18.41
CA VAL G 497 -27.91 11.53 18.61
C VAL G 497 -28.56 12.58 19.51
N TYR G 498 -27.87 12.94 20.60
CA TYR G 498 -28.42 13.94 21.52
C TYR G 498 -28.63 15.28 20.83
N ILE G 499 -27.65 15.72 20.04
CA ILE G 499 -27.76 17.02 19.39
C ILE G 499 -28.85 16.99 18.33
N LEU G 500 -29.00 15.87 17.62
CA LEU G 500 -30.10 15.75 16.68
C LEU G 500 -31.44 15.84 17.38
N LYS G 501 -31.56 15.17 18.55
CA LYS G 501 -32.80 15.28 19.32
C LYS G 501 -33.06 16.72 19.75
N VAL G 502 -32.01 17.42 20.19
CA VAL G 502 -32.17 18.81 20.62
C VAL G 502 -32.62 19.68 19.46
N TYR G 503 -32.02 19.50 18.28
CA TYR G 503 -32.39 20.29 17.12
C TYR G 503 -33.83 20.01 16.70
N TYR G 504 -34.22 18.73 16.70
CA TYR G 504 -35.60 18.38 16.38
C TYR G 504 -36.57 19.02 17.37
N SER G 505 -36.24 18.96 18.67
CA SER G 505 -37.10 19.57 19.67
C SER G 505 -37.23 21.06 19.46
N LEU G 506 -36.11 21.73 19.15
CA LEU G 506 -36.16 23.17 18.91
C LEU G 506 -37.04 23.49 17.71
N ARG G 507 -36.89 22.75 16.61
CA ARG G 507 -37.71 23.00 15.44
C ARG G 507 -39.17 22.73 15.71
N LEU G 508 -39.47 21.63 16.40
CA LEU G 508 -40.85 21.31 16.73
C LEU G 508 -41.49 22.38 17.60
N SER G 509 -40.77 22.84 18.62
CA SER G 509 -41.30 23.90 19.47
C SER G 509 -41.51 25.19 18.69
N GLU G 510 -40.55 25.54 17.83
CA GLU G 510 -40.68 26.75 17.03
C GLU G 510 -41.91 26.69 16.14
N LEU G 511 -42.10 25.56 15.44
CA LEU G 511 -43.25 25.40 14.57
C LEU G 511 -44.55 25.41 15.37
N LEU G 512 -44.56 24.74 16.52
CA LEU G 512 -45.76 24.70 17.35
C LEU G 512 -46.15 26.10 17.81
N TYR G 513 -45.17 26.90 18.20
CA TYR G 513 -45.42 28.25 18.68
C TYR G 513 -45.84 29.18 17.56
N ASN G 514 -45.28 28.98 16.35
CA ASN G 514 -45.77 29.72 15.19
C ASN G 514 -47.22 29.37 14.90
N VAL G 515 -47.58 28.08 15.01
CA VAL G 515 -48.97 27.68 14.84
C VAL G 515 -49.85 28.34 15.90
N VAL G 516 -49.39 28.35 17.15
CA VAL G 516 -50.17 28.92 18.24
C VAL G 516 -50.40 30.41 18.02
N LEU G 517 -49.42 31.10 17.43
CA LEU G 517 -49.61 32.51 17.13
C LEU G 517 -50.77 32.72 16.18
N HIS G 518 -50.91 31.86 15.18
CA HIS G 518 -52.02 31.92 14.24
C HIS G 518 -53.18 31.02 14.68
N HIS G 519 -53.61 31.19 15.94
CA HIS G 519 -54.65 30.31 16.48
C HIS G 519 -56.04 30.73 16.00
N LYS G 520 -56.27 32.02 15.78
CA LYS G 520 -57.59 32.48 15.38
C LYS G 520 -58.05 31.77 14.11
N LEU G 521 -57.16 31.67 13.11
CA LEU G 521 -57.52 31.19 11.79
C LEU G 521 -58.23 29.85 11.80
N PHE G 522 -58.19 29.10 12.91
CA PHE G 522 -58.85 27.80 12.92
C PHE G 522 -59.64 27.55 14.19
N VAL G 523 -59.99 28.60 14.95
CA VAL G 523 -60.89 28.36 16.08
C VAL G 523 -62.10 27.57 15.62
N HIS G 524 -62.65 27.94 14.45
CA HIS G 524 -63.85 27.28 13.96
C HIS G 524 -63.67 25.77 13.88
N VAL G 525 -62.51 25.30 13.41
CA VAL G 525 -62.39 23.86 13.24
C VAL G 525 -62.49 23.18 14.59
N LYS G 526 -61.88 23.76 15.64
CA LYS G 526 -62.08 23.21 16.97
C LYS G 526 -63.56 22.97 17.20
N GLU G 527 -64.36 24.01 16.98
CA GLU G 527 -65.79 23.88 17.24
C GLU G 527 -66.32 22.71 16.43
N GLU G 528 -65.98 22.71 15.13
CA GLU G 528 -66.41 21.63 14.26
C GLU G 528 -65.95 20.28 14.78
N ALA G 529 -64.67 20.17 15.16
CA ALA G 529 -64.20 18.91 15.72
C ALA G 529 -65.08 18.48 16.87
N THR G 530 -65.46 19.44 17.73
CA THR G 530 -66.40 19.12 18.79
C THR G 530 -67.65 18.49 18.21
N THR G 531 -68.30 19.18 17.28
CA THR G 531 -69.50 18.60 16.66
C THR G 531 -69.21 17.26 15.99
N PHE G 532 -68.01 17.06 15.46
CA PHE G 532 -67.77 15.94 14.55
C PHE G 532 -67.70 14.61 15.27
N TYR G 533 -66.98 14.54 16.41
CA TYR G 533 -66.86 13.31 17.18
C TYR G 533 -67.40 13.47 18.60
N MET G 534 -68.37 14.38 18.77
CA MET G 534 -69.12 14.51 20.01
C MET G 534 -70.28 13.53 20.00
N ALA G 535 -70.80 13.25 18.81
CA ALA G 535 -71.94 12.36 18.61
C ALA G 535 -71.51 10.90 18.69
N ASP G 556 -67.67 13.96 8.80
CA ASP G 556 -67.48 13.08 7.66
C ASP G 556 -66.47 13.65 6.66
N LYS G 557 -67.01 13.99 5.49
CA LYS G 557 -66.22 14.28 4.31
C LYS G 557 -66.03 15.79 4.13
N GLU G 558 -67.08 16.58 4.42
CA GLU G 558 -66.88 18.02 4.56
C GLU G 558 -65.91 18.34 5.68
N TYR G 559 -65.93 17.54 6.76
CA TYR G 559 -65.02 17.77 7.87
C TYR G 559 -63.56 17.65 7.45
N ARG G 560 -63.22 16.57 6.73
CA ARG G 560 -61.87 16.44 6.22
C ARG G 560 -61.54 17.58 5.28
N GLU G 561 -62.52 17.99 4.48
CA GLU G 561 -62.26 19.03 3.50
C GLU G 561 -61.88 20.33 4.23
N HIS G 562 -62.63 20.63 5.30
CA HIS G 562 -62.37 21.81 6.11
C HIS G 562 -61.02 21.73 6.82
N ILE G 563 -60.68 20.55 7.35
CA ILE G 563 -59.39 20.40 8.02
C ILE G 563 -58.27 20.70 7.02
N MET G 564 -58.39 20.20 5.80
CA MET G 564 -57.35 20.44 4.81
C MET G 564 -57.28 21.92 4.43
N THR G 565 -58.43 22.58 4.29
CA THR G 565 -58.42 24.00 3.99
C THR G 565 -57.76 24.79 5.12
N ALA G 566 -58.08 24.48 6.37
CA ALA G 566 -57.46 25.17 7.49
C ALA G 566 -55.96 24.92 7.54
N ILE G 567 -55.53 23.70 7.22
CA ILE G 567 -54.10 23.40 7.19
C ILE G 567 -53.40 24.26 6.14
N GLU G 568 -54.00 24.37 4.95
CA GLU G 568 -53.35 25.11 3.87
C GLU G 568 -53.11 26.57 4.23
N LYS G 569 -53.89 27.14 5.15
CA LYS G 569 -53.76 28.56 5.44
C LYS G 569 -52.70 28.85 6.49
N VAL G 570 -52.16 27.84 7.16
CA VAL G 570 -51.09 28.02 8.13
C VAL G 570 -49.91 27.15 7.71
N PRO G 571 -48.96 27.69 6.95
CA PRO G 571 -47.81 26.86 6.52
C PRO G 571 -47.06 26.23 7.68
N ALA G 572 -46.96 26.91 8.83
CA ALA G 572 -46.26 26.35 9.97
C ALA G 572 -46.93 25.07 10.45
N LEU G 573 -48.25 25.01 10.41
CA LEU G 573 -48.95 23.79 10.80
C LEU G 573 -48.63 22.64 9.85
N GLN G 574 -48.69 22.89 8.54
CA GLN G 574 -48.11 21.95 7.59
C GLN G 574 -46.75 21.46 8.01
N ALA G 575 -45.81 22.39 8.27
CA ALA G 575 -44.45 21.98 8.52
C ALA G 575 -44.36 21.10 9.77
N TYR G 576 -45.11 21.47 10.80
CA TYR G 576 -45.12 20.68 12.03
C TYR G 576 -45.69 19.28 11.81
N LEU G 577 -46.82 19.19 11.11
CA LEU G 577 -47.43 17.89 10.85
C LEU G 577 -46.57 17.04 9.94
N GLU G 578 -45.80 17.68 9.06
CA GLU G 578 -44.90 16.95 8.17
C GLU G 578 -43.67 16.45 8.90
N LEU G 579 -43.16 17.22 9.87
CA LEU G 579 -42.07 16.73 10.71
C LEU G 579 -42.46 15.45 11.41
N VAL G 580 -43.47 15.51 12.27
CA VAL G 580 -44.07 14.32 12.87
C VAL G 580 -45.14 13.86 11.87
N ASN G 581 -44.72 13.05 10.90
CA ASN G 581 -45.60 12.72 9.79
C ASN G 581 -46.92 12.16 10.29
N ALA G 582 -46.89 10.98 10.91
CA ALA G 582 -48.05 10.47 11.63
C ALA G 582 -47.70 9.75 12.92
N GLN G 583 -46.43 9.63 13.28
CA GLN G 583 -46.03 8.80 14.41
C GLN G 583 -44.71 9.30 14.96
N PHE G 584 -44.71 9.73 16.23
CA PHE G 584 -43.47 10.01 16.93
C PHE G 584 -43.00 8.84 17.77
N MET G 585 -43.80 7.77 17.85
CA MET G 585 -43.35 6.57 18.53
C MET G 585 -42.88 5.55 17.50
N PRO G 586 -41.92 4.71 17.85
CA PRO G 586 -41.52 3.63 16.94
C PRO G 586 -42.70 2.77 16.56
N GLN G 587 -42.81 2.42 15.27
CA GLN G 587 -43.89 1.55 14.79
C GLN G 587 -43.43 0.10 14.94
N ASN G 588 -42.90 -0.20 16.12
CA ASN G 588 -42.51 -1.54 16.53
C ASN G 588 -42.80 -1.72 18.02
N PHE G 589 -43.31 -0.67 18.66
CA PHE G 589 -43.23 -0.57 20.10
C PHE G 589 -44.16 -1.55 20.79
N ASN G 590 -43.67 -2.14 21.87
CA ASN G 590 -44.44 -3.10 22.67
C ASN G 590 -45.03 -2.36 23.87
N TYR G 591 -46.34 -2.13 23.82
CA TYR G 591 -47.05 -1.51 24.93
C TYR G 591 -47.39 -2.50 26.03
N ASP G 592 -47.10 -3.78 25.83
CA ASP G 592 -47.37 -4.84 26.82
C ASP G 592 -46.06 -5.57 27.08
N ARG G 593 -45.41 -5.25 28.19
CA ARG G 593 -44.13 -5.86 28.54
C ARG G 593 -44.35 -7.20 29.26
N SER G 594 -44.89 -8.16 28.51
CA SER G 594 -45.11 -9.51 28.98
C SER G 594 -44.38 -10.55 28.14
N GLY G 595 -44.40 -10.40 26.81
CA GLY G 595 -43.68 -11.30 25.93
C GLY G 595 -43.80 -10.90 24.49
N SER G 596 -42.66 -10.88 23.78
CA SER G 596 -42.63 -10.47 22.37
C SER G 596 -43.39 -9.15 22.22
N ARG G 597 -44.13 -8.99 21.12
CA ARG G 597 -44.95 -7.81 20.90
C ARG G 597 -46.44 -8.15 20.83
N ASP G 598 -46.83 -9.09 19.99
CA ASP G 598 -48.24 -9.41 19.81
C ASP G 598 -48.35 -10.66 18.93
N ASP G 599 -49.56 -11.22 18.92
CA ASP G 599 -49.96 -12.18 17.89
C ASP G 599 -50.82 -11.51 16.83
N ASP G 600 -51.94 -10.92 17.23
CA ASP G 600 -52.79 -10.13 16.35
C ASP G 600 -53.37 -8.94 17.10
N PHE G 601 -52.62 -8.38 18.07
CA PHE G 601 -53.20 -7.43 19.00
C PHE G 601 -53.42 -6.06 18.36
N TYR G 602 -52.50 -5.62 17.51
CA TYR G 602 -52.51 -4.24 17.00
C TYR G 602 -53.19 -4.11 15.65
N LEU G 603 -54.01 -5.09 15.26
CA LEU G 603 -54.68 -5.08 13.97
C LEU G 603 -56.19 -5.13 14.14
N ILE G 604 -56.90 -4.34 13.35
CA ILE G 604 -58.35 -4.25 13.36
C ILE G 604 -58.86 -4.34 11.93
N SER G 605 -60.19 -4.31 11.78
CA SER G 605 -60.82 -4.52 10.48
C SER G 605 -61.59 -3.32 9.97
N TRP G 606 -62.47 -2.73 10.79
CA TRP G 606 -63.23 -1.55 10.40
C TRP G 606 -64.09 -1.83 9.17
N LEU G 607 -65.10 -2.68 9.38
CA LEU G 607 -65.81 -3.29 8.25
C LEU G 607 -66.67 -2.28 7.50
N LYS G 608 -67.65 -1.66 8.17
CA LYS G 608 -68.59 -0.80 7.46
C LYS G 608 -69.18 0.24 8.39
N ASP G 609 -69.50 1.41 7.82
CA ASP G 609 -70.01 2.52 8.60
C ASP G 609 -71.34 2.18 9.28
N ASP G 610 -72.24 1.51 8.55
CA ASP G 610 -73.55 1.19 9.09
C ASP G 610 -73.48 0.25 10.30
N ASP G 611 -72.34 -0.40 10.51
CA ASP G 611 -72.17 -1.32 11.63
C ASP G 611 -71.13 -0.85 12.64
N LEU G 612 -70.49 0.29 12.42
CA LEU G 612 -69.55 0.81 13.39
C LEU G 612 -70.29 1.19 14.68
N PRO G 613 -69.69 0.95 15.84
CA PRO G 613 -70.35 1.36 17.09
C PRO G 613 -70.32 2.86 17.30
N GLU G 614 -70.89 3.33 18.41
CA GLU G 614 -70.87 4.73 18.73
C GLU G 614 -69.43 5.20 18.96
N TYR G 615 -69.19 6.48 18.72
CA TYR G 615 -67.91 7.09 19.05
C TYR G 615 -66.78 6.48 18.22
N SER G 616 -67.14 5.92 17.07
CA SER G 616 -66.16 5.25 16.23
C SER G 616 -65.20 6.24 15.60
N ARG G 617 -65.64 7.50 15.39
CA ARG G 617 -64.72 8.52 14.89
C ARG G 617 -63.57 8.75 15.86
N LEU G 618 -63.83 8.61 17.17
CA LEU G 618 -62.74 8.66 18.14
C LEU G 618 -61.75 7.53 17.90
N PHE G 619 -62.26 6.31 17.66
CA PHE G 619 -61.37 5.20 17.35
C PHE G 619 -61.06 5.18 15.87
N LYS G 620 -60.74 6.36 15.33
CA LYS G 620 -60.11 6.51 14.03
C LYS G 620 -59.02 7.57 14.02
N SER G 621 -59.06 8.51 14.98
CA SER G 621 -58.09 9.59 15.07
C SER G 621 -57.23 9.49 16.32
N LEU G 622 -57.51 8.55 17.21
CA LEU G 622 -56.72 8.36 18.43
C LEU G 622 -55.65 7.28 18.29
N PHE G 623 -55.93 6.21 17.55
CA PHE G 623 -55.05 5.06 17.51
C PHE G 623 -54.74 4.55 16.10
N LEU G 624 -55.27 5.20 15.07
CA LEU G 624 -55.43 4.58 13.76
C LEU G 624 -54.88 5.49 12.66
N ASN G 625 -53.64 5.94 12.84
CA ASN G 625 -53.03 6.98 12.02
C ASN G 625 -52.80 6.58 10.55
N SER G 626 -53.19 5.44 9.98
CA SER G 626 -52.90 5.14 8.59
C SER G 626 -54.13 4.53 7.92
N GLU G 627 -54.16 4.61 6.58
CA GLU G 627 -55.20 3.98 5.78
C GLU G 627 -54.51 3.15 4.69
N VAL G 628 -54.09 1.94 5.05
CA VAL G 628 -53.47 0.99 4.13
C VAL G 628 -53.77 -0.42 4.62
N ALA G 629 -53.48 -1.40 3.77
CA ALA G 629 -53.79 -2.79 4.11
C ALA G 629 -52.97 -3.33 5.26
N ALA G 630 -51.91 -2.64 5.66
CA ALA G 630 -51.07 -3.09 6.77
C ALA G 630 -50.52 -4.49 6.49
N PHE G 645 -47.83 0.88 -5.52
CA PHE G 645 -47.40 0.59 -4.15
C PHE G 645 -46.03 1.22 -3.88
N ARG G 646 -45.69 2.27 -4.64
CA ARG G 646 -44.37 2.88 -4.58
C ARG G 646 -44.36 4.33 -4.12
N TYR G 647 -45.39 5.10 -4.42
CA TYR G 647 -45.39 6.55 -4.24
C TYR G 647 -46.45 6.96 -3.25
N ARG G 648 -46.47 6.27 -2.11
CA ARG G 648 -47.63 6.23 -1.25
C ARG G 648 -47.34 6.79 0.13
N ASN G 649 -48.24 7.67 0.59
CA ASN G 649 -48.03 8.42 1.82
C ASN G 649 -47.97 7.51 3.03
N LEU G 650 -48.87 6.51 3.07
CA LEU G 650 -48.88 5.45 4.06
C LEU G 650 -49.24 5.94 5.45
N TYR G 651 -49.28 7.26 5.66
CA TYR G 651 -49.50 7.81 6.98
C TYR G 651 -50.69 8.77 7.04
N SER G 652 -50.73 9.80 6.18
CA SER G 652 -51.90 10.65 6.04
C SER G 652 -52.45 11.10 7.40
N TYR G 653 -51.67 11.95 8.07
CA TYR G 653 -52.08 12.48 9.37
C TYR G 653 -53.46 13.13 9.35
N LEU G 654 -54.05 13.33 8.18
CA LEU G 654 -55.37 13.90 8.07
C LEU G 654 -56.44 12.91 8.50
N PRO G 655 -57.68 13.36 8.69
CA PRO G 655 -58.78 12.42 8.92
C PRO G 655 -58.85 11.40 7.80
N LEU G 656 -59.09 10.15 8.18
CA LEU G 656 -58.92 9.00 7.30
C LEU G 656 -60.27 8.40 6.94
N GLN G 657 -60.41 7.95 5.69
CA GLN G 657 -61.64 7.32 5.23
C GLN G 657 -61.26 5.89 4.92
N LEU G 658 -61.69 4.94 5.75
CA LEU G 658 -61.23 3.57 5.64
C LEU G 658 -62.23 2.74 4.84
N THR G 659 -61.72 1.75 4.12
CA THR G 659 -62.56 0.90 3.30
C THR G 659 -62.92 -0.37 4.07
N SER G 660 -63.78 -1.18 3.48
CA SER G 660 -64.35 -2.33 4.17
C SER G 660 -63.40 -3.51 4.16
N ALA G 661 -63.35 -4.22 5.29
CA ALA G 661 -62.62 -5.48 5.42
C ALA G 661 -61.15 -5.30 5.04
N THR G 662 -60.49 -4.41 5.78
CA THR G 662 -59.07 -4.14 5.59
C THR G 662 -58.38 -4.09 6.95
N PHE G 663 -57.22 -4.74 7.04
CA PHE G 663 -56.44 -4.75 8.27
C PHE G 663 -55.71 -3.43 8.44
N TYR G 664 -55.84 -2.84 9.63
CA TYR G 664 -55.20 -1.58 9.95
C TYR G 664 -54.43 -1.70 11.27
N LYS G 665 -53.24 -1.11 11.30
CA LYS G 665 -52.40 -1.14 12.50
C LYS G 665 -52.76 -0.01 13.44
N ILE G 666 -52.54 -0.25 14.73
CA ILE G 666 -52.90 0.70 15.78
C ILE G 666 -51.65 1.32 16.39
N ASP G 667 -51.69 2.63 16.61
CA ASP G 667 -50.63 3.35 17.32
C ASP G 667 -51.28 4.16 18.43
N PHE G 668 -51.00 3.78 19.68
CA PHE G 668 -51.73 4.32 20.82
C PHE G 668 -51.48 5.81 21.04
N LEU G 669 -50.33 6.34 20.61
CA LEU G 669 -49.94 7.71 20.92
C LEU G 669 -49.96 8.61 19.70
N ALA G 670 -50.98 8.46 18.84
CA ALA G 670 -51.10 9.28 17.65
C ALA G 670 -52.00 10.49 17.84
N PHE G 671 -52.71 10.60 18.96
CA PHE G 671 -53.72 11.64 19.11
C PHE G 671 -53.12 13.03 19.05
N ALA G 672 -51.96 13.23 19.70
CA ALA G 672 -51.40 14.57 19.83
C ALA G 672 -50.93 15.16 18.51
N ILE G 673 -50.78 14.34 17.49
CA ILE G 673 -50.15 14.76 16.24
C ILE G 673 -51.10 14.68 15.06
N LYS G 674 -52.39 14.45 15.31
CA LYS G 674 -53.40 14.54 14.26
C LYS G 674 -53.79 16.00 14.08
N ALA G 675 -54.02 16.39 12.82
CA ALA G 675 -54.24 17.79 12.52
C ALA G 675 -55.41 18.36 13.32
N ASP G 676 -56.57 17.70 13.25
CA ASP G 676 -57.76 18.23 13.93
C ASP G 676 -57.57 18.25 15.44
N LEU G 677 -57.03 17.18 16.01
CA LEU G 677 -56.84 17.13 17.45
C LEU G 677 -55.78 18.15 17.89
N LEU G 678 -54.71 18.28 17.12
CA LEU G 678 -53.67 19.26 17.43
C LEU G 678 -54.25 20.67 17.46
N MET G 679 -55.07 21.00 16.47
CA MET G 679 -55.63 22.36 16.40
C MET G 679 -56.69 22.57 17.48
N TYR G 680 -57.46 21.53 17.81
CA TYR G 680 -58.33 21.60 18.97
C TYR G 680 -57.53 21.94 20.22
N ASN G 681 -56.41 21.24 20.42
CA ASN G 681 -55.58 21.48 21.61
C ASN G 681 -54.98 22.88 21.58
N VAL G 682 -54.55 23.34 20.41
CA VAL G 682 -53.96 24.68 20.30
C VAL G 682 -54.99 25.74 20.69
N VAL G 683 -56.20 25.63 20.16
CA VAL G 683 -57.23 26.61 20.48
C VAL G 683 -57.60 26.52 21.95
N ARG G 684 -57.67 25.31 22.50
CA ARG G 684 -57.95 25.16 23.92
C ARG G 684 -56.86 25.83 24.76
N PHE G 685 -55.60 25.62 24.38
CA PHE G 685 -54.49 26.19 25.13
C PHE G 685 -54.51 27.72 25.09
N VAL G 686 -54.77 28.29 23.92
CA VAL G 686 -54.75 29.75 23.80
C VAL G 686 -55.95 30.36 24.51
N GLU G 687 -57.14 29.78 24.30
CA GLU G 687 -58.37 30.41 24.80
C GLU G 687 -58.57 30.15 26.28
N GLU G 688 -58.71 28.88 26.66
CA GLU G 688 -59.01 28.54 28.05
C GLU G 688 -57.82 28.86 28.94
N GLU G 689 -58.09 29.46 30.09
CA GLU G 689 -57.06 29.83 31.07
C GLU G 689 -57.51 29.29 32.42
N GLY G 690 -57.18 28.03 32.69
CA GLY G 690 -57.45 27.42 33.98
C GLY G 690 -56.17 27.02 34.68
N ASP G 691 -55.93 25.71 34.78
CA ASP G 691 -54.70 25.19 35.33
C ASP G 691 -54.07 24.07 34.52
N THR G 692 -54.81 23.48 33.59
CA THR G 692 -54.28 22.43 32.71
C THR G 692 -53.80 23.03 31.40
N ILE G 693 -52.89 22.31 30.76
CA ILE G 693 -52.38 22.66 29.43
C ILE G 693 -52.45 21.42 28.57
N PRO G 694 -53.01 21.48 27.36
CA PRO G 694 -53.02 20.30 26.50
C PRO G 694 -51.60 19.85 26.18
N TYR G 695 -51.44 18.53 26.06
CA TYR G 695 -50.14 17.99 25.71
C TYR G 695 -49.81 18.33 24.26
N PHE G 696 -48.60 18.82 24.02
CA PHE G 696 -48.10 19.11 22.68
C PHE G 696 -46.80 18.34 22.46
N MET G 697 -46.68 17.75 21.28
CA MET G 697 -45.49 17.00 20.90
C MET G 697 -44.44 17.99 20.40
N SER G 698 -43.71 18.58 21.34
CA SER G 698 -42.68 19.56 21.03
C SER G 698 -41.29 19.15 21.46
N ASN G 699 -41.15 18.04 22.18
CA ASN G 699 -39.87 17.57 22.69
C ASN G 699 -39.76 16.08 22.44
N MET G 700 -38.64 15.65 21.85
CA MET G 700 -38.43 14.22 21.63
C MET G 700 -38.09 13.49 22.92
N PHE G 701 -37.52 14.18 23.90
CA PHE G 701 -37.29 13.55 25.20
C PHE G 701 -38.60 13.13 25.84
N HIS G 702 -39.72 13.71 25.40
CA HIS G 702 -41.02 13.14 25.74
C HIS G 702 -41.12 11.72 25.21
N ILE G 703 -40.56 11.46 24.03
CA ILE G 703 -40.55 10.08 23.51
C ILE G 703 -39.65 9.20 24.36
N ASP G 704 -38.54 9.77 24.86
CA ASP G 704 -37.72 9.05 25.83
C ASP G 704 -38.55 8.60 27.02
N VAL G 705 -39.37 9.51 27.57
CA VAL G 705 -40.22 9.14 28.69
C VAL G 705 -41.26 8.12 28.26
N PHE G 706 -41.83 8.28 27.07
CA PHE G 706 -42.91 7.42 26.61
C PHE G 706 -42.44 5.97 26.48
N VAL G 707 -41.26 5.75 25.90
CA VAL G 707 -40.77 4.39 25.76
C VAL G 707 -40.45 3.78 27.11
N ARG G 708 -40.24 4.59 28.13
CA ARG G 708 -39.97 4.09 29.48
C ARG G 708 -41.24 3.75 30.25
N HIS G 709 -42.40 4.21 29.79
CA HIS G 709 -43.63 4.03 30.53
C HIS G 709 -44.05 2.56 30.54
N ASN G 710 -44.82 2.19 31.57
CA ASN G 710 -45.20 0.80 31.79
C ASN G 710 -46.29 0.35 30.82
N TYR G 711 -47.43 1.02 30.86
CA TYR G 711 -48.61 0.74 30.04
C TYR G 711 -49.35 -0.52 30.47
N ASN G 712 -48.97 -1.15 31.58
CA ASN G 712 -49.69 -2.31 32.07
C ASN G 712 -49.49 -2.47 33.59
N GLY G 718 -59.44 -5.87 28.70
CA GLY G 718 -58.69 -5.54 29.91
C GLY G 718 -57.36 -4.90 29.55
N LYS G 719 -56.58 -5.60 28.73
CA LYS G 719 -55.27 -5.08 28.31
C LYS G 719 -55.44 -3.78 27.53
N PHE G 720 -56.28 -3.80 26.50
CA PHE G 720 -56.48 -2.61 25.68
C PHE G 720 -57.04 -1.47 26.50
N ALA G 721 -57.99 -1.75 27.38
CA ALA G 721 -58.59 -0.70 28.20
C ALA G 721 -57.54 -0.05 29.09
N TYR G 722 -56.69 -0.84 29.73
CA TYR G 722 -55.66 -0.28 30.59
C TYR G 722 -54.66 0.55 29.80
N ILE G 723 -54.24 0.05 28.62
CA ILE G 723 -53.31 0.84 27.82
C ILE G 723 -53.96 2.15 27.38
N ALA G 724 -55.22 2.10 26.97
CA ALA G 724 -55.92 3.31 26.56
C ALA G 724 -56.04 4.30 27.71
N LYS G 725 -56.33 3.82 28.92
CA LYS G 725 -56.39 4.70 30.06
C LYS G 725 -55.04 5.33 30.36
N GLN G 726 -53.96 4.54 30.21
CA GLN G 726 -52.63 5.11 30.38
C GLN G 726 -52.38 6.22 29.37
N ILE G 727 -52.82 6.02 28.13
CA ILE G 727 -52.67 7.06 27.11
C ILE G 727 -53.45 8.30 27.52
N VAL G 728 -54.69 8.11 27.99
CA VAL G 728 -55.55 9.24 28.31
C VAL G 728 -55.17 9.86 29.65
N PHE G 729 -54.96 9.03 30.68
CA PHE G 729 -54.81 9.51 32.04
C PHE G 729 -53.49 9.12 32.69
N GLY G 730 -53.02 7.88 32.51
CA GLY G 730 -51.89 7.40 33.27
C GLY G 730 -50.63 8.19 33.04
N LEU G 731 -50.34 8.53 31.77
CA LEU G 731 -49.12 9.24 31.44
C LEU G 731 -49.09 10.65 32.02
N TRP G 732 -50.21 11.16 32.52
CA TRP G 732 -50.30 12.55 32.93
C TRP G 732 -50.76 12.68 34.38
N TRP G 745 -37.92 11.83 35.16
CA TRP G 745 -38.56 11.25 33.98
C TRP G 745 -39.73 12.11 33.52
N TYR G 746 -40.83 12.04 34.26
CA TYR G 746 -42.06 12.74 33.90
C TYR G 746 -41.96 14.24 34.10
N LYS G 747 -40.93 14.72 34.79
CA LYS G 747 -40.73 16.16 34.93
C LYS G 747 -40.49 16.84 33.60
N SER G 748 -40.18 16.09 32.54
CA SER G 748 -40.06 16.69 31.21
C SER G 748 -41.41 17.12 30.65
N PHE G 749 -42.52 16.73 31.28
CA PHE G 749 -43.84 17.19 30.89
C PHE G 749 -44.27 18.43 31.66
N ASP G 750 -43.34 19.08 32.37
CA ASP G 750 -43.71 20.14 33.30
C ASP G 750 -44.38 21.31 32.58
N THR G 751 -43.74 21.81 31.51
CA THR G 751 -44.26 22.94 30.74
C THR G 751 -44.20 24.22 31.57
N VAL G 752 -43.92 25.35 30.93
CA VAL G 752 -43.84 26.63 31.63
C VAL G 752 -45.19 27.31 31.79
N PHE G 753 -46.23 26.78 31.17
CA PHE G 753 -47.53 27.43 31.16
C PHE G 753 -48.53 26.86 32.16
N GLY G 754 -48.34 25.62 32.60
CA GLY G 754 -49.33 24.98 33.45
C GLY G 754 -48.68 24.08 34.48
N THR G 755 -49.51 23.65 35.43
CA THR G 755 -49.09 22.73 36.48
C THR G 755 -49.15 21.28 36.03
N LYS G 756 -50.23 20.87 35.38
CA LYS G 756 -50.40 19.49 34.94
C LYS G 756 -50.49 19.53 33.43
N ILE G 757 -50.69 18.36 32.82
CA ILE G 757 -50.86 18.28 31.38
C ILE G 757 -52.01 17.33 31.08
N GLU G 758 -53.01 17.83 30.36
CA GLU G 758 -54.05 16.99 29.81
C GLU G 758 -53.55 16.34 28.52
N ALA G 759 -54.36 15.44 27.97
CA ALA G 759 -54.09 14.84 26.67
C ALA G 759 -54.99 15.38 25.59
N LEU G 760 -56.30 15.39 25.82
CA LEU G 760 -57.25 15.97 24.88
C LEU G 760 -58.52 16.26 25.68
N HIS G 761 -58.83 17.54 25.87
CA HIS G 761 -59.91 17.90 26.79
C HIS G 761 -61.25 17.37 26.31
N LEU G 762 -61.42 17.18 25.00
CA LEU G 762 -62.73 16.77 24.50
C LEU G 762 -63.09 15.37 25.01
N LEU G 763 -62.10 14.51 25.23
CA LEU G 763 -62.38 13.21 25.81
C LEU G 763 -63.11 13.34 27.14
N VAL G 764 -62.87 14.43 27.87
CA VAL G 764 -63.62 14.68 29.08
C VAL G 764 -65.09 14.88 28.75
N ASP G 765 -65.39 15.78 27.82
CA ASP G 765 -66.78 16.07 27.47
C ASP G 765 -67.48 14.82 26.96
N ILE G 766 -66.80 14.06 26.09
CA ILE G 766 -67.38 12.82 25.61
C ILE G 766 -67.73 11.91 26.79
N ALA G 767 -66.84 11.80 27.77
CA ALA G 767 -67.15 10.98 28.93
C ALA G 767 -68.44 11.43 29.59
N GLU G 768 -68.65 12.74 29.67
CA GLU G 768 -69.89 13.25 30.24
C GLU G 768 -71.10 12.63 29.57
N GLN G 769 -71.11 12.60 28.23
CA GLN G 769 -72.26 12.03 27.53
C GLN G 769 -72.46 10.57 27.90
N ILE G 770 -71.37 9.84 28.13
CA ILE G 770 -71.51 8.46 28.57
C ILE G 770 -72.26 8.40 29.89
N LYS G 771 -71.94 9.31 30.82
CA LYS G 771 -72.69 9.35 32.07
C LYS G 771 -74.18 9.54 31.81
N ILE G 772 -74.53 10.32 30.80
CA ILE G 772 -75.94 10.52 30.46
C ILE G 772 -76.54 9.23 29.90
N SER G 773 -75.76 8.49 29.13
CA SER G 773 -76.25 7.26 28.51
C SER G 773 -76.34 6.10 29.48
N ASP G 774 -75.77 6.22 30.68
CA ASP G 774 -75.82 5.15 31.66
C ASP G 774 -76.33 5.68 33.00
N GLU G 786 -59.19 14.17 42.03
CA GLU G 786 -58.50 13.32 41.06
C GLU G 786 -59.38 12.14 40.68
N GLN G 787 -60.26 11.76 41.60
CA GLN G 787 -61.10 10.58 41.39
C GLN G 787 -62.03 10.77 40.20
N LYS G 788 -62.60 11.96 40.03
CA LYS G 788 -63.50 12.20 38.92
C LYS G 788 -62.78 12.13 37.58
N ARG G 789 -61.57 12.72 37.48
CA ARG G 789 -60.80 12.61 36.25
C ARG G 789 -60.46 11.16 35.95
N ASP G 790 -60.08 10.40 36.97
CA ASP G 790 -59.80 8.98 36.77
C ASP G 790 -61.02 8.22 36.26
N GLU G 791 -62.18 8.50 36.85
CA GLU G 791 -63.41 7.80 36.47
C GLU G 791 -63.81 8.12 35.03
N GLN G 792 -63.73 9.40 34.64
CA GLN G 792 -64.05 9.76 33.26
C GLN G 792 -63.07 9.12 32.27
N ALA G 793 -61.77 9.16 32.59
CA ALA G 793 -60.79 8.55 31.71
C ALA G 793 -61.05 7.06 31.58
N LYS G 794 -61.43 6.39 32.67
CA LYS G 794 -61.90 5.01 32.56
C LYS G 794 -63.07 4.86 31.61
N LYS G 795 -64.09 5.68 31.74
CA LYS G 795 -65.23 5.53 30.84
C LYS G 795 -64.76 5.55 29.40
N VAL G 796 -63.87 6.49 29.10
CA VAL G 796 -63.39 6.63 27.72
C VAL G 796 -62.59 5.40 27.32
N ALA G 797 -61.76 4.87 28.23
CA ALA G 797 -60.97 3.69 27.91
C ALA G 797 -61.84 2.45 27.68
N GLU G 798 -62.85 2.25 28.55
CA GLU G 798 -63.84 1.20 28.36
C GLU G 798 -64.60 1.32 27.04
N LYS G 799 -65.05 2.52 26.70
CA LYS G 799 -65.75 2.68 25.42
C LYS G 799 -64.82 2.37 24.25
N LEU G 800 -63.57 2.84 24.33
CA LEU G 800 -62.61 2.57 23.26
C LEU G 800 -62.29 1.08 23.17
N ALA G 801 -62.20 0.40 24.32
CA ALA G 801 -61.94 -1.03 24.32
C ALA G 801 -63.11 -1.81 23.74
N ALA G 802 -64.35 -1.37 24.04
CA ALA G 802 -65.52 -2.00 23.43
C ALA G 802 -65.48 -1.83 21.92
N ILE G 803 -65.15 -0.63 21.45
CA ILE G 803 -65.02 -0.42 20.01
C ILE G 803 -63.94 -1.32 19.43
N TYR G 804 -62.79 -1.41 20.12
CA TYR G 804 -61.67 -2.22 19.64
C TYR G 804 -62.07 -3.68 19.53
N HIS G 805 -62.75 -4.22 20.54
CA HIS G 805 -63.18 -5.61 20.50
C HIS G 805 -64.24 -5.85 19.44
N HIS G 806 -65.12 -4.87 19.22
CA HIS G 806 -66.16 -5.03 18.20
C HIS G 806 -65.55 -5.16 16.81
N ILE G 807 -64.53 -4.35 16.51
CA ILE G 807 -63.96 -4.32 15.17
C ILE G 807 -62.83 -5.33 15.06
N GLY G 808 -62.69 -6.19 16.07
CA GLY G 808 -61.74 -7.28 15.97
C GLY G 808 -62.26 -8.40 15.08
N MET G 809 -61.31 -9.14 14.48
CA MET G 809 -61.69 -10.19 13.55
C MET G 809 -62.39 -11.34 14.27
N SER G 810 -62.09 -11.52 15.55
CA SER G 810 -62.67 -12.62 16.32
C SER G 810 -64.17 -12.44 16.43
N ARG G 811 -64.61 -11.21 16.66
CA ARG G 811 -66.04 -10.89 16.72
C ARG G 811 -66.68 -10.91 15.33
N ILE G 812 -65.99 -10.35 14.35
CA ILE G 812 -66.58 -10.22 13.01
C ILE G 812 -66.86 -11.59 12.42
N LEU G 813 -65.93 -12.53 12.56
CA LEU G 813 -66.09 -13.88 12.06
C LEU G 813 -66.75 -14.80 13.07
N SER G 814 -67.31 -14.25 14.16
CA SER G 814 -67.93 -15.08 15.18
C SER G 814 -69.12 -15.87 14.62
N ARG G 815 -69.84 -15.29 13.67
CA ARG G 815 -71.00 -15.97 13.10
C ARG G 815 -70.63 -16.98 12.03
N LEU G 816 -69.40 -16.95 11.53
CA LEU G 816 -68.96 -17.92 10.54
C LEU G 816 -68.44 -19.20 11.16
N HIS G 817 -68.38 -19.29 12.48
CA HIS G 817 -68.04 -20.54 13.12
C HIS G 817 -69.15 -21.56 12.89
N GLN G 818 -68.79 -22.83 13.05
CA GLN G 818 -69.66 -23.98 12.79
C GLN G 818 -69.92 -24.18 11.30
N LEU G 819 -69.29 -23.40 10.43
CA LEU G 819 -69.44 -23.54 8.99
C LEU G 819 -68.16 -24.15 8.41
N PRO G 820 -68.23 -25.33 7.78
CA PRO G 820 -67.01 -25.90 7.20
C PRO G 820 -66.45 -25.02 6.08
N PHE G 821 -65.13 -25.02 5.96
CA PHE G 821 -64.44 -24.26 4.94
C PHE G 821 -63.29 -25.09 4.38
N ILE G 822 -62.93 -24.82 3.13
CA ILE G 822 -61.75 -25.41 2.54
C ILE G 822 -60.52 -24.87 3.24
N ALA G 823 -59.46 -25.68 3.31
CA ALA G 823 -58.28 -25.27 4.06
C ALA G 823 -57.35 -24.40 3.23
N GLU G 824 -57.89 -23.36 2.60
CA GLU G 824 -57.09 -22.26 2.07
C GLU G 824 -57.67 -20.90 2.38
N ILE G 825 -58.97 -20.78 2.63
CA ILE G 825 -59.60 -19.50 2.89
C ILE G 825 -59.50 -19.08 4.35
N LYS G 826 -59.11 -19.99 5.24
CA LYS G 826 -58.93 -19.60 6.65
C LYS G 826 -57.84 -18.55 6.79
N SER G 827 -56.87 -18.54 5.87
CA SER G 827 -55.84 -17.51 5.83
C SER G 827 -56.22 -16.35 4.91
N ASN G 828 -57.51 -16.11 4.70
CA ASN G 828 -58.04 -15.07 3.84
C ASN G 828 -59.14 -14.31 4.55
N LYS G 829 -58.83 -13.85 5.77
CA LYS G 829 -59.84 -13.32 6.67
C LYS G 829 -60.65 -12.20 6.02
N GLU G 830 -60.06 -11.46 5.09
CA GLU G 830 -60.80 -10.39 4.42
C GLU G 830 -61.98 -10.94 3.63
N LEU G 831 -61.75 -12.02 2.88
CA LEU G 831 -62.84 -12.63 2.12
C LEU G 831 -63.90 -13.22 3.05
N LEU G 832 -63.47 -13.80 4.17
CA LEU G 832 -64.43 -14.31 5.14
C LEU G 832 -65.28 -13.20 5.73
N GLN G 833 -64.67 -12.05 6.01
CA GLN G 833 -65.43 -10.90 6.50
C GLN G 833 -66.42 -10.42 5.45
N HIS G 834 -65.99 -10.36 4.19
CA HIS G 834 -66.92 -10.02 3.11
C HIS G 834 -68.08 -11.00 3.06
N PHE G 835 -67.79 -12.29 3.28
CA PHE G 835 -68.84 -13.32 3.26
C PHE G 835 -69.83 -13.12 4.41
N SER G 836 -69.32 -12.80 5.60
CA SER G 836 -70.21 -12.49 6.71
C SER G 836 -71.09 -11.30 6.38
N GLU G 837 -70.50 -10.25 5.81
CA GLU G 837 -71.25 -9.07 5.45
C GLU G 837 -72.33 -9.41 4.45
N ALA G 838 -72.00 -10.23 3.46
CA ALA G 838 -72.99 -10.64 2.47
C ALA G 838 -74.11 -11.45 3.10
N ILE G 839 -73.79 -12.30 4.09
CA ILE G 839 -74.83 -13.05 4.78
C ILE G 839 -75.81 -12.10 5.46
N VAL G 840 -75.28 -11.15 6.23
CA VAL G 840 -76.15 -10.20 6.93
C VAL G 840 -76.95 -9.40 5.91
N LYS G 841 -76.31 -8.96 4.82
CA LYS G 841 -76.96 -8.13 3.83
C LYS G 841 -78.07 -8.89 3.10
N LEU G 842 -77.87 -10.19 2.88
CA LEU G 842 -78.90 -10.99 2.24
C LEU G 842 -80.07 -11.23 3.18
N GLU G 843 -79.81 -11.44 4.47
CA GLU G 843 -80.90 -11.70 5.40
C GLU G 843 -81.61 -10.43 5.85
N LYS G 844 -81.04 -9.25 5.61
CA LYS G 844 -81.74 -8.02 5.98
C LYS G 844 -82.74 -7.55 4.93
N TYR G 845 -82.52 -7.88 3.65
CA TYR G 845 -83.47 -7.50 2.61
C TYR G 845 -84.61 -8.50 2.44
N ALA G 846 -84.44 -9.73 2.91
CA ALA G 846 -85.48 -10.75 2.83
C ALA G 846 -86.07 -11.13 4.18
N SER G 847 -85.36 -10.86 5.28
CA SER G 847 -85.84 -11.17 6.63
C SER G 847 -86.19 -12.65 6.76
N ASP G 848 -85.15 -13.48 6.59
CA ASP G 848 -85.31 -14.93 6.67
C ASP G 848 -84.43 -15.59 7.71
N THR G 849 -83.52 -14.86 8.35
CA THR G 849 -82.73 -15.37 9.47
C THR G 849 -81.93 -16.61 9.05
N ILE G 850 -80.99 -16.37 8.13
CA ILE G 850 -80.13 -17.43 7.61
C ILE G 850 -79.46 -18.15 8.77
N ASN G 851 -79.69 -19.46 8.87
CA ASN G 851 -79.07 -20.27 9.91
C ASN G 851 -77.65 -20.65 9.49
N VAL G 852 -76.74 -20.62 10.46
CA VAL G 852 -75.34 -20.94 10.22
C VAL G 852 -74.87 -22.00 11.19
N GLY G 853 -75.79 -22.82 11.68
CA GLY G 853 -75.40 -23.91 12.57
C GLY G 853 -74.48 -24.92 11.90
N ASN G 854 -74.68 -25.14 10.61
CA ASN G 854 -73.81 -26.00 9.81
C ASN G 854 -74.15 -25.76 8.35
N LEU G 855 -73.46 -26.47 7.46
CA LEU G 855 -73.70 -26.29 6.04
C LEU G 855 -75.10 -26.72 5.65
N SER G 856 -75.66 -27.72 6.35
CA SER G 856 -77.03 -28.14 6.06
C SER G 856 -78.03 -27.04 6.39
N GLN G 857 -77.87 -26.39 7.54
CA GLN G 857 -78.75 -25.29 7.91
C GLN G 857 -78.60 -24.13 6.95
N PHE G 858 -77.37 -23.80 6.58
CA PHE G 858 -77.13 -22.75 5.60
C PHE G 858 -77.83 -23.08 4.29
N ARG G 859 -77.77 -24.34 3.86
CA ARG G 859 -78.41 -24.74 2.62
C ARG G 859 -79.93 -24.62 2.72
N GLU G 860 -80.52 -25.04 3.86
CA GLU G 860 -81.97 -24.90 3.98
C GLU G 860 -82.37 -23.44 3.91
N SER G 861 -81.63 -22.58 4.61
CA SER G 861 -81.94 -21.15 4.58
C SER G 861 -81.81 -20.59 3.17
N LEU G 862 -80.76 -20.99 2.45
CA LEU G 862 -80.57 -20.48 1.09
C LEU G 862 -81.70 -20.91 0.18
N LYS G 863 -82.18 -22.14 0.31
CA LYS G 863 -83.32 -22.53 -0.53
C LYS G 863 -84.58 -21.79 -0.15
N LYS G 864 -84.80 -21.59 1.14
CA LYS G 864 -85.94 -20.78 1.55
C LYS G 864 -85.90 -19.40 0.91
N ILE G 865 -84.72 -18.78 0.86
CA ILE G 865 -84.59 -17.48 0.22
C ILE G 865 -84.77 -17.60 -1.28
N GLY G 866 -84.25 -18.68 -1.89
CA GLY G 866 -84.34 -18.88 -3.32
C GLY G 866 -85.72 -19.28 -3.82
N GLN G 867 -86.62 -19.63 -2.91
CA GLN G 867 -88.00 -19.94 -3.30
C GLN G 867 -88.66 -18.74 -3.98
N THR G 868 -88.15 -17.53 -3.73
CA THR G 868 -88.67 -16.31 -4.35
C THR G 868 -87.66 -15.66 -5.28
N TYR G 869 -86.44 -15.41 -4.81
CA TYR G 869 -85.44 -14.74 -5.61
C TYR G 869 -84.75 -15.75 -6.54
N PRO G 870 -84.85 -15.61 -7.86
CA PRO G 870 -84.17 -16.56 -8.76
C PRO G 870 -82.66 -16.56 -8.63
N SER G 871 -82.06 -15.44 -8.21
CA SER G 871 -80.61 -15.34 -8.14
C SER G 871 -80.01 -16.16 -7.00
N ILE G 872 -80.80 -16.49 -5.99
CA ILE G 872 -80.28 -17.31 -4.90
C ILE G 872 -80.37 -18.79 -5.24
N GLN G 873 -81.31 -19.16 -6.11
CA GLN G 873 -81.42 -20.55 -6.53
C GLN G 873 -80.16 -21.02 -7.26
N VAL G 874 -79.48 -20.12 -7.95
CA VAL G 874 -78.23 -20.47 -8.62
C VAL G 874 -77.19 -20.90 -7.60
N LEU G 875 -77.03 -20.11 -6.54
CA LEU G 875 -76.10 -20.47 -5.47
C LEU G 875 -76.53 -21.77 -4.80
N VAL G 876 -77.83 -21.94 -4.58
CA VAL G 876 -78.34 -23.18 -4.01
C VAL G 876 -77.92 -24.37 -4.85
N ASP G 877 -78.15 -24.28 -6.16
CA ASP G 877 -77.83 -25.38 -7.06
C ASP G 877 -76.33 -25.67 -7.08
N LYS G 878 -75.51 -24.63 -7.07
CA LYS G 878 -74.06 -24.86 -7.08
C LYS G 878 -73.52 -25.27 -5.72
N LEU G 879 -74.35 -25.24 -4.67
CA LEU G 879 -73.99 -25.77 -3.36
C LEU G 879 -74.75 -27.06 -3.04
N HIS G 880 -75.02 -27.90 -4.05
CA HIS G 880 -75.83 -29.09 -3.83
C HIS G 880 -75.06 -30.13 -3.02
N ARG G 881 -74.01 -30.68 -3.65
CA ARG G 881 -73.31 -31.86 -3.19
C ARG G 881 -72.04 -31.51 -2.43
N LYS G 882 -71.79 -30.22 -2.23
CA LYS G 882 -70.57 -29.78 -1.58
C LYS G 882 -70.64 -30.04 -0.09
N GLN G 883 -69.56 -30.60 0.45
CA GLN G 883 -69.38 -30.87 1.86
C GLN G 883 -68.88 -29.67 2.66
N LYS G 884 -68.27 -28.68 2.00
CA LYS G 884 -67.73 -27.52 2.69
C LYS G 884 -67.87 -26.31 1.80
N LEU G 885 -67.56 -25.15 2.37
CA LEU G 885 -67.65 -23.90 1.64
C LEU G 885 -66.34 -23.63 0.93
N TYR G 886 -66.46 -23.43 -0.38
CA TYR G 886 -65.37 -23.33 -1.35
C TYR G 886 -65.23 -21.88 -1.80
N VAL G 887 -64.01 -21.54 -2.24
CA VAL G 887 -63.72 -20.14 -2.50
C VAL G 887 -64.63 -19.58 -3.58
N GLU G 888 -64.88 -20.33 -4.66
CA GLU G 888 -65.68 -19.76 -5.73
C GLU G 888 -67.11 -19.52 -5.26
N PHE G 889 -67.65 -20.45 -4.48
CA PHE G 889 -69.03 -20.27 -4.02
C PHE G 889 -69.14 -19.03 -3.16
N ILE G 890 -68.14 -18.78 -2.31
CA ILE G 890 -68.15 -17.58 -1.49
C ILE G 890 -68.07 -16.33 -2.36
N GLN G 891 -67.21 -16.35 -3.38
CA GLN G 891 -67.10 -15.19 -4.27
C GLN G 891 -68.40 -14.97 -5.03
N ASP G 892 -69.03 -16.05 -5.52
CA ASP G 892 -70.30 -15.94 -6.21
C ASP G 892 -71.39 -15.43 -5.28
N PHE G 893 -71.37 -15.88 -4.03
CA PHE G 893 -72.29 -15.35 -3.03
C PHE G 893 -72.10 -13.85 -2.86
N ILE G 894 -70.85 -13.41 -2.77
CA ILE G 894 -70.57 -11.97 -2.64
C ILE G 894 -71.15 -11.22 -3.83
N GLU G 895 -70.86 -11.69 -5.04
CA GLU G 895 -71.37 -11.04 -6.25
C GLU G 895 -72.89 -10.99 -6.26
N THR G 896 -73.54 -12.14 -6.05
CA THR G 896 -74.99 -12.20 -6.12
C THR G 896 -75.63 -11.28 -5.10
N VAL G 897 -75.15 -11.31 -3.86
CA VAL G 897 -75.72 -10.44 -2.83
C VAL G 897 -75.43 -8.98 -3.13
N ASN G 898 -74.27 -8.68 -3.70
CA ASN G 898 -73.94 -7.29 -4.03
C ASN G 898 -74.91 -6.72 -5.06
N LYS G 899 -75.21 -7.48 -6.11
CA LYS G 899 -76.11 -6.98 -7.14
C LYS G 899 -77.57 -7.29 -6.85
N LEU G 900 -77.87 -7.85 -5.67
CA LEU G 900 -79.21 -8.16 -5.24
C LEU G 900 -79.93 -6.95 -4.64
#